data_6IR9
#
_entry.id   6IR9
#
_cell.length_a   1
_cell.length_b   1
_cell.length_c   1
_cell.angle_alpha   90
_cell.angle_beta   90
_cell.angle_gamma   90
#
_symmetry.space_group_name_H-M   'P 1'
#
loop_
_entity.id
_entity.type
_entity.pdbx_description
1 polymer 'DNA-directed RNA polymerase subunit'
2 polymer 'DNA-directed RNA polymerase subunit beta'
3 polymer 'RNA polymerase II third largest subunit B44, part of central core'
4 polymer 'RNA polymerase II subunit B32'
5 polymer 'RNA polymerase subunit ABC27, common to RNA polymerases I, II, and III'
6 polymer 'RNA polymerase subunit ABC23, common to RNA polymerases I, II, and III'
7 polymer 'RNA polymerase II subunit'
8 polymer 'DNA-directed RNA polymerases I, II, and III subunit RPABC3'
9 polymer 'DNA-directed RNA polymerase subunit'
10 polymer 'RNA polymerase subunit ABC10-beta, common to RNA polymerases I, II, and III'
11 polymer 'RNA polymerase II subunit B12.5'
12 polymer 'RNA polymerase subunit ABC10-alpha'
13 polymer "RNA (5'-R(P*GP*CP*CP*UP*GP*GP*UP*GP*UP*CP*UP*UP*GP*GP*GP*U)-3')"
14 polymer 'DNA (198-MER)'
15 polymer 'DNA (198-MER)'
16 polymer 'Transcription elongation factor 1 homolog'
17 polymer 'Transcription elongation factor SPT4'
18 polymer Spt5
19 polymer 'Histone H3.3'
20 polymer 'Histone H4'
21 polymer 'Histone H2A type 1-B/E'
22 polymer 'Histone H2B type 1-J'
23 non-polymer 'ZINC ION'
24 non-polymer 'MAGNESIUM ION'
#
loop_
_entity_poly.entity_id
_entity_poly.type
_entity_poly.pdbx_seq_one_letter_code
_entity_poly.pdbx_strand_id
1 'polypeptide(L)'
;MSQFPYSSAPLRSVKEVQFGLLSPEEIRAISVVKIEYPEIMDESRQRPREGGLNDPKLGSIDRNFKCQTCGEGMAECPGH
FGHMELAKPVFHIGFIPKIKKVCECICMNCGKLLLDETNPTMAQAIRIRDPKKRFNAVWQLCKTKMVCEADAPVDEYSEQ
KVVSRGGCGNTQPVVRKDGMKLWGTWKKSGFSDRDAQPERKLLTPGEILNVFKHISPEDCFRLGFNEDYARPEWMIITVL
PVPPPQVRPSIAMDETTQGQDDLTHKLSDILKANINVQKLEMDGSPQHIINEVEQLLQFHVATYMDNDIAGQPQALQKSG
RPVKAIRARLKGKEGRLRGNLMGKRVDFSARTVISGDPNLELDQVGVPISIAKTLSYPETVTQYNIHRLTEYVRNGPNEH
PGAKYVIRDNGDRIDLRYHKRAGDIVLQYGWKVERHLMDDDPVLFNRQPSLHKMSMMAHRVKVMPYSTFRLNLSVTSPYN
ADFDGDEMNLHVPQSEETRAELSQLCAVPLQIVSPQSNKPVMGIVQDTLCGVRKMTLRDTFIEYEQVMNMLFWVPSWDGV
VPQPAILKPKPLWTGKQLLSIAIPSGIHLQRTDGGNSLLSPKDNGMLIVDGKVMFGVVDKKTVGSGGGGLIHTVMREKGP
KICAELFGNIQKVVNYWLLHNGFSIGIGDAIADASTMKEITHAISSAKEQVQEIIYKAQHNELELKPGMTLRESFEGEVS
RTLNDARDSAGRSAEMNLKDLNNVKQMVSAGSKGSFINIAQMSACVGQQMVEGKRIAFGFADRSLPHFTKDDFSPESKGF
VENSYLRGLTPQEFFFHAMAGREGLIDTAVKTAETGYIQRRLVKALEDIMVHYDGTTRNSLGDIIQFLYGEDGLDGTQVE
RQTIDTIPGSDKAFHKRYYVDLMDEKNSIKPDVIEYAADILGDVELQKELNSEYEQLVSDRKFLREIVFVNGDHNWPLPV
NLRRIIQNAQQIFHLDRAKASDLTIPEIIHGVRDLCKKLFVLRGENELIKEAQQNATSLFQCLVRARLATRRILEEFRLN
RDAFEWVLGTIEAQFQRSLVHPGEMVGVIAAQSIGEPATQMTLNTFHYAGVSSKNVTLGVPRLKEILNVAKNIKTPALTV
YLDREIALDIEKAKVIQSSIEYTTLKNVTSATEIYYDPDPTSTVIEEDFDTVEAYFSIPDEKVEETIDKQSPWLLRLELD
RARMLDKQLTMNQVADKISEVFSDDLFVMWSEDNADKLIIRCRVIRDPKAMDEELEAEEDQMLKRIEAHMLDLIALRGIP
GISKVYMVKHKVSVPDESGEYKNEELWALETDGINLAEVMAVPGVDSSRTYSNSFVEILSVLGIEATRSSLYKEILNVIA
FDGSYVNYRHMALLVDVMTSRGYLMAITRHGINRADTGALMRCSFEETVEILFEAGAAAELDDCRGVSENVMLGQLAPMG
TGAFDVMIDEKLLTSLPADYAPTMPLFKGKATQGSATPYDNNAQYDDEFNHDDVADVMFSPMAETGSGDDRSGGLTEYAG
IQSPYQPTSPGLSATSPGFAPTSPGFAPTSPRYSPTSPGYSPTSPSYSPTSPSYSPTSPSYSPTSPSYSPTSPSYSPTSP
SYSPTSPSYSPTSPSYSPTSPSYSPTSPQYSPTSPQYSPTSPQYSPTSPQYSPTSPQYSPTSPQYSPTSPQYSPTSPQYS
PTSPQYSPTSPQYSPTSPQYSPTSPQYSPTSPQYSPTSPQYSPASPQYSPSRHSPNGESKEGE
;
A
2 'polypeptide(L)'
;MSYDPYSIDDTITTEDCWTVISAFFEEKGLVSQQLDSFDEFMETSIQDLVWEEPRLILDQPAQHTNEKDNINKRYEIRFG
KIYLSRPTMTEADGTTHAMFPQEARLRNLTYSSPVYLDMEKSMFTSIDDEGNPNATLDWQQVHEPIKDGVEEGNKVHIGK
VPIMLRSKFCSLRTLDEVDLYKMKECPYDMGGYFVINGSEKVLIAQERSAANIVQVFKKAAPSPISHVAEIRSALEKGSR
LISTMQIKLYGREDKGTGRTIKATLPYVKQDIPIVIVFRALGVVPDGEILQHICYDENDWQMLEMLKPCIEEGFVIQDKE
VALDFIGRRGSAALGIRREKRIQYAKDILQKELLPHITQEEGFETRKTFFLGYMVNRLLLCALERKDQDDRDHFGKKRLD
LAGPLLANLFRILFRKLTREIYRYMQRCIETDRDFNLNLAVKSTTITSGLKYSLATGNWGEQKKAMSSRAGVSQVLNRYT
YSSTLSHLRRTNTPIGRDGKLAKPRQLHNTHWGLVCPAETPEGQACGLVKNLSLLSGISIGSPSEPIINFLEEWGMEPLE
DYDPAQHTKSTRIFVNGVWTGIHRDPSMLVSTMRDLRRSGAISPEVSIIRDIREREFKIFTDVGRVYRPLFIVEDDESKD
NKGELRITKEHIRKIQQGYDDDAMNDDSEEQEQDVYGWSSLVTSGVIEYVDGEEEETIMIAMTPEDLQTRSLEQKEIDLN
DTAKRIKPEMSTSSHHTFTHCEIHPSMILGVAASIIPFPDHNQSPRNTYQSAMGKQAMGVFLTNYNVRMDTMANILYYPQ
KPLAKTQAMEYLKFRELPAGQNAIVAIACYSGYNQEDSMIMNQSSIDRGLFRSLFFRSYMDQEKRFGISIVEEFEKPTRA
TTLRLKHGTYEKLDEDGLIAPGVRVSGDDIIIGKTTPIPPDTEELGQRTKYHTKRDASTPLRSTENGIVDQVLLTTNQEG
LKFVKVRMRTTKVPQIGDKFASRHGQKGTIGVTYRHEDMPFSAEGIVPDLIINPHAIPSRMTVAHLIECLLSKVGSIRGY
EGDATPFTDLTVDAVSNLLRDNGYQSRGFEVMYNGHTGKKLMAQVFFGPTYYQRLRHMVDDKIHARARGPVQVLTRQPVE
GRSRDGGLRFGEMERDCMIAHGAAGFLKERLMEASDAFRVHVCGICGLMSVIANLKKNQFECRSCKNKTNIYQLHIPYAA
KLLFQELMAMNIAPRLYTERSGVSMRS
;
B
3 'polypeptide(L)'
;MSKEPKVNIINAQDDEVELMLSDVNLSLANSLRRTMLAEVPTLAIDLVEIKMNTSVLADEFISHRLGLIPLVSEDVEEMK
YSRDCTCEDYCDECSVVLELSARHEGEEGTTDVYSSSLIKVSGPGNLNVGEPVRRDDYDQGILLCKLRNHQELNIRCIAK
KGIAKEHAKWSPCSAIAFEYDPHNKLKHTDFWFEVDAKKEWPDSKYATWEEPPKPGEVFDYKAKPNRFYMTVETTGSLKA
NQVFSRGIKTLQEKLANVLFELENSRPANTTAYGGATAYGGQTVYGRETSYGGNTNYGDYNAPY
;
C
4 'polypeptide(L)'
;MNVSTSTVGARRRRAKQQVDDEENATLLRLGPEFALKQYDHDGNEHDLIALSLSESRLLIREALKARSRARNGGVDIESS
NGEIDDDELAKVTSGAVANGVVKKTLDYLNTFARFKDEETCTAVDQLLHNSSDCSVLHPFEIAQLSSLGCEDVDEAITLI
PSLAAKKEVNLQRILDELNRLEDPYK
;
D
5 'polypeptide(L)'
;MEDNNRIISRLWRSFRTVKEMAADRGYFISQEEMDQSLEEFRSKICDSMGNPQRKLMSFLANPTPEALEKYSDLGTLWVE
FCDEPSVGIKTMRNFCLRIQEKNFSTGIFIYQNNITPSANKMIPTVSPAIIETFQESDLVVNITHHELVPKHIRLSDGEK
SQLLQRYKLKESQLPRIQREDPVARYLGLKRGQVVKIIRRSETSGRYASYRICL
;
E
6 'polypeptide(L)'
;MSEDEAFNEQTENFENFEDEHFSDDNFEDRSTQPEDYAVGVTADGRQIINGDGIQEVNGTIKAHRKRSNKELAILKEERT
TTPYLTKYERARILGTRALQISMNAPVLVDIEGETDPLQIAMKELSQRKIPLVIRRYLPDGSYEDWGCDELIVDN
;
F
7 'polypeptide(L)'
;MFFLKDLSLILTLHPSYFGPQMNQYLREKLLTDVEGTCTGQFGYIVTVLDGMNIDVGKGRIIPGSGSAEFEVKYRAVVWK
PFKGEVVDAIVSNVSPIGFFADVGPLNVFVSTRLIPDNLVYNPSNSPPAYMSNDELITKGSKVRLKVVGTRTDVNEIYAI
GSIKEDFLGAI
;
G
8 'polypeptide(L)'
;MSSALFDDIFTVQTVDNGRYNKVSRIIGISTTNSAIKLTLDINNEMFPVSQDDSLTVTLANSLSLDGEDESANFSKSWRP
PKPTDKSLADDYDYVMFGTVYKFEEGDEDKIKVYVSFGGLLMCLEGGYKSLASLKQDNLYILIRR
;
H
9 'polypeptide(L)'
;MASFRFCLECNNMLYPKEDKENQRLLYSCRNCDYTELAEDPKVYRHELITNIGETAGIVDDIGQDPTLPRSDKECPECHS
RDCVFFQSQQRRKDTNMTLFYVCLNCKKTFRDESE
;
I
10 'polypeptide(L)' MIIPVRCFSCGKVVGDKWDAYLRLLEEGKQEGDALDELKLKRYCCRRMVLTHVDLIEKFLRYNPLEKKDFDS J
11 'polypeptide(L)'
;MNAPDRFELFILPDDVPKLKITPDSRVPNCIIIKFEREDHTLANLLREELALYPDVTFVAYKVEHPLFANFVMRLQTEEG
TRPKQALERACASIINKLKTLDHKFNEEWNIKNFSLND
;
K
12 'polypeptide(L)' MSREGFVAPSGTDLAAAASGVAPNKHYGVKYTCGACAHNFSLNKSDPVRCKECGHRVIYKARTKRMIQFDAR L
13 'polyribonucleotide' GCCUGGUGUCUUGGGU P
14 'polydeoxyribonucleotide'
;(DA)(DT)(DC)(DA)(DG)(DA)(DA)(DT)(DC)(DC)(DC)(DG)(DG)(DT)(DG)(DC)(DC)(DG)(DA)(DG)
(DG)(DC)(DC)(DG)(DC)(DT)(DC)(DA)(DA)(DT)(DT)(DG)(DG)(DT)(DC)(DG)(DT)(DA)(DG)(DA)
(DC)(DA)(DG)(DC)(DT)(DC)(DT)(DA)(DG)(DC)(DA)(DC)(DC)(DG)(DC)(DT)(DT)(DA)(DA)(DA)
(DC)(DG)(DC)(DA)(DC)(DG)(DT)(DA)(DC)(DG)(DC)(DG)(DC)(DT)(DG)(DT)(DC)(DC)(DC)(DC)
(DC)(DG)(DC)(DG)(DT)(DT)(DT)(DT)(DA)(DA)(DC)(DC)(DG)(DC)(DC)(DA)(DA)(DG)(DG)(DG)
(DG)(DA)(DT)(DT)(DA)(DC)(DA)(DC)(DC)(DC)(DA)(DA)(DG)(DA)(DC)(DA)(DC)(DC)(DA)(DG)
(DG)(DC)(DA)(DC)(DG)(DA)(DG)(DA)(DC)(DA)(DG)(DA)(DA)(DA)(DA)(DA)(DA)(DA)(DC)(DA)
(DA)(DC)(DG)(DA)(DA)(DA)(DA)(DC)(DG)(DG)(DC)(DC)(DA)(DC)(DC)(DA)(DC)(DC)(DC)(DA)
(DA)(DA)(DC)(DA)(DC)(DA)(DC)(DC)(DA)(DA)(DA)(DC)(DA)(DC)(DA)(DA)(DG)(DA)(DG)(DC)
(DT)(DA)(DA)(DT)(DT)(DG)(DA)(DC)(DT)(DG)(DA)(DC)(DG)(DT)(DA)(DA)(DG)(DC)
;
T
15 'polydeoxyribonucleotide'
;(DG)(DC)(DT)(DT)(DA)(DC)(DG)(DT)(DC)(DA)(DG)(DT)(DC)(DT)(DG)(DG)(DC)(DC)(DA)(DT)
(DC)(DT)(DT)(DT)(DG)(DT)(DG)(DT)(DT)(DT)(DG)(DG)(DT)(DG)(DT)(DG)(DT)(DT)(DT)(DG)
(DG)(DG)(DT)(DG)(DG)(DT)(DG)(DG)(DC)(DC)(DG)(DT)(DT)(DT)(DT)(DC)(DG)(DT)(DT)(DG)
(DT)(DT)(DT)(DT)(DT)(DT)(DT)(DC)(DT)(DG)(DT)(DC)(DT)(DC)(DG)(DT)(DG)(DC)(DC)(DT)
(DG)(DG)(DT)(DG)(DT)(DC)(DT)(DT)(DG)(DG)(DG)(DT)(DG)(DT)(DA)(DA)(DT)(DC)(DC)(DC)
(DC)(DT)(DT)(DG)(DG)(DC)(DG)(DG)(DT)(DT)(DA)(DA)(DA)(DA)(DC)(DG)(DC)(DG)(DG)(DG)
(DG)(DG)(DA)(DC)(DA)(DG)(DC)(DG)(DC)(DG)(DT)(DA)(DC)(DG)(DT)(DG)(DC)(DG)(DT)(DT)
(DT)(DA)(DA)(DG)(DC)(DG)(DG)(DT)(DG)(DC)(DT)(DA)(DG)(DA)(DG)(DC)(DT)(DG)(DT)(DC)
(DT)(DA)(DC)(DG)(DA)(DC)(DC)(DA)(DA)(DT)(DT)(DG)(DA)(DG)(DC)(DG)(DG)(DC)(DC)(DT)
(DC)(DG)(DG)(DC)(DA)(DC)(DC)(DG)(DG)(DG)(DA)(DT)(DT)(DC)(DT)(DG)(DA)(DT)
;
N
16 'polypeptide(L)'
;GPGMGKRKSSARKPAPKIKQKLETQFTCLFCNHDNSVVCTLDKKNSIGLLECKKCNLSFQAPINSLSQPIDIYSDWIDAC
EAVAEENADVNGDNFIENDGADREQDDDYDDEF
;
M
17 'polypeptide(L)'
;MRERACMLCGIVLPGRVFMQNGCPNCDSVLNLRDSDQATVNECTSSSFEGLVAVGDNEHSWVAKWLRVDRFQPGLYAVRV
DGRLPSDIVAALEQYGVYYRPRDGSVID
;
V
18 'polypeptide(L)'
;GPGMSETHKNQLDKVSTVSPDGPSEAVKEHSLQSKDLSKNDGQFIVPLDRNVIEQEEHKQVKSSAQAHNTTGDAADNEIE
DGVPSEDVEFDKFKEDDYDEDDEVEEEGDIRSRKRRRHNQFLDVEAEVDDEEDDDDDDDDVELKHDFIQDDHIQHETQNE
GFIAGHVDDDRLHRKLDQSREKIADQDAQELADEFKQRYGRSASSKYMGSASTTAPQRLLIPTVDDPGIWGVKVRLGKEK
DVVRQILKKKLAREGTKNPLEIYSAFQRDSFKGHVYIEARKAEAINDALKGNVNVFSNNSKFLVGIVEYKDLLRPVKSSD
VKLTRGSYVRVKNGKFKGDLAQVDEVLENGLEARLKLVPRLDYGKDLSHLSTSSSVDSTKNRRKFYTSKFRPAQRLFSEA
EARVHEPTIRRDRDGFVTYGGEEYYEGFLYKTFRLQNLIVNSINPTLNELSLFQSNEESTTIDLSTIADSLKETAKNLVS
FQPGDNVEIINGELNHLTGTVSSVNQSTIVSVRLHSDDDTINSETVEIPTSDLRKIFNVGDHVRVIHGKHTDDTGLIVEV
NGDKVEFISNQTKRTVIVFSNYLIKSTDSTVSINESGRFELHDLVQVNSDLVGIVIRAQKDSFDVLCSDGKLLSLPPVSI
YSKLNLNPNQQIAIDSNGVEVKVGDTVREFTGERRQGTILHVYRNFLFLRSREIVENQGVFVTSSNRVKTITSKSNGTGG
QISGPDLSRMNPSRVIPPPSIPVANQRMTGRDPTLNKTVKIRQGGYKGKIGIVKEANGDRFRVELHNPNKTIPIPCSFLL
IESTHGWVPYEDFVASDRRGGNIPRHEISGHVQQPQHGRAPAWGSGGKTPAWGSGGKTPAWGSGGSGGKTPAWGSGGKTP
TWGSGAKTPAWGSGSKTPAWSGLDEEDRRDF
;
W
19 'polypeptide(L)'
;GSHMARTKQTARKSTGGKAPRKQLATKAARKSAPSTGGVKKPHRYRPGTVALREIRRYQKSTELLIRKLPFQRLVREIAQ
DFKTDLRFQSAAIGALQEASEAYLVGLFEDTNLCAIHAKRVTIMPKDIQLARRIRGERA
;
a,e
20 'polypeptide(L)'
;GSHMSGRGKGGKGLGKGGAKRHRKVLRDNIQGITKPAIRRLARRGGVKRISGLIYEETRGVLKVFLENVIRDAVTYTEHA
KRKTVTAMDVVYALKRQGRTLYGFGG
;
b,f
21 'polypeptide(L)'
;GSHMSGRGKQGGKARAKAKTRSSRAGLQFPVGRVHRLLRKGNYSERVGAGAPVYLAAVLEYLTAEILELAGNAARDNKKT
RIIPRHLQLAIRNDEELNKLLGRVTIAQGGVLPNIQAVLLPKKTESHHKAKGK
;
c,g
22 'polypeptide(L)'
;GSHMPEPAKSAPAPKKGSKKAVTKAQKKDGKKRKRSRKESYSIYVYKVLKQVHPDTGISSKAMGIMNSFVNDIFERIAGE
ASRLAHYNKRSTITSREIQTAVRLLLPGELAKHAVSEGTKAVTKYTSAK
;
d,h
#
loop_
_chem_comp.id
_chem_comp.type
_chem_comp.name
_chem_comp.formula
C RNA linking CYTIDINE-5'-MONOPHOSPHATE 'C9 H14 N3 O8 P'
DA DNA linking 2'-DEOXYADENOSINE-5'-MONOPHOSPHATE 'C10 H14 N5 O6 P'
DC DNA linking 2'-DEOXYCYTIDINE-5'-MONOPHOSPHATE 'C9 H14 N3 O7 P'
DG DNA linking 2'-DEOXYGUANOSINE-5'-MONOPHOSPHATE 'C10 H14 N5 O7 P'
DT DNA linking THYMIDINE-5'-MONOPHOSPHATE 'C10 H15 N2 O8 P'
G RNA linking GUANOSINE-5'-MONOPHOSPHATE 'C10 H14 N5 O8 P'
MG non-polymer 'MAGNESIUM ION' 'Mg 2'
U RNA linking URIDINE-5'-MONOPHOSPHATE 'C9 H13 N2 O9 P'
ZN non-polymer 'ZINC ION' 'Zn 2'
#
# COMPACT_ATOMS: atom_id res chain seq x y z
N SER A 2 -1.75 -24.03 -34.72
CA SER A 2 -0.86 -24.89 -35.47
C SER A 2 -0.20 -25.89 -34.53
N GLN A 3 0.11 -25.44 -33.32
CA GLN A 3 0.52 -26.36 -32.27
C GLN A 3 -0.65 -27.07 -31.63
N PHE A 4 -1.83 -26.69 -31.95
CA PHE A 4 -3.09 -27.27 -31.55
C PHE A 4 -3.57 -28.29 -32.59
N PRO A 5 -3.90 -29.51 -32.18
CA PRO A 5 -4.46 -30.48 -33.15
C PRO A 5 -5.79 -29.97 -33.67
N TYR A 6 -6.15 -30.43 -34.88
CA TYR A 6 -7.31 -29.89 -35.57
C TYR A 6 -8.58 -30.22 -34.79
N SER A 7 -9.49 -29.26 -34.73
CA SER A 7 -10.82 -29.47 -34.15
C SER A 7 -11.87 -28.83 -35.02
N SER A 8 -12.97 -29.54 -35.25
CA SER A 8 -14.02 -29.08 -36.15
C SER A 8 -14.84 -27.92 -35.59
N ALA A 9 -14.76 -27.65 -34.29
CA ALA A 9 -15.51 -26.54 -33.71
C ALA A 9 -15.04 -25.21 -34.30
N PRO A 10 -15.96 -24.30 -34.63
CA PRO A 10 -15.55 -23.02 -35.21
C PRO A 10 -14.72 -22.17 -34.27
N LEU A 11 -13.67 -21.57 -34.84
CA LEU A 11 -12.79 -20.67 -34.11
C LEU A 11 -13.40 -19.26 -34.08
N ARG A 12 -13.55 -18.68 -32.91
CA ARG A 12 -14.04 -17.32 -32.78
C ARG A 12 -13.24 -16.59 -31.70
N SER A 13 -13.40 -15.27 -31.66
CA SER A 13 -12.80 -14.46 -30.61
C SER A 13 -13.83 -14.04 -29.58
N VAL A 14 -13.32 -13.55 -28.45
CA VAL A 14 -14.17 -13.10 -27.35
C VAL A 14 -14.58 -11.66 -27.59
N LYS A 15 -15.88 -11.41 -27.59
CA LYS A 15 -16.41 -10.07 -27.73
C LYS A 15 -16.97 -9.48 -26.43
N GLU A 16 -17.34 -10.31 -25.47
CA GLU A 16 -17.98 -9.82 -24.26
C GLU A 16 -17.66 -10.75 -23.11
N VAL A 17 -17.44 -10.18 -21.92
CA VAL A 17 -17.30 -10.98 -20.71
C VAL A 17 -18.45 -10.62 -19.79
N GLN A 18 -19.32 -11.58 -19.52
CA GLN A 18 -20.45 -11.43 -18.61
C GLN A 18 -20.08 -11.97 -17.23
N PHE A 19 -19.97 -11.09 -16.26
CA PHE A 19 -19.67 -11.56 -14.92
C PHE A 19 -20.97 -11.94 -14.22
N GLY A 20 -20.85 -12.77 -13.18
CA GLY A 20 -22.02 -13.10 -12.38
C GLY A 20 -21.68 -14.12 -11.33
N LEU A 21 -22.70 -14.60 -10.65
CA LEU A 21 -22.51 -15.65 -9.66
C LEU A 21 -22.96 -17.00 -10.19
N LEU A 22 -22.31 -18.04 -9.68
CA LEU A 22 -22.65 -19.43 -9.99
C LEU A 22 -23.72 -19.90 -9.03
N SER A 23 -24.89 -20.26 -9.56
CA SER A 23 -25.94 -20.80 -8.72
C SER A 23 -25.51 -22.16 -8.16
N PRO A 24 -26.08 -22.57 -7.02
CA PRO A 24 -25.88 -23.93 -6.52
C PRO A 24 -26.24 -25.02 -7.50
N GLU A 25 -27.34 -24.86 -8.22
CA GLU A 25 -27.75 -25.85 -9.22
C GLU A 25 -26.70 -25.97 -10.33
N GLU A 26 -26.20 -24.83 -10.84
CA GLU A 26 -25.23 -24.84 -11.92
C GLU A 26 -23.91 -25.49 -11.51
N ILE A 27 -23.44 -25.23 -10.27
CA ILE A 27 -22.22 -25.84 -9.75
C ILE A 27 -22.31 -27.36 -9.83
N ARG A 28 -23.48 -27.91 -9.54
CA ARG A 28 -23.63 -29.35 -9.62
C ARG A 28 -23.71 -29.78 -11.07
N ALA A 29 -24.28 -28.94 -11.94
CA ALA A 29 -24.41 -29.35 -13.32
C ALA A 29 -23.07 -29.44 -14.03
N ILE A 30 -22.10 -28.59 -13.66
CA ILE A 30 -20.79 -28.67 -14.33
C ILE A 30 -19.84 -29.59 -13.59
N SER A 31 -20.15 -29.99 -12.37
CA SER A 31 -19.27 -30.84 -11.59
C SER A 31 -19.25 -32.25 -12.16
N VAL A 32 -18.10 -32.91 -12.06
CA VAL A 32 -18.00 -34.29 -12.52
C VAL A 32 -17.86 -35.29 -11.40
N VAL A 33 -17.84 -34.86 -10.12
CA VAL A 33 -17.68 -35.78 -8.98
C VAL A 33 -18.00 -35.07 -7.66
N LYS A 34 -18.58 -35.81 -6.71
CA LYS A 34 -18.83 -35.28 -5.38
C LYS A 34 -17.67 -35.65 -4.47
N ILE A 35 -17.21 -34.66 -3.70
CA ILE A 35 -16.01 -34.76 -2.87
C ILE A 35 -16.32 -34.92 -1.39
N GLU A 36 -15.94 -36.05 -0.77
CA GLU A 36 -16.38 -36.28 0.60
C GLU A 36 -15.25 -36.58 1.59
N TYR A 37 -14.19 -37.25 1.15
CA TYR A 37 -13.18 -37.80 2.08
C TYR A 37 -11.88 -37.03 2.02
N PRO A 38 -11.40 -36.52 3.17
CA PRO A 38 -10.16 -35.74 3.19
C PRO A 38 -8.88 -36.54 3.03
N GLU A 39 -8.94 -37.86 3.17
CA GLU A 39 -7.76 -38.69 2.93
C GLU A 39 -7.42 -38.74 1.44
N ILE A 40 -6.30 -38.09 1.10
CA ILE A 40 -5.87 -37.97 -0.29
C ILE A 40 -5.60 -39.34 -0.92
N MET A 41 -4.90 -40.21 -0.20
CA MET A 41 -4.46 -41.47 -0.77
C MET A 41 -5.43 -42.60 -0.46
N ASP A 42 -5.37 -43.65 -1.30
CA ASP A 42 -6.23 -44.82 -1.12
C ASP A 42 -5.96 -45.47 0.23
N GLU A 43 -4.68 -45.82 0.49
CA GLU A 43 -4.14 -46.27 1.76
C GLU A 43 -2.62 -46.25 1.69
N SER A 44 -2.06 -45.22 1.05
CA SER A 44 -0.63 -45.01 0.79
C SER A 44 -0.01 -46.11 -0.06
N ARG A 45 -0.83 -46.88 -0.77
CA ARG A 45 -0.40 -47.94 -1.68
C ARG A 45 -0.63 -47.60 -3.15
N GLN A 46 -0.33 -46.35 -3.57
CA GLN A 46 -0.42 -45.87 -4.97
C GLN A 46 -1.86 -45.82 -5.48
N ARG A 47 -2.14 -44.96 -6.51
CA ARG A 47 -3.48 -44.68 -7.04
C ARG A 47 -4.30 -43.94 -5.96
N PRO A 48 -4.68 -42.70 -6.25
CA PRO A 48 -5.42 -41.88 -5.30
C PRO A 48 -6.91 -42.20 -5.31
N ARG A 49 -7.47 -42.04 -4.13
CA ARG A 49 -8.81 -42.43 -3.74
C ARG A 49 -9.91 -41.64 -4.41
N GLU A 50 -10.78 -42.39 -5.08
CA GLU A 50 -12.00 -41.90 -5.69
C GLU A 50 -12.88 -41.27 -4.62
N GLY A 51 -13.49 -40.14 -4.98
CA GLY A 51 -14.17 -39.29 -4.03
C GLY A 51 -13.26 -38.44 -3.18
N GLY A 52 -11.94 -38.65 -3.27
CA GLY A 52 -10.97 -37.83 -2.58
C GLY A 52 -10.54 -36.65 -3.41
N LEU A 53 -9.69 -35.82 -2.81
CA LEU A 53 -9.33 -34.54 -3.40
C LEU A 53 -8.46 -34.67 -4.65
N ASN A 54 -7.85 -35.83 -4.89
CA ASN A 54 -7.13 -36.08 -6.12
C ASN A 54 -7.77 -37.18 -6.96
N ASP A 55 -9.10 -37.30 -6.88
CA ASP A 55 -9.88 -38.21 -7.72
C ASP A 55 -9.49 -38.01 -9.19
N PRO A 56 -9.11 -39.07 -9.90
CA PRO A 56 -8.65 -38.90 -11.28
C PRO A 56 -9.68 -38.32 -12.23
N LYS A 57 -10.97 -38.30 -11.90
CA LYS A 57 -11.91 -37.61 -12.78
C LYS A 57 -11.69 -36.10 -12.82
N LEU A 58 -11.02 -35.52 -11.81
CA LEU A 58 -10.78 -34.08 -11.84
C LEU A 58 -9.71 -33.71 -12.83
N GLY A 59 -8.83 -34.63 -13.16
CA GLY A 59 -7.83 -34.39 -14.17
C GLY A 59 -6.48 -34.98 -13.86
N SER A 60 -5.62 -34.92 -14.86
CA SER A 60 -4.27 -35.48 -14.83
C SER A 60 -3.22 -34.38 -14.72
N ILE A 61 -2.30 -34.51 -13.78
CA ILE A 61 -1.14 -33.62 -13.82
C ILE A 61 0.09 -34.49 -13.97
N ASP A 62 -0.11 -35.68 -14.52
CA ASP A 62 0.93 -36.68 -14.64
C ASP A 62 0.98 -37.13 -16.10
N ARG A 63 2.19 -37.25 -16.65
CA ARG A 63 2.40 -37.49 -18.07
C ARG A 63 1.90 -38.86 -18.56
N ASN A 64 1.62 -39.79 -17.67
CA ASN A 64 1.30 -41.17 -18.06
C ASN A 64 -0.12 -41.63 -17.76
N PHE A 65 -0.98 -40.78 -17.21
CA PHE A 65 -2.36 -41.15 -16.93
C PHE A 65 -3.24 -40.21 -17.73
N LYS A 66 -4.06 -40.77 -18.62
CA LYS A 66 -5.00 -39.95 -19.35
C LYS A 66 -6.25 -39.64 -18.53
N CYS A 67 -6.84 -38.48 -18.83
CA CYS A 67 -8.02 -38.01 -18.11
C CYS A 67 -9.17 -38.98 -18.33
N GLN A 68 -9.84 -39.38 -17.27
CA GLN A 68 -10.94 -40.32 -17.45
C GLN A 68 -12.23 -39.63 -17.87
N THR A 69 -12.20 -38.33 -18.11
CA THR A 69 -13.35 -37.61 -18.62
C THR A 69 -13.21 -37.19 -20.08
N CYS A 70 -12.07 -36.65 -20.49
CA CYS A 70 -11.96 -36.16 -21.86
C CYS A 70 -11.03 -36.98 -22.74
N GLY A 71 -10.27 -37.91 -22.18
CA GLY A 71 -9.37 -38.72 -22.99
C GLY A 71 -8.12 -38.04 -23.50
N GLU A 72 -7.93 -36.75 -23.22
CA GLU A 72 -6.80 -36.00 -23.75
C GLU A 72 -5.60 -36.09 -22.82
N GLY A 73 -4.43 -35.83 -23.36
CA GLY A 73 -3.24 -35.80 -22.54
C GLY A 73 -3.24 -34.61 -21.59
N MET A 74 -2.29 -34.61 -20.65
CA MET A 74 -2.20 -33.55 -19.64
C MET A 74 -1.98 -32.17 -20.26
N ALA A 75 -1.36 -32.10 -21.44
CA ALA A 75 -1.10 -30.81 -22.07
C ALA A 75 -2.39 -30.14 -22.52
N GLU A 76 -3.27 -30.90 -23.18
CA GLU A 76 -4.52 -30.34 -23.65
C GLU A 76 -5.61 -30.27 -22.59
N CYS A 77 -5.64 -31.21 -21.66
CA CYS A 77 -6.74 -31.34 -20.69
C CYS A 77 -6.82 -30.12 -19.80
N PRO A 78 -7.92 -29.38 -19.81
CA PRO A 78 -8.04 -28.22 -18.93
C PRO A 78 -8.30 -28.56 -17.48
N GLY A 79 -8.69 -29.77 -17.17
CA GLY A 79 -9.19 -29.94 -15.81
C GLY A 79 -10.68 -29.68 -15.69
N HIS A 80 -11.32 -30.43 -14.80
CA HIS A 80 -12.76 -30.39 -14.64
C HIS A 80 -13.05 -30.20 -13.16
N PHE A 81 -14.08 -29.42 -12.87
CA PHE A 81 -14.40 -29.10 -11.48
C PHE A 81 -15.15 -30.22 -10.78
N GLY A 82 -14.97 -30.28 -9.46
CA GLY A 82 -15.86 -31.03 -8.61
C GLY A 82 -16.79 -30.11 -7.83
N HIS A 83 -17.44 -30.70 -6.83
CA HIS A 83 -18.26 -29.91 -5.92
C HIS A 83 -18.21 -30.55 -4.55
N MET A 84 -18.36 -29.72 -3.52
CA MET A 84 -18.35 -30.18 -2.14
C MET A 84 -19.60 -29.64 -1.46
N GLU A 85 -20.49 -30.56 -1.06
CA GLU A 85 -21.70 -30.16 -0.35
C GLU A 85 -21.39 -29.77 1.08
N LEU A 86 -21.91 -28.62 1.49
CA LEU A 86 -21.75 -28.15 2.85
C LEU A 86 -22.97 -28.57 3.66
N ALA A 87 -22.73 -29.06 4.88
CA ALA A 87 -23.85 -29.50 5.70
C ALA A 87 -24.74 -28.33 6.11
N LYS A 88 -24.17 -27.13 6.20
CA LYS A 88 -24.93 -25.98 6.61
C LYS A 88 -24.45 -24.82 5.74
N PRO A 89 -25.36 -23.97 5.25
CA PRO A 89 -24.95 -22.80 4.46
C PRO A 89 -24.18 -21.78 5.29
N VAL A 90 -23.10 -21.26 4.68
CA VAL A 90 -22.24 -20.25 5.29
C VAL A 90 -22.14 -19.04 4.38
N PHE A 91 -21.74 -17.91 4.98
CA PHE A 91 -21.50 -16.68 4.23
C PHE A 91 -20.27 -16.76 3.34
N HIS A 92 -20.37 -16.09 2.18
CA HIS A 92 -19.22 -15.73 1.37
C HIS A 92 -18.56 -14.47 1.95
N ILE A 93 -17.29 -14.59 2.35
CA ILE A 93 -16.56 -13.53 3.04
C ILE A 93 -16.47 -12.23 2.23
N GLY A 94 -16.46 -12.33 0.90
CA GLY A 94 -16.38 -11.17 0.04
C GLY A 94 -17.61 -10.31 0.00
N PHE A 95 -18.78 -10.88 0.30
CA PHE A 95 -20.04 -10.21 0.05
C PHE A 95 -20.75 -9.75 1.31
N ILE A 96 -20.18 -10.02 2.50
CA ILE A 96 -20.80 -9.63 3.77
C ILE A 96 -21.25 -8.15 3.82
N PRO A 97 -20.40 -7.15 3.52
CA PRO A 97 -20.89 -5.75 3.61
C PRO A 97 -22.03 -5.42 2.66
N LYS A 98 -22.17 -6.16 1.57
CA LYS A 98 -23.32 -5.93 0.69
C LYS A 98 -24.56 -6.61 1.24
N ILE A 99 -24.43 -7.86 1.74
CA ILE A 99 -25.50 -8.54 2.48
C ILE A 99 -26.08 -7.63 3.57
N LYS A 100 -25.19 -7.02 4.37
CA LYS A 100 -25.59 -6.09 5.43
C LYS A 100 -26.44 -4.95 4.89
N LYS A 101 -26.09 -4.44 3.71
CA LYS A 101 -26.80 -3.35 3.07
C LYS A 101 -28.19 -3.78 2.65
N VAL A 102 -28.31 -5.02 2.16
CA VAL A 102 -29.58 -5.56 1.71
C VAL A 102 -30.57 -5.72 2.86
N CYS A 103 -30.10 -6.14 4.04
CA CYS A 103 -30.98 -6.26 5.22
C CYS A 103 -31.70 -4.96 5.58
N GLU A 104 -31.01 -3.81 5.54
CA GLU A 104 -31.69 -2.56 5.87
C GLU A 104 -32.67 -2.11 4.79
N CYS A 105 -32.63 -2.71 3.61
CA CYS A 105 -33.50 -2.33 2.51
C CYS A 105 -34.81 -3.10 2.52
N ILE A 106 -34.78 -4.37 2.87
CA ILE A 106 -35.92 -5.24 2.75
C ILE A 106 -36.50 -5.52 4.13
N CYS A 107 -37.70 -6.07 4.13
CA CYS A 107 -38.39 -6.55 5.32
C CYS A 107 -37.79 -7.87 5.79
N MET A 108 -37.44 -7.95 7.08
CA MET A 108 -36.80 -9.19 7.53
C MET A 108 -37.79 -10.35 7.73
N ASN A 109 -39.03 -10.25 7.24
CA ASN A 109 -40.00 -11.33 7.31
C ASN A 109 -40.40 -11.74 5.89
N CYS A 110 -40.87 -10.81 5.06
CA CYS A 110 -41.29 -11.18 3.72
C CYS A 110 -40.37 -10.68 2.61
N GLY A 111 -39.50 -9.72 2.90
CA GLY A 111 -38.52 -9.29 1.91
C GLY A 111 -38.97 -8.30 0.85
N LYS A 112 -39.82 -7.35 1.18
CA LYS A 112 -40.23 -6.36 0.18
C LYS A 112 -39.57 -5.01 0.40
N LEU A 113 -39.21 -4.36 -0.71
CA LEU A 113 -38.68 -2.99 -0.72
C LEU A 113 -39.60 -1.99 -0.02
N LEU A 114 -39.06 -1.35 1.02
CA LEU A 114 -39.75 -0.45 1.94
C LEU A 114 -40.37 0.79 1.28
N LEU A 115 -40.04 1.12 0.04
CA LEU A 115 -40.68 2.26 -0.61
C LEU A 115 -41.19 1.95 -2.01
N ASP A 116 -42.16 2.76 -2.41
CA ASP A 116 -42.99 2.63 -3.60
C ASP A 116 -42.84 3.87 -4.45
N GLU A 117 -43.30 3.77 -5.70
CA GLU A 117 -43.36 4.89 -6.65
C GLU A 117 -44.26 6.04 -6.19
N THR A 118 -45.12 5.84 -5.19
CA THR A 118 -45.90 6.92 -4.61
C THR A 118 -45.04 7.99 -3.95
N ASN A 119 -43.88 7.61 -3.40
CA ASN A 119 -42.98 8.59 -2.81
C ASN A 119 -42.28 9.35 -3.93
N PRO A 120 -42.48 10.68 -4.05
CA PRO A 120 -41.96 11.42 -5.23
C PRO A 120 -40.45 11.37 -5.42
N THR A 121 -39.68 11.59 -4.36
CA THR A 121 -38.21 11.51 -4.45
C THR A 121 -37.76 10.09 -4.80
N MET A 122 -38.39 9.09 -4.18
CA MET A 122 -38.10 7.69 -4.48
C MET A 122 -38.47 7.33 -5.91
N ALA A 123 -39.54 7.92 -6.47
CA ALA A 123 -39.86 7.65 -7.88
C ALA A 123 -38.80 8.21 -8.82
N GLN A 124 -38.12 9.29 -8.41
CA GLN A 124 -37.02 9.81 -9.20
C GLN A 124 -35.81 8.88 -9.15
N ALA A 125 -35.59 8.24 -8.00
CA ALA A 125 -34.41 7.40 -7.81
C ALA A 125 -34.45 6.10 -8.62
N ILE A 126 -35.63 5.54 -8.89
CA ILE A 126 -35.67 4.31 -9.69
C ILE A 126 -35.33 4.58 -11.15
N ARG A 127 -35.42 5.84 -11.59
CA ARG A 127 -35.10 6.17 -12.98
C ARG A 127 -33.60 6.12 -13.27
N ILE A 128 -32.75 6.17 -12.23
CA ILE A 128 -31.30 6.25 -12.41
C ILE A 128 -30.88 4.98 -13.13
N ARG A 129 -30.21 5.18 -14.26
CA ARG A 129 -29.86 4.10 -15.17
C ARG A 129 -28.78 3.18 -14.64
N ASP A 130 -27.81 3.68 -13.88
CA ASP A 130 -26.72 2.82 -13.43
C ASP A 130 -27.20 1.99 -12.25
N PRO A 131 -27.12 0.64 -12.33
CA PRO A 131 -27.62 -0.21 -11.22
C PRO A 131 -27.01 0.09 -9.86
N LYS A 132 -25.69 0.33 -9.80
CA LYS A 132 -25.03 0.59 -8.52
C LYS A 132 -25.55 1.87 -7.89
N LYS A 133 -25.64 2.95 -8.69
CA LYS A 133 -26.09 4.24 -8.15
C LYS A 133 -27.55 4.19 -7.74
N ARG A 134 -28.39 3.53 -8.55
CA ARG A 134 -29.79 3.33 -8.21
C ARG A 134 -29.95 2.61 -6.87
N PHE A 135 -29.25 1.48 -6.71
CA PHE A 135 -29.30 0.72 -5.46
C PHE A 135 -28.89 1.57 -4.26
N ASN A 136 -27.88 2.41 -4.43
CA ASN A 136 -27.40 3.26 -3.35
C ASN A 136 -28.41 4.35 -3.04
N ALA A 137 -28.97 4.97 -4.10
CA ALA A 137 -30.00 5.99 -3.95
C ALA A 137 -31.23 5.47 -3.22
N VAL A 138 -31.66 4.25 -3.57
CA VAL A 138 -32.77 3.61 -2.87
C VAL A 138 -32.44 3.42 -1.40
N TRP A 139 -31.26 2.83 -1.12
CA TRP A 139 -30.87 2.54 0.25
C TRP A 139 -30.69 3.82 1.06
N GLN A 140 -30.31 4.92 0.39
CA GLN A 140 -30.14 6.21 1.05
C GLN A 140 -31.48 6.74 1.55
N LEU A 141 -32.56 6.37 0.86
CA LEU A 141 -33.91 6.75 1.26
C LEU A 141 -34.40 5.81 2.36
N CYS A 142 -34.38 4.50 2.07
CA CYS A 142 -34.98 3.49 2.93
C CYS A 142 -34.25 3.30 4.25
N LYS A 143 -33.01 3.81 4.37
CA LYS A 143 -32.21 3.66 5.59
C LYS A 143 -32.94 4.21 6.80
N THR A 144 -33.62 5.36 6.64
CA THR A 144 -34.25 6.06 7.74
C THR A 144 -35.63 5.49 8.03
N LYS A 145 -36.18 4.74 7.07
CA LYS A 145 -37.45 4.04 7.25
C LYS A 145 -37.15 2.93 8.25
N MET A 146 -37.59 3.09 9.50
CA MET A 146 -37.17 2.15 10.54
C MET A 146 -38.21 1.09 10.89
N VAL A 147 -39.29 0.98 10.13
CA VAL A 147 -40.26 -0.07 10.34
C VAL A 147 -40.80 -0.51 8.99
N CYS A 148 -40.95 -1.82 8.80
CA CYS A 148 -41.62 -2.32 7.61
C CYS A 148 -43.12 -2.22 7.81
N GLU A 149 -43.74 -1.36 7.05
CA GLU A 149 -45.15 -1.09 7.17
C GLU A 149 -45.98 -2.18 6.52
N ALA A 150 -46.98 -2.65 7.26
CA ALA A 150 -47.94 -3.62 6.78
C ALA A 150 -48.90 -2.96 5.80
N ASP A 151 -49.09 -1.66 5.97
CA ASP A 151 -50.05 -0.83 5.28
C ASP A 151 -49.24 0.15 4.45
N ALA A 152 -49.77 0.58 3.30
CA ALA A 152 -49.17 1.70 2.57
C ALA A 152 -49.04 2.97 3.43
N PRO A 153 -48.10 3.89 3.10
CA PRO A 153 -47.95 5.11 3.92
C PRO A 153 -49.16 6.03 3.98
N VAL A 163 -54.65 0.13 2.65
CA VAL A 163 -53.98 -0.37 1.46
C VAL A 163 -52.74 -1.11 1.91
N SER A 164 -52.69 -2.41 1.63
CA SER A 164 -51.56 -3.19 2.10
C SER A 164 -50.54 -3.30 0.97
N ARG A 165 -49.28 -3.19 1.35
CA ARG A 165 -48.14 -3.28 0.44
C ARG A 165 -47.51 -4.66 0.45
N GLY A 166 -48.05 -5.58 1.23
CA GLY A 166 -47.51 -6.91 1.39
C GLY A 166 -46.63 -7.01 2.61
N GLY A 167 -46.55 -5.92 3.37
CA GLY A 167 -45.75 -5.85 4.57
C GLY A 167 -46.30 -6.74 5.67
N CYS A 168 -45.48 -6.96 6.67
CA CYS A 168 -45.82 -7.80 7.82
C CYS A 168 -45.95 -7.01 9.11
N GLY A 169 -45.65 -5.71 9.07
CA GLY A 169 -45.81 -4.81 10.19
C GLY A 169 -44.64 -4.74 11.15
N ASN A 170 -43.68 -5.66 11.05
CA ASN A 170 -42.59 -5.73 12.01
C ASN A 170 -41.66 -4.52 11.91
N THR A 171 -41.15 -4.09 13.06
CA THR A 171 -40.12 -3.07 13.07
C THR A 171 -38.80 -3.69 12.60
N GLN A 172 -37.98 -2.87 11.96
CA GLN A 172 -36.76 -3.51 11.47
C GLN A 172 -35.56 -3.27 12.37
N PRO A 173 -34.65 -4.23 12.42
CA PRO A 173 -33.48 -4.11 13.28
C PRO A 173 -32.38 -3.29 12.62
N VAL A 174 -31.49 -2.80 13.47
CA VAL A 174 -30.25 -2.19 13.03
C VAL A 174 -29.17 -3.26 13.03
N VAL A 175 -28.77 -3.69 11.83
CA VAL A 175 -27.87 -4.82 11.67
C VAL A 175 -26.44 -4.29 11.76
N ARG A 176 -25.62 -4.96 12.57
CA ARG A 176 -24.21 -4.61 12.73
C ARG A 176 -23.33 -5.83 12.51
N LYS A 177 -22.17 -5.58 11.92
CA LYS A 177 -21.18 -6.60 11.63
C LYS A 177 -20.18 -6.70 12.78
N ASP A 178 -19.91 -7.93 13.22
CA ASP A 178 -18.96 -8.22 14.28
C ASP A 178 -18.11 -9.39 13.78
N GLY A 179 -17.09 -9.09 12.98
CA GLY A 179 -16.28 -10.15 12.40
C GLY A 179 -17.05 -10.88 11.33
N MET A 180 -17.08 -12.21 11.44
CA MET A 180 -17.84 -13.01 10.49
C MET A 180 -19.29 -13.22 10.91
N LYS A 181 -19.78 -12.46 11.88
CA LYS A 181 -21.12 -12.64 12.41
C LYS A 181 -21.86 -11.32 12.27
N LEU A 182 -23.15 -11.40 11.98
CA LEU A 182 -24.01 -10.24 11.89
C LEU A 182 -25.03 -10.24 13.03
N TRP A 183 -25.10 -9.12 13.73
CA TRP A 183 -26.02 -8.97 14.85
C TRP A 183 -27.05 -7.93 14.45
N GLY A 184 -28.32 -8.25 14.73
CA GLY A 184 -29.46 -7.41 14.48
C GLY A 184 -30.16 -7.06 15.78
N THR A 185 -30.43 -5.78 16.04
CA THR A 185 -31.02 -5.36 17.30
C THR A 185 -32.41 -4.84 16.96
N TRP A 186 -33.43 -5.59 17.39
CA TRP A 186 -34.81 -5.22 17.19
C TRP A 186 -35.37 -4.42 18.36
N LYS A 187 -36.17 -3.41 18.03
CA LYS A 187 -36.72 -2.53 19.06
C LYS A 187 -38.16 -2.98 19.30
N LYS A 188 -38.36 -3.82 20.31
CA LYS A 188 -39.68 -4.31 20.64
C LYS A 188 -40.53 -3.21 21.28
N SER A 189 -41.74 -3.04 20.77
CA SER A 189 -42.66 -2.03 21.28
C SER A 189 -43.37 -2.52 22.53
N ARG A 194 -41.92 4.10 27.17
CA ARG A 194 -41.18 4.25 25.92
C ARG A 194 -40.13 3.18 25.70
N ASP A 195 -38.93 3.44 26.22
CA ASP A 195 -37.81 2.52 26.11
C ASP A 195 -38.06 1.25 26.90
N ALA A 196 -37.67 0.11 26.36
CA ALA A 196 -38.00 -1.13 27.05
C ALA A 196 -36.73 -1.97 27.13
N GLN A 197 -36.76 -3.22 26.71
CA GLN A 197 -35.52 -3.96 26.58
C GLN A 197 -35.40 -4.59 25.20
N PRO A 198 -34.33 -4.32 24.46
CA PRO A 198 -34.22 -4.90 23.11
C PRO A 198 -33.38 -6.17 23.15
N GLU A 199 -33.71 -7.17 22.35
CA GLU A 199 -32.96 -8.42 22.37
C GLU A 199 -32.34 -8.68 21.01
N ARG A 200 -31.03 -8.51 20.92
CA ARG A 200 -30.31 -8.77 19.69
C ARG A 200 -29.90 -10.24 19.67
N LYS A 201 -30.43 -10.97 18.69
CA LYS A 201 -30.06 -12.35 18.44
C LYS A 201 -29.22 -12.43 17.18
N LEU A 202 -28.48 -13.53 17.06
CA LEU A 202 -27.58 -13.70 15.92
C LEU A 202 -28.38 -14.05 14.69
N LEU A 203 -28.01 -13.41 13.58
CA LEU A 203 -28.63 -13.62 12.28
C LEU A 203 -27.80 -14.63 11.52
N THR A 204 -28.13 -15.91 11.70
CA THR A 204 -27.37 -16.99 11.08
C THR A 204 -27.50 -16.94 9.55
N PRO A 205 -26.53 -17.51 8.82
CA PRO A 205 -26.68 -17.63 7.37
C PRO A 205 -27.92 -18.37 6.89
N GLY A 206 -28.27 -19.48 7.57
CA GLY A 206 -29.46 -20.24 7.19
C GLY A 206 -30.73 -19.45 7.31
N GLU A 207 -30.88 -18.68 8.40
CA GLU A 207 -32.03 -17.81 8.59
C GLU A 207 -32.17 -16.82 7.45
N ILE A 208 -31.08 -16.13 7.10
CA ILE A 208 -31.08 -15.13 6.03
C ILE A 208 -31.31 -15.78 4.67
N LEU A 209 -30.84 -17.01 4.48
CA LEU A 209 -30.96 -17.73 3.21
C LEU A 209 -32.43 -17.92 2.81
N ASN A 210 -33.26 -18.36 3.74
CA ASN A 210 -34.68 -18.58 3.44
C ASN A 210 -35.38 -17.28 3.11
N VAL A 211 -35.08 -16.22 3.86
CA VAL A 211 -35.64 -14.90 3.60
C VAL A 211 -35.32 -14.41 2.19
N PHE A 212 -34.08 -14.64 1.73
CA PHE A 212 -33.70 -14.18 0.38
C PHE A 212 -34.42 -14.91 -0.74
N LYS A 213 -34.73 -16.20 -0.61
CA LYS A 213 -35.45 -16.87 -1.69
C LYS A 213 -36.88 -16.39 -1.88
N HIS A 214 -37.45 -15.70 -0.91
CA HIS A 214 -38.82 -15.21 -1.07
C HIS A 214 -38.90 -13.81 -1.65
N ILE A 215 -37.76 -13.18 -1.96
CA ILE A 215 -37.76 -11.90 -2.63
C ILE A 215 -38.34 -12.04 -4.03
N SER A 216 -39.29 -11.18 -4.38
CA SER A 216 -39.96 -11.27 -5.66
C SER A 216 -39.03 -10.86 -6.80
N PRO A 217 -39.27 -11.38 -8.01
CA PRO A 217 -38.56 -10.89 -9.21
C PRO A 217 -38.58 -9.38 -9.44
N GLU A 218 -39.73 -8.73 -9.18
CA GLU A 218 -39.80 -7.29 -9.36
C GLU A 218 -38.95 -6.52 -8.36
N ASP A 219 -38.84 -7.03 -7.13
CA ASP A 219 -37.99 -6.36 -6.15
C ASP A 219 -36.52 -6.72 -6.32
N CYS A 220 -36.24 -7.91 -6.84
CA CYS A 220 -34.89 -8.29 -7.24
C CYS A 220 -34.28 -7.33 -8.26
N PHE A 221 -35.06 -6.90 -9.26
CA PHE A 221 -34.54 -5.95 -10.23
C PHE A 221 -34.27 -4.58 -9.59
N ARG A 222 -35.24 -4.06 -8.83
CA ARG A 222 -35.13 -2.75 -8.19
C ARG A 222 -33.97 -2.63 -7.22
N LEU A 223 -33.45 -3.75 -6.73
CA LEU A 223 -32.30 -3.75 -5.85
C LEU A 223 -30.99 -3.79 -6.62
N GLY A 224 -31.03 -3.62 -7.93
CA GLY A 224 -29.83 -3.67 -8.75
C GLY A 224 -29.27 -5.04 -8.99
N PHE A 225 -29.94 -6.09 -8.56
CA PHE A 225 -29.48 -7.43 -8.84
C PHE A 225 -30.08 -7.86 -10.18
N ASN A 226 -29.86 -9.10 -10.59
CA ASN A 226 -30.22 -9.53 -11.93
C ASN A 226 -30.71 -10.95 -11.84
N GLU A 227 -31.91 -11.19 -12.37
CA GLU A 227 -32.60 -12.45 -12.18
C GLU A 227 -31.86 -13.63 -12.84
N ASP A 228 -31.11 -13.38 -13.90
CA ASP A 228 -30.45 -14.46 -14.63
C ASP A 228 -29.01 -14.69 -14.22
N TYR A 229 -28.32 -13.67 -13.73
CA TYR A 229 -26.88 -13.71 -13.57
C TYR A 229 -26.39 -13.49 -12.15
N ALA A 230 -27.08 -12.66 -11.37
CA ALA A 230 -26.66 -12.33 -10.01
C ALA A 230 -27.91 -12.31 -9.14
N ARG A 231 -28.43 -13.47 -8.83
CA ARG A 231 -29.58 -13.60 -7.95
C ARG A 231 -29.13 -13.56 -6.49
N PRO A 232 -29.76 -12.72 -5.66
CA PRO A 232 -29.18 -12.38 -4.35
C PRO A 232 -29.00 -13.53 -3.36
N GLU A 233 -29.72 -14.64 -3.48
CA GLU A 233 -29.43 -15.71 -2.54
C GLU A 233 -28.18 -16.48 -2.88
N TRP A 234 -27.61 -16.28 -4.06
CA TRP A 234 -26.37 -16.92 -4.46
C TRP A 234 -25.13 -16.31 -3.80
N MET A 235 -25.29 -15.23 -3.04
CA MET A 235 -24.20 -14.71 -2.22
C MET A 235 -23.97 -15.52 -0.95
N ILE A 236 -24.84 -16.45 -0.64
CA ILE A 236 -24.65 -17.39 0.45
C ILE A 236 -24.18 -18.70 -0.17
N ILE A 237 -23.19 -19.33 0.45
CA ILE A 237 -22.51 -20.50 -0.11
C ILE A 237 -23.15 -21.74 0.48
N THR A 238 -23.68 -22.60 -0.37
CA THR A 238 -24.18 -23.90 0.07
C THR A 238 -23.40 -25.07 -0.49
N VAL A 239 -22.82 -24.95 -1.68
CA VAL A 239 -21.98 -25.99 -2.25
C VAL A 239 -20.74 -25.32 -2.83
N LEU A 240 -19.58 -25.87 -2.50
CA LEU A 240 -18.30 -25.27 -2.86
C LEU A 240 -17.73 -25.95 -4.09
N PRO A 241 -17.36 -25.19 -5.10
CA PRO A 241 -16.72 -25.76 -6.27
C PRO A 241 -15.28 -26.14 -5.96
N VAL A 242 -14.92 -27.36 -6.34
CA VAL A 242 -13.62 -27.94 -6.05
C VAL A 242 -12.75 -27.76 -7.29
N PRO A 243 -11.71 -26.92 -7.25
CA PRO A 243 -10.94 -26.65 -8.44
C PRO A 243 -10.11 -27.86 -8.82
N PRO A 244 -9.78 -28.03 -10.11
CA PRO A 244 -9.02 -29.22 -10.55
C PRO A 244 -7.58 -29.12 -10.08
N PRO A 245 -6.76 -30.19 -10.19
CA PRO A 245 -5.37 -30.09 -9.72
C PRO A 245 -4.49 -29.07 -10.43
N GLN A 246 -4.84 -28.63 -11.65
CA GLN A 246 -4.05 -27.60 -12.33
C GLN A 246 -3.98 -26.30 -11.54
N VAL A 247 -4.98 -26.02 -10.69
CA VAL A 247 -4.97 -24.82 -9.90
C VAL A 247 -4.08 -24.99 -8.67
N ARG A 248 -3.76 -26.22 -8.26
CA ARG A 248 -3.05 -26.45 -6.99
C ARG A 248 -2.09 -27.63 -7.21
N PRO A 249 -1.04 -27.43 -8.00
CA PRO A 249 -0.17 -28.56 -8.33
C PRO A 249 0.72 -28.91 -7.15
N SER A 250 1.13 -30.17 -7.12
CA SER A 250 2.12 -30.60 -6.14
C SER A 250 3.52 -30.34 -6.65
N ILE A 251 4.42 -30.12 -5.71
CA ILE A 251 5.82 -29.82 -5.97
C ILE A 251 6.65 -30.82 -5.16
N ALA A 252 7.83 -31.14 -5.65
CA ALA A 252 8.70 -32.09 -4.99
C ALA A 252 9.86 -31.28 -4.44
N MET A 253 9.89 -31.17 -3.12
CA MET A 253 10.95 -30.45 -2.42
C MET A 253 12.32 -31.07 -2.65
N ASP A 254 12.52 -32.31 -2.23
CA ASP A 254 13.77 -33.01 -2.54
C ASP A 254 13.50 -34.35 -3.22
N GLU A 255 13.19 -34.28 -4.51
CA GLU A 255 12.82 -35.35 -5.45
C GLU A 255 11.74 -36.36 -5.07
N THR A 256 11.97 -37.21 -4.07
CA THR A 256 10.99 -38.22 -3.68
C THR A 256 10.12 -37.79 -2.50
N THR A 257 10.06 -36.51 -2.21
CA THR A 257 9.27 -35.95 -1.13
C THR A 257 8.46 -34.82 -1.73
N GLN A 258 7.15 -34.91 -1.62
CA GLN A 258 6.29 -33.91 -2.21
C GLN A 258 5.36 -33.33 -1.16
N GLY A 259 5.29 -32.02 -1.14
CA GLY A 259 4.35 -31.33 -0.29
C GLY A 259 3.20 -30.83 -1.14
N GLN A 260 2.11 -30.50 -0.47
CA GLN A 260 0.90 -30.07 -1.16
C GLN A 260 0.77 -28.55 -1.14
N ASP A 261 -0.01 -28.06 -2.10
CA ASP A 261 -0.30 -26.64 -2.22
C ASP A 261 -1.11 -26.20 -1.00
N ASP A 262 -1.01 -24.91 -0.67
CA ASP A 262 -1.75 -24.34 0.46
C ASP A 262 -3.25 -24.57 0.33
N LEU A 263 -3.77 -24.53 -0.89
CA LEU A 263 -5.19 -24.75 -1.10
C LEU A 263 -5.57 -26.21 -0.81
N THR A 264 -4.69 -27.16 -1.19
CA THR A 264 -4.95 -28.57 -0.92
C THR A 264 -5.05 -28.84 0.57
N HIS A 265 -4.11 -28.32 1.36
CA HIS A 265 -4.20 -28.45 2.81
C HIS A 265 -5.43 -27.77 3.37
N LYS A 266 -5.77 -26.59 2.84
CA LYS A 266 -6.90 -25.83 3.35
C LYS A 266 -8.23 -26.48 2.98
N LEU A 267 -8.30 -27.16 1.83
CA LEU A 267 -9.52 -27.86 1.47
C LEU A 267 -9.72 -29.10 2.31
N SER A 268 -8.62 -29.77 2.67
CA SER A 268 -8.69 -30.85 3.64
C SER A 268 -9.29 -30.39 4.96
N ASP A 269 -8.89 -29.20 5.44
CA ASP A 269 -9.44 -28.67 6.70
C ASP A 269 -10.93 -28.37 6.59
N ILE A 270 -11.36 -27.80 5.47
CA ILE A 270 -12.79 -27.56 5.27
C ILE A 270 -13.55 -28.88 5.19
N LEU A 271 -12.96 -29.88 4.53
CA LEU A 271 -13.62 -31.17 4.37
C LEU A 271 -13.74 -31.91 5.71
N LYS A 272 -12.65 -31.95 6.50
CA LYS A 272 -12.73 -32.52 7.85
C LYS A 272 -13.80 -31.79 8.67
N ALA A 273 -13.76 -30.46 8.68
CA ALA A 273 -14.72 -29.66 9.45
C ALA A 273 -16.15 -29.89 8.97
N ASN A 274 -16.32 -30.22 7.69
CA ASN A 274 -17.66 -30.49 7.17
C ASN A 274 -18.23 -31.79 7.73
N ILE A 275 -17.37 -32.80 7.90
CA ILE A 275 -17.84 -34.09 8.40
C ILE A 275 -18.28 -33.97 9.85
N ASN A 276 -17.59 -33.15 10.65
CA ASN A 276 -17.96 -32.98 12.06
C ASN A 276 -19.25 -32.22 12.26
N VAL A 277 -19.70 -31.43 11.28
CA VAL A 277 -21.02 -30.85 11.38
C VAL A 277 -22.08 -31.92 11.15
N GLN A 278 -21.78 -32.94 10.36
CA GLN A 278 -22.70 -34.05 10.16
C GLN A 278 -22.72 -34.96 11.38
N LYS A 279 -21.62 -35.00 12.11
CA LYS A 279 -21.41 -35.82 13.30
C LYS A 279 -22.11 -35.26 14.53
N LEU A 280 -22.64 -34.04 14.47
CA LEU A 280 -23.26 -33.37 15.61
C LEU A 280 -24.76 -33.59 15.65
N GLU A 281 -25.48 -33.26 14.55
CA GLU A 281 -26.94 -33.20 14.49
C GLU A 281 -27.64 -34.55 14.72
N MET A 282 -26.90 -35.65 14.87
CA MET A 282 -27.48 -36.98 15.02
C MET A 282 -27.31 -37.56 16.43
N ASP A 283 -26.57 -36.89 17.30
CA ASP A 283 -26.32 -37.36 18.66
C ASP A 283 -25.84 -36.21 19.54
N GLY A 284 -24.89 -36.48 20.44
CA GLY A 284 -24.42 -35.54 21.45
C GLY A 284 -24.04 -34.15 20.96
N SER A 285 -25.03 -33.27 20.96
CA SER A 285 -24.83 -31.84 20.73
C SER A 285 -25.21 -31.02 21.96
N PRO A 286 -24.25 -30.64 22.81
CA PRO A 286 -24.53 -29.63 23.84
C PRO A 286 -24.72 -28.18 23.41
N GLN A 287 -25.42 -27.93 22.30
CA GLN A 287 -25.74 -26.63 21.71
C GLN A 287 -24.59 -25.62 21.63
N HIS A 288 -24.05 -25.16 22.79
CA HIS A 288 -22.83 -24.36 22.85
C HIS A 288 -21.62 -24.98 22.12
N ILE A 289 -21.68 -26.27 21.79
CA ILE A 289 -20.70 -26.95 20.96
C ILE A 289 -21.04 -26.79 19.48
N ILE A 290 -22.33 -26.82 19.13
CA ILE A 290 -22.76 -26.60 17.75
C ILE A 290 -22.31 -25.23 17.25
N ASN A 291 -22.36 -24.22 18.11
CA ASN A 291 -21.92 -22.88 17.71
C ASN A 291 -20.42 -22.79 17.54
N GLU A 292 -19.66 -23.58 18.29
CA GLU A 292 -18.21 -23.53 18.09
C GLU A 292 -17.79 -24.26 16.82
N VAL A 293 -18.50 -25.32 16.45
CA VAL A 293 -18.12 -26.09 15.26
C VAL A 293 -18.63 -25.45 13.98
N GLU A 294 -19.85 -24.90 13.99
CA GLU A 294 -20.34 -24.17 12.81
C GLU A 294 -19.56 -22.91 12.53
N GLN A 295 -19.22 -22.13 13.56
CA GLN A 295 -18.40 -20.94 13.35
C GLN A 295 -17.03 -21.30 12.77
N LEU A 296 -16.51 -22.48 13.10
CA LEU A 296 -15.21 -22.89 12.60
C LEU A 296 -15.27 -23.28 11.13
N LEU A 297 -16.40 -23.84 10.70
CA LEU A 297 -16.58 -24.09 9.27
C LEU A 297 -16.65 -22.78 8.50
N GLN A 298 -17.39 -21.82 9.03
CA GLN A 298 -17.42 -20.46 8.48
C GLN A 298 -16.03 -19.85 8.40
N PHE A 299 -15.21 -20.09 9.43
CA PHE A 299 -13.86 -19.54 9.46
C PHE A 299 -13.00 -20.10 8.33
N HIS A 300 -12.97 -21.43 8.19
CA HIS A 300 -12.12 -22.07 7.18
C HIS A 300 -12.54 -21.71 5.78
N VAL A 301 -13.84 -21.59 5.53
CA VAL A 301 -14.32 -21.21 4.21
C VAL A 301 -13.98 -19.74 3.94
N ALA A 302 -13.92 -18.93 4.99
CA ALA A 302 -13.58 -17.52 4.79
C ALA A 302 -12.09 -17.37 4.46
N THR A 303 -11.21 -17.91 5.31
CA THR A 303 -9.79 -17.73 5.05
C THR A 303 -9.30 -18.54 3.85
N TYR A 304 -10.10 -19.47 3.34
CA TYR A 304 -9.77 -20.15 2.09
C TYR A 304 -9.87 -19.19 0.91
N MET A 305 -10.77 -18.23 0.99
CA MET A 305 -10.91 -17.26 -0.08
C MET A 305 -10.15 -15.96 0.19
N ASP A 306 -10.11 -15.52 1.44
CA ASP A 306 -9.50 -14.24 1.78
C ASP A 306 -8.90 -14.41 3.17
N ASN A 307 -7.58 -14.36 3.28
CA ASN A 307 -6.90 -14.51 4.57
C ASN A 307 -6.29 -13.19 5.02
N ASP A 308 -6.89 -12.08 4.60
CA ASP A 308 -6.49 -10.76 5.08
C ASP A 308 -7.67 -10.03 5.72
N ILE A 309 -8.57 -10.78 6.35
CA ILE A 309 -9.73 -10.22 7.01
C ILE A 309 -9.29 -9.33 8.17
N ALA A 310 -9.71 -8.07 8.15
CA ALA A 310 -9.30 -7.10 9.15
C ALA A 310 -9.96 -7.41 10.49
N GLY A 311 -9.20 -7.23 11.57
CA GLY A 311 -9.70 -7.36 12.91
C GLY A 311 -9.65 -8.74 13.52
N GLN A 312 -9.03 -9.72 12.86
CA GLN A 312 -8.96 -11.05 13.44
C GLN A 312 -7.66 -11.70 12.99
N PRO A 313 -7.12 -12.66 13.75
CA PRO A 313 -5.83 -13.27 13.37
C PRO A 313 -5.93 -14.10 12.09
N GLN A 314 -4.83 -14.07 11.34
CA GLN A 314 -4.72 -14.84 10.11
C GLN A 314 -4.60 -16.33 10.38
N ALA A 315 -5.16 -17.13 9.46
CA ALA A 315 -4.88 -18.56 9.44
C ALA A 315 -3.41 -18.79 9.17
N LEU A 316 -2.81 -19.73 9.88
CA LEU A 316 -1.40 -20.00 9.78
C LEU A 316 -1.13 -21.43 9.36
N GLN A 317 -0.09 -21.61 8.56
CA GLN A 317 0.50 -22.91 8.32
C GLN A 317 1.27 -23.37 9.55
N LYS A 318 1.55 -24.68 9.61
CA LYS A 318 2.35 -25.21 10.72
C LYS A 318 3.77 -24.66 10.73
N SER A 319 4.29 -24.25 9.58
CA SER A 319 5.55 -23.53 9.54
C SER A 319 5.48 -22.15 10.18
N GLY A 320 4.30 -21.63 10.47
CA GLY A 320 4.12 -20.35 11.12
C GLY A 320 3.77 -19.22 10.18
N ARG A 321 4.05 -19.36 8.89
CA ARG A 321 3.76 -18.30 7.93
C ARG A 321 2.29 -18.37 7.49
N PRO A 322 1.69 -17.24 7.12
CA PRO A 322 0.28 -17.24 6.73
C PRO A 322 -0.05 -18.02 5.47
N VAL A 323 -1.28 -18.54 5.46
CA VAL A 323 -1.77 -19.33 4.34
C VAL A 323 -1.99 -18.43 3.14
N LYS A 324 -1.65 -18.91 1.96
CA LYS A 324 -1.79 -18.16 0.72
C LYS A 324 -3.20 -18.35 0.18
N ALA A 325 -4.10 -17.44 0.53
CA ALA A 325 -5.48 -17.54 0.09
C ALA A 325 -5.62 -17.12 -1.36
N ILE A 326 -6.80 -17.39 -1.95
CA ILE A 326 -7.03 -17.08 -3.35
C ILE A 326 -6.95 -15.58 -3.62
N ARG A 327 -7.47 -14.76 -2.69
CA ARG A 327 -7.42 -13.30 -2.87
C ARG A 327 -5.99 -12.81 -2.98
N ALA A 328 -5.09 -13.37 -2.15
CA ALA A 328 -3.70 -12.98 -2.17
C ALA A 328 -2.99 -13.47 -3.42
N ARG A 329 -3.54 -14.50 -4.08
CA ARG A 329 -2.98 -14.97 -5.35
C ARG A 329 -3.12 -13.95 -6.45
N LEU A 330 -4.11 -13.06 -6.38
CA LEU A 330 -4.39 -12.21 -7.52
C LEU A 330 -3.84 -10.81 -7.36
N LYS A 331 -3.60 -10.36 -6.13
CA LYS A 331 -3.24 -8.97 -5.94
C LYS A 331 -1.72 -8.87 -5.87
N GLY A 332 -1.23 -7.65 -6.06
CA GLY A 332 0.17 -7.33 -5.85
C GLY A 332 1.01 -7.63 -7.07
N LYS A 333 2.25 -7.15 -7.03
CA LYS A 333 3.21 -7.25 -8.13
C LYS A 333 3.43 -8.65 -8.68
N GLU A 334 3.39 -9.67 -7.82
CA GLU A 334 3.69 -11.01 -8.31
C GLU A 334 2.45 -11.86 -8.55
N GLY A 335 1.25 -11.32 -8.36
CA GLY A 335 0.04 -12.12 -8.48
C GLY A 335 -0.33 -12.35 -9.94
N ARG A 336 -1.51 -12.97 -10.13
CA ARG A 336 -1.92 -13.38 -11.48
C ARG A 336 -2.07 -12.22 -12.44
N LEU A 337 -2.58 -11.09 -11.95
CA LEU A 337 -2.88 -10.00 -12.87
C LEU A 337 -1.65 -9.17 -13.18
N ARG A 338 -0.96 -8.64 -12.17
CA ARG A 338 0.17 -7.79 -12.49
C ARG A 338 1.40 -8.60 -12.88
N GLY A 339 1.51 -9.84 -12.40
CA GLY A 339 2.67 -10.66 -12.65
C GLY A 339 2.64 -11.65 -13.79
N ASN A 340 1.45 -12.04 -14.27
CA ASN A 340 1.34 -13.02 -15.34
C ASN A 340 0.48 -12.59 -16.52
N LEU A 341 -0.27 -11.51 -16.41
CA LEU A 341 -1.20 -11.13 -17.48
C LEU A 341 -0.87 -9.75 -18.03
N MET A 342 -0.66 -8.76 -17.18
CA MET A 342 -0.22 -7.47 -17.71
C MET A 342 1.23 -7.52 -18.14
N GLY A 343 1.99 -8.49 -17.66
CA GLY A 343 3.35 -8.73 -18.11
C GLY A 343 3.71 -10.15 -17.75
N LYS A 344 4.69 -10.70 -18.47
CA LYS A 344 5.02 -12.11 -18.30
C LYS A 344 6.37 -12.35 -18.94
N ARG A 345 6.96 -13.48 -18.61
CA ARG A 345 8.21 -13.88 -19.22
C ARG A 345 7.94 -14.45 -20.62
N VAL A 346 8.90 -14.27 -21.53
CA VAL A 346 8.67 -14.58 -22.94
C VAL A 346 9.87 -15.34 -23.51
N ASP A 347 9.57 -16.14 -24.51
CA ASP A 347 10.54 -16.85 -25.33
C ASP A 347 11.21 -15.91 -26.33
N PHE A 348 12.24 -16.44 -27.00
CA PHE A 348 13.01 -15.76 -28.04
C PHE A 348 13.52 -14.39 -27.60
N SER A 349 14.21 -14.37 -26.47
CA SER A 349 14.78 -13.16 -25.92
C SER A 349 16.21 -13.43 -25.54
N ALA A 350 16.98 -12.36 -25.37
CA ALA A 350 18.38 -12.52 -25.01
C ALA A 350 18.85 -11.26 -24.31
N ARG A 351 19.97 -11.39 -23.61
CA ARG A 351 20.45 -10.26 -22.82
C ARG A 351 21.93 -10.39 -22.61
N THR A 352 22.66 -9.27 -22.76
CA THR A 352 24.07 -9.22 -22.42
C THR A 352 24.54 -7.77 -22.30
N VAL A 353 25.79 -7.61 -21.88
CA VAL A 353 26.43 -6.31 -21.75
C VAL A 353 26.58 -5.70 -23.14
N ILE A 354 26.49 -4.37 -23.23
CA ILE A 354 26.57 -3.67 -24.51
C ILE A 354 27.90 -2.95 -24.64
N SER A 355 28.35 -2.77 -25.89
CA SER A 355 29.54 -2.00 -26.17
C SER A 355 29.23 -1.12 -27.37
N GLY A 356 29.95 0.00 -27.51
CA GLY A 356 29.77 0.84 -28.67
C GLY A 356 30.63 0.52 -29.88
N ASP A 357 30.10 0.83 -31.06
CA ASP A 357 30.89 0.69 -32.26
C ASP A 357 30.59 1.80 -33.26
N PRO A 358 31.49 2.75 -33.47
CA PRO A 358 31.33 3.77 -34.52
C PRO A 358 31.29 3.26 -35.93
N ASN A 359 31.68 2.03 -36.21
CA ASN A 359 31.75 1.55 -37.59
C ASN A 359 30.61 0.62 -37.91
N LEU A 360 29.47 0.90 -37.31
CA LEU A 360 28.20 0.28 -37.57
C LEU A 360 27.23 1.37 -38.00
N GLU A 361 26.30 1.04 -38.89
CA GLU A 361 25.27 2.00 -39.27
C GLU A 361 24.35 2.26 -38.09
N LEU A 362 23.69 3.42 -38.14
CA LEU A 362 22.77 3.85 -37.07
C LEU A 362 21.74 2.78 -36.71
N ASP A 363 21.16 2.13 -37.70
CA ASP A 363 20.10 1.17 -37.44
C ASP A 363 20.60 -0.26 -37.30
N GLN A 364 21.90 -0.48 -37.12
CA GLN A 364 22.38 -1.84 -36.91
C GLN A 364 22.56 -2.17 -35.43
N VAL A 365 22.56 -3.46 -35.13
CA VAL A 365 22.97 -4.00 -33.83
C VAL A 365 23.88 -5.20 -34.03
N GLY A 366 25.06 -5.16 -33.44
CA GLY A 366 25.95 -6.31 -33.51
C GLY A 366 25.54 -7.39 -32.53
N VAL A 367 25.35 -8.59 -33.04
CA VAL A 367 24.82 -9.71 -32.26
C VAL A 367 25.87 -10.80 -32.18
N PRO A 368 26.30 -11.18 -30.97
CA PRO A 368 27.23 -12.30 -30.79
C PRO A 368 26.81 -13.58 -31.48
N ILE A 369 27.80 -14.32 -32.01
CA ILE A 369 27.54 -15.56 -32.74
C ILE A 369 26.77 -16.56 -31.89
N SER A 370 27.15 -16.74 -30.62
CA SER A 370 26.51 -17.73 -29.75
C SER A 370 25.03 -17.44 -29.56
N ILE A 371 24.69 -16.16 -29.44
CA ILE A 371 23.29 -15.77 -29.34
C ILE A 371 22.59 -16.03 -30.67
N ALA A 372 23.26 -15.72 -31.78
CA ALA A 372 22.69 -15.93 -33.09
C ALA A 372 22.45 -17.39 -33.43
N LYS A 373 23.13 -18.33 -32.77
CA LYS A 373 22.83 -19.74 -33.01
C LYS A 373 21.73 -20.27 -32.12
N THR A 374 21.44 -19.61 -30.99
CA THR A 374 20.35 -20.02 -30.13
C THR A 374 19.00 -19.48 -30.58
N LEU A 375 18.94 -18.23 -31.01
CA LEU A 375 17.67 -17.68 -31.47
C LEU A 375 17.37 -18.18 -32.87
N SER A 376 16.09 -18.10 -33.25
CA SER A 376 15.71 -18.61 -34.56
C SER A 376 14.48 -17.88 -35.08
N TYR A 377 14.24 -18.02 -36.38
CA TYR A 377 13.10 -17.47 -37.07
C TYR A 377 12.49 -18.55 -37.95
N PRO A 378 11.20 -18.80 -37.87
CA PRO A 378 10.63 -19.84 -38.73
C PRO A 378 10.26 -19.35 -40.11
N GLU A 379 11.12 -19.58 -41.09
CA GLU A 379 10.90 -19.11 -42.44
C GLU A 379 10.15 -20.17 -43.25
N THR A 380 9.04 -19.76 -43.85
CA THR A 380 8.24 -20.66 -44.68
C THR A 380 8.95 -20.96 -46.01
N VAL A 381 8.92 -22.22 -46.41
CA VAL A 381 9.57 -22.71 -47.62
C VAL A 381 8.70 -22.38 -48.83
N THR A 382 9.27 -21.69 -49.82
CA THR A 382 8.57 -21.41 -51.07
C THR A 382 9.47 -21.78 -52.24
N GLN A 383 8.90 -21.67 -53.45
CA GLN A 383 9.64 -21.93 -54.69
C GLN A 383 10.88 -21.05 -54.85
N TYR A 384 10.91 -19.86 -54.25
CA TYR A 384 12.00 -18.92 -54.48
C TYR A 384 13.17 -19.12 -53.54
N ASN A 385 12.99 -19.85 -52.44
CA ASN A 385 14.05 -20.05 -51.49
C ASN A 385 14.36 -21.50 -51.12
N ILE A 386 13.72 -22.48 -51.77
CA ILE A 386 13.87 -23.88 -51.39
C ILE A 386 15.31 -24.37 -51.56
N HIS A 387 15.99 -23.92 -52.62
CA HIS A 387 17.37 -24.33 -52.83
C HIS A 387 18.26 -23.74 -51.73
N ARG A 388 18.08 -22.45 -51.45
CA ARG A 388 18.79 -21.75 -50.39
C ARG A 388 18.61 -22.42 -49.03
N LEU A 389 17.38 -22.81 -48.69
CA LEU A 389 17.08 -23.37 -47.39
C LEU A 389 17.63 -24.78 -47.19
N THR A 390 17.74 -25.57 -48.26
CA THR A 390 18.35 -26.89 -48.14
C THR A 390 19.81 -26.81 -47.70
N GLU A 391 20.53 -25.79 -48.16
CA GLU A 391 21.92 -25.59 -47.75
C GLU A 391 22.03 -25.43 -46.24
N TYR A 392 21.14 -24.64 -45.65
CA TYR A 392 21.09 -24.48 -44.19
C TYR A 392 20.84 -25.81 -43.48
N VAL A 393 19.96 -26.66 -44.03
CA VAL A 393 19.67 -27.94 -43.41
C VAL A 393 20.89 -28.86 -43.35
N ARG A 394 21.69 -28.91 -44.42
CA ARG A 394 22.90 -29.73 -44.40
C ARG A 394 23.91 -29.25 -43.38
N ASN A 395 24.02 -27.93 -43.19
CA ASN A 395 24.99 -27.43 -42.22
C ASN A 395 24.61 -27.78 -40.79
N GLY A 396 23.33 -27.86 -40.48
CA GLY A 396 22.94 -28.37 -39.19
C GLY A 396 22.99 -27.31 -38.11
N PRO A 397 22.71 -27.72 -36.87
CA PRO A 397 22.61 -26.75 -35.78
C PRO A 397 23.94 -26.18 -35.30
N ASN A 398 25.08 -26.75 -35.68
CA ASN A 398 26.35 -26.33 -35.10
C ASN A 398 27.24 -25.54 -36.03
N GLU A 399 26.90 -25.40 -37.30
CA GLU A 399 27.69 -24.62 -38.24
C GLU A 399 26.83 -23.50 -38.77
N HIS A 400 27.36 -22.31 -38.75
CA HIS A 400 26.64 -21.13 -39.18
C HIS A 400 27.09 -20.72 -40.56
N PRO A 401 26.16 -20.45 -41.48
CA PRO A 401 24.71 -20.35 -41.30
C PRO A 401 23.92 -21.65 -41.40
N GLY A 402 23.16 -21.96 -40.34
CA GLY A 402 22.50 -23.25 -40.26
C GLY A 402 21.05 -23.20 -39.81
N ALA A 403 20.56 -24.28 -39.22
CA ALA A 403 19.13 -24.40 -38.94
C ALA A 403 18.93 -25.45 -37.87
N LYS A 404 17.82 -25.33 -37.15
CA LYS A 404 17.57 -26.18 -35.99
C LYS A 404 16.41 -27.14 -36.14
N TYR A 405 15.32 -26.78 -36.81
CA TYR A 405 14.18 -27.67 -36.90
C TYR A 405 13.57 -27.60 -38.29
N VAL A 406 12.86 -28.66 -38.67
CA VAL A 406 12.00 -28.63 -39.85
C VAL A 406 10.60 -28.98 -39.37
N ILE A 407 9.65 -28.09 -39.61
CA ILE A 407 8.29 -28.27 -39.13
C ILE A 407 7.33 -28.58 -40.26
N ARG A 408 6.68 -29.74 -40.19
CA ARG A 408 5.68 -30.10 -41.19
C ARG A 408 4.37 -29.39 -40.88
N ASP A 409 3.50 -29.35 -41.89
CA ASP A 409 2.13 -28.86 -41.74
C ASP A 409 1.31 -29.56 -40.65
N ASN A 410 1.72 -30.74 -40.19
CA ASN A 410 0.96 -31.39 -39.14
C ASN A 410 1.42 -30.92 -37.76
N GLY A 411 2.65 -30.42 -37.67
CA GLY A 411 3.22 -29.86 -36.47
C GLY A 411 4.37 -30.63 -35.88
N ASP A 412 4.64 -31.85 -36.36
CA ASP A 412 5.78 -32.62 -35.87
C ASP A 412 7.10 -31.95 -36.16
N ARG A 413 7.88 -31.67 -35.13
CA ARG A 413 9.20 -31.09 -35.33
C ARG A 413 10.27 -32.17 -35.44
N ILE A 414 11.19 -31.98 -36.38
CA ILE A 414 12.36 -32.84 -36.50
C ILE A 414 13.54 -32.11 -35.90
N ASP A 415 14.07 -32.67 -34.82
CA ASP A 415 15.17 -32.05 -34.08
C ASP A 415 16.47 -32.41 -34.77
N LEU A 416 17.13 -31.42 -35.34
CA LEU A 416 18.33 -31.66 -36.13
C LEU A 416 19.57 -31.95 -35.30
N ARG A 417 19.49 -31.92 -33.97
CA ARG A 417 20.63 -32.38 -33.20
C ARG A 417 20.76 -33.89 -33.26
N TYR A 418 19.64 -34.61 -33.33
CA TYR A 418 19.63 -36.05 -33.20
C TYR A 418 19.29 -36.77 -34.49
N HIS A 419 19.11 -36.05 -35.59
CA HIS A 419 18.78 -36.71 -36.84
C HIS A 419 20.07 -37.04 -37.58
N LYS A 420 20.41 -38.32 -37.58
CA LYS A 420 21.62 -38.85 -38.19
C LYS A 420 21.48 -39.03 -39.69
N ARG A 421 20.25 -39.00 -40.20
CA ARG A 421 20.06 -39.11 -41.64
C ARG A 421 19.56 -37.75 -42.15
N ALA A 422 20.27 -36.69 -41.76
CA ALA A 422 19.90 -35.34 -42.16
C ALA A 422 20.01 -35.12 -43.67
N GLY A 423 20.94 -35.82 -44.32
CA GLY A 423 21.09 -35.77 -45.77
C GLY A 423 19.92 -36.32 -46.56
N ASP A 424 19.04 -37.09 -45.94
CA ASP A 424 17.88 -37.65 -46.63
C ASP A 424 16.58 -36.87 -46.40
N ILE A 425 16.65 -35.60 -46.05
CA ILE A 425 15.44 -34.79 -45.96
C ILE A 425 15.24 -34.01 -47.25
N VAL A 426 14.03 -34.08 -47.81
CA VAL A 426 13.62 -33.29 -48.97
C VAL A 426 12.50 -32.36 -48.50
N LEU A 427 12.66 -31.07 -48.74
CA LEU A 427 11.67 -30.12 -48.27
C LEU A 427 10.49 -29.98 -49.23
N GLN A 428 9.30 -29.96 -48.66
CA GLN A 428 8.06 -29.70 -49.37
C GLN A 428 7.67 -28.25 -49.14
N TYR A 429 7.11 -27.61 -50.17
CA TYR A 429 6.49 -26.29 -50.01
C TYR A 429 5.48 -26.30 -48.86
N GLY A 430 5.44 -25.17 -48.14
CA GLY A 430 4.53 -25.03 -47.02
C GLY A 430 5.08 -25.47 -45.69
N TRP A 431 6.10 -26.34 -45.67
CA TRP A 431 6.84 -26.62 -44.45
C TRP A 431 7.55 -25.37 -43.91
N LYS A 432 8.03 -25.48 -42.68
CA LYS A 432 8.80 -24.41 -42.08
C LYS A 432 10.17 -24.89 -41.66
N VAL A 433 11.18 -24.07 -41.88
CA VAL A 433 12.54 -24.30 -41.40
C VAL A 433 12.88 -23.24 -40.38
N GLU A 434 13.19 -23.63 -39.14
CA GLU A 434 13.63 -22.66 -38.14
C GLU A 434 15.13 -22.41 -38.30
N ARG A 435 15.49 -21.44 -39.12
CA ARG A 435 16.89 -21.16 -39.40
C ARG A 435 17.47 -20.22 -38.37
N HIS A 436 18.80 -20.16 -38.34
CA HIS A 436 19.52 -19.25 -37.47
C HIS A 436 19.22 -17.81 -37.82
N LEU A 437 19.42 -16.93 -36.85
CA LEU A 437 19.36 -15.50 -37.09
C LEU A 437 20.48 -15.08 -38.04
N MET A 438 20.17 -14.21 -38.98
CA MET A 438 21.07 -13.89 -40.09
C MET A 438 20.99 -12.40 -40.37
N ASP A 439 21.97 -11.94 -41.15
CA ASP A 439 22.15 -10.53 -41.48
C ASP A 439 20.86 -9.92 -42.05
N ASP A 440 20.58 -8.70 -41.59
CA ASP A 440 19.47 -7.81 -41.93
C ASP A 440 18.12 -8.28 -41.43
N ASP A 441 18.01 -9.38 -40.67
CA ASP A 441 16.78 -9.64 -39.94
C ASP A 441 16.49 -8.51 -38.96
N PRO A 442 15.27 -8.00 -38.91
CA PRO A 442 14.91 -7.00 -37.90
C PRO A 442 14.64 -7.64 -36.55
N VAL A 443 15.10 -6.99 -35.49
CA VAL A 443 14.86 -7.41 -34.11
C VAL A 443 14.54 -6.18 -33.29
N LEU A 444 13.74 -6.38 -32.25
CA LEU A 444 13.36 -5.33 -31.33
C LEU A 444 14.34 -5.26 -30.19
N PHE A 445 14.89 -4.07 -29.94
CA PHE A 445 15.95 -3.88 -28.98
C PHE A 445 15.42 -2.98 -27.89
N ASN A 446 15.84 -3.19 -26.66
CA ASN A 446 15.13 -2.62 -25.53
C ASN A 446 16.03 -2.53 -24.31
N ARG A 447 16.05 -1.38 -23.63
CA ARG A 447 16.70 -1.24 -22.32
C ARG A 447 15.70 -0.81 -21.26
N GLN A 448 15.68 -1.50 -20.13
CA GLN A 448 14.88 -1.07 -19.00
C GLN A 448 15.58 0.02 -18.20
N PRO A 449 14.81 0.95 -17.59
CA PRO A 449 13.36 1.13 -17.57
C PRO A 449 12.85 1.81 -18.84
N SER A 450 11.75 1.31 -19.40
CA SER A 450 11.20 1.80 -20.67
C SER A 450 10.36 3.05 -20.44
N LEU A 451 11.03 4.20 -20.32
CA LEU A 451 10.33 5.40 -19.90
C LEU A 451 9.52 6.05 -21.01
N HIS A 452 9.87 5.81 -22.27
CA HIS A 452 9.17 6.44 -23.39
C HIS A 452 9.41 5.55 -24.60
N LYS A 453 8.74 5.89 -25.71
CA LYS A 453 8.62 4.94 -26.82
C LYS A 453 9.94 4.64 -27.50
N MET A 454 10.91 5.56 -27.43
CA MET A 454 12.19 5.24 -28.04
C MET A 454 13.07 4.39 -27.13
N SER A 455 12.55 3.82 -26.07
CA SER A 455 13.22 2.71 -25.40
C SER A 455 13.07 1.39 -26.16
N MET A 456 12.26 1.33 -27.22
CA MET A 456 12.12 0.08 -27.97
C MET A 456 12.14 0.43 -29.46
N MET A 457 13.26 0.19 -30.13
CA MET A 457 13.37 0.47 -31.54
C MET A 457 13.85 -0.78 -32.25
N ALA A 458 13.51 -0.92 -33.52
CA ALA A 458 13.92 -2.04 -34.33
C ALA A 458 15.28 -1.79 -34.98
N HIS A 459 16.23 -2.69 -34.76
CA HIS A 459 17.53 -2.62 -35.42
C HIS A 459 17.71 -3.80 -36.37
N ARG A 460 18.58 -3.62 -37.36
CA ARG A 460 19.03 -4.69 -38.24
C ARG A 460 20.23 -5.45 -37.66
N VAL A 461 20.10 -6.77 -37.53
CA VAL A 461 21.18 -7.62 -37.01
C VAL A 461 22.41 -7.57 -37.91
N LYS A 462 23.60 -7.48 -37.30
CA LYS A 462 24.84 -7.88 -37.94
C LYS A 462 25.59 -8.85 -37.03
N VAL A 463 25.75 -10.10 -37.46
CA VAL A 463 26.42 -11.11 -36.65
C VAL A 463 27.92 -10.87 -36.61
N MET A 464 28.50 -10.94 -35.41
CA MET A 464 29.88 -10.53 -35.10
C MET A 464 30.46 -11.45 -34.04
N PRO A 465 31.78 -11.62 -33.99
CA PRO A 465 32.41 -12.34 -32.87
C PRO A 465 32.34 -11.53 -31.58
N TYR A 466 32.71 -12.19 -30.46
CA TYR A 466 32.71 -11.60 -29.12
C TYR A 466 31.30 -11.39 -28.59
N SER A 467 31.13 -11.30 -27.27
CA SER A 467 29.87 -11.60 -26.61
C SER A 467 29.06 -10.39 -26.18
N THR A 468 29.41 -9.19 -26.62
CA THR A 468 28.63 -8.02 -26.26
C THR A 468 27.71 -7.65 -27.42
N PHE A 469 26.61 -6.96 -27.10
CA PHE A 469 25.84 -6.27 -28.15
C PHE A 469 26.48 -4.97 -28.59
N ARG A 470 26.57 -4.76 -29.89
CA ARG A 470 27.17 -3.54 -30.39
C ARG A 470 26.12 -2.57 -30.87
N LEU A 471 26.27 -1.32 -30.50
CA LEU A 471 25.37 -0.24 -30.89
C LEU A 471 26.22 0.81 -31.55
N ASN A 472 25.70 1.42 -32.60
CA ASN A 472 26.32 2.65 -33.07
C ASN A 472 26.13 3.69 -31.97
N LEU A 473 27.14 4.52 -31.77
CA LEU A 473 27.18 5.41 -30.61
C LEU A 473 26.08 6.45 -30.57
N SER A 474 25.51 6.82 -31.70
CA SER A 474 24.54 7.90 -31.68
C SER A 474 23.18 7.46 -31.16
N VAL A 475 22.94 6.17 -30.91
CA VAL A 475 21.69 5.75 -30.29
C VAL A 475 21.77 5.61 -28.78
N THR A 476 22.91 5.87 -28.15
CA THR A 476 22.99 5.78 -26.69
C THR A 476 22.05 6.76 -26.01
N SER A 477 21.83 7.94 -26.62
CA SER A 477 21.04 8.98 -25.96
C SER A 477 19.57 8.59 -25.78
N PRO A 478 18.80 8.20 -26.82
CA PRO A 478 17.41 7.80 -26.56
C PRO A 478 17.24 6.64 -25.61
N TYR A 479 18.18 5.70 -25.57
CA TYR A 479 18.06 4.62 -24.61
C TYR A 479 18.47 5.05 -23.21
N ASN A 480 19.10 6.23 -23.08
CA ASN A 480 19.83 6.67 -21.89
C ASN A 480 20.81 5.58 -21.43
N ALA A 481 21.43 4.94 -22.41
CA ALA A 481 22.39 3.88 -22.25
C ALA A 481 23.80 4.44 -22.19
N ASP A 482 24.66 3.76 -21.45
CA ASP A 482 26.08 3.92 -21.61
C ASP A 482 26.71 2.55 -21.41
N PHE A 483 28.03 2.51 -21.34
CA PHE A 483 28.73 1.23 -21.43
C PHE A 483 29.52 1.00 -20.17
N ASP A 484 28.93 1.34 -19.03
CA ASP A 484 29.57 1.11 -17.75
C ASP A 484 29.06 -0.15 -17.05
N GLY A 485 28.51 -1.10 -17.80
CA GLY A 485 27.90 -2.26 -17.21
C GLY A 485 26.45 -2.51 -17.56
N ASP A 486 25.74 -1.53 -18.13
CA ASP A 486 24.38 -1.69 -18.66
C ASP A 486 24.18 -2.96 -19.44
N GLU A 487 22.97 -3.51 -19.35
CA GLU A 487 22.58 -4.62 -20.19
C GLU A 487 21.33 -4.23 -20.96
N MET A 488 21.11 -4.89 -22.09
CA MET A 488 19.95 -4.59 -22.90
C MET A 488 19.36 -5.89 -23.42
N ASN A 489 18.12 -5.83 -23.86
CA ASN A 489 17.32 -7.00 -24.20
C ASN A 489 17.04 -7.00 -25.69
N LEU A 490 16.96 -8.18 -26.26
CA LEU A 490 16.69 -8.30 -27.68
C LEU A 490 15.54 -9.27 -27.85
N HIS A 491 14.59 -8.93 -28.71
CA HIS A 491 13.44 -9.77 -28.96
C HIS A 491 13.32 -10.02 -30.45
N VAL A 492 13.06 -11.27 -30.81
CA VAL A 492 13.05 -11.69 -32.21
C VAL A 492 11.61 -11.92 -32.62
N PRO A 493 11.08 -11.20 -33.58
CA PRO A 493 9.72 -11.48 -34.06
C PRO A 493 9.69 -12.86 -34.73
N GLN A 494 8.54 -13.52 -34.63
CA GLN A 494 8.43 -14.91 -35.03
C GLN A 494 7.55 -15.16 -36.24
N SER A 495 7.21 -14.14 -37.01
CA SER A 495 6.36 -14.38 -38.18
C SER A 495 6.59 -13.28 -39.20
N GLU A 496 6.13 -13.57 -40.42
CA GLU A 496 6.15 -12.61 -41.52
C GLU A 496 5.40 -11.31 -41.23
N GLU A 497 4.29 -11.36 -40.50
CA GLU A 497 3.51 -10.14 -40.27
C GLU A 497 4.24 -9.17 -39.36
N THR A 498 4.88 -9.66 -38.32
CA THR A 498 5.53 -8.78 -37.36
C THR A 498 6.89 -8.27 -37.82
N ARG A 499 7.63 -9.02 -38.64
CA ARG A 499 8.79 -8.44 -39.31
C ARG A 499 8.43 -7.16 -40.05
N ALA A 500 7.33 -7.18 -40.80
CA ALA A 500 6.97 -5.99 -41.57
C ALA A 500 6.54 -4.86 -40.66
N GLU A 501 5.86 -5.18 -39.55
CA GLU A 501 5.47 -4.15 -38.58
C GLU A 501 6.67 -3.47 -37.96
N LEU A 502 7.71 -4.25 -37.65
CA LEU A 502 8.94 -3.69 -37.08
C LEU A 502 9.63 -2.75 -38.06
N SER A 503 9.86 -3.20 -39.29
CA SER A 503 10.61 -2.38 -40.23
C SER A 503 9.84 -1.15 -40.70
N GLN A 504 8.51 -1.18 -40.70
CA GLN A 504 7.76 -0.07 -41.26
C GLN A 504 7.16 0.85 -40.20
N LEU A 505 7.28 0.53 -38.93
CA LEU A 505 6.76 1.41 -37.89
C LEU A 505 7.78 1.73 -36.82
N CYS A 506 8.58 0.77 -36.40
CA CYS A 506 9.42 0.92 -35.22
C CYS A 506 10.88 1.17 -35.55
N ALA A 507 11.27 1.06 -36.82
CA ALA A 507 12.68 1.15 -37.24
C ALA A 507 13.30 2.48 -36.82
N VAL A 508 14.56 2.42 -36.41
CA VAL A 508 15.40 3.54 -35.95
C VAL A 508 15.26 4.83 -36.76
N PRO A 509 15.39 4.87 -38.10
CA PRO A 509 15.34 6.17 -38.79
C PRO A 509 13.99 6.89 -38.64
N LEU A 510 12.88 6.15 -38.54
CA LEU A 510 11.58 6.76 -38.28
C LEU A 510 11.50 7.44 -36.93
N GLN A 511 12.41 7.15 -36.01
CA GLN A 511 12.33 7.62 -34.64
C GLN A 511 13.24 8.79 -34.35
N ILE A 512 13.91 9.33 -35.38
CA ILE A 512 14.92 10.37 -35.20
C ILE A 512 14.31 11.62 -34.56
N VAL A 513 13.11 12.00 -35.01
CA VAL A 513 12.36 13.11 -34.42
C VAL A 513 11.32 12.54 -33.47
N SER A 514 11.26 13.08 -32.27
CA SER A 514 10.30 12.61 -31.30
C SER A 514 9.14 13.56 -31.15
N PRO A 515 7.92 13.05 -30.95
CA PRO A 515 6.79 13.96 -30.71
C PRO A 515 6.82 14.66 -29.37
N GLN A 516 7.72 14.29 -28.46
CA GLN A 516 7.76 14.90 -27.14
C GLN A 516 8.00 16.40 -27.22
N SER A 517 8.98 16.81 -28.02
CA SER A 517 9.30 18.23 -28.07
C SER A 517 9.57 18.73 -29.48
N ASN A 518 9.03 18.05 -30.49
CA ASN A 518 9.13 18.29 -31.95
C ASN A 518 10.56 18.65 -32.36
N LYS A 519 11.48 17.76 -32.01
CA LYS A 519 12.91 17.97 -32.22
C LYS A 519 13.58 16.61 -32.17
N PRO A 520 14.81 16.48 -32.67
CA PRO A 520 15.48 15.18 -32.62
C PRO A 520 15.86 14.76 -31.21
N VAL A 521 15.97 13.45 -31.03
CA VAL A 521 16.52 12.90 -29.80
C VAL A 521 17.84 12.21 -30.02
N MET A 522 18.38 12.25 -31.22
CA MET A 522 19.70 11.68 -31.47
C MET A 522 20.52 12.74 -32.17
N GLY A 523 21.77 12.81 -31.78
CA GLY A 523 22.71 13.65 -32.49
C GLY A 523 24.10 13.10 -32.48
N ILE A 524 25.02 13.89 -32.92
CA ILE A 524 26.42 13.52 -32.86
C ILE A 524 26.84 13.80 -31.43
N VAL A 525 27.61 12.88 -30.83
CA VAL A 525 27.91 12.92 -29.41
C VAL A 525 29.39 12.64 -29.19
N GLN A 526 29.81 12.92 -27.96
CA GLN A 526 31.07 12.58 -27.26
C GLN A 526 32.26 12.81 -28.19
N ASP A 527 33.09 11.80 -28.46
CA ASP A 527 34.30 11.95 -29.27
C ASP A 527 34.03 12.62 -30.62
N THR A 528 33.00 12.16 -31.32
CA THR A 528 32.73 12.65 -32.66
C THR A 528 32.30 14.10 -32.62
N LEU A 529 31.67 14.53 -31.54
CA LEU A 529 31.20 15.91 -31.42
C LEU A 529 32.34 16.81 -31.00
N CYS A 530 33.13 16.38 -30.01
CA CYS A 530 34.37 17.06 -29.66
C CYS A 530 35.28 17.20 -30.87
N GLY A 531 35.44 16.12 -31.62
CA GLY A 531 36.36 16.14 -32.76
C GLY A 531 35.88 17.00 -33.91
N VAL A 532 34.56 17.07 -34.11
CA VAL A 532 34.05 17.79 -35.28
C VAL A 532 34.18 19.29 -35.07
N ARG A 533 34.16 19.77 -33.83
CA ARG A 533 34.48 21.17 -33.58
C ARG A 533 35.92 21.47 -33.96
N LYS A 534 36.87 20.66 -33.46
CA LYS A 534 38.28 20.83 -33.78
C LYS A 534 38.52 20.77 -35.28
N MET A 535 37.85 19.85 -35.99
CA MET A 535 38.09 19.69 -37.42
C MET A 535 37.56 20.87 -38.22
N THR A 536 36.47 21.50 -37.80
CA THR A 536 35.89 22.54 -38.62
C THR A 536 36.33 23.93 -38.22
N LEU A 537 37.31 24.05 -37.33
CA LEU A 537 37.98 25.32 -37.08
C LEU A 537 38.55 25.89 -38.36
N ARG A 538 38.57 27.22 -38.43
CA ARG A 538 38.96 27.95 -39.63
C ARG A 538 40.37 27.61 -40.10
N ASP A 539 41.28 27.33 -39.17
CA ASP A 539 42.67 27.01 -39.52
C ASP A 539 43.02 25.53 -39.44
N THR A 540 42.11 24.62 -39.77
CA THR A 540 42.46 23.22 -39.94
C THR A 540 42.68 22.90 -41.40
N PHE A 541 43.89 22.51 -41.77
CA PHE A 541 44.18 22.20 -43.15
C PHE A 541 44.72 20.79 -43.25
N ILE A 542 44.44 20.14 -44.37
CA ILE A 542 44.72 18.72 -44.56
C ILE A 542 45.39 18.55 -45.90
N GLU A 543 46.53 17.90 -45.92
CA GLU A 543 47.25 17.69 -47.17
C GLU A 543 46.57 16.58 -47.98
N TYR A 544 47.00 16.51 -49.25
CA TYR A 544 46.34 15.69 -50.27
C TYR A 544 46.29 14.22 -49.92
N GLU A 545 47.40 13.65 -49.46
CA GLU A 545 47.47 12.21 -49.21
C GLU A 545 46.45 11.75 -48.18
N GLN A 546 46.23 12.55 -47.15
CA GLN A 546 45.23 12.21 -46.13
C GLN A 546 43.80 12.40 -46.63
N VAL A 547 43.57 13.48 -47.40
CA VAL A 547 42.26 13.77 -48.02
C VAL A 547 41.69 12.61 -48.83
N MET A 548 42.53 11.91 -49.57
CA MET A 548 42.05 10.80 -50.40
C MET A 548 41.47 9.68 -49.54
N ASN A 549 42.14 9.35 -48.43
CA ASN A 549 41.61 8.36 -47.51
C ASN A 549 40.26 8.76 -46.94
N MET A 550 40.15 10.03 -46.50
CA MET A 550 38.91 10.54 -45.89
C MET A 550 37.73 10.50 -46.84
N LEU A 551 37.95 10.82 -48.11
CA LEU A 551 36.86 10.76 -49.07
C LEU A 551 36.38 9.32 -49.22
N PHE A 552 37.32 8.38 -49.32
CA PHE A 552 36.98 6.97 -49.50
C PHE A 552 36.27 6.41 -48.28
N TRP A 553 36.38 7.06 -47.12
CA TRP A 553 35.76 6.59 -45.91
C TRP A 553 34.28 6.88 -45.88
N VAL A 554 33.81 7.78 -46.73
CA VAL A 554 32.39 8.09 -46.89
C VAL A 554 31.69 7.12 -47.82
N PRO A 555 30.79 6.27 -47.32
CA PRO A 555 30.12 5.29 -48.19
C PRO A 555 29.30 5.89 -49.33
N SER A 556 28.70 7.05 -49.10
CA SER A 556 27.84 7.68 -50.09
C SER A 556 28.56 8.58 -51.07
N TRP A 557 29.88 8.68 -51.00
CA TRP A 557 30.65 9.55 -51.89
C TRP A 557 30.48 9.20 -53.37
N ASP A 558 30.35 10.24 -54.19
CA ASP A 558 30.07 10.09 -55.62
C ASP A 558 31.33 9.91 -56.47
N GLY A 559 32.50 9.80 -55.86
CA GLY A 559 33.75 9.59 -56.55
C GLY A 559 34.44 10.82 -57.09
N VAL A 560 33.88 12.02 -56.91
CA VAL A 560 34.49 13.26 -57.40
C VAL A 560 35.22 13.96 -56.26
N VAL A 561 36.54 13.97 -56.29
CA VAL A 561 37.33 14.72 -55.30
C VAL A 561 37.14 16.21 -55.52
N PRO A 562 36.76 16.98 -54.50
CA PRO A 562 36.57 18.42 -54.71
C PRO A 562 37.87 19.18 -54.72
N GLN A 563 37.84 20.32 -55.42
CA GLN A 563 39.03 21.14 -55.60
C GLN A 563 39.50 21.71 -54.27
N PRO A 564 40.81 21.74 -54.05
CA PRO A 564 41.34 22.27 -52.79
C PRO A 564 41.08 23.74 -52.64
N ALA A 565 40.96 24.17 -51.38
CA ALA A 565 40.78 25.58 -51.10
C ALA A 565 42.01 26.39 -51.46
N ILE A 566 43.19 25.83 -51.27
CA ILE A 566 44.45 26.47 -51.67
C ILE A 566 45.08 25.66 -52.79
N LEU A 567 45.29 26.28 -53.95
CA LEU A 567 45.97 25.59 -55.04
C LEU A 567 47.48 25.76 -55.03
N LYS A 568 48.01 26.93 -54.71
CA LYS A 568 49.43 27.16 -54.83
C LYS A 568 49.88 27.93 -53.59
N PRO A 569 51.07 27.62 -53.03
CA PRO A 569 52.15 26.72 -53.40
C PRO A 569 52.00 25.25 -53.06
N LYS A 570 50.88 24.86 -52.46
CA LYS A 570 50.73 23.47 -52.07
C LYS A 570 49.24 23.23 -51.98
N PRO A 571 48.71 22.12 -52.50
CA PRO A 571 47.27 21.86 -52.39
C PRO A 571 46.88 21.53 -50.97
N LEU A 572 45.91 22.30 -50.44
CA LEU A 572 45.41 22.14 -49.08
C LEU A 572 43.91 22.31 -49.07
N TRP A 573 43.22 21.41 -48.41
CA TRP A 573 41.80 21.49 -48.16
C TRP A 573 41.53 21.94 -46.74
N THR A 574 40.42 22.66 -46.56
CA THR A 574 40.01 23.01 -45.23
C THR A 574 39.11 21.91 -44.69
N GLY A 575 39.01 21.85 -43.37
CA GLY A 575 38.12 20.90 -42.72
C GLY A 575 36.66 21.01 -43.13
N LYS A 576 36.17 22.23 -43.29
CA LYS A 576 34.78 22.44 -43.72
C LYS A 576 34.45 21.82 -45.06
N GLN A 577 35.41 21.71 -45.97
CA GLN A 577 35.12 21.12 -47.28
C GLN A 577 34.85 19.64 -47.18
N LEU A 578 35.63 18.91 -46.37
CA LEU A 578 35.49 17.47 -46.31
C LEU A 578 34.26 17.06 -45.51
N LEU A 579 33.96 17.78 -44.42
CA LEU A 579 32.70 17.58 -43.71
C LEU A 579 31.51 17.76 -44.66
N SER A 580 31.60 18.73 -45.58
CA SER A 580 30.52 19.03 -46.51
C SER A 580 30.25 17.89 -47.48
N ILE A 581 31.24 17.02 -47.72
CA ILE A 581 31.01 15.81 -48.52
C ILE A 581 29.94 14.94 -47.88
N ALA A 582 29.91 14.88 -46.55
CA ALA A 582 28.95 14.03 -45.87
C ALA A 582 27.54 14.59 -45.87
N ILE A 583 27.35 15.87 -46.15
CA ILE A 583 26.03 16.47 -46.19
C ILE A 583 25.44 16.38 -47.59
N PRO A 584 24.23 15.86 -47.75
CA PRO A 584 23.64 15.76 -49.09
C PRO A 584 23.35 17.13 -49.67
N SER A 585 23.28 17.19 -50.99
CA SER A 585 23.03 18.45 -51.69
C SER A 585 21.60 18.94 -51.51
N GLY A 586 21.41 20.22 -51.80
CA GLY A 586 20.11 20.85 -51.63
C GLY A 586 19.71 21.25 -50.23
N ILE A 587 20.65 21.30 -49.29
CA ILE A 587 20.34 21.63 -47.90
C ILE A 587 20.75 23.07 -47.59
N HIS A 588 19.79 23.88 -47.17
CA HIS A 588 20.02 25.27 -46.80
C HIS A 588 19.61 25.52 -45.36
N LEU A 589 20.51 26.18 -44.64
CA LEU A 589 20.32 26.48 -43.25
C LEU A 589 21.07 27.76 -42.92
N GLN A 590 20.45 28.65 -42.19
CA GLN A 590 21.06 29.91 -41.77
C GLN A 590 20.74 30.09 -40.31
N ARG A 591 21.75 30.41 -39.51
CA ARG A 591 21.51 30.76 -38.13
C ARG A 591 22.49 31.86 -37.75
N THR A 592 21.99 32.82 -36.98
CA THR A 592 22.77 33.95 -36.49
C THR A 592 22.98 33.84 -34.99
N ASP A 593 24.24 33.83 -34.58
CA ASP A 593 24.61 33.86 -33.16
C ASP A 593 25.14 35.25 -32.85
N GLY A 594 24.52 35.90 -31.87
CA GLY A 594 24.91 37.22 -31.37
C GLY A 594 25.05 38.32 -32.40
N GLY A 595 24.09 38.41 -33.31
CA GLY A 595 24.06 39.44 -34.34
C GLY A 595 25.28 39.52 -35.23
N ASN A 596 25.88 38.38 -35.56
CA ASN A 596 27.08 38.39 -36.39
C ASN A 596 26.80 38.85 -37.82
N SER A 597 27.81 39.42 -38.44
CA SER A 597 27.71 39.82 -39.83
C SER A 597 28.13 38.66 -40.72
N LEU A 598 27.88 38.82 -42.02
CA LEU A 598 28.32 37.84 -43.01
C LEU A 598 29.84 37.69 -43.09
N LEU A 599 30.60 38.62 -42.52
CA LEU A 599 32.05 38.50 -42.47
C LEU A 599 32.55 37.72 -41.25
N SER A 600 31.65 37.39 -40.30
CA SER A 600 31.81 36.57 -39.09
C SER A 600 33.20 36.61 -38.45
N PRO A 601 33.56 37.75 -37.81
CA PRO A 601 34.89 37.83 -37.16
C PRO A 601 35.16 36.79 -36.10
N LYS A 602 34.16 36.40 -35.33
CA LYS A 602 34.38 35.43 -34.26
C LYS A 602 34.29 34.00 -34.74
N ASP A 603 34.02 33.81 -36.04
CA ASP A 603 33.80 32.50 -36.66
C ASP A 603 32.60 31.77 -36.05
N ASN A 604 31.58 32.50 -35.67
CA ASN A 604 30.35 31.92 -35.15
C ASN A 604 29.24 31.99 -36.20
N GLY A 605 28.03 31.65 -35.79
CA GLY A 605 26.92 31.41 -36.68
C GLY A 605 27.11 30.19 -37.56
N MET A 606 26.24 30.07 -38.55
CA MET A 606 26.27 28.93 -39.47
C MET A 606 25.55 29.30 -40.75
N LEU A 607 26.15 28.96 -41.88
CA LEU A 607 25.55 29.18 -43.19
C LEU A 607 25.83 27.99 -44.08
N ILE A 608 24.79 27.31 -44.55
CA ILE A 608 24.97 26.18 -45.43
C ILE A 608 24.17 26.41 -46.70
N VAL A 609 24.83 26.27 -47.84
CA VAL A 609 24.27 26.54 -49.17
C VAL A 609 24.59 25.34 -50.04
N ASP A 610 23.56 24.73 -50.61
CA ASP A 610 23.66 23.54 -51.47
C ASP A 610 24.54 22.44 -50.87
N GLY A 611 24.33 22.18 -49.58
CA GLY A 611 25.10 21.15 -48.94
C GLY A 611 26.57 21.43 -48.77
N LYS A 612 26.96 22.71 -48.75
CA LYS A 612 28.36 23.05 -48.59
C LYS A 612 28.46 24.10 -47.49
N VAL A 613 29.39 23.91 -46.57
CA VAL A 613 29.54 24.83 -45.44
C VAL A 613 30.28 26.07 -45.93
N MET A 614 29.59 27.21 -45.90
CA MET A 614 30.27 28.46 -46.22
C MET A 614 31.13 28.95 -45.06
N PHE A 615 30.54 29.20 -43.89
CA PHE A 615 31.35 29.55 -42.73
C PHE A 615 30.71 28.97 -41.48
N GLY A 616 31.45 29.02 -40.39
CA GLY A 616 30.95 28.58 -39.10
C GLY A 616 31.53 27.31 -38.55
N VAL A 617 32.09 27.40 -37.34
CA VAL A 617 32.40 26.22 -36.56
C VAL A 617 31.16 25.39 -36.31
N VAL A 618 31.29 24.09 -36.54
CA VAL A 618 30.21 23.13 -36.32
C VAL A 618 30.32 22.60 -34.89
N ASP A 619 29.32 22.87 -34.06
CA ASP A 619 29.36 22.47 -32.66
C ASP A 619 27.96 22.01 -32.27
N LYS A 620 27.69 21.93 -30.96
CA LYS A 620 26.42 21.42 -30.45
C LYS A 620 25.21 22.17 -30.97
N LYS A 621 25.33 23.47 -31.26
CA LYS A 621 24.20 24.21 -31.78
C LYS A 621 23.77 23.78 -33.19
N THR A 622 24.65 23.13 -33.96
CA THR A 622 24.29 22.72 -35.31
C THR A 622 24.04 21.24 -35.46
N VAL A 623 24.89 20.38 -34.91
CA VAL A 623 24.81 18.94 -35.10
C VAL A 623 24.42 18.24 -33.82
N GLY A 624 24.07 18.97 -32.78
CA GLY A 624 23.54 18.38 -31.58
C GLY A 624 22.10 17.94 -31.74
N SER A 625 21.37 17.79 -30.65
CA SER A 625 20.02 17.30 -30.76
C SER A 625 19.00 18.43 -30.72
N GLY A 626 19.46 19.67 -30.75
CA GLY A 626 18.56 20.81 -30.69
C GLY A 626 17.62 20.89 -31.87
N GLY A 627 16.47 21.51 -31.63
CA GLY A 627 15.50 21.75 -32.69
C GLY A 627 16.05 22.69 -33.74
N GLY A 628 15.67 22.45 -35.00
CA GLY A 628 16.12 23.33 -36.05
C GLY A 628 17.55 23.17 -36.49
N GLY A 629 18.28 22.20 -35.94
CA GLY A 629 19.64 21.96 -36.34
C GLY A 629 19.73 21.20 -37.64
N LEU A 630 20.94 20.73 -37.92
CA LEU A 630 21.25 20.05 -39.18
C LEU A 630 20.43 18.78 -39.36
N ILE A 631 20.41 17.92 -38.33
CA ILE A 631 19.73 16.63 -38.40
C ILE A 631 18.23 16.80 -38.67
N HIS A 632 17.57 17.69 -37.92
CA HIS A 632 16.17 18.03 -38.17
C HIS A 632 15.92 18.46 -39.62
N THR A 633 16.84 19.23 -40.19
CA THR A 633 16.63 19.79 -41.52
C THR A 633 16.73 18.74 -42.61
N VAL A 634 17.72 17.87 -42.53
CA VAL A 634 17.89 16.80 -43.51
C VAL A 634 16.69 15.85 -43.50
N MET A 635 16.12 15.62 -42.31
CA MET A 635 14.94 14.78 -42.15
C MET A 635 13.74 15.33 -42.95
N ARG A 636 13.45 16.63 -42.81
CA ARG A 636 12.35 17.24 -43.55
C ARG A 636 12.61 17.24 -45.05
N GLU A 637 13.84 17.50 -45.47
CA GLU A 637 14.09 17.65 -46.90
C GLU A 637 14.32 16.33 -47.61
N LYS A 638 14.93 15.35 -46.95
CA LYS A 638 15.30 14.14 -47.62
C LYS A 638 14.63 12.88 -47.10
N GLY A 639 13.99 12.91 -45.95
CA GLY A 639 13.36 11.72 -45.42
C GLY A 639 14.27 10.90 -44.54
N PRO A 640 13.71 9.89 -43.87
CA PRO A 640 14.45 9.17 -42.83
C PRO A 640 15.62 8.36 -43.33
N LYS A 641 15.55 7.80 -44.54
CA LYS A 641 16.64 6.97 -45.06
C LYS A 641 17.92 7.76 -45.23
N ILE A 642 17.86 8.90 -45.94
CA ILE A 642 19.02 9.74 -46.15
C ILE A 642 19.57 10.24 -44.82
N CYS A 643 18.67 10.70 -43.94
CA CYS A 643 19.04 11.23 -42.63
C CYS A 643 19.76 10.19 -41.77
N ALA A 644 19.43 8.92 -41.92
CA ALA A 644 20.15 7.89 -41.17
C ALA A 644 21.58 7.74 -41.68
N GLU A 645 21.78 7.85 -42.99
CA GLU A 645 23.14 7.84 -43.52
C GLU A 645 23.96 9.04 -43.03
N LEU A 646 23.31 10.17 -42.73
CA LEU A 646 24.04 11.35 -42.29
C LEU A 646 24.85 11.07 -41.02
N PHE A 647 24.25 10.36 -40.06
CA PHE A 647 24.97 9.99 -38.83
C PHE A 647 26.18 9.13 -39.14
N GLY A 648 26.02 8.13 -40.00
CA GLY A 648 27.13 7.24 -40.32
C GLY A 648 28.26 7.93 -41.05
N ASN A 649 27.92 8.78 -42.03
CA ASN A 649 28.92 9.51 -42.79
C ASN A 649 29.77 10.44 -41.92
N ILE A 650 29.12 11.34 -41.17
CA ILE A 650 29.81 12.25 -40.26
C ILE A 650 30.73 11.51 -39.29
N GLN A 651 30.24 10.42 -38.68
CA GLN A 651 31.02 9.69 -37.70
C GLN A 651 32.28 9.09 -38.30
N LYS A 652 32.19 8.53 -39.50
CA LYS A 652 33.32 7.82 -40.08
C LYS A 652 34.41 8.80 -40.49
N VAL A 653 34.03 9.97 -40.98
CA VAL A 653 35.00 11.00 -41.32
C VAL A 653 35.71 11.54 -40.10
N VAL A 654 34.93 11.98 -39.09
CA VAL A 654 35.51 12.66 -37.94
C VAL A 654 36.39 11.74 -37.12
N ASN A 655 35.95 10.50 -36.87
CA ASN A 655 36.74 9.59 -36.06
C ASN A 655 38.05 9.23 -36.73
N TYR A 656 38.07 9.15 -38.06
CA TYR A 656 39.34 8.98 -38.76
C TYR A 656 40.24 10.18 -38.56
N TRP A 657 39.74 11.36 -38.89
CA TRP A 657 40.54 12.59 -38.73
C TRP A 657 41.01 12.79 -37.31
N LEU A 658 40.13 12.51 -36.33
CA LEU A 658 40.50 12.70 -34.93
C LEU A 658 41.55 11.68 -34.50
N LEU A 659 41.52 10.49 -35.08
CA LEU A 659 42.54 9.47 -34.83
C LEU A 659 43.92 9.97 -35.19
N HIS A 660 44.05 10.78 -36.24
CA HIS A 660 45.36 11.22 -36.67
C HIS A 660 45.73 12.59 -36.13
N ASN A 661 44.77 13.32 -35.57
CA ASN A 661 45.13 14.54 -34.87
C ASN A 661 45.41 14.23 -33.41
N GLY A 662 44.61 13.37 -32.79
CA GLY A 662 44.79 13.10 -31.38
C GLY A 662 44.09 14.14 -30.51
N PHE A 663 43.84 13.75 -29.27
CA PHE A 663 43.26 14.63 -28.26
C PHE A 663 43.46 14.00 -26.91
N SER A 664 43.75 14.82 -25.90
CA SER A 664 44.01 14.31 -24.58
C SER A 664 43.54 15.31 -23.54
N ILE A 665 43.76 14.98 -22.27
CA ILE A 665 43.60 15.91 -21.15
C ILE A 665 44.55 15.49 -20.06
N GLY A 666 45.13 16.46 -19.35
CA GLY A 666 46.02 16.16 -18.26
C GLY A 666 45.85 17.12 -17.10
N ILE A 667 46.64 16.89 -16.05
CA ILE A 667 46.60 17.72 -14.84
C ILE A 667 46.92 19.17 -15.17
N GLY A 668 47.76 19.42 -16.20
CA GLY A 668 48.11 20.78 -16.57
C GLY A 668 46.91 21.64 -16.92
N ASP A 669 45.89 21.02 -17.50
CA ASP A 669 44.72 21.73 -17.98
C ASP A 669 43.80 22.22 -16.88
N ALA A 670 44.03 21.87 -15.62
CA ALA A 670 43.25 22.42 -14.52
C ALA A 670 43.94 23.59 -13.84
N ILE A 671 45.15 23.92 -14.27
CA ILE A 671 46.03 24.81 -13.53
C ILE A 671 45.99 26.21 -14.14
N ALA A 672 45.48 27.17 -13.40
CA ALA A 672 45.61 28.56 -13.82
C ALA A 672 46.89 29.15 -13.27
N ASP A 673 47.45 30.10 -14.02
CA ASP A 673 48.75 30.68 -13.72
C ASP A 673 48.68 31.57 -12.47
N ALA A 674 49.87 31.90 -11.95
CA ALA A 674 50.01 32.59 -10.67
C ALA A 674 49.35 33.96 -10.63
N SER A 675 49.34 34.68 -11.76
CA SER A 675 48.70 35.99 -11.81
C SER A 675 47.19 35.89 -11.60
N THR A 676 46.55 34.94 -12.29
CA THR A 676 45.10 34.75 -12.21
C THR A 676 44.65 34.31 -10.83
N MET A 677 45.45 33.49 -10.15
CA MET A 677 45.11 33.04 -8.80
C MET A 677 44.97 34.20 -7.83
N LYS A 678 45.81 35.24 -7.96
CA LYS A 678 45.71 36.37 -7.05
C LYS A 678 44.41 37.14 -7.30
N GLU A 679 44.00 37.26 -8.56
CA GLU A 679 42.67 37.77 -8.86
C GLU A 679 41.60 36.89 -8.22
N ILE A 680 41.70 35.58 -8.42
CA ILE A 680 40.77 34.60 -7.84
C ILE A 680 40.71 34.74 -6.33
N THR A 681 41.87 34.79 -5.68
CA THR A 681 41.95 34.88 -4.22
C THR A 681 41.39 36.19 -3.70
N HIS A 682 41.59 37.28 -4.45
CA HIS A 682 41.04 38.57 -4.04
C HIS A 682 39.52 38.56 -4.05
N ALA A 683 38.90 38.06 -5.12
CA ALA A 683 37.45 38.07 -5.19
C ALA A 683 36.81 37.24 -4.08
N ILE A 684 37.46 36.15 -3.66
CA ILE A 684 36.93 35.39 -2.54
C ILE A 684 37.18 36.10 -1.21
N SER A 685 38.34 36.75 -1.07
CA SER A 685 38.65 37.52 0.14
C SER A 685 37.70 38.68 0.34
N SER A 686 37.35 39.38 -0.74
CA SER A 686 36.43 40.51 -0.62
C SER A 686 35.01 40.05 -0.33
N ALA A 687 34.62 38.88 -0.85
CA ALA A 687 33.31 38.33 -0.53
C ALA A 687 33.17 37.94 0.93
N LYS A 688 34.22 37.39 1.54
CA LYS A 688 34.18 37.13 2.97
C LYS A 688 34.06 38.41 3.78
N GLU A 689 34.62 39.52 3.32
CA GLU A 689 34.45 40.77 4.04
C GLU A 689 33.01 41.27 3.98
N GLN A 690 32.37 41.22 2.80
CA GLN A 690 30.98 41.63 2.68
C GLN A 690 30.06 40.81 3.59
N VAL A 691 30.35 39.50 3.75
CA VAL A 691 29.57 38.66 4.64
C VAL A 691 29.75 39.09 6.09
N GLN A 692 30.97 39.53 6.45
CA GLN A 692 31.21 40.12 7.77
C GLN A 692 30.35 41.37 7.99
N GLU A 693 30.34 42.27 7.00
CA GLU A 693 29.49 43.46 7.06
C GLU A 693 28.03 43.12 7.25
N ILE A 694 27.55 42.09 6.56
CA ILE A 694 26.14 41.69 6.69
C ILE A 694 25.84 41.21 8.11
N ILE A 695 26.75 40.41 8.68
CA ILE A 695 26.61 39.96 10.07
C ILE A 695 26.60 41.14 11.03
N TYR A 696 27.51 42.11 10.82
CA TYR A 696 27.55 43.33 11.64
C TYR A 696 26.24 44.09 11.57
N LYS A 697 25.73 44.33 10.36
CA LYS A 697 24.48 45.07 10.18
C LYS A 697 23.32 44.35 10.86
N ALA A 698 23.17 43.04 10.60
CA ALA A 698 22.08 42.28 11.20
C ALA A 698 22.16 42.25 12.72
N GLN A 699 23.36 42.26 13.28
CA GLN A 699 23.47 42.22 14.74
C GLN A 699 23.40 43.60 15.36
N HIS A 700 23.53 44.66 14.58
CA HIS A 700 23.35 46.02 15.07
C HIS A 700 22.06 46.66 14.59
N ASN A 701 21.10 45.85 14.12
CA ASN A 701 19.76 46.28 13.66
C ASN A 701 19.84 47.31 12.54
N GLU A 702 20.78 47.13 11.62
CA GLU A 702 20.93 48.07 10.52
C GLU A 702 20.69 47.39 9.18
N LEU A 703 20.00 46.24 9.19
CA LEU A 703 19.77 45.47 7.98
C LEU A 703 18.35 45.65 7.46
N GLU A 704 18.24 45.84 6.15
CA GLU A 704 16.95 45.94 5.48
C GLU A 704 16.24 44.60 5.51
N LEU A 705 14.96 44.61 5.89
CA LEU A 705 14.13 43.41 5.89
C LEU A 705 13.51 43.25 4.51
N LYS A 706 13.65 42.04 3.95
CA LYS A 706 13.07 41.68 2.66
C LYS A 706 11.59 41.35 2.85
N PRO A 707 10.74 41.73 1.90
CA PRO A 707 9.29 41.48 2.05
C PRO A 707 8.93 40.01 2.17
N GLY A 708 8.06 39.71 3.13
CA GLY A 708 7.68 38.34 3.37
C GLY A 708 8.65 37.54 4.19
N MET A 709 9.73 38.15 4.67
CA MET A 709 10.78 37.42 5.35
C MET A 709 11.08 38.00 6.71
N THR A 710 11.32 37.12 7.67
CA THR A 710 11.82 37.47 8.99
C THR A 710 13.27 37.96 8.85
N LEU A 711 13.82 38.46 9.97
CA LEU A 711 15.21 38.89 9.96
C LEU A 711 16.16 37.74 9.62
N ARG A 712 15.99 36.58 10.24
CA ARG A 712 16.94 35.50 10.03
C ARG A 712 16.84 34.92 8.62
N GLU A 713 15.63 34.84 8.07
CA GLU A 713 15.47 34.46 6.66
C GLU A 713 16.14 35.46 5.73
N SER A 714 15.89 36.76 5.95
CA SER A 714 16.52 37.80 5.13
C SER A 714 18.03 37.76 5.24
N PHE A 715 18.54 37.57 6.46
CA PHE A 715 19.97 37.45 6.68
C PHE A 715 20.55 36.27 5.90
N GLU A 716 19.96 35.08 6.07
CA GLU A 716 20.41 33.89 5.38
C GLU A 716 20.30 34.03 3.87
N GLY A 717 19.25 34.70 3.40
CA GLY A 717 19.07 34.91 1.97
C GLY A 717 20.14 35.78 1.33
N GLU A 718 20.48 36.89 1.98
CA GLU A 718 21.49 37.81 1.44
C GLU A 718 22.88 37.17 1.39
N VAL A 719 23.25 36.43 2.44
CA VAL A 719 24.55 35.75 2.47
C VAL A 719 24.67 34.73 1.35
N SER A 720 23.60 33.98 1.08
CA SER A 720 23.63 32.95 0.03
C SER A 720 23.83 33.58 -1.35
N ARG A 721 23.07 34.64 -1.65
CA ARG A 721 23.22 35.35 -2.92
C ARG A 721 24.64 35.89 -3.10
N THR A 722 25.24 36.43 -2.03
CA THR A 722 26.61 36.96 -2.12
C THR A 722 27.61 35.86 -2.47
N LEU A 723 27.52 34.71 -1.79
CA LEU A 723 28.50 33.64 -1.97
C LEU A 723 28.38 32.93 -3.32
N ASN A 724 27.16 32.76 -3.84
CA ASN A 724 27.05 32.16 -5.16
C ASN A 724 27.53 33.11 -6.25
N ASP A 725 27.32 34.41 -6.07
CA ASP A 725 27.84 35.37 -7.04
C ASP A 725 29.35 35.48 -6.96
N ALA A 726 29.92 35.31 -5.77
CA ALA A 726 31.36 35.27 -5.61
C ALA A 726 32.02 34.14 -6.39
N ARG A 727 31.43 32.94 -6.35
CA ARG A 727 32.03 31.81 -7.03
C ARG A 727 31.94 31.98 -8.54
N ASP A 728 30.77 32.40 -9.04
CA ASP A 728 30.58 32.68 -10.46
C ASP A 728 31.54 33.75 -10.95
N SER A 729 31.76 34.79 -10.14
CA SER A 729 32.73 35.81 -10.52
C SER A 729 34.12 35.23 -10.58
N ALA A 730 34.48 34.40 -9.60
CA ALA A 730 35.78 33.75 -9.61
C ALA A 730 35.89 32.73 -10.74
N GLY A 731 34.79 32.03 -11.03
CA GLY A 731 34.78 31.10 -12.15
C GLY A 731 34.96 31.77 -13.48
N ARG A 732 34.34 32.94 -13.66
CA ARG A 732 34.45 33.71 -14.89
C ARG A 732 35.88 34.15 -15.13
N SER A 733 36.58 34.58 -14.08
CA SER A 733 37.99 34.95 -14.19
C SER A 733 38.86 33.78 -14.62
N ALA A 734 38.67 32.61 -14.01
CA ALA A 734 39.43 31.42 -14.38
C ALA A 734 39.18 30.99 -15.83
N GLU A 735 37.93 31.05 -16.27
CA GLU A 735 37.54 30.66 -17.61
C GLU A 735 38.24 31.49 -18.68
N MET A 736 38.19 32.82 -18.53
CA MET A 736 38.71 33.73 -19.54
C MET A 736 40.22 33.63 -19.70
N ASN A 737 40.94 33.29 -18.63
CA ASN A 737 42.38 33.13 -18.71
C ASN A 737 42.80 31.90 -19.52
N LEU A 738 41.92 30.93 -19.71
CA LEU A 738 42.32 29.70 -20.39
C LEU A 738 42.50 29.93 -21.88
N LYS A 739 43.63 29.46 -22.41
CA LYS A 739 43.88 29.67 -23.84
C LYS A 739 42.97 28.77 -24.65
N ASP A 740 42.83 29.13 -25.93
CA ASP A 740 42.10 28.30 -26.88
C ASP A 740 42.63 26.86 -27.00
N LEU A 741 43.92 26.65 -26.84
CA LEU A 741 44.44 25.28 -26.98
C LEU A 741 44.19 24.40 -25.77
N ASN A 742 43.86 24.98 -24.62
CA ASN A 742 43.57 24.24 -23.39
C ASN A 742 42.45 23.23 -23.62
N ASN A 743 42.74 21.98 -23.26
CA ASN A 743 41.88 20.84 -23.60
C ASN A 743 40.55 20.86 -22.85
N VAL A 744 40.53 21.29 -21.60
CA VAL A 744 39.27 21.46 -20.87
C VAL A 744 38.35 22.44 -21.61
N LYS A 745 38.92 23.56 -22.06
CA LYS A 745 38.15 24.57 -22.79
C LYS A 745 37.54 24.04 -24.07
N GLN A 746 38.25 23.14 -24.76
CA GLN A 746 37.73 22.62 -26.01
C GLN A 746 36.50 21.74 -25.80
N MET A 747 36.47 20.94 -24.74
CA MET A 747 35.26 20.14 -24.48
C MET A 747 34.10 21.01 -24.03
N VAL A 748 34.34 22.00 -23.17
CA VAL A 748 33.26 22.90 -22.75
C VAL A 748 32.71 23.66 -23.95
N SER A 749 33.60 24.13 -24.82
CA SER A 749 33.15 24.91 -25.97
C SER A 749 32.42 24.06 -26.99
N ALA A 750 32.81 22.80 -27.16
CA ALA A 750 32.07 21.93 -28.06
C ALA A 750 30.72 21.53 -27.51
N GLY A 751 30.51 21.61 -26.20
CA GLY A 751 29.26 21.05 -25.71
C GLY A 751 29.23 19.55 -25.55
N SER A 752 30.36 18.86 -25.61
CA SER A 752 30.31 17.41 -25.60
C SER A 752 30.30 16.80 -24.22
N LYS A 753 30.77 17.52 -23.21
CA LYS A 753 30.75 17.12 -21.81
C LYS A 753 31.23 18.33 -21.02
N GLY A 754 30.61 18.56 -19.87
CA GLY A 754 31.10 19.64 -19.04
C GLY A 754 30.41 20.95 -19.37
N SER A 755 30.56 21.90 -18.46
CA SER A 755 29.95 23.22 -18.59
C SER A 755 30.79 24.17 -17.77
N PHE A 756 30.40 25.46 -17.79
CA PHE A 756 31.12 26.54 -17.13
C PHE A 756 31.46 26.21 -15.68
N ILE A 757 30.46 25.73 -14.92
CA ILE A 757 30.60 25.44 -13.50
C ILE A 757 31.70 24.41 -13.23
N ASN A 758 31.99 23.53 -14.20
CA ASN A 758 33.01 22.51 -14.01
C ASN A 758 34.41 23.10 -14.09
N ILE A 759 34.63 24.05 -14.99
CA ILE A 759 35.89 24.79 -15.02
C ILE A 759 36.08 25.53 -13.70
N ALA A 760 35.01 26.18 -13.23
CA ALA A 760 35.01 26.94 -11.98
C ALA A 760 35.42 26.05 -10.80
N GLN A 761 34.82 24.88 -10.68
CA GLN A 761 35.06 24.06 -9.50
C GLN A 761 36.40 23.34 -9.54
N MET A 762 36.90 22.99 -10.72
CA MET A 762 38.21 22.34 -10.75
C MET A 762 39.33 23.33 -10.48
N SER A 763 39.18 24.57 -10.93
CA SER A 763 40.31 25.48 -10.97
C SER A 763 40.22 26.63 -9.98
N ALA A 764 39.03 27.09 -9.62
CA ALA A 764 38.91 28.32 -8.85
C ALA A 764 38.34 28.12 -7.46
N CYS A 765 37.14 27.55 -7.33
CA CYS A 765 36.43 27.53 -6.06
C CYS A 765 35.22 26.62 -6.15
N VAL A 766 35.16 25.62 -5.26
CA VAL A 766 34.04 24.67 -5.26
C VAL A 766 32.74 25.36 -4.88
N GLY A 767 32.79 26.23 -3.88
CA GLY A 767 31.66 27.08 -3.58
C GLY A 767 30.76 26.53 -2.48
N GLN A 768 29.58 27.12 -2.41
CA GLN A 768 28.69 26.88 -1.27
C GLN A 768 28.06 25.50 -1.33
N GLN A 769 28.10 24.79 -0.20
CA GLN A 769 27.45 23.50 -0.05
C GLN A 769 26.07 23.69 0.55
N MET A 770 25.07 23.05 -0.05
CA MET A 770 23.69 23.20 0.38
C MET A 770 23.14 21.87 0.85
N VAL A 771 22.30 21.91 1.89
CA VAL A 771 21.52 20.76 2.33
C VAL A 771 20.10 21.22 2.60
N GLU A 772 19.13 20.52 1.99
CA GLU A 772 17.69 20.82 2.10
C GLU A 772 17.39 22.27 1.73
N GLY A 773 18.08 22.77 0.72
CA GLY A 773 17.90 24.13 0.26
C GLY A 773 18.47 25.21 1.16
N LYS A 774 19.12 24.84 2.26
CA LYS A 774 19.64 25.82 3.21
C LYS A 774 21.11 25.54 3.44
N ARG A 775 21.83 26.49 4.03
CA ARG A 775 23.19 26.24 4.46
C ARG A 775 23.23 25.18 5.56
N ILE A 776 24.44 24.69 5.82
CA ILE A 776 24.68 23.60 6.77
C ILE A 776 24.12 23.93 8.14
N ALA A 777 23.37 23.00 8.71
CA ALA A 777 22.65 23.28 9.94
C ALA A 777 23.53 23.03 11.15
N PHE A 778 23.14 23.63 12.27
CA PHE A 778 23.82 23.45 13.54
C PHE A 778 23.39 22.13 14.15
N GLY A 779 24.00 21.04 13.67
CA GLY A 779 23.68 19.73 14.21
C GLY A 779 24.29 19.45 15.56
N PHE A 780 25.40 20.08 15.88
CA PHE A 780 25.81 20.21 17.26
C PHE A 780 25.12 21.43 17.84
N ALA A 781 25.16 21.55 19.17
CA ALA A 781 24.53 22.69 19.83
C ALA A 781 25.21 23.99 19.44
N ASP A 782 24.52 24.81 18.65
CA ASP A 782 24.96 26.14 18.19
C ASP A 782 26.26 26.14 17.38
N ARG A 783 26.66 25.02 16.79
CA ARG A 783 27.83 25.02 15.90
C ARG A 783 27.73 23.84 14.96
N SER A 784 28.46 23.94 13.85
CA SER A 784 28.41 22.92 12.82
C SER A 784 29.36 21.77 13.05
N LEU A 785 30.48 22.02 13.70
CA LEU A 785 31.48 21.00 13.98
C LEU A 785 32.12 21.39 15.30
N PRO A 786 32.65 20.43 16.06
CA PRO A 786 33.33 20.79 17.31
C PRO A 786 34.64 21.53 17.15
N HIS A 787 35.09 21.84 15.94
CA HIS A 787 36.31 22.60 15.77
C HIS A 787 36.05 24.09 15.69
N PHE A 788 34.81 24.52 15.81
CA PHE A 788 34.46 25.93 15.78
C PHE A 788 33.83 26.32 17.11
N THR A 789 33.93 27.61 17.45
CA THR A 789 33.18 28.15 18.57
C THR A 789 31.71 28.33 18.23
N LYS A 790 30.89 28.41 19.27
CA LYS A 790 29.46 28.59 19.08
C LYS A 790 29.13 29.94 18.47
N ASP A 791 27.92 30.00 17.88
CA ASP A 791 27.32 31.20 17.28
C ASP A 791 28.25 31.86 16.26
N ASP A 792 28.85 31.04 15.41
CA ASP A 792 29.74 31.48 14.34
C ASP A 792 29.02 31.31 13.01
N PHE A 793 28.65 32.43 12.38
CA PHE A 793 27.92 32.42 11.11
C PHE A 793 28.78 32.79 9.92
N SER A 794 30.11 32.76 10.07
CA SER A 794 31.04 33.11 9.01
C SER A 794 30.94 32.11 7.85
N PRO A 795 31.47 32.44 6.66
CA PRO A 795 31.52 31.45 5.56
C PRO A 795 32.11 30.08 5.87
N GLU A 796 33.27 30.02 6.52
CA GLU A 796 33.92 28.72 6.73
C GLU A 796 33.14 27.86 7.71
N SER A 797 32.35 28.47 8.58
CA SER A 797 31.63 27.75 9.61
C SER A 797 30.42 27.02 9.07
N LYS A 798 29.79 27.54 8.03
CA LYS A 798 28.52 26.99 7.58
C LYS A 798 28.61 26.46 6.15
N GLY A 799 29.78 26.00 5.76
CA GLY A 799 29.92 25.14 4.61
C GLY A 799 30.45 25.74 3.34
N PHE A 800 31.10 26.89 3.40
CA PHE A 800 31.71 27.44 2.19
C PHE A 800 33.05 26.76 1.99
N VAL A 801 33.21 26.09 0.85
CA VAL A 801 34.43 25.37 0.51
C VAL A 801 35.25 26.34 -0.35
N GLU A 802 36.27 26.94 0.24
CA GLU A 802 37.03 27.96 -0.46
C GLU A 802 37.97 27.37 -1.51
N ASN A 803 38.59 26.25 -1.21
CA ASN A 803 39.56 25.65 -2.10
C ASN A 803 38.91 25.01 -3.32
N SER A 804 39.71 24.87 -4.38
CA SER A 804 39.33 24.08 -5.54
C SER A 804 39.71 22.63 -5.33
N TYR A 805 39.14 21.74 -6.16
CA TYR A 805 39.52 20.34 -6.11
C TYR A 805 40.99 20.11 -6.43
N LEU A 806 41.54 20.96 -7.29
CA LEU A 806 42.97 20.94 -7.60
C LEU A 806 43.82 21.22 -6.37
N ARG A 807 43.50 22.30 -5.65
CA ARG A 807 44.23 22.69 -4.46
C ARG A 807 44.11 21.66 -3.36
N GLY A 808 42.96 21.04 -3.24
CA GLY A 808 42.64 20.08 -2.21
C GLY A 808 41.83 20.72 -1.11
N LEU A 809 40.92 19.94 -0.55
CA LEU A 809 40.02 20.47 0.46
C LEU A 809 40.61 20.26 1.83
N THR A 810 40.31 21.19 2.74
CA THR A 810 40.71 21.00 4.12
C THR A 810 39.78 19.99 4.79
N PRO A 811 40.19 19.44 5.94
CA PRO A 811 39.32 18.49 6.65
C PRO A 811 37.92 18.98 7.02
N GLN A 812 37.76 20.24 7.42
CA GLN A 812 36.42 20.74 7.75
C GLN A 812 35.55 20.79 6.51
N GLU A 813 36.06 21.42 5.45
CA GLU A 813 35.41 21.52 4.15
C GLU A 813 35.04 20.16 3.59
N PHE A 814 35.94 19.17 3.72
CA PHE A 814 35.71 17.80 3.25
C PHE A 814 34.42 17.21 3.77
N PHE A 815 34.20 17.29 5.09
CA PHE A 815 33.01 16.69 5.66
C PHE A 815 31.75 17.38 5.14
N PHE A 816 31.77 18.71 5.09
CA PHE A 816 30.62 19.46 4.59
C PHE A 816 30.31 19.08 3.16
N HIS A 817 31.36 18.88 2.36
CA HIS A 817 31.16 18.45 0.98
C HIS A 817 30.54 17.07 0.93
N ALA A 818 30.92 16.21 1.88
CA ALA A 818 30.34 14.87 1.91
C ALA A 818 28.88 14.90 2.37
N MET A 819 28.50 15.88 3.18
CA MET A 819 27.09 16.03 3.54
C MET A 819 26.22 16.41 2.36
N ALA A 820 26.64 17.44 1.62
CA ALA A 820 25.91 17.81 0.41
C ALA A 820 25.87 16.69 -0.61
N GLY A 821 26.98 15.98 -0.76
CA GLY A 821 27.03 14.89 -1.73
C GLY A 821 26.11 13.75 -1.38
N ARG A 822 26.06 13.37 -0.10
CA ARG A 822 25.15 12.34 0.38
C ARG A 822 23.71 12.65 0.05
N GLU A 823 23.28 13.89 0.28
CA GLU A 823 21.90 14.31 -0.01
C GLU A 823 21.53 14.08 -1.46
N GLY A 824 22.48 14.27 -2.38
CA GLY A 824 22.20 14.00 -3.79
C GLY A 824 21.99 12.53 -4.08
N LEU A 825 22.78 11.66 -3.46
CA LEU A 825 22.57 10.22 -3.65
C LEU A 825 21.26 9.76 -3.06
N ILE A 826 20.89 10.29 -1.89
CA ILE A 826 19.60 9.96 -1.28
C ILE A 826 18.44 10.44 -2.14
N ASP A 827 18.52 11.70 -2.60
CA ASP A 827 17.47 12.28 -3.42
C ASP A 827 17.21 11.48 -4.69
N THR A 828 18.28 11.19 -5.44
CA THR A 828 18.17 10.41 -6.67
C THR A 828 17.55 9.04 -6.38
N ALA A 829 17.95 8.42 -5.26
CA ALA A 829 17.47 7.08 -4.93
C ALA A 829 16.03 7.10 -4.45
N VAL A 830 15.61 8.20 -3.81
CA VAL A 830 14.29 8.28 -3.21
C VAL A 830 13.35 8.70 -4.33
N LYS A 831 13.55 9.92 -4.86
CA LYS A 831 12.61 10.52 -5.79
C LYS A 831 12.48 9.79 -7.12
N THR A 832 13.29 8.77 -7.40
CA THR A 832 13.10 7.99 -8.62
C THR A 832 11.82 7.16 -8.52
N ALA A 833 11.49 6.68 -7.31
CA ALA A 833 10.26 5.93 -7.11
C ALA A 833 9.04 6.82 -7.05
N GLU A 834 9.21 8.06 -6.63
CA GLU A 834 8.12 9.03 -6.65
C GLU A 834 7.64 9.27 -8.08
N THR A 835 8.57 9.53 -8.99
CA THR A 835 8.21 9.79 -10.38
C THR A 835 7.83 8.52 -11.10
N GLY A 836 8.31 7.37 -10.63
CA GLY A 836 7.95 6.12 -11.26
C GLY A 836 6.48 5.82 -11.04
N TYR A 837 6.01 6.07 -9.82
CA TYR A 837 4.58 5.96 -9.52
C TYR A 837 3.74 6.94 -10.33
N ILE A 838 4.22 8.18 -10.49
CA ILE A 838 3.53 9.18 -11.30
C ILE A 838 3.31 8.68 -12.72
N GLN A 839 4.33 8.09 -13.33
CA GLN A 839 4.20 7.67 -14.72
C GLN A 839 3.22 6.51 -14.85
N ARG A 840 3.23 5.58 -13.89
CA ARG A 840 2.29 4.47 -13.91
C ARG A 840 0.83 4.93 -13.87
N ARG A 841 0.47 5.86 -12.97
CA ARG A 841 -0.92 6.33 -12.94
C ARG A 841 -1.31 7.08 -14.21
N LEU A 842 -0.42 7.90 -14.75
CA LEU A 842 -0.67 8.60 -16.01
C LEU A 842 -0.97 7.65 -17.16
N VAL A 843 -0.20 6.56 -17.29
CA VAL A 843 -0.39 5.65 -18.41
C VAL A 843 -1.75 4.96 -18.32
N LYS A 844 -2.12 4.48 -17.13
CA LYS A 844 -3.41 3.82 -16.96
C LYS A 844 -4.58 4.77 -17.17
N ALA A 845 -4.42 6.04 -16.80
CA ALA A 845 -5.45 7.02 -17.07
C ALA A 845 -5.68 7.23 -18.57
N LEU A 846 -4.63 7.10 -19.39
CA LEU A 846 -4.72 7.57 -20.76
C LEU A 846 -4.60 6.49 -21.82
N GLU A 847 -4.35 5.23 -21.44
CA GLU A 847 -3.91 4.20 -22.39
C GLU A 847 -4.90 3.91 -23.51
N ASP A 848 -6.19 4.03 -23.24
CA ASP A 848 -7.24 3.67 -24.19
C ASP A 848 -7.67 4.80 -25.12
N ILE A 849 -6.94 5.91 -25.18
CA ILE A 849 -7.37 7.08 -25.93
C ILE A 849 -6.79 7.05 -27.33
N MET A 850 -7.65 7.11 -28.33
CA MET A 850 -7.24 6.86 -29.70
C MET A 850 -7.88 7.90 -30.61
N VAL A 851 -7.17 8.26 -31.66
CA VAL A 851 -7.72 9.09 -32.74
C VAL A 851 -8.53 8.22 -33.68
N HIS A 852 -9.76 8.61 -33.96
CA HIS A 852 -10.61 7.84 -34.83
C HIS A 852 -10.64 8.50 -36.20
N TYR A 853 -11.23 7.81 -37.17
CA TYR A 853 -11.22 8.27 -38.55
C TYR A 853 -12.02 9.53 -38.82
N ASP A 854 -12.87 9.98 -37.92
CA ASP A 854 -13.55 11.25 -38.12
C ASP A 854 -12.79 12.42 -37.51
N GLY A 855 -11.55 12.19 -37.06
CA GLY A 855 -10.77 13.22 -36.44
C GLY A 855 -11.01 13.41 -34.96
N THR A 856 -12.06 12.83 -34.40
CA THR A 856 -12.30 13.01 -32.98
C THR A 856 -11.30 12.20 -32.17
N THR A 857 -11.09 12.61 -30.93
CA THR A 857 -10.28 11.87 -29.97
C THR A 857 -11.15 11.23 -28.92
N ARG A 858 -11.14 9.91 -28.84
CA ARG A 858 -12.11 9.23 -27.98
C ARG A 858 -11.44 8.14 -27.16
N ASN A 859 -12.10 7.78 -26.06
CA ASN A 859 -11.64 6.64 -25.28
C ASN A 859 -12.39 5.40 -25.73
N SER A 860 -12.29 4.31 -24.96
CA SER A 860 -12.90 3.06 -25.35
C SER A 860 -14.43 3.06 -25.21
N LEU A 861 -14.98 3.98 -24.45
CA LEU A 861 -16.43 4.12 -24.37
C LEU A 861 -16.99 4.94 -25.51
N GLY A 862 -16.14 5.49 -26.37
CA GLY A 862 -16.64 6.43 -27.36
C GLY A 862 -16.98 7.79 -26.83
N ASP A 863 -16.60 8.11 -25.60
CA ASP A 863 -16.72 9.47 -25.13
C ASP A 863 -15.79 10.38 -25.93
N ILE A 864 -16.26 11.55 -26.31
CA ILE A 864 -15.40 12.52 -26.98
C ILE A 864 -14.55 13.24 -25.95
N ILE A 865 -13.22 13.17 -26.09
CA ILE A 865 -12.37 13.98 -25.25
C ILE A 865 -11.99 15.29 -25.91
N GLN A 866 -11.67 15.26 -27.21
CA GLN A 866 -11.49 16.46 -28.02
C GLN A 866 -12.16 16.23 -29.36
N PHE A 867 -12.85 17.24 -29.87
CA PHE A 867 -13.48 17.10 -31.17
C PHE A 867 -12.47 17.04 -32.31
N LEU A 868 -11.26 17.53 -32.09
CA LEU A 868 -10.23 17.43 -33.11
C LEU A 868 -8.91 17.39 -32.37
N TYR A 869 -8.07 16.40 -32.68
CA TYR A 869 -6.85 16.16 -31.92
C TYR A 869 -5.88 17.33 -31.94
N GLY A 870 -5.49 17.78 -30.75
CA GLY A 870 -4.58 18.90 -30.59
C GLY A 870 -5.12 20.22 -31.06
N GLU A 871 -6.41 20.30 -31.33
CA GLU A 871 -7.14 21.40 -31.95
C GLU A 871 -6.63 21.77 -33.35
N ASP A 872 -5.70 21.02 -33.93
CA ASP A 872 -5.22 21.30 -35.27
C ASP A 872 -5.14 20.10 -36.21
N GLY A 873 -5.42 18.89 -35.73
CA GLY A 873 -5.33 17.73 -36.57
C GLY A 873 -3.92 17.31 -36.96
N LEU A 874 -2.89 17.79 -36.27
CA LEU A 874 -1.52 17.61 -36.71
C LEU A 874 -0.80 16.57 -35.87
N ASP A 875 0.24 15.98 -36.46
CA ASP A 875 1.12 15.06 -35.76
C ASP A 875 2.26 15.85 -35.15
N GLY A 876 2.56 15.57 -33.88
CA GLY A 876 3.60 16.28 -33.15
C GLY A 876 4.99 16.29 -33.77
N THR A 877 5.33 15.26 -34.55
CA THR A 877 6.65 15.25 -35.18
C THR A 877 6.80 16.20 -36.36
N GLN A 878 5.74 16.89 -36.78
CA GLN A 878 5.73 17.57 -38.07
C GLN A 878 5.65 19.07 -37.96
N VAL A 879 5.86 19.65 -36.80
CA VAL A 879 5.74 21.09 -36.62
C VAL A 879 7.08 21.66 -36.20
N GLU A 880 7.30 22.93 -36.52
CA GLU A 880 8.53 23.64 -36.17
C GLU A 880 8.19 25.08 -35.83
N ARG A 881 9.02 25.70 -34.98
CA ARG A 881 8.80 27.10 -34.65
C ARG A 881 9.00 27.96 -35.89
N GLN A 882 8.00 28.77 -36.21
CA GLN A 882 8.05 29.67 -37.33
C GLN A 882 7.53 31.02 -36.88
N THR A 883 8.04 32.09 -37.48
CA THR A 883 7.56 33.43 -37.15
C THR A 883 6.43 33.86 -38.08
N ILE A 884 5.39 34.43 -37.48
CA ILE A 884 4.21 34.90 -38.19
C ILE A 884 4.34 36.40 -38.37
N ASP A 885 4.68 36.84 -39.58
CA ASP A 885 5.29 38.15 -39.75
C ASP A 885 4.31 39.30 -39.66
N THR A 886 3.01 39.05 -39.56
CA THR A 886 2.08 40.15 -39.39
C THR A 886 1.90 40.58 -37.95
N ILE A 887 2.58 39.94 -37.01
CA ILE A 887 2.36 40.30 -35.60
C ILE A 887 3.31 41.40 -35.12
N PRO A 888 4.63 41.35 -35.28
CA PRO A 888 5.45 42.41 -34.68
C PRO A 888 5.47 43.65 -35.57
N GLY A 889 6.17 44.67 -35.09
CA GLY A 889 6.41 45.90 -35.83
C GLY A 889 5.30 46.92 -35.68
N SER A 890 5.63 48.16 -36.03
CA SER A 890 4.66 49.24 -36.08
C SER A 890 3.83 49.18 -37.33
N ASP A 891 2.67 49.84 -37.28
CA ASP A 891 1.79 50.01 -38.43
C ASP A 891 2.51 50.63 -39.64
N LYS A 892 3.46 51.53 -39.38
CA LYS A 892 4.21 52.16 -40.46
C LYS A 892 5.11 51.16 -41.15
N ALA A 893 5.89 50.40 -40.38
CA ALA A 893 6.77 49.39 -40.94
C ALA A 893 5.98 48.31 -41.67
N PHE A 894 4.85 47.92 -41.08
CA PHE A 894 3.88 47.04 -41.70
C PHE A 894 3.44 47.56 -43.07
N HIS A 895 2.97 48.81 -43.11
CA HIS A 895 2.47 49.42 -44.33
C HIS A 895 3.56 49.49 -45.40
N LYS A 896 4.78 49.80 -44.97
CA LYS A 896 5.92 49.88 -45.90
C LYS A 896 6.16 48.55 -46.59
N ARG A 897 5.96 47.45 -45.86
CA ARG A 897 6.26 46.11 -46.34
C ARG A 897 5.17 45.53 -47.25
N TYR A 898 3.90 45.83 -46.98
CA TYR A 898 2.77 45.13 -47.60
C TYR A 898 1.97 45.92 -48.63
N TYR A 899 1.95 47.25 -48.54
CA TYR A 899 1.08 48.07 -49.37
C TYR A 899 1.59 48.32 -50.78
N VAL A 900 0.70 48.21 -51.75
CA VAL A 900 0.99 48.52 -53.14
C VAL A 900 0.03 49.61 -53.57
N ASP A 901 0.58 50.70 -54.08
CA ASP A 901 -0.19 51.86 -54.52
C ASP A 901 -0.01 51.98 -56.03
N LEU A 902 -1.05 51.65 -56.79
CA LEU A 902 -0.92 51.80 -58.24
C LEU A 902 -1.11 53.23 -58.72
N MET A 903 -1.34 54.17 -57.82
CA MET A 903 -1.46 55.58 -58.19
C MET A 903 -0.18 56.35 -57.93
N ASP A 904 0.21 56.45 -56.66
CA ASP A 904 1.47 57.06 -56.27
C ASP A 904 2.61 56.18 -56.77
N GLU A 905 3.36 56.67 -57.77
CA GLU A 905 4.37 55.89 -58.46
C GLU A 905 5.53 55.46 -57.55
N LYS A 906 5.94 56.32 -56.63
CA LYS A 906 7.08 56.02 -55.75
C LYS A 906 6.72 55.11 -54.58
N ASN A 907 5.46 54.72 -54.44
CA ASN A 907 5.06 53.73 -53.45
C ASN A 907 4.49 52.49 -54.13
N SER A 908 4.80 52.30 -55.40
CA SER A 908 4.41 51.13 -56.15
C SER A 908 5.54 50.13 -56.21
N ILE A 909 5.35 49.08 -57.01
CA ILE A 909 6.37 48.06 -57.18
C ILE A 909 7.43 48.59 -58.10
N LYS A 910 8.70 48.30 -57.78
CA LYS A 910 9.83 48.75 -58.58
C LYS A 910 9.73 48.23 -60.00
N PRO A 911 10.10 49.04 -61.01
CA PRO A 911 9.88 48.63 -62.40
C PRO A 911 10.81 47.55 -62.91
N ASP A 912 11.99 47.38 -62.33
CA ASP A 912 12.96 46.42 -62.85
C ASP A 912 12.65 44.98 -62.47
N VAL A 913 11.69 44.72 -61.58
CA VAL A 913 11.38 43.34 -61.23
C VAL A 913 10.20 42.76 -62.00
N ILE A 914 9.49 43.55 -62.80
CA ILE A 914 8.39 43.03 -63.61
C ILE A 914 8.53 43.53 -65.05
N GLU A 915 8.03 42.72 -66.00
CA GLU A 915 8.03 43.13 -67.39
C GLU A 915 6.85 44.03 -67.74
N TYR A 916 5.68 43.70 -67.21
CA TYR A 916 4.41 44.38 -67.49
C TYR A 916 4.23 45.69 -66.73
N ALA A 917 5.34 46.32 -66.32
CA ALA A 917 5.33 47.49 -65.43
C ALA A 917 4.50 48.64 -65.99
N ALA A 918 4.47 48.79 -67.32
CA ALA A 918 3.71 49.88 -67.95
C ALA A 918 2.22 49.74 -67.69
N ASP A 919 1.65 48.54 -67.91
CA ASP A 919 0.20 48.36 -67.77
C ASP A 919 -0.28 48.30 -66.32
N ILE A 920 0.53 48.74 -65.37
CA ILE A 920 0.22 48.63 -63.96
C ILE A 920 -0.34 49.91 -63.37
N LEU A 921 0.40 51.02 -63.53
CA LEU A 921 0.05 52.26 -62.84
C LEU A 921 -1.28 52.81 -63.32
N GLY A 922 -2.14 53.18 -62.37
CA GLY A 922 -3.40 53.82 -62.66
C GLY A 922 -4.58 52.88 -62.69
N ASP A 923 -4.34 51.59 -62.94
CA ASP A 923 -5.37 50.55 -63.06
C ASP A 923 -6.16 50.42 -61.76
N VAL A 924 -7.37 50.98 -61.75
CA VAL A 924 -8.23 50.95 -60.57
C VAL A 924 -8.78 49.55 -60.35
N GLU A 925 -8.98 48.78 -61.42
CA GLU A 925 -9.52 47.44 -61.29
C GLU A 925 -8.53 46.47 -60.64
N LEU A 926 -7.24 46.62 -60.93
CA LEU A 926 -6.22 45.84 -60.24
C LEU A 926 -6.02 46.32 -58.81
N GLN A 927 -6.28 47.60 -58.55
CA GLN A 927 -6.20 48.15 -57.20
C GLN A 927 -7.31 47.63 -56.28
N LYS A 928 -8.44 47.19 -56.84
CA LYS A 928 -9.49 46.63 -55.99
C LYS A 928 -9.07 45.31 -55.36
N GLU A 929 -8.33 44.47 -56.10
CA GLU A 929 -7.80 43.25 -55.51
C GLU A 929 -6.79 43.55 -54.41
N LEU A 930 -5.77 44.36 -54.73
CA LEU A 930 -4.72 44.71 -53.77
C LEU A 930 -5.27 45.42 -52.53
N ASN A 931 -6.38 46.13 -52.66
CA ASN A 931 -7.00 46.70 -51.48
C ASN A 931 -7.62 45.61 -50.63
N SER A 932 -8.29 44.65 -51.29
CA SER A 932 -8.90 43.51 -50.60
C SER A 932 -7.84 42.62 -49.97
N GLU A 933 -6.67 42.51 -50.60
CA GLU A 933 -5.55 41.80 -50.01
C GLU A 933 -5.12 42.47 -48.71
N TYR A 934 -4.86 43.77 -48.76
CA TYR A 934 -4.36 44.49 -47.59
C TYR A 934 -5.42 44.52 -46.49
N GLU A 935 -6.70 44.59 -46.86
CA GLU A 935 -7.77 44.57 -45.88
C GLU A 935 -7.82 43.24 -45.16
N GLN A 936 -7.60 42.15 -45.91
CA GLN A 936 -7.52 40.82 -45.32
C GLN A 936 -6.38 40.75 -44.31
N LEU A 937 -5.20 41.25 -44.69
CA LEU A 937 -4.05 41.29 -43.79
C LEU A 937 -4.30 42.15 -42.56
N VAL A 938 -5.12 43.18 -42.68
CA VAL A 938 -5.41 44.01 -41.52
C VAL A 938 -6.31 43.28 -40.52
N SER A 939 -7.33 42.58 -41.02
CA SER A 939 -8.15 41.70 -40.20
C SER A 939 -7.33 40.70 -39.40
N ASP A 940 -6.45 39.95 -40.08
CA ASP A 940 -5.57 38.97 -39.42
C ASP A 940 -4.76 39.56 -38.29
N ARG A 941 -4.00 40.64 -38.59
CA ARG A 941 -3.18 41.30 -37.58
C ARG A 941 -3.99 41.76 -36.39
N LYS A 942 -5.20 42.26 -36.63
CA LYS A 942 -6.05 42.73 -35.55
C LYS A 942 -6.57 41.55 -34.73
N PHE A 943 -7.05 40.52 -35.40
CA PHE A 943 -7.50 39.29 -34.74
C PHE A 943 -6.38 38.64 -33.91
N LEU A 944 -5.18 38.47 -34.49
CA LEU A 944 -4.11 37.78 -33.79
C LEU A 944 -3.54 38.58 -32.63
N ARG A 945 -3.49 39.90 -32.74
CA ARG A 945 -2.85 40.69 -31.71
C ARG A 945 -3.78 40.94 -30.53
N GLU A 946 -5.08 40.91 -30.75
CA GLU A 946 -6.01 41.27 -29.68
C GLU A 946 -6.71 40.07 -29.05
N ILE A 947 -6.72 38.92 -29.71
CA ILE A 947 -7.45 37.74 -29.25
C ILE A 947 -6.52 36.55 -29.03
N VAL A 948 -5.70 36.23 -30.02
CA VAL A 948 -4.89 35.01 -29.97
C VAL A 948 -3.63 35.21 -29.16
N PHE A 949 -2.79 36.18 -29.51
CA PHE A 949 -1.45 36.29 -28.92
C PHE A 949 -1.31 37.68 -28.32
N VAL A 950 -1.92 37.85 -27.15
CA VAL A 950 -2.02 39.16 -26.50
C VAL A 950 -0.64 39.69 -26.10
N ASN A 951 0.24 38.80 -25.65
CA ASN A 951 1.57 39.25 -25.21
C ASN A 951 2.55 39.56 -26.34
N GLY A 952 2.16 39.38 -27.60
CA GLY A 952 3.01 39.76 -28.70
C GLY A 952 4.00 38.72 -29.19
N ASP A 953 4.02 37.53 -28.62
CA ASP A 953 4.88 36.46 -29.09
C ASP A 953 4.48 36.08 -30.50
N HIS A 954 5.46 36.04 -31.40
CA HIS A 954 5.14 35.85 -32.80
C HIS A 954 5.87 34.65 -33.37
N ASN A 955 6.64 33.95 -32.55
CA ASN A 955 7.32 32.72 -32.93
C ASN A 955 6.57 31.58 -32.26
N TRP A 956 6.05 30.65 -33.06
CA TRP A 956 5.16 29.61 -32.54
C TRP A 956 5.31 28.33 -33.35
N PRO A 957 5.13 27.17 -32.70
CA PRO A 957 5.10 25.91 -33.45
C PRO A 957 3.93 25.90 -34.41
N LEU A 958 4.23 25.62 -35.66
CA LEU A 958 3.31 25.59 -36.78
C LEU A 958 3.75 24.55 -37.79
N PRO A 959 2.84 24.03 -38.60
CA PRO A 959 3.19 23.01 -39.59
C PRO A 959 3.95 23.65 -40.75
N VAL A 960 4.49 22.78 -41.61
CA VAL A 960 5.23 23.01 -42.86
C VAL A 960 5.80 24.40 -43.08
N ASN A 961 7.12 24.46 -42.84
CA ASN A 961 7.97 25.64 -42.81
C ASN A 961 8.19 26.22 -44.19
N LEU A 962 7.55 27.37 -44.39
CA LEU A 962 7.50 28.03 -45.69
C LEU A 962 8.83 28.64 -46.07
N ARG A 963 9.60 29.14 -45.09
CA ARG A 963 10.92 29.70 -45.36
C ARG A 963 11.84 28.71 -46.05
N ARG A 964 11.83 27.46 -45.61
CA ARG A 964 12.71 26.48 -46.25
C ARG A 964 12.21 26.12 -47.65
N ILE A 965 10.89 26.04 -47.84
CA ILE A 965 10.32 25.68 -49.14
C ILE A 965 10.66 26.71 -50.19
N ILE A 966 10.65 28.00 -49.80
CA ILE A 966 10.91 29.07 -50.75
C ILE A 966 12.37 29.06 -51.18
N GLN A 967 13.28 28.96 -50.22
CA GLN A 967 14.70 28.99 -50.57
C GLN A 967 15.15 27.74 -51.33
N ASN A 968 14.39 26.64 -51.25
CA ASN A 968 14.65 25.51 -52.14
C ASN A 968 14.20 25.82 -53.55
N ALA A 969 13.08 26.53 -53.67
CA ALA A 969 12.58 26.91 -54.99
C ALA A 969 13.54 27.87 -55.65
N GLN A 970 14.18 28.73 -54.85
CA GLN A 970 15.23 29.61 -55.35
C GLN A 970 16.42 28.83 -55.89
N GLN A 971 16.70 27.65 -55.34
CA GLN A 971 17.84 26.90 -55.85
C GLN A 971 17.53 26.09 -57.11
N ILE A 972 16.37 25.42 -57.15
CA ILE A 972 16.03 24.57 -58.29
C ILE A 972 15.93 25.38 -59.56
N PHE A 973 15.30 26.54 -59.50
CA PHE A 973 15.07 27.31 -60.70
C PHE A 973 16.06 28.46 -60.85
N HIS A 974 17.14 28.46 -60.05
CA HIS A 974 18.21 29.48 -60.12
C HIS A 974 17.60 30.87 -60.01
N LEU A 975 16.78 31.05 -58.98
CA LEU A 975 16.15 32.36 -58.83
C LEU A 975 16.97 33.56 -58.36
N ASP A 976 18.26 33.57 -58.72
CA ASP A 976 19.04 34.80 -58.80
C ASP A 976 18.51 35.53 -60.05
N ARG A 977 19.13 36.66 -60.40
CA ARG A 977 18.73 37.41 -61.58
C ARG A 977 17.99 38.69 -61.25
N ALA A 978 18.28 39.75 -62.00
CA ALA A 978 17.42 40.92 -62.05
C ALA A 978 16.43 40.81 -63.21
N LYS A 979 16.50 39.71 -63.95
CA LYS A 979 15.62 39.47 -65.09
C LYS A 979 14.15 39.62 -64.68
N ALA A 980 13.59 40.78 -64.97
CA ALA A 980 12.20 41.06 -64.64
C ALA A 980 11.33 39.82 -64.80
N SER A 981 10.43 39.64 -63.85
CA SER A 981 9.55 38.48 -63.77
C SER A 981 8.32 38.63 -64.66
N ASP A 982 7.93 37.51 -65.28
CA ASP A 982 6.72 37.39 -66.07
C ASP A 982 5.51 36.93 -65.26
N LEU A 983 5.55 37.05 -63.94
CA LEU A 983 4.49 36.52 -63.08
C LEU A 983 3.52 37.65 -62.81
N THR A 984 2.30 37.54 -63.32
CA THR A 984 1.35 38.63 -63.22
C THR A 984 0.68 38.70 -61.85
N ILE A 985 0.20 39.91 -61.53
CA ILE A 985 -0.39 40.15 -60.21
C ILE A 985 -1.67 39.35 -59.94
N PRO A 986 -2.67 39.28 -60.86
CA PRO A 986 -3.85 38.45 -60.57
C PRO A 986 -3.56 36.97 -60.36
N GLU A 987 -2.49 36.45 -60.96
CA GLU A 987 -2.10 35.06 -60.70
C GLU A 987 -1.71 34.88 -59.24
N ILE A 988 -1.03 35.86 -58.66
CA ILE A 988 -0.59 35.77 -57.27
C ILE A 988 -1.77 35.79 -56.31
N ILE A 989 -2.64 36.80 -56.43
CA ILE A 989 -3.72 37.00 -55.46
C ILE A 989 -4.73 35.88 -55.53
N HIS A 990 -5.08 35.46 -56.75
CA HIS A 990 -6.03 34.36 -56.90
C HIS A 990 -5.39 33.02 -56.59
N GLY A 991 -4.11 32.86 -56.90
CA GLY A 991 -3.40 31.64 -56.55
C GLY A 991 -3.39 31.36 -55.06
N VAL A 992 -2.98 32.34 -54.26
CA VAL A 992 -2.90 32.17 -52.79
C VAL A 992 -4.29 31.96 -52.18
N ARG A 993 -5.28 32.73 -52.62
CA ARG A 993 -6.63 32.62 -52.07
C ARG A 993 -7.27 31.26 -52.38
N ASP A 994 -7.00 30.71 -53.56
CA ASP A 994 -7.51 29.38 -53.91
C ASP A 994 -6.81 28.28 -53.13
N LEU A 995 -5.54 28.47 -52.80
CA LEU A 995 -4.79 27.51 -52.00
C LEU A 995 -5.46 27.25 -50.65
N CYS A 996 -5.90 28.29 -49.97
CA CYS A 996 -6.46 28.17 -48.62
C CYS A 996 -7.77 27.41 -48.56
N LYS A 997 -8.36 27.05 -49.69
CA LYS A 997 -9.54 26.21 -49.73
C LYS A 997 -9.22 24.75 -49.99
N LYS A 998 -7.96 24.41 -50.26
CA LYS A 998 -7.56 23.03 -50.54
C LYS A 998 -6.76 22.40 -49.40
N LEU A 999 -6.68 23.05 -48.25
CA LEU A 999 -5.92 22.51 -47.11
C LEU A 999 -6.85 21.64 -46.26
N PHE A 1000 -7.21 20.49 -46.82
CA PHE A 1000 -8.29 19.68 -46.29
C PHE A 1000 -7.80 18.94 -45.05
N VAL A 1001 -8.38 19.27 -43.90
CA VAL A 1001 -8.28 18.43 -42.72
C VAL A 1001 -9.43 17.44 -42.65
N LEU A 1002 -10.65 17.92 -42.88
CA LEU A 1002 -11.86 17.10 -42.87
C LEU A 1002 -12.59 17.25 -44.19
N ARG A 1003 -13.01 16.13 -44.76
CA ARG A 1003 -13.70 16.16 -46.03
C ARG A 1003 -15.18 15.86 -45.82
N GLY A 1004 -16.01 16.36 -46.73
CA GLY A 1004 -17.45 16.27 -46.60
C GLY A 1004 -18.00 17.66 -46.84
N GLU A 1005 -19.24 17.72 -47.32
CA GLU A 1005 -19.89 18.98 -47.66
C GLU A 1005 -20.81 19.54 -46.59
N ASN A 1006 -21.07 18.80 -45.50
CA ASN A 1006 -21.89 19.29 -44.40
C ASN A 1006 -21.41 20.65 -43.90
N GLU A 1007 -22.39 21.52 -43.62
CA GLU A 1007 -22.16 22.91 -43.21
C GLU A 1007 -21.28 23.00 -41.96
N LEU A 1008 -21.49 22.09 -41.01
CA LEU A 1008 -20.70 22.11 -39.78
C LEU A 1008 -19.25 21.71 -40.04
N ILE A 1009 -19.02 20.79 -40.98
CA ILE A 1009 -17.67 20.37 -41.33
C ILE A 1009 -16.87 21.51 -41.92
N LYS A 1010 -17.47 22.26 -42.85
CA LYS A 1010 -16.78 23.39 -43.48
C LYS A 1010 -16.39 24.45 -42.45
N GLU A 1011 -17.25 24.69 -41.47
CA GLU A 1011 -16.88 25.62 -40.42
C GLU A 1011 -15.73 25.06 -39.59
N ALA A 1012 -15.80 23.78 -39.23
CA ALA A 1012 -14.72 23.13 -38.50
C ALA A 1012 -13.42 23.09 -39.30
N GLN A 1013 -13.53 22.83 -40.62
CA GLN A 1013 -12.35 22.79 -41.46
C GLN A 1013 -11.69 24.16 -41.55
N GLN A 1014 -12.50 25.21 -41.59
CA GLN A 1014 -11.98 26.57 -41.66
C GLN A 1014 -11.35 26.98 -40.35
N ASN A 1015 -11.96 26.56 -39.23
CA ASN A 1015 -11.42 26.86 -37.90
C ASN A 1015 -10.09 26.18 -37.64
N ALA A 1016 -9.95 24.92 -38.03
CA ALA A 1016 -8.73 24.15 -37.81
C ALA A 1016 -7.49 24.78 -38.44
N THR A 1017 -7.64 25.45 -39.58
CA THR A 1017 -6.52 25.98 -40.33
C THR A 1017 -6.44 27.50 -40.27
N SER A 1018 -7.18 28.14 -39.36
CA SER A 1018 -7.21 29.60 -39.28
C SER A 1018 -5.83 30.18 -39.05
N LEU A 1019 -5.10 29.65 -38.06
CA LEU A 1019 -3.78 30.19 -37.76
C LEU A 1019 -2.80 29.96 -38.91
N PHE A 1020 -2.84 28.77 -39.51
CA PHE A 1020 -1.92 28.46 -40.61
C PHE A 1020 -2.19 29.30 -41.85
N GLN A 1021 -3.46 29.55 -42.20
CA GLN A 1021 -3.76 30.44 -43.33
C GLN A 1021 -3.17 31.82 -43.15
N CYS A 1022 -3.28 32.39 -41.94
CA CYS A 1022 -2.66 33.68 -41.65
C CYS A 1022 -1.16 33.63 -41.88
N LEU A 1023 -0.51 32.54 -41.48
CA LEU A 1023 0.91 32.37 -41.70
C LEU A 1023 1.28 32.38 -43.17
N VAL A 1024 0.50 31.68 -44.00
CA VAL A 1024 0.76 31.61 -45.43
C VAL A 1024 0.61 32.99 -46.06
N ARG A 1025 -0.54 33.63 -45.82
CA ARG A 1025 -0.82 34.96 -46.37
C ARG A 1025 0.22 35.98 -45.94
N ALA A 1026 0.78 35.84 -44.74
CA ALA A 1026 1.80 36.77 -44.27
C ALA A 1026 3.11 36.61 -45.03
N ARG A 1027 3.34 35.47 -45.66
CA ARG A 1027 4.55 35.23 -46.45
C ARG A 1027 4.32 35.47 -47.92
N LEU A 1028 3.25 34.91 -48.48
CA LEU A 1028 2.95 35.02 -49.90
C LEU A 1028 2.13 36.27 -50.18
N ALA A 1029 2.63 37.40 -49.68
CA ALA A 1029 2.12 38.73 -49.97
C ALA A 1029 2.81 39.25 -51.22
N THR A 1030 2.03 40.02 -52.01
CA THR A 1030 2.43 40.51 -53.34
C THR A 1030 3.83 41.10 -53.38
N ARG A 1031 4.14 42.04 -52.48
CA ARG A 1031 5.47 42.65 -52.52
C ARG A 1031 6.59 41.66 -52.25
N ARG A 1032 6.37 40.75 -51.29
CA ARG A 1032 7.42 39.81 -50.94
C ARG A 1032 7.65 38.78 -52.04
N ILE A 1033 6.59 38.32 -52.71
CA ILE A 1033 6.75 37.34 -53.78
C ILE A 1033 7.57 37.95 -54.92
N LEU A 1034 7.36 39.23 -55.18
CA LEU A 1034 7.98 39.87 -56.33
C LEU A 1034 9.31 40.53 -56.01
N GLU A 1035 9.40 41.28 -54.91
CA GLU A 1035 10.65 41.96 -54.59
C GLU A 1035 11.64 41.05 -53.88
N GLU A 1036 11.19 40.29 -52.88
CA GLU A 1036 12.11 39.58 -52.00
C GLU A 1036 12.45 38.18 -52.50
N PHE A 1037 11.44 37.36 -52.73
CA PHE A 1037 11.72 35.99 -53.17
C PHE A 1037 11.94 35.90 -54.67
N ARG A 1038 11.33 36.79 -55.46
CA ARG A 1038 11.54 36.89 -56.91
C ARG A 1038 11.15 35.62 -57.66
N LEU A 1039 9.96 35.11 -57.39
CA LEU A 1039 9.54 33.90 -58.07
C LEU A 1039 9.05 34.21 -59.47
N ASN A 1040 9.24 33.25 -60.37
CA ASN A 1040 8.69 33.31 -61.72
C ASN A 1040 7.43 32.45 -61.79
N ARG A 1041 6.94 32.22 -63.01
CA ARG A 1041 5.72 31.45 -63.19
C ARG A 1041 5.91 29.98 -62.85
N ASP A 1042 7.01 29.38 -63.31
CA ASP A 1042 7.29 27.98 -63.03
C ASP A 1042 7.48 27.69 -61.55
N ALA A 1043 8.26 28.51 -60.87
CA ALA A 1043 8.55 28.31 -59.46
C ALA A 1043 7.34 28.53 -58.56
N PHE A 1044 6.54 29.56 -58.83
CA PHE A 1044 5.42 29.86 -57.95
C PHE A 1044 4.36 28.77 -57.96
N GLU A 1045 4.04 28.23 -59.13
CA GLU A 1045 3.08 27.13 -59.21
C GLU A 1045 3.60 25.90 -58.48
N TRP A 1046 4.91 25.71 -58.51
CA TRP A 1046 5.55 24.62 -57.79
C TRP A 1046 5.43 24.82 -56.28
N VAL A 1047 5.69 26.04 -55.79
CA VAL A 1047 5.56 26.36 -54.37
C VAL A 1047 4.16 26.06 -53.84
N LEU A 1048 3.11 26.44 -54.59
CA LEU A 1048 1.74 26.13 -54.17
C LEU A 1048 1.49 24.64 -54.07
N GLY A 1049 1.96 23.88 -55.06
CA GLY A 1049 1.78 22.44 -55.04
C GLY A 1049 2.50 21.77 -53.89
N THR A 1050 3.69 22.25 -53.55
CA THR A 1050 4.45 21.65 -52.47
C THR A 1050 3.79 21.89 -51.11
N ILE A 1051 3.36 23.13 -50.84
CA ILE A 1051 2.64 23.47 -49.61
C ILE A 1051 1.43 22.58 -49.44
N GLU A 1052 0.65 22.46 -50.52
CA GLU A 1052 -0.55 21.63 -50.52
C GLU A 1052 -0.23 20.17 -50.22
N ALA A 1053 0.83 19.64 -50.82
CA ALA A 1053 1.18 18.25 -50.61
C ALA A 1053 1.73 18.01 -49.20
N GLN A 1054 2.59 18.91 -48.72
CA GLN A 1054 3.20 18.71 -47.40
C GLN A 1054 2.25 18.94 -46.26
N PHE A 1055 1.23 19.79 -46.43
CA PHE A 1055 0.27 19.96 -45.34
C PHE A 1055 -0.54 18.70 -45.12
N GLN A 1056 -0.96 18.03 -46.19
CA GLN A 1056 -1.66 16.76 -46.05
C GLN A 1056 -0.82 15.75 -45.31
N ARG A 1057 0.46 15.64 -45.68
CA ARG A 1057 1.40 14.72 -45.05
C ARG A 1057 1.64 15.00 -43.57
N SER A 1058 1.25 16.16 -43.07
CA SER A 1058 1.51 16.56 -41.70
C SER A 1058 0.33 16.30 -40.78
N LEU A 1059 -0.79 15.83 -41.34
CA LEU A 1059 -1.95 15.46 -40.54
C LEU A 1059 -1.62 14.21 -39.72
N VAL A 1060 -2.14 14.17 -38.49
CA VAL A 1060 -1.99 12.98 -37.66
C VAL A 1060 -2.72 11.82 -38.31
N HIS A 1061 -2.20 10.64 -38.11
CA HIS A 1061 -2.80 9.49 -38.76
C HIS A 1061 -3.81 8.84 -37.83
N PRO A 1062 -5.01 8.58 -38.32
CA PRO A 1062 -5.99 7.80 -37.54
C PRO A 1062 -5.45 6.47 -37.07
N GLY A 1063 -5.80 6.12 -35.83
CA GLY A 1063 -5.24 4.98 -35.16
C GLY A 1063 -4.13 5.29 -34.20
N GLU A 1064 -3.60 6.50 -34.21
CA GLU A 1064 -2.46 6.86 -33.39
C GLU A 1064 -2.87 6.90 -31.93
N MET A 1065 -2.15 6.17 -31.08
CA MET A 1065 -2.48 6.10 -29.66
C MET A 1065 -1.90 7.31 -28.95
N VAL A 1066 -2.57 8.45 -29.14
CA VAL A 1066 -2.07 9.72 -28.63
C VAL A 1066 -2.14 9.81 -27.12
N GLY A 1067 -2.95 8.97 -26.50
CA GLY A 1067 -3.06 8.89 -25.06
C GLY A 1067 -1.77 8.50 -24.39
N VAL A 1068 -1.22 7.35 -24.79
CA VAL A 1068 0.03 6.84 -24.23
C VAL A 1068 1.18 7.78 -24.50
N ILE A 1069 1.21 8.37 -25.70
CA ILE A 1069 2.26 9.33 -26.08
C ILE A 1069 2.24 10.52 -25.15
N ALA A 1070 1.05 11.03 -24.84
CA ALA A 1070 0.88 12.11 -23.87
C ALA A 1070 1.41 11.72 -22.50
N ALA A 1071 1.12 10.50 -22.06
CA ALA A 1071 1.54 10.06 -20.73
C ALA A 1071 3.05 10.01 -20.60
N GLN A 1072 3.72 9.48 -21.62
CA GLN A 1072 5.17 9.40 -21.60
C GLN A 1072 5.82 10.77 -21.76
N SER A 1073 5.26 11.62 -22.61
CA SER A 1073 5.80 12.96 -22.84
C SER A 1073 5.79 13.83 -21.60
N ILE A 1074 4.82 13.66 -20.72
CA ILE A 1074 4.80 14.42 -19.47
C ILE A 1074 5.64 13.76 -18.39
N GLY A 1075 5.65 12.44 -18.32
CA GLY A 1075 6.31 11.76 -17.23
C GLY A 1075 7.81 11.74 -17.32
N GLU A 1076 8.33 11.54 -18.53
CA GLU A 1076 9.79 11.49 -18.76
C GLU A 1076 10.55 12.73 -18.27
N PRO A 1077 10.13 13.99 -18.55
CA PRO A 1077 10.89 15.12 -17.98
C PRO A 1077 10.89 15.17 -16.47
N ALA A 1078 9.74 14.80 -15.87
CA ALA A 1078 9.63 14.72 -14.41
C ALA A 1078 10.67 13.80 -13.79
N THR A 1079 11.05 12.72 -14.50
CA THR A 1079 12.04 11.76 -14.00
C THR A 1079 13.46 12.33 -13.96
N GLN A 1080 13.67 13.60 -14.32
CA GLN A 1080 15.01 14.20 -14.39
C GLN A 1080 14.93 15.63 -13.89
N MET A 1081 14.07 15.86 -12.91
CA MET A 1081 13.80 17.22 -12.45
C MET A 1081 13.56 17.28 -10.95
N ASN A 1095 8.30 32.34 -3.29
CA ASN A 1095 8.59 31.03 -2.74
C ASN A 1095 7.39 30.11 -2.98
N VAL A 1096 7.28 29.58 -4.20
CA VAL A 1096 6.21 28.67 -4.54
C VAL A 1096 6.78 27.27 -4.69
N THR A 1097 5.94 26.28 -4.42
CA THR A 1097 6.30 24.89 -4.57
C THR A 1097 6.48 24.56 -6.05
N LEU A 1098 7.55 23.84 -6.38
CA LEU A 1098 7.80 23.46 -7.77
C LEU A 1098 8.22 21.99 -7.79
N GLY A 1099 8.66 21.54 -8.94
CA GLY A 1099 9.13 20.18 -9.22
C GLY A 1099 8.09 19.13 -8.87
N VAL A 1100 8.60 17.93 -8.55
CA VAL A 1100 7.72 16.79 -8.28
C VAL A 1100 6.67 17.01 -7.19
N PRO A 1101 6.95 17.64 -6.03
CA PRO A 1101 5.87 17.83 -5.04
C PRO A 1101 4.70 18.68 -5.54
N ARG A 1102 4.97 19.67 -6.40
CA ARG A 1102 3.88 20.46 -6.94
C ARG A 1102 3.08 19.68 -7.97
N LEU A 1103 3.78 18.98 -8.88
CA LEU A 1103 3.16 18.06 -9.85
C LEU A 1103 2.23 17.06 -9.18
N LYS A 1104 2.63 16.54 -8.02
CA LYS A 1104 1.84 15.57 -7.29
C LYS A 1104 0.52 16.15 -6.81
N GLU A 1105 0.54 17.39 -6.30
CA GLU A 1105 -0.68 18.11 -5.91
C GLU A 1105 -1.70 18.22 -7.03
N ILE A 1106 -1.24 18.43 -8.26
CA ILE A 1106 -2.16 18.59 -9.39
C ILE A 1106 -2.88 17.29 -9.70
N LEU A 1107 -2.13 16.21 -9.95
CA LEU A 1107 -2.72 14.95 -10.40
C LEU A 1107 -3.67 14.36 -9.34
N ASN A 1108 -3.32 14.53 -8.08
CA ASN A 1108 -3.98 14.12 -6.84
C ASN A 1108 -5.11 15.04 -6.43
N VAL A 1109 -5.40 16.09 -7.25
CA VAL A 1109 -6.25 17.27 -7.07
C VAL A 1109 -6.67 17.45 -5.61
N ALA A 1110 -5.64 17.74 -4.83
CA ALA A 1110 -5.70 17.99 -3.41
C ALA A 1110 -6.51 19.24 -3.11
N LYS A 1111 -7.31 19.16 -2.05
CA LYS A 1111 -8.20 20.25 -1.72
C LYS A 1111 -7.45 21.35 -0.98
N ASN A 1112 -6.37 20.99 -0.29
CA ASN A 1112 -5.56 21.90 0.50
C ASN A 1112 -4.11 21.80 0.01
N ILE A 1113 -3.73 22.69 -0.90
CA ILE A 1113 -2.39 22.67 -1.49
C ILE A 1113 -1.45 23.33 -0.49
N LYS A 1114 -0.15 23.17 -0.72
CA LYS A 1114 0.82 23.61 0.28
C LYS A 1114 1.03 25.12 0.23
N THR A 1115 1.00 25.73 -0.95
CA THR A 1115 1.25 27.16 -1.10
C THR A 1115 0.12 27.83 -1.88
N PRO A 1116 -1.05 28.01 -1.27
CA PRO A 1116 -2.14 28.73 -1.96
C PRO A 1116 -1.78 30.20 -2.15
N ALA A 1117 -2.09 30.72 -3.33
CA ALA A 1117 -1.67 32.08 -3.68
C ALA A 1117 -2.59 32.65 -4.74
N LEU A 1118 -2.89 33.96 -4.61
CA LEU A 1118 -3.70 34.67 -5.58
C LEU A 1118 -2.82 35.65 -6.33
N THR A 1119 -3.08 35.84 -7.61
CA THR A 1119 -2.44 36.89 -8.38
C THR A 1119 -3.48 37.95 -8.67
N VAL A 1120 -3.34 39.12 -8.06
CA VAL A 1120 -4.39 40.13 -8.09
C VAL A 1120 -3.97 41.32 -8.95
N TYR A 1121 -4.32 41.30 -10.22
CA TYR A 1121 -4.10 42.47 -11.06
C TYR A 1121 -5.05 43.60 -10.71
N LEU A 1122 -4.57 44.83 -10.90
CA LEU A 1122 -5.27 46.04 -10.51
C LEU A 1122 -5.67 46.79 -11.77
N ASP A 1123 -6.73 47.59 -11.67
CA ASP A 1123 -7.14 48.50 -12.74
C ASP A 1123 -6.00 49.44 -13.13
N ARG A 1124 -5.97 49.78 -14.43
CA ARG A 1124 -4.83 50.46 -15.06
C ARG A 1124 -4.49 51.78 -14.37
N GLU A 1125 -5.51 52.60 -14.10
CA GLU A 1125 -5.30 53.91 -13.49
C GLU A 1125 -4.67 53.80 -12.11
N ILE A 1126 -4.97 52.73 -11.38
CA ILE A 1126 -4.40 52.47 -10.07
C ILE A 1126 -3.03 51.81 -10.17
N ALA A 1127 -2.82 50.97 -11.19
CA ALA A 1127 -1.62 50.17 -11.32
C ALA A 1127 -0.37 50.99 -11.63
N LEU A 1128 -0.50 52.22 -12.12
CA LEU A 1128 0.66 53.06 -12.38
C LEU A 1128 0.80 54.17 -11.34
N ASP A 1129 0.17 54.01 -10.18
CA ASP A 1129 0.26 54.99 -9.09
C ASP A 1129 0.42 54.22 -7.79
N ILE A 1130 1.66 54.13 -7.30
CA ILE A 1130 2.02 53.31 -6.15
C ILE A 1130 1.25 53.72 -4.88
N GLU A 1131 0.91 55.00 -4.73
CA GLU A 1131 0.19 55.46 -3.55
C GLU A 1131 -1.22 54.89 -3.48
N LYS A 1132 -1.91 54.84 -4.62
CA LYS A 1132 -3.25 54.28 -4.65
C LYS A 1132 -3.22 52.77 -4.44
N ALA A 1133 -2.17 52.12 -4.95
CA ALA A 1133 -2.03 50.67 -4.78
C ALA A 1133 -1.84 50.28 -3.32
N LYS A 1134 -1.10 51.09 -2.56
CA LYS A 1134 -0.95 50.84 -1.13
C LYS A 1134 -2.27 50.91 -0.39
N VAL A 1135 -3.18 51.77 -0.85
CA VAL A 1135 -4.52 51.88 -0.26
C VAL A 1135 -5.27 50.57 -0.44
N ILE A 1136 -5.22 50.02 -1.65
CA ILE A 1136 -5.81 48.71 -1.97
C ILE A 1136 -5.20 47.63 -1.09
N GLN A 1137 -3.88 47.67 -0.88
CA GLN A 1137 -3.17 46.70 -0.07
C GLN A 1137 -3.76 46.60 1.34
N SER A 1138 -3.90 47.72 2.02
CA SER A 1138 -4.36 47.71 3.41
C SER A 1138 -5.81 47.28 3.54
N SER A 1139 -6.63 47.43 2.50
CA SER A 1139 -8.02 47.03 2.59
C SER A 1139 -8.21 45.53 2.41
N ILE A 1140 -7.29 44.87 1.71
CA ILE A 1140 -7.42 43.45 1.42
C ILE A 1140 -6.87 42.61 2.55
N GLU A 1141 -5.81 43.11 3.19
CA GLU A 1141 -5.07 42.35 4.20
C GLU A 1141 -5.89 42.14 5.46
N TYR A 1142 -5.92 40.91 5.92
CA TYR A 1142 -6.70 40.54 7.09
C TYR A 1142 -5.95 41.00 8.34
N THR A 1143 -6.62 41.76 9.19
CA THR A 1143 -6.05 42.16 10.46
C THR A 1143 -7.05 41.84 11.55
N THR A 1144 -6.65 41.00 12.49
CA THR A 1144 -7.50 40.74 13.62
C THR A 1144 -7.12 41.64 14.77
N LEU A 1145 -7.93 41.57 15.83
CA LEU A 1145 -7.63 42.32 17.04
C LEU A 1145 -6.39 41.71 17.70
N LYS A 1146 -6.29 40.39 17.65
CA LYS A 1146 -5.12 39.67 18.15
C LYS A 1146 -3.82 40.11 17.49
N ASN A 1147 -3.88 40.54 16.23
CA ASN A 1147 -2.67 40.95 15.50
C ASN A 1147 -2.07 42.23 16.07
N VAL A 1148 -2.90 43.12 16.61
CA VAL A 1148 -2.45 44.42 17.06
C VAL A 1148 -2.35 44.51 18.57
N THR A 1149 -2.77 43.49 19.29
CA THR A 1149 -2.80 43.53 20.74
C THR A 1149 -1.46 43.06 21.28
N SER A 1150 -0.86 43.86 22.17
CA SER A 1150 0.37 43.50 22.86
C SER A 1150 0.15 42.81 24.20
N ALA A 1151 -0.84 43.22 24.97
CA ALA A 1151 -1.09 42.63 26.28
C ALA A 1151 -2.54 42.85 26.70
N THR A 1152 -3.05 41.91 27.49
CA THR A 1152 -4.36 41.96 28.11
C THR A 1152 -4.19 41.84 29.63
N GLU A 1153 -5.08 42.48 30.37
CA GLU A 1153 -5.02 42.47 31.82
C GLU A 1153 -6.40 42.34 32.42
N ILE A 1154 -6.49 41.80 33.64
CA ILE A 1154 -7.75 41.66 34.36
C ILE A 1154 -7.59 42.27 35.74
N TYR A 1155 -8.26 43.41 35.98
CA TYR A 1155 -8.19 44.05 37.28
C TYR A 1155 -9.48 43.86 38.08
N TYR A 1156 -9.35 44.07 39.39
CA TYR A 1156 -10.47 44.27 40.31
C TYR A 1156 -10.61 45.77 40.56
N ASP A 1157 -11.49 46.43 39.80
CA ASP A 1157 -11.70 47.87 39.94
C ASP A 1157 -13.12 48.16 40.46
N PRO A 1158 -13.31 48.16 41.78
CA PRO A 1158 -14.68 48.10 42.33
C PRO A 1158 -15.49 49.37 42.15
N ASP A 1159 -14.83 50.53 42.12
CA ASP A 1159 -15.52 51.81 41.98
C ASP A 1159 -15.63 52.14 40.50
N PRO A 1160 -16.83 52.13 39.92
CA PRO A 1160 -16.94 52.38 38.48
C PRO A 1160 -16.48 53.75 38.01
N THR A 1161 -16.50 54.77 38.87
CA THR A 1161 -16.11 56.10 38.47
C THR A 1161 -14.62 56.39 38.69
N SER A 1162 -13.91 55.52 39.40
CA SER A 1162 -12.47 55.66 39.60
C SER A 1162 -11.67 54.40 39.25
N THR A 1163 -10.39 54.41 39.59
CA THR A 1163 -9.48 53.32 39.27
C THR A 1163 -8.31 53.36 40.25
N VAL A 1164 -7.94 52.17 40.74
CA VAL A 1164 -6.75 52.03 41.55
C VAL A 1164 -5.48 52.28 40.73
N ILE A 1165 -5.55 52.11 39.41
CA ILE A 1165 -4.38 52.28 38.56
C ILE A 1165 -4.00 53.75 38.43
N GLU A 1166 -2.83 54.09 38.99
CA GLU A 1166 -2.28 55.44 38.90
C GLU A 1166 -1.93 55.81 37.47
N GLU A 1167 -1.63 54.82 36.63
CA GLU A 1167 -1.24 55.07 35.25
C GLU A 1167 -2.43 55.60 34.44
N ASP A 1168 -3.61 55.01 34.63
CA ASP A 1168 -4.79 55.46 33.92
C ASP A 1168 -5.58 56.48 34.71
N PHE A 1169 -4.95 57.15 35.69
CA PHE A 1169 -5.67 58.12 36.52
C PHE A 1169 -6.10 59.33 35.72
N ASP A 1170 -5.14 60.07 35.17
CA ASP A 1170 -5.47 61.26 34.39
C ASP A 1170 -6.27 60.93 33.13
N THR A 1171 -6.12 59.70 32.61
CA THR A 1171 -6.85 59.30 31.42
C THR A 1171 -8.34 59.16 31.71
N VAL A 1172 -8.70 58.34 32.69
CA VAL A 1172 -10.12 58.08 32.93
C VAL A 1172 -10.82 59.22 33.67
N GLU A 1173 -10.13 59.93 34.57
CA GLU A 1173 -10.74 61.03 35.32
C GLU A 1173 -11.21 62.15 34.40
N ALA A 1174 -10.34 62.59 33.49
CA ALA A 1174 -10.77 63.66 32.61
C ALA A 1174 -11.79 63.16 31.58
N TYR A 1175 -11.67 61.89 31.16
CA TYR A 1175 -12.55 61.36 30.11
C TYR A 1175 -14.01 61.35 30.55
N PHE A 1176 -14.28 60.90 31.79
CA PHE A 1176 -15.66 60.79 32.28
C PHE A 1176 -16.31 62.14 32.54
N SER A 1177 -15.52 63.21 32.58
CA SER A 1177 -16.06 64.55 32.80
C SER A 1177 -16.16 65.30 31.48
N GLN A 1190 -22.70 47.65 37.20
CA GLN A 1190 -21.80 46.88 36.36
C GLN A 1190 -20.74 46.17 37.19
N SER A 1191 -20.05 45.23 36.54
CA SER A 1191 -19.21 44.28 37.25
C SER A 1191 -17.96 44.99 37.79
N PRO A 1192 -17.45 44.55 38.94
CA PRO A 1192 -16.20 45.13 39.45
C PRO A 1192 -14.97 44.67 38.70
N TRP A 1193 -15.07 43.58 37.92
CA TRP A 1193 -13.92 43.09 37.18
C TRP A 1193 -13.71 43.92 35.92
N LEU A 1194 -12.45 44.30 35.68
CA LEU A 1194 -12.06 45.13 34.55
C LEU A 1194 -11.24 44.32 33.57
N LEU A 1195 -11.56 44.43 32.29
CA LEU A 1195 -10.71 43.91 31.21
C LEU A 1195 -9.96 45.07 30.58
N ARG A 1196 -8.63 45.06 30.71
CA ARG A 1196 -7.77 46.13 30.21
C ARG A 1196 -6.80 45.54 29.20
N LEU A 1197 -6.92 45.96 27.95
CA LEU A 1197 -6.03 45.47 26.88
C LEU A 1197 -5.24 46.62 26.28
N GLU A 1198 -3.96 46.34 25.99
CA GLU A 1198 -3.02 47.32 25.46
C GLU A 1198 -2.67 47.07 24.00
N LEU A 1199 -2.78 48.11 23.18
CA LEU A 1199 -2.42 48.04 21.77
C LEU A 1199 -0.98 48.48 21.55
N ASP A 1200 -0.29 47.80 20.65
CA ASP A 1200 1.08 48.13 20.30
C ASP A 1200 1.10 49.31 19.34
N ARG A 1201 1.85 50.37 19.69
CA ARG A 1201 1.83 51.60 18.90
C ARG A 1201 2.42 51.40 17.50
N ALA A 1202 3.50 50.62 17.41
CA ALA A 1202 4.17 50.40 16.13
C ALA A 1202 3.27 49.69 15.13
N ARG A 1203 2.68 48.56 15.52
CA ARG A 1203 1.82 47.86 14.57
C ARG A 1203 0.55 48.62 14.24
N MET A 1204 -0.02 49.35 15.21
CA MET A 1204 -1.15 50.23 14.93
C MET A 1204 -0.80 51.38 13.99
N LEU A 1205 0.42 51.90 14.08
CA LEU A 1205 0.81 52.99 13.21
C LEU A 1205 1.06 52.53 11.78
N ASP A 1206 1.78 51.40 11.61
CA ASP A 1206 2.07 50.85 10.30
C ASP A 1206 0.80 50.47 9.54
N LYS A 1207 -0.11 49.76 10.21
CA LYS A 1207 -1.35 49.32 9.60
C LYS A 1207 -2.35 50.45 9.37
N GLN A 1208 -2.06 51.66 9.87
CA GLN A 1208 -2.90 52.86 9.72
C GLN A 1208 -4.29 52.69 10.33
N LEU A 1209 -4.31 52.35 11.60
CA LEU A 1209 -5.57 52.13 12.30
C LEU A 1209 -5.67 53.13 13.44
N THR A 1210 -6.85 53.70 13.61
CA THR A 1210 -7.15 54.63 14.69
C THR A 1210 -7.91 53.94 15.81
N MET A 1211 -7.75 54.49 17.04
CA MET A 1211 -8.46 53.96 18.21
C MET A 1211 -9.97 53.92 17.99
N ASN A 1212 -10.49 54.93 17.29
CA ASN A 1212 -11.92 55.04 17.01
C ASN A 1212 -12.42 53.85 16.20
N GLN A 1213 -11.78 53.59 15.06
CA GLN A 1213 -12.27 52.57 14.13
C GLN A 1213 -12.10 51.18 14.69
N VAL A 1214 -11.08 50.98 15.54
CA VAL A 1214 -10.93 49.72 16.25
C VAL A 1214 -12.08 49.51 17.20
N ALA A 1215 -12.47 50.57 17.91
CA ALA A 1215 -13.60 50.51 18.84
C ALA A 1215 -14.93 50.36 18.12
N ASP A 1216 -15.07 50.96 16.93
CA ASP A 1216 -16.30 50.83 16.14
C ASP A 1216 -16.63 49.37 15.85
N LYS A 1217 -15.66 48.61 15.33
CA LYS A 1217 -15.88 47.19 15.02
C LYS A 1217 -16.26 46.39 16.26
N ILE A 1218 -15.69 46.78 17.40
CA ILE A 1218 -16.03 46.15 18.68
C ILE A 1218 -17.46 46.42 19.06
N SER A 1219 -17.93 47.67 18.85
CA SER A 1219 -19.31 48.06 19.15
C SER A 1219 -20.35 47.17 18.46
N GLU A 1220 -20.22 46.94 17.15
CA GLU A 1220 -21.24 46.17 16.42
C GLU A 1220 -21.42 44.76 16.94
N VAL A 1221 -20.31 44.10 17.30
CA VAL A 1221 -20.36 42.72 17.79
C VAL A 1221 -20.61 42.59 19.29
N PHE A 1222 -20.33 43.63 20.07
CA PHE A 1222 -20.47 43.56 21.53
C PHE A 1222 -21.54 44.48 22.11
N SER A 1223 -22.29 45.22 21.26
CA SER A 1223 -23.46 46.05 21.54
C SER A 1223 -23.56 46.72 22.90
N ASP A 1224 -24.29 46.12 23.85
CA ASP A 1224 -24.46 46.73 25.16
C ASP A 1224 -23.89 45.90 26.30
N ASP A 1225 -23.13 44.85 26.01
CA ASP A 1225 -22.50 44.07 27.06
C ASP A 1225 -21.11 44.55 27.44
N LEU A 1226 -20.67 45.69 26.90
CA LEU A 1226 -19.29 46.09 27.16
C LEU A 1226 -19.14 47.60 26.94
N PHE A 1227 -18.60 48.26 27.95
CA PHE A 1227 -18.27 49.68 27.93
C PHE A 1227 -16.84 49.85 27.44
N VAL A 1228 -16.64 50.57 26.34
CA VAL A 1228 -15.33 50.69 25.72
C VAL A 1228 -14.80 52.09 25.98
N MET A 1229 -13.55 52.16 26.43
CA MET A 1229 -12.86 53.41 26.77
C MET A 1229 -11.42 53.33 26.29
N TRP A 1230 -11.00 54.28 25.48
CA TRP A 1230 -9.69 54.24 24.86
C TRP A 1230 -8.87 55.45 25.27
N SER A 1231 -7.56 55.25 25.36
CA SER A 1231 -6.70 56.38 25.68
C SER A 1231 -6.34 57.10 24.39
N GLU A 1232 -5.69 58.25 24.54
CA GLU A 1232 -5.35 59.00 23.35
C GLU A 1232 -4.02 58.53 22.75
N ASP A 1233 -3.86 58.79 21.45
CA ASP A 1233 -2.64 58.39 20.76
C ASP A 1233 -1.41 59.15 21.25
N ASN A 1234 -1.60 60.29 21.92
CA ASN A 1234 -0.46 61.02 22.47
C ASN A 1234 0.07 60.40 23.76
N ALA A 1235 -0.71 59.51 24.38
CA ALA A 1235 -0.39 58.92 25.66
C ALA A 1235 0.87 58.05 25.54
N ASP A 1236 1.51 57.79 26.67
CA ASP A 1236 2.70 56.97 26.65
C ASP A 1236 2.39 55.53 26.25
N LYS A 1237 1.31 54.96 26.81
CA LYS A 1237 0.80 53.67 26.39
C LYS A 1237 -0.60 53.79 25.82
N LEU A 1238 -0.87 53.03 24.75
CA LEU A 1238 -2.18 52.98 24.11
C LEU A 1238 -3.02 51.91 24.81
N ILE A 1239 -4.09 52.32 25.48
CA ILE A 1239 -4.83 51.44 26.38
C ILE A 1239 -6.31 51.50 26.02
N ILE A 1240 -6.98 50.35 26.10
CA ILE A 1240 -8.42 50.22 25.95
C ILE A 1240 -8.98 49.46 27.13
N ARG A 1241 -9.93 50.07 27.84
CA ARG A 1241 -10.60 49.49 29.00
C ARG A 1241 -11.98 48.97 28.66
N CYS A 1242 -12.34 47.84 29.26
CA CYS A 1242 -13.61 47.17 29.00
C CYS A 1242 -14.15 46.62 30.31
N ARG A 1243 -15.47 46.72 30.48
CA ARG A 1243 -16.15 46.15 31.62
C ARG A 1243 -17.45 45.51 31.18
N VAL A 1244 -17.85 44.46 31.88
CA VAL A 1244 -19.16 43.88 31.63
C VAL A 1244 -20.17 44.82 32.29
N ILE A 1245 -21.36 44.92 31.73
CA ILE A 1245 -22.40 45.70 32.38
C ILE A 1245 -23.56 44.81 32.83
N GLU A 1258 -20.86 33.35 39.24
CA GLU A 1258 -19.41 33.19 39.11
C GLU A 1258 -18.93 33.70 37.76
N GLU A 1259 -17.98 34.64 37.77
CA GLU A 1259 -17.58 35.27 36.51
C GLU A 1259 -16.07 35.45 36.41
N ASP A 1260 -15.29 34.81 37.28
CA ASP A 1260 -13.83 34.93 37.17
C ASP A 1260 -13.34 34.26 35.91
N GLN A 1261 -13.93 33.11 35.59
CA GLN A 1261 -13.56 32.33 34.42
C GLN A 1261 -14.24 32.85 33.17
N MET A 1262 -15.43 33.46 33.33
CA MET A 1262 -16.18 33.98 32.20
C MET A 1262 -15.40 35.08 31.49
N LEU A 1263 -14.55 35.80 32.23
CA LEU A 1263 -13.74 36.83 31.62
C LEU A 1263 -12.58 36.22 30.87
N LYS A 1264 -12.06 35.09 31.34
CA LYS A 1264 -11.04 34.39 30.58
C LYS A 1264 -11.61 33.80 29.30
N ARG A 1265 -12.83 33.23 29.39
CA ARG A 1265 -13.51 32.70 28.21
C ARG A 1265 -13.86 33.82 27.22
N ILE A 1266 -14.30 34.97 27.72
CA ILE A 1266 -14.60 36.10 26.85
C ILE A 1266 -13.33 36.61 26.20
N GLU A 1267 -12.22 36.68 26.96
CA GLU A 1267 -10.95 37.15 26.42
C GLU A 1267 -10.48 36.23 25.30
N ALA A 1268 -10.68 34.93 25.50
CA ALA A 1268 -10.39 33.95 24.45
C ALA A 1268 -11.28 34.21 23.25
N HIS A 1269 -12.56 34.47 23.52
CA HIS A 1269 -13.55 34.73 22.48
C HIS A 1269 -13.21 36.01 21.72
N MET A 1270 -12.63 37.00 22.40
CA MET A 1270 -12.29 38.27 21.77
C MET A 1270 -11.16 38.12 20.77
N LEU A 1271 -10.02 37.56 21.23
CA LEU A 1271 -8.84 37.38 20.39
C LEU A 1271 -9.07 36.47 19.20
N ASP A 1272 -10.06 35.58 19.26
CA ASP A 1272 -10.28 34.56 18.25
C ASP A 1272 -11.33 34.96 17.21
N LEU A 1273 -11.97 36.12 17.36
CA LEU A 1273 -13.09 36.38 16.45
C LEU A 1273 -13.22 37.82 15.98
N ILE A 1274 -12.63 38.78 16.67
CA ILE A 1274 -12.86 40.17 16.29
C ILE A 1274 -12.03 40.47 15.05
N ALA A 1275 -12.69 40.87 13.97
CA ALA A 1275 -12.04 41.21 12.72
C ALA A 1275 -12.11 42.71 12.54
N LEU A 1276 -10.96 43.36 12.45
CA LEU A 1276 -11.00 44.81 12.37
C LEU A 1276 -11.27 45.31 10.95
N ARG A 1277 -10.66 44.68 9.94
CA ARG A 1277 -10.91 44.97 8.53
C ARG A 1277 -10.32 43.85 7.70
N GLY A 1278 -10.51 43.96 6.39
CA GLY A 1278 -9.87 43.08 5.43
C GLY A 1278 -10.69 41.86 5.05
N ILE A 1279 -10.12 41.11 4.12
CA ILE A 1279 -10.75 39.93 3.53
C ILE A 1279 -10.23 38.68 4.25
N PRO A 1280 -11.10 37.87 4.84
CA PRO A 1280 -10.66 36.64 5.52
C PRO A 1280 -9.87 35.69 4.63
N GLY A 1281 -8.86 35.06 5.21
CA GLY A 1281 -7.97 34.17 4.49
C GLY A 1281 -6.78 34.80 3.82
N ILE A 1282 -6.68 36.13 3.79
CA ILE A 1282 -5.57 36.82 3.14
C ILE A 1282 -4.63 37.30 4.24
N SER A 1283 -3.63 36.48 4.57
CA SER A 1283 -2.76 36.78 5.69
C SER A 1283 -1.70 37.81 5.36
N LYS A 1284 -1.24 37.84 4.11
CA LYS A 1284 -0.22 38.77 3.68
C LYS A 1284 -0.50 39.22 2.26
N VAL A 1285 -0.15 40.46 1.95
CA VAL A 1285 -0.29 41.01 0.61
C VAL A 1285 1.06 41.58 0.21
N TYR A 1286 1.56 41.15 -0.94
CA TYR A 1286 2.85 41.59 -1.44
C TYR A 1286 2.65 42.54 -2.60
N MET A 1287 3.53 43.52 -2.71
CA MET A 1287 3.48 44.48 -3.78
C MET A 1287 4.49 44.03 -4.84
N VAL A 1288 3.98 43.55 -5.98
CA VAL A 1288 4.79 42.91 -7.00
C VAL A 1288 4.74 43.75 -8.26
N LYS A 1289 5.89 43.97 -8.88
CA LYS A 1289 5.95 44.68 -10.16
C LYS A 1289 5.92 43.70 -11.32
N HIS A 1290 5.02 43.93 -12.27
CA HIS A 1290 4.88 43.12 -13.48
C HIS A 1290 5.41 43.89 -14.68
N LYS A 1291 6.23 43.21 -15.50
CA LYS A 1291 6.64 43.74 -16.80
C LYS A 1291 5.71 43.12 -17.86
N VAL A 1292 4.77 43.91 -18.37
CA VAL A 1292 3.79 43.44 -19.34
C VAL A 1292 4.01 44.13 -20.68
N SER A 1293 4.02 43.34 -21.76
CA SER A 1293 4.25 43.87 -23.10
C SER A 1293 2.92 44.34 -23.69
N VAL A 1294 2.84 45.61 -24.06
CA VAL A 1294 1.61 46.24 -24.54
C VAL A 1294 1.98 47.10 -25.74
N PRO A 1295 1.17 47.15 -26.81
CA PRO A 1295 1.57 47.92 -27.99
C PRO A 1295 1.53 49.42 -27.73
N ASP A 1296 2.45 50.13 -28.39
CA ASP A 1296 2.55 51.58 -28.29
C ASP A 1296 1.33 52.25 -28.95
N GLU A 1297 1.30 53.58 -28.93
CA GLU A 1297 0.41 54.27 -29.87
C GLU A 1297 0.95 54.17 -31.30
N SER A 1298 2.28 54.13 -31.46
CA SER A 1298 2.86 53.86 -32.78
C SER A 1298 2.64 52.43 -33.26
N GLY A 1299 2.19 51.53 -32.40
CA GLY A 1299 2.03 50.12 -32.74
C GLY A 1299 3.21 49.22 -32.44
N GLU A 1300 4.32 49.75 -31.96
CA GLU A 1300 5.47 48.92 -31.67
C GLU A 1300 5.35 48.34 -30.28
N TYR A 1301 5.75 47.09 -30.11
CA TYR A 1301 5.64 46.46 -28.81
C TYR A 1301 6.68 47.05 -27.87
N LYS A 1302 6.25 47.59 -26.74
CA LYS A 1302 7.19 48.07 -25.75
C LYS A 1302 6.84 47.53 -24.37
N ASN A 1303 7.85 47.46 -23.52
CA ASN A 1303 7.60 47.00 -22.17
C ASN A 1303 6.93 48.10 -21.37
N GLU A 1304 6.28 47.72 -20.29
CA GLU A 1304 5.55 48.67 -19.47
C GLU A 1304 5.45 48.08 -18.08
N GLU A 1305 5.95 48.79 -17.09
CA GLU A 1305 5.95 48.30 -15.72
C GLU A 1305 4.64 48.67 -15.04
N LEU A 1306 4.00 47.69 -14.41
CA LEU A 1306 2.74 47.88 -13.71
C LEU A 1306 2.81 47.15 -12.39
N TRP A 1307 2.14 47.73 -11.38
CA TRP A 1307 2.07 47.18 -10.05
C TRP A 1307 0.90 46.21 -9.93
N ALA A 1308 1.14 45.07 -9.29
CA ALA A 1308 0.09 44.13 -8.97
C ALA A 1308 0.31 43.61 -7.56
N LEU A 1309 -0.63 42.81 -7.07
CA LEU A 1309 -0.52 42.24 -5.74
C LEU A 1309 -0.55 40.72 -5.80
N GLU A 1310 0.11 40.09 -4.83
CA GLU A 1310 0.02 38.64 -4.65
C GLU A 1310 -0.16 38.35 -3.16
N THR A 1311 -0.93 37.31 -2.86
CA THR A 1311 -1.37 37.02 -1.51
C THR A 1311 -0.90 35.64 -1.09
N ASP A 1312 -0.71 35.43 0.21
CA ASP A 1312 -0.76 34.11 0.81
C ASP A 1312 -2.17 33.78 1.30
N GLY A 1313 -2.64 32.58 0.96
CA GLY A 1313 -4.01 32.18 1.20
C GLY A 1313 -4.94 32.63 0.09
N ILE A 1314 -6.10 31.97 0.01
CA ILE A 1314 -7.05 32.27 -1.07
C ILE A 1314 -8.43 32.57 -0.53
N ASN A 1315 -9.12 33.46 -1.24
CA ASN A 1315 -10.56 33.69 -1.15
C ASN A 1315 -10.95 34.41 -2.43
N LEU A 1316 -10.99 33.69 -3.56
CA LEU A 1316 -11.08 34.31 -4.88
C LEU A 1316 -12.35 35.15 -5.05
N ALA A 1317 -13.49 34.64 -4.56
CA ALA A 1317 -14.76 35.32 -4.74
C ALA A 1317 -14.79 36.67 -4.05
N GLU A 1318 -14.38 36.72 -2.79
CA GLU A 1318 -14.43 37.95 -2.03
C GLU A 1318 -13.43 38.99 -2.52
N VAL A 1319 -12.24 38.56 -2.95
CA VAL A 1319 -11.23 39.52 -3.40
C VAL A 1319 -11.61 40.14 -4.74
N MET A 1320 -12.28 39.38 -5.60
CA MET A 1320 -12.75 39.88 -6.90
C MET A 1320 -13.70 41.07 -6.75
N ALA A 1321 -14.51 41.07 -5.70
CA ALA A 1321 -15.52 42.11 -5.55
C ALA A 1321 -14.96 43.43 -5.03
N VAL A 1322 -13.76 43.43 -4.49
CA VAL A 1322 -13.15 44.61 -3.85
C VAL A 1322 -12.90 45.72 -4.86
N PRO A 1323 -13.42 46.92 -4.62
CA PRO A 1323 -13.18 48.06 -5.54
C PRO A 1323 -11.70 48.37 -5.67
N GLY A 1324 -11.27 48.55 -6.92
CA GLY A 1324 -9.87 48.77 -7.20
C GLY A 1324 -9.28 47.58 -7.92
N VAL A 1325 -9.70 46.39 -7.51
CA VAL A 1325 -9.22 45.16 -8.14
C VAL A 1325 -9.85 45.01 -9.52
N ASP A 1326 -9.02 44.68 -10.50
CA ASP A 1326 -9.50 44.34 -11.84
C ASP A 1326 -10.21 43.00 -11.75
N SER A 1327 -11.54 43.05 -11.58
CA SER A 1327 -12.33 41.84 -11.42
C SER A 1327 -12.40 40.94 -12.64
N SER A 1328 -11.93 41.36 -13.80
CA SER A 1328 -11.96 40.49 -14.96
C SER A 1328 -10.67 39.69 -15.17
N ARG A 1329 -9.66 39.81 -14.31
CA ARG A 1329 -8.40 39.14 -14.58
C ARG A 1329 -7.78 38.40 -13.40
N THR A 1330 -8.36 38.48 -12.20
CA THR A 1330 -7.77 37.89 -10.99
C THR A 1330 -7.62 36.38 -11.10
N TYR A 1331 -6.45 35.87 -10.69
CA TYR A 1331 -6.08 34.48 -10.89
C TYR A 1331 -5.63 33.86 -9.58
N SER A 1332 -5.91 32.56 -9.42
CA SER A 1332 -5.52 31.76 -8.27
C SER A 1332 -4.82 30.48 -8.68
N ASN A 1333 -3.80 30.08 -7.93
CA ASN A 1333 -3.16 28.80 -8.23
C ASN A 1333 -3.88 27.59 -7.60
N SER A 1334 -5.03 27.74 -6.95
CA SER A 1334 -5.85 26.59 -6.57
C SER A 1334 -6.99 26.47 -7.56
N PHE A 1335 -6.86 25.57 -8.52
CA PHE A 1335 -7.90 25.30 -9.50
C PHE A 1335 -9.14 24.65 -8.91
N VAL A 1336 -9.07 24.05 -7.73
CA VAL A 1336 -10.29 23.59 -7.05
C VAL A 1336 -11.21 24.77 -6.74
N GLU A 1337 -10.64 25.88 -6.30
CA GLU A 1337 -11.43 27.07 -5.99
C GLU A 1337 -11.96 27.72 -7.26
N ILE A 1338 -11.13 27.77 -8.32
CA ILE A 1338 -11.52 28.27 -9.64
C ILE A 1338 -12.78 27.57 -10.15
N LEU A 1339 -12.86 26.26 -9.96
CA LEU A 1339 -14.03 25.50 -10.43
C LEU A 1339 -15.31 25.99 -9.75
N SER A 1340 -15.23 26.31 -8.46
CA SER A 1340 -16.41 26.75 -7.74
C SER A 1340 -16.80 28.18 -8.11
N VAL A 1341 -15.83 29.01 -8.47
CA VAL A 1341 -16.12 30.40 -8.78
C VAL A 1341 -16.35 30.63 -10.27
N LEU A 1342 -15.52 30.07 -11.14
CA LEU A 1342 -15.54 30.47 -12.53
C LEU A 1342 -16.05 29.41 -13.48
N GLY A 1343 -16.14 28.16 -13.07
CA GLY A 1343 -16.71 27.13 -13.92
C GLY A 1343 -15.64 26.32 -14.61
N ILE A 1344 -16.11 25.33 -15.38
CA ILE A 1344 -15.22 24.27 -15.84
C ILE A 1344 -14.28 24.74 -16.95
N GLU A 1345 -14.73 25.63 -17.83
CA GLU A 1345 -13.86 26.08 -18.92
C GLU A 1345 -12.72 26.94 -18.43
N ALA A 1346 -12.94 27.73 -17.39
CA ALA A 1346 -11.85 28.49 -16.79
C ALA A 1346 -10.86 27.57 -16.10
N THR A 1347 -11.35 26.48 -15.52
CA THR A 1347 -10.47 25.49 -14.89
C THR A 1347 -9.51 24.88 -15.90
N ARG A 1348 -9.99 24.59 -17.11
CA ARG A 1348 -9.14 24.08 -18.18
C ARG A 1348 -7.92 24.97 -18.42
N SER A 1349 -8.15 26.27 -18.58
CA SER A 1349 -7.02 27.17 -18.80
C SER A 1349 -6.12 27.25 -17.58
N SER A 1350 -6.71 27.25 -16.38
CA SER A 1350 -5.90 27.38 -15.17
C SER A 1350 -5.08 26.12 -14.93
N LEU A 1351 -5.71 24.95 -15.13
CA LEU A 1351 -4.98 23.68 -15.05
C LEU A 1351 -3.80 23.64 -15.99
N TYR A 1352 -4.00 24.05 -17.24
CA TYR A 1352 -2.91 24.10 -18.21
C TYR A 1352 -1.80 25.04 -17.77
N LYS A 1353 -2.16 26.24 -17.30
CA LYS A 1353 -1.16 27.20 -16.88
C LYS A 1353 -0.29 26.65 -15.76
N GLU A 1354 -0.90 25.95 -14.79
CA GLU A 1354 -0.14 25.46 -13.65
C GLU A 1354 0.75 24.27 -14.01
N ILE A 1355 0.30 23.39 -14.92
CA ILE A 1355 1.16 22.30 -15.35
C ILE A 1355 2.33 22.82 -16.17
N LEU A 1356 2.04 23.64 -17.18
CA LEU A 1356 3.07 24.23 -18.05
C LEU A 1356 4.16 24.94 -17.26
N ASN A 1357 3.77 25.73 -16.25
CA ASN A 1357 4.73 26.42 -15.38
C ASN A 1357 5.68 25.45 -14.72
N VAL A 1358 5.19 24.28 -14.29
CA VAL A 1358 6.05 23.28 -13.68
C VAL A 1358 7.07 22.73 -14.67
N ILE A 1359 6.60 22.33 -15.86
CA ILE A 1359 7.49 21.72 -16.85
C ILE A 1359 8.48 22.73 -17.39
N ALA A 1360 8.00 23.91 -17.78
CA ALA A 1360 8.86 24.94 -18.38
C ALA A 1360 9.90 25.51 -17.44
N PHE A 1361 9.78 25.28 -16.12
CA PHE A 1361 10.61 25.96 -15.14
C PHE A 1361 12.08 25.55 -15.24
N ASP A 1362 12.35 24.25 -15.33
CA ASP A 1362 13.72 23.77 -15.58
C ASP A 1362 14.11 23.76 -17.05
N GLY A 1363 13.68 24.77 -17.79
CA GLY A 1363 13.95 24.98 -19.21
C GLY A 1363 13.39 24.00 -20.21
N SER A 1364 12.73 22.94 -19.75
CA SER A 1364 12.22 21.94 -20.68
C SER A 1364 11.07 22.55 -21.49
N TYR A 1365 10.70 21.89 -22.57
CA TYR A 1365 9.57 22.37 -23.33
C TYR A 1365 8.85 21.14 -23.84
N VAL A 1366 7.57 21.02 -23.53
CA VAL A 1366 6.74 19.96 -24.07
C VAL A 1366 5.69 20.60 -24.97
N ASN A 1367 5.52 20.02 -26.17
CA ASN A 1367 4.57 20.51 -27.16
C ASN A 1367 3.18 20.59 -26.54
N TYR A 1368 2.43 21.61 -26.97
CA TYR A 1368 1.13 21.94 -26.39
C TYR A 1368 0.15 20.78 -26.35
N ARG A 1369 0.10 19.95 -27.39
CA ARG A 1369 -0.98 18.98 -27.52
C ARG A 1369 -0.95 17.93 -26.42
N HIS A 1370 0.20 17.64 -25.84
CA HIS A 1370 0.27 16.61 -24.81
C HIS A 1370 -0.31 17.10 -23.49
N MET A 1371 0.04 18.31 -23.06
CA MET A 1371 -0.55 18.82 -21.84
C MET A 1371 -2.03 19.14 -22.03
N ALA A 1372 -2.39 19.62 -23.22
CA ALA A 1372 -3.78 19.85 -23.57
C ALA A 1372 -4.60 18.57 -23.47
N LEU A 1373 -4.03 17.45 -23.94
CA LEU A 1373 -4.73 16.19 -23.89
C LEU A 1373 -5.00 15.73 -22.46
N LEU A 1374 -4.02 15.90 -21.58
CA LEU A 1374 -4.19 15.51 -20.18
C LEU A 1374 -5.28 16.32 -19.49
N VAL A 1375 -5.33 17.63 -19.71
CA VAL A 1375 -6.34 18.42 -19.00
C VAL A 1375 -7.73 18.22 -19.56
N ASP A 1376 -7.89 17.80 -20.81
CA ASP A 1376 -9.22 17.50 -21.30
C ASP A 1376 -9.77 16.22 -20.67
N VAL A 1377 -8.91 15.25 -20.43
CA VAL A 1377 -9.33 14.05 -19.71
C VAL A 1377 -9.74 14.40 -18.29
N MET A 1378 -9.01 15.31 -17.64
CA MET A 1378 -9.29 15.67 -16.26
C MET A 1378 -10.54 16.53 -16.10
N THR A 1379 -11.11 17.05 -17.18
CA THR A 1379 -12.26 17.93 -17.09
C THR A 1379 -13.45 17.46 -17.89
N SER A 1380 -13.36 16.31 -18.56
CA SER A 1380 -14.45 15.89 -19.44
C SER A 1380 -15.71 15.57 -18.67
N ARG A 1381 -15.61 15.09 -17.44
CA ARG A 1381 -16.82 14.77 -16.71
C ARG A 1381 -17.52 15.99 -16.14
N GLY A 1382 -16.97 17.19 -16.31
CA GLY A 1382 -17.53 18.38 -15.72
C GLY A 1382 -17.03 18.69 -14.33
N TYR A 1383 -16.46 17.71 -13.63
CA TYR A 1383 -15.78 17.96 -12.38
C TYR A 1383 -14.35 17.46 -12.52
N LEU A 1384 -13.51 17.76 -11.54
CA LEU A 1384 -12.12 17.36 -11.63
C LEU A 1384 -11.99 15.90 -11.24
N MET A 1385 -11.62 15.05 -12.20
CA MET A 1385 -11.33 13.66 -11.91
C MET A 1385 -9.84 13.53 -11.61
N ALA A 1386 -9.51 13.25 -10.36
CA ALA A 1386 -8.12 13.01 -9.99
C ALA A 1386 -7.58 11.74 -10.64
N ILE A 1387 -6.28 11.76 -10.90
CA ILE A 1387 -5.54 10.59 -11.38
C ILE A 1387 -5.13 9.72 -10.18
N THR A 1388 -6.12 9.17 -9.47
CA THR A 1388 -5.97 8.24 -8.36
C THR A 1388 -7.07 7.20 -8.56
N ARG A 1389 -7.06 6.13 -7.75
CA ARG A 1389 -8.11 5.12 -7.84
C ARG A 1389 -9.53 5.69 -7.65
N HIS A 1390 -9.67 6.72 -6.83
CA HIS A 1390 -10.97 7.30 -6.56
C HIS A 1390 -11.55 8.03 -7.75
N GLY A 1391 -10.70 8.53 -8.64
CA GLY A 1391 -11.19 9.09 -9.89
C GLY A 1391 -11.27 8.11 -11.04
N ILE A 1392 -10.14 7.44 -11.32
CA ILE A 1392 -10.00 6.62 -12.52
C ILE A 1392 -11.02 5.48 -12.54
N ASN A 1393 -11.16 4.78 -11.41
CA ASN A 1393 -12.02 3.61 -11.38
C ASN A 1393 -13.49 3.92 -11.15
N ARG A 1394 -13.88 5.20 -11.04
CA ARG A 1394 -15.29 5.58 -11.10
C ARG A 1394 -15.84 5.76 -12.51
N ALA A 1395 -15.21 5.17 -13.51
CA ALA A 1395 -15.64 5.29 -14.90
C ALA A 1395 -16.49 4.08 -15.28
N ASP A 1396 -17.25 4.22 -16.36
CA ASP A 1396 -18.05 3.10 -16.82
C ASP A 1396 -17.27 2.11 -17.69
N THR A 1397 -15.96 2.08 -17.59
CA THR A 1397 -15.13 1.16 -18.35
C THR A 1397 -15.26 -0.25 -17.77
N GLY A 1398 -14.87 -1.23 -18.59
CA GLY A 1398 -15.00 -2.63 -18.21
C GLY A 1398 -14.26 -2.98 -16.92
N ALA A 1399 -14.75 -4.04 -16.27
CA ALA A 1399 -14.17 -4.47 -14.99
C ALA A 1399 -12.75 -5.01 -15.12
N LEU A 1400 -12.43 -5.70 -16.22
CA LEU A 1400 -11.08 -6.22 -16.39
C LEU A 1400 -10.06 -5.11 -16.52
N MET A 1401 -10.41 -4.07 -17.28
CA MET A 1401 -9.55 -2.89 -17.41
C MET A 1401 -9.36 -2.18 -16.07
N ARG A 1402 -10.44 -1.95 -15.33
CA ARG A 1402 -10.37 -1.19 -14.08
C ARG A 1402 -9.63 -1.93 -12.98
N CYS A 1403 -9.78 -3.26 -12.92
CA CYS A 1403 -9.14 -4.05 -11.88
C CYS A 1403 -7.65 -4.21 -12.08
N SER A 1404 -7.14 -3.93 -13.27
CA SER A 1404 -5.70 -3.98 -13.52
C SER A 1404 -4.93 -2.79 -12.97
N PHE A 1405 -5.60 -1.77 -12.43
CA PHE A 1405 -4.89 -0.63 -11.85
C PHE A 1405 -4.69 -0.82 -10.35
N GLU A 1406 -5.77 -0.65 -9.58
CA GLU A 1406 -5.74 -0.78 -8.13
C GLU A 1406 -7.07 -1.36 -7.70
N GLU A 1407 -7.12 -1.82 -6.43
CA GLU A 1407 -8.32 -2.37 -5.79
C GLU A 1407 -8.82 -3.58 -6.59
N THR A 1408 -7.87 -4.45 -6.94
CA THR A 1408 -8.09 -5.49 -7.95
C THR A 1408 -9.21 -6.45 -7.59
N VAL A 1409 -9.17 -7.01 -6.39
CA VAL A 1409 -10.10 -8.07 -6.03
C VAL A 1409 -11.48 -7.47 -5.73
N GLU A 1410 -11.48 -6.30 -5.07
CA GLU A 1410 -12.71 -5.58 -4.74
C GLU A 1410 -13.53 -5.23 -5.97
N ILE A 1411 -12.86 -4.70 -7.02
CA ILE A 1411 -13.53 -4.46 -8.29
C ILE A 1411 -14.25 -5.70 -8.80
N LEU A 1412 -13.57 -6.85 -8.74
CA LEU A 1412 -14.12 -8.06 -9.35
C LEU A 1412 -15.26 -8.66 -8.54
N PHE A 1413 -15.16 -8.64 -7.20
CA PHE A 1413 -16.30 -9.02 -6.36
C PHE A 1413 -17.51 -8.13 -6.65
N GLU A 1414 -17.31 -6.80 -6.60
CA GLU A 1414 -18.37 -5.85 -6.90
C GLU A 1414 -18.92 -6.03 -8.31
N ALA A 1415 -18.07 -6.42 -9.27
CA ALA A 1415 -18.51 -6.60 -10.65
C ALA A 1415 -19.43 -7.81 -10.75
N GLY A 1416 -19.12 -8.86 -10.00
CA GLY A 1416 -19.96 -10.03 -9.96
C GLY A 1416 -21.33 -9.74 -9.38
N ALA A 1417 -21.36 -9.13 -8.20
CA ALA A 1417 -22.61 -8.89 -7.49
C ALA A 1417 -23.57 -7.97 -8.25
N ALA A 1418 -23.08 -7.15 -9.17
CA ALA A 1418 -23.94 -6.27 -9.94
C ALA A 1418 -24.02 -6.65 -11.42
N ALA A 1419 -23.60 -7.88 -11.77
CA ALA A 1419 -23.64 -8.45 -13.12
C ALA A 1419 -23.17 -7.50 -14.23
N GLU A 1420 -21.97 -6.93 -14.04
CA GLU A 1420 -21.42 -6.02 -15.04
C GLU A 1420 -21.11 -6.69 -16.38
N LEU A 1421 -21.42 -5.99 -17.45
CA LEU A 1421 -21.09 -6.36 -18.82
C LEU A 1421 -19.89 -5.57 -19.35
N ASP A 1422 -18.87 -6.28 -19.83
CA ASP A 1422 -17.64 -5.68 -20.33
C ASP A 1422 -17.67 -5.86 -21.85
N ASP A 1423 -17.76 -4.75 -22.57
CA ASP A 1423 -17.93 -4.75 -24.02
C ASP A 1423 -16.63 -4.90 -24.82
N CYS A 1424 -15.49 -5.08 -24.15
CA CYS A 1424 -14.21 -5.48 -24.76
C CYS A 1424 -13.73 -4.51 -25.83
N ARG A 1425 -13.95 -3.22 -25.63
CA ARG A 1425 -13.47 -2.24 -26.57
C ARG A 1425 -12.14 -1.63 -26.15
N GLY A 1426 -11.74 -1.79 -24.91
CA GLY A 1426 -10.48 -1.23 -24.48
C GLY A 1426 -9.28 -2.01 -24.94
N VAL A 1427 -8.13 -1.33 -24.91
CA VAL A 1427 -6.87 -1.97 -25.26
C VAL A 1427 -6.53 -3.06 -24.26
N SER A 1428 -6.66 -2.72 -22.97
CA SER A 1428 -6.26 -3.63 -21.89
C SER A 1428 -7.09 -4.90 -21.88
N GLU A 1429 -8.40 -4.81 -22.12
CA GLU A 1429 -9.26 -6.00 -22.23
C GLU A 1429 -8.69 -7.01 -23.23
N ASN A 1430 -8.41 -6.56 -24.45
CA ASN A 1430 -7.98 -7.45 -25.51
C ASN A 1430 -6.56 -7.96 -25.35
N VAL A 1431 -5.66 -7.13 -24.79
CA VAL A 1431 -4.29 -7.55 -24.51
C VAL A 1431 -4.27 -8.74 -23.55
N MET A 1432 -5.03 -8.66 -22.46
CA MET A 1432 -4.93 -9.77 -21.50
C MET A 1432 -5.68 -11.00 -21.97
N LEU A 1433 -6.62 -10.87 -22.90
CA LEU A 1433 -7.24 -12.03 -23.51
C LEU A 1433 -6.50 -12.50 -24.75
N GLY A 1434 -5.37 -11.87 -25.06
CA GLY A 1434 -4.58 -12.23 -26.23
C GLY A 1434 -5.21 -12.08 -27.59
N GLN A 1435 -6.02 -11.05 -27.80
CA GLN A 1435 -6.68 -10.85 -29.08
C GLN A 1435 -6.17 -9.53 -29.65
N LEU A 1436 -6.17 -9.44 -30.98
CA LEU A 1436 -5.76 -8.22 -31.68
C LEU A 1436 -6.59 -7.02 -31.24
N ALA A 1437 -5.91 -6.03 -30.67
CA ALA A 1437 -6.52 -4.88 -30.04
C ALA A 1437 -6.93 -3.83 -31.08
N PRO A 1438 -8.03 -3.14 -30.89
CA PRO A 1438 -8.44 -2.12 -31.85
C PRO A 1438 -7.60 -0.85 -31.80
N MET A 1439 -6.35 -0.92 -32.25
CA MET A 1439 -5.40 0.17 -32.18
C MET A 1439 -4.40 -0.08 -33.29
N GLY A 1440 -3.87 0.99 -33.87
CA GLY A 1440 -2.83 0.96 -34.88
C GLY A 1440 -3.11 0.00 -36.01
N THR A 1441 -2.24 -0.99 -36.20
CA THR A 1441 -2.42 -1.97 -37.26
C THR A 1441 -3.65 -2.86 -37.06
N GLY A 1442 -4.25 -2.85 -35.88
CA GLY A 1442 -5.46 -3.58 -35.58
C GLY A 1442 -6.73 -2.76 -35.61
N ALA A 1443 -6.68 -1.51 -36.03
CA ALA A 1443 -7.85 -0.64 -36.00
C ALA A 1443 -8.77 -0.80 -37.20
N PHE A 1444 -8.60 -1.83 -38.01
CA PHE A 1444 -9.39 -2.00 -39.21
C PHE A 1444 -9.27 -3.46 -39.63
N ASP A 1445 -10.16 -3.88 -40.52
CA ASP A 1445 -10.09 -5.21 -41.09
C ASP A 1445 -9.61 -5.16 -42.53
N VAL A 1446 -9.05 -6.27 -42.98
CA VAL A 1446 -8.54 -6.39 -44.35
C VAL A 1446 -9.37 -7.42 -45.10
N MET A 1447 -9.96 -7.02 -46.22
CA MET A 1447 -10.79 -7.89 -47.02
C MET A 1447 -10.11 -8.20 -48.35
N ILE A 1448 -10.55 -9.29 -48.98
CA ILE A 1448 -10.02 -9.72 -50.26
C ILE A 1448 -10.86 -9.13 -51.40
N ASP A 1449 -10.19 -8.46 -52.33
CA ASP A 1449 -10.83 -7.74 -53.44
C ASP A 1449 -11.12 -8.73 -54.57
N GLU A 1450 -12.27 -9.40 -54.46
CA GLU A 1450 -12.72 -10.33 -55.50
C GLU A 1450 -12.86 -9.67 -56.87
N LYS A 1451 -13.24 -8.39 -56.93
CA LYS A 1451 -13.38 -7.70 -58.21
C LYS A 1451 -12.04 -7.53 -58.92
N LEU A 1452 -10.98 -7.19 -58.18
CA LEU A 1452 -9.69 -6.98 -58.81
C LEU A 1452 -9.02 -8.27 -59.23
N LEU A 1453 -9.33 -9.39 -58.58
CA LEU A 1453 -8.76 -10.66 -59.01
C LEU A 1453 -9.24 -11.12 -60.38
N THR A 1454 -10.41 -10.65 -60.83
CA THR A 1454 -10.95 -11.12 -62.10
C THR A 1454 -10.21 -10.57 -63.31
N SER A 1455 -9.34 -9.56 -63.13
CA SER A 1455 -8.50 -9.08 -64.22
C SER A 1455 -7.29 -9.96 -64.50
N LEU A 1456 -7.05 -11.01 -63.70
CA LEU A 1456 -5.97 -11.93 -63.95
C LEU A 1456 -6.33 -12.90 -65.08
N PRO A 1457 -5.33 -13.48 -65.75
CA PRO A 1457 -5.62 -14.50 -66.79
C PRO A 1457 -6.32 -15.73 -66.22
N ALA A 1458 -6.86 -16.53 -67.13
CA ALA A 1458 -7.66 -17.70 -66.75
C ALA A 1458 -6.86 -18.91 -66.27
N ASP A 1459 -5.59 -19.05 -66.65
CA ASP A 1459 -4.81 -20.20 -66.16
C ASP A 1459 -4.41 -20.11 -64.69
N TYR A 1460 -4.68 -19.00 -64.02
CA TYR A 1460 -4.44 -18.84 -62.59
C TYR A 1460 -5.61 -19.29 -61.73
N ALA A 1461 -6.65 -19.85 -62.34
CA ALA A 1461 -7.93 -20.07 -61.68
C ALA A 1461 -7.96 -21.27 -60.73
N PRO A 1462 -8.69 -21.12 -59.61
CA PRO A 1462 -8.95 -22.25 -58.71
C PRO A 1462 -9.80 -23.31 -59.39
N THR A 1463 -9.47 -24.58 -59.18
CA THR A 1463 -10.31 -25.61 -59.78
C THR A 1463 -11.32 -26.14 -58.76
N ASP B 9 61.41 20.44 25.42
CA ASP B 9 60.97 19.37 24.53
C ASP B 9 60.84 19.91 23.11
N ASP B 10 60.09 19.23 22.25
CA ASP B 10 59.92 19.71 20.89
C ASP B 10 58.51 19.36 20.41
N THR B 11 58.24 19.68 19.15
CA THR B 11 56.91 19.59 18.58
C THR B 11 56.66 18.22 17.96
N ILE B 12 55.43 17.75 18.08
CA ILE B 12 54.99 16.50 17.48
C ILE B 12 54.85 16.69 15.98
N THR B 13 55.57 15.86 15.21
CA THR B 13 55.61 15.97 13.76
C THR B 13 54.58 15.01 13.18
N THR B 14 54.41 15.05 11.86
CA THR B 14 53.50 14.11 11.22
C THR B 14 53.93 12.67 11.41
N GLU B 15 55.22 12.38 11.23
CA GLU B 15 55.74 11.03 11.43
C GLU B 15 55.51 10.52 12.85
N ASP B 16 55.63 11.41 13.84
CA ASP B 16 55.37 11.06 15.24
C ASP B 16 53.92 10.67 15.48
N CYS B 17 52.97 11.36 14.82
CA CYS B 17 51.56 10.99 14.93
C CYS B 17 51.33 9.56 14.48
N TRP B 18 51.96 9.14 13.38
CA TRP B 18 51.81 7.77 12.92
C TRP B 18 52.45 6.76 13.87
N THR B 19 53.46 7.17 14.65
CA THR B 19 54.00 6.28 15.66
C THR B 19 52.97 5.96 16.73
N VAL B 20 52.21 6.97 17.17
CA VAL B 20 51.12 6.77 18.13
C VAL B 20 50.05 5.85 17.55
N ILE B 21 49.63 6.11 16.32
CA ILE B 21 48.59 5.33 15.67
C ILE B 21 49.03 3.89 15.50
N SER B 22 50.30 3.66 15.15
CA SER B 22 50.85 2.32 15.08
C SER B 22 50.71 1.56 16.37
N ALA B 23 50.84 2.25 17.50
CA ALA B 23 50.74 1.57 18.79
C ALA B 23 49.33 1.11 19.07
N PHE B 24 48.34 1.94 18.72
CA PHE B 24 46.92 1.57 18.76
C PHE B 24 46.63 0.25 18.04
N PHE B 25 46.98 0.15 16.76
CA PHE B 25 46.61 -1.05 16.01
C PHE B 25 47.44 -2.25 16.43
N GLU B 26 48.65 -2.01 16.94
CA GLU B 26 49.44 -3.11 17.48
C GLU B 26 48.76 -3.76 18.66
N GLU B 27 48.14 -2.96 19.53
CA GLU B 27 47.44 -3.54 20.67
C GLU B 27 46.02 -4.00 20.33
N LYS B 28 45.26 -3.18 19.62
CA LYS B 28 43.83 -3.43 19.51
C LYS B 28 43.40 -4.05 18.20
N GLY B 29 44.16 -3.90 17.14
CA GLY B 29 43.71 -4.39 15.85
C GLY B 29 42.47 -3.69 15.33
N LEU B 30 41.77 -4.38 14.44
CA LEU B 30 40.62 -3.81 13.76
C LEU B 30 39.28 -4.36 14.20
N VAL B 31 39.25 -5.50 14.87
CA VAL B 31 37.99 -6.13 15.21
C VAL B 31 37.85 -6.34 16.72
N SER B 32 38.55 -5.55 17.53
CA SER B 32 38.52 -5.75 18.97
C SER B 32 37.16 -5.46 19.57
N GLN B 33 36.36 -4.58 18.95
CA GLN B 33 35.02 -4.36 19.46
C GLN B 33 34.13 -5.57 19.26
N GLN B 34 34.44 -6.41 18.27
CA GLN B 34 33.72 -7.67 18.18
C GLN B 34 34.21 -8.65 19.24
N LEU B 35 35.52 -8.80 19.38
CA LEU B 35 36.06 -9.85 20.24
C LEU B 35 35.87 -9.55 21.72
N ASP B 36 36.14 -8.31 22.14
CA ASP B 36 35.98 -7.96 23.56
C ASP B 36 34.54 -8.06 23.99
N SER B 37 33.61 -7.66 23.12
CA SER B 37 32.19 -7.76 23.43
C SER B 37 31.79 -9.21 23.66
N PHE B 38 32.22 -10.12 22.79
CA PHE B 38 31.85 -11.52 22.96
C PHE B 38 32.53 -12.11 24.18
N ASP B 39 33.77 -11.71 24.45
CA ASP B 39 34.51 -12.25 25.61
C ASP B 39 33.79 -11.89 26.90
N GLU B 40 33.28 -10.67 26.99
CA GLU B 40 32.55 -10.24 28.17
C GLU B 40 31.26 -11.03 28.33
N PHE B 41 30.68 -11.49 27.22
CA PHE B 41 29.47 -12.28 27.26
C PHE B 41 29.72 -13.66 27.86
N MET B 42 30.82 -14.31 27.48
CA MET B 42 31.11 -15.63 28.04
C MET B 42 31.54 -15.57 29.48
N GLU B 43 32.40 -14.61 29.83
CA GLU B 43 32.91 -14.52 31.20
C GLU B 43 31.82 -14.19 32.20
N THR B 44 30.96 -13.24 31.88
CA THR B 44 30.13 -12.67 32.92
C THR B 44 28.65 -12.70 32.61
N SER B 45 28.26 -12.37 31.36
CA SER B 45 26.86 -12.08 31.06
C SER B 45 25.99 -13.34 31.17
N ILE B 46 26.52 -14.49 30.73
CA ILE B 46 25.80 -15.75 30.84
C ILE B 46 25.48 -16.05 32.29
N GLN B 47 26.49 -15.91 33.15
CA GLN B 47 26.35 -16.13 34.59
C GLN B 47 25.28 -15.25 35.20
N ASP B 48 25.29 -13.95 34.87
CA ASP B 48 24.28 -13.03 35.40
C ASP B 48 22.89 -13.38 34.93
N LEU B 49 22.75 -13.83 33.67
CA LEU B 49 21.44 -14.19 33.15
C LEU B 49 20.85 -15.37 33.89
N VAL B 50 21.69 -16.33 34.27
CA VAL B 50 21.22 -17.48 35.04
C VAL B 50 20.67 -17.03 36.37
N TRP B 51 21.32 -16.08 37.03
CA TRP B 51 20.86 -15.60 38.32
C TRP B 51 19.71 -14.60 38.22
N GLU B 52 19.17 -14.37 37.02
CA GLU B 52 18.03 -13.45 36.88
C GLU B 52 16.77 -14.02 37.49
N GLU B 53 16.57 -15.33 37.37
CA GLU B 53 15.50 -16.04 38.06
C GLU B 53 16.11 -17.26 38.73
N PRO B 54 16.75 -17.07 39.88
CA PRO B 54 17.71 -18.09 40.37
C PRO B 54 17.07 -19.35 40.93
N ARG B 55 15.75 -19.40 41.18
CA ARG B 55 15.16 -20.60 41.76
C ARG B 55 13.79 -20.93 41.19
N LEU B 56 13.53 -22.23 41.06
CA LEU B 56 12.22 -22.75 40.69
C LEU B 56 11.57 -23.31 41.95
N ILE B 57 10.30 -23.03 42.16
CA ILE B 57 9.60 -23.41 43.39
C ILE B 57 8.27 -24.07 43.05
N LEU B 58 8.01 -25.24 43.64
CA LEU B 58 6.71 -25.88 43.62
C LEU B 58 6.17 -25.96 45.05
N ASP B 59 4.94 -26.46 45.17
CA ASP B 59 4.20 -26.57 46.43
C ASP B 59 2.98 -27.46 46.23
N GLN B 60 2.66 -28.26 47.26
CA GLN B 60 1.46 -29.06 47.37
C GLN B 60 1.24 -29.10 48.87
N PRO B 61 -0.02 -28.88 49.31
CA PRO B 61 -0.48 -28.89 50.69
C PRO B 61 -1.05 -30.27 50.99
N ALA B 62 -0.15 -31.24 51.05
CA ALA B 62 -0.47 -32.66 51.29
C ALA B 62 -1.65 -33.02 52.19
N GLN B 63 -2.79 -33.32 51.56
CA GLN B 63 -3.97 -33.80 52.27
C GLN B 63 -4.25 -34.86 51.21
N HIS B 64 -4.20 -36.13 51.62
CA HIS B 64 -4.45 -37.23 50.70
C HIS B 64 -4.86 -38.50 51.42
N ASP B 69 -3.26 -34.82 57.73
CA ASP B 69 -1.82 -35.06 57.65
C ASP B 69 -1.16 -34.16 56.61
N ASN B 70 -1.55 -32.89 56.60
CA ASN B 70 -0.98 -31.93 55.66
C ASN B 70 0.54 -31.92 55.73
N ILE B 71 1.19 -31.95 54.57
CA ILE B 71 2.65 -31.94 54.53
C ILE B 71 3.21 -31.13 53.38
N ASN B 72 3.18 -29.80 53.51
CA ASN B 72 3.72 -28.92 52.49
C ASN B 72 5.07 -29.44 52.05
N LYS B 73 5.20 -29.77 50.77
CA LYS B 73 6.43 -30.32 50.22
C LYS B 73 6.81 -29.38 49.08
N ARG B 74 7.65 -28.40 49.39
CA ARG B 74 8.16 -27.54 48.34
C ARG B 74 9.33 -28.19 47.65
N TYR B 75 9.23 -28.30 46.33
CA TYR B 75 10.29 -28.82 45.49
C TYR B 75 11.03 -27.61 44.94
N GLU B 76 12.33 -27.57 45.15
CA GLU B 76 13.11 -26.40 44.79
C GLU B 76 14.36 -26.80 44.04
N ILE B 77 14.69 -26.03 42.99
CA ILE B 77 15.86 -26.25 42.18
C ILE B 77 16.58 -24.92 41.99
N ARG B 78 17.87 -24.90 42.33
CA ARG B 78 18.70 -23.70 42.35
C ARG B 78 19.84 -23.83 41.34
N PHE B 79 20.01 -22.81 40.50
CA PHE B 79 21.03 -22.83 39.46
C PHE B 79 22.29 -22.14 39.96
N GLY B 80 23.43 -22.82 39.91
CA GLY B 80 24.64 -22.19 40.43
C GLY B 80 25.68 -21.73 39.44
N LYS B 81 26.93 -22.17 39.66
CA LYS B 81 28.07 -21.73 38.87
C LYS B 81 27.97 -22.24 37.43
N ILE B 82 28.51 -21.47 36.49
CA ILE B 82 28.65 -21.88 35.09
C ILE B 82 30.09 -22.28 34.82
N TYR B 83 30.28 -23.37 34.07
CA TYR B 83 31.59 -23.81 33.65
C TYR B 83 31.54 -24.02 32.15
N LEU B 84 32.66 -23.73 31.51
CA LEU B 84 32.82 -23.81 30.07
C LEU B 84 33.94 -24.77 29.73
N SER B 85 33.74 -25.51 28.67
CA SER B 85 34.73 -26.40 28.10
C SER B 85 35.07 -25.95 26.70
N ARG B 86 36.28 -26.30 26.27
CA ARG B 86 36.74 -26.01 24.92
C ARG B 86 35.88 -26.78 23.91
N PRO B 87 35.77 -26.29 22.68
CA PRO B 87 34.91 -26.94 21.70
C PRO B 87 35.35 -28.35 21.34
N THR B 88 34.36 -29.25 21.29
CA THR B 88 34.62 -30.67 21.18
C THR B 88 33.72 -31.28 20.12
N MET B 89 34.32 -32.11 19.27
CA MET B 89 33.59 -32.87 18.26
C MET B 89 33.27 -34.24 18.84
N THR B 90 31.99 -34.56 18.97
CA THR B 90 31.59 -35.89 19.39
C THR B 90 30.99 -36.65 18.22
N GLU B 91 31.78 -37.59 17.69
CA GLU B 91 31.40 -38.49 16.62
C GLU B 91 30.23 -39.36 17.04
N ALA B 92 29.58 -39.98 16.04
CA ALA B 92 28.56 -40.98 16.31
C ALA B 92 29.12 -42.16 17.09
N ASP B 93 30.39 -42.53 16.83
CA ASP B 93 31.16 -43.44 17.69
C ASP B 93 30.97 -43.21 19.19
N GLY B 94 31.11 -41.96 19.62
CA GLY B 94 31.22 -41.63 21.02
C GLY B 94 32.53 -40.99 21.40
N THR B 95 33.59 -41.24 20.62
CA THR B 95 34.88 -40.62 20.81
C THR B 95 34.81 -39.10 20.65
N THR B 96 35.68 -38.42 21.39
CA THR B 96 35.70 -36.97 21.43
C THR B 96 37.13 -36.52 21.18
N HIS B 97 37.27 -35.30 20.70
CA HIS B 97 38.56 -34.65 20.56
C HIS B 97 38.34 -33.16 20.42
N ALA B 98 39.41 -32.40 20.59
CA ALA B 98 39.33 -30.96 20.42
C ALA B 98 39.06 -30.67 18.96
N MET B 99 38.11 -29.78 18.70
CA MET B 99 37.75 -29.40 17.34
C MET B 99 38.49 -28.14 16.94
N PHE B 100 39.12 -28.17 15.81
CA PHE B 100 39.65 -26.92 15.33
C PHE B 100 38.84 -26.47 14.11
N PRO B 101 38.78 -25.14 13.85
CA PRO B 101 37.90 -24.60 12.80
C PRO B 101 38.00 -25.21 11.41
N GLN B 102 39.19 -25.60 10.96
CA GLN B 102 39.33 -26.10 9.59
C GLN B 102 38.53 -27.37 9.37
N GLU B 103 38.53 -28.27 10.36
CA GLU B 103 37.66 -29.44 10.28
C GLU B 103 36.20 -29.03 10.28
N ALA B 104 35.85 -28.03 11.10
CA ALA B 104 34.46 -27.57 11.21
C ALA B 104 33.92 -27.00 9.92
N ARG B 105 34.71 -26.21 9.19
CA ARG B 105 34.29 -25.72 7.87
C ARG B 105 34.06 -26.87 6.89
N LEU B 106 35.02 -27.78 6.79
CA LEU B 106 34.99 -28.84 5.78
C LEU B 106 33.79 -29.75 5.95
N ARG B 107 33.51 -30.20 7.17
CA ARG B 107 32.48 -31.19 7.42
C ARG B 107 31.13 -30.58 7.77
N ASN B 108 30.95 -29.29 7.55
CA ASN B 108 29.70 -28.55 7.83
C ASN B 108 29.24 -28.74 9.26
N LEU B 109 30.16 -28.59 10.19
CA LEU B 109 29.85 -28.65 11.59
C LEU B 109 29.70 -27.26 12.17
N THR B 110 29.25 -27.21 13.40
CA THR B 110 29.13 -25.97 14.15
C THR B 110 30.24 -25.93 15.17
N TYR B 111 30.98 -24.84 15.17
CA TYR B 111 32.08 -24.65 16.09
C TYR B 111 31.50 -24.10 17.38
N SER B 112 31.30 -24.96 18.37
CA SER B 112 30.58 -24.57 19.56
C SER B 112 31.12 -25.30 20.78
N SER B 113 30.97 -24.70 21.92
CA SER B 113 31.42 -25.18 23.22
C SER B 113 30.27 -25.74 24.03
N PRO B 114 30.40 -26.92 24.65
CA PRO B 114 29.37 -27.39 25.57
C PRO B 114 29.37 -26.56 26.85
N VAL B 115 28.17 -26.25 27.33
CA VAL B 115 28.00 -25.48 28.55
C VAL B 115 27.36 -26.34 29.63
N TYR B 116 27.99 -26.37 30.80
CA TYR B 116 27.49 -27.11 31.95
C TYR B 116 27.12 -26.13 33.05
N LEU B 117 26.05 -26.46 33.76
CA LEU B 117 25.47 -25.64 34.81
C LEU B 117 25.21 -26.45 36.05
N ASP B 118 25.75 -25.96 37.18
CA ASP B 118 25.43 -26.54 38.47
C ASP B 118 23.96 -26.31 38.80
N MET B 119 23.32 -27.35 39.29
CA MET B 119 21.94 -27.30 39.72
C MET B 119 21.86 -27.96 41.09
N GLU B 120 21.06 -27.41 41.98
CA GLU B 120 21.00 -27.92 43.34
C GLU B 120 19.56 -28.20 43.69
N LYS B 121 19.33 -29.38 44.24
CA LYS B 121 18.01 -29.81 44.67
C LYS B 121 17.88 -29.58 46.17
N SER B 122 16.68 -29.26 46.61
CA SER B 122 16.39 -29.14 48.03
C SER B 122 14.94 -29.49 48.26
N MET B 123 14.63 -30.01 49.48
CA MET B 123 13.33 -30.64 49.73
C MET B 123 12.73 -30.28 51.08
N PHE B 124 12.14 -29.09 51.14
CA PHE B 124 11.33 -28.69 52.28
C PHE B 124 10.11 -29.61 52.44
N THR B 125 9.83 -29.99 53.69
CA THR B 125 8.74 -30.90 54.03
C THR B 125 8.21 -30.42 55.38
N SER B 126 6.94 -30.02 55.43
CA SER B 126 6.39 -29.46 56.66
C SER B 126 4.95 -29.89 56.90
N ILE B 127 4.71 -30.67 57.97
CA ILE B 127 3.38 -31.17 58.28
C ILE B 127 2.58 -30.07 58.99
N ASP B 128 1.93 -29.21 58.22
CA ASP B 128 1.06 -28.17 58.79
C ASP B 128 0.01 -27.66 57.81
N GLY B 153 21.94 -31.08 42.55
CA GLY B 153 22.45 -32.16 41.72
C GLY B 153 23.95 -32.04 41.47
N ASN B 154 24.33 -32.01 40.19
CA ASN B 154 25.71 -31.75 39.80
C ASN B 154 25.64 -31.26 38.34
N LYS B 155 26.78 -31.01 37.71
CA LYS B 155 27.04 -30.57 36.34
C LYS B 155 26.11 -30.97 35.19
N VAL B 156 24.84 -30.58 35.20
CA VAL B 156 23.93 -30.96 34.11
C VAL B 156 24.20 -30.10 32.88
N HIS B 157 24.29 -30.77 31.72
CA HIS B 157 24.57 -30.19 30.42
C HIS B 157 23.35 -29.50 29.83
N ILE B 158 23.46 -28.21 29.51
CA ILE B 158 22.31 -27.44 29.04
C ILE B 158 22.36 -27.02 27.58
N GLY B 159 23.45 -27.23 26.87
CA GLY B 159 23.47 -26.88 25.47
C GLY B 159 24.85 -26.46 25.01
N LYS B 160 24.94 -26.17 23.71
CA LYS B 160 26.18 -25.72 23.11
C LYS B 160 26.06 -24.28 22.61
N VAL B 161 27.06 -23.46 22.90
CA VAL B 161 27.11 -22.05 22.51
C VAL B 161 28.19 -21.87 21.44
N PRO B 162 27.87 -21.35 20.25
CA PRO B 162 28.89 -21.08 19.22
C PRO B 162 29.95 -20.10 19.69
N ILE B 163 31.21 -20.43 19.41
CA ILE B 163 32.36 -19.66 19.86
C ILE B 163 32.84 -18.75 18.73
N MET B 164 33.05 -17.48 19.04
CA MET B 164 33.65 -16.56 18.09
C MET B 164 35.12 -16.88 17.90
N LEU B 165 35.54 -17.03 16.65
CA LEU B 165 36.92 -17.41 16.36
C LEU B 165 37.86 -16.30 16.84
N ARG B 166 39.01 -16.73 17.37
CA ARG B 166 40.09 -15.92 17.94
C ARG B 166 39.71 -15.26 19.26
N SER B 167 38.52 -15.51 19.79
CA SER B 167 38.20 -15.04 21.13
C SER B 167 38.96 -15.88 22.16
N LYS B 168 38.75 -15.56 23.45
CA LYS B 168 39.47 -16.26 24.50
C LYS B 168 39.08 -17.72 24.66
N PHE B 169 37.94 -18.13 24.13
CA PHE B 169 37.47 -19.50 24.29
C PHE B 169 37.63 -20.33 23.04
N CYS B 170 38.36 -19.84 22.06
CA CYS B 170 38.62 -20.54 20.83
C CYS B 170 39.97 -21.24 20.92
N SER B 171 40.04 -22.45 20.39
CA SER B 171 41.28 -23.23 20.48
C SER B 171 42.42 -22.66 19.65
N LEU B 172 42.20 -21.60 18.87
CA LEU B 172 43.27 -20.98 18.11
C LEU B 172 43.96 -19.86 18.86
N ARG B 173 43.36 -19.37 19.95
CA ARG B 173 43.91 -18.22 20.68
C ARG B 173 45.31 -18.48 21.21
N THR B 174 45.66 -19.74 21.43
CA THR B 174 46.97 -20.13 21.90
C THR B 174 47.79 -20.54 20.69
N LEU B 175 48.25 -21.79 20.66
CA LEU B 175 48.93 -22.41 19.52
C LEU B 175 50.27 -21.77 19.16
N ASP B 176 50.27 -20.46 18.82
CA ASP B 176 51.43 -19.65 18.45
C ASP B 176 51.87 -19.99 17.03
N GLU B 177 52.19 -18.94 16.26
CA GLU B 177 52.40 -18.83 14.82
C GLU B 177 52.89 -20.08 14.07
N VAL B 178 53.77 -20.84 14.72
CA VAL B 178 54.33 -22.06 14.13
C VAL B 178 53.23 -23.09 13.87
N ASP B 179 52.44 -23.38 14.89
CA ASP B 179 51.39 -24.39 14.88
C ASP B 179 50.09 -23.93 14.23
N LEU B 180 49.87 -22.62 14.09
CA LEU B 180 48.76 -22.12 13.28
C LEU B 180 48.81 -22.65 11.85
N TYR B 181 49.98 -22.63 11.23
CA TYR B 181 50.13 -23.18 9.89
C TYR B 181 49.77 -24.67 9.85
N LYS B 182 50.03 -25.43 10.91
CA LYS B 182 49.67 -26.84 10.86
C LYS B 182 48.16 -27.03 10.96
N MET B 183 47.45 -26.17 11.67
CA MET B 183 46.00 -26.24 11.71
C MET B 183 45.31 -25.64 10.49
N LYS B 184 46.05 -25.34 9.42
CA LYS B 184 45.55 -24.81 8.15
C LYS B 184 44.86 -23.46 8.30
N GLU B 185 45.26 -22.67 9.29
CA GLU B 185 44.63 -21.39 9.58
C GLU B 185 45.51 -20.26 9.09
N CYS B 186 44.91 -19.24 8.57
CA CYS B 186 45.77 -18.21 8.02
C CYS B 186 46.02 -17.14 9.06
N PRO B 187 47.27 -16.71 9.26
CA PRO B 187 47.56 -15.72 10.29
C PRO B 187 46.97 -14.35 10.00
N TYR B 188 46.59 -14.06 8.77
CA TYR B 188 45.89 -12.82 8.44
C TYR B 188 44.41 -12.84 8.79
N ASP B 189 43.85 -14.01 9.07
CA ASP B 189 42.46 -14.13 9.47
C ASP B 189 42.30 -13.69 10.91
N MET B 190 41.60 -12.59 11.12
CA MET B 190 41.49 -11.97 12.44
C MET B 190 40.24 -12.39 13.21
N GLY B 191 39.47 -13.34 12.71
CA GLY B 191 38.33 -13.79 13.49
C GLY B 191 37.19 -12.79 13.52
N GLY B 192 36.45 -12.81 14.63
CA GLY B 192 35.26 -12.00 14.77
C GLY B 192 34.01 -12.57 14.16
N TYR B 193 33.98 -13.85 13.82
CA TYR B 193 32.81 -14.43 13.20
C TYR B 193 32.58 -15.84 13.74
N PHE B 194 31.43 -16.40 13.41
CA PHE B 194 31.04 -17.72 13.91
C PHE B 194 31.01 -18.68 12.74
N VAL B 195 31.01 -19.97 13.03
CA VAL B 195 30.86 -20.99 12.01
C VAL B 195 29.61 -21.81 12.33
N ILE B 196 28.60 -21.73 11.47
CA ILE B 196 27.33 -22.42 11.68
C ILE B 196 27.02 -23.24 10.44
N ASN B 197 26.97 -24.57 10.61
CA ASN B 197 26.85 -25.56 9.53
C ASN B 197 27.83 -25.31 8.41
N GLY B 198 29.07 -25.02 8.77
CA GLY B 198 30.12 -24.81 7.81
C GLY B 198 30.17 -23.42 7.22
N SER B 199 29.16 -22.59 7.47
CA SER B 199 29.05 -21.29 6.84
C SER B 199 29.47 -20.24 7.84
N GLU B 200 30.27 -19.29 7.39
CA GLU B 200 30.75 -18.25 8.29
C GLU B 200 29.74 -17.12 8.45
N LYS B 201 29.27 -16.92 9.67
CA LYS B 201 28.24 -15.93 9.97
C LYS B 201 28.82 -14.86 10.88
N VAL B 202 28.61 -13.60 10.52
CA VAL B 202 29.04 -12.43 11.28
C VAL B 202 27.83 -11.69 11.82
N LEU B 203 27.91 -11.20 13.05
CA LEU B 203 26.82 -10.41 13.60
C LEU B 203 26.98 -8.95 13.23
N ILE B 204 25.90 -8.35 12.75
CA ILE B 204 25.88 -6.94 12.33
C ILE B 204 25.40 -6.10 13.49
N ALA B 205 26.19 -5.10 13.86
CA ALA B 205 25.82 -4.17 14.93
C ALA B 205 24.46 -3.52 14.65
N GLN B 206 23.59 -3.53 15.65
CA GLN B 206 22.23 -3.03 15.55
C GLN B 206 22.12 -1.70 16.26
N GLU B 207 21.72 -0.67 15.54
CA GLU B 207 21.61 0.68 16.09
C GLU B 207 20.24 0.84 16.76
N ARG B 208 20.22 1.35 17.99
CA ARG B 208 18.97 1.62 18.65
C ARG B 208 19.07 2.94 19.39
N SER B 209 17.91 3.45 19.82
CA SER B 209 17.88 4.65 20.64
C SER B 209 18.31 4.31 22.06
N ALA B 210 18.96 5.28 22.70
CA ALA B 210 19.37 5.13 24.09
C ALA B 210 18.18 4.95 25.01
N ALA B 211 18.38 4.19 26.07
CA ALA B 211 17.38 4.06 27.12
C ALA B 211 17.66 5.07 28.21
N ASN B 212 16.63 5.32 29.02
CA ASN B 212 16.70 6.13 30.23
C ASN B 212 17.06 7.58 29.95
N ILE B 213 16.62 8.10 28.81
CA ILE B 213 16.79 9.51 28.46
C ILE B 213 15.45 10.09 28.01
N VAL B 214 15.23 11.34 28.35
CA VAL B 214 14.01 12.06 28.02
C VAL B 214 14.20 12.73 26.67
N GLN B 215 13.27 12.49 25.75
CA GLN B 215 13.29 13.18 24.47
C GLN B 215 11.97 13.89 24.26
N VAL B 216 12.03 15.12 23.76
CA VAL B 216 10.84 15.92 23.50
C VAL B 216 10.68 16.16 22.01
N PHE B 217 9.51 15.82 21.47
CA PHE B 217 9.23 16.06 20.07
C PHE B 217 7.94 16.85 19.91
N LYS B 218 7.83 17.55 18.80
CA LYS B 218 6.62 18.27 18.46
C LYS B 218 5.72 17.40 17.58
N LYS B 219 4.41 17.65 17.67
CA LYS B 219 3.40 16.89 16.96
C LYS B 219 2.79 17.70 15.82
N ALA B 220 2.25 16.99 14.84
CA ALA B 220 1.72 17.54 13.61
C ALA B 220 0.43 18.30 13.90
N ALA B 221 0.02 19.15 12.95
CA ALA B 221 -1.12 20.05 13.13
C ALA B 221 -2.45 19.35 13.43
N PRO B 222 -2.93 18.31 12.68
CA PRO B 222 -4.28 17.80 12.99
C PRO B 222 -4.40 16.94 14.25
N SER B 223 -3.64 17.26 15.30
CA SER B 223 -3.61 16.51 16.55
C SER B 223 -3.87 17.44 17.73
N PRO B 224 -4.64 17.00 18.71
CA PRO B 224 -4.82 17.82 19.93
C PRO B 224 -3.56 17.96 20.76
N ILE B 225 -2.58 17.09 20.55
CA ILE B 225 -1.28 17.15 21.21
C ILE B 225 -0.31 17.98 20.40
N SER B 226 0.50 18.78 21.09
CA SER B 226 1.48 19.64 20.45
C SER B 226 2.92 19.26 20.80
N HIS B 227 3.16 18.76 22.00
CA HIS B 227 4.47 18.34 22.45
C HIS B 227 4.31 17.04 23.23
N VAL B 228 5.29 16.15 23.09
CA VAL B 228 5.28 14.86 23.77
C VAL B 228 6.67 14.63 24.35
N ALA B 229 6.72 14.13 25.58
CA ALA B 229 7.96 13.67 26.16
C ALA B 229 7.89 12.15 26.21
N GLU B 230 8.99 11.49 25.90
CA GLU B 230 8.96 10.04 25.79
C GLU B 230 10.20 9.47 26.45
N ILE B 231 10.06 8.28 27.04
CA ILE B 231 11.22 7.57 27.56
C ILE B 231 10.97 6.07 27.56
N ARG B 232 11.97 5.30 27.12
CA ARG B 232 11.91 3.85 27.25
C ARG B 232 12.85 3.47 28.39
N SER B 233 12.29 2.84 29.41
CA SER B 233 13.04 2.52 30.63
C SER B 233 13.60 1.11 30.52
N ALA B 234 14.86 0.97 30.86
CA ALA B 234 15.55 -0.30 30.76
C ALA B 234 16.53 -0.40 31.92
N LEU B 235 16.65 -1.59 32.49
CA LEU B 235 17.42 -1.76 33.71
C LEU B 235 18.92 -1.68 33.39
N GLU B 236 19.72 -1.56 34.43
CA GLU B 236 21.15 -1.54 34.19
C GLU B 236 21.70 -2.96 34.12
N LYS B 237 21.33 -3.80 35.08
CA LYS B 237 21.70 -5.22 35.02
C LYS B 237 20.97 -5.90 33.88
N GLY B 238 21.64 -6.83 33.20
CA GLY B 238 21.22 -7.32 31.89
C GLY B 238 21.18 -6.37 30.71
N SER B 239 20.49 -5.24 30.90
CA SER B 239 20.37 -3.99 30.11
C SER B 239 19.07 -3.99 29.32
N ARG B 240 18.10 -4.81 29.72
CA ARG B 240 17.09 -5.33 28.82
C ARG B 240 15.92 -4.36 28.87
N LEU B 241 15.13 -4.29 27.80
CA LEU B 241 13.94 -3.45 27.84
C LEU B 241 12.90 -3.93 28.85
N ILE B 242 12.16 -2.97 29.39
CA ILE B 242 11.10 -3.23 30.34
C ILE B 242 9.79 -2.64 29.87
N SER B 243 9.74 -1.33 29.71
CA SER B 243 8.51 -0.63 29.41
C SER B 243 8.82 0.72 28.80
N THR B 244 7.75 1.40 28.39
CA THR B 244 7.85 2.66 27.69
C THR B 244 6.77 3.58 28.24
N MET B 245 7.05 4.87 28.32
CA MET B 245 6.18 5.78 29.04
C MET B 245 6.18 7.09 28.27
N GLN B 246 5.05 7.78 28.30
CA GLN B 246 4.90 9.02 27.56
C GLN B 246 4.19 10.04 28.42
N ILE B 247 4.47 11.32 28.16
CA ILE B 247 3.75 12.43 28.76
C ILE B 247 3.34 13.39 27.66
N LYS B 248 2.05 13.48 27.40
CA LYS B 248 1.53 14.25 26.28
C LYS B 248 0.93 15.54 26.80
N LEU B 249 1.22 16.65 26.11
CA LEU B 249 0.61 17.94 26.38
C LEU B 249 -0.50 18.16 25.36
N TYR B 250 -1.73 18.19 25.82
CA TYR B 250 -2.85 18.37 24.92
C TYR B 250 -3.01 19.85 24.57
N GLY B 251 -4.05 20.16 23.82
CA GLY B 251 -4.34 21.53 23.46
C GLY B 251 -3.48 22.09 22.34
N ARG B 252 -4.14 22.43 21.24
CA ARG B 252 -3.53 23.05 20.06
C ARG B 252 -3.34 24.55 20.37
N GLU B 253 -3.03 25.34 19.35
CA GLU B 253 -2.90 26.79 19.44
C GLU B 253 -4.28 27.43 19.40
N ASP B 254 -4.73 27.93 20.57
CA ASP B 254 -6.07 28.53 20.78
C ASP B 254 -7.20 27.54 20.51
N LYS B 255 -6.91 26.25 20.67
CA LYS B 255 -7.88 25.18 20.49
C LYS B 255 -7.47 24.08 21.44
N GLY B 256 -8.45 23.44 22.08
CA GLY B 256 -8.12 22.48 23.10
C GLY B 256 -8.48 22.94 24.49
N THR B 257 -9.07 24.14 24.58
CA THR B 257 -9.64 24.81 25.77
C THR B 257 -8.69 24.66 26.96
N GLY B 258 -9.09 24.02 28.05
CA GLY B 258 -8.17 23.61 29.09
C GLY B 258 -6.95 22.85 28.62
N ARG B 259 -5.76 23.37 28.87
CA ARG B 259 -4.53 22.91 28.23
C ARG B 259 -3.76 21.97 29.15
N THR B 260 -4.39 20.88 29.56
CA THR B 260 -3.88 20.21 30.73
C THR B 260 -2.87 19.18 30.23
N ILE B 261 -2.33 18.38 31.14
CA ILE B 261 -1.31 17.41 30.77
C ILE B 261 -1.69 16.06 31.36
N LYS B 262 -1.75 15.04 30.53
CA LYS B 262 -2.00 13.69 31.03
C LYS B 262 -0.81 12.82 30.65
N ALA B 263 -0.59 11.76 31.42
CA ALA B 263 0.47 10.81 31.16
C ALA B 263 -0.07 9.48 30.69
N THR B 264 0.83 8.63 30.22
CA THR B 264 0.51 7.27 29.80
C THR B 264 1.33 6.32 30.65
N LEU B 265 0.68 5.33 31.24
CA LEU B 265 1.38 4.39 32.09
C LEU B 265 1.30 3.00 31.48
N PRO B 266 2.34 2.18 31.63
CA PRO B 266 2.28 0.80 31.13
C PRO B 266 1.13 0.02 31.76
N TYR B 267 0.42 -0.72 30.92
CA TYR B 267 -0.69 -1.59 31.30
C TYR B 267 -1.87 -0.82 31.89
N VAL B 268 -2.12 0.41 31.44
CA VAL B 268 -3.31 1.17 31.81
C VAL B 268 -3.92 1.70 30.51
N LYS B 269 -5.23 1.51 30.37
CA LYS B 269 -5.87 1.73 29.07
C LYS B 269 -6.03 3.19 28.70
N GLN B 270 -5.97 4.12 29.65
CA GLN B 270 -6.35 5.49 29.38
C GLN B 270 -5.31 6.45 29.97
N ASP B 271 -5.25 7.65 29.39
CA ASP B 271 -4.34 8.68 29.86
C ASP B 271 -4.82 9.32 31.17
N ILE B 272 -3.91 9.44 32.11
CA ILE B 272 -4.20 9.90 33.47
C ILE B 272 -3.53 11.25 33.71
N PRO B 273 -4.26 12.28 34.17
CA PRO B 273 -3.66 13.60 34.44
C PRO B 273 -2.51 13.54 35.45
N ILE B 274 -1.56 14.46 35.25
CA ILE B 274 -0.28 14.43 35.97
C ILE B 274 -0.48 14.56 37.48
N VAL B 275 -1.31 15.53 37.89
CA VAL B 275 -1.53 15.82 39.31
C VAL B 275 -1.98 14.56 40.05
N ILE B 276 -2.82 13.75 39.40
CA ILE B 276 -3.35 12.53 40.00
C ILE B 276 -2.22 11.55 40.33
N VAL B 277 -1.24 11.42 39.43
CA VAL B 277 -0.16 10.46 39.70
C VAL B 277 0.79 11.01 40.77
N PHE B 278 0.96 12.34 40.84
CA PHE B 278 1.72 12.94 41.93
C PHE B 278 1.08 12.63 43.27
N ARG B 279 -0.24 12.78 43.36
CA ARG B 279 -0.95 12.49 44.60
C ARG B 279 -0.88 11.00 44.92
N ALA B 280 -1.04 10.16 43.91
CA ALA B 280 -0.94 8.71 44.04
C ALA B 280 0.41 8.20 44.50
N LEU B 281 1.45 9.02 44.53
CA LEU B 281 2.74 8.57 45.02
C LEU B 281 3.01 8.98 46.46
N GLY B 282 2.16 9.82 47.03
CA GLY B 282 2.31 10.20 48.43
C GLY B 282 2.56 11.67 48.69
N VAL B 283 2.49 12.50 47.65
CA VAL B 283 2.64 13.93 47.80
C VAL B 283 1.39 14.61 47.26
N VAL B 284 0.54 15.09 48.15
CA VAL B 284 -0.82 15.49 47.79
C VAL B 284 -1.09 17.00 47.75
N PRO B 285 -0.70 17.87 48.72
CA PRO B 285 -1.05 19.29 48.57
C PRO B 285 -0.32 19.94 47.39
N ASP B 286 -1.10 20.68 46.58
CA ASP B 286 -0.68 21.54 45.46
C ASP B 286 0.68 22.20 45.65
N GLY B 287 0.88 22.85 46.80
CA GLY B 287 2.06 23.67 47.01
C GLY B 287 3.35 22.87 46.99
N GLU B 288 3.27 21.60 47.41
CA GLU B 288 4.43 20.73 47.35
C GLU B 288 4.64 20.24 45.92
N ILE B 289 3.54 19.90 45.24
CA ILE B 289 3.59 19.47 43.84
C ILE B 289 4.29 20.50 42.96
N LEU B 290 3.86 21.76 43.03
CA LEU B 290 4.52 22.78 42.22
C LEU B 290 5.94 23.03 42.69
N GLN B 291 6.25 22.75 43.95
CA GLN B 291 7.62 22.88 44.43
C GLN B 291 8.52 21.79 43.87
N HIS B 292 7.95 20.67 43.45
CA HIS B 292 8.71 19.61 42.80
C HIS B 292 8.94 19.83 41.32
N ILE B 293 8.10 20.62 40.65
CA ILE B 293 8.27 20.78 39.21
C ILE B 293 9.04 22.05 38.84
N CYS B 294 8.41 23.20 39.00
CA CYS B 294 9.00 24.47 38.62
C CYS B 294 9.92 25.00 39.70
N TYR B 295 11.16 25.30 39.34
CA TYR B 295 12.12 25.87 40.27
C TYR B 295 12.29 27.38 40.08
N ASP B 296 11.23 28.06 39.67
CA ASP B 296 11.30 29.51 39.46
C ASP B 296 9.88 30.01 39.69
N GLU B 297 9.64 30.50 40.91
CA GLU B 297 8.36 31.08 41.33
C GLU B 297 7.94 32.32 40.55
N ASN B 298 8.86 32.99 39.86
CA ASN B 298 8.52 34.17 39.07
C ASN B 298 7.93 33.81 37.71
N ASP B 299 8.35 32.70 37.13
CA ASP B 299 7.93 32.23 35.81
C ASP B 299 6.41 32.03 35.76
N TRP B 300 5.68 33.10 35.51
CA TRP B 300 4.22 33.03 35.51
C TRP B 300 3.66 32.39 34.26
N GLN B 301 4.40 32.44 33.14
CA GLN B 301 3.99 31.77 31.91
C GLN B 301 3.92 30.26 32.13
N MET B 302 4.96 29.69 32.73
CA MET B 302 4.96 28.27 33.03
C MET B 302 3.88 27.93 34.06
N LEU B 303 3.73 28.78 35.07
CA LEU B 303 2.73 28.55 36.11
C LEU B 303 1.31 28.65 35.56
N GLU B 304 1.08 29.55 34.60
CA GLU B 304 -0.23 29.63 33.95
C GLU B 304 -0.53 28.39 33.13
N MET B 305 0.49 27.72 32.60
CA MET B 305 0.17 26.53 31.83
C MET B 305 -0.10 25.34 32.73
N LEU B 306 0.35 25.37 33.98
CA LEU B 306 0.02 24.26 34.87
C LEU B 306 -1.30 24.48 35.59
N LYS B 307 -1.88 25.70 35.50
CA LYS B 307 -3.15 26.09 36.13
C LYS B 307 -4.27 25.09 35.78
N PRO B 308 -4.60 24.81 34.50
CA PRO B 308 -5.72 23.90 34.23
C PRO B 308 -5.50 22.48 34.75
N CYS B 309 -4.24 22.06 34.92
CA CYS B 309 -3.95 20.72 35.41
C CYS B 309 -4.34 20.57 36.87
N ILE B 310 -4.20 21.64 37.65
CA ILE B 310 -4.59 21.60 39.05
C ILE B 310 -6.10 21.46 39.17
N GLU B 311 -6.83 22.30 38.44
CA GLU B 311 -8.29 22.31 38.55
C GLU B 311 -8.93 21.06 37.96
N GLU B 312 -8.34 20.45 36.93
CA GLU B 312 -8.93 19.22 36.44
C GLU B 312 -8.60 18.01 37.32
N GLY B 313 -7.75 18.18 38.33
CA GLY B 313 -7.49 17.08 39.22
C GLY B 313 -7.64 17.54 40.65
N PHE B 314 -8.57 18.46 40.87
CA PHE B 314 -8.73 19.04 42.20
C PHE B 314 -9.54 18.11 43.09
N VAL B 315 -10.60 17.52 42.55
CA VAL B 315 -11.56 16.72 43.32
C VAL B 315 -10.94 15.44 43.86
N ILE B 316 -9.78 15.04 43.36
CA ILE B 316 -9.07 13.87 43.86
C ILE B 316 -8.16 14.48 44.92
N GLN B 317 -8.59 14.42 46.18
CA GLN B 317 -7.94 15.18 47.24
C GLN B 317 -7.15 14.34 48.24
N ASP B 318 -6.94 13.05 47.98
CA ASP B 318 -6.13 12.24 48.87
C ASP B 318 -5.61 11.01 48.14
N LYS B 319 -4.69 10.32 48.81
CA LYS B 319 -3.92 9.23 48.22
C LYS B 319 -4.82 8.06 47.80
N GLU B 320 -5.75 7.68 48.68
CA GLU B 320 -6.53 6.47 48.49
C GLU B 320 -7.42 6.53 47.26
N VAL B 321 -8.20 7.60 47.12
CA VAL B 321 -9.05 7.76 45.93
C VAL B 321 -8.22 7.98 44.67
N ALA B 322 -6.98 8.46 44.80
CA ALA B 322 -6.11 8.57 43.64
C ALA B 322 -5.67 7.21 43.14
N LEU B 323 -5.09 6.40 44.03
CA LEU B 323 -4.68 5.05 43.68
C LEU B 323 -5.83 4.21 43.13
N ASP B 324 -7.05 4.43 43.62
CA ASP B 324 -8.17 3.66 43.11
C ASP B 324 -8.58 4.13 41.72
N PHE B 325 -8.49 5.44 41.46
CA PHE B 325 -8.76 5.98 40.13
C PHE B 325 -7.86 5.33 39.09
N ILE B 326 -6.62 5.03 39.46
CA ILE B 326 -5.68 4.38 38.55
C ILE B 326 -6.11 2.94 38.31
N GLY B 327 -6.26 2.16 39.39
CA GLY B 327 -6.56 0.72 39.27
C GLY B 327 -7.81 0.40 38.45
N ARG B 328 -8.75 1.34 38.37
CA ARG B 328 -9.99 1.17 37.63
C ARG B 328 -9.80 1.24 36.12
N ARG B 329 -8.58 1.53 35.65
CA ARG B 329 -8.21 1.53 34.25
C ARG B 329 -7.16 0.53 33.85
N GLY B 330 -6.40 -0.03 34.78
CA GLY B 330 -5.26 -0.81 34.36
C GLY B 330 -5.30 -2.22 33.80
N SER B 331 -6.10 -2.43 32.75
CA SER B 331 -6.22 -3.69 32.01
C SER B 331 -6.54 -4.94 32.81
N ALA B 332 -6.95 -4.80 34.06
CA ALA B 332 -7.20 -5.99 34.86
C ALA B 332 -8.58 -6.59 34.60
N ALA B 333 -9.04 -7.35 35.56
CA ALA B 333 -10.33 -8.02 35.56
C ALA B 333 -11.34 -7.07 36.18
N LEU B 334 -12.61 -7.42 36.07
CA LEU B 334 -13.68 -6.60 36.57
C LEU B 334 -14.10 -7.15 37.93
N GLY B 335 -13.93 -6.32 38.96
CA GLY B 335 -14.31 -6.77 40.29
C GLY B 335 -13.19 -7.24 41.17
N ILE B 336 -12.27 -6.32 41.47
CA ILE B 336 -11.18 -6.69 42.38
C ILE B 336 -11.30 -5.88 43.68
N ARG B 337 -12.42 -5.16 43.83
CA ARG B 337 -12.73 -4.18 44.89
C ARG B 337 -11.62 -3.25 45.40
N ARG B 338 -12.05 -2.07 45.90
CA ARG B 338 -11.18 -1.02 46.42
C ARG B 338 -10.16 -1.53 47.45
N GLU B 339 -10.54 -2.50 48.27
CA GLU B 339 -9.67 -3.06 49.31
C GLU B 339 -8.40 -3.69 48.72
N LYS B 340 -8.43 -4.07 47.44
CA LYS B 340 -7.31 -4.70 46.72
C LYS B 340 -6.90 -4.00 45.43
N ARG B 341 -7.85 -3.39 44.71
CA ARG B 341 -7.55 -2.63 43.49
C ARG B 341 -6.54 -1.51 43.71
N ILE B 342 -6.48 -0.94 44.91
CA ILE B 342 -5.33 -0.14 45.32
C ILE B 342 -4.03 -0.95 45.31
N GLN B 343 -4.01 -2.09 46.02
CA GLN B 343 -2.81 -2.92 46.11
C GLN B 343 -2.35 -3.52 44.77
N TYR B 344 -3.21 -3.55 43.75
CA TYR B 344 -2.75 -3.93 42.43
C TYR B 344 -2.09 -2.76 41.70
N ALA B 345 -2.68 -1.57 41.82
CA ALA B 345 -2.10 -0.36 41.25
C ALA B 345 -0.79 0.06 41.92
N LYS B 346 -0.63 -0.18 43.22
CA LYS B 346 0.67 0.08 43.88
C LYS B 346 1.81 -0.74 43.28
N ASP B 347 1.52 -1.86 42.63
CA ASP B 347 2.58 -2.60 41.96
C ASP B 347 2.90 -1.92 40.63
N ILE B 348 1.86 -1.48 39.91
CA ILE B 348 2.05 -0.77 38.64
C ILE B 348 2.77 0.56 38.86
N LEU B 349 2.74 1.10 40.07
CA LEU B 349 3.51 2.32 40.33
C LEU B 349 4.92 2.02 40.83
N GLN B 350 5.06 1.03 41.71
CA GLN B 350 6.37 0.68 42.26
C GLN B 350 7.27 0.08 41.19
N LYS B 351 6.77 -0.92 40.49
CA LYS B 351 7.45 -1.46 39.33
C LYS B 351 6.69 -1.06 38.08
N GLU B 352 7.39 -1.19 36.96
CA GLU B 352 7.01 -0.92 35.57
C GLU B 352 7.05 0.57 35.28
N LEU B 353 6.68 1.43 36.23
CA LEU B 353 6.78 2.86 36.06
C LEU B 353 8.17 3.30 36.51
N LEU B 354 8.95 3.80 35.56
CA LEU B 354 10.35 4.19 35.76
C LEU B 354 11.24 3.17 36.50
N PRO B 355 11.26 1.89 36.09
CA PRO B 355 12.00 0.89 36.87
C PRO B 355 13.51 1.08 36.94
N HIS B 356 14.09 1.92 36.08
CA HIS B 356 15.52 2.17 36.14
C HIS B 356 15.96 2.98 37.36
N ILE B 357 15.07 3.71 38.02
CA ILE B 357 15.48 4.46 39.20
C ILE B 357 15.67 3.53 40.40
N THR B 358 14.63 2.79 40.79
CA THR B 358 14.71 1.77 41.83
C THR B 358 13.43 0.94 41.79
N GLN B 359 13.51 -0.26 42.37
CA GLN B 359 12.34 -1.11 42.55
C GLN B 359 12.12 -1.59 43.98
N GLU B 360 12.95 -1.20 44.94
CA GLU B 360 12.68 -1.52 46.33
C GLU B 360 11.65 -0.54 46.91
N GLU B 361 11.03 -0.98 48.01
CA GLU B 361 9.98 -0.19 48.64
C GLU B 361 10.56 0.98 49.42
N GLY B 362 9.68 1.93 49.76
CA GLY B 362 10.01 3.06 50.60
C GLY B 362 11.00 4.00 49.98
N PHE B 363 11.09 4.04 48.65
CA PHE B 363 11.94 4.97 47.94
C PHE B 363 11.18 5.85 46.93
N GLU B 364 9.89 6.08 47.16
CA GLU B 364 9.04 6.87 46.27
C GLU B 364 9.43 8.34 46.15
N THR B 365 10.33 8.84 47.00
CA THR B 365 10.82 10.21 46.86
C THR B 365 11.60 10.41 45.56
N ARG B 366 12.32 9.39 45.09
CA ARG B 366 13.07 9.54 43.84
C ARG B 366 12.14 9.62 42.63
N LYS B 367 11.07 8.83 42.60
CA LYS B 367 10.19 8.90 41.44
C LYS B 367 9.42 10.21 41.40
N THR B 368 9.00 10.72 42.56
CA THR B 368 8.26 11.96 42.57
C THR B 368 9.12 13.12 42.10
N PHE B 369 10.37 13.17 42.56
CA PHE B 369 11.30 14.20 42.10
C PHE B 369 11.60 14.10 40.62
N PHE B 370 11.75 12.87 40.12
CA PHE B 370 12.03 12.69 38.70
C PHE B 370 10.85 13.10 37.83
N LEU B 371 9.64 12.73 38.23
CA LEU B 371 8.42 13.12 37.53
C LEU B 371 8.32 14.62 37.37
N GLY B 372 8.69 15.38 38.41
CA GLY B 372 8.67 16.83 38.31
C GLY B 372 9.65 17.34 37.27
N TYR B 373 10.83 16.72 37.19
CA TYR B 373 11.82 17.07 36.16
C TYR B 373 11.26 16.93 34.76
N MET B 374 10.57 15.81 34.49
CA MET B 374 9.98 15.58 33.18
C MET B 374 9.01 16.68 32.77
N VAL B 375 8.08 17.01 33.67
CA VAL B 375 7.10 18.06 33.39
C VAL B 375 7.80 19.39 33.15
N ASN B 376 8.87 19.67 33.90
CA ASN B 376 9.66 20.87 33.70
C ASN B 376 10.25 20.91 32.30
N ARG B 377 10.85 19.80 31.86
CA ARG B 377 11.42 19.72 30.52
C ARG B 377 10.35 19.85 29.43
N LEU B 378 9.19 19.23 29.66
CA LEU B 378 8.06 19.34 28.72
C LEU B 378 7.65 20.78 28.49
N LEU B 379 7.58 21.58 29.55
CA LEU B 379 7.08 22.94 29.40
C LEU B 379 8.12 23.87 28.79
N LEU B 380 9.42 23.65 29.07
CA LEU B 380 10.47 24.43 28.42
C LEU B 380 10.39 24.36 26.90
N CYS B 381 10.05 23.19 26.37
CA CYS B 381 9.93 23.11 24.92
C CYS B 381 8.66 23.77 24.45
N ALA B 382 7.56 23.57 25.19
CA ALA B 382 6.31 24.23 24.84
C ALA B 382 6.38 25.75 25.00
N LEU B 383 7.23 26.24 25.90
CA LEU B 383 7.42 27.69 26.03
C LEU B 383 8.44 28.26 25.05
N GLU B 384 8.93 27.45 24.11
CA GLU B 384 9.92 27.86 23.10
C GLU B 384 11.20 28.43 23.72
N ARG B 385 11.59 27.94 24.89
CA ARG B 385 12.86 28.29 25.51
C ARG B 385 13.96 27.29 25.18
N LYS B 386 13.61 26.18 24.56
CA LYS B 386 14.54 25.12 24.22
C LYS B 386 13.99 24.42 22.99
N ASP B 387 14.87 24.15 22.05
CA ASP B 387 14.50 23.42 20.84
C ASP B 387 14.06 22.01 21.19
N GLN B 388 13.26 21.43 20.32
CA GLN B 388 12.97 20.02 20.47
C GLN B 388 14.24 19.23 20.19
N ASP B 389 14.31 18.05 20.79
CA ASP B 389 15.51 17.23 20.65
C ASP B 389 15.69 16.74 19.22
N ASP B 390 16.94 16.53 18.85
CA ASP B 390 17.31 16.09 17.52
C ASP B 390 17.50 14.59 17.65
N ARG B 391 16.57 13.83 17.05
CA ARG B 391 16.56 12.36 17.12
C ARG B 391 17.82 11.73 16.53
N ASP B 392 18.56 12.45 15.70
CA ASP B 392 19.72 11.91 15.01
C ASP B 392 21.04 12.24 15.69
N HIS B 393 21.03 13.08 16.72
CA HIS B 393 22.20 13.33 17.54
C HIS B 393 22.78 12.00 18.00
N PHE B 394 24.03 11.75 17.64
CA PHE B 394 24.66 10.46 17.86
C PHE B 394 24.90 10.14 19.33
N GLY B 395 24.98 11.15 20.19
CA GLY B 395 25.10 10.90 21.62
C GLY B 395 23.88 10.27 22.23
N LYS B 396 22.74 10.37 21.57
CA LYS B 396 21.52 9.70 21.99
C LYS B 396 21.36 8.33 21.35
N LYS B 397 22.44 7.71 20.90
CA LYS B 397 22.36 6.44 20.18
C LYS B 397 23.30 5.43 20.78
N ARG B 398 23.00 4.15 20.56
CA ARG B 398 23.78 3.03 21.06
C ARG B 398 23.92 1.98 19.97
N LEU B 399 25.01 1.23 20.02
CA LEU B 399 25.25 0.14 19.11
C LEU B 399 25.26 -1.18 19.87
N ASP B 400 24.35 -2.07 19.51
CA ASP B 400 24.32 -3.40 20.10
C ASP B 400 25.24 -4.31 19.30
N LEU B 401 26.29 -4.81 19.93
CA LEU B 401 27.21 -5.72 19.25
C LEU B 401 26.96 -7.14 19.73
N ALA B 402 27.94 -8.03 19.49
CA ALA B 402 27.78 -9.48 19.67
C ALA B 402 27.33 -9.82 21.10
N GLY B 403 27.97 -9.21 22.08
CA GLY B 403 27.67 -9.42 23.48
C GLY B 403 26.23 -9.16 23.87
N PRO B 404 25.79 -7.89 23.86
CA PRO B 404 24.39 -7.57 24.17
C PRO B 404 23.34 -8.31 23.34
N LEU B 405 23.60 -8.52 22.05
CA LEU B 405 22.64 -9.24 21.20
C LEU B 405 22.48 -10.70 21.63
N LEU B 406 23.58 -11.37 21.97
CA LEU B 406 23.45 -12.75 22.42
C LEU B 406 22.74 -12.84 23.76
N ALA B 407 22.98 -11.89 24.67
CA ALA B 407 22.36 -11.96 25.99
C ALA B 407 20.84 -11.87 25.87
N ASN B 408 20.34 -11.00 24.99
CA ASN B 408 18.89 -10.87 24.81
C ASN B 408 18.30 -12.15 24.24
N LEU B 409 19.00 -12.79 23.31
CA LEU B 409 18.52 -14.05 22.76
C LEU B 409 18.64 -15.18 23.75
N PHE B 410 19.74 -15.23 24.50
CA PHE B 410 19.92 -16.29 25.48
C PHE B 410 18.89 -16.20 26.59
N ARG B 411 18.53 -14.97 26.99
CA ARG B 411 17.50 -14.76 27.99
C ARG B 411 16.17 -15.37 27.58
N ILE B 412 15.74 -15.14 26.33
CA ILE B 412 14.46 -15.67 25.86
C ILE B 412 14.48 -17.20 25.86
N LEU B 413 15.60 -17.79 25.44
CA LEU B 413 15.66 -19.24 25.32
C LEU B 413 15.80 -19.92 26.66
N PHE B 414 16.48 -19.28 27.60
CA PHE B 414 16.62 -19.88 28.91
C PHE B 414 15.30 -19.94 29.67
N ARG B 415 14.42 -18.95 29.49
CA ARG B 415 13.07 -19.09 30.05
C ARG B 415 12.30 -20.23 29.41
N LYS B 416 12.44 -20.40 28.09
CA LYS B 416 11.79 -21.52 27.41
C LYS B 416 12.27 -22.85 27.96
N LEU B 417 13.57 -22.99 28.19
CA LEU B 417 14.08 -24.19 28.86
C LEU B 417 13.52 -24.33 30.26
N THR B 418 13.41 -23.22 30.99
CA THR B 418 12.87 -23.24 32.35
C THR B 418 11.45 -23.77 32.41
N ARG B 419 10.53 -23.24 31.58
CA ARG B 419 9.15 -23.74 31.57
C ARG B 419 9.05 -25.21 31.19
N GLU B 420 9.97 -25.71 30.35
CA GLU B 420 9.91 -27.12 30.02
C GLU B 420 10.36 -27.97 31.21
N ILE B 421 11.21 -27.43 32.07
CA ILE B 421 11.58 -28.14 33.27
C ILE B 421 10.40 -28.15 34.24
N TYR B 422 9.77 -26.99 34.43
CA TYR B 422 8.60 -26.86 35.31
C TYR B 422 7.44 -27.74 34.88
N ARG B 423 7.08 -27.72 33.59
CA ARG B 423 6.02 -28.61 33.10
C ARG B 423 6.38 -30.08 33.23
N TYR B 424 7.66 -30.41 33.27
CA TYR B 424 8.06 -31.81 33.38
C TYR B 424 8.05 -32.29 34.81
N MET B 425 8.35 -31.42 35.78
CA MET B 425 8.28 -31.80 37.19
C MET B 425 6.87 -32.13 37.66
N GLN B 426 5.85 -31.40 37.21
CA GLN B 426 4.48 -31.70 37.64
C GLN B 426 4.00 -33.08 37.18
N ARG B 427 4.51 -33.62 36.06
CA ARG B 427 4.19 -35.02 35.78
C ARG B 427 5.14 -36.00 36.47
N CYS B 428 6.43 -35.71 36.53
CA CYS B 428 7.35 -36.71 37.08
C CYS B 428 7.33 -36.81 38.59
N ILE B 429 6.63 -35.93 39.30
CA ILE B 429 6.57 -36.03 40.75
C ILE B 429 5.24 -36.67 41.19
N GLU B 430 4.23 -36.70 40.30
CA GLU B 430 3.03 -37.48 40.58
C GLU B 430 3.30 -38.98 40.62
N THR B 431 4.36 -39.43 39.96
CA THR B 431 4.82 -40.80 40.09
C THR B 431 5.60 -41.03 41.38
N ASP B 432 5.98 -39.94 42.06
CA ASP B 432 6.81 -39.94 43.28
C ASP B 432 8.11 -40.69 43.06
N ARG B 433 8.74 -40.44 41.92
CA ARG B 433 10.00 -41.07 41.57
C ARG B 433 11.08 -40.00 41.39
N ASP B 434 12.20 -40.17 42.08
CA ASP B 434 13.37 -39.29 42.00
C ASP B 434 13.83 -39.12 40.56
N PHE B 435 13.70 -37.91 40.02
CA PHE B 435 14.08 -37.67 38.64
C PHE B 435 15.59 -37.50 38.57
N ASN B 436 16.17 -38.09 37.54
CA ASN B 436 17.61 -38.23 37.32
C ASN B 436 18.24 -36.96 36.74
N LEU B 437 17.52 -35.84 36.80
CA LEU B 437 17.91 -34.49 36.37
C LEU B 437 18.29 -34.45 34.90
N ASN B 438 19.29 -35.24 34.47
CA ASN B 438 19.72 -35.30 33.07
C ASN B 438 18.60 -35.65 32.10
N LEU B 439 17.50 -36.21 32.59
CA LEU B 439 16.30 -36.48 31.82
C LEU B 439 15.32 -35.32 31.85
N ALA B 440 15.64 -34.25 32.57
CA ALA B 440 14.77 -33.08 32.63
C ALA B 440 15.41 -31.84 32.08
N VAL B 441 16.48 -31.98 31.31
CA VAL B 441 17.15 -30.87 30.65
C VAL B 441 17.36 -31.32 29.20
N LYS B 442 16.57 -30.78 28.29
CA LYS B 442 16.70 -31.14 26.88
C LYS B 442 17.58 -30.06 26.29
N SER B 443 18.82 -30.43 25.97
CA SER B 443 19.76 -29.49 25.38
C SER B 443 19.39 -29.04 23.97
N THR B 444 18.37 -29.62 23.36
CA THR B 444 18.00 -29.19 22.02
C THR B 444 17.38 -27.80 22.02
N THR B 445 16.82 -27.36 23.15
CA THR B 445 16.17 -26.06 23.21
C THR B 445 17.15 -24.91 22.98
N ILE B 446 18.26 -24.89 23.72
CA ILE B 446 19.24 -23.83 23.51
C ILE B 446 20.06 -24.03 22.24
N THR B 447 20.52 -25.27 21.99
CA THR B 447 21.37 -25.55 20.84
C THR B 447 20.67 -25.26 19.52
N SER B 448 19.43 -25.72 19.35
CA SER B 448 18.73 -25.46 18.11
C SER B 448 18.31 -24.00 18.02
N GLY B 449 17.97 -23.40 19.17
CA GLY B 449 17.59 -22.00 19.18
C GLY B 449 18.70 -21.08 18.70
N LEU B 450 19.90 -21.22 19.28
CA LEU B 450 21.02 -20.39 18.85
C LEU B 450 21.44 -20.66 17.41
N LYS B 451 21.53 -21.95 17.03
CA LYS B 451 21.87 -22.29 15.65
C LYS B 451 20.89 -21.71 14.64
N TYR B 452 19.59 -21.77 14.93
CA TYR B 452 18.61 -21.33 13.94
C TYR B 452 18.69 -19.83 13.73
N SER B 453 18.77 -19.08 14.82
CA SER B 453 18.80 -17.62 14.73
C SER B 453 20.09 -17.14 14.08
N LEU B 454 21.22 -17.75 14.40
CA LEU B 454 22.46 -17.35 13.76
C LEU B 454 22.49 -17.74 12.29
N ALA B 455 21.81 -18.81 11.91
CA ALA B 455 21.86 -19.24 10.52
C ALA B 455 20.91 -18.44 9.63
N THR B 456 19.76 -18.05 10.14
CA THR B 456 18.82 -17.31 9.31
C THR B 456 18.79 -15.81 9.58
N GLY B 457 19.27 -15.34 10.71
CA GLY B 457 19.05 -13.95 11.01
C GLY B 457 17.71 -13.61 11.62
N ASN B 458 16.81 -14.56 11.76
CA ASN B 458 15.52 -14.32 12.38
C ASN B 458 15.65 -14.27 13.90
N TRP B 459 15.48 -13.08 14.45
CA TRP B 459 15.76 -12.79 15.85
C TRP B 459 14.54 -13.04 16.72
N GLY B 460 14.35 -14.30 17.09
CA GLY B 460 13.24 -14.65 17.95
C GLY B 460 13.01 -16.15 17.93
N GLU B 461 11.90 -16.54 18.51
CA GLU B 461 11.50 -17.94 18.52
C GLU B 461 11.11 -18.28 17.08
N GLN B 462 11.46 -19.49 16.65
CA GLN B 462 11.19 -19.94 15.29
C GLN B 462 9.72 -19.81 14.89
N LYS B 463 8.79 -20.15 15.78
CA LYS B 463 7.36 -20.03 15.44
C LYS B 463 6.90 -18.59 15.26
N LYS B 464 7.69 -17.60 15.71
CA LYS B 464 7.35 -16.19 15.56
C LYS B 464 8.30 -15.47 14.61
N ALA B 465 8.57 -16.06 13.44
CA ALA B 465 9.58 -15.52 12.54
C ALA B 465 9.21 -14.14 11.98
N MET B 466 7.94 -13.92 11.67
CA MET B 466 7.51 -12.55 11.43
C MET B 466 7.41 -11.79 12.75
N SER B 467 7.37 -10.44 12.64
CA SER B 467 7.45 -9.42 13.70
C SER B 467 8.84 -9.34 14.35
N SER B 468 9.60 -10.43 14.30
CA SER B 468 11.00 -10.48 14.69
C SER B 468 11.87 -9.75 13.68
N ARG B 469 13.01 -9.25 14.13
CA ARG B 469 13.92 -8.52 13.26
C ARG B 469 14.75 -9.48 12.43
N ALA B 470 14.86 -9.18 11.14
CA ALA B 470 15.60 -9.95 10.17
C ALA B 470 16.96 -9.33 9.83
N GLY B 471 17.85 -10.17 9.32
CA GLY B 471 19.13 -9.68 8.84
C GLY B 471 20.18 -9.37 9.87
N VAL B 472 20.02 -9.79 11.12
CA VAL B 472 21.04 -9.51 12.12
C VAL B 472 22.31 -10.32 11.85
N SER B 473 22.16 -11.56 11.40
CA SER B 473 23.29 -12.37 10.96
C SER B 473 23.34 -12.51 9.44
N GLN B 474 24.54 -12.42 8.87
CA GLN B 474 24.73 -12.47 7.43
C GLN B 474 25.94 -13.32 7.12
N VAL B 475 25.93 -13.95 5.94
CA VAL B 475 27.08 -14.72 5.47
C VAL B 475 28.26 -13.78 5.23
N LEU B 476 29.41 -14.10 5.82
CA LEU B 476 30.56 -13.22 5.75
C LEU B 476 31.09 -13.15 4.34
N ASN B 477 31.12 -11.95 3.78
CA ASN B 477 31.64 -11.74 2.44
C ASN B 477 33.14 -11.96 2.44
N ARG B 478 33.62 -12.88 1.60
CA ARG B 478 35.04 -13.18 1.48
C ARG B 478 35.58 -12.94 0.09
N TYR B 479 34.94 -12.06 -0.68
CA TYR B 479 35.34 -11.84 -2.06
C TYR B 479 36.78 -11.30 -2.12
N THR B 480 37.11 -10.39 -1.22
CA THR B 480 38.46 -9.82 -1.13
C THR B 480 38.73 -9.40 0.30
N TYR B 481 40.01 -9.12 0.59
CA TYR B 481 40.42 -8.89 1.97
C TYR B 481 39.81 -7.62 2.54
N SER B 482 39.80 -6.54 1.75
CA SER B 482 39.17 -5.29 2.16
C SER B 482 37.71 -5.49 2.53
N SER B 483 37.02 -6.33 1.76
CA SER B 483 35.59 -6.55 2.01
C SER B 483 35.37 -7.29 3.31
N THR B 484 36.32 -8.13 3.72
CA THR B 484 36.16 -8.80 5.01
C THR B 484 36.26 -7.79 6.15
N LEU B 485 37.26 -6.89 6.11
CA LEU B 485 37.37 -5.86 7.13
C LEU B 485 36.14 -4.98 7.22
N SER B 486 35.60 -4.54 6.09
CA SER B 486 34.41 -3.69 6.12
C SER B 486 33.23 -4.43 6.69
N HIS B 487 33.06 -5.70 6.32
CA HIS B 487 31.88 -6.45 6.73
C HIS B 487 31.85 -6.66 8.23
N LEU B 488 33.01 -6.84 8.86
CA LEU B 488 33.06 -7.07 10.29
C LEU B 488 32.83 -5.80 11.10
N ARG B 489 32.84 -4.63 10.47
CA ARG B 489 32.69 -3.33 11.12
C ARG B 489 31.46 -2.59 10.65
N ARG B 490 30.45 -3.32 10.22
CA ARG B 490 29.26 -2.70 9.65
C ARG B 490 28.25 -2.50 10.75
N THR B 491 27.38 -1.50 10.59
CA THR B 491 26.33 -1.22 11.54
C THR B 491 25.04 -1.10 10.74
N ASN B 492 23.92 -1.35 11.39
CA ASN B 492 22.65 -1.35 10.71
C ASN B 492 21.65 -0.59 11.56
N THR B 493 20.86 0.28 10.92
CA THR B 493 19.75 0.93 11.58
C THR B 493 18.47 0.25 11.12
N PRO B 494 17.67 -0.33 11.99
CA PRO B 494 16.52 -1.10 11.51
C PRO B 494 15.23 -0.29 11.40
N ILE B 495 15.23 0.68 10.51
CA ILE B 495 14.09 1.57 10.35
C ILE B 495 13.17 1.04 9.25
N GLY B 496 13.74 0.54 8.16
CA GLY B 496 12.94 -0.01 7.09
C GLY B 496 13.29 0.32 5.65
N ARG B 497 12.24 0.56 4.86
CA ARG B 497 12.23 0.93 3.46
C ARG B 497 10.89 1.61 3.30
N ASP B 498 10.08 1.43 4.34
CA ASP B 498 8.79 2.06 4.54
C ASP B 498 9.11 3.31 5.37
N GLY B 499 8.71 4.48 4.86
CA GLY B 499 9.07 5.72 5.50
C GLY B 499 10.15 6.23 4.58
N LYS B 500 9.77 7.27 3.84
CA LYS B 500 10.69 7.94 2.91
C LYS B 500 11.50 9.01 3.66
N LEU B 501 11.16 10.27 3.43
CA LEU B 501 11.83 11.43 4.07
C LEU B 501 13.35 11.43 3.92
N ALA B 502 14.04 11.93 4.93
CA ALA B 502 15.50 11.96 4.89
C ALA B 502 16.24 11.82 6.20
N LYS B 503 15.59 12.08 7.34
CA LYS B 503 16.31 12.28 8.59
C LYS B 503 17.15 11.09 9.04
N PRO B 504 16.68 9.83 9.07
CA PRO B 504 17.63 8.77 9.42
C PRO B 504 18.64 8.50 8.32
N ARG B 505 18.37 8.88 7.08
CA ARG B 505 19.32 8.65 6.00
C ARG B 505 20.43 9.68 5.87
N GLN B 506 20.25 10.91 6.38
CA GLN B 506 21.26 11.94 6.17
C GLN B 506 22.52 11.70 6.96
N LEU B 507 23.63 12.20 6.44
CA LEU B 507 24.88 12.24 7.19
C LEU B 507 24.82 13.40 8.16
N HIS B 508 24.57 13.12 9.42
CA HIS B 508 24.44 14.15 10.44
C HIS B 508 25.83 14.62 10.89
N ASN B 509 25.91 15.89 11.31
CA ASN B 509 27.17 16.49 11.77
C ASN B 509 27.85 15.69 12.87
N THR B 510 27.06 15.10 13.77
CA THR B 510 27.67 14.40 14.90
C THR B 510 28.25 13.04 14.52
N HIS B 511 28.18 12.65 13.26
CA HIS B 511 28.85 11.45 12.80
C HIS B 511 30.35 11.60 12.67
N TRP B 512 30.87 12.83 12.62
CA TRP B 512 32.29 13.14 12.49
C TRP B 512 33.16 12.29 13.38
N GLY B 513 34.08 11.56 12.75
CA GLY B 513 35.03 10.72 13.45
C GLY B 513 34.48 9.44 14.03
N LEU B 514 33.18 9.20 13.98
CA LEU B 514 32.59 8.00 14.53
C LEU B 514 32.09 7.03 13.48
N VAL B 515 31.42 7.49 12.43
CA VAL B 515 31.14 6.61 11.30
C VAL B 515 31.67 7.29 10.04
N CYS B 516 32.01 6.46 9.05
CA CYS B 516 32.59 6.94 7.81
C CYS B 516 31.63 7.88 7.07
N PRO B 517 32.11 9.03 6.58
CA PRO B 517 31.28 9.91 5.75
C PRO B 517 31.14 9.47 4.31
N ALA B 518 31.94 8.52 3.85
CA ALA B 518 31.94 8.09 2.46
C ALA B 518 31.30 6.74 2.20
N GLU B 519 31.59 5.75 3.03
CA GLU B 519 31.20 4.36 2.80
C GLU B 519 29.73 4.11 3.12
N THR B 520 28.90 4.07 2.08
CA THR B 520 27.51 3.66 2.25
C THR B 520 26.93 3.03 0.99
N PRO B 521 26.06 2.02 1.12
CA PRO B 521 25.56 1.32 -0.05
C PRO B 521 24.67 2.17 -0.93
N GLU B 522 24.65 1.85 -2.22
CA GLU B 522 23.68 2.42 -3.14
C GLU B 522 22.35 1.70 -3.00
N GLY B 523 21.27 2.40 -3.31
CA GLY B 523 19.97 1.77 -3.32
C GLY B 523 19.14 1.94 -2.06
N GLN B 524 18.42 0.89 -1.68
CA GLN B 524 17.38 1.01 -0.66
C GLN B 524 17.95 1.22 0.74
N ALA B 525 19.13 0.68 1.01
CA ALA B 525 19.77 0.80 2.30
C ALA B 525 20.61 2.07 2.45
N CYS B 526 20.60 2.95 1.44
CA CYS B 526 21.51 4.09 1.39
C CYS B 526 21.29 5.06 2.54
N GLY B 527 22.33 5.25 3.33
CA GLY B 527 22.28 6.10 4.49
C GLY B 527 21.84 5.43 5.76
N LEU B 528 21.27 4.23 5.69
CA LEU B 528 20.83 3.52 6.88
C LEU B 528 21.87 2.53 7.38
N VAL B 529 22.64 1.95 6.49
CA VAL B 529 23.75 1.08 6.85
C VAL B 529 25.01 1.92 6.83
N LYS B 530 25.75 1.90 7.94
CA LYS B 530 26.90 2.78 8.08
C LYS B 530 28.10 1.94 8.47
N ASN B 531 29.27 2.57 8.54
CA ASN B 531 30.49 1.84 8.82
C ASN B 531 31.39 2.63 9.74
N LEU B 532 31.92 1.97 10.75
CA LEU B 532 32.71 2.61 11.79
C LEU B 532 34.00 3.17 11.23
N SER B 533 34.30 4.42 11.58
CA SER B 533 35.56 5.04 11.27
C SER B 533 36.72 4.27 11.89
N LEU B 534 37.92 4.52 11.35
CA LEU B 534 39.07 3.66 11.58
C LEU B 534 39.48 3.62 13.05
N LEU B 535 39.35 4.73 13.77
CA LEU B 535 39.76 4.77 15.17
C LEU B 535 38.60 4.64 16.14
N SER B 536 37.43 4.24 15.67
CA SER B 536 36.29 4.10 16.57
C SER B 536 36.48 2.94 17.52
N GLY B 537 35.80 3.05 18.66
CA GLY B 537 35.70 1.94 19.57
C GLY B 537 34.30 1.91 20.15
N ILE B 538 33.96 0.80 20.78
CA ILE B 538 32.66 0.63 21.40
C ILE B 538 32.86 0.30 22.86
N SER B 539 32.14 1.02 23.71
CA SER B 539 32.23 0.83 25.16
C SER B 539 31.77 -0.55 25.55
N ILE B 540 32.58 -1.24 26.35
CA ILE B 540 32.23 -2.58 26.77
C ILE B 540 31.21 -2.56 27.91
N GLY B 541 31.20 -1.50 28.70
CA GLY B 541 30.30 -1.46 29.83
C GLY B 541 31.08 -1.47 31.13
N SER B 542 30.56 -0.75 32.11
CA SER B 542 31.27 -0.55 33.37
C SER B 542 30.25 -0.42 34.48
N PRO B 543 30.56 -0.92 35.68
CA PRO B 543 29.60 -0.80 36.79
C PRO B 543 29.49 0.64 37.25
N SER B 544 28.26 1.07 37.53
CA SER B 544 28.03 2.43 37.98
C SER B 544 28.29 2.62 39.46
N GLU B 545 28.31 1.54 40.23
CA GLU B 545 28.50 1.63 41.69
C GLU B 545 29.77 2.34 42.15
N PRO B 546 30.98 2.10 41.59
CA PRO B 546 32.14 2.91 42.02
C PRO B 546 32.02 4.41 41.77
N ILE B 547 31.24 4.81 40.77
CA ILE B 547 31.08 6.23 40.45
C ILE B 547 30.26 6.94 41.51
N ILE B 548 29.19 6.29 42.00
CA ILE B 548 28.39 6.84 43.10
C ILE B 548 29.27 7.10 44.33
N ASN B 549 30.08 6.12 44.70
CA ASN B 549 30.97 6.26 45.85
C ASN B 549 31.92 7.44 45.69
N PHE B 550 32.41 7.67 44.47
CA PHE B 550 33.28 8.82 44.24
C PHE B 550 32.54 10.14 44.35
N LEU B 551 31.28 10.19 43.93
CA LEU B 551 30.55 11.46 43.97
C LEU B 551 30.20 11.89 45.39
N GLU B 552 29.79 10.94 46.23
CA GLU B 552 29.45 11.26 47.61
C GLU B 552 30.67 11.60 48.45
N GLU B 553 31.81 11.01 48.14
CA GLU B 553 33.04 11.33 48.86
C GLU B 553 33.49 12.76 48.58
N TRP B 554 33.11 13.34 47.45
CA TRP B 554 33.56 14.69 47.10
C TRP B 554 32.42 15.69 47.07
N GLY B 555 31.41 15.50 47.92
CA GLY B 555 30.53 16.60 48.27
C GLY B 555 29.13 16.58 47.72
N MET B 556 28.69 15.48 47.12
CA MET B 556 27.35 15.45 46.56
C MET B 556 26.35 15.27 47.69
N GLU B 557 25.28 16.02 47.61
CA GLU B 557 24.25 16.05 48.63
C GLU B 557 23.01 15.29 48.20
N PRO B 558 22.39 14.59 49.12
CA PRO B 558 21.24 13.74 48.80
C PRO B 558 20.02 14.54 48.37
N LEU B 559 19.08 13.81 47.78
CA LEU B 559 17.83 14.36 47.28
C LEU B 559 16.84 14.75 48.37
N GLU B 560 16.93 14.16 49.57
CA GLU B 560 16.07 14.62 50.65
C GLU B 560 16.43 15.98 51.22
N ASP B 561 17.64 16.47 50.94
CA ASP B 561 18.06 17.78 51.42
C ASP B 561 17.88 18.92 50.43
N TYR B 562 16.92 18.88 49.51
CA TYR B 562 17.03 19.78 48.38
C TYR B 562 15.70 20.53 48.36
N ASP B 563 15.79 21.84 48.18
CA ASP B 563 14.68 22.78 48.16
C ASP B 563 14.95 23.85 47.11
N PRO B 564 14.04 24.10 46.17
CA PRO B 564 14.30 25.15 45.17
C PRO B 564 14.46 26.54 45.77
N ALA B 565 13.87 26.84 46.93
CA ALA B 565 14.10 28.14 47.54
C ALA B 565 15.53 28.26 48.04
N GLN B 566 16.05 27.19 48.67
CA GLN B 566 17.44 27.21 49.12
C GLN B 566 18.40 26.94 47.97
N HIS B 567 18.05 25.97 47.12
CA HIS B 567 18.85 25.61 45.96
C HIS B 567 18.23 26.20 44.69
N THR B 568 18.40 27.49 44.55
CA THR B 568 17.90 28.15 43.36
C THR B 568 18.96 28.23 42.27
N LYS B 569 20.16 27.72 42.54
CA LYS B 569 21.26 27.84 41.60
C LYS B 569 22.12 26.60 41.41
N SER B 570 21.94 25.54 42.20
CA SER B 570 22.86 24.40 42.11
C SER B 570 22.58 23.53 40.88
N THR B 571 23.58 22.73 40.53
CA THR B 571 23.55 21.86 39.36
C THR B 571 23.09 20.46 39.72
N ARG B 572 22.18 19.92 38.91
CA ARG B 572 21.73 18.54 39.00
C ARG B 572 22.72 17.57 38.39
N ILE B 573 22.84 16.40 39.01
CA ILE B 573 23.81 15.37 38.64
C ILE B 573 23.09 14.11 38.25
N PHE B 574 23.35 13.61 37.04
CA PHE B 574 22.76 12.38 36.53
C PHE B 574 23.83 11.33 36.32
N VAL B 575 23.53 10.09 36.71
CA VAL B 575 24.39 8.94 36.49
C VAL B 575 23.52 7.89 35.81
N ASN B 576 23.75 7.67 34.51
CA ASN B 576 22.97 6.76 33.66
C ASN B 576 21.50 7.14 33.61
N GLY B 577 21.23 8.43 33.58
CA GLY B 577 19.87 8.92 33.40
C GLY B 577 19.01 9.01 34.63
N VAL B 578 19.44 8.54 35.79
CA VAL B 578 18.65 8.71 37.01
C VAL B 578 19.24 9.88 37.78
N TRP B 579 18.39 10.84 38.13
CA TRP B 579 18.76 11.94 39.01
C TRP B 579 19.15 11.44 40.39
N THR B 580 20.43 11.54 40.76
CA THR B 580 20.88 10.94 42.00
C THR B 580 21.32 11.95 43.05
N GLY B 581 21.48 13.22 42.71
CA GLY B 581 21.97 14.16 43.70
C GLY B 581 22.09 15.55 43.13
N ILE B 582 22.61 16.46 43.96
CA ILE B 582 22.84 17.84 43.59
C ILE B 582 24.14 18.31 44.21
N HIS B 583 24.87 19.17 43.50
CA HIS B 583 26.12 19.73 44.00
C HIS B 583 26.10 21.22 43.73
N ARG B 584 26.60 21.97 44.71
CA ARG B 584 26.52 23.43 44.70
C ARG B 584 27.70 24.10 44.01
N ASP B 585 28.86 23.43 43.97
CA ASP B 585 30.09 23.92 43.33
C ASP B 585 30.54 22.88 42.30
N PRO B 586 29.93 22.87 41.12
CA PRO B 586 30.31 21.88 40.11
C PRO B 586 31.70 22.07 39.51
N SER B 587 32.21 23.30 39.45
CA SER B 587 33.49 23.60 38.82
C SER B 587 34.68 22.83 39.40
N MET B 588 34.75 22.69 40.72
CA MET B 588 35.85 21.92 41.29
C MET B 588 35.63 20.43 41.08
N LEU B 589 34.38 19.99 41.20
CA LEU B 589 33.99 18.58 41.10
C LEU B 589 34.37 17.97 39.77
N VAL B 590 34.09 18.67 38.67
CA VAL B 590 34.35 18.08 37.35
C VAL B 590 35.85 17.96 37.11
N SER B 591 36.64 18.95 37.53
CA SER B 591 38.09 18.87 37.41
C SER B 591 38.67 17.67 38.15
N THR B 592 38.17 17.40 39.35
CA THR B 592 38.62 16.23 40.11
C THR B 592 38.25 14.94 39.41
N MET B 593 36.97 14.84 39.01
CA MET B 593 36.48 13.67 38.28
C MET B 593 37.26 13.47 37.00
N ARG B 594 37.53 14.57 36.28
CA ARG B 594 38.27 14.47 35.03
C ARG B 594 39.66 13.89 35.29
N ASP B 595 40.30 14.34 36.38
CA ASP B 595 41.64 13.85 36.70
C ASP B 595 41.64 12.39 37.11
N LEU B 596 40.56 11.90 37.71
CA LEU B 596 40.48 10.47 38.01
C LEU B 596 40.42 9.64 36.75
N ARG B 597 39.77 10.12 35.70
CA ARG B 597 39.75 9.34 34.47
C ARG B 597 41.11 9.38 33.80
N ARG B 598 41.78 10.52 33.85
CA ARG B 598 43.07 10.67 33.19
C ARG B 598 44.18 9.91 33.90
N SER B 599 43.94 9.42 35.12
CA SER B 599 44.95 8.60 35.78
C SER B 599 44.63 7.12 35.75
N GLY B 600 43.38 6.72 35.59
CA GLY B 600 43.00 5.32 35.59
C GLY B 600 42.16 4.85 36.75
N ALA B 601 41.96 5.70 37.77
CA ALA B 601 41.10 5.34 38.90
C ALA B 601 39.68 5.01 38.48
N ILE B 602 39.16 5.75 37.53
CA ILE B 602 37.90 5.44 36.86
C ILE B 602 38.23 4.88 35.49
N SER B 603 37.44 3.90 35.05
CA SER B 603 37.65 3.25 33.76
C SER B 603 37.64 4.28 32.64
N PRO B 604 38.63 4.25 31.73
CA PRO B 604 38.77 5.29 30.71
C PRO B 604 37.61 5.45 29.76
N GLU B 605 36.73 4.47 29.66
CA GLU B 605 35.59 4.57 28.76
C GLU B 605 34.41 5.32 29.37
N VAL B 606 34.52 5.76 30.63
CA VAL B 606 33.45 6.53 31.25
C VAL B 606 33.39 7.94 30.65
N SER B 607 32.17 8.43 30.43
CA SER B 607 31.91 9.77 29.95
C SER B 607 31.62 10.73 31.08
N ILE B 608 32.23 11.92 31.05
CA ILE B 608 32.04 12.94 32.07
C ILE B 608 31.65 14.19 31.31
N ILE B 609 30.39 14.56 31.40
CA ILE B 609 29.79 15.57 30.54
C ILE B 609 29.21 16.67 31.41
N ARG B 610 29.78 17.87 31.32
CA ARG B 610 29.21 19.03 31.98
C ARG B 610 28.51 19.89 30.95
N ASP B 611 27.20 20.02 31.08
CA ASP B 611 26.40 20.94 30.29
C ASP B 611 26.19 22.18 31.14
N ILE B 612 26.98 23.23 30.90
CA ILE B 612 26.96 24.40 31.78
C ILE B 612 25.67 25.20 31.62
N ARG B 613 25.22 25.42 30.38
CA ARG B 613 24.03 26.23 30.12
C ARG B 613 22.78 25.65 30.78
N GLU B 614 22.54 24.36 30.59
CA GLU B 614 21.33 23.79 31.15
C GLU B 614 21.47 23.43 32.62
N ARG B 615 22.62 23.72 33.23
CA ARG B 615 22.95 23.42 34.63
C ARG B 615 22.72 21.95 34.94
N GLU B 616 23.30 21.09 34.12
CA GLU B 616 23.18 19.65 34.27
C GLU B 616 24.56 19.04 34.14
N PHE B 617 24.80 18.00 34.91
CA PHE B 617 26.05 17.25 34.89
C PHE B 617 25.71 15.79 34.74
N LYS B 618 26.07 15.20 33.61
CA LYS B 618 25.67 13.85 33.27
C LYS B 618 26.90 12.98 33.16
N ILE B 619 26.82 11.78 33.73
CA ILE B 619 27.89 10.81 33.70
C ILE B 619 27.28 9.56 33.11
N PHE B 620 28.00 8.91 32.20
CA PHE B 620 27.50 7.70 31.55
C PHE B 620 28.52 6.58 31.70
N THR B 621 28.07 5.46 32.25
CA THR B 621 28.82 4.22 32.22
C THR B 621 28.14 3.17 31.36
N ASP B 622 27.13 3.57 30.59
CA ASP B 622 26.38 2.72 29.66
C ASP B 622 27.25 1.90 28.73
N VAL B 623 26.76 0.71 28.39
CA VAL B 623 27.36 -0.12 27.35
C VAL B 623 26.85 0.32 25.98
N GLY B 624 27.73 0.30 24.97
CA GLY B 624 27.33 0.59 23.61
C GLY B 624 27.56 2.00 23.12
N ARG B 625 28.24 2.85 23.88
CA ARG B 625 28.54 4.21 23.44
C ARG B 625 29.73 4.18 22.49
N VAL B 626 29.61 4.88 21.38
CA VAL B 626 30.67 4.95 20.40
C VAL B 626 31.61 6.10 20.75
N TYR B 627 32.91 5.81 20.83
CA TYR B 627 33.87 6.81 21.24
C TYR B 627 35.12 6.76 20.38
N ARG B 628 35.93 7.80 20.49
CA ARG B 628 37.16 7.90 19.71
C ARG B 628 38.20 8.59 20.58
N PRO B 629 39.48 8.37 20.32
CA PRO B 629 40.52 9.02 21.12
C PRO B 629 41.00 10.35 20.56
N LEU B 630 41.43 11.22 21.47
CA LEU B 630 42.03 12.49 21.11
C LEU B 630 43.23 12.79 22.00
N PHE B 631 44.17 13.57 21.47
CA PHE B 631 45.24 14.16 22.26
C PHE B 631 44.68 15.17 23.24
N ILE B 632 45.19 15.16 24.46
CA ILE B 632 44.82 16.16 25.46
C ILE B 632 45.73 17.36 25.35
N VAL B 633 45.13 18.55 25.31
CA VAL B 633 45.85 19.81 25.32
C VAL B 633 45.75 20.40 26.72
N GLU B 634 46.88 20.88 27.24
CA GLU B 634 46.90 21.49 28.56
C GLU B 634 46.15 22.82 28.57
N ASP B 635 45.14 22.94 29.42
CA ASP B 635 44.26 24.10 29.43
C ASP B 635 44.33 24.90 30.73
N ASP B 636 45.06 24.40 31.72
CA ASP B 636 45.16 25.07 33.02
C ASP B 636 46.23 26.13 32.98
N GLU B 637 45.84 27.37 33.31
CA GLU B 637 46.76 28.52 33.34
C GLU B 637 47.54 28.52 34.66
N SER B 638 48.13 27.38 35.01
CA SER B 638 49.00 27.29 36.19
C SER B 638 50.36 26.71 35.85
N LYS B 639 50.76 26.72 34.59
CA LYS B 639 52.01 26.11 34.15
C LYS B 639 52.43 26.65 32.80
N ASP B 640 53.75 26.59 32.57
CA ASP B 640 54.36 26.95 31.29
C ASP B 640 53.97 26.00 30.17
N ASN B 641 53.47 24.82 30.53
CA ASN B 641 53.00 23.81 29.60
C ASN B 641 51.84 24.29 28.73
N LYS B 642 51.08 25.29 29.21
CA LYS B 642 49.80 25.71 28.62
C LYS B 642 49.91 26.02 27.14
N GLY B 643 48.85 25.66 26.41
CA GLY B 643 48.72 25.88 24.99
C GLY B 643 49.37 24.82 24.11
N GLU B 644 50.11 23.88 24.70
CA GLU B 644 50.83 22.86 23.96
C GLU B 644 50.25 21.48 24.25
N LEU B 645 50.63 20.51 23.40
CA LEU B 645 50.24 19.13 23.59
C LEU B 645 50.88 18.55 24.85
N ARG B 646 50.11 17.76 25.60
CA ARG B 646 50.71 17.07 26.74
C ARG B 646 51.68 15.99 26.31
N ILE B 647 51.50 15.41 25.15
CA ILE B 647 52.38 14.32 24.73
C ILE B 647 53.67 14.91 24.19
N THR B 648 54.79 14.26 24.50
CA THR B 648 56.10 14.76 24.13
C THR B 648 56.87 13.61 23.52
N LYS B 649 58.02 13.92 22.93
CA LYS B 649 58.88 12.90 22.33
C LYS B 649 59.39 11.87 23.34
N GLU B 650 59.33 12.17 24.65
CA GLU B 650 59.76 11.18 25.63
C GLU B 650 58.80 10.00 25.67
N HIS B 651 57.50 10.27 25.67
CA HIS B 651 56.51 9.22 25.50
C HIS B 651 56.73 8.47 24.19
N ILE B 652 56.96 9.21 23.10
CA ILE B 652 57.20 8.62 21.78
C ILE B 652 58.45 7.74 21.81
N ARG B 653 59.44 8.14 22.59
CA ARG B 653 60.66 7.36 22.73
C ARG B 653 60.36 6.02 23.39
N LYS B 654 59.65 6.04 24.51
CA LYS B 654 59.30 4.83 25.24
C LYS B 654 58.37 3.92 24.44
N ILE B 655 57.49 4.49 23.62
CA ILE B 655 56.62 3.69 22.75
C ILE B 655 57.42 2.81 21.79
N GLN B 656 58.43 3.38 21.13
CA GLN B 656 59.24 2.58 20.22
C GLN B 656 60.11 1.57 20.95
N GLN B 657 60.55 1.88 22.16
CA GLN B 657 61.33 0.89 22.91
C GLN B 657 60.48 -0.25 23.45
N GLY B 658 59.28 0.05 23.94
CA GLY B 658 58.45 -0.97 24.54
C GLY B 658 58.51 -1.03 26.05
N TYR B 659 59.35 -0.21 26.69
CA TYR B 659 59.57 -0.28 28.13
C TYR B 659 59.82 1.13 28.64
N ASP B 660 59.62 1.32 29.94
CA ASP B 660 59.94 2.56 30.59
C ASP B 660 61.36 2.54 31.12
N ASP B 661 61.93 3.73 31.31
CA ASP B 661 63.26 3.89 31.91
C ASP B 661 63.18 4.02 33.43
N ASP B 662 62.72 2.93 34.05
CA ASP B 662 62.62 2.74 35.51
C ASP B 662 61.89 3.90 36.21
N VAL B 675 54.65 -4.44 29.68
CA VAL B 675 54.67 -3.90 28.32
C VAL B 675 54.17 -2.45 28.34
N TYR B 676 54.78 -1.62 27.50
CA TYR B 676 54.44 -0.20 27.43
C TYR B 676 53.90 0.07 26.03
N GLY B 677 52.58 0.09 25.88
CA GLY B 677 51.96 0.28 24.58
C GLY B 677 50.88 1.33 24.68
N TRP B 678 49.83 1.14 23.89
CA TRP B 678 48.79 2.15 23.72
C TRP B 678 48.13 2.52 25.04
N SER B 679 47.66 1.52 25.78
CA SER B 679 46.96 1.74 27.04
C SER B 679 47.84 2.36 28.11
N SER B 680 49.16 2.26 27.97
CA SER B 680 50.06 2.97 28.87
C SER B 680 49.89 4.48 28.73
N LEU B 681 49.66 4.95 27.51
CA LEU B 681 49.42 6.37 27.27
C LEU B 681 48.09 6.83 27.85
N VAL B 682 47.08 5.97 27.88
CA VAL B 682 45.76 6.41 28.31
C VAL B 682 45.72 6.61 29.83
N THR B 683 46.43 5.78 30.56
CA THR B 683 46.45 5.89 32.02
C THR B 683 47.58 6.76 32.51
N SER B 684 48.22 7.52 31.61
CA SER B 684 49.21 8.50 31.99
C SER B 684 48.80 9.89 31.54
N GLY B 685 47.52 10.10 31.26
CA GLY B 685 46.97 11.41 31.02
C GLY B 685 47.34 12.12 29.75
N VAL B 686 47.87 11.43 28.74
CA VAL B 686 48.15 12.10 27.48
C VAL B 686 47.11 11.88 26.39
N ILE B 687 46.29 10.84 26.48
CA ILE B 687 45.19 10.60 25.54
C ILE B 687 43.96 10.23 26.32
N GLU B 688 42.80 10.73 25.91
CA GLU B 688 41.57 10.27 26.51
C GLU B 688 40.55 10.01 25.42
N TYR B 689 39.56 9.22 25.78
CA TYR B 689 38.43 8.88 24.94
C TYR B 689 37.28 9.84 25.14
N VAL B 690 36.68 10.28 24.03
CA VAL B 690 35.45 11.07 24.11
C VAL B 690 34.41 10.42 23.21
N ASP B 691 33.17 10.42 23.68
CA ASP B 691 32.05 9.95 22.91
C ASP B 691 31.30 11.15 22.33
N GLY B 692 30.18 10.88 21.66
CA GLY B 692 29.44 11.94 21.00
C GLY B 692 28.86 12.99 21.93
N GLU B 693 28.46 12.59 23.13
CA GLU B 693 27.86 13.52 24.08
C GLU B 693 28.91 14.45 24.66
N GLU B 694 30.05 13.91 25.07
CA GLU B 694 31.11 14.76 25.64
C GLU B 694 31.74 15.64 24.56
N GLU B 695 31.72 15.19 23.30
CA GLU B 695 32.27 15.95 22.18
C GLU B 695 31.59 17.30 22.01
N GLU B 696 30.35 17.41 22.45
CA GLU B 696 29.58 18.66 22.39
C GLU B 696 30.21 19.79 23.21
N THR B 697 31.02 19.48 24.22
CA THR B 697 31.48 20.48 25.16
C THR B 697 32.95 20.81 25.06
N ILE B 698 33.64 20.36 24.02
CA ILE B 698 35.08 20.54 23.90
C ILE B 698 35.37 21.35 22.65
N MET B 699 36.61 21.83 22.56
CA MET B 699 37.06 22.64 21.44
C MET B 699 38.29 21.98 20.85
N ILE B 700 38.21 21.56 19.59
CA ILE B 700 39.20 20.67 18.99
C ILE B 700 39.95 21.43 17.91
N ALA B 701 41.27 21.41 17.99
CA ALA B 701 42.09 21.92 16.90
C ALA B 701 42.30 20.84 15.86
N MET B 702 42.36 21.23 14.60
CA MET B 702 42.36 20.24 13.54
C MET B 702 43.71 19.57 13.38
N THR B 703 44.78 20.31 13.54
CA THR B 703 46.13 19.76 13.48
C THR B 703 46.95 20.43 14.58
N PRO B 704 48.08 19.81 14.98
CA PRO B 704 48.95 20.44 15.98
C PRO B 704 49.42 21.83 15.62
N GLU B 705 49.62 22.10 14.32
CA GLU B 705 50.07 23.41 13.88
C GLU B 705 49.06 24.51 14.18
N ASP B 706 47.77 24.19 14.30
CA ASP B 706 46.79 25.22 14.58
C ASP B 706 46.78 25.65 16.04
N LEU B 707 47.55 25.00 16.91
CA LEU B 707 47.61 25.38 18.31
C LEU B 707 48.35 26.69 18.52
N GLN B 708 49.18 27.10 17.56
CA GLN B 708 49.98 28.31 17.68
C GLN B 708 49.80 29.17 16.44
N THR B 709 49.76 30.47 16.66
CA THR B 709 49.62 31.43 15.56
C THR B 709 50.94 31.49 14.78
N ARG B 710 50.86 31.92 13.51
CA ARG B 710 52.01 31.89 12.62
C ARG B 710 52.49 33.30 12.35
N SER B 711 53.54 33.40 11.52
CA SER B 711 54.20 34.64 11.16
C SER B 711 53.26 35.65 10.50
N LEU B 719 53.33 33.30 2.60
CA LEU B 719 52.84 32.18 1.81
C LEU B 719 52.77 32.58 0.34
N ASN B 720 51.57 32.90 -0.13
CA ASN B 720 51.28 33.38 -1.50
C ASN B 720 51.73 32.40 -2.59
N ASP B 721 51.74 31.10 -2.29
CA ASP B 721 51.98 30.07 -3.29
C ASP B 721 50.65 29.75 -3.97
N THR B 722 50.50 30.20 -5.23
CA THR B 722 49.24 30.13 -5.95
C THR B 722 48.75 28.73 -6.29
N ALA B 723 49.53 27.69 -6.03
CA ALA B 723 49.15 26.31 -6.31
C ALA B 723 48.47 25.65 -5.13
N LYS B 724 48.97 25.91 -3.93
CA LYS B 724 48.55 25.25 -2.70
C LYS B 724 47.29 25.85 -2.12
N ARG B 725 46.68 25.10 -1.21
CA ARG B 725 45.35 25.42 -0.71
C ARG B 725 45.36 26.48 0.39
N ILE B 726 44.28 27.24 0.43
CA ILE B 726 44.12 28.34 1.37
C ILE B 726 43.66 27.78 2.72
N LYS B 727 44.34 28.19 3.79
CA LYS B 727 43.87 27.81 5.12
C LYS B 727 42.88 28.85 5.61
N PRO B 728 41.80 28.44 6.30
CA PRO B 728 40.78 29.39 6.79
C PRO B 728 41.34 30.47 7.70
N GLU B 729 40.71 31.64 7.65
CA GLU B 729 41.19 32.79 8.41
C GLU B 729 40.89 32.67 9.90
N MET B 730 39.67 32.23 10.25
CA MET B 730 39.20 32.02 11.63
C MET B 730 39.20 33.33 12.43
N SER B 731 38.56 34.36 11.89
CA SER B 731 38.59 35.68 12.51
C SER B 731 37.28 36.07 13.20
N THR B 732 36.42 35.12 13.57
CA THR B 732 35.24 35.54 14.32
C THR B 732 35.48 35.63 15.82
N SER B 733 36.30 34.75 16.38
CA SER B 733 36.69 34.84 17.79
C SER B 733 38.14 35.30 17.87
N SER B 734 38.38 36.25 18.77
CA SER B 734 39.72 36.83 18.88
C SER B 734 40.75 35.84 19.39
N HIS B 735 40.45 35.12 20.47
CA HIS B 735 41.38 34.12 20.98
C HIS B 735 40.67 32.81 21.29
N HIS B 736 41.16 31.72 20.71
CA HIS B 736 40.64 30.37 20.94
C HIS B 736 41.39 29.64 22.04
N THR B 737 40.66 28.85 22.83
CA THR B 737 41.19 28.07 23.95
C THR B 737 40.96 26.58 23.67
N PHE B 738 41.87 25.97 22.90
CA PHE B 738 41.71 24.58 22.52
C PHE B 738 41.89 23.63 23.70
N THR B 739 40.99 22.67 23.82
CA THR B 739 41.12 21.60 24.81
C THR B 739 41.67 20.29 24.27
N HIS B 740 41.54 20.00 22.98
CA HIS B 740 41.97 18.71 22.45
C HIS B 740 42.52 18.90 21.04
N CYS B 741 43.17 17.86 20.54
CA CYS B 741 43.68 17.88 19.18
C CYS B 741 43.51 16.52 18.53
N GLU B 742 43.09 16.53 17.26
CA GLU B 742 42.97 15.33 16.46
C GLU B 742 44.32 14.65 16.31
N ILE B 743 44.32 13.32 16.31
CA ILE B 743 45.55 12.58 16.13
C ILE B 743 46.03 12.63 14.69
N HIS B 744 45.13 12.34 13.75
CA HIS B 744 45.32 12.70 12.36
C HIS B 744 43.95 12.76 11.74
N PRO B 745 43.65 13.78 10.93
CA PRO B 745 42.28 13.94 10.44
C PRO B 745 41.88 12.91 9.41
N SER B 746 42.82 12.23 8.75
CA SER B 746 42.48 11.18 7.81
C SER B 746 41.81 9.95 8.44
N MET B 747 41.86 9.82 9.76
CA MET B 747 41.18 8.72 10.44
C MET B 747 39.67 8.87 10.51
N ILE B 748 39.08 9.94 9.98
CA ILE B 748 37.63 10.00 9.89
C ILE B 748 37.09 9.01 8.86
N LEU B 749 37.92 8.54 7.94
CA LEU B 749 37.47 7.62 6.91
C LEU B 749 37.41 6.21 7.48
N GLY B 750 36.63 5.34 6.84
CA GLY B 750 36.56 3.96 7.22
C GLY B 750 37.49 3.09 6.42
N VAL B 751 37.31 1.78 6.57
CA VAL B 751 38.16 0.78 5.92
C VAL B 751 38.17 0.97 4.41
N ALA B 752 36.99 1.07 3.80
CA ALA B 752 36.90 1.06 2.34
C ALA B 752 37.47 2.34 1.75
N ALA B 753 37.06 3.49 2.28
CA ALA B 753 37.48 4.78 1.74
C ALA B 753 38.96 5.05 1.97
N SER B 754 39.62 4.34 2.88
CA SER B 754 41.05 4.53 3.14
C SER B 754 41.94 4.02 2.02
N ILE B 755 41.38 3.29 1.05
CA ILE B 755 42.14 2.77 -0.06
C ILE B 755 42.28 3.82 -1.16
N ILE B 756 41.45 4.85 -1.13
CA ILE B 756 41.46 5.87 -2.18
C ILE B 756 42.67 6.77 -1.99
N PRO B 757 43.50 6.94 -3.01
CA PRO B 757 44.56 7.94 -2.96
C PRO B 757 43.94 9.31 -3.21
N PHE B 758 44.30 10.27 -2.36
CA PHE B 758 43.85 11.65 -2.45
C PHE B 758 42.33 11.89 -2.41
N PRO B 759 41.56 11.32 -1.48
CA PRO B 759 40.10 11.58 -1.48
C PRO B 759 39.72 13.04 -1.29
N ASP B 760 40.61 13.88 -0.78
CA ASP B 760 40.36 15.31 -0.67
C ASP B 760 40.40 16.03 -2.00
N HIS B 761 40.61 15.36 -3.12
CA HIS B 761 40.55 16.00 -4.43
C HIS B 761 39.40 15.46 -5.27
N ASN B 762 38.44 14.76 -4.69
CA ASN B 762 37.35 14.19 -5.48
C ASN B 762 36.01 14.78 -5.11
N GLN B 763 35.17 14.93 -6.14
CA GLN B 763 33.73 15.09 -5.94
C GLN B 763 33.19 13.96 -5.10
N SER B 764 32.41 14.32 -4.07
CA SER B 764 32.03 13.38 -3.02
C SER B 764 31.32 12.10 -3.45
N PRO B 765 30.43 12.05 -4.46
CA PRO B 765 29.85 10.75 -4.82
C PRO B 765 30.86 9.73 -5.32
N ARG B 766 31.91 10.15 -6.01
CA ARG B 766 32.96 9.21 -6.44
C ARG B 766 33.60 8.47 -5.28
N ASN B 767 33.76 9.10 -4.12
CA ASN B 767 34.30 8.34 -2.99
C ASN B 767 33.31 7.29 -2.51
N THR B 768 32.02 7.61 -2.53
CA THR B 768 31.00 6.61 -2.21
C THR B 768 31.01 5.47 -3.21
N TYR B 769 31.07 5.79 -4.51
CA TYR B 769 31.06 4.73 -5.53
C TYR B 769 32.27 3.82 -5.42
N GLN B 770 33.45 4.38 -5.16
CA GLN B 770 34.61 3.52 -4.99
C GLN B 770 34.50 2.66 -3.72
N SER B 771 33.97 3.23 -2.64
CA SER B 771 33.78 2.45 -1.40
C SER B 771 32.89 1.24 -1.61
N ALA B 772 31.97 1.29 -2.57
CA ALA B 772 31.17 0.14 -2.93
C ALA B 772 31.97 -0.82 -3.80
N MET B 773 32.60 -0.29 -4.85
CA MET B 773 33.26 -1.15 -5.84
C MET B 773 34.48 -1.84 -5.27
N GLY B 774 35.16 -1.20 -4.31
CA GLY B 774 36.33 -1.79 -3.69
C GLY B 774 36.08 -3.13 -3.04
N LYS B 775 34.86 -3.37 -2.58
CA LYS B 775 34.50 -4.66 -2.01
C LYS B 775 34.20 -5.71 -3.07
N GLN B 776 34.21 -5.35 -4.36
CA GLN B 776 33.97 -6.30 -5.45
C GLN B 776 35.20 -6.59 -6.28
N ALA B 777 36.39 -6.26 -5.83
CA ALA B 777 37.57 -6.35 -6.67
C ALA B 777 38.38 -7.58 -6.28
N MET B 778 38.64 -8.44 -7.25
CA MET B 778 39.42 -9.64 -7.03
C MET B 778 40.81 -9.31 -6.49
N GLY B 779 41.24 -10.07 -5.51
CA GLY B 779 42.62 -9.99 -5.12
C GLY B 779 43.08 -11.33 -4.63
N VAL B 780 43.47 -11.42 -3.37
CA VAL B 780 43.83 -12.68 -2.73
C VAL B 780 43.23 -12.61 -1.34
N PHE B 781 42.08 -13.23 -1.13
CA PHE B 781 41.32 -12.97 0.08
C PHE B 781 41.95 -13.59 1.31
N LEU B 782 42.62 -14.73 1.16
CA LEU B 782 43.44 -15.32 2.20
C LEU B 782 44.54 -16.15 1.56
N THR B 783 45.56 -16.44 2.35
CA THR B 783 46.68 -17.20 1.86
C THR B 783 46.43 -18.70 1.87
N ASN B 784 45.35 -19.17 2.48
CA ASN B 784 45.08 -20.60 2.58
C ASN B 784 43.98 -21.06 1.63
N TYR B 785 43.80 -20.38 0.49
CA TYR B 785 42.70 -20.70 -0.44
C TYR B 785 42.71 -22.13 -0.94
N ASN B 786 43.88 -22.79 -0.99
CA ASN B 786 43.92 -24.16 -1.51
C ASN B 786 43.27 -25.18 -0.59
N VAL B 787 43.19 -24.91 0.72
CA VAL B 787 42.58 -25.86 1.64
C VAL B 787 41.15 -25.49 2.05
N ARG B 788 40.69 -24.29 1.75
CA ARG B 788 39.29 -23.93 1.96
C ARG B 788 38.47 -24.35 0.77
N MET B 789 37.25 -24.80 1.02
CA MET B 789 36.34 -25.14 -0.07
C MET B 789 35.12 -24.21 -0.04
N ASP B 790 35.30 -23.01 -0.58
CA ASP B 790 34.25 -22.01 -0.59
C ASP B 790 33.42 -22.16 -1.85
N THR B 791 32.17 -21.69 -1.78
CA THR B 791 31.26 -21.74 -2.92
C THR B 791 31.83 -21.04 -4.15
N MET B 792 32.45 -19.88 -3.97
CA MET B 792 33.07 -19.17 -5.07
C MET B 792 34.29 -18.47 -4.53
N ALA B 793 35.37 -18.51 -5.29
CA ALA B 793 36.57 -17.81 -4.89
C ALA B 793 37.28 -17.31 -6.13
N ASN B 794 37.88 -16.14 -6.02
CA ASN B 794 38.64 -15.57 -7.11
C ASN B 794 40.01 -15.12 -6.62
N ILE B 795 41.05 -15.49 -7.34
CA ILE B 795 42.41 -15.07 -7.00
C ILE B 795 43.04 -14.51 -8.26
N LEU B 796 43.40 -13.24 -8.20
CA LEU B 796 44.16 -12.58 -9.25
C LEU B 796 45.53 -13.25 -9.39
N TYR B 797 45.94 -13.51 -10.63
CA TYR B 797 47.23 -14.16 -10.90
C TYR B 797 48.40 -13.42 -10.29
N TYR B 798 48.57 -12.15 -10.66
CA TYR B 798 49.78 -11.39 -10.31
C TYR B 798 49.38 -10.10 -9.62
N PRO B 799 49.02 -10.14 -8.34
CA PRO B 799 48.74 -8.89 -7.62
C PRO B 799 49.98 -8.02 -7.52
N GLN B 800 49.77 -6.71 -7.62
CA GLN B 800 50.85 -5.76 -7.40
C GLN B 800 50.43 -4.78 -6.31
N LYS B 801 51.38 -4.32 -5.52
CA LYS B 801 51.01 -3.26 -4.61
C LYS B 801 50.99 -1.91 -5.33
N PRO B 802 50.10 -1.01 -4.94
CA PRO B 802 49.94 0.24 -5.69
C PRO B 802 51.10 1.20 -5.49
N LEU B 803 51.47 1.90 -6.56
CA LEU B 803 52.48 2.96 -6.50
C LEU B 803 52.07 4.18 -5.71
N ALA B 804 50.78 4.41 -5.50
CA ALA B 804 50.33 5.55 -4.70
C ALA B 804 49.52 4.97 -3.57
N LYS B 805 50.07 5.04 -2.36
CA LYS B 805 49.46 4.43 -1.20
C LYS B 805 49.20 5.48 -0.14
N THR B 806 48.48 5.08 0.88
CA THR B 806 48.23 5.94 2.02
C THR B 806 48.83 5.27 3.25
N GLN B 807 49.04 6.07 4.29
CA GLN B 807 49.61 5.55 5.53
C GLN B 807 48.70 4.52 6.18
N ALA B 808 47.38 4.67 6.06
CA ALA B 808 46.47 3.76 6.73
C ALA B 808 46.50 2.36 6.12
N MET B 809 46.98 2.22 4.88
CA MET B 809 47.10 0.92 4.25
C MET B 809 48.08 -0.02 4.92
N GLU B 810 49.04 0.50 5.69
CA GLU B 810 50.00 -0.37 6.38
C GLU B 810 49.30 -1.36 7.32
N TYR B 811 48.25 -0.88 8.01
CA TYR B 811 47.48 -1.67 8.98
C TYR B 811 46.34 -2.47 8.38
N LEU B 812 45.93 -2.17 7.16
CA LEU B 812 44.89 -2.95 6.51
C LEU B 812 45.48 -4.12 5.75
N LYS B 813 46.82 -4.16 5.67
CA LYS B 813 47.63 -5.20 5.05
C LYS B 813 47.50 -5.17 3.54
N PHE B 814 47.09 -4.02 3.00
CA PHE B 814 46.80 -3.91 1.59
C PHE B 814 48.06 -4.10 0.76
N ARG B 815 49.20 -3.66 1.25
CA ARG B 815 50.41 -3.90 0.48
C ARG B 815 50.82 -5.36 0.55
N GLU B 816 50.37 -6.10 1.56
CA GLU B 816 50.69 -7.51 1.66
C GLU B 816 49.68 -8.40 0.94
N LEU B 817 48.41 -8.01 0.88
CA LEU B 817 47.41 -8.72 0.07
C LEU B 817 46.72 -7.78 -0.90
N PRO B 818 47.42 -7.31 -1.93
CA PRO B 818 46.86 -6.31 -2.83
C PRO B 818 45.82 -6.89 -3.76
N ALA B 819 44.99 -6.00 -4.30
CA ALA B 819 43.83 -6.39 -5.07
C ALA B 819 43.75 -5.58 -6.36
N GLY B 820 44.71 -5.75 -7.25
CA GLY B 820 44.73 -5.00 -8.49
C GLY B 820 46.11 -4.95 -9.10
N GLN B 821 46.19 -4.25 -10.22
CA GLN B 821 47.45 -4.15 -10.97
C GLN B 821 47.63 -2.73 -11.49
N ASN B 822 48.90 -2.33 -11.59
CA ASN B 822 49.28 -1.04 -12.16
C ASN B 822 49.30 -1.10 -13.68
N ALA B 823 48.29 -0.57 -14.32
CA ALA B 823 48.28 -0.56 -15.78
C ALA B 823 48.92 0.73 -16.27
N ILE B 824 49.61 0.68 -17.40
CA ILE B 824 50.10 1.88 -18.05
C ILE B 824 48.98 2.43 -18.89
N VAL B 825 48.54 3.65 -18.57
CA VAL B 825 47.32 4.21 -19.07
C VAL B 825 47.64 5.49 -19.82
N ALA B 826 47.14 5.57 -21.04
CA ALA B 826 47.09 6.80 -21.80
C ALA B 826 45.66 7.29 -21.78
N ILE B 827 45.46 8.56 -21.42
CA ILE B 827 44.18 9.21 -21.59
C ILE B 827 44.13 9.87 -22.95
N ALA B 828 43.43 9.25 -23.89
CA ALA B 828 43.42 9.76 -25.25
C ALA B 828 42.14 9.30 -25.94
N CYS B 829 41.72 10.08 -26.91
CA CYS B 829 40.77 9.66 -27.93
C CYS B 829 41.57 8.96 -29.01
N TYR B 830 41.33 7.66 -29.20
CA TYR B 830 42.07 6.95 -30.22
C TYR B 830 41.16 6.60 -31.39
N SER B 831 40.58 5.42 -31.43
CA SER B 831 39.78 5.07 -32.60
C SER B 831 38.31 5.30 -32.40
N GLY B 832 37.91 5.90 -31.30
CA GLY B 832 36.49 6.02 -31.04
C GLY B 832 35.86 4.78 -30.47
N TYR B 833 36.64 3.72 -30.22
CA TYR B 833 36.15 2.54 -29.51
C TYR B 833 36.25 2.69 -28.02
N ASN B 834 36.37 3.89 -27.51
CA ASN B 834 36.36 4.09 -26.07
C ASN B 834 35.48 5.25 -25.65
N GLN B 835 34.48 5.58 -26.46
CA GLN B 835 33.54 6.61 -26.10
C GLN B 835 32.60 6.07 -25.04
N GLU B 836 32.02 6.99 -24.27
CA GLU B 836 30.99 6.70 -23.26
C GLU B 836 31.44 5.64 -22.26
N ASP B 837 32.64 5.84 -21.71
CA ASP B 837 33.21 5.10 -20.58
C ASP B 837 33.59 3.69 -20.92
N SER B 838 33.87 3.36 -22.17
CA SER B 838 34.59 2.13 -22.42
C SER B 838 36.08 2.42 -22.55
N MET B 839 36.85 1.37 -22.85
CA MET B 839 38.29 1.50 -22.85
C MET B 839 38.88 0.44 -23.77
N ILE B 840 39.96 0.80 -24.41
CA ILE B 840 40.73 -0.08 -25.27
C ILE B 840 41.84 -0.72 -24.46
N MET B 841 41.94 -2.03 -24.48
CA MET B 841 43.03 -2.70 -23.79
C MET B 841 43.99 -3.31 -24.80
N ASN B 842 45.26 -3.29 -24.43
CA ASN B 842 46.36 -3.81 -25.25
C ASN B 842 46.30 -5.33 -25.21
N GLN B 843 46.00 -5.96 -26.35
CA GLN B 843 45.89 -7.43 -26.43
C GLN B 843 47.17 -8.15 -26.06
N SER B 844 48.33 -7.56 -26.35
CA SER B 844 49.57 -8.23 -26.00
C SER B 844 49.78 -8.27 -24.49
N SER B 845 49.38 -7.21 -23.78
CA SER B 845 49.40 -7.23 -22.32
C SER B 845 48.54 -8.35 -21.74
N ILE B 846 47.35 -8.56 -22.29
CA ILE B 846 46.52 -9.68 -21.85
C ILE B 846 47.23 -11.02 -22.05
N ASP B 847 47.86 -11.19 -23.22
CA ASP B 847 48.63 -12.40 -23.52
C ASP B 847 49.74 -12.65 -22.50
N ARG B 848 50.37 -11.61 -22.00
CA ARG B 848 51.44 -11.85 -21.04
C ARG B 848 50.93 -12.00 -19.62
N GLY B 849 49.62 -11.87 -19.40
CA GLY B 849 49.07 -12.17 -18.10
C GLY B 849 48.37 -11.06 -17.37
N LEU B 850 48.25 -9.86 -17.94
CA LEU B 850 47.61 -8.74 -17.27
C LEU B 850 46.17 -9.08 -16.91
N PHE B 851 45.80 -8.80 -15.66
CA PHE B 851 44.44 -8.93 -15.11
C PHE B 851 43.83 -10.31 -15.30
N ARG B 852 44.62 -11.34 -15.57
CA ARG B 852 44.13 -12.69 -15.60
C ARG B 852 43.82 -13.18 -14.18
N SER B 853 42.79 -14.00 -14.04
CA SER B 853 42.45 -14.50 -12.71
C SER B 853 41.93 -15.93 -12.74
N LEU B 854 42.22 -16.65 -11.65
CA LEU B 854 41.60 -17.92 -11.31
C LEU B 854 40.18 -17.76 -10.80
N PHE B 855 39.35 -18.75 -11.09
CA PHE B 855 37.99 -18.82 -10.58
C PHE B 855 37.74 -20.23 -10.06
N PHE B 856 37.14 -20.34 -8.86
CA PHE B 856 36.91 -21.61 -8.18
C PHE B 856 35.43 -21.74 -7.84
N ARG B 857 34.84 -22.91 -8.09
CA ARG B 857 33.49 -23.20 -7.62
C ARG B 857 33.44 -24.56 -6.94
N SER B 858 32.84 -24.63 -5.75
CA SER B 858 32.66 -25.89 -5.03
C SER B 858 31.22 -26.38 -5.04
N TYR B 859 31.04 -27.67 -5.31
CA TYR B 859 29.75 -28.34 -5.20
C TYR B 859 29.77 -29.30 -4.02
N MET B 860 28.71 -29.28 -3.22
CA MET B 860 28.57 -30.13 -2.05
C MET B 860 27.38 -31.06 -2.24
N ASP B 861 27.53 -32.32 -1.81
CA ASP B 861 26.39 -33.22 -1.74
C ASP B 861 26.58 -34.22 -0.62
N GLN B 862 25.46 -34.77 -0.14
CA GLN B 862 25.51 -35.81 0.88
C GLN B 862 24.33 -36.77 0.74
N GLU B 863 24.50 -37.96 1.32
CA GLU B 863 23.45 -38.97 1.32
C GLU B 863 22.41 -38.63 2.39
N LYS B 864 21.15 -38.79 2.03
CA LYS B 864 20.02 -38.51 2.92
C LYS B 864 19.41 -39.83 3.40
N ARG B 865 18.82 -39.78 4.60
CA ARG B 865 18.17 -40.95 5.18
C ARG B 865 16.65 -40.84 5.03
N PHE B 866 16.02 -41.90 4.52
CA PHE B 866 14.57 -41.97 4.47
C PHE B 866 13.96 -43.06 5.34
N GLY B 867 14.77 -43.98 5.86
CA GLY B 867 14.24 -45.00 6.73
C GLY B 867 15.36 -45.74 7.44
N ILE B 868 14.97 -46.81 8.13
CA ILE B 868 15.86 -47.57 9.00
C ILE B 868 17.09 -48.05 8.22
N SER B 869 16.86 -48.59 7.03
CA SER B 869 17.93 -49.03 6.14
C SER B 869 17.70 -48.49 4.74
N ILE B 870 16.99 -47.37 4.62
CA ILE B 870 16.72 -46.77 3.32
C ILE B 870 17.57 -45.51 3.26
N VAL B 871 18.67 -45.59 2.53
CA VAL B 871 19.61 -44.49 2.37
C VAL B 871 19.93 -44.34 0.90
N GLU B 872 20.22 -43.12 0.49
CA GLU B 872 20.78 -42.90 -0.84
C GLU B 872 22.19 -43.49 -0.91
N GLU B 873 22.68 -43.67 -2.13
CA GLU B 873 23.95 -44.35 -2.31
C GLU B 873 24.71 -43.74 -3.47
N PHE B 874 25.97 -43.38 -3.21
CA PHE B 874 26.89 -42.91 -4.25
C PHE B 874 27.36 -44.07 -5.09
N GLU B 875 27.18 -43.95 -6.40
CA GLU B 875 27.55 -44.98 -7.35
C GLU B 875 27.46 -44.37 -8.74
N LYS B 876 27.98 -45.10 -9.72
CA LYS B 876 27.80 -44.76 -11.12
C LYS B 876 26.53 -45.45 -11.58
N PRO B 877 25.43 -44.73 -11.82
CA PRO B 877 24.16 -45.42 -12.01
C PRO B 877 24.09 -46.09 -13.38
N THR B 878 23.74 -47.37 -13.35
CA THR B 878 23.51 -48.14 -14.56
C THR B 878 22.18 -47.79 -15.19
N ARG B 879 22.17 -47.67 -16.52
CA ARG B 879 20.97 -47.24 -17.23
C ARG B 879 19.85 -48.26 -17.10
N ALA B 880 20.19 -49.53 -16.86
CA ALA B 880 19.19 -50.59 -16.80
C ALA B 880 18.39 -50.55 -15.50
N THR B 881 18.97 -50.06 -14.42
CA THR B 881 18.36 -50.17 -13.11
C THR B 881 17.82 -48.87 -12.55
N THR B 882 18.11 -47.74 -13.17
CA THR B 882 17.75 -46.43 -12.63
C THR B 882 16.93 -45.69 -13.67
N LEU B 883 15.79 -45.15 -13.25
CA LEU B 883 14.91 -44.41 -14.15
C LEU B 883 15.10 -42.90 -14.05
N ARG B 884 14.68 -42.23 -15.14
CA ARG B 884 14.69 -40.78 -15.31
C ARG B 884 16.10 -40.20 -15.15
N LEU B 885 17.04 -40.82 -15.84
CA LEU B 885 18.41 -40.34 -15.97
C LEU B 885 18.52 -39.00 -16.68
N LYS B 886 19.54 -38.23 -16.29
CA LYS B 886 19.88 -36.96 -16.93
C LYS B 886 20.39 -37.19 -18.34
N HIS B 887 20.31 -36.12 -19.15
CA HIS B 887 20.70 -36.21 -20.54
C HIS B 887 22.22 -36.17 -20.77
N GLY B 888 23.00 -35.67 -19.81
CA GLY B 888 24.44 -35.58 -19.99
C GLY B 888 25.19 -36.90 -19.88
N THR B 889 26.49 -36.82 -20.15
CA THR B 889 27.36 -37.99 -20.12
C THR B 889 27.70 -38.38 -18.69
N TYR B 890 27.72 -39.68 -18.44
CA TYR B 890 28.16 -40.23 -17.16
C TYR B 890 29.55 -40.84 -17.23
N GLU B 891 30.24 -40.70 -18.35
CA GLU B 891 31.48 -41.43 -18.58
C GLU B 891 32.70 -40.87 -17.89
N LYS B 892 32.58 -39.78 -17.14
CA LYS B 892 33.74 -39.32 -16.39
C LYS B 892 33.73 -39.78 -14.94
N LEU B 893 32.67 -40.41 -14.47
CA LEU B 893 32.65 -40.93 -13.11
C LEU B 893 33.47 -42.20 -12.98
N ASP B 894 34.21 -42.31 -11.89
CA ASP B 894 34.83 -43.57 -11.54
C ASP B 894 33.81 -44.48 -10.85
N GLU B 895 34.28 -45.68 -10.49
CA GLU B 895 33.41 -46.67 -9.85
C GLU B 895 32.92 -46.28 -8.46
N ASP B 896 33.62 -45.39 -7.75
CA ASP B 896 33.16 -44.95 -6.45
C ASP B 896 32.05 -43.91 -6.51
N GLY B 897 31.57 -43.56 -7.70
CA GLY B 897 30.58 -42.53 -7.89
C GLY B 897 31.10 -41.11 -7.93
N LEU B 898 32.41 -40.92 -7.89
CA LEU B 898 32.99 -39.60 -7.79
C LEU B 898 33.93 -39.41 -8.96
N ILE B 899 34.00 -38.19 -9.48
CA ILE B 899 34.93 -37.91 -10.55
C ILE B 899 36.31 -37.65 -9.95
N ALA B 900 37.33 -37.84 -10.76
CA ALA B 900 38.66 -37.69 -10.22
C ALA B 900 39.29 -36.36 -10.63
N PRO B 901 40.16 -35.80 -9.79
CA PRO B 901 40.87 -34.57 -10.16
C PRO B 901 41.71 -34.71 -11.40
N GLY B 902 41.79 -33.62 -12.15
CA GLY B 902 42.50 -33.57 -13.40
C GLY B 902 41.65 -33.72 -14.64
N VAL B 903 40.38 -34.07 -14.52
CA VAL B 903 39.55 -34.30 -15.70
C VAL B 903 38.86 -33.00 -16.03
N ARG B 904 38.91 -32.58 -17.30
CA ARG B 904 38.15 -31.41 -17.71
C ARG B 904 36.66 -31.76 -17.79
N VAL B 905 35.81 -30.83 -17.38
CA VAL B 905 34.37 -31.00 -17.43
C VAL B 905 33.76 -29.82 -18.15
N SER B 906 32.67 -30.08 -18.85
CA SER B 906 31.84 -29.08 -19.49
C SER B 906 30.45 -29.18 -18.90
N GLY B 907 29.62 -28.18 -19.22
CA GLY B 907 28.24 -28.11 -18.76
C GLY B 907 27.39 -29.35 -18.95
N ASP B 908 26.58 -29.64 -17.93
CA ASP B 908 25.61 -30.73 -17.83
C ASP B 908 26.25 -32.11 -17.63
N ASP B 909 27.57 -32.21 -17.71
CA ASP B 909 28.25 -33.43 -17.28
C ASP B 909 27.95 -33.74 -15.83
N ILE B 910 27.70 -35.01 -15.55
CA ILE B 910 27.52 -35.46 -14.17
C ILE B 910 28.87 -35.61 -13.49
N ILE B 911 29.02 -35.03 -12.30
CA ILE B 911 30.25 -35.18 -11.55
C ILE B 911 30.07 -35.93 -10.25
N ILE B 912 28.85 -36.04 -9.74
CA ILE B 912 28.57 -36.81 -8.54
C ILE B 912 27.33 -37.63 -8.85
N GLY B 913 27.49 -38.94 -8.93
CA GLY B 913 26.37 -39.84 -9.14
C GLY B 913 25.74 -40.30 -7.85
N LYS B 914 24.43 -40.12 -7.75
CA LYS B 914 23.72 -40.57 -6.56
C LYS B 914 22.33 -41.01 -6.97
N THR B 915 21.85 -42.08 -6.34
CA THR B 915 20.51 -42.58 -6.59
C THR B 915 19.68 -42.60 -5.33
N THR B 916 18.36 -42.58 -5.51
CA THR B 916 17.41 -42.77 -4.44
C THR B 916 16.45 -43.88 -4.83
N PRO B 917 16.16 -44.84 -3.95
CA PRO B 917 15.23 -45.91 -4.31
C PRO B 917 13.79 -45.43 -4.40
N ILE B 918 13.03 -46.09 -5.27
CA ILE B 918 11.61 -45.79 -5.43
C ILE B 918 10.84 -46.70 -4.49
N PRO B 919 9.92 -46.18 -3.68
CA PRO B 919 9.12 -47.04 -2.78
C PRO B 919 8.18 -47.91 -3.57
N PRO B 920 7.73 -49.04 -2.99
CA PRO B 920 6.72 -49.85 -3.67
C PRO B 920 5.31 -49.37 -3.39
N TYR B 931 12.63 -56.02 -10.25
CA TYR B 931 13.25 -54.83 -9.65
C TYR B 931 13.01 -53.47 -10.28
N HIS B 932 14.12 -52.77 -10.57
CA HIS B 932 14.24 -51.55 -11.35
C HIS B 932 13.58 -50.58 -10.39
N THR B 933 14.39 -50.18 -9.39
CA THR B 933 13.92 -49.56 -8.17
C THR B 933 14.47 -48.19 -7.85
N LYS B 934 15.49 -47.70 -8.55
CA LYS B 934 16.01 -46.41 -8.11
C LYS B 934 15.72 -45.28 -9.09
N ARG B 935 15.92 -44.08 -8.55
CA ARG B 935 15.77 -42.80 -9.24
C ARG B 935 17.03 -41.98 -9.10
N ASP B 936 17.41 -41.32 -10.19
CA ASP B 936 18.64 -40.56 -10.20
C ASP B 936 18.50 -39.29 -9.39
N ALA B 937 19.52 -38.97 -8.62
CA ALA B 937 19.55 -37.74 -7.85
C ALA B 937 20.92 -37.09 -7.97
N SER B 938 21.47 -37.13 -9.17
CA SER B 938 22.85 -36.74 -9.41
C SER B 938 22.95 -35.24 -9.62
N THR B 939 24.18 -34.73 -9.54
CA THR B 939 24.42 -33.30 -9.63
C THR B 939 25.20 -33.00 -10.90
N PRO B 940 24.64 -32.27 -11.85
CA PRO B 940 25.42 -31.86 -13.01
C PRO B 940 26.09 -30.51 -12.80
N LEU B 941 27.25 -30.36 -13.45
CA LEU B 941 27.90 -29.07 -13.58
C LEU B 941 26.97 -28.04 -14.19
N ARG B 942 27.06 -26.80 -13.68
CA ARG B 942 26.27 -25.68 -14.17
C ARG B 942 26.48 -25.48 -15.67
N SER B 943 25.38 -25.24 -16.38
CA SER B 943 25.36 -25.33 -17.84
C SER B 943 26.29 -24.33 -18.52
N THR B 944 26.53 -23.18 -17.89
CA THR B 944 27.32 -22.11 -18.46
C THR B 944 28.81 -22.20 -18.13
N GLU B 945 29.29 -23.29 -17.54
CA GLU B 945 30.64 -23.31 -17.01
C GLU B 945 31.45 -24.45 -17.62
N ASN B 946 32.77 -24.37 -17.43
CA ASN B 946 33.74 -25.40 -17.78
C ASN B 946 34.98 -25.18 -16.93
N GLY B 947 35.86 -26.17 -16.96
CA GLY B 947 37.10 -26.08 -16.23
C GLY B 947 37.64 -27.46 -15.91
N ILE B 948 38.48 -27.52 -14.89
CA ILE B 948 39.13 -28.76 -14.50
C ILE B 948 38.75 -29.06 -13.07
N VAL B 949 38.44 -30.33 -12.78
CA VAL B 949 38.24 -30.76 -11.40
C VAL B 949 39.56 -30.65 -10.66
N ASP B 950 39.58 -29.95 -9.55
CA ASP B 950 40.85 -29.70 -8.88
C ASP B 950 41.12 -30.59 -7.69
N GLN B 951 40.09 -30.93 -6.92
CA GLN B 951 40.26 -31.59 -5.65
C GLN B 951 38.90 -32.11 -5.23
N VAL B 952 38.87 -33.29 -4.64
CA VAL B 952 37.63 -33.92 -4.20
C VAL B 952 37.78 -34.36 -2.77
N LEU B 953 36.96 -33.79 -1.91
CA LEU B 953 36.96 -34.10 -0.50
C LEU B 953 35.93 -35.19 -0.27
N LEU B 954 36.30 -36.23 0.47
CA LEU B 954 35.37 -37.26 0.88
C LEU B 954 35.44 -37.45 2.38
N THR B 955 34.29 -37.41 3.05
CA THR B 955 34.23 -37.50 4.50
C THR B 955 32.82 -37.88 4.90
N THR B 956 32.56 -37.87 6.21
CA THR B 956 31.21 -38.07 6.70
C THR B 956 30.79 -36.87 7.53
N ASN B 957 29.47 -36.69 7.61
CA ASN B 957 28.90 -35.57 8.35
C ASN B 957 28.55 -36.02 9.76
N GLN B 958 27.94 -35.09 10.51
CA GLN B 958 27.58 -35.32 11.91
C GLN B 958 26.64 -36.51 12.08
N GLU B 959 25.83 -36.82 11.07
CA GLU B 959 24.90 -37.94 11.15
C GLU B 959 25.51 -39.25 10.67
N GLY B 960 26.76 -39.25 10.24
CA GLY B 960 27.42 -40.48 9.86
C GLY B 960 27.29 -40.95 8.42
N LEU B 961 26.50 -40.28 7.59
CA LEU B 961 26.42 -40.66 6.19
C LEU B 961 27.53 -40.01 5.37
N LYS B 962 27.73 -40.52 4.16
CA LYS B 962 28.83 -40.07 3.33
C LYS B 962 28.58 -38.66 2.80
N PHE B 963 29.67 -37.95 2.56
CA PHE B 963 29.62 -36.52 2.31
C PHE B 963 30.78 -36.14 1.40
N VAL B 964 30.49 -35.45 0.29
CA VAL B 964 31.53 -35.14 -0.68
C VAL B 964 31.49 -33.66 -1.00
N LYS B 965 32.63 -33.12 -1.39
CA LYS B 965 32.74 -31.81 -2.01
C LYS B 965 33.68 -31.89 -3.22
N VAL B 966 33.26 -31.28 -4.32
CA VAL B 966 34.06 -31.24 -5.53
C VAL B 966 34.36 -29.79 -5.87
N ARG B 967 35.64 -29.40 -5.87
CA ARG B 967 35.99 -28.05 -6.25
C ARG B 967 36.46 -28.05 -7.69
N MET B 968 35.91 -27.16 -8.50
CA MET B 968 36.33 -27.00 -9.88
C MET B 968 37.04 -25.67 -10.03
N ARG B 969 38.14 -25.65 -10.79
CA ARG B 969 38.88 -24.44 -11.09
C ARG B 969 38.87 -24.19 -12.58
N THR B 970 38.73 -22.93 -12.97
CA THR B 970 39.03 -22.53 -14.33
C THR B 970 39.73 -21.19 -14.29
N THR B 971 40.19 -20.76 -15.46
CA THR B 971 40.89 -19.48 -15.58
C THR B 971 40.09 -18.56 -16.47
N LYS B 972 39.85 -17.34 -15.99
CA LYS B 972 39.12 -16.32 -16.70
C LYS B 972 40.09 -15.30 -17.25
N VAL B 973 40.07 -15.12 -18.57
CA VAL B 973 40.98 -14.25 -19.30
C VAL B 973 40.19 -13.02 -19.72
N PRO B 974 40.69 -11.80 -19.47
CA PRO B 974 39.95 -10.58 -19.82
C PRO B 974 39.56 -10.56 -21.29
N GLN B 975 38.38 -10.06 -21.56
CA GLN B 975 37.91 -10.01 -22.93
C GLN B 975 36.92 -8.88 -23.01
N ILE B 976 36.53 -8.52 -24.24
CA ILE B 976 35.49 -7.55 -24.55
C ILE B 976 34.28 -7.76 -23.63
N GLY B 977 33.86 -6.71 -22.96
CA GLY B 977 32.73 -6.78 -22.06
C GLY B 977 33.07 -6.87 -20.59
N ASP B 978 34.28 -7.32 -20.24
CA ASP B 978 34.66 -7.39 -18.83
C ASP B 978 34.85 -5.99 -18.26
N LYS B 979 34.67 -5.88 -16.96
CA LYS B 979 34.56 -4.60 -16.27
C LYS B 979 35.80 -4.31 -15.44
N PHE B 980 36.24 -3.06 -15.44
CA PHE B 980 37.44 -2.60 -14.74
C PHE B 980 37.20 -1.22 -14.19
N ALA B 981 37.98 -0.85 -13.19
CA ALA B 981 37.80 0.46 -12.58
C ALA B 981 39.09 0.86 -11.91
N SER B 982 39.39 2.14 -11.96
CA SER B 982 40.41 2.74 -11.11
C SER B 982 39.81 2.96 -9.75
N ARG B 983 40.60 3.49 -8.81
CA ARG B 983 40.04 3.63 -7.47
C ARG B 983 39.27 4.94 -7.27
N HIS B 984 38.73 5.54 -8.33
CA HIS B 984 38.07 6.82 -8.21
C HIS B 984 36.68 6.81 -8.81
N GLY B 985 36.04 5.67 -8.85
CA GLY B 985 34.72 5.62 -9.44
C GLY B 985 34.68 5.76 -10.93
N GLN B 986 35.77 5.46 -11.61
CA GLN B 986 35.90 5.64 -13.05
C GLN B 986 35.93 4.22 -13.58
N LYS B 987 34.76 3.71 -13.93
CA LYS B 987 34.60 2.31 -14.26
C LYS B 987 34.26 2.16 -15.72
N GLY B 988 34.58 1.01 -16.29
CA GLY B 988 34.30 0.80 -17.69
C GLY B 988 34.45 -0.63 -18.11
N THR B 989 33.91 -0.91 -19.30
CA THR B 989 34.08 -2.19 -19.94
C THR B 989 35.00 -2.07 -21.14
N ILE B 990 35.64 -3.18 -21.49
CA ILE B 990 36.53 -3.19 -22.63
C ILE B 990 35.73 -3.07 -23.91
N GLY B 991 36.07 -2.12 -24.74
CA GLY B 991 35.37 -1.95 -25.99
C GLY B 991 35.99 -2.66 -27.16
N VAL B 992 37.30 -2.86 -27.14
CA VAL B 992 37.99 -3.60 -28.18
C VAL B 992 39.38 -3.92 -27.66
N THR B 993 40.03 -4.88 -28.29
CA THR B 993 41.43 -5.11 -28.03
C THR B 993 42.27 -4.83 -29.28
N TYR B 994 43.48 -4.34 -29.06
CA TYR B 994 44.48 -4.07 -30.08
C TYR B 994 45.78 -4.77 -29.76
N ARG B 995 46.41 -5.34 -30.77
CA ARG B 995 47.70 -5.95 -30.58
C ARG B 995 48.75 -4.86 -30.37
N HIS B 996 49.92 -5.26 -29.86
CA HIS B 996 51.04 -4.38 -29.53
C HIS B 996 51.37 -3.33 -30.58
N GLU B 997 51.47 -3.73 -31.84
CA GLU B 997 51.97 -2.81 -32.85
C GLU B 997 50.95 -1.78 -33.31
N ASP B 998 49.68 -1.95 -33.02
CA ASP B 998 48.70 -0.93 -33.39
C ASP B 998 48.49 0.13 -32.33
N MET B 999 49.00 -0.06 -31.13
CA MET B 999 48.82 0.94 -30.09
C MET B 999 49.67 2.17 -30.40
N PRO B 1000 49.26 3.35 -29.94
CA PRO B 1000 50.16 4.50 -29.94
C PRO B 1000 51.32 4.25 -29.01
N PHE B 1001 52.48 4.82 -29.35
CA PHE B 1001 53.65 4.62 -28.53
C PHE B 1001 54.38 5.95 -28.32
N SER B 1002 55.06 6.03 -27.19
CA SER B 1002 55.95 7.14 -26.92
C SER B 1002 57.28 6.87 -27.59
N ALA B 1003 58.09 7.92 -27.67
CA ALA B 1003 59.42 7.82 -28.28
C ALA B 1003 60.29 6.73 -27.68
N GLU B 1004 60.21 6.52 -26.37
CA GLU B 1004 60.91 5.40 -25.74
C GLU B 1004 60.36 4.02 -26.11
N GLY B 1005 59.29 3.91 -26.88
CA GLY B 1005 58.72 2.64 -27.25
C GLY B 1005 57.84 2.02 -26.19
N ILE B 1006 57.43 2.79 -25.20
CA ILE B 1006 56.48 2.36 -24.20
C ILE B 1006 55.09 2.46 -24.81
N VAL B 1007 54.30 1.41 -24.71
CA VAL B 1007 52.93 1.52 -25.21
C VAL B 1007 52.00 1.39 -24.02
N PRO B 1008 50.83 2.01 -24.03
CA PRO B 1008 49.95 1.87 -22.87
C PRO B 1008 49.34 0.49 -22.89
N ASP B 1009 49.10 -0.04 -21.70
CA ASP B 1009 48.24 -1.19 -21.50
C ASP B 1009 46.76 -0.91 -21.74
N LEU B 1010 46.34 0.34 -21.71
CA LEU B 1010 44.94 0.62 -21.49
C LEU B 1010 44.68 2.09 -21.83
N ILE B 1011 43.65 2.37 -22.61
CA ILE B 1011 43.29 3.73 -23.01
C ILE B 1011 41.90 4.07 -22.53
N ILE B 1012 41.80 5.03 -21.61
CA ILE B 1012 40.54 5.57 -21.18
C ILE B 1012 40.26 6.85 -21.93
N ASN B 1013 39.05 7.38 -21.78
CA ASN B 1013 38.56 8.44 -22.64
C ASN B 1013 38.69 9.78 -21.92
N PRO B 1014 39.13 10.84 -22.61
CA PRO B 1014 39.22 12.15 -21.95
C PRO B 1014 37.92 12.71 -21.42
N HIS B 1015 36.77 12.34 -22.00
CA HIS B 1015 35.50 12.88 -21.56
C HIS B 1015 35.05 12.37 -20.21
N ALA B 1016 35.73 11.36 -19.66
CA ALA B 1016 35.38 10.89 -18.33
C ALA B 1016 35.77 11.85 -17.23
N ILE B 1017 36.60 12.85 -17.51
CA ILE B 1017 37.22 13.64 -16.46
C ILE B 1017 36.43 14.92 -16.17
N PRO B 1018 36.10 15.82 -17.13
CA PRO B 1018 35.69 17.18 -16.71
C PRO B 1018 34.35 17.24 -16.00
N SER B 1019 33.39 16.42 -16.39
CA SER B 1019 32.12 16.51 -15.69
C SER B 1019 32.10 15.68 -14.43
N ARG B 1020 32.94 14.65 -14.35
CA ARG B 1020 32.96 13.90 -13.12
C ARG B 1020 33.88 14.53 -12.07
N MET B 1021 34.85 15.34 -12.52
CA MET B 1021 35.77 16.11 -11.69
C MET B 1021 36.58 15.24 -10.74
N THR B 1022 37.02 14.08 -11.23
CA THR B 1022 37.91 13.21 -10.48
C THR B 1022 39.36 13.64 -10.72
N VAL B 1023 39.68 14.84 -10.22
CA VAL B 1023 41.02 15.40 -10.41
C VAL B 1023 42.06 14.54 -9.71
N ALA B 1024 41.67 13.88 -8.60
CA ALA B 1024 42.55 12.96 -7.89
C ALA B 1024 43.08 11.84 -8.78
N HIS B 1025 42.30 11.43 -9.78
CA HIS B 1025 42.73 10.38 -10.69
C HIS B 1025 43.95 10.84 -11.47
N LEU B 1026 43.91 12.08 -11.97
CA LEU B 1026 45.03 12.65 -12.70
C LEU B 1026 46.26 12.80 -11.81
N ILE B 1027 46.11 13.41 -10.63
CA ILE B 1027 47.21 13.58 -9.68
C ILE B 1027 47.84 12.24 -9.30
N GLU B 1028 47.02 11.19 -9.14
CA GLU B 1028 47.57 9.87 -8.83
C GLU B 1028 48.47 9.38 -9.95
N CYS B 1029 48.06 9.63 -11.19
CA CYS B 1029 48.85 9.24 -12.35
C CYS B 1029 50.18 9.98 -12.35
N LEU B 1030 50.13 11.29 -12.16
CA LEU B 1030 51.33 12.13 -12.07
C LEU B 1030 52.27 11.65 -10.98
N LEU B 1031 51.74 11.47 -9.76
CA LEU B 1031 52.55 11.03 -8.63
C LEU B 1031 53.16 9.66 -8.86
N SER B 1032 52.43 8.75 -9.49
CA SER B 1032 52.95 7.41 -9.70
C SER B 1032 54.04 7.38 -10.74
N LYS B 1033 53.96 8.25 -11.74
CA LYS B 1033 55.04 8.41 -12.72
C LYS B 1033 56.35 8.76 -12.00
N VAL B 1034 56.32 9.83 -11.20
CA VAL B 1034 57.48 10.22 -10.38
C VAL B 1034 57.95 9.04 -9.54
N GLY B 1035 57.00 8.34 -8.93
CA GLY B 1035 57.34 7.26 -8.01
C GLY B 1035 58.05 6.10 -8.67
N SER B 1036 57.68 5.79 -9.90
CA SER B 1036 58.32 4.65 -10.56
C SER B 1036 59.68 5.02 -11.13
N ILE B 1037 59.90 6.27 -11.50
CA ILE B 1037 61.21 6.69 -11.96
C ILE B 1037 62.21 6.71 -10.81
N ARG B 1038 61.85 7.33 -9.69
CA ARG B 1038 62.81 7.43 -8.60
C ARG B 1038 62.82 6.19 -7.73
N GLY B 1039 61.85 5.32 -7.88
CA GLY B 1039 61.85 4.08 -7.13
C GLY B 1039 61.30 4.10 -5.72
N TYR B 1040 60.14 4.71 -5.49
CA TYR B 1040 59.48 4.53 -4.21
C TYR B 1040 58.00 4.73 -4.43
N GLU B 1041 57.22 4.37 -3.44
CA GLU B 1041 55.79 4.59 -3.47
C GLU B 1041 55.47 5.92 -2.80
N GLY B 1042 54.94 6.85 -3.59
CA GLY B 1042 54.60 8.16 -3.05
C GLY B 1042 53.54 8.07 -1.98
N ASP B 1043 53.59 8.99 -1.04
CA ASP B 1043 52.63 9.06 0.05
C ASP B 1043 51.48 9.93 -0.43
N ALA B 1044 50.32 9.32 -0.62
CA ALA B 1044 49.13 9.99 -1.10
C ALA B 1044 48.05 10.09 -0.04
N THR B 1045 48.44 10.05 1.22
CA THR B 1045 47.52 10.28 2.33
C THR B 1045 46.81 11.61 2.15
N PRO B 1046 45.51 11.69 2.42
CA PRO B 1046 44.83 12.97 2.36
C PRO B 1046 45.24 13.86 3.51
N PHE B 1047 45.11 15.18 3.28
CA PHE B 1047 45.28 16.23 4.27
C PHE B 1047 46.75 16.32 4.70
N THR B 1048 47.65 16.30 3.73
CA THR B 1048 49.08 16.51 3.95
C THR B 1048 49.56 17.74 3.18
N ASP B 1049 50.87 18.01 3.32
CA ASP B 1049 51.52 19.16 2.71
C ASP B 1049 51.89 18.95 1.25
N LEU B 1050 51.74 17.75 0.71
CA LEU B 1050 52.08 17.46 -0.68
C LEU B 1050 51.26 18.31 -1.65
N THR B 1051 51.94 18.97 -2.57
CA THR B 1051 51.27 19.79 -3.57
C THR B 1051 51.61 19.25 -4.95
N VAL B 1052 50.79 19.63 -5.93
CA VAL B 1052 51.02 19.23 -7.31
C VAL B 1052 52.33 19.80 -7.85
N ASP B 1053 52.65 21.04 -7.49
CA ASP B 1053 53.88 21.67 -7.96
C ASP B 1053 55.13 20.98 -7.44
N ALA B 1054 55.10 20.49 -6.20
CA ALA B 1054 56.26 19.79 -5.67
C ALA B 1054 56.51 18.51 -6.43
N VAL B 1055 55.45 17.78 -6.79
CA VAL B 1055 55.60 16.56 -7.58
C VAL B 1055 56.05 16.89 -9.00
N SER B 1056 55.52 17.97 -9.57
CA SER B 1056 55.90 18.39 -10.92
C SER B 1056 57.36 18.79 -11.03
N ASN B 1057 57.92 19.45 -10.02
CA ASN B 1057 59.33 19.82 -10.00
C ASN B 1057 60.24 18.61 -10.08
N LEU B 1058 59.96 17.59 -9.28
CA LEU B 1058 60.74 16.35 -9.33
C LEU B 1058 60.70 15.72 -10.71
N LEU B 1059 59.51 15.64 -11.30
CA LEU B 1059 59.34 14.99 -12.59
C LEU B 1059 60.14 15.64 -13.70
N ARG B 1060 60.18 16.98 -13.75
CA ARG B 1060 60.90 17.66 -14.83
C ARG B 1060 62.40 17.42 -14.71
N ASP B 1061 62.93 17.39 -13.48
CA ASP B 1061 64.33 17.09 -13.22
C ASP B 1061 64.77 15.67 -13.64
N ASN B 1062 63.84 14.82 -14.07
CA ASN B 1062 64.18 13.47 -14.51
C ASN B 1062 64.05 13.32 -16.02
N GLY B 1063 63.84 14.42 -16.73
CA GLY B 1063 63.86 14.41 -18.17
C GLY B 1063 62.51 14.29 -18.85
N TYR B 1064 61.42 14.28 -18.10
CA TYR B 1064 60.07 14.20 -18.65
C TYR B 1064 59.39 15.55 -18.52
N GLN B 1065 58.46 15.83 -19.44
CA GLN B 1065 57.63 17.03 -19.35
C GLN B 1065 56.86 17.05 -18.03
N SER B 1066 56.77 18.23 -17.43
CA SER B 1066 56.49 18.29 -16.00
C SER B 1066 55.05 17.99 -15.67
N ARG B 1067 54.13 18.12 -16.62
CA ARG B 1067 52.73 17.87 -16.34
C ARG B 1067 52.30 16.47 -16.72
N GLY B 1068 53.23 15.59 -17.08
CA GLY B 1068 52.92 14.22 -17.37
C GLY B 1068 52.71 13.90 -18.83
N PHE B 1069 52.61 14.90 -19.70
CA PHE B 1069 52.42 14.65 -21.11
C PHE B 1069 53.66 14.05 -21.73
N GLU B 1070 53.47 13.39 -22.87
CA GLU B 1070 54.55 12.85 -23.68
C GLU B 1070 54.09 12.91 -25.12
N VAL B 1071 55.01 13.22 -26.02
CA VAL B 1071 54.77 13.07 -27.44
C VAL B 1071 54.53 11.61 -27.75
N MET B 1072 53.54 11.33 -28.58
CA MET B 1072 53.26 9.95 -28.93
C MET B 1072 52.99 9.88 -30.41
N TYR B 1073 53.09 8.67 -30.94
CA TYR B 1073 53.07 8.43 -32.37
C TYR B 1073 51.93 7.49 -32.71
N ASN B 1074 51.21 7.78 -33.79
CA ASN B 1074 50.15 6.91 -34.20
C ASN B 1074 50.71 5.58 -34.69
N GLY B 1075 50.12 4.49 -34.24
CA GLY B 1075 50.65 3.18 -34.57
C GLY B 1075 50.40 2.75 -36.00
N HIS B 1076 49.34 3.24 -36.62
CA HIS B 1076 49.03 2.80 -37.98
C HIS B 1076 50.00 3.39 -38.99
N THR B 1077 50.37 4.64 -38.83
CA THR B 1077 51.10 5.38 -39.84
C THR B 1077 52.50 5.77 -39.44
N GLY B 1078 52.82 5.78 -38.16
CA GLY B 1078 54.07 6.35 -37.71
C GLY B 1078 54.08 7.86 -37.63
N LYS B 1079 53.03 8.54 -38.07
CA LYS B 1079 52.98 9.99 -38.02
C LYS B 1079 52.74 10.43 -36.58
N LYS B 1080 53.36 11.54 -36.17
CA LYS B 1080 53.05 12.13 -34.87
C LYS B 1080 51.57 12.49 -34.72
N LEU B 1081 51.08 12.40 -33.50
CA LEU B 1081 49.79 12.98 -33.19
C LEU B 1081 50.00 14.46 -32.95
N MET B 1082 49.13 15.29 -33.53
CA MET B 1082 49.18 16.73 -33.31
C MET B 1082 49.04 17.13 -31.85
N ALA B 1083 48.47 16.29 -31.02
CA ALA B 1083 48.28 16.58 -29.61
C ALA B 1083 49.11 15.62 -28.79
N GLN B 1084 49.61 16.09 -27.65
CA GLN B 1084 50.33 15.22 -26.75
C GLN B 1084 49.39 14.60 -25.73
N VAL B 1085 49.79 13.44 -25.22
CA VAL B 1085 48.90 12.53 -24.51
C VAL B 1085 49.41 12.34 -23.10
N PHE B 1086 48.55 12.63 -22.12
CA PHE B 1086 48.75 12.27 -20.72
C PHE B 1086 48.93 10.79 -20.53
N PHE B 1087 50.02 10.41 -19.89
CA PHE B 1087 50.55 9.05 -19.97
C PHE B 1087 51.26 8.68 -18.68
N GLY B 1088 50.91 7.52 -18.12
CA GLY B 1088 51.52 7.06 -16.89
C GLY B 1088 50.80 5.93 -16.18
N PRO B 1089 51.41 5.39 -15.11
CA PRO B 1089 50.81 4.29 -14.38
C PRO B 1089 49.61 4.71 -13.54
N THR B 1090 48.61 3.85 -13.49
CA THR B 1090 47.46 4.01 -12.61
C THR B 1090 47.00 2.65 -12.10
N TYR B 1091 46.61 2.59 -10.82
CA TYR B 1091 46.18 1.34 -10.22
C TYR B 1091 44.79 0.98 -10.68
N TYR B 1092 44.63 -0.17 -11.32
CA TYR B 1092 43.30 -0.50 -11.79
C TYR B 1092 42.87 -1.80 -11.13
N GLN B 1093 41.59 -1.88 -10.81
CA GLN B 1093 41.03 -3.06 -10.15
C GLN B 1093 40.01 -3.82 -11.00
N ARG B 1094 40.16 -5.14 -11.02
CA ARG B 1094 39.27 -6.06 -11.75
C ARG B 1094 38.02 -6.47 -10.96
N LEU B 1095 36.87 -5.97 -11.37
CA LEU B 1095 35.62 -6.22 -10.66
C LEU B 1095 34.98 -7.54 -11.12
N ARG B 1096 34.08 -8.07 -10.27
CA ARG B 1096 33.46 -9.38 -10.45
C ARG B 1096 32.53 -9.50 -11.65
N HIS B 1097 32.16 -8.43 -12.33
CA HIS B 1097 31.14 -8.51 -13.38
C HIS B 1097 31.81 -8.78 -14.71
N MET B 1098 31.69 -10.01 -15.17
CA MET B 1098 32.24 -10.48 -16.41
C MET B 1098 31.13 -10.96 -17.32
N VAL B 1099 31.27 -10.68 -18.62
CA VAL B 1099 30.18 -10.84 -19.59
C VAL B 1099 29.73 -12.30 -19.67
N ASP B 1100 30.64 -13.28 -19.55
CA ASP B 1100 30.19 -14.65 -19.66
C ASP B 1100 29.46 -15.14 -18.41
N ASP B 1101 29.35 -14.31 -17.38
CA ASP B 1101 28.46 -14.58 -16.26
C ASP B 1101 27.11 -13.94 -16.44
N LYS B 1102 26.88 -13.19 -17.52
CA LYS B 1102 25.63 -12.47 -17.73
C LYS B 1102 24.92 -12.84 -19.00
N ILE B 1103 25.65 -13.16 -20.09
CA ILE B 1103 25.06 -13.47 -21.40
C ILE B 1103 24.02 -14.57 -21.24
N HIS B 1104 22.90 -14.40 -21.92
CA HIS B 1104 21.83 -15.38 -21.81
C HIS B 1104 20.93 -15.31 -23.04
N ALA B 1105 20.53 -16.46 -23.53
CA ALA B 1105 19.57 -16.55 -24.62
C ALA B 1105 18.63 -17.72 -24.42
N ARG B 1106 17.39 -17.58 -24.86
CA ARG B 1106 16.44 -18.67 -24.79
C ARG B 1106 15.63 -18.80 -26.07
N ALA B 1107 15.64 -19.98 -26.67
CA ALA B 1107 14.67 -20.23 -27.73
C ALA B 1107 13.37 -20.73 -27.14
N ARG B 1108 13.22 -22.05 -27.06
CA ARG B 1108 12.23 -22.70 -26.22
C ARG B 1108 12.93 -23.33 -25.03
N GLY B 1109 12.17 -23.76 -24.04
CA GLY B 1109 12.76 -24.36 -22.87
C GLY B 1109 11.77 -24.69 -21.77
N PRO B 1110 12.28 -24.90 -20.56
CA PRO B 1110 11.42 -25.40 -19.48
C PRO B 1110 10.39 -24.37 -19.07
N VAL B 1111 9.24 -24.85 -18.60
CA VAL B 1111 8.18 -23.97 -18.16
C VAL B 1111 7.81 -24.26 -16.72
N GLN B 1112 7.11 -23.31 -16.10
CA GLN B 1112 6.59 -23.53 -14.77
C GLN B 1112 5.40 -24.47 -14.83
N VAL B 1113 5.29 -25.34 -13.83
CA VAL B 1113 4.18 -26.29 -13.77
C VAL B 1113 2.84 -25.56 -13.66
N LEU B 1114 2.80 -24.50 -12.85
CA LEU B 1114 1.56 -23.81 -12.51
C LEU B 1114 1.02 -22.90 -13.61
N THR B 1115 1.88 -22.12 -14.25
CA THR B 1115 1.42 -21.15 -15.24
C THR B 1115 1.70 -21.54 -16.69
N ARG B 1116 2.52 -22.56 -16.92
CA ARG B 1116 3.02 -22.97 -18.24
C ARG B 1116 3.69 -21.86 -19.04
N GLN B 1117 4.21 -20.85 -18.35
CA GLN B 1117 5.04 -19.75 -18.78
C GLN B 1117 6.51 -20.04 -18.50
N PRO B 1118 7.41 -19.52 -19.34
CA PRO B 1118 8.87 -19.74 -19.15
C PRO B 1118 9.36 -19.47 -17.73
N VAL B 1119 10.30 -20.27 -17.27
CA VAL B 1119 10.83 -20.14 -15.92
C VAL B 1119 11.68 -18.90 -15.73
N GLU B 1120 11.96 -18.54 -14.48
CA GLU B 1120 12.76 -17.37 -14.15
C GLU B 1120 14.21 -17.77 -13.92
N GLY B 1121 15.14 -17.06 -14.54
CA GLY B 1121 16.53 -17.18 -14.12
C GLY B 1121 17.47 -17.85 -15.09
N ARG B 1122 18.63 -17.22 -15.31
CA ARG B 1122 19.79 -17.75 -16.01
C ARG B 1122 20.12 -19.20 -15.69
N SER B 1123 20.09 -19.55 -14.40
CA SER B 1123 20.49 -20.86 -13.93
C SER B 1123 19.47 -21.93 -14.26
N ARG B 1124 18.30 -21.55 -14.75
CA ARG B 1124 17.25 -22.49 -15.09
C ARG B 1124 16.84 -22.41 -16.56
N ASP B 1125 17.71 -21.85 -17.44
CA ASP B 1125 17.37 -21.55 -18.85
C ASP B 1125 16.13 -20.67 -18.97
N GLY B 1126 16.04 -19.63 -18.15
CA GLY B 1126 14.85 -18.81 -18.15
C GLY B 1126 14.75 -17.81 -19.29
N GLY B 1127 13.56 -17.19 -19.35
CA GLY B 1127 13.25 -16.17 -20.34
C GLY B 1127 13.16 -14.78 -19.73
N LEU B 1128 13.40 -13.77 -20.55
CA LEU B 1128 13.31 -12.38 -20.10
C LEU B 1128 11.87 -11.96 -19.85
N ARG B 1129 11.69 -11.08 -18.88
CA ARG B 1129 10.37 -10.54 -18.54
C ARG B 1129 9.96 -9.37 -19.43
N PHE B 1130 8.88 -9.55 -20.17
CA PHE B 1130 8.18 -8.49 -20.90
C PHE B 1130 7.20 -7.80 -19.97
N GLY B 1131 7.67 -6.74 -19.32
CA GLY B 1131 6.94 -6.12 -18.23
C GLY B 1131 5.88 -5.13 -18.69
N GLU B 1132 5.27 -4.47 -17.70
CA GLU B 1132 4.17 -3.54 -17.98
C GLU B 1132 4.64 -2.35 -18.81
N MET B 1133 5.87 -1.88 -18.58
CA MET B 1133 6.37 -0.72 -19.29
C MET B 1133 6.69 -1.01 -20.74
N GLU B 1134 7.09 -2.23 -21.05
CA GLU B 1134 7.33 -2.62 -22.44
C GLU B 1134 6.04 -2.77 -23.22
N ARG B 1135 5.00 -3.27 -22.58
CA ARG B 1135 3.65 -3.26 -23.13
C ARG B 1135 3.25 -1.86 -23.63
N ASP B 1136 3.43 -0.83 -22.78
CA ASP B 1136 3.04 0.53 -23.16
C ASP B 1136 3.78 1.05 -24.39
N CYS B 1137 5.09 0.74 -24.49
CA CYS B 1137 5.88 1.19 -25.64
C CYS B 1137 5.33 0.65 -26.95
N MET B 1138 4.89 -0.61 -26.98
CA MET B 1138 4.36 -1.14 -28.21
C MET B 1138 3.02 -0.51 -28.57
N ILE B 1139 2.21 -0.13 -27.58
CA ILE B 1139 1.00 0.62 -27.86
C ILE B 1139 1.33 1.95 -28.50
N ALA B 1140 2.31 2.67 -27.96
CA ALA B 1140 2.71 3.97 -28.51
C ALA B 1140 3.18 3.84 -29.96
N HIS B 1141 3.94 2.78 -30.26
CA HIS B 1141 4.32 2.54 -31.64
C HIS B 1141 3.13 2.16 -32.52
N GLY B 1142 2.00 1.81 -31.92
CA GLY B 1142 0.86 1.26 -32.62
C GLY B 1142 1.07 -0.11 -33.20
N ALA B 1143 2.01 -0.87 -32.67
CA ALA B 1143 2.31 -2.19 -33.23
C ALA B 1143 1.46 -3.24 -32.53
N ALA B 1144 0.16 -3.19 -32.83
CA ALA B 1144 -0.81 -4.07 -32.17
C ALA B 1144 -0.60 -5.53 -32.53
N GLY B 1145 -0.26 -5.79 -33.79
CA GLY B 1145 -0.02 -7.16 -34.23
C GLY B 1145 1.14 -7.80 -33.50
N PHE B 1146 2.26 -7.06 -33.39
CA PHE B 1146 3.43 -7.58 -32.68
C PHE B 1146 3.13 -7.89 -31.23
N LEU B 1147 2.37 -7.03 -30.56
CA LEU B 1147 2.09 -7.21 -29.14
C LEU B 1147 1.26 -8.46 -28.89
N LYS B 1148 0.24 -8.71 -29.72
CA LYS B 1148 -0.54 -9.95 -29.65
C LYS B 1148 0.32 -11.20 -29.75
N GLU B 1149 1.18 -11.26 -30.77
CA GLU B 1149 2.03 -12.44 -30.97
C GLU B 1149 2.96 -12.70 -29.80
N ARG B 1150 3.67 -11.66 -29.30
CA ARG B 1150 4.56 -11.77 -28.15
C ARG B 1150 3.90 -12.45 -26.97
N LEU B 1151 2.65 -12.10 -26.69
CA LEU B 1151 2.02 -12.50 -25.45
C LEU B 1151 1.23 -13.78 -25.63
N MET B 1152 1.23 -14.36 -26.83
CA MET B 1152 0.51 -15.61 -27.08
C MET B 1152 1.34 -16.70 -27.72
N GLU B 1153 1.59 -16.58 -29.03
CA GLU B 1153 2.33 -17.59 -29.79
C GLU B 1153 3.75 -17.79 -29.26
N ALA B 1154 4.38 -16.72 -28.81
CA ALA B 1154 5.73 -16.75 -28.28
C ALA B 1154 5.75 -17.01 -26.79
N SER B 1155 4.62 -17.40 -26.21
CA SER B 1155 4.58 -17.75 -24.79
C SER B 1155 3.62 -18.90 -24.50
N ASP B 1156 2.54 -18.61 -23.78
CA ASP B 1156 1.68 -19.60 -23.14
C ASP B 1156 0.30 -19.75 -23.78
N ALA B 1157 0.24 -19.69 -25.11
CA ALA B 1157 -1.00 -19.87 -25.87
C ALA B 1157 -1.68 -21.20 -25.56
N PHE B 1158 -3.00 -21.15 -25.42
CA PHE B 1158 -3.80 -22.29 -24.99
C PHE B 1158 -5.13 -22.24 -25.72
N ARG B 1159 -5.65 -23.40 -26.07
CA ARG B 1159 -6.97 -23.54 -26.69
C ARG B 1159 -8.00 -24.04 -25.69
N VAL B 1160 -9.13 -23.33 -25.58
CA VAL B 1160 -10.23 -23.77 -24.72
C VAL B 1160 -11.49 -23.86 -25.57
N HIS B 1161 -12.45 -24.64 -25.07
CA HIS B 1161 -13.79 -24.75 -25.63
C HIS B 1161 -14.83 -24.10 -24.74
N VAL B 1162 -15.75 -23.34 -25.34
CA VAL B 1162 -16.82 -22.74 -24.57
C VAL B 1162 -18.17 -23.17 -25.13
N CYS B 1163 -19.19 -23.07 -24.28
CA CYS B 1163 -20.56 -23.39 -24.65
C CYS B 1163 -21.19 -22.12 -25.18
N GLY B 1164 -21.81 -22.19 -26.35
CA GLY B 1164 -22.43 -21.01 -26.93
C GLY B 1164 -23.63 -20.48 -26.17
N ILE B 1165 -24.18 -21.25 -25.25
CA ILE B 1165 -25.39 -20.86 -24.56
C ILE B 1165 -25.05 -20.21 -23.22
N CYS B 1166 -24.32 -20.93 -22.38
CA CYS B 1166 -23.99 -20.46 -21.05
C CYS B 1166 -22.63 -19.79 -20.95
N GLY B 1167 -21.81 -19.86 -21.98
CA GLY B 1167 -20.57 -19.10 -21.98
C GLY B 1167 -19.48 -19.56 -21.05
N LEU B 1168 -19.63 -20.72 -20.41
CA LEU B 1168 -18.63 -21.23 -19.50
C LEU B 1168 -17.68 -22.17 -20.22
N MET B 1169 -16.52 -22.39 -19.61
CA MET B 1169 -15.55 -23.35 -20.14
C MET B 1169 -15.83 -24.75 -19.65
N SER B 1170 -17.10 -25.16 -19.68
CA SER B 1170 -17.55 -26.44 -19.15
C SER B 1170 -17.67 -27.51 -20.21
N VAL B 1171 -17.00 -27.37 -21.32
CA VAL B 1171 -17.21 -28.34 -22.38
C VAL B 1171 -16.26 -29.50 -22.14
N ILE B 1172 -16.78 -30.69 -22.35
CA ILE B 1172 -16.03 -31.93 -22.26
C ILE B 1172 -15.79 -32.38 -23.69
N ALA B 1173 -14.55 -32.37 -24.12
CA ALA B 1173 -14.19 -32.51 -25.53
C ALA B 1173 -13.29 -33.70 -25.69
N ASN B 1174 -13.80 -34.77 -26.28
CA ASN B 1174 -12.98 -35.91 -26.66
C ASN B 1174 -12.71 -35.76 -28.15
N LEU B 1175 -11.45 -35.50 -28.50
CA LEU B 1175 -11.15 -35.12 -29.88
C LEU B 1175 -10.99 -36.34 -30.78
N LYS B 1176 -10.54 -37.47 -30.25
CA LYS B 1176 -10.49 -38.65 -31.09
C LYS B 1176 -11.88 -39.25 -31.29
N LYS B 1177 -12.78 -39.12 -30.31
CA LYS B 1177 -14.14 -39.58 -30.57
C LYS B 1177 -14.98 -38.52 -31.28
N ASN B 1178 -14.49 -37.28 -31.34
CA ASN B 1178 -15.12 -36.14 -32.05
C ASN B 1178 -16.53 -35.85 -31.49
N GLN B 1179 -16.69 -35.91 -30.17
CA GLN B 1179 -17.98 -35.66 -29.55
C GLN B 1179 -17.79 -34.65 -28.44
N PHE B 1180 -18.65 -33.64 -28.41
CA PHE B 1180 -18.61 -32.54 -27.47
C PHE B 1180 -19.95 -32.38 -26.79
N GLU B 1181 -19.92 -32.03 -25.50
CA GLU B 1181 -21.17 -31.84 -24.78
C GLU B 1181 -20.94 -30.93 -23.58
N CYS B 1182 -21.71 -29.86 -23.51
CA CYS B 1182 -21.93 -29.13 -22.29
C CYS B 1182 -23.15 -29.77 -21.64
N ARG B 1183 -22.91 -30.53 -20.59
CA ARG B 1183 -23.97 -31.26 -19.88
C ARG B 1183 -25.03 -30.36 -19.28
N SER B 1184 -24.63 -29.17 -18.84
CA SER B 1184 -25.58 -28.26 -18.23
C SER B 1184 -26.61 -27.75 -19.24
N CYS B 1185 -26.18 -27.38 -20.44
CA CYS B 1185 -27.13 -26.88 -21.41
C CYS B 1185 -27.72 -27.96 -22.29
N LYS B 1186 -27.27 -29.22 -22.15
CA LYS B 1186 -27.64 -30.33 -23.03
C LYS B 1186 -27.42 -29.94 -24.49
N ASN B 1187 -26.23 -29.43 -24.77
CA ASN B 1187 -25.94 -28.77 -26.04
C ASN B 1187 -24.73 -29.45 -26.63
N LYS B 1188 -24.90 -30.00 -27.83
CA LYS B 1188 -23.83 -30.67 -28.56
C LYS B 1188 -23.54 -29.98 -29.88
N THR B 1189 -24.12 -28.81 -30.14
CA THR B 1189 -24.01 -28.20 -31.46
C THR B 1189 -23.50 -26.78 -31.42
N ASN B 1190 -23.91 -25.99 -30.43
CA ASN B 1190 -23.52 -24.58 -30.36
C ASN B 1190 -22.31 -24.44 -29.45
N ILE B 1191 -21.13 -24.75 -29.98
CA ILE B 1191 -19.91 -24.82 -29.18
C ILE B 1191 -18.79 -24.17 -29.99
N TYR B 1192 -17.99 -23.34 -29.33
CA TYR B 1192 -16.93 -22.59 -29.98
C TYR B 1192 -15.59 -22.90 -29.32
N GLN B 1193 -14.51 -22.77 -30.08
CA GLN B 1193 -13.17 -22.77 -29.51
C GLN B 1193 -12.53 -21.40 -29.52
N LEU B 1194 -11.71 -21.15 -28.50
CA LEU B 1194 -11.03 -19.89 -28.29
C LEU B 1194 -9.54 -20.14 -28.17
N HIS B 1195 -8.76 -19.13 -28.52
CA HIS B 1195 -7.34 -19.08 -28.20
C HIS B 1195 -7.16 -18.00 -27.15
N ILE B 1196 -6.80 -18.38 -25.93
CA ILE B 1196 -6.55 -17.41 -24.87
C ILE B 1196 -5.26 -17.81 -24.17
N PRO B 1197 -4.61 -16.86 -23.47
CA PRO B 1197 -3.48 -17.21 -22.62
C PRO B 1197 -3.84 -18.24 -21.57
N TYR B 1198 -2.91 -19.18 -21.35
CA TYR B 1198 -3.06 -20.14 -20.25
C TYR B 1198 -3.24 -19.45 -18.91
N ALA B 1199 -2.48 -18.40 -18.64
CA ALA B 1199 -2.65 -17.68 -17.39
C ALA B 1199 -4.01 -17.01 -17.26
N ALA B 1200 -4.71 -16.77 -18.38
CA ALA B 1200 -6.07 -16.27 -18.31
C ALA B 1200 -7.06 -17.39 -18.00
N LYS B 1201 -6.87 -18.55 -18.65
CA LYS B 1201 -7.63 -19.76 -18.30
C LYS B 1201 -7.50 -20.08 -16.82
N LEU B 1202 -6.28 -19.98 -16.30
CA LEU B 1202 -6.03 -20.21 -14.89
C LEU B 1202 -6.80 -19.22 -14.04
N LEU B 1203 -6.75 -17.94 -14.42
CA LEU B 1203 -7.46 -16.89 -13.70
C LEU B 1203 -8.95 -17.19 -13.59
N PHE B 1204 -9.58 -17.59 -14.70
CA PHE B 1204 -11.02 -17.86 -14.68
C PHE B 1204 -11.35 -19.05 -13.79
N GLN B 1205 -10.53 -20.10 -13.80
CA GLN B 1205 -10.77 -21.20 -12.88
C GLN B 1205 -10.61 -20.78 -11.43
N GLU B 1206 -9.67 -19.87 -11.12
CA GLU B 1206 -9.61 -19.39 -9.74
C GLU B 1206 -10.84 -18.56 -9.41
N LEU B 1207 -11.37 -17.81 -10.36
CA LEU B 1207 -12.60 -17.05 -10.08
C LEU B 1207 -13.79 -17.97 -9.89
N MET B 1208 -13.93 -19.01 -10.71
CA MET B 1208 -14.98 -20.00 -10.51
C MET B 1208 -14.92 -20.62 -9.13
N ALA B 1209 -13.72 -20.91 -8.63
CA ALA B 1209 -13.56 -21.49 -7.31
C ALA B 1209 -14.04 -20.56 -6.19
N MET B 1210 -14.16 -19.26 -6.45
CA MET B 1210 -14.74 -18.33 -5.50
C MET B 1210 -16.15 -17.93 -5.87
N ASN B 1211 -16.86 -18.76 -6.63
CA ASN B 1211 -18.26 -18.59 -6.99
C ASN B 1211 -18.49 -17.41 -7.93
N ILE B 1212 -17.47 -16.92 -8.62
CA ILE B 1212 -17.64 -15.87 -9.61
C ILE B 1212 -17.73 -16.56 -10.97
N ALA B 1213 -18.76 -16.24 -11.74
CA ALA B 1213 -18.97 -16.79 -13.08
C ALA B 1213 -18.48 -15.85 -14.17
N PRO B 1214 -17.36 -16.10 -14.80
CA PRO B 1214 -16.97 -15.28 -15.95
C PRO B 1214 -17.40 -15.87 -17.29
N ARG B 1215 -18.47 -15.33 -17.86
CA ARG B 1215 -19.08 -15.91 -19.05
C ARG B 1215 -18.51 -15.25 -20.31
N LEU B 1216 -17.87 -16.06 -21.14
CA LEU B 1216 -17.24 -15.58 -22.38
C LEU B 1216 -18.22 -15.75 -23.54
N TYR B 1217 -18.75 -14.65 -24.07
CA TYR B 1217 -19.60 -14.73 -25.24
C TYR B 1217 -18.86 -14.20 -26.46
N THR B 1218 -19.12 -14.81 -27.62
CA THR B 1218 -18.44 -14.40 -28.83
C THR B 1218 -19.23 -13.44 -29.72
N GLU B 1219 -20.34 -12.88 -29.25
CA GLU B 1219 -21.12 -11.95 -30.06
C GLU B 1219 -21.76 -10.90 -29.17
N ARG B 1220 -21.98 -9.72 -29.73
CA ARG B 1220 -22.60 -8.65 -28.97
C ARG B 1220 -24.11 -8.71 -29.15
N SER B 1221 -24.82 -7.81 -28.46
CA SER B 1221 -26.26 -7.78 -28.51
C SER B 1221 -26.77 -6.38 -28.20
N GLY B 1222 -25.91 -5.57 -27.57
CA GLY B 1222 -26.29 -4.22 -27.17
C GLY B 1222 -27.04 -4.18 -25.86
N GLU C 4 69.46 3.74 -52.93
CA GLU C 4 69.28 5.05 -52.28
C GLU C 4 69.02 5.06 -50.73
N PRO C 5 68.30 4.08 -50.15
CA PRO C 5 68.25 4.02 -48.68
C PRO C 5 69.62 3.82 -48.03
N LYS C 6 69.86 4.58 -46.97
CA LYS C 6 71.11 4.56 -46.23
C LYS C 6 70.87 4.27 -44.76
N VAL C 7 71.83 3.59 -44.12
CA VAL C 7 71.75 3.19 -42.73
C VAL C 7 73.06 3.60 -42.08
N ASN C 8 72.98 4.08 -40.83
CA ASN C 8 74.16 4.46 -40.07
C ASN C 8 73.89 3.95 -38.66
N ILE C 9 74.62 2.90 -38.26
CA ILE C 9 74.46 2.27 -36.96
C ILE C 9 75.18 3.08 -35.88
N ILE C 10 74.40 3.65 -34.98
CA ILE C 10 74.95 4.47 -33.89
C ILE C 10 75.57 3.61 -32.80
N ASN C 11 74.90 2.54 -32.38
CA ASN C 11 75.50 1.63 -31.41
C ASN C 11 75.04 0.22 -31.72
N ALA C 12 75.75 -0.74 -31.13
CA ALA C 12 75.45 -2.13 -31.41
C ALA C 12 75.98 -3.03 -30.30
N GLN C 13 75.24 -4.09 -30.03
CA GLN C 13 75.63 -5.17 -29.14
C GLN C 13 74.70 -6.33 -29.47
N ASP C 14 74.84 -7.42 -28.71
CA ASP C 14 74.18 -8.68 -29.05
C ASP C 14 72.66 -8.55 -29.10
N ASP C 15 72.07 -7.91 -28.09
CA ASP C 15 70.62 -7.90 -27.95
C ASP C 15 69.95 -6.56 -28.22
N GLU C 16 70.68 -5.53 -28.65
CA GLU C 16 70.01 -4.34 -29.14
C GLU C 16 70.89 -3.59 -30.12
N VAL C 17 70.27 -3.11 -31.19
CA VAL C 17 70.92 -2.32 -32.21
C VAL C 17 70.22 -0.98 -32.26
N GLU C 18 70.97 0.08 -32.11
CA GLU C 18 70.46 1.43 -32.27
C GLU C 18 70.95 1.92 -33.63
N LEU C 19 70.06 2.52 -34.41
CA LEU C 19 70.46 2.82 -35.77
C LEU C 19 69.66 3.99 -36.29
N MET C 20 70.25 4.66 -37.26
CA MET C 20 69.57 5.69 -38.02
C MET C 20 69.25 5.18 -39.41
N LEU C 21 68.02 5.44 -39.83
CA LEU C 21 67.50 5.02 -41.11
C LEU C 21 67.13 6.25 -41.89
N SER C 22 67.54 6.33 -43.15
CA SER C 22 67.36 7.57 -43.87
C SER C 22 67.11 7.29 -45.34
N ASP C 23 66.64 8.34 -46.03
CA ASP C 23 66.23 8.30 -47.43
C ASP C 23 65.16 7.24 -47.70
N VAL C 24 64.21 7.10 -46.79
CA VAL C 24 63.02 6.28 -47.01
C VAL C 24 61.78 7.05 -46.63
N ASN C 25 60.64 6.49 -47.02
CA ASN C 25 59.34 7.04 -46.67
C ASN C 25 59.00 6.65 -45.24
N LEU C 26 58.28 7.54 -44.57
CA LEU C 26 57.70 7.29 -43.24
C LEU C 26 56.99 5.93 -43.17
N SER C 27 56.17 5.62 -44.18
CA SER C 27 55.40 4.38 -44.17
C SER C 27 56.30 3.15 -44.15
N LEU C 28 57.46 3.22 -44.80
CA LEU C 28 58.36 2.08 -44.81
C LEU C 28 59.03 1.90 -43.46
N ALA C 29 59.41 2.99 -42.81
CA ALA C 29 59.96 2.90 -41.46
C ALA C 29 58.93 2.34 -40.50
N ASN C 30 57.67 2.70 -40.66
CA ASN C 30 56.65 2.21 -39.75
C ASN C 30 56.34 0.75 -40.01
N SER C 31 56.24 0.36 -41.28
CA SER C 31 56.00 -1.04 -41.60
C SER C 31 57.12 -1.95 -41.16
N LEU C 32 58.34 -1.44 -41.17
CA LEU C 32 59.44 -2.21 -40.61
C LEU C 32 59.29 -2.38 -39.11
N ARG C 33 58.92 -1.31 -38.41
CA ARG C 33 58.62 -1.39 -36.98
C ARG C 33 57.55 -2.44 -36.67
N ARG C 34 56.43 -2.41 -37.40
CA ARG C 34 55.36 -3.37 -37.15
C ARG C 34 55.76 -4.80 -37.47
N THR C 35 56.46 -5.02 -38.59
CA THR C 35 56.85 -6.37 -38.99
C THR C 35 57.74 -7.04 -37.95
N MET C 36 58.71 -6.30 -37.40
CA MET C 36 59.62 -6.89 -36.42
C MET C 36 58.87 -7.30 -35.15
N LEU C 37 57.85 -6.53 -34.76
CA LEU C 37 57.09 -6.87 -33.57
C LEU C 37 56.18 -8.06 -33.82
N ALA C 38 55.56 -8.13 -34.98
CA ALA C 38 54.39 -8.97 -35.17
C ALA C 38 54.59 -10.19 -36.05
N GLU C 39 55.50 -10.16 -37.01
CA GLU C 39 55.50 -11.19 -38.04
C GLU C 39 56.82 -11.92 -38.20
N VAL C 40 57.84 -11.59 -37.44
CA VAL C 40 59.11 -12.30 -37.51
C VAL C 40 58.94 -13.58 -36.71
N PRO C 41 59.02 -14.76 -37.33
CA PRO C 41 58.74 -16.01 -36.62
C PRO C 41 59.74 -16.25 -35.51
N THR C 42 59.29 -16.94 -34.46
CA THR C 42 60.17 -17.48 -33.43
C THR C 42 59.65 -18.83 -33.00
N LEU C 43 60.35 -19.43 -32.06
CA LEU C 43 59.98 -20.70 -31.48
C LEU C 43 59.54 -20.48 -30.03
N ALA C 44 58.49 -21.17 -29.61
CA ALA C 44 57.96 -21.01 -28.27
C ALA C 44 57.14 -22.23 -27.91
N ILE C 45 57.16 -22.59 -26.62
CA ILE C 45 56.38 -23.69 -26.08
C ILE C 45 54.90 -23.46 -26.35
N ASP C 46 54.22 -24.50 -26.85
CA ASP C 46 52.81 -24.34 -27.18
C ASP C 46 51.94 -25.51 -26.72
N LEU C 47 52.49 -26.47 -26.00
CA LEU C 47 51.75 -27.63 -25.49
C LEU C 47 52.53 -28.20 -24.32
N VAL C 48 51.86 -28.33 -23.19
CA VAL C 48 52.52 -28.78 -21.98
C VAL C 48 51.75 -29.97 -21.47
N GLU C 49 52.42 -31.11 -21.36
CA GLU C 49 51.81 -32.33 -20.85
C GLU C 49 52.26 -32.49 -19.41
N ILE C 50 51.34 -32.32 -18.48
CA ILE C 50 51.66 -32.42 -17.07
C ILE C 50 51.36 -33.84 -16.62
N LYS C 51 52.41 -34.60 -16.31
CA LYS C 51 52.22 -35.93 -15.74
C LYS C 51 52.15 -35.90 -14.22
N MET C 52 52.74 -34.90 -13.58
CA MET C 52 52.65 -34.76 -12.13
C MET C 52 52.92 -33.31 -11.79
N ASN C 53 52.07 -32.72 -10.95
CA ASN C 53 52.31 -31.39 -10.41
C ASN C 53 51.66 -31.32 -9.04
N THR C 54 52.45 -31.55 -8.01
CA THR C 54 51.99 -31.41 -6.64
C THR C 54 52.52 -30.16 -5.97
N SER C 55 52.91 -29.15 -6.74
CA SER C 55 53.27 -27.86 -6.18
C SER C 55 52.04 -27.05 -5.82
N VAL C 56 52.28 -25.91 -5.16
CA VAL C 56 51.21 -25.01 -4.76
C VAL C 56 50.68 -24.15 -5.89
N LEU C 57 51.30 -24.19 -7.05
CA LEU C 57 50.84 -23.41 -8.18
C LEU C 57 49.88 -24.26 -8.99
N ALA C 58 48.89 -23.61 -9.59
CA ALA C 58 47.92 -24.33 -10.38
C ALA C 58 48.56 -24.78 -11.69
N ASP C 59 48.07 -25.90 -12.21
CA ASP C 59 48.59 -26.51 -13.44
C ASP C 59 48.73 -25.53 -14.60
N GLU C 60 47.65 -24.81 -14.96
CA GLU C 60 47.78 -23.93 -16.11
C GLU C 60 48.56 -22.67 -15.80
N PHE C 61 48.63 -22.29 -14.53
CA PHE C 61 49.52 -21.21 -14.11
C PHE C 61 50.96 -21.53 -14.44
N ILE C 62 51.42 -22.75 -14.11
CA ILE C 62 52.78 -23.12 -14.45
C ILE C 62 52.93 -23.20 -15.96
N SER C 63 51.94 -23.81 -16.62
CA SER C 63 51.97 -23.93 -18.07
C SER C 63 52.04 -22.56 -18.74
N HIS C 64 51.33 -21.58 -18.17
CA HIS C 64 51.34 -20.24 -18.72
C HIS C 64 52.73 -19.61 -18.67
N ARG C 65 53.44 -19.81 -17.56
CA ARG C 65 54.80 -19.30 -17.45
C ARG C 65 55.73 -19.96 -18.47
N LEU C 66 55.57 -21.26 -18.69
CA LEU C 66 56.37 -21.99 -19.65
C LEU C 66 56.29 -21.40 -21.05
N GLY C 67 55.08 -21.02 -21.49
CA GLY C 67 54.92 -20.43 -22.81
C GLY C 67 55.72 -19.15 -23.02
N LEU C 68 56.02 -18.44 -21.95
CA LEU C 68 56.69 -17.16 -22.01
C LEU C 68 58.22 -17.27 -21.99
N ILE C 69 58.79 -18.45 -21.79
CA ILE C 69 60.23 -18.65 -21.78
C ILE C 69 60.84 -18.51 -23.17
N PRO C 70 61.76 -17.56 -23.39
CA PRO C 70 62.35 -17.37 -24.72
C PRO C 70 63.30 -18.48 -25.12
N LEU C 71 63.10 -19.04 -26.30
CA LEU C 71 63.94 -20.10 -26.82
C LEU C 71 64.77 -19.62 -28.01
N VAL C 72 65.99 -20.15 -28.11
CA VAL C 72 66.90 -19.92 -29.23
C VAL C 72 66.17 -20.29 -30.51
N SER C 73 66.04 -19.33 -31.44
CA SER C 73 65.25 -19.52 -32.64
C SER C 73 66.04 -19.26 -33.92
N GLU C 74 67.37 -19.39 -33.84
CA GLU C 74 68.27 -18.99 -34.93
C GLU C 74 67.98 -19.69 -36.25
N ASP C 75 67.82 -21.01 -36.22
CA ASP C 75 67.61 -21.78 -37.44
C ASP C 75 66.14 -22.02 -37.78
N VAL C 76 65.22 -21.20 -37.25
CA VAL C 76 63.79 -21.44 -37.40
C VAL C 76 63.28 -21.29 -38.83
N GLU C 77 64.00 -20.60 -39.72
CA GLU C 77 63.54 -20.44 -41.11
C GLU C 77 63.46 -21.75 -41.87
N GLU C 78 64.34 -22.70 -41.60
CA GLU C 78 64.24 -23.99 -42.27
C GLU C 78 63.17 -24.89 -41.68
N MET C 79 62.59 -24.51 -40.54
CA MET C 79 61.57 -25.31 -39.90
C MET C 79 60.20 -24.94 -40.45
N LYS C 80 59.32 -25.93 -40.53
CA LYS C 80 57.98 -25.80 -41.05
C LYS C 80 56.99 -25.44 -39.93
N TYR C 81 55.87 -24.85 -40.33
CA TYR C 81 54.76 -24.72 -39.41
C TYR C 81 54.08 -26.07 -39.26
N SER C 82 53.59 -26.33 -38.04
CA SER C 82 52.87 -27.58 -37.75
C SER C 82 51.66 -27.74 -38.67
N ARG C 83 50.96 -26.65 -38.95
CA ARG C 83 49.77 -26.70 -39.77
C ARG C 83 50.05 -27.01 -41.23
N ASP C 84 51.30 -26.87 -41.67
CA ASP C 84 51.71 -27.17 -43.04
C ASP C 84 52.47 -28.48 -43.20
N CYS C 85 52.57 -29.31 -42.16
CA CYS C 85 53.36 -30.52 -42.31
C CYS C 85 52.48 -31.73 -42.64
N THR C 86 52.96 -32.51 -43.59
CA THR C 86 52.33 -33.69 -44.20
C THR C 86 52.27 -34.92 -43.32
N CYS C 87 52.95 -34.91 -42.18
CA CYS C 87 53.05 -36.01 -41.24
C CYS C 87 51.80 -36.22 -40.40
N GLU C 88 51.80 -37.40 -39.77
CA GLU C 88 50.87 -37.84 -38.75
C GLU C 88 51.51 -37.34 -37.48
N ASP C 89 50.69 -36.98 -36.48
CA ASP C 89 50.92 -36.23 -35.24
C ASP C 89 52.28 -35.50 -35.23
N TYR C 90 52.95 -35.28 -34.11
CA TYR C 90 54.17 -34.51 -34.36
C TYR C 90 55.32 -35.42 -34.72
N CYS C 91 56.41 -34.78 -35.09
CA CYS C 91 57.61 -35.45 -35.51
C CYS C 91 58.80 -34.52 -35.34
N ASP C 92 59.92 -34.93 -35.91
CA ASP C 92 61.18 -34.24 -35.75
C ASP C 92 61.29 -33.01 -36.63
N GLU C 93 60.43 -32.87 -37.62
CA GLU C 93 60.53 -31.76 -38.55
C GLU C 93 59.67 -30.56 -38.15
N CYS C 94 58.70 -30.72 -37.26
CA CYS C 94 57.83 -29.60 -36.95
C CYS C 94 57.73 -29.24 -35.48
N SER C 95 58.52 -29.86 -34.60
CA SER C 95 58.43 -29.52 -33.19
C SER C 95 59.74 -29.85 -32.49
N VAL C 96 59.97 -29.18 -31.37
CA VAL C 96 61.03 -29.51 -30.43
C VAL C 96 60.36 -30.02 -29.16
N VAL C 97 60.87 -31.11 -28.59
CA VAL C 97 60.33 -31.63 -27.34
C VAL C 97 61.28 -31.27 -26.21
N LEU C 98 60.76 -30.65 -25.16
CA LEU C 98 61.53 -30.38 -23.95
C LEU C 98 60.93 -31.09 -22.75
N GLU C 99 61.79 -31.40 -21.78
CA GLU C 99 61.37 -32.08 -20.58
C GLU C 99 61.93 -31.40 -19.35
N LEU C 100 61.17 -31.44 -18.26
CA LEU C 100 61.58 -30.87 -16.99
C LEU C 100 61.16 -31.79 -15.85
N SER C 101 62.05 -31.98 -14.88
CA SER C 101 61.72 -32.78 -13.71
C SER C 101 62.45 -32.22 -12.51
N ALA C 102 61.73 -31.79 -11.49
CA ALA C 102 62.34 -31.31 -10.26
C ALA C 102 61.65 -31.93 -9.05
N ARG C 103 62.37 -31.93 -7.93
CA ARG C 103 61.88 -32.55 -6.70
C ARG C 103 62.75 -31.98 -5.57
N HIS C 104 62.17 -31.90 -4.37
CA HIS C 104 62.86 -31.49 -3.16
C HIS C 104 62.90 -32.63 -2.15
N GLU C 105 64.10 -33.14 -1.90
CA GLU C 105 64.31 -34.09 -0.82
C GLU C 105 64.92 -33.36 0.36
N GLY C 106 64.45 -33.70 1.55
CA GLY C 106 64.84 -33.02 2.76
C GLY C 106 63.62 -32.37 3.37
N GLU C 107 63.55 -32.26 4.69
CA GLU C 107 62.39 -31.66 5.33
C GLU C 107 62.49 -30.14 5.47
N GLU C 108 63.54 -29.52 4.95
CA GLU C 108 63.75 -28.10 5.21
C GLU C 108 64.28 -27.45 3.94
N GLY C 109 64.09 -26.14 3.85
CA GLY C 109 64.61 -25.40 2.72
C GLY C 109 63.64 -25.44 1.56
N THR C 110 63.99 -24.70 0.52
CA THR C 110 63.13 -24.58 -0.64
C THR C 110 63.97 -24.85 -1.89
N THR C 111 63.42 -25.65 -2.80
CA THR C 111 64.06 -25.92 -4.08
C THR C 111 63.41 -25.00 -5.09
N ASP C 112 64.21 -24.14 -5.68
CA ASP C 112 63.75 -23.20 -6.69
C ASP C 112 63.94 -23.82 -8.07
N VAL C 113 62.87 -23.90 -8.83
CA VAL C 113 62.93 -24.52 -10.16
C VAL C 113 63.15 -23.39 -11.15
N TYR C 114 64.23 -23.50 -11.91
CA TYR C 114 64.65 -22.47 -12.84
C TYR C 114 64.57 -22.99 -14.25
N SER C 115 64.53 -22.04 -15.20
CA SER C 115 64.45 -22.38 -16.61
C SER C 115 65.66 -23.15 -17.12
N SER C 116 66.78 -23.13 -16.39
CA SER C 116 67.96 -23.89 -16.80
C SER C 116 67.78 -25.38 -16.66
N SER C 117 66.79 -25.83 -15.91
CA SER C 117 66.49 -27.26 -15.81
C SER C 117 65.69 -27.79 -16.99
N LEU C 118 65.36 -26.96 -17.98
CA LEU C 118 64.67 -27.44 -19.16
C LEU C 118 65.67 -28.16 -20.06
N ILE C 119 65.41 -29.44 -20.31
CA ILE C 119 66.32 -30.30 -21.04
C ILE C 119 65.73 -30.58 -22.40
N LYS C 120 66.46 -30.23 -23.44
CA LYS C 120 66.07 -30.59 -24.79
C LYS C 120 66.21 -32.09 -24.96
N VAL C 121 65.19 -32.74 -25.50
CA VAL C 121 65.15 -34.19 -25.61
C VAL C 121 65.24 -34.63 -27.06
N SER C 122 64.59 -33.90 -27.96
CA SER C 122 64.69 -34.18 -29.38
C SER C 122 64.59 -32.84 -30.09
N GLY C 123 64.58 -32.87 -31.42
CA GLY C 123 64.60 -31.65 -32.16
C GLY C 123 65.20 -31.87 -33.53
N PRO C 124 64.91 -30.97 -34.46
CA PRO C 124 65.46 -31.12 -35.82
C PRO C 124 66.96 -30.90 -35.88
N GLY C 125 67.70 -31.96 -35.58
CA GLY C 125 69.15 -31.90 -35.64
C GLY C 125 69.67 -31.59 -37.03
N ASN C 126 70.83 -30.94 -37.10
CA ASN C 126 71.55 -30.45 -35.93
C ASN C 126 71.38 -28.95 -35.80
N LEU C 127 70.16 -28.49 -36.07
CA LEU C 127 69.88 -27.06 -36.08
C LEU C 127 69.93 -26.53 -34.66
N ASN C 128 70.55 -25.36 -34.49
CA ASN C 128 70.66 -24.73 -33.18
C ASN C 128 69.36 -24.02 -32.82
N VAL C 129 68.39 -24.80 -32.35
CA VAL C 129 67.09 -24.29 -31.94
C VAL C 129 66.61 -25.08 -30.74
N GLY C 130 65.97 -24.38 -29.81
CA GLY C 130 65.21 -24.99 -28.73
C GLY C 130 65.79 -24.84 -27.36
N GLU C 131 67.04 -24.46 -27.23
CA GLU C 131 67.60 -24.26 -25.90
C GLU C 131 67.05 -22.98 -25.29
N PRO C 132 66.61 -22.99 -24.03
CA PRO C 132 66.23 -21.76 -23.36
C PRO C 132 67.43 -20.84 -23.24
N VAL C 133 67.26 -19.60 -23.72
CA VAL C 133 68.29 -18.58 -23.74
C VAL C 133 68.88 -18.31 -22.36
N ARG C 134 70.21 -18.13 -22.33
CA ARG C 134 70.99 -17.83 -21.14
C ARG C 134 71.87 -16.62 -21.36
N ARG C 135 72.07 -15.81 -20.31
CA ARG C 135 72.97 -14.68 -20.46
C ARG C 135 74.42 -15.16 -20.45
N ASP C 136 74.83 -15.80 -19.34
CA ASP C 136 76.15 -16.36 -19.16
C ASP C 136 76.06 -17.88 -19.16
N ASP C 137 77.07 -18.55 -18.59
CA ASP C 137 76.95 -19.96 -18.25
C ASP C 137 76.58 -20.24 -16.80
N TYR C 138 76.81 -19.30 -15.88
CA TYR C 138 76.42 -19.53 -14.48
C TYR C 138 75.09 -18.89 -14.13
N ASP C 139 74.32 -18.50 -15.12
CA ASP C 139 73.08 -17.78 -14.92
C ASP C 139 72.01 -18.85 -14.84
N GLN C 140 71.29 -18.93 -13.72
CA GLN C 140 70.22 -19.92 -13.59
C GLN C 140 69.00 -19.58 -14.43
N GLY C 141 68.82 -18.34 -14.82
CA GLY C 141 67.69 -17.98 -15.65
C GLY C 141 66.39 -17.61 -14.98
N ILE C 142 65.28 -18.01 -15.57
CA ILE C 142 63.97 -17.49 -15.17
C ILE C 142 63.33 -18.40 -14.13
N LEU C 143 62.85 -17.79 -13.06
CA LEU C 143 62.15 -18.50 -12.00
C LEU C 143 60.81 -19.03 -12.50
N LEU C 144 60.56 -20.32 -12.32
CA LEU C 144 59.31 -20.93 -12.75
C LEU C 144 58.39 -21.29 -11.62
N CYS C 145 58.94 -21.80 -10.53
CA CYS C 145 58.17 -22.37 -9.43
C CYS C 145 59.07 -22.46 -8.23
N LYS C 146 58.49 -22.84 -7.10
CA LYS C 146 59.28 -23.12 -5.92
C LYS C 146 58.68 -24.34 -5.25
N LEU C 147 59.53 -25.19 -4.73
CA LEU C 147 59.10 -26.45 -4.16
C LEU C 147 59.60 -26.57 -2.72
N ARG C 148 58.81 -27.27 -1.92
CA ARG C 148 59.14 -27.55 -0.54
C ARG C 148 59.03 -29.08 -0.45
N ASN C 149 59.40 -29.67 0.69
CA ASN C 149 59.49 -31.10 0.96
C ASN C 149 58.34 -31.92 0.39
N HIS C 150 58.71 -32.90 -0.45
CA HIS C 150 57.92 -33.93 -1.12
C HIS C 150 57.17 -33.41 -2.34
N GLN C 151 57.24 -32.13 -2.65
CA GLN C 151 56.52 -31.59 -3.79
C GLN C 151 57.33 -31.79 -5.06
N GLU C 152 56.68 -32.25 -6.12
CA GLU C 152 57.37 -32.64 -7.34
C GLU C 152 56.69 -32.01 -8.54
N LEU C 153 57.48 -31.76 -9.58
CA LEU C 153 56.99 -31.18 -10.83
C LEU C 153 57.65 -31.93 -11.98
N ASN C 154 56.85 -32.64 -12.78
CA ASN C 154 57.39 -33.44 -13.88
C ASN C 154 56.52 -33.22 -15.11
N ILE C 155 57.01 -32.42 -16.06
CA ILE C 155 56.25 -31.96 -17.22
C ILE C 155 56.99 -32.23 -18.51
N ARG C 156 56.23 -32.39 -19.60
CA ARG C 156 56.76 -32.53 -20.95
C ARG C 156 56.19 -31.45 -21.85
N CYS C 157 57.07 -30.65 -22.44
CA CYS C 157 56.71 -29.46 -23.21
C CYS C 157 56.98 -29.62 -24.70
N ILE C 158 56.03 -29.22 -25.52
CA ILE C 158 56.17 -29.23 -26.98
C ILE C 158 56.30 -27.79 -27.46
N ALA C 159 57.42 -27.47 -28.09
CA ALA C 159 57.65 -26.13 -28.62
C ALA C 159 57.39 -26.10 -30.12
N LYS C 160 56.74 -25.04 -30.59
CA LYS C 160 56.33 -24.93 -31.98
C LYS C 160 56.67 -23.55 -32.54
N LYS C 161 56.80 -23.51 -33.86
CA LYS C 161 57.04 -22.27 -34.60
C LYS C 161 55.76 -21.47 -34.71
N GLY C 162 55.84 -20.17 -34.46
CA GLY C 162 54.66 -19.33 -34.53
C GLY C 162 55.05 -17.88 -34.68
N ILE C 163 54.03 -17.04 -34.86
CA ILE C 163 54.21 -15.61 -35.06
C ILE C 163 53.39 -14.84 -34.05
N ALA C 164 53.77 -13.59 -33.84
CA ALA C 164 53.20 -12.82 -32.74
C ALA C 164 51.76 -12.42 -32.97
N LYS C 165 51.29 -12.42 -34.22
CA LYS C 165 49.87 -12.22 -34.51
C LYS C 165 48.97 -13.19 -33.74
N GLU C 166 49.42 -14.43 -33.57
CA GLU C 166 48.62 -15.41 -32.85
C GLU C 166 48.67 -15.24 -31.34
N HIS C 167 49.85 -15.02 -30.77
CA HIS C 167 49.99 -14.84 -29.33
C HIS C 167 51.31 -14.16 -29.06
N ALA C 168 51.30 -13.18 -28.15
CA ALA C 168 52.47 -12.33 -27.92
C ALA C 168 53.71 -13.07 -27.45
N LYS C 169 53.60 -14.33 -27.02
CA LYS C 169 54.78 -15.06 -26.59
C LYS C 169 55.75 -15.34 -27.74
N TRP C 170 55.28 -15.33 -28.98
CA TRP C 170 56.11 -15.52 -30.16
C TRP C 170 56.76 -14.24 -30.66
N SER C 171 56.70 -13.14 -29.92
CA SER C 171 57.35 -11.94 -30.43
C SER C 171 58.83 -11.93 -30.14
N PRO C 172 59.68 -11.64 -31.13
CA PRO C 172 61.12 -11.54 -30.87
C PRO C 172 61.58 -10.23 -30.28
N CYS C 173 60.79 -9.17 -30.34
CA CYS C 173 61.22 -7.88 -29.82
C CYS C 173 60.67 -7.68 -28.43
N SER C 174 61.18 -6.67 -27.75
CA SER C 174 60.42 -6.09 -26.66
C SER C 174 59.89 -4.75 -27.09
N ALA C 175 60.45 -3.68 -26.54
CA ALA C 175 60.10 -2.36 -27.05
C ALA C 175 60.82 -2.10 -28.35
N ILE C 176 60.28 -1.19 -29.16
CA ILE C 176 61.03 -0.62 -30.27
C ILE C 176 60.94 0.90 -30.11
N ALA C 177 62.02 1.50 -29.63
CA ALA C 177 62.13 2.95 -29.60
C ALA C 177 62.17 3.48 -31.02
N PHE C 178 61.57 4.64 -31.23
CA PHE C 178 61.37 5.13 -32.58
C PHE C 178 61.04 6.60 -32.49
N GLU C 179 61.77 7.43 -33.23
CA GLU C 179 61.48 8.86 -33.26
C GLU C 179 62.17 9.46 -34.47
N TYR C 180 61.80 10.69 -34.77
CA TYR C 180 62.34 11.45 -35.88
C TYR C 180 62.07 12.92 -35.65
N ASP C 181 62.78 13.76 -36.39
CA ASP C 181 62.65 15.22 -36.36
C ASP C 181 62.66 15.80 -34.93
N PRO C 182 63.77 15.64 -34.20
CA PRO C 182 63.79 16.08 -32.78
C PRO C 182 63.53 17.56 -32.55
N HIS C 183 63.68 18.44 -33.53
CA HIS C 183 63.39 19.85 -33.33
C HIS C 183 62.07 20.31 -33.90
N ASN C 184 61.26 19.38 -34.42
CA ASN C 184 59.90 19.67 -34.91
C ASN C 184 59.90 20.68 -36.06
N LYS C 185 60.88 20.58 -36.96
CA LYS C 185 60.88 21.46 -38.13
C LYS C 185 59.69 21.18 -39.05
N LEU C 186 59.23 19.93 -39.13
CA LEU C 186 58.10 19.61 -39.99
C LEU C 186 56.78 20.12 -39.46
N LYS C 187 56.72 20.54 -38.19
CA LYS C 187 55.50 21.02 -37.53
C LYS C 187 54.39 19.98 -37.50
N HIS C 188 54.76 18.72 -37.29
CA HIS C 188 53.75 17.66 -37.20
C HIS C 188 53.08 17.63 -35.85
N THR C 189 53.68 18.27 -34.85
CA THR C 189 53.03 18.46 -33.58
C THR C 189 52.97 19.93 -33.21
N ASP C 190 51.96 20.25 -32.43
CA ASP C 190 51.67 21.61 -31.97
C ASP C 190 51.77 21.53 -30.46
N PHE C 191 52.80 22.16 -29.90
CA PHE C 191 53.17 21.87 -28.53
C PHE C 191 52.24 22.54 -27.53
N TRP C 192 51.91 21.79 -26.50
CA TRP C 192 51.18 22.33 -25.37
C TRP C 192 52.14 23.05 -24.46
N PHE C 193 51.74 24.23 -23.99
CA PHE C 193 52.59 24.97 -23.09
C PHE C 193 51.76 25.81 -22.16
N GLU C 194 52.34 26.13 -21.01
CA GLU C 194 51.79 27.13 -20.10
C GLU C 194 52.34 28.51 -20.43
N VAL C 195 53.67 28.65 -20.42
CA VAL C 195 54.30 29.95 -20.64
C VAL C 195 55.12 29.99 -21.92
N ASP C 196 56.13 29.12 -22.04
CA ASP C 196 57.03 29.11 -23.18
C ASP C 196 57.29 27.67 -23.56
N ALA C 197 56.95 27.32 -24.81
CA ALA C 197 56.99 25.92 -25.24
C ALA C 197 58.39 25.33 -25.21
N LYS C 198 59.41 26.11 -25.59
CA LYS C 198 60.77 25.55 -25.64
C LYS C 198 61.32 25.19 -24.27
N LYS C 199 61.11 26.04 -23.25
CA LYS C 199 61.63 25.71 -21.92
C LYS C 199 60.87 24.57 -21.26
N GLU C 200 59.59 24.38 -21.59
CA GLU C 200 58.82 23.39 -20.83
C GLU C 200 58.89 22.00 -21.43
N TRP C 201 59.41 21.85 -22.64
CA TRP C 201 59.46 20.52 -23.18
C TRP C 201 60.89 20.03 -23.19
N PRO C 202 61.15 18.83 -22.70
CA PRO C 202 62.53 18.31 -22.67
C PRO C 202 63.05 18.07 -24.07
N ASP C 203 64.37 17.96 -24.15
CA ASP C 203 65.03 17.67 -25.41
C ASP C 203 65.02 16.18 -25.67
N SER C 204 64.83 15.82 -26.93
CA SER C 204 65.08 14.45 -27.40
C SER C 204 66.50 14.03 -27.05
N LYS C 205 66.70 12.72 -26.88
CA LYS C 205 68.07 12.24 -26.74
C LYS C 205 68.88 12.25 -28.04
N TYR C 206 68.30 12.69 -29.16
CA TYR C 206 69.01 12.87 -30.42
C TYR C 206 68.96 14.33 -30.86
N ALA C 207 68.83 15.26 -29.91
CA ALA C 207 68.78 16.68 -30.24
C ALA C 207 70.09 17.17 -30.83
N THR C 208 71.22 16.62 -30.41
CA THR C 208 72.52 17.02 -30.92
C THR C 208 72.90 16.34 -32.23
N TRP C 209 72.04 15.51 -32.78
CA TRP C 209 72.32 14.88 -34.06
C TRP C 209 71.75 15.64 -35.25
N GLU C 210 71.09 16.76 -35.02
CA GLU C 210 70.51 17.57 -36.09
C GLU C 210 70.56 19.02 -35.66
N GLU C 211 70.52 19.90 -36.65
CA GLU C 211 70.75 21.27 -36.22
C GLU C 211 69.44 22.02 -36.02
N PRO C 212 69.39 22.78 -34.92
CA PRO C 212 68.20 23.60 -34.58
C PRO C 212 67.74 24.50 -35.71
N PRO C 213 66.46 24.89 -35.73
CA PRO C 213 65.98 25.81 -36.77
C PRO C 213 66.50 27.20 -36.48
N LYS C 214 66.96 27.89 -37.53
CA LYS C 214 67.49 29.22 -37.37
C LYS C 214 66.38 30.20 -37.00
N PRO C 215 66.68 31.23 -36.20
CA PRO C 215 65.64 32.19 -35.77
C PRO C 215 64.94 32.94 -36.88
N GLY C 216 65.56 33.12 -38.04
CA GLY C 216 64.89 33.79 -39.14
C GLY C 216 64.09 32.89 -40.05
N GLU C 217 64.68 31.74 -40.39
CA GLU C 217 64.23 30.66 -41.28
C GLU C 217 62.73 30.57 -41.53
N VAL C 218 62.35 30.58 -42.81
CA VAL C 218 60.97 30.37 -43.20
C VAL C 218 60.64 28.88 -43.28
N PHE C 219 59.34 28.59 -43.19
CA PHE C 219 58.84 27.23 -43.16
C PHE C 219 58.93 26.60 -44.55
N ASP C 220 59.71 25.52 -44.65
CA ASP C 220 59.86 24.70 -45.85
C ASP C 220 58.66 23.77 -45.96
N TYR C 221 57.64 24.21 -46.70
CA TYR C 221 56.43 23.41 -46.87
C TYR C 221 56.63 22.20 -47.78
N LYS C 222 57.81 22.02 -48.36
CA LYS C 222 58.14 20.88 -49.20
C LYS C 222 58.98 19.84 -48.48
N ALA C 223 59.51 20.16 -47.30
CA ALA C 223 60.33 19.22 -46.55
C ALA C 223 59.47 18.04 -46.13
N LYS C 224 60.07 16.86 -46.18
CA LYS C 224 59.46 15.61 -45.75
C LYS C 224 60.28 14.97 -44.64
N PRO C 225 59.68 14.06 -43.85
CA PRO C 225 60.48 13.30 -42.88
C PRO C 225 61.53 12.48 -43.62
N ASN C 226 62.74 12.43 -43.08
CA ASN C 226 63.76 11.78 -43.86
C ASN C 226 64.78 10.99 -43.05
N ARG C 227 64.86 11.22 -41.75
CA ARG C 227 65.79 10.49 -40.90
C ARG C 227 65.06 9.86 -39.73
N PHE C 228 65.08 8.52 -39.63
CA PHE C 228 64.32 7.82 -38.61
C PHE C 228 65.27 7.03 -37.72
N TYR C 229 65.42 7.48 -36.48
CA TYR C 229 66.26 6.79 -35.50
C TYR C 229 65.43 5.77 -34.73
N MET C 230 65.91 4.53 -34.69
CA MET C 230 65.18 3.49 -33.97
C MET C 230 66.17 2.57 -33.28
N THR C 231 65.72 1.96 -32.18
CA THR C 231 66.50 0.98 -31.45
C THR C 231 65.67 -0.28 -31.27
N VAL C 232 66.18 -1.40 -31.74
CA VAL C 232 65.48 -2.67 -31.68
C VAL C 232 66.06 -3.49 -30.55
N GLU C 233 65.33 -3.63 -29.45
CA GLU C 233 65.74 -4.54 -28.41
C GLU C 233 65.09 -5.90 -28.60
N THR C 234 65.81 -6.95 -28.22
CA THR C 234 65.31 -8.30 -28.35
C THR C 234 65.40 -8.99 -27.00
N THR C 235 64.75 -10.12 -26.93
CA THR C 235 64.69 -10.92 -25.70
C THR C 235 65.77 -11.97 -25.64
N GLY C 236 66.58 -12.11 -26.68
CA GLY C 236 67.60 -13.12 -26.72
C GLY C 236 67.20 -14.34 -27.49
N SER C 237 65.90 -14.48 -27.79
CA SER C 237 65.41 -15.52 -28.67
C SER C 237 66.00 -15.42 -30.07
N LEU C 238 66.36 -14.22 -30.50
CA LEU C 238 67.06 -13.99 -31.75
C LEU C 238 68.07 -12.89 -31.51
N LYS C 239 69.17 -12.92 -32.26
CA LYS C 239 70.10 -11.83 -32.11
C LYS C 239 69.57 -10.63 -32.87
N ALA C 240 69.99 -9.44 -32.41
CA ALA C 240 69.46 -8.17 -32.90
C ALA C 240 69.66 -7.99 -34.40
N ASN C 241 70.83 -8.38 -34.91
CA ASN C 241 71.09 -8.29 -36.34
C ASN C 241 70.19 -9.21 -37.17
N GLN C 242 69.86 -10.39 -36.64
CA GLN C 242 68.94 -11.30 -37.33
C GLN C 242 67.54 -10.73 -37.45
N VAL C 243 67.04 -10.09 -36.38
CA VAL C 243 65.70 -9.53 -36.36
C VAL C 243 65.54 -8.45 -37.42
N PHE C 244 66.52 -7.56 -37.55
CA PHE C 244 66.43 -6.52 -38.56
C PHE C 244 66.48 -7.14 -39.96
N SER C 245 67.37 -8.12 -40.16
CA SER C 245 67.47 -8.79 -41.45
C SER C 245 66.21 -9.57 -41.79
N ARG C 246 65.74 -10.40 -40.87
CA ARG C 246 64.53 -11.19 -41.15
C ARG C 246 63.27 -10.36 -41.21
N GLY C 247 63.22 -9.22 -40.54
CA GLY C 247 62.10 -8.32 -40.73
C GLY C 247 61.96 -7.87 -42.17
N ILE C 248 63.08 -7.44 -42.76
CA ILE C 248 63.13 -7.06 -44.17
C ILE C 248 62.78 -8.25 -45.07
N LYS C 249 63.35 -9.42 -44.77
CA LYS C 249 63.10 -10.62 -45.58
C LYS C 249 61.62 -11.00 -45.56
N THR C 250 61.01 -11.03 -44.37
CA THR C 250 59.60 -11.42 -44.23
C THR C 250 58.70 -10.47 -45.00
N LEU C 251 58.97 -9.17 -44.88
CA LEU C 251 58.20 -8.14 -45.59
C LEU C 251 58.34 -8.30 -47.10
N GLN C 252 59.45 -8.84 -47.57
CA GLN C 252 59.62 -9.05 -49.01
C GLN C 252 58.69 -10.13 -49.53
N GLU C 253 58.67 -11.29 -48.88
CA GLU C 253 57.81 -12.39 -49.32
C GLU C 253 56.34 -12.01 -49.33
N LYS C 254 55.89 -11.21 -48.35
CA LYS C 254 54.51 -10.74 -48.32
C LYS C 254 54.18 -9.90 -49.55
N LEU C 255 55.07 -8.98 -49.93
CA LEU C 255 54.86 -8.20 -51.15
C LEU C 255 54.99 -9.08 -52.38
N ALA C 256 55.91 -10.05 -52.32
CA ALA C 256 56.08 -10.98 -53.43
C ALA C 256 54.82 -11.81 -53.64
N ASN C 257 54.19 -12.23 -52.56
CA ASN C 257 52.97 -13.02 -52.63
C ASN C 257 51.85 -12.22 -53.27
N VAL C 258 51.75 -10.93 -52.96
CA VAL C 258 50.77 -10.06 -53.63
C VAL C 258 51.05 -9.97 -55.11
N LEU C 259 52.33 -9.81 -55.48
CA LEU C 259 52.74 -9.70 -56.88
C LEU C 259 52.43 -10.97 -57.66
N PHE C 260 52.65 -12.12 -57.04
CA PHE C 260 52.29 -13.41 -57.62
C PHE C 260 50.81 -13.49 -57.97
N GLU C 261 49.94 -13.08 -57.04
CA GLU C 261 48.50 -13.22 -57.23
C GLU C 261 47.95 -12.38 -58.37
N LEU C 262 48.53 -11.21 -58.63
CA LEU C 262 48.06 -10.42 -59.75
C LEU C 262 48.39 -11.05 -61.09
N GLU C 263 49.59 -11.59 -61.25
CA GLU C 263 49.95 -12.20 -62.51
C GLU C 263 49.38 -13.59 -62.70
N ASN C 264 48.71 -14.15 -61.70
CA ASN C 264 47.99 -15.41 -61.86
C ASN C 264 46.48 -15.25 -62.01
N SER C 265 45.88 -14.17 -61.50
CA SER C 265 44.44 -13.98 -61.67
C SER C 265 43.96 -13.69 -63.09
N ARG C 266 44.82 -13.28 -64.01
CA ARG C 266 44.33 -13.05 -65.39
C ARG C 266 43.95 -14.37 -66.08
N VAL D 3 -21.50 -25.77 -36.93
CA VAL D 3 -20.93 -25.75 -38.26
C VAL D 3 -21.68 -24.70 -39.07
N SER D 4 -22.80 -25.10 -39.66
CA SER D 4 -23.66 -24.21 -40.42
C SER D 4 -24.69 -23.56 -39.50
N THR D 5 -24.88 -22.24 -39.66
CA THR D 5 -25.74 -21.46 -38.78
C THR D 5 -26.72 -20.66 -39.63
N SER D 6 -27.61 -19.94 -38.96
CA SER D 6 -28.69 -19.21 -39.63
C SER D 6 -28.75 -17.75 -39.25
N THR D 7 -29.83 -17.09 -39.68
CA THR D 7 -30.04 -15.68 -39.37
C THR D 7 -30.38 -15.50 -37.88
N VAL D 8 -31.13 -16.46 -37.33
CA VAL D 8 -31.60 -16.42 -35.95
C VAL D 8 -30.41 -16.62 -35.02
N GLY D 9 -30.17 -15.68 -34.12
CA GLY D 9 -29.02 -15.82 -33.24
C GLY D 9 -29.21 -15.67 -31.74
N ALA D 10 -28.07 -15.65 -31.05
CA ALA D 10 -27.97 -15.49 -29.60
C ALA D 10 -28.68 -16.53 -28.73
N ARG D 11 -29.99 -16.40 -28.59
CA ARG D 11 -30.78 -17.30 -27.72
C ARG D 11 -30.14 -17.34 -26.32
N ARG D 12 -29.77 -16.17 -25.82
CA ARG D 12 -29.26 -16.10 -24.45
C ARG D 12 -30.33 -16.49 -23.43
N ARG D 13 -29.84 -16.86 -22.24
CA ARG D 13 -30.68 -17.43 -21.18
C ARG D 13 -31.71 -16.44 -20.64
N ARG D 14 -32.95 -16.91 -20.43
CA ARG D 14 -33.99 -16.13 -19.78
C ARG D 14 -34.44 -16.78 -18.47
N ALA D 15 -35.02 -15.94 -17.60
CA ALA D 15 -35.39 -16.36 -16.25
C ALA D 15 -36.49 -17.41 -16.26
N LYS D 16 -37.47 -17.27 -17.14
CA LYS D 16 -38.57 -18.20 -17.18
C LYS D 16 -38.28 -19.16 -18.32
N GLN D 17 -38.42 -20.45 -18.04
CA GLN D 17 -38.13 -21.42 -19.08
C GLN D 17 -39.33 -21.46 -20.03
N GLN D 18 -39.22 -22.31 -21.04
CA GLN D 18 -40.32 -22.43 -21.99
C GLN D 18 -40.43 -23.87 -22.44
N VAL D 19 -41.67 -24.33 -22.52
CA VAL D 19 -41.97 -25.67 -23.01
C VAL D 19 -42.87 -25.57 -24.23
N ASP D 20 -43.18 -24.36 -24.68
CA ASP D 20 -43.54 -24.15 -26.07
C ASP D 20 -42.30 -24.17 -26.97
N ASP D 21 -41.45 -25.21 -26.92
CA ASP D 21 -40.38 -25.24 -27.91
C ASP D 21 -40.39 -26.60 -28.59
N GLU D 22 -40.81 -27.62 -27.82
CA GLU D 22 -40.81 -29.02 -28.24
C GLU D 22 -41.65 -29.12 -29.50
N GLU D 23 -41.07 -29.65 -30.58
CA GLU D 23 -41.81 -29.66 -31.84
C GLU D 23 -43.01 -30.60 -31.80
N ASN D 24 -44.17 -29.98 -32.00
CA ASN D 24 -45.48 -30.62 -32.01
C ASN D 24 -46.23 -29.94 -33.15
N ALA D 25 -46.47 -30.65 -34.26
CA ALA D 25 -47.22 -30.03 -35.35
C ALA D 25 -48.66 -29.73 -34.97
N THR D 26 -49.22 -30.53 -34.06
CA THR D 26 -50.58 -30.29 -33.56
C THR D 26 -50.70 -28.96 -32.81
N LEU D 27 -49.69 -28.63 -31.99
CA LEU D 27 -49.70 -27.39 -31.21
C LEU D 27 -48.99 -26.21 -31.86
N LEU D 28 -48.63 -26.31 -33.16
CA LEU D 28 -47.97 -25.25 -33.93
C LEU D 28 -46.67 -24.80 -33.28
N ARG D 29 -45.93 -25.74 -32.71
CA ARG D 29 -44.60 -25.48 -32.17
C ARG D 29 -43.51 -25.99 -33.10
N LEU D 30 -42.87 -25.09 -33.83
CA LEU D 30 -41.90 -25.49 -34.84
C LEU D 30 -40.48 -25.19 -34.40
N GLY D 31 -40.29 -24.77 -33.15
CA GLY D 31 -38.99 -24.50 -32.58
C GLY D 31 -38.51 -23.10 -32.89
N PRO D 32 -37.30 -22.77 -32.43
CA PRO D 32 -36.82 -21.39 -32.59
C PRO D 32 -36.38 -21.05 -34.00
N GLU D 33 -36.04 -22.05 -34.81
CA GLU D 33 -35.53 -21.82 -36.16
C GLU D 33 -36.64 -21.60 -37.17
N PHE D 34 -37.82 -22.16 -36.91
CA PHE D 34 -38.95 -22.17 -37.83
C PHE D 34 -40.08 -21.37 -37.19
N ALA D 35 -39.75 -20.19 -36.65
CA ALA D 35 -40.76 -19.26 -36.15
C ALA D 35 -41.67 -18.80 -37.29
N LEU D 36 -42.84 -18.26 -36.92
CA LEU D 36 -43.77 -17.77 -37.93
C LEU D 36 -43.16 -16.65 -38.77
N LYS D 37 -42.52 -15.67 -38.13
CA LYS D 37 -41.91 -14.58 -38.87
C LYS D 37 -40.40 -14.81 -38.87
N GLN D 38 -39.84 -15.10 -40.03
CA GLN D 38 -38.40 -15.21 -40.21
C GLN D 38 -37.82 -13.96 -40.85
N TYR D 39 -36.50 -13.92 -40.90
CA TYR D 39 -35.77 -12.87 -41.57
C TYR D 39 -34.74 -13.50 -42.50
N ASP D 40 -34.66 -12.95 -43.70
CA ASP D 40 -33.72 -13.38 -44.71
C ASP D 40 -32.34 -12.80 -44.45
N HIS D 41 -31.40 -13.06 -45.36
CA HIS D 41 -30.04 -12.57 -45.19
C HIS D 41 -29.86 -11.04 -45.38
N ASP D 42 -30.91 -10.24 -45.52
CA ASP D 42 -30.80 -8.79 -45.57
C ASP D 42 -31.49 -8.13 -44.39
N GLY D 43 -32.14 -8.90 -43.52
CA GLY D 43 -32.86 -8.36 -42.40
C GLY D 43 -34.34 -8.11 -42.67
N ASN D 44 -34.80 -8.38 -43.87
CA ASN D 44 -36.20 -8.14 -44.23
C ASN D 44 -37.10 -9.21 -43.63
N GLU D 45 -38.31 -8.81 -43.27
CA GLU D 45 -39.28 -9.71 -42.67
C GLU D 45 -39.86 -10.62 -43.74
N HIS D 46 -40.25 -11.83 -43.33
CA HIS D 46 -40.65 -12.85 -44.28
C HIS D 46 -41.45 -13.93 -43.55
N ASP D 47 -42.56 -14.35 -44.18
CA ASP D 47 -43.36 -15.45 -43.67
C ASP D 47 -42.62 -16.77 -43.83
N LEU D 48 -42.89 -17.71 -42.91
CA LEU D 48 -42.26 -19.02 -42.96
C LEU D 48 -42.65 -19.73 -44.26
N ILE D 49 -41.69 -20.38 -44.89
CA ILE D 49 -41.93 -21.03 -46.19
C ILE D 49 -42.07 -22.53 -45.98
N ALA D 50 -43.31 -22.97 -45.80
CA ALA D 50 -43.63 -24.39 -45.77
C ALA D 50 -44.11 -24.80 -47.15
N LEU D 51 -43.65 -25.96 -47.62
CA LEU D 51 -43.89 -26.36 -49.00
C LEU D 51 -44.65 -27.67 -49.07
N SER D 52 -45.73 -27.68 -49.84
CA SER D 52 -46.45 -28.90 -50.15
C SER D 52 -45.61 -29.80 -51.05
N LEU D 53 -46.06 -31.06 -51.17
CA LEU D 53 -45.40 -32.03 -52.03
C LEU D 53 -45.40 -31.61 -53.50
N SER D 54 -46.40 -30.84 -53.94
CA SER D 54 -46.50 -30.51 -55.35
C SER D 54 -45.56 -29.37 -55.75
N GLU D 55 -45.54 -28.29 -54.97
CA GLU D 55 -44.52 -27.24 -55.12
C GLU D 55 -43.11 -27.79 -55.11
N SER D 56 -42.77 -28.51 -54.03
CA SER D 56 -41.42 -29.07 -53.84
C SER D 56 -40.94 -29.93 -55.00
N ARG D 57 -41.84 -30.70 -55.64
CA ARG D 57 -41.39 -31.52 -56.76
C ARG D 57 -40.93 -30.67 -57.94
N LEU D 58 -41.64 -29.57 -58.21
CA LEU D 58 -41.27 -28.70 -59.33
C LEU D 58 -39.95 -27.97 -59.09
N LEU D 59 -39.81 -27.30 -57.92
CA LEU D 59 -38.60 -26.55 -57.59
C LEU D 59 -37.33 -27.41 -57.61
N ILE D 60 -37.36 -28.55 -56.93
CA ILE D 60 -36.17 -29.40 -56.80
C ILE D 60 -35.75 -29.93 -58.16
N ARG D 61 -36.72 -30.40 -58.95
CA ARG D 61 -36.43 -30.92 -60.28
C ARG D 61 -35.93 -29.84 -61.21
N GLU D 62 -36.51 -28.63 -61.12
CA GLU D 62 -36.06 -27.51 -61.95
C GLU D 62 -34.64 -27.11 -61.59
N ALA D 63 -34.37 -26.98 -60.29
CA ALA D 63 -33.04 -26.58 -59.81
C ALA D 63 -31.98 -27.57 -60.27
N LEU D 64 -32.31 -28.86 -60.28
CA LEU D 64 -31.33 -29.86 -60.65
C LEU D 64 -31.03 -29.84 -62.14
N LYS D 65 -32.06 -29.68 -62.97
CA LYS D 65 -31.82 -29.67 -64.42
C LYS D 65 -31.26 -28.34 -64.91
N ALA D 66 -31.60 -27.21 -64.26
CA ALA D 66 -30.95 -25.94 -64.62
C ALA D 66 -29.47 -25.96 -64.25
N ARG D 67 -29.14 -26.55 -63.10
CA ARG D 67 -27.74 -26.70 -62.72
C ARG D 67 -27.03 -27.71 -63.61
N SER D 68 -27.72 -28.80 -63.99
CA SER D 68 -27.13 -29.80 -64.89
C SER D 68 -26.85 -29.20 -66.25
N ARG D 69 -27.73 -28.31 -66.70
CA ARG D 69 -27.55 -27.66 -67.99
C ARG D 69 -26.37 -26.70 -67.88
N ALA D 70 -26.25 -26.02 -66.74
CA ALA D 70 -25.16 -25.10 -66.48
C ALA D 70 -23.81 -25.84 -66.44
N ARG D 71 -23.80 -27.07 -65.87
CA ARG D 71 -22.59 -27.88 -65.85
C ARG D 71 -22.18 -28.33 -67.25
N ASN D 72 -23.13 -28.37 -68.17
CA ASN D 72 -22.93 -28.73 -69.56
C ASN D 72 -22.78 -27.51 -70.45
N GLY D 73 -22.54 -26.34 -69.87
CA GLY D 73 -22.37 -25.15 -70.68
C GLY D 73 -23.62 -24.64 -71.37
N GLY D 74 -24.79 -25.20 -71.02
CA GLY D 74 -26.06 -24.80 -71.61
C GLY D 74 -26.57 -25.76 -72.67
N VAL D 75 -26.51 -27.06 -72.36
CA VAL D 75 -27.22 -28.07 -73.13
C VAL D 75 -28.53 -28.44 -72.47
N ILE D 84 -37.11 -35.01 -66.77
CA ILE D 84 -38.10 -36.00 -67.16
C ILE D 84 -38.02 -37.20 -66.19
N ASP D 85 -37.05 -38.09 -66.36
CA ASP D 85 -36.97 -39.30 -65.54
C ASP D 85 -36.21 -39.00 -64.25
N ASP D 86 -36.67 -39.62 -63.16
CA ASP D 86 -36.12 -39.34 -61.84
C ASP D 86 -34.74 -39.98 -61.64
N ASP D 87 -34.53 -41.18 -62.18
CA ASP D 87 -33.26 -41.89 -62.06
C ASP D 87 -32.13 -41.18 -62.79
N GLU D 88 -32.44 -40.44 -63.86
CA GLU D 88 -31.44 -39.66 -64.57
C GLU D 88 -31.11 -38.35 -63.88
N LEU D 89 -32.11 -37.72 -63.28
CA LEU D 89 -31.93 -36.43 -62.62
C LEU D 89 -31.07 -36.51 -61.36
N ALA D 90 -31.07 -37.65 -60.66
CA ALA D 90 -30.29 -37.82 -59.43
C ALA D 90 -28.78 -38.04 -59.64
N LYS D 91 -28.31 -38.34 -60.84
CA LYS D 91 -26.89 -38.50 -61.12
C LYS D 91 -26.12 -37.18 -61.18
N VAL D 92 -26.83 -36.05 -61.16
CA VAL D 92 -26.18 -34.73 -61.14
C VAL D 92 -25.37 -34.49 -59.87
N THR D 93 -25.75 -35.10 -58.74
CA THR D 93 -25.03 -34.89 -57.49
C THR D 93 -23.63 -35.50 -57.51
N SER D 94 -22.84 -35.11 -56.51
CA SER D 94 -21.42 -35.47 -56.42
C SER D 94 -21.22 -36.33 -55.18
N GLY D 95 -20.85 -37.59 -55.37
CA GLY D 95 -20.62 -38.47 -54.24
C GLY D 95 -21.76 -39.42 -53.99
N ALA D 96 -21.45 -40.67 -53.59
CA ALA D 96 -22.47 -41.69 -53.40
C ALA D 96 -23.42 -41.36 -52.24
N VAL D 97 -22.92 -40.63 -51.22
CA VAL D 97 -23.79 -40.21 -50.12
C VAL D 97 -24.85 -39.24 -50.63
N ALA D 98 -24.43 -38.29 -51.47
CA ALA D 98 -25.35 -37.32 -52.07
C ALA D 98 -26.27 -37.98 -53.08
N ASN D 99 -25.74 -38.93 -53.86
CA ASN D 99 -26.54 -39.71 -54.80
C ASN D 99 -27.70 -40.42 -54.12
N GLY D 100 -27.47 -40.95 -52.92
CA GLY D 100 -28.52 -41.66 -52.22
C GLY D 100 -29.72 -40.84 -51.76
N VAL D 101 -29.47 -39.79 -50.98
CA VAL D 101 -30.52 -38.96 -50.40
C VAL D 101 -31.38 -38.28 -51.48
N VAL D 102 -30.76 -37.87 -52.59
CA VAL D 102 -31.48 -37.14 -53.61
C VAL D 102 -32.37 -38.08 -54.44
N LYS D 103 -31.84 -39.26 -54.79
CA LYS D 103 -32.62 -40.26 -55.53
C LYS D 103 -33.81 -40.76 -54.73
N LYS D 104 -33.60 -41.05 -53.44
CA LYS D 104 -34.69 -41.49 -52.57
C LYS D 104 -35.75 -40.42 -52.38
N THR D 105 -35.37 -39.15 -52.43
CA THR D 105 -36.38 -38.11 -52.22
C THR D 105 -37.25 -37.94 -53.45
N LEU D 106 -36.67 -38.04 -54.66
CA LEU D 106 -37.46 -37.88 -55.87
C LEU D 106 -38.41 -39.06 -56.05
N ASP D 107 -37.90 -40.27 -55.87
CA ASP D 107 -38.69 -41.50 -55.99
C ASP D 107 -39.83 -41.54 -54.97
N TYR D 108 -39.57 -41.07 -53.73
CA TYR D 108 -40.63 -40.95 -52.73
C TYR D 108 -41.69 -39.99 -53.20
N LEU D 109 -41.27 -38.81 -53.67
CA LEU D 109 -42.18 -37.83 -54.25
C LEU D 109 -42.81 -38.37 -55.53
N ASN D 110 -42.09 -39.23 -56.27
CA ASN D 110 -42.63 -39.82 -57.49
C ASN D 110 -43.83 -40.74 -57.21
N THR D 111 -43.94 -41.27 -55.99
CA THR D 111 -45.01 -42.19 -55.67
C THR D 111 -46.02 -41.60 -54.70
N PHE D 112 -45.94 -40.29 -54.40
CA PHE D 112 -46.96 -39.70 -53.54
C PHE D 112 -47.39 -38.28 -53.93
N ALA D 113 -46.80 -37.68 -54.97
CA ALA D 113 -47.22 -36.39 -55.48
C ALA D 113 -48.41 -36.53 -56.44
N ARG D 114 -49.60 -36.09 -56.02
CA ARG D 114 -50.77 -36.23 -56.89
C ARG D 114 -50.63 -35.41 -58.16
N PHE D 115 -50.28 -34.12 -58.03
CA PHE D 115 -50.25 -33.19 -59.16
C PHE D 115 -48.81 -33.08 -59.67
N LYS D 116 -48.47 -33.97 -60.60
CA LYS D 116 -47.12 -34.20 -61.07
C LYS D 116 -46.72 -33.29 -62.25
N ASP D 117 -47.50 -32.26 -62.55
CA ASP D 117 -47.10 -31.30 -63.58
C ASP D 117 -47.46 -29.88 -63.14
N GLU D 118 -46.83 -28.91 -63.82
CA GLU D 118 -46.96 -27.51 -63.44
C GLU D 118 -48.30 -26.90 -63.82
N GLU D 119 -48.96 -27.41 -64.87
CA GLU D 119 -50.32 -26.96 -65.20
C GLU D 119 -51.29 -27.15 -64.05
N THR D 120 -51.47 -28.41 -63.61
CA THR D 120 -52.31 -28.70 -62.45
C THR D 120 -51.79 -28.03 -61.17
N CYS D 121 -50.45 -27.97 -61.02
CA CYS D 121 -49.85 -27.44 -59.79
C CYS D 121 -50.15 -25.96 -59.62
N THR D 122 -50.02 -25.17 -60.69
CA THR D 122 -50.37 -23.76 -60.62
C THR D 122 -51.86 -23.57 -60.35
N ALA D 123 -52.71 -24.47 -60.87
CA ALA D 123 -54.12 -24.45 -60.52
C ALA D 123 -54.31 -24.67 -59.02
N VAL D 124 -53.59 -25.65 -58.45
CA VAL D 124 -53.61 -25.86 -57.00
C VAL D 124 -52.97 -24.69 -56.26
N ASP D 125 -51.95 -24.06 -56.88
CA ASP D 125 -51.27 -22.92 -56.28
C ASP D 125 -52.22 -21.73 -56.13
N GLN D 126 -52.94 -21.40 -57.20
CA GLN D 126 -53.88 -20.28 -57.16
C GLN D 126 -55.06 -20.58 -56.25
N LEU D 127 -55.53 -21.83 -56.23
CA LEU D 127 -56.64 -22.23 -55.35
C LEU D 127 -56.33 -21.99 -53.87
N LEU D 128 -55.11 -22.30 -53.45
CA LEU D 128 -54.72 -22.17 -52.05
C LEU D 128 -54.19 -20.79 -51.72
N HIS D 129 -53.64 -20.07 -52.70
CA HIS D 129 -53.14 -18.72 -52.48
C HIS D 129 -54.06 -17.70 -53.14
N LEU D 137 -55.62 -17.04 -40.57
CA LEU D 137 -55.11 -18.10 -41.42
C LEU D 137 -53.60 -18.26 -41.25
N HIS D 138 -53.18 -19.31 -40.55
CA HIS D 138 -51.74 -19.45 -40.33
C HIS D 138 -51.11 -20.15 -41.53
N PRO D 139 -49.89 -19.76 -41.92
CA PRO D 139 -49.24 -20.38 -43.08
C PRO D 139 -48.94 -21.88 -42.98
N PHE D 140 -48.71 -22.40 -41.77
CA PHE D 140 -48.48 -23.84 -41.58
C PHE D 140 -49.70 -24.70 -41.87
N GLU D 141 -50.89 -24.29 -41.42
CA GLU D 141 -52.10 -25.08 -41.68
C GLU D 141 -52.42 -25.13 -43.16
N ILE D 142 -52.22 -24.02 -43.88
CA ILE D 142 -52.52 -23.93 -45.31
C ILE D 142 -51.69 -24.95 -46.10
N ALA D 143 -50.46 -25.17 -45.66
CA ALA D 143 -49.55 -26.13 -46.27
C ALA D 143 -49.88 -27.58 -45.89
N GLN D 144 -50.43 -27.79 -44.70
CA GLN D 144 -50.78 -29.14 -44.24
C GLN D 144 -51.92 -29.74 -45.05
N LEU D 145 -52.99 -28.95 -45.25
CA LEU D 145 -54.16 -29.33 -46.04
C LEU D 145 -53.83 -29.81 -47.45
N SER D 146 -52.80 -29.25 -48.07
CA SER D 146 -52.41 -29.67 -49.41
C SER D 146 -51.65 -30.99 -49.40
N SER D 147 -50.86 -31.26 -48.36
CA SER D 147 -50.04 -32.46 -48.34
C SER D 147 -50.86 -33.70 -48.04
N LEU D 148 -51.82 -33.62 -47.13
CA LEU D 148 -52.59 -34.79 -46.70
C LEU D 148 -53.89 -34.80 -47.49
N GLY D 149 -54.00 -35.75 -48.42
CA GLY D 149 -55.26 -35.96 -49.13
C GLY D 149 -56.37 -36.41 -48.21
N CYS D 150 -57.56 -35.84 -48.44
CA CYS D 150 -58.75 -36.15 -47.66
C CYS D 150 -59.95 -36.24 -48.60
N GLU D 151 -60.94 -37.02 -48.20
CA GLU D 151 -62.19 -37.15 -48.94
C GLU D 151 -63.23 -36.11 -48.49
N ASP D 152 -63.62 -36.16 -47.22
CA ASP D 152 -64.71 -35.37 -46.67
C ASP D 152 -64.21 -34.48 -45.55
N VAL D 153 -65.10 -33.59 -45.07
CA VAL D 153 -64.80 -32.73 -43.93
C VAL D 153 -64.54 -33.55 -42.68
N ASP D 154 -65.23 -34.68 -42.52
CA ASP D 154 -65.06 -35.56 -41.36
C ASP D 154 -63.63 -36.08 -41.25
N GLU D 155 -63.03 -36.42 -42.38
CA GLU D 155 -61.67 -36.95 -42.40
C GLU D 155 -60.60 -35.88 -42.15
N ALA D 156 -60.87 -34.61 -42.44
CA ALA D 156 -59.82 -33.61 -42.27
C ALA D 156 -59.63 -33.17 -40.82
N ILE D 157 -60.71 -32.90 -40.08
CA ILE D 157 -60.59 -32.46 -38.70
C ILE D 157 -60.21 -33.55 -37.69
N THR D 158 -60.24 -34.82 -38.08
CA THR D 158 -59.76 -35.85 -37.15
C THR D 158 -58.24 -35.99 -37.17
N LEU D 159 -57.67 -36.31 -38.34
CA LEU D 159 -56.23 -36.47 -38.50
C LEU D 159 -55.45 -35.18 -38.27
N ILE D 160 -56.09 -34.03 -38.44
CA ILE D 160 -55.48 -32.70 -38.24
C ILE D 160 -56.38 -31.96 -37.26
N PRO D 161 -56.32 -32.27 -35.95
CA PRO D 161 -57.30 -31.73 -34.98
C PRO D 161 -57.23 -30.23 -34.70
N SER D 162 -56.42 -29.47 -35.43
CA SER D 162 -56.33 -28.04 -35.20
C SER D 162 -57.37 -27.26 -35.99
N LEU D 163 -57.91 -27.85 -37.05
CA LEU D 163 -58.95 -27.25 -37.88
C LEU D 163 -60.33 -27.21 -37.23
N ALA D 164 -60.49 -27.79 -36.04
CA ALA D 164 -61.73 -27.81 -35.28
C ALA D 164 -62.39 -26.45 -35.08
N ALA D 165 -61.84 -25.65 -34.17
CA ALA D 165 -62.40 -24.37 -33.74
C ALA D 165 -61.98 -23.20 -34.61
N LYS D 166 -62.01 -23.34 -35.94
CA LYS D 166 -61.74 -22.18 -36.78
C LYS D 166 -62.96 -21.60 -37.48
N LYS D 167 -64.02 -22.39 -37.73
CA LYS D 167 -65.36 -21.89 -38.08
C LYS D 167 -65.37 -21.26 -39.46
N GLU D 168 -64.55 -21.79 -40.35
CA GLU D 168 -64.35 -21.27 -41.71
C GLU D 168 -63.98 -22.46 -42.57
N VAL D 169 -64.99 -23.05 -43.21
CA VAL D 169 -64.82 -24.35 -43.84
C VAL D 169 -64.29 -23.93 -45.23
N ASN D 170 -65.12 -24.00 -46.28
CA ASN D 170 -64.83 -24.14 -47.72
C ASN D 170 -64.18 -25.50 -48.08
N LEU D 171 -63.62 -26.18 -47.05
CA LEU D 171 -63.06 -27.53 -46.93
C LEU D 171 -63.58 -28.51 -47.99
N GLN D 172 -64.89 -28.54 -48.14
CA GLN D 172 -65.54 -29.48 -49.04
C GLN D 172 -65.17 -29.15 -50.49
N ARG D 173 -65.26 -27.87 -50.86
CA ARG D 173 -64.87 -27.41 -52.17
C ARG D 173 -63.37 -27.46 -52.38
N ILE D 174 -62.59 -27.33 -51.30
CA ILE D 174 -61.16 -27.65 -51.34
C ILE D 174 -60.92 -29.09 -51.77
N LEU D 175 -61.48 -30.04 -51.02
CA LEU D 175 -61.35 -31.47 -51.32
C LEU D 175 -61.95 -31.86 -52.68
N ASP D 176 -63.07 -31.25 -53.07
CA ASP D 176 -63.66 -31.56 -54.37
C ASP D 176 -62.74 -31.14 -55.51
N GLU D 177 -62.18 -29.92 -55.44
CA GLU D 177 -61.27 -29.47 -56.48
C GLU D 177 -59.97 -30.29 -56.49
N LEU D 178 -59.42 -30.59 -55.30
CA LEU D 178 -58.24 -31.47 -55.22
C LEU D 178 -58.50 -32.83 -55.87
N ASN D 179 -59.64 -33.44 -55.55
CA ASN D 179 -59.99 -34.74 -56.11
C ASN D 179 -60.37 -34.68 -57.59
N ARG D 180 -60.99 -33.58 -58.04
CA ARG D 180 -61.32 -33.46 -59.46
C ARG D 180 -60.07 -33.21 -60.31
N LEU D 181 -59.18 -32.32 -59.86
CA LEU D 181 -57.90 -32.12 -60.55
C LEU D 181 -57.06 -33.40 -60.56
N GLU D 182 -57.23 -34.25 -59.55
CA GLU D 182 -56.53 -35.53 -59.39
C GLU D 182 -56.78 -36.48 -60.54
N ASP D 183 -55.73 -36.79 -61.30
CA ASP D 183 -55.84 -37.68 -62.45
C ASP D 183 -56.14 -39.10 -61.97
N PRO D 184 -56.74 -39.94 -62.81
CA PRO D 184 -56.91 -41.36 -62.43
C PRO D 184 -55.56 -42.09 -62.37
N TYR D 185 -55.61 -43.29 -61.81
CA TYR D 185 -54.41 -44.10 -61.68
C TYR D 185 -54.77 -45.56 -61.95
N GLU E 2 -20.74 56.60 3.70
CA GLU E 2 -19.73 55.75 4.33
C GLU E 2 -19.98 54.24 4.08
N ASP E 3 -20.21 53.43 5.13
CA ASP E 3 -20.59 52.03 4.96
C ASP E 3 -21.91 51.87 4.21
N ASN E 4 -22.80 52.88 4.25
CA ASN E 4 -24.03 52.77 3.47
C ASN E 4 -23.74 52.82 1.98
N ASN E 5 -22.64 53.47 1.58
CA ASN E 5 -22.31 53.55 0.16
C ASN E 5 -21.86 52.21 -0.41
N ARG E 6 -21.17 51.40 0.40
CA ARG E 6 -20.76 50.09 -0.09
C ARG E 6 -21.93 49.13 -0.25
N ILE E 7 -22.97 49.24 0.58
CA ILE E 7 -24.18 48.45 0.38
C ILE E 7 -24.84 48.79 -0.94
N ILE E 8 -25.06 50.08 -1.19
CA ILE E 8 -25.66 50.54 -2.44
C ILE E 8 -24.81 50.17 -3.64
N SER E 9 -23.49 50.33 -3.53
CA SER E 9 -22.60 50.07 -4.67
C SER E 9 -22.63 48.61 -5.09
N ARG E 10 -22.47 47.70 -4.14
CA ARG E 10 -22.49 46.27 -4.44
C ARG E 10 -23.83 45.85 -5.02
N LEU E 11 -24.92 46.35 -4.43
CA LEU E 11 -26.26 46.09 -4.95
C LEU E 11 -26.45 46.65 -6.36
N TRP E 12 -25.93 47.86 -6.62
CA TRP E 12 -26.01 48.41 -7.98
C TRP E 12 -25.23 47.59 -8.98
N ARG E 13 -24.10 47.02 -8.55
CA ARG E 13 -23.28 46.23 -9.46
C ARG E 13 -23.95 44.92 -9.75
N SER E 14 -24.52 44.30 -8.71
CA SER E 14 -25.36 43.12 -8.87
C SER E 14 -26.50 43.36 -9.84
N PHE E 15 -27.08 44.55 -9.85
CA PHE E 15 -28.18 44.83 -10.76
C PHE E 15 -27.73 44.84 -12.22
N ARG E 16 -26.58 45.46 -12.51
CA ARG E 16 -26.05 45.47 -13.86
C ARG E 16 -25.76 44.05 -14.34
N THR E 17 -25.28 43.18 -13.43
CA THR E 17 -24.99 41.80 -13.78
C THR E 17 -26.26 41.04 -14.16
N VAL E 18 -27.34 41.25 -13.41
CA VAL E 18 -28.63 40.61 -13.69
C VAL E 18 -29.14 41.01 -15.06
N LYS E 19 -28.99 42.28 -15.41
CA LYS E 19 -29.41 42.76 -16.73
C LYS E 19 -28.60 42.11 -17.84
N GLU E 20 -27.27 42.07 -17.68
CA GLU E 20 -26.40 41.33 -18.58
C GLU E 20 -26.84 39.86 -18.72
N MET E 21 -27.18 39.22 -17.60
CA MET E 21 -27.67 37.85 -17.60
C MET E 21 -28.93 37.74 -18.46
N ALA E 22 -29.89 38.64 -18.24
CA ALA E 22 -31.13 38.65 -19.00
C ALA E 22 -30.87 38.86 -20.48
N ALA E 23 -29.97 39.79 -20.81
CA ALA E 23 -29.63 40.07 -22.21
C ALA E 23 -29.06 38.83 -22.89
N ASP E 24 -28.11 38.15 -22.24
CA ASP E 24 -27.50 36.97 -22.84
C ASP E 24 -28.50 35.83 -23.01
N ARG E 25 -29.49 35.72 -22.13
CA ARG E 25 -30.46 34.65 -22.35
C ARG E 25 -31.43 34.95 -23.49
N GLY E 26 -31.37 36.13 -24.11
CA GLY E 26 -32.25 36.41 -25.23
C GLY E 26 -33.38 37.34 -24.90
N TYR E 27 -33.46 37.84 -23.68
CA TYR E 27 -34.58 38.72 -23.39
C TYR E 27 -34.23 40.12 -23.80
N PHE E 28 -35.27 40.91 -24.07
CA PHE E 28 -35.09 42.28 -24.50
C PHE E 28 -35.03 43.19 -23.29
N ILE E 29 -33.95 43.96 -23.21
CA ILE E 29 -33.74 44.98 -22.20
C ILE E 29 -33.41 46.27 -22.92
N SER E 30 -34.11 47.35 -22.56
CA SER E 30 -33.98 48.63 -23.24
C SER E 30 -32.56 49.18 -23.05
N GLN E 31 -32.05 49.82 -24.11
CA GLN E 31 -30.71 50.40 -24.09
C GLN E 31 -30.54 51.57 -23.14
N GLU E 32 -31.60 52.02 -22.49
CA GLU E 32 -31.55 53.04 -21.45
C GLU E 32 -31.42 52.42 -20.06
N GLU E 33 -32.06 51.27 -19.83
CA GLU E 33 -31.96 50.57 -18.57
C GLU E 33 -30.62 49.83 -18.39
N MET E 34 -30.01 49.37 -19.48
CA MET E 34 -28.72 48.70 -19.34
C MET E 34 -27.61 49.66 -18.92
N ASP E 35 -27.61 50.87 -19.46
CA ASP E 35 -26.55 51.83 -19.18
C ASP E 35 -26.85 52.77 -18.02
N GLN E 36 -27.87 52.48 -17.20
CA GLN E 36 -28.28 53.34 -16.09
C GLN E 36 -27.12 53.54 -15.11
N SER E 37 -26.72 54.80 -14.93
CA SER E 37 -25.61 55.12 -14.03
C SER E 37 -25.95 54.83 -12.57
N LEU E 38 -24.91 54.87 -11.75
CA LEU E 38 -25.03 54.69 -10.32
C LEU E 38 -25.76 55.85 -9.63
N GLU E 39 -25.55 57.08 -10.10
CA GLU E 39 -26.17 58.25 -9.47
C GLU E 39 -27.69 58.24 -9.60
N GLU E 40 -28.19 57.99 -10.82
CA GLU E 40 -29.63 57.86 -11.06
C GLU E 40 -30.22 56.73 -10.23
N PHE E 41 -29.46 55.64 -10.09
CA PHE E 41 -29.87 54.49 -9.31
C PHE E 41 -30.09 54.85 -7.84
N ARG E 42 -29.20 55.65 -7.23
CA ARG E 42 -29.34 55.98 -5.82
C ARG E 42 -30.59 56.80 -5.56
N SER E 43 -30.86 57.78 -6.43
CA SER E 43 -32.04 58.62 -6.35
C SER E 43 -33.33 57.80 -6.36
N LYS E 44 -33.41 56.80 -7.25
CA LYS E 44 -34.67 56.09 -7.43
C LYS E 44 -34.92 55.03 -6.39
N ILE E 45 -33.88 54.45 -5.79
CA ILE E 45 -34.03 53.24 -5.01
C ILE E 45 -33.93 53.49 -3.51
N CYS E 46 -33.15 54.46 -3.07
CA CYS E 46 -32.95 54.65 -1.65
C CYS E 46 -34.05 55.53 -1.07
N ASP E 47 -34.25 55.40 0.23
CA ASP E 47 -35.17 56.26 0.98
C ASP E 47 -34.58 57.65 1.20
N SER E 48 -35.20 58.40 2.11
CA SER E 48 -34.55 59.62 2.56
C SER E 48 -33.39 59.31 3.48
N MET E 49 -33.44 58.19 4.18
CA MET E 49 -32.35 57.76 5.04
C MET E 49 -31.26 57.03 4.27
N GLY E 50 -31.47 56.75 2.98
CA GLY E 50 -30.46 56.12 2.16
C GLY E 50 -30.57 54.61 2.06
N ASN E 51 -31.52 54.01 2.77
CA ASN E 51 -31.71 52.56 2.77
C ASN E 51 -32.52 52.13 1.54
N PRO E 52 -32.12 51.04 0.88
CA PRO E 52 -32.73 50.66 -0.39
C PRO E 52 -33.95 49.75 -0.24
N GLN E 53 -34.87 49.92 -1.17
CA GLN E 53 -36.14 49.20 -1.19
C GLN E 53 -36.06 48.21 -2.33
N ARG E 54 -35.87 46.92 -2.00
CA ARG E 54 -35.65 45.90 -3.02
C ARG E 54 -36.86 45.72 -3.93
N LYS E 55 -38.07 45.81 -3.38
CA LYS E 55 -39.30 45.59 -4.15
C LYS E 55 -39.48 46.59 -5.28
N LEU E 56 -38.79 47.74 -5.25
CA LEU E 56 -38.85 48.64 -6.37
C LEU E 56 -37.90 48.23 -7.49
N MET E 57 -36.98 47.30 -7.24
CA MET E 57 -36.02 46.91 -8.27
C MET E 57 -36.49 45.80 -9.19
N SER E 58 -37.55 45.07 -8.81
CA SER E 58 -38.08 43.98 -9.63
C SER E 58 -38.49 44.49 -11.01
N PHE E 59 -38.40 43.62 -12.00
CA PHE E 59 -38.75 44.01 -13.36
C PHE E 59 -39.12 42.78 -14.17
N LEU E 60 -39.66 43.07 -15.34
CA LEU E 60 -40.20 42.09 -16.26
C LEU E 60 -39.53 42.32 -17.61
N ALA E 61 -39.31 41.24 -18.35
CA ALA E 61 -38.68 41.34 -19.65
C ALA E 61 -39.26 40.29 -20.58
N ASN E 62 -39.20 40.57 -21.87
CA ASN E 62 -39.69 39.69 -22.90
C ASN E 62 -38.57 39.35 -23.88
N PRO E 63 -38.65 38.22 -24.57
CA PRO E 63 -37.62 37.88 -25.57
C PRO E 63 -37.60 38.83 -26.75
N THR E 64 -36.38 39.11 -27.25
CA THR E 64 -36.20 39.77 -28.53
C THR E 64 -36.81 38.92 -29.65
N PRO E 65 -37.16 39.53 -30.80
CA PRO E 65 -37.64 38.72 -31.94
C PRO E 65 -36.64 37.69 -32.43
N GLU E 66 -35.35 38.02 -32.43
CA GLU E 66 -34.31 37.08 -32.85
C GLU E 66 -34.29 35.85 -31.95
N ALA E 67 -34.30 36.08 -30.63
CA ALA E 67 -34.26 34.97 -29.67
C ALA E 67 -35.48 34.09 -29.80
N LEU E 68 -36.64 34.70 -30.06
CA LEU E 68 -37.87 33.95 -30.21
C LEU E 68 -37.83 33.12 -31.48
N GLU E 69 -37.17 33.64 -32.52
CA GLU E 69 -36.95 32.88 -33.73
C GLU E 69 -36.08 31.67 -33.46
N LYS E 70 -35.01 31.84 -32.66
CA LYS E 70 -34.10 30.74 -32.39
C LYS E 70 -34.70 29.75 -31.39
N TYR E 71 -35.18 30.23 -30.25
CA TYR E 71 -35.71 29.39 -29.18
C TYR E 71 -37.21 29.67 -29.00
N SER E 72 -38.04 28.74 -29.44
CA SER E 72 -39.48 28.93 -29.32
C SER E 72 -40.02 28.57 -27.93
N ASP E 73 -39.17 28.14 -27.00
CA ASP E 73 -39.56 27.85 -25.62
C ASP E 73 -39.33 29.01 -24.67
N LEU E 74 -39.02 30.20 -25.17
CA LEU E 74 -38.65 31.33 -24.35
C LEU E 74 -39.86 32.20 -24.05
N GLY E 75 -40.25 32.24 -22.77
CA GLY E 75 -41.42 32.95 -22.29
C GLY E 75 -41.05 34.23 -21.57
N THR E 76 -41.82 34.57 -20.54
CA THR E 76 -41.57 35.78 -19.77
C THR E 76 -40.72 35.51 -18.55
N LEU E 77 -39.83 36.45 -18.23
CA LEU E 77 -38.87 36.30 -17.15
C LEU E 77 -39.21 37.33 -16.09
N TRP E 78 -39.29 36.88 -14.84
CA TRP E 78 -39.55 37.74 -13.69
C TRP E 78 -38.33 37.72 -12.77
N VAL E 79 -37.76 38.88 -12.53
CA VAL E 79 -36.61 39.04 -11.65
C VAL E 79 -37.09 39.71 -10.37
N GLU E 80 -36.71 39.15 -9.22
CA GLU E 80 -37.14 39.64 -7.93
C GLU E 80 -35.99 39.61 -6.92
N PHE E 81 -35.80 40.72 -6.22
CA PHE E 81 -34.89 40.80 -5.08
C PHE E 81 -35.70 40.67 -3.80
N CYS E 82 -35.30 39.74 -2.94
CA CYS E 82 -36.06 39.44 -1.75
C CYS E 82 -35.60 40.31 -0.60
N ASP E 83 -36.56 40.99 0.02
CA ASP E 83 -36.27 41.87 1.15
C ASP E 83 -35.92 41.15 2.45
N GLU E 84 -36.16 39.85 2.56
CA GLU E 84 -35.87 39.16 3.81
C GLU E 84 -34.54 38.44 3.77
N PRO E 85 -33.56 38.86 4.58
CA PRO E 85 -32.20 38.24 4.57
C PRO E 85 -32.19 36.73 4.66
N SER E 86 -32.95 36.18 5.59
CA SER E 86 -33.10 34.75 5.77
C SER E 86 -34.41 34.37 5.10
N VAL E 87 -34.36 33.52 4.08
CA VAL E 87 -35.58 33.17 3.37
C VAL E 87 -36.18 31.92 4.01
N GLY E 88 -37.33 32.12 4.67
CA GLY E 88 -38.03 31.08 5.35
C GLY E 88 -39.21 30.56 4.56
N ILE E 89 -39.98 29.66 5.20
CA ILE E 89 -41.15 29.04 4.60
C ILE E 89 -42.22 30.09 4.28
N LYS E 90 -42.26 31.18 5.05
CA LYS E 90 -43.24 32.25 4.82
C LYS E 90 -42.97 33.00 3.53
N THR E 91 -41.71 33.29 3.23
CA THR E 91 -41.38 34.08 2.06
C THR E 91 -41.62 33.31 0.77
N MET E 92 -41.30 32.01 0.79
CA MET E 92 -41.36 31.22 -0.42
C MET E 92 -42.80 31.02 -0.89
N ARG E 93 -43.77 30.92 0.04
CA ARG E 93 -45.16 30.68 -0.37
C ARG E 93 -45.72 31.82 -1.19
N ASN E 94 -45.50 33.06 -0.72
CA ASN E 94 -45.97 34.24 -1.45
C ASN E 94 -45.25 34.42 -2.78
N PHE E 95 -43.98 34.00 -2.83
CA PHE E 95 -43.25 34.09 -4.09
C PHE E 95 -43.77 33.09 -5.11
N CYS E 96 -43.97 31.83 -4.71
CA CYS E 96 -44.50 30.83 -5.64
C CYS E 96 -45.92 31.17 -6.08
N LEU E 97 -46.72 31.73 -5.18
CA LEU E 97 -48.07 32.19 -5.52
C LEU E 97 -48.05 33.32 -6.54
N ARG E 98 -47.17 34.31 -6.31
CA ARG E 98 -47.04 35.46 -7.21
C ARG E 98 -46.69 35.03 -8.63
N ILE E 99 -45.81 34.04 -8.77
CA ILE E 99 -45.36 33.58 -10.07
C ILE E 99 -46.49 32.92 -10.83
N GLN E 100 -47.24 32.06 -10.13
CA GLN E 100 -48.36 31.35 -10.74
C GLN E 100 -49.50 32.28 -11.10
N GLU E 101 -49.86 33.19 -10.19
CA GLU E 101 -50.96 34.13 -10.40
C GLU E 101 -50.74 34.97 -11.66
N LYS E 102 -49.56 35.59 -11.77
CA LYS E 102 -49.19 36.39 -12.92
C LYS E 102 -48.67 35.57 -14.10
N ASN E 103 -48.68 34.24 -14.00
CA ASN E 103 -48.18 33.21 -14.94
C ASN E 103 -46.88 33.62 -15.66
N PHE E 104 -45.84 33.85 -14.87
CA PHE E 104 -44.51 33.95 -15.43
C PHE E 104 -43.94 32.59 -15.83
N SER E 105 -43.10 32.60 -16.86
CA SER E 105 -42.40 31.39 -17.31
C SER E 105 -41.17 31.07 -16.48
N THR E 106 -40.46 32.07 -15.96
CA THR E 106 -39.24 31.82 -15.20
C THR E 106 -39.08 32.90 -14.14
N GLY E 107 -38.69 32.51 -12.94
CA GLY E 107 -38.37 33.47 -11.90
C GLY E 107 -37.01 33.36 -11.25
N ILE E 108 -36.30 34.48 -11.25
CA ILE E 108 -34.95 34.56 -10.70
C ILE E 108 -35.07 35.18 -9.31
N PHE E 109 -34.65 34.44 -8.28
CA PHE E 109 -34.79 34.85 -6.89
C PHE E 109 -33.45 35.15 -6.25
N ILE E 110 -33.15 36.42 -6.06
CA ILE E 110 -31.92 36.87 -5.40
C ILE E 110 -32.20 37.02 -3.91
N TYR E 111 -31.41 36.32 -3.09
CA TYR E 111 -31.53 36.41 -1.65
C TYR E 111 -30.33 37.15 -1.10
N GLN E 112 -30.36 37.46 0.20
CA GLN E 112 -29.31 38.26 0.80
C GLN E 112 -28.24 37.44 1.51
N ASN E 113 -28.64 36.61 2.47
CA ASN E 113 -27.65 35.91 3.29
C ASN E 113 -27.62 34.40 3.11
N ASN E 114 -28.76 33.72 3.15
CA ASN E 114 -28.76 32.26 3.06
C ASN E 114 -30.16 31.80 2.69
N ILE E 115 -30.26 30.51 2.37
CA ILE E 115 -31.53 29.82 2.18
C ILE E 115 -31.52 28.53 2.98
N THR E 116 -32.49 28.36 3.86
CA THR E 116 -32.53 27.19 4.74
C THR E 116 -32.77 25.93 3.90
N PRO E 117 -32.13 24.80 4.25
CA PRO E 117 -32.33 23.55 3.49
C PRO E 117 -33.77 23.06 3.41
N SER E 118 -34.59 23.39 4.41
CA SER E 118 -36.01 23.05 4.38
C SER E 118 -36.72 23.86 3.28
N ALA E 119 -36.41 25.14 3.20
CA ALA E 119 -36.96 26.00 2.15
C ALA E 119 -36.40 25.65 0.78
N ASN E 120 -35.22 25.03 0.71
CA ASN E 120 -34.63 24.65 -0.56
C ASN E 120 -35.41 23.53 -1.25
N LYS E 121 -36.24 22.79 -0.53
CA LYS E 121 -37.03 21.76 -1.19
C LYS E 121 -38.31 22.31 -1.83
N MET E 122 -38.73 23.52 -1.46
CA MET E 122 -39.87 24.18 -2.10
C MET E 122 -39.59 24.69 -3.51
N ILE E 123 -38.39 24.49 -4.04
CA ILE E 123 -37.99 25.02 -5.34
C ILE E 123 -38.44 24.12 -6.51
N PRO E 124 -38.24 22.79 -6.51
CA PRO E 124 -38.72 22.01 -7.66
C PRO E 124 -40.19 21.59 -7.59
N THR E 125 -40.94 22.02 -6.59
CA THR E 125 -42.35 21.66 -6.46
C THR E 125 -43.31 22.63 -7.15
N VAL E 126 -42.82 23.44 -8.10
CA VAL E 126 -43.56 24.60 -8.58
C VAL E 126 -43.46 24.57 -10.10
N SER E 127 -43.18 23.37 -10.63
CA SER E 127 -43.08 23.13 -12.06
C SER E 127 -44.44 23.27 -12.74
N PRO E 128 -44.49 23.46 -14.08
CA PRO E 128 -43.47 23.60 -15.14
C PRO E 128 -42.76 24.95 -15.15
N ALA E 129 -43.11 25.81 -14.21
CA ALA E 129 -42.39 27.04 -14.00
C ALA E 129 -41.04 26.72 -13.37
N ILE E 130 -40.02 27.51 -13.67
CA ILE E 130 -38.66 27.18 -13.26
C ILE E 130 -38.25 28.28 -12.29
N ILE E 131 -37.80 27.89 -11.10
CA ILE E 131 -37.28 28.83 -10.13
C ILE E 131 -35.77 28.65 -9.99
N GLU E 132 -35.02 29.75 -10.12
CA GLU E 132 -33.58 29.76 -9.94
C GLU E 132 -33.24 30.76 -8.84
N THR E 133 -32.30 30.39 -7.97
CA THR E 133 -31.88 31.24 -6.86
C THR E 133 -30.43 31.65 -6.98
N PHE E 134 -30.12 32.86 -6.52
CA PHE E 134 -28.76 33.36 -6.51
C PHE E 134 -28.47 34.11 -5.23
N GLN E 135 -27.29 33.87 -4.67
CA GLN E 135 -26.81 34.67 -3.56
C GLN E 135 -26.25 35.99 -4.08
N GLU E 136 -26.63 37.09 -3.40
CA GLU E 136 -26.29 38.43 -3.85
C GLU E 136 -24.79 38.65 -3.97
N SER E 137 -24.00 38.00 -3.11
CA SER E 137 -22.53 38.06 -3.21
C SER E 137 -22.05 37.59 -4.57
N ASP E 138 -22.56 36.44 -5.03
CA ASP E 138 -22.09 35.79 -6.26
C ASP E 138 -22.32 36.61 -7.51
N LEU E 139 -23.09 37.68 -7.46
CA LEU E 139 -23.42 38.44 -8.65
C LEU E 139 -22.72 39.80 -8.69
N VAL E 140 -21.96 40.15 -7.66
CA VAL E 140 -21.23 41.42 -7.61
C VAL E 140 -20.29 41.57 -8.80
N VAL E 141 -19.65 40.49 -9.21
CA VAL E 141 -18.86 40.46 -10.43
C VAL E 141 -19.52 39.55 -11.44
N ASN E 142 -19.63 40.00 -12.68
CA ASN E 142 -20.15 39.18 -13.77
C ASN E 142 -18.97 38.33 -14.24
N ILE E 143 -19.00 37.05 -13.89
CA ILE E 143 -17.87 36.16 -14.13
C ILE E 143 -17.60 35.94 -15.61
N THR E 144 -18.61 36.08 -16.48
CA THR E 144 -18.35 35.87 -17.91
C THR E 144 -17.47 36.94 -18.54
N HIS E 145 -17.18 38.04 -17.86
CA HIS E 145 -16.24 39.00 -18.42
C HIS E 145 -14.81 38.66 -18.12
N HIS E 146 -14.56 37.56 -17.43
CA HIS E 146 -13.21 37.17 -17.06
C HIS E 146 -12.48 36.63 -18.28
N GLU E 147 -11.17 36.93 -18.36
CA GLU E 147 -10.29 36.38 -19.39
C GLU E 147 -10.44 34.87 -19.57
N LEU E 148 -10.50 34.13 -18.47
CA LEU E 148 -10.45 32.69 -18.57
C LEU E 148 -11.79 32.06 -18.96
N VAL E 149 -12.87 32.83 -19.00
CA VAL E 149 -14.18 32.29 -19.36
C VAL E 149 -14.55 32.63 -20.81
N PRO E 150 -14.43 31.70 -21.73
CA PRO E 150 -14.85 31.97 -23.12
C PRO E 150 -16.37 32.06 -23.25
N LYS E 151 -16.80 32.63 -24.37
CA LYS E 151 -18.22 32.90 -24.63
C LYS E 151 -19.01 31.62 -24.84
N HIS E 152 -19.97 31.37 -23.95
CA HIS E 152 -20.91 30.26 -24.07
C HIS E 152 -22.18 30.66 -24.81
N ILE E 153 -22.58 29.87 -25.79
CA ILE E 153 -23.78 30.11 -26.57
C ILE E 153 -24.60 28.82 -26.58
N ARG E 154 -25.85 28.88 -26.12
CA ARG E 154 -26.66 27.66 -26.09
C ARG E 154 -27.08 27.29 -27.52
N LEU E 155 -26.95 26.02 -27.90
CA LEU E 155 -27.46 25.56 -29.18
C LEU E 155 -28.95 25.35 -29.16
N SER E 156 -29.61 25.72 -30.26
CA SER E 156 -31.01 25.39 -30.46
C SER E 156 -31.21 23.91 -30.71
N ASP E 157 -32.46 23.47 -30.55
CA ASP E 157 -32.83 22.06 -30.76
C ASP E 157 -32.54 21.58 -32.17
N GLY E 158 -32.75 22.42 -33.18
CA GLY E 158 -32.41 22.00 -34.54
C GLY E 158 -30.92 21.88 -34.76
N GLU E 159 -30.15 22.84 -34.24
CA GLU E 159 -28.70 22.78 -34.36
C GLU E 159 -28.12 21.57 -33.62
N LYS E 160 -28.66 21.28 -32.44
CA LYS E 160 -28.24 20.11 -31.67
C LYS E 160 -28.43 18.80 -32.42
N SER E 161 -29.64 18.58 -32.95
CA SER E 161 -29.91 17.38 -33.74
C SER E 161 -28.97 17.25 -34.93
N GLN E 162 -28.70 18.35 -35.61
CA GLN E 162 -27.78 18.34 -36.74
C GLN E 162 -26.38 17.96 -36.31
N LEU E 163 -25.96 18.42 -35.12
CA LEU E 163 -24.65 18.11 -34.57
C LEU E 163 -24.49 16.63 -34.27
N LEU E 164 -25.48 16.02 -33.62
CA LEU E 164 -25.38 14.62 -33.22
C LEU E 164 -25.26 13.69 -34.42
N GLN E 165 -25.93 14.04 -35.53
CA GLN E 165 -25.86 13.20 -36.71
C GLN E 165 -24.50 13.30 -37.38
N ARG E 166 -23.91 14.51 -37.41
CA ARG E 166 -22.61 14.70 -38.04
C ARG E 166 -21.54 13.85 -37.37
N TYR E 167 -21.57 13.72 -36.05
CA TYR E 167 -20.61 12.88 -35.36
C TYR E 167 -21.12 11.48 -35.05
N LYS E 168 -22.36 11.16 -35.44
CA LYS E 168 -23.02 9.87 -35.16
C LYS E 168 -22.95 9.48 -33.67
N LEU E 169 -23.38 10.42 -32.83
CA LEU E 169 -23.21 10.36 -31.38
C LEU E 169 -24.52 10.05 -30.68
N LYS E 170 -24.44 9.24 -29.64
CA LYS E 170 -25.47 9.32 -28.61
C LYS E 170 -25.23 10.55 -27.74
N GLU E 171 -26.30 11.01 -27.08
CA GLU E 171 -26.22 12.20 -26.23
C GLU E 171 -25.27 12.03 -25.07
N SER E 172 -25.21 10.80 -24.53
CA SER E 172 -24.36 10.50 -23.37
C SER E 172 -22.85 10.43 -23.65
N GLN E 173 -22.45 10.72 -24.89
CA GLN E 173 -21.05 10.69 -25.25
C GLN E 173 -20.36 12.05 -25.29
N LEU E 174 -21.13 13.13 -25.16
CA LEU E 174 -20.50 14.45 -25.21
C LEU E 174 -19.88 14.77 -23.85
N PRO E 175 -18.85 15.61 -23.80
CA PRO E 175 -18.41 16.15 -22.51
C PRO E 175 -19.53 16.86 -21.76
N ARG E 176 -19.38 16.92 -20.44
CA ARG E 176 -20.48 17.33 -19.60
C ARG E 176 -20.15 18.59 -18.82
N ILE E 177 -21.20 19.29 -18.39
CA ILE E 177 -21.11 20.36 -17.42
C ILE E 177 -22.20 20.18 -16.37
N GLN E 178 -21.82 20.25 -15.10
CA GLN E 178 -22.77 20.06 -14.01
C GLN E 178 -23.75 21.22 -13.95
N ARG E 179 -24.99 20.92 -13.55
CA ARG E 179 -26.00 21.97 -13.39
C ARG E 179 -25.59 23.07 -12.42
N GLU E 180 -24.92 22.74 -11.32
CA GLU E 180 -24.55 23.83 -10.42
C GLU E 180 -23.30 24.61 -10.83
N ASP E 181 -22.70 24.29 -11.97
CA ASP E 181 -21.58 25.07 -12.47
C ASP E 181 -21.99 26.53 -12.66
N PRO E 182 -21.15 27.50 -12.26
CA PRO E 182 -21.48 28.93 -12.41
C PRO E 182 -21.91 29.39 -13.78
N VAL E 183 -21.33 28.88 -14.86
CA VAL E 183 -21.75 29.41 -16.15
C VAL E 183 -23.06 28.76 -16.61
N ALA E 184 -23.28 27.49 -16.25
CA ALA E 184 -24.56 26.84 -16.55
C ALA E 184 -25.72 27.49 -15.81
N ARG E 185 -25.51 27.87 -14.56
CA ARG E 185 -26.56 28.52 -13.78
C ARG E 185 -26.86 29.90 -14.34
N TYR E 186 -25.82 30.63 -14.71
CA TYR E 186 -25.95 31.94 -15.34
C TYR E 186 -26.84 31.89 -16.58
N LEU E 187 -26.75 30.84 -17.36
CA LEU E 187 -27.58 30.76 -18.55
C LEU E 187 -28.92 30.09 -18.29
N GLY E 188 -29.15 29.61 -17.07
CA GLY E 188 -30.33 28.81 -16.77
C GLY E 188 -30.47 27.57 -17.60
N LEU E 189 -29.37 26.86 -17.82
CA LEU E 189 -29.40 25.63 -18.58
C LEU E 189 -30.19 24.53 -17.88
N LYS E 190 -30.99 23.82 -18.66
CA LYS E 190 -31.72 22.66 -18.18
C LYS E 190 -31.10 21.42 -18.81
N ARG E 191 -31.34 20.28 -18.17
CA ARG E 191 -30.86 18.97 -18.61
C ARG E 191 -31.18 18.68 -20.08
N GLY E 192 -30.16 18.26 -20.82
CA GLY E 192 -30.28 17.94 -22.22
C GLY E 192 -29.85 19.03 -23.17
N GLN E 193 -29.70 20.25 -22.69
CA GLN E 193 -29.29 21.35 -23.54
C GLN E 193 -27.78 21.41 -23.69
N VAL E 194 -27.34 21.88 -24.86
CA VAL E 194 -25.93 21.91 -25.22
C VAL E 194 -25.47 23.35 -25.35
N VAL E 195 -24.31 23.65 -24.78
CA VAL E 195 -23.65 24.93 -25.03
C VAL E 195 -22.55 24.71 -26.04
N LYS E 196 -22.34 25.69 -26.90
CA LYS E 196 -21.19 25.76 -27.77
C LYS E 196 -20.19 26.75 -27.21
N ILE E 197 -18.92 26.39 -27.21
CA ILE E 197 -17.90 27.17 -26.56
C ILE E 197 -16.80 27.40 -27.59
N ILE E 198 -16.67 28.65 -28.04
CA ILE E 198 -15.64 29.04 -28.98
C ILE E 198 -14.52 29.66 -28.18
N ARG E 199 -13.29 29.20 -28.42
CA ARG E 199 -12.23 29.34 -27.45
C ARG E 199 -10.95 29.68 -28.19
N ARG E 200 -10.16 30.57 -27.60
CA ARG E 200 -8.79 30.80 -28.07
C ARG E 200 -7.98 29.50 -28.07
N SER E 201 -7.10 29.37 -29.06
CA SER E 201 -6.17 28.27 -29.13
C SER E 201 -4.84 28.74 -29.66
N GLU E 202 -3.75 28.40 -28.98
CA GLU E 202 -2.45 28.84 -29.45
C GLU E 202 -1.91 28.03 -30.63
N THR E 203 -2.52 26.90 -30.97
CA THR E 203 -2.09 26.15 -32.15
C THR E 203 -2.95 26.38 -33.38
N SER E 204 -4.26 26.57 -33.24
CA SER E 204 -5.09 26.81 -34.42
C SER E 204 -5.76 28.17 -34.45
N GLY E 205 -5.60 29.00 -33.44
CA GLY E 205 -6.30 30.26 -33.42
C GLY E 205 -7.70 30.21 -32.88
N ARG E 206 -8.56 29.38 -33.44
CA ARG E 206 -9.95 29.35 -33.02
C ARG E 206 -10.37 27.89 -32.92
N TYR E 207 -11.16 27.55 -31.92
CA TYR E 207 -11.56 26.16 -31.77
C TYR E 207 -12.93 26.10 -31.10
N ALA E 208 -13.86 25.35 -31.68
CA ALA E 208 -15.20 25.23 -31.13
C ALA E 208 -15.36 23.95 -30.32
N SER E 209 -15.64 24.10 -29.04
CA SER E 209 -15.86 22.99 -28.11
C SER E 209 -17.34 22.92 -27.76
N TYR E 210 -17.89 21.72 -27.68
CA TYR E 210 -19.28 21.54 -27.30
C TYR E 210 -19.38 20.79 -25.98
N ARG E 211 -20.25 21.26 -25.08
CA ARG E 211 -20.59 20.53 -23.85
C ARG E 211 -22.10 20.46 -23.65
N ILE E 212 -22.56 19.33 -23.11
CA ILE E 212 -23.97 19.11 -22.84
C ILE E 212 -24.19 19.16 -21.33
N CYS E 213 -25.32 19.74 -20.93
CA CYS E 213 -25.61 19.97 -19.52
C CYS E 213 -26.27 18.76 -18.89
N LEU E 214 -25.80 18.33 -17.73
CA LEU E 214 -26.52 17.28 -17.05
C LEU E 214 -27.72 17.92 -16.35
N GLU F 71 -26.48 -2.20 -44.86
CA GLU F 71 -26.95 -1.42 -43.72
C GLU F 71 -25.86 -0.51 -43.15
N LEU F 72 -24.87 -1.11 -42.49
CA LEU F 72 -23.73 -0.35 -41.97
C LEU F 72 -22.86 0.22 -43.08
N ALA F 73 -22.85 -0.40 -44.25
CA ALA F 73 -21.93 0.00 -45.31
C ALA F 73 -22.31 1.35 -45.90
N ILE F 74 -21.30 2.18 -46.12
CA ILE F 74 -21.45 3.53 -46.64
C ILE F 74 -21.14 3.49 -48.14
N LEU F 75 -22.03 4.09 -48.94
CA LEU F 75 -21.93 4.06 -50.39
C LEU F 75 -20.69 4.82 -50.86
N LYS F 76 -20.17 4.36 -52.00
CA LYS F 76 -18.92 4.88 -52.59
C LYS F 76 -18.91 6.38 -52.78
N GLU F 77 -20.04 6.96 -53.19
CA GLU F 77 -20.07 8.39 -53.47
C GLU F 77 -20.01 9.22 -52.19
N GLU F 78 -20.40 8.65 -51.05
CA GLU F 78 -20.49 9.33 -49.77
C GLU F 78 -19.36 8.99 -48.81
N ARG F 79 -18.24 8.48 -49.29
CA ARG F 79 -17.12 8.13 -48.42
C ARG F 79 -16.43 9.40 -47.96
N THR F 80 -16.17 9.52 -46.66
CA THR F 80 -15.59 10.71 -46.07
C THR F 80 -14.21 10.59 -45.46
N THR F 81 -13.67 9.39 -45.27
CA THR F 81 -12.40 9.32 -44.58
C THR F 81 -11.27 9.70 -45.54
N THR F 82 -10.07 9.86 -44.98
CA THR F 82 -8.95 10.44 -45.71
C THR F 82 -8.55 9.56 -46.90
N PRO F 83 -8.26 10.15 -48.06
CA PRO F 83 -7.82 9.37 -49.21
C PRO F 83 -6.35 8.99 -49.21
N TYR F 84 -5.58 9.28 -48.17
CA TYR F 84 -4.19 8.82 -48.14
C TYR F 84 -4.08 7.60 -47.25
N LEU F 85 -3.25 6.67 -47.69
CA LEU F 85 -2.90 5.52 -46.87
C LEU F 85 -2.10 5.95 -45.64
N THR F 86 -2.58 5.56 -44.46
CA THR F 86 -1.92 5.89 -43.21
C THR F 86 -0.74 4.96 -42.99
N LYS F 87 0.19 5.36 -42.11
CA LYS F 87 1.33 4.48 -41.83
C LYS F 87 0.88 3.14 -41.26
N TYR F 88 -0.21 3.12 -40.48
CA TYR F 88 -0.68 1.88 -39.90
C TYR F 88 -1.33 0.98 -40.95
N GLU F 89 -2.11 1.56 -41.85
CA GLU F 89 -2.69 0.77 -42.94
C GLU F 89 -1.62 0.21 -43.86
N ARG F 90 -0.56 0.98 -44.11
CA ARG F 90 0.52 0.55 -44.99
C ARG F 90 1.24 -0.65 -44.41
N ALA F 91 1.60 -0.59 -43.12
CA ALA F 91 2.31 -1.66 -42.44
C ALA F 91 1.51 -2.96 -42.43
N ARG F 92 0.21 -2.86 -42.18
CA ARG F 92 -0.64 -4.05 -42.15
C ARG F 92 -0.78 -4.65 -43.54
N ILE F 93 -0.95 -3.81 -44.56
CA ILE F 93 -1.08 -4.30 -45.94
C ILE F 93 0.18 -5.02 -46.40
N LEU F 94 1.35 -4.42 -46.14
CA LEU F 94 2.61 -5.04 -46.54
C LEU F 94 2.82 -6.37 -45.85
N GLY F 95 2.59 -6.42 -44.54
CA GLY F 95 2.75 -7.67 -43.82
C GLY F 95 1.79 -8.77 -44.24
N THR F 96 0.50 -8.43 -44.37
CA THR F 96 -0.49 -9.42 -44.78
C THR F 96 -0.18 -9.96 -46.17
N ARG F 97 0.15 -9.08 -47.11
CA ARG F 97 0.43 -9.53 -48.46
C ARG F 97 1.72 -10.34 -48.52
N ALA F 98 2.76 -9.91 -47.80
CA ALA F 98 3.98 -10.70 -47.63
C ALA F 98 3.69 -12.10 -47.14
N LEU F 99 2.88 -12.21 -46.07
CA LEU F 99 2.50 -13.49 -45.51
C LEU F 99 1.85 -14.40 -46.55
N GLN F 100 0.88 -13.85 -47.30
CA GLN F 100 0.21 -14.64 -48.32
C GLN F 100 1.16 -15.13 -49.41
N ILE F 101 2.15 -14.32 -49.77
CA ILE F 101 3.12 -14.73 -50.79
C ILE F 101 3.97 -15.88 -50.30
N SER F 102 4.39 -15.83 -49.04
CA SER F 102 5.19 -16.93 -48.49
C SER F 102 4.38 -18.22 -48.36
N MET F 103 3.06 -18.15 -48.37
CA MET F 103 2.24 -19.35 -48.43
C MET F 103 1.84 -19.70 -49.86
N ASN F 104 2.52 -19.11 -50.85
CA ASN F 104 2.43 -19.43 -52.28
C ASN F 104 1.13 -18.93 -52.92
N ALA F 105 0.68 -17.75 -52.52
CA ALA F 105 -0.37 -17.06 -53.25
C ALA F 105 0.18 -16.59 -54.61
N PRO F 106 -0.65 -16.58 -55.64
CA PRO F 106 -0.23 -16.03 -56.94
C PRO F 106 0.22 -14.58 -56.84
N VAL F 107 1.41 -14.31 -57.35
CA VAL F 107 1.99 -12.97 -57.32
C VAL F 107 1.59 -12.25 -58.60
N LEU F 108 1.22 -10.97 -58.48
CA LEU F 108 0.69 -10.20 -59.60
C LEU F 108 1.72 -9.35 -60.34
N VAL F 109 2.99 -9.35 -59.93
CA VAL F 109 4.00 -8.59 -60.65
C VAL F 109 5.11 -9.53 -61.07
N ASP F 110 5.93 -9.07 -62.00
CA ASP F 110 7.14 -9.80 -62.34
C ASP F 110 8.14 -9.75 -61.18
N ILE F 111 8.71 -10.91 -60.87
CA ILE F 111 9.75 -11.05 -59.87
C ILE F 111 11.09 -11.18 -60.59
N GLU F 112 11.96 -10.20 -60.41
CA GLU F 112 13.28 -10.32 -61.01
C GLU F 112 14.28 -10.91 -60.01
N GLY F 113 15.19 -10.08 -59.52
CA GLY F 113 16.26 -10.48 -58.64
C GLY F 113 15.89 -10.48 -57.17
N GLU F 114 14.84 -9.73 -56.83
CA GLU F 114 14.45 -9.50 -55.44
C GLU F 114 13.42 -10.54 -55.01
N THR F 115 13.87 -11.53 -54.25
CA THR F 115 13.06 -12.70 -53.95
C THR F 115 12.58 -12.81 -52.51
N ASP F 116 12.99 -11.89 -51.62
CA ASP F 116 12.45 -11.88 -50.26
C ASP F 116 10.94 -11.66 -50.29
N PRO F 117 10.17 -12.29 -49.40
CA PRO F 117 8.72 -12.04 -49.35
C PRO F 117 8.33 -10.59 -49.15
N LEU F 118 9.01 -9.89 -48.23
CA LEU F 118 8.71 -8.48 -48.00
C LEU F 118 9.02 -7.62 -49.22
N GLN F 119 10.08 -7.95 -49.95
CA GLN F 119 10.48 -7.16 -51.11
C GLN F 119 9.46 -7.26 -52.24
N ILE F 120 8.97 -8.47 -52.50
CA ILE F 120 7.96 -8.67 -53.53
C ILE F 120 6.70 -7.90 -53.18
N ALA F 121 6.28 -7.94 -51.91
CA ALA F 121 5.09 -7.21 -51.48
C ALA F 121 5.27 -5.69 -51.63
N MET F 122 6.46 -5.19 -51.30
CA MET F 122 6.76 -3.77 -51.48
C MET F 122 6.79 -3.38 -52.96
N LYS F 123 7.22 -4.29 -53.82
CA LYS F 123 7.19 -4.02 -55.25
C LYS F 123 5.76 -3.91 -55.76
N GLU F 124 4.88 -4.84 -55.35
CA GLU F 124 3.47 -4.77 -55.72
C GLU F 124 2.81 -3.48 -55.24
N LEU F 125 3.15 -3.01 -54.04
CA LEU F 125 2.57 -1.78 -53.53
C LEU F 125 2.92 -0.60 -54.41
N SER F 126 4.19 -0.50 -54.83
CA SER F 126 4.66 0.62 -55.63
C SER F 126 4.00 0.70 -57.00
N GLN F 127 3.50 -0.42 -57.51
CA GLN F 127 2.82 -0.43 -58.80
C GLN F 127 1.32 -0.43 -58.68
N ARG F 128 0.78 -0.19 -57.48
CA ARG F 128 -0.65 -0.16 -57.19
C ARG F 128 -1.38 -1.47 -57.56
N LYS F 129 -0.77 -2.61 -57.23
CA LYS F 129 -1.27 -3.90 -57.68
C LYS F 129 -1.64 -4.87 -56.55
N ILE F 130 -1.70 -4.41 -55.31
CA ILE F 130 -2.15 -5.25 -54.20
C ILE F 130 -3.66 -5.42 -54.15
N PRO F 131 -4.17 -6.66 -54.28
CA PRO F 131 -5.61 -6.93 -54.37
C PRO F 131 -6.37 -7.01 -53.05
N LEU F 132 -6.23 -5.98 -52.21
CA LEU F 132 -6.89 -5.98 -50.91
C LEU F 132 -7.72 -4.73 -50.70
N VAL F 133 -8.67 -4.84 -49.78
CA VAL F 133 -9.60 -3.76 -49.45
C VAL F 133 -9.48 -3.50 -47.97
N ILE F 134 -9.32 -2.23 -47.62
CA ILE F 134 -9.35 -1.80 -46.23
C ILE F 134 -10.78 -1.55 -45.79
N ARG F 135 -11.17 -2.17 -44.69
CA ARG F 135 -12.46 -1.88 -44.07
C ARG F 135 -12.16 -0.98 -42.88
N ARG F 136 -12.36 0.32 -43.03
CA ARG F 136 -12.06 1.27 -41.96
C ARG F 136 -13.28 1.42 -41.07
N TYR F 137 -13.18 0.99 -39.83
CA TYR F 137 -14.30 1.16 -38.92
C TYR F 137 -14.29 2.57 -38.35
N LEU F 138 -15.44 3.19 -38.37
CA LEU F 138 -15.78 4.46 -37.75
C LEU F 138 -16.27 4.19 -36.34
N PRO F 139 -16.23 5.20 -35.44
CA PRO F 139 -16.64 4.95 -34.03
C PRO F 139 -18.01 4.33 -33.78
N ASP F 140 -19.01 4.62 -34.61
CA ASP F 140 -20.33 4.05 -34.38
C ASP F 140 -20.48 2.62 -34.85
N GLY F 141 -19.47 2.06 -35.50
CA GLY F 141 -19.54 0.72 -36.01
C GLY F 141 -19.73 0.63 -37.51
N SER F 142 -20.25 1.69 -38.14
CA SER F 142 -20.30 1.72 -39.59
C SER F 142 -18.90 1.76 -40.19
N TYR F 143 -18.82 1.58 -41.51
CA TYR F 143 -17.50 1.42 -42.09
C TYR F 143 -17.52 1.83 -43.55
N GLU F 144 -16.38 2.27 -44.03
CA GLU F 144 -16.14 2.54 -45.44
C GLU F 144 -15.11 1.54 -45.94
N ASP F 145 -15.46 0.79 -46.98
CA ASP F 145 -14.48 -0.05 -47.65
C ASP F 145 -13.70 0.76 -48.68
N TRP F 146 -12.37 0.75 -48.58
CA TRP F 146 -11.47 1.36 -49.55
C TRP F 146 -10.52 0.33 -50.12
N GLY F 147 -10.48 0.18 -51.43
CA GLY F 147 -9.49 -0.69 -52.03
C GLY F 147 -8.11 -0.05 -52.00
N CYS F 148 -7.08 -0.87 -51.82
CA CYS F 148 -5.70 -0.38 -51.90
C CYS F 148 -5.30 0.05 -53.30
N ASP F 149 -6.06 -0.36 -54.32
CA ASP F 149 -5.83 0.16 -55.65
C ASP F 149 -6.24 1.64 -55.77
N GLU F 150 -7.17 2.12 -54.96
CA GLU F 150 -7.58 3.51 -55.16
C GLU F 150 -7.00 4.49 -54.15
N LEU F 151 -6.51 4.02 -53.00
CA LEU F 151 -5.90 4.94 -52.04
C LEU F 151 -4.54 5.42 -52.49
N ILE F 152 -4.31 6.72 -52.31
CA ILE F 152 -3.06 7.34 -52.74
C ILE F 152 -1.99 7.04 -51.72
N VAL F 153 -0.86 6.51 -52.17
CA VAL F 153 0.28 6.23 -51.31
C VAL F 153 1.32 7.30 -51.57
N ASP F 154 1.83 7.92 -50.52
CA ASP F 154 2.90 8.89 -50.68
C ASP F 154 4.18 8.28 -51.24
N MET G 1 -41.07 -33.03 -43.50
CA MET G 1 -41.86 -31.82 -43.74
C MET G 1 -40.89 -30.84 -44.39
N PHE G 2 -41.20 -30.40 -45.61
CA PHE G 2 -40.28 -29.58 -46.38
C PHE G 2 -40.42 -28.09 -46.09
N PHE G 3 -39.29 -27.40 -46.02
CA PHE G 3 -39.24 -25.96 -45.88
C PHE G 3 -38.17 -25.39 -46.79
N LEU G 4 -38.27 -24.09 -47.05
CA LEU G 4 -37.18 -23.29 -47.60
C LEU G 4 -36.51 -22.46 -46.49
N LYS G 5 -35.20 -22.66 -46.33
CA LYS G 5 -34.42 -22.00 -45.29
C LYS G 5 -33.26 -21.22 -45.87
N ASP G 6 -33.10 -20.00 -45.37
CA ASP G 6 -31.98 -19.13 -45.68
C ASP G 6 -30.87 -19.42 -44.67
N LEU G 7 -29.81 -20.07 -45.12
CA LEU G 7 -28.73 -20.53 -44.25
C LEU G 7 -27.43 -19.84 -44.61
N SER G 8 -26.41 -20.12 -43.79
CA SER G 8 -25.09 -19.61 -44.09
C SER G 8 -24.05 -20.53 -43.49
N LEU G 9 -22.88 -20.50 -44.12
CA LEU G 9 -21.76 -21.36 -43.78
C LEU G 9 -20.48 -20.56 -43.76
N ILE G 10 -19.70 -20.73 -42.71
CA ILE G 10 -18.38 -20.10 -42.62
C ILE G 10 -17.40 -20.99 -43.35
N LEU G 11 -16.77 -20.44 -44.38
CA LEU G 11 -15.76 -21.13 -45.18
C LEU G 11 -14.41 -20.47 -45.01
N THR G 12 -13.40 -21.29 -44.72
CA THR G 12 -12.02 -20.82 -44.62
C THR G 12 -11.26 -21.25 -45.85
N LEU G 13 -10.60 -20.29 -46.48
CA LEU G 13 -9.93 -20.49 -47.76
C LEU G 13 -8.43 -20.32 -47.59
N HIS G 14 -7.66 -21.29 -48.05
CA HIS G 14 -6.21 -21.17 -47.97
C HIS G 14 -5.75 -20.17 -49.04
N PRO G 15 -4.71 -19.37 -48.74
CA PRO G 15 -4.30 -18.30 -49.68
C PRO G 15 -3.90 -18.76 -51.07
N SER G 16 -3.42 -19.99 -51.24
CA SER G 16 -3.08 -20.55 -52.55
C SER G 16 -4.26 -20.70 -53.50
N TYR G 17 -5.50 -20.51 -53.02
CA TYR G 17 -6.71 -20.57 -53.82
C TYR G 17 -7.17 -19.19 -54.29
N PHE G 18 -6.35 -18.16 -54.10
CA PHE G 18 -6.72 -16.77 -54.43
C PHE G 18 -6.53 -16.44 -55.91
N GLY G 19 -7.42 -16.99 -56.74
CA GLY G 19 -7.30 -16.80 -58.16
C GLY G 19 -8.56 -16.19 -58.74
N PRO G 20 -8.60 -16.04 -60.08
CA PRO G 20 -9.72 -15.33 -60.71
C PRO G 20 -11.04 -16.08 -60.68
N GLN G 21 -11.05 -17.38 -60.40
CA GLN G 21 -12.25 -18.18 -60.34
C GLN G 21 -12.56 -18.62 -58.92
N MET G 22 -12.22 -17.74 -57.96
CA MET G 22 -12.30 -18.02 -56.54
C MET G 22 -13.73 -18.33 -56.15
N ASN G 23 -14.66 -17.50 -56.61
CA ASN G 23 -16.08 -17.62 -56.29
C ASN G 23 -16.65 -18.92 -56.83
N GLN G 24 -16.23 -19.31 -58.05
CA GLN G 24 -16.73 -20.56 -58.62
C GLN G 24 -16.25 -21.77 -57.84
N TYR G 25 -14.99 -21.73 -57.38
CA TYR G 25 -14.49 -22.77 -56.49
C TYR G 25 -15.32 -22.86 -55.22
N LEU G 26 -15.69 -21.70 -54.65
CA LEU G 26 -16.45 -21.66 -53.40
C LEU G 26 -17.85 -22.21 -53.60
N ARG G 27 -18.43 -21.97 -54.77
CA ARG G 27 -19.76 -22.45 -55.05
C ARG G 27 -19.76 -23.97 -55.11
N GLU G 28 -18.77 -24.55 -55.78
CA GLU G 28 -18.58 -26.00 -55.77
C GLU G 28 -18.30 -26.51 -54.36
N LYS G 29 -17.50 -25.76 -53.61
CA LYS G 29 -17.12 -26.16 -52.25
C LYS G 29 -18.31 -26.19 -51.31
N LEU G 30 -19.16 -25.17 -51.37
CA LEU G 30 -20.39 -25.12 -50.57
C LEU G 30 -21.30 -26.33 -50.82
N LEU G 31 -21.53 -26.66 -52.09
CA LEU G 31 -22.42 -27.75 -52.46
C LEU G 31 -21.91 -29.11 -52.01
N THR G 32 -20.61 -29.37 -52.21
CA THR G 32 -20.00 -30.64 -51.79
C THR G 32 -20.12 -30.86 -50.28
N ASP G 33 -20.09 -29.80 -49.50
CA ASP G 33 -20.03 -29.92 -48.05
C ASP G 33 -21.42 -29.96 -47.41
N VAL G 34 -22.44 -29.42 -48.07
CA VAL G 34 -23.73 -29.17 -47.45
C VAL G 34 -24.83 -30.10 -47.98
N GLU G 35 -24.78 -30.45 -49.27
CA GLU G 35 -25.84 -31.24 -49.88
C GLU G 35 -25.82 -32.70 -49.41
N GLY G 36 -26.96 -33.17 -48.91
CA GLY G 36 -27.10 -34.53 -48.43
C GLY G 36 -26.83 -34.72 -46.95
N THR G 37 -26.25 -33.73 -46.29
CA THR G 37 -25.94 -33.80 -44.87
C THR G 37 -27.17 -33.46 -44.03
N CYS G 38 -27.15 -33.96 -42.79
CA CYS G 38 -28.26 -33.80 -41.85
C CYS G 38 -27.77 -33.14 -40.57
N THR G 39 -28.62 -32.29 -40.00
CA THR G 39 -28.43 -31.71 -38.68
C THR G 39 -29.75 -31.76 -37.92
N GLY G 40 -29.67 -31.94 -36.61
CA GLY G 40 -30.86 -31.92 -35.76
C GLY G 40 -31.58 -30.58 -35.71
N GLN G 41 -30.89 -29.49 -36.04
CA GLN G 41 -31.47 -28.16 -35.93
C GLN G 41 -32.41 -27.83 -37.09
N PHE G 42 -32.04 -28.24 -38.30
CA PHE G 42 -32.82 -28.01 -39.52
C PHE G 42 -33.33 -29.25 -40.22
N GLY G 43 -32.71 -30.40 -40.04
CA GLY G 43 -33.08 -31.61 -40.76
C GLY G 43 -32.12 -31.93 -41.88
N TYR G 44 -32.61 -32.68 -42.85
CA TYR G 44 -31.82 -32.98 -44.03
C TYR G 44 -31.85 -31.78 -44.98
N ILE G 45 -30.68 -31.37 -45.46
CA ILE G 45 -30.58 -30.34 -46.49
C ILE G 45 -30.60 -31.03 -47.85
N VAL G 46 -31.72 -30.91 -48.57
CA VAL G 46 -31.91 -31.71 -49.76
C VAL G 46 -31.16 -31.13 -50.95
N THR G 47 -31.55 -29.91 -51.38
CA THR G 47 -30.85 -29.19 -52.44
C THR G 47 -30.82 -27.70 -52.12
N VAL G 48 -29.74 -27.05 -52.53
CA VAL G 48 -29.56 -25.62 -52.35
C VAL G 48 -30.10 -24.90 -53.58
N LEU G 49 -30.88 -23.84 -53.36
CA LEU G 49 -31.44 -23.05 -54.45
C LEU G 49 -30.43 -22.07 -55.02
N ASP G 50 -30.41 -21.99 -56.35
CA ASP G 50 -29.68 -20.97 -57.13
C ASP G 50 -28.19 -21.00 -56.84
N GLY G 51 -27.63 -22.22 -56.87
CA GLY G 51 -26.26 -22.43 -56.41
C GLY G 51 -25.22 -21.66 -57.21
N MET G 52 -25.40 -21.61 -58.53
CA MET G 52 -24.40 -20.96 -59.36
C MET G 52 -24.43 -19.44 -59.29
N ASN G 53 -25.44 -18.84 -58.63
CA ASN G 53 -25.53 -17.40 -58.49
C ASN G 53 -25.41 -16.88 -57.07
N ILE G 54 -24.96 -17.70 -56.11
CA ILE G 54 -24.87 -17.27 -54.73
C ILE G 54 -23.85 -16.14 -54.55
N ASP G 55 -24.27 -15.08 -53.86
CA ASP G 55 -23.40 -13.94 -53.53
C ASP G 55 -22.67 -14.26 -52.23
N VAL G 56 -21.36 -14.47 -52.32
CA VAL G 56 -20.54 -14.87 -51.18
C VAL G 56 -20.07 -13.71 -50.30
N GLY G 57 -20.23 -12.46 -50.72
CA GLY G 57 -19.76 -11.37 -49.90
C GLY G 57 -18.25 -11.23 -50.00
N LYS G 58 -17.67 -10.48 -49.07
CA LYS G 58 -16.22 -10.31 -49.02
C LYS G 58 -15.61 -11.18 -47.93
N GLY G 59 -14.42 -11.69 -48.21
CA GLY G 59 -13.69 -12.52 -47.27
C GLY G 59 -12.85 -11.76 -46.26
N ARG G 60 -13.05 -12.07 -44.99
CA ARG G 60 -12.24 -11.54 -43.92
C ARG G 60 -10.94 -12.32 -43.76
N ILE G 61 -9.82 -11.61 -43.83
CA ILE G 61 -8.50 -12.19 -43.61
C ILE G 61 -8.26 -12.41 -42.13
N ILE G 62 -7.89 -13.63 -41.74
CA ILE G 62 -7.61 -13.94 -40.33
C ILE G 62 -6.27 -13.40 -39.90
N PRO G 63 -6.21 -12.51 -38.91
CA PRO G 63 -4.92 -12.00 -38.42
C PRO G 63 -4.01 -13.11 -37.93
N GLY G 64 -2.77 -13.13 -38.42
CA GLY G 64 -1.77 -14.07 -37.96
C GLY G 64 -1.69 -15.37 -38.71
N SER G 65 -2.65 -15.67 -39.58
CA SER G 65 -2.65 -16.93 -40.32
C SER G 65 -2.79 -16.77 -41.82
N GLY G 66 -3.20 -15.61 -42.32
CA GLY G 66 -3.24 -15.42 -43.75
C GLY G 66 -4.45 -15.98 -44.48
N SER G 67 -5.07 -17.03 -43.97
CA SER G 67 -6.24 -17.62 -44.59
C SER G 67 -7.42 -16.64 -44.56
N ALA G 68 -8.36 -16.86 -45.46
CA ALA G 68 -9.49 -15.97 -45.65
C ALA G 68 -10.79 -16.66 -45.26
N GLU G 69 -11.67 -15.90 -44.63
CA GLU G 69 -12.95 -16.37 -44.10
C GLU G 69 -14.11 -15.75 -44.86
N PHE G 70 -14.90 -16.58 -45.52
CA PHE G 70 -16.11 -16.16 -46.22
C PHE G 70 -17.33 -16.60 -45.45
N GLU G 71 -18.33 -15.73 -45.39
CA GLU G 71 -19.65 -16.11 -44.92
C GLU G 71 -20.54 -16.22 -46.14
N VAL G 72 -20.79 -17.45 -46.57
CA VAL G 72 -21.59 -17.73 -47.75
C VAL G 72 -23.05 -17.83 -47.31
N LYS G 73 -23.82 -16.78 -47.59
CA LYS G 73 -25.24 -16.81 -47.31
C LYS G 73 -25.91 -17.52 -48.47
N TYR G 74 -26.89 -18.38 -48.18
CA TYR G 74 -27.52 -19.15 -49.24
C TYR G 74 -28.94 -19.54 -48.84
N ARG G 75 -29.64 -20.14 -49.81
CA ARG G 75 -31.01 -20.60 -49.63
C ARG G 75 -31.13 -22.04 -50.09
N ALA G 76 -31.72 -22.90 -49.25
CA ALA G 76 -31.81 -24.31 -49.56
C ALA G 76 -33.21 -24.87 -49.33
N VAL G 77 -33.46 -26.02 -49.96
CA VAL G 77 -34.59 -26.89 -49.64
C VAL G 77 -34.18 -27.78 -48.48
N VAL G 78 -34.92 -27.72 -47.37
CA VAL G 78 -34.57 -28.55 -46.23
C VAL G 78 -35.75 -29.46 -45.90
N TRP G 79 -35.41 -30.64 -45.35
CA TRP G 79 -36.39 -31.62 -44.90
C TRP G 79 -36.18 -32.05 -43.46
N LYS G 80 -37.11 -31.66 -42.60
CA LYS G 80 -37.10 -32.12 -41.23
C LYS G 80 -38.47 -32.70 -40.90
N PRO G 81 -38.54 -33.90 -40.31
CA PRO G 81 -39.84 -34.42 -39.87
C PRO G 81 -40.17 -33.86 -38.50
N PHE G 82 -41.43 -34.00 -38.10
CA PHE G 82 -41.88 -33.45 -36.83
C PHE G 82 -42.79 -34.43 -36.11
N LYS G 83 -42.67 -34.43 -34.79
CA LYS G 83 -43.58 -35.15 -33.91
C LYS G 83 -44.99 -34.58 -34.01
N GLY G 84 -45.95 -35.47 -34.25
CA GLY G 84 -47.35 -35.11 -34.42
C GLY G 84 -47.79 -35.11 -35.86
N GLU G 85 -46.84 -35.05 -36.78
CA GLU G 85 -47.12 -34.92 -38.20
C GLU G 85 -47.56 -36.29 -38.73
N VAL G 86 -48.69 -36.34 -39.40
CA VAL G 86 -49.12 -37.58 -40.03
C VAL G 86 -48.54 -37.59 -41.44
N VAL G 87 -47.96 -38.72 -41.83
CA VAL G 87 -47.29 -38.87 -43.11
C VAL G 87 -47.54 -40.27 -43.66
N ASP G 88 -47.39 -40.36 -44.97
CA ASP G 88 -47.39 -41.59 -45.73
C ASP G 88 -45.95 -42.12 -45.82
N ALA G 89 -45.83 -43.39 -46.22
CA ALA G 89 -44.51 -44.02 -46.23
C ALA G 89 -44.49 -45.24 -47.12
N ILE G 90 -43.30 -45.77 -47.34
CA ILE G 90 -43.06 -47.00 -48.09
C ILE G 90 -42.24 -47.93 -47.20
N VAL G 91 -42.78 -49.11 -46.91
CA VAL G 91 -42.15 -50.04 -45.99
C VAL G 91 -40.88 -50.63 -46.60
N SER G 92 -39.80 -50.62 -45.82
CA SER G 92 -38.51 -51.15 -46.25
C SER G 92 -38.24 -52.56 -45.74
N ASN G 93 -38.69 -52.88 -44.53
CA ASN G 93 -38.48 -54.18 -43.91
C ASN G 93 -39.69 -54.51 -43.05
N VAL G 94 -39.92 -55.81 -42.85
CA VAL G 94 -40.92 -56.28 -41.91
C VAL G 94 -40.26 -57.32 -41.00
N SER G 95 -40.47 -57.18 -39.70
CA SER G 95 -39.81 -58.07 -38.76
C SER G 95 -40.73 -58.40 -37.58
N PRO G 96 -40.40 -59.38 -36.72
CA PRO G 96 -41.26 -59.67 -35.56
C PRO G 96 -41.46 -58.49 -34.59
N ILE G 97 -40.59 -57.48 -34.62
CA ILE G 97 -40.68 -56.34 -33.71
C ILE G 97 -41.36 -55.14 -34.34
N GLY G 98 -41.92 -55.30 -35.54
CA GLY G 98 -42.57 -54.20 -36.23
C GLY G 98 -42.13 -54.05 -37.66
N PHE G 99 -42.13 -52.84 -38.20
CA PHE G 99 -41.63 -52.63 -39.55
C PHE G 99 -40.81 -51.35 -39.62
N PHE G 100 -40.04 -51.25 -40.70
CA PHE G 100 -39.22 -50.09 -41.01
C PHE G 100 -39.73 -49.48 -42.30
N ALA G 101 -39.90 -48.16 -42.32
CA ALA G 101 -40.50 -47.49 -43.45
C ALA G 101 -39.62 -46.35 -43.92
N ASP G 102 -39.33 -46.31 -45.21
CA ASP G 102 -38.49 -45.25 -45.78
C ASP G 102 -39.36 -44.06 -46.13
N VAL G 103 -39.18 -42.96 -45.42
CA VAL G 103 -39.87 -41.73 -45.76
C VAL G 103 -38.81 -40.79 -46.33
N GLY G 104 -38.48 -40.98 -47.60
CA GLY G 104 -37.52 -40.14 -48.27
C GLY G 104 -36.13 -40.52 -47.80
N PRO G 105 -35.44 -39.57 -47.17
CA PRO G 105 -34.05 -39.85 -46.74
C PRO G 105 -33.93 -40.94 -45.68
N LEU G 106 -34.77 -40.92 -44.65
CA LEU G 106 -34.54 -41.73 -43.46
C LEU G 106 -35.58 -42.84 -43.32
N ASN G 107 -35.43 -43.59 -42.23
CA ASN G 107 -36.24 -44.76 -41.92
C ASN G 107 -36.90 -44.63 -40.56
N VAL G 108 -38.19 -44.98 -40.45
CA VAL G 108 -38.94 -44.86 -39.20
C VAL G 108 -39.29 -46.27 -38.71
N PHE G 109 -39.09 -46.51 -37.40
CA PHE G 109 -39.41 -47.79 -36.76
C PHE G 109 -40.72 -47.67 -35.97
N VAL G 110 -41.69 -48.52 -36.26
CA VAL G 110 -42.93 -48.66 -35.49
C VAL G 110 -42.92 -49.99 -34.73
N SER G 111 -43.03 -49.93 -33.39
CA SER G 111 -42.95 -51.15 -32.59
C SER G 111 -44.29 -51.88 -32.47
N THR G 112 -44.20 -53.14 -32.03
CA THR G 112 -45.34 -54.07 -31.96
C THR G 112 -46.45 -53.70 -30.99
N ARG G 113 -46.14 -53.09 -29.83
CA ARG G 113 -47.22 -52.74 -28.91
C ARG G 113 -48.07 -51.56 -29.40
N LEU G 114 -47.59 -50.82 -30.40
CA LEU G 114 -48.37 -49.78 -31.06
C LEU G 114 -48.89 -50.22 -32.44
N ILE G 115 -49.05 -51.51 -32.66
CA ILE G 115 -49.67 -52.02 -33.88
C ILE G 115 -50.94 -52.77 -33.50
N PRO G 116 -52.08 -52.50 -34.16
CA PRO G 116 -53.32 -53.23 -33.87
C PRO G 116 -53.22 -54.75 -34.00
N ASP G 117 -54.01 -55.45 -33.18
CA ASP G 117 -53.89 -56.90 -33.05
C ASP G 117 -54.27 -57.63 -34.33
N ASN G 118 -55.25 -57.11 -35.09
CA ASN G 118 -55.70 -57.83 -36.29
C ASN G 118 -54.70 -57.82 -37.44
N LEU G 119 -53.63 -57.03 -37.37
CA LEU G 119 -52.62 -57.07 -38.42
C LEU G 119 -51.61 -58.10 -37.97
N VAL G 120 -51.57 -59.23 -38.66
CA VAL G 120 -50.77 -60.38 -38.25
C VAL G 120 -49.67 -60.59 -39.26
N TYR G 121 -48.44 -60.72 -38.78
CA TYR G 121 -47.28 -60.98 -39.63
C TYR G 121 -47.40 -62.38 -40.20
N ASN G 122 -47.38 -62.51 -41.53
CA ASN G 122 -47.58 -63.80 -42.19
C ASN G 122 -46.34 -64.13 -43.02
N PRO G 123 -45.41 -64.92 -42.48
CA PRO G 123 -44.23 -65.32 -43.27
C PRO G 123 -44.51 -66.35 -44.35
N SER G 124 -45.48 -67.25 -44.14
CA SER G 124 -45.76 -68.31 -45.12
C SER G 124 -46.31 -67.80 -46.45
N ASN G 125 -46.98 -66.64 -46.45
CA ASN G 125 -47.50 -66.07 -47.70
C ASN G 125 -46.35 -65.76 -48.65
N SER G 126 -46.62 -65.81 -49.95
CA SER G 126 -45.64 -65.42 -50.96
C SER G 126 -46.21 -64.34 -51.87
N PRO G 127 -45.70 -63.10 -51.82
CA PRO G 127 -44.60 -62.63 -50.96
C PRO G 127 -45.05 -62.25 -49.53
N PRO G 128 -44.11 -62.21 -48.57
CA PRO G 128 -44.49 -61.90 -47.18
C PRO G 128 -45.13 -60.52 -47.03
N ALA G 129 -46.11 -60.43 -46.13
CA ALA G 129 -46.89 -59.21 -45.99
C ALA G 129 -47.61 -59.21 -44.65
N TYR G 130 -48.08 -58.02 -44.28
CA TYR G 130 -49.08 -57.88 -43.23
C TYR G 130 -50.41 -57.92 -43.96
N MET G 131 -51.30 -58.85 -43.61
CA MET G 131 -52.45 -59.06 -44.46
C MET G 131 -53.77 -58.95 -43.72
N SER G 132 -54.80 -58.59 -44.48
CA SER G 132 -56.18 -58.70 -44.04
C SER G 132 -57.01 -59.15 -45.24
N ASN G 133 -58.33 -58.95 -45.15
CA ASN G 133 -59.28 -59.10 -46.26
C ASN G 133 -59.75 -57.70 -46.67
N ASP G 134 -59.06 -57.12 -47.69
CA ASP G 134 -59.20 -55.86 -48.44
C ASP G 134 -58.04 -54.91 -48.10
N GLU G 135 -57.13 -55.39 -47.28
CA GLU G 135 -55.93 -54.67 -46.90
C GLU G 135 -54.75 -55.49 -47.39
N LEU G 136 -53.67 -54.81 -47.73
CA LEU G 136 -52.52 -55.48 -48.32
C LEU G 136 -51.31 -54.57 -48.13
N ILE G 137 -50.43 -54.96 -47.22
CA ILE G 137 -49.24 -54.18 -46.92
C ILE G 137 -48.04 -54.98 -47.39
N THR G 138 -47.67 -54.79 -48.65
CA THR G 138 -46.45 -55.32 -49.22
C THR G 138 -45.51 -54.15 -49.42
N LYS G 139 -44.28 -54.42 -49.86
CA LYS G 139 -43.33 -53.32 -50.05
C LYS G 139 -43.86 -52.36 -51.12
N GLY G 140 -43.88 -51.07 -50.80
CA GLY G 140 -44.44 -50.09 -51.69
C GLY G 140 -45.91 -49.79 -51.46
N SER G 141 -46.51 -50.35 -50.41
CA SER G 141 -47.91 -50.13 -50.09
C SER G 141 -48.04 -48.82 -49.34
N LYS G 142 -48.95 -47.95 -49.82
CA LYS G 142 -49.24 -46.72 -49.08
C LYS G 142 -49.86 -47.06 -47.73
N VAL G 143 -49.26 -46.50 -46.69
CA VAL G 143 -49.65 -46.71 -45.30
C VAL G 143 -49.63 -45.30 -44.74
N ARG G 144 -50.46 -45.04 -43.74
CA ARG G 144 -50.52 -43.73 -43.10
C ARG G 144 -50.17 -43.82 -41.62
N LEU G 145 -49.07 -43.21 -41.20
CA LEU G 145 -48.65 -43.34 -39.80
C LEU G 145 -48.51 -41.95 -39.21
N LYS G 146 -48.30 -41.87 -37.89
CA LYS G 146 -48.13 -40.59 -37.20
C LYS G 146 -46.85 -40.61 -36.38
N VAL G 147 -45.99 -39.60 -36.55
CA VAL G 147 -44.72 -39.49 -35.83
C VAL G 147 -44.99 -39.03 -34.39
N VAL G 148 -44.68 -39.88 -33.42
CA VAL G 148 -44.96 -39.67 -32.00
C VAL G 148 -43.72 -39.35 -31.19
N GLY G 149 -42.53 -39.34 -31.79
CA GLY G 149 -41.32 -39.04 -31.04
C GLY G 149 -40.10 -38.88 -31.94
N THR G 150 -39.34 -37.80 -31.76
CA THR G 150 -38.11 -37.53 -32.48
C THR G 150 -36.89 -37.52 -31.57
N ARG G 151 -35.90 -38.36 -31.91
CA ARG G 151 -34.63 -38.47 -31.19
C ARG G 151 -33.53 -37.96 -32.11
N THR G 152 -32.56 -37.26 -31.53
CA THR G 152 -31.52 -36.58 -32.32
C THR G 152 -30.14 -37.09 -31.98
N ASP G 153 -29.44 -37.58 -33.01
CA ASP G 153 -28.06 -38.04 -32.99
C ASP G 153 -27.13 -36.99 -33.63
N VAL G 154 -27.65 -35.80 -33.97
CA VAL G 154 -27.01 -34.68 -34.70
C VAL G 154 -26.32 -35.04 -36.04
N ASN G 155 -26.37 -36.31 -36.43
CA ASN G 155 -25.76 -36.83 -37.65
C ASN G 155 -26.88 -37.39 -38.52
N GLU G 156 -27.77 -38.16 -37.92
CA GLU G 156 -28.98 -38.65 -38.55
C GLU G 156 -30.01 -38.59 -37.43
N ILE G 157 -31.24 -38.22 -37.74
CA ILE G 157 -32.22 -38.14 -36.67
C ILE G 157 -33.10 -39.38 -36.78
N TYR G 158 -33.64 -39.82 -35.64
CA TYR G 158 -34.47 -41.01 -35.58
C TYR G 158 -35.82 -40.72 -34.96
N ALA G 159 -36.86 -41.11 -35.69
CA ALA G 159 -38.25 -40.87 -35.38
C ALA G 159 -38.96 -42.20 -35.25
N ILE G 160 -39.82 -42.30 -34.24
CA ILE G 160 -40.62 -43.49 -33.98
C ILE G 160 -42.09 -43.17 -34.26
N GLY G 161 -42.73 -44.06 -35.01
CA GLY G 161 -44.12 -43.93 -35.40
C GLY G 161 -45.06 -44.85 -34.65
N SER G 162 -46.32 -44.81 -35.08
CA SER G 162 -47.39 -45.56 -34.48
C SER G 162 -48.52 -45.69 -35.50
N ILE G 163 -49.13 -46.86 -35.55
CA ILE G 163 -50.38 -47.07 -36.27
C ILE G 163 -51.51 -47.50 -35.34
N LYS G 164 -51.34 -47.24 -34.04
CA LYS G 164 -52.29 -47.58 -32.99
C LYS G 164 -53.38 -46.51 -32.81
N GLU G 165 -53.85 -45.89 -33.90
CA GLU G 165 -54.83 -44.82 -33.79
C GLU G 165 -55.79 -44.89 -34.97
N ASP G 166 -56.80 -44.02 -34.93
CA ASP G 166 -57.87 -44.01 -35.93
C ASP G 166 -57.37 -43.54 -37.29
N PHE G 167 -57.90 -44.18 -38.34
CA PHE G 167 -57.65 -43.86 -39.75
C PHE G 167 -56.20 -44.07 -40.19
N LEU G 168 -55.33 -44.59 -39.33
CA LEU G 168 -53.98 -44.86 -39.75
C LEU G 168 -53.84 -46.33 -40.11
N GLY G 169 -53.10 -46.58 -41.17
CA GLY G 169 -52.84 -47.90 -41.70
C GLY G 169 -52.81 -47.83 -43.22
N ALA G 170 -53.00 -48.99 -43.84
CA ALA G 170 -53.07 -49.11 -45.29
C ALA G 170 -54.35 -48.46 -45.83
N ILE G 171 -54.28 -48.01 -47.07
CA ILE G 171 -55.43 -47.36 -47.70
C ILE G 171 -55.55 -47.92 -49.12
N SER H 3 41.23 38.36 -69.95
CA SER H 3 41.03 36.95 -69.62
C SER H 3 40.65 36.78 -68.15
N ALA H 4 40.65 37.88 -67.43
CA ALA H 4 40.27 37.91 -66.03
C ALA H 4 39.11 38.88 -65.82
N LEU H 5 38.48 38.76 -64.66
CA LEU H 5 37.31 39.58 -64.33
C LEU H 5 37.63 40.82 -63.54
N PHE H 6 38.70 40.82 -62.75
CA PHE H 6 39.03 41.96 -61.91
C PHE H 6 40.53 41.96 -61.69
N ASP H 7 41.08 43.16 -61.54
CA ASP H 7 42.51 43.32 -61.33
C ASP H 7 42.75 44.65 -60.64
N ASP H 8 43.66 44.66 -59.67
CA ASP H 8 44.00 45.85 -58.92
C ASP H 8 45.19 45.56 -58.02
N ILE H 9 45.70 46.63 -57.38
CA ILE H 9 46.80 46.56 -56.43
C ILE H 9 46.34 47.13 -55.10
N PHE H 10 46.67 46.47 -54.00
CA PHE H 10 46.15 46.80 -52.69
C PHE H 10 47.26 47.07 -51.69
N THR H 11 47.05 48.06 -50.82
CA THR H 11 47.93 48.29 -49.68
C THR H 11 47.32 47.69 -48.42
N VAL H 12 48.11 46.90 -47.71
CA VAL H 12 47.64 46.23 -46.50
C VAL H 12 47.64 47.22 -45.34
N GLN H 13 46.47 47.46 -44.77
CA GLN H 13 46.39 48.37 -43.63
C GLN H 13 46.50 47.66 -42.28
N THR H 14 45.88 46.50 -42.11
CA THR H 14 45.93 45.77 -40.84
C THR H 14 46.11 44.28 -41.09
N VAL H 15 46.81 43.63 -40.17
CA VAL H 15 47.01 42.18 -40.19
C VAL H 15 46.68 41.72 -38.78
N ASP H 16 45.48 41.19 -38.61
CA ASP H 16 45.00 40.67 -37.33
C ASP H 16 45.41 39.22 -37.19
N ASN H 17 46.24 38.92 -36.20
CA ASN H 17 46.51 37.53 -35.86
C ASN H 17 45.48 37.05 -34.84
N GLY H 18 45.66 37.44 -33.57
CA GLY H 18 44.82 37.10 -32.43
C GLY H 18 44.32 35.67 -32.34
N ARG H 19 43.24 35.38 -33.04
CA ARG H 19 42.44 34.18 -32.78
C ARG H 19 43.22 32.92 -33.11
N TYR H 20 43.89 32.90 -34.26
CA TYR H 20 44.48 31.69 -34.82
C TYR H 20 45.98 31.86 -35.02
N ASN H 21 46.66 30.73 -35.03
CA ASN H 21 48.09 30.67 -35.32
C ASN H 21 48.44 30.58 -36.79
N LYS H 22 47.50 30.19 -37.64
CA LYS H 22 47.82 30.00 -39.05
C LYS H 22 46.96 30.82 -39.99
N VAL H 23 46.08 31.68 -39.49
CA VAL H 23 45.26 32.51 -40.35
C VAL H 23 45.35 33.94 -39.84
N SER H 24 45.42 34.89 -40.76
CA SER H 24 45.34 36.31 -40.48
C SER H 24 44.32 36.94 -41.41
N ARG H 25 43.62 37.94 -40.88
CA ARG H 25 42.70 38.76 -41.64
C ARG H 25 43.40 40.02 -42.09
N ILE H 26 43.27 40.36 -43.36
CA ILE H 26 43.92 41.56 -43.88
C ILE H 26 42.82 42.44 -44.45
N ILE H 27 43.01 43.74 -44.29
CA ILE H 27 42.15 44.74 -44.90
C ILE H 27 43.00 45.56 -45.86
N GLY H 28 42.46 45.85 -47.04
CA GLY H 28 43.18 46.67 -47.98
C GLY H 28 42.26 47.58 -48.76
N ILE H 29 42.85 48.67 -49.25
CA ILE H 29 42.18 49.65 -50.08
C ILE H 29 42.99 49.79 -51.35
N SER H 30 42.29 49.89 -52.49
CA SER H 30 42.93 50.11 -53.77
C SER H 30 43.76 51.39 -53.79
N THR H 31 45.01 51.27 -54.22
CA THR H 31 45.88 52.43 -54.41
C THR H 31 45.30 53.42 -55.41
N THR H 32 44.61 52.94 -56.45
CA THR H 32 44.18 53.80 -57.54
C THR H 32 42.74 54.30 -57.39
N ASN H 33 41.97 53.72 -56.47
CA ASN H 33 40.54 54.03 -56.41
C ASN H 33 40.11 53.76 -54.97
N SER H 34 39.95 54.81 -54.17
CA SER H 34 39.40 54.64 -52.83
C SER H 34 37.94 54.19 -52.90
N ALA H 35 37.41 53.79 -51.73
CA ALA H 35 36.10 53.17 -51.54
C ALA H 35 35.97 51.80 -52.21
N ILE H 36 37.08 51.24 -52.69
CA ILE H 36 37.15 49.85 -53.10
C ILE H 36 37.99 49.15 -52.05
N LYS H 37 37.34 48.37 -51.18
CA LYS H 37 37.99 47.75 -50.05
C LYS H 37 37.93 46.24 -50.16
N LEU H 38 38.98 45.58 -49.67
CA LEU H 38 39.13 44.14 -49.72
C LEU H 38 39.44 43.63 -48.32
N THR H 39 38.61 42.76 -47.79
CA THR H 39 38.89 42.04 -46.56
C THR H 39 39.11 40.58 -46.88
N LEU H 40 40.25 40.03 -46.45
CA LEU H 40 40.62 38.69 -46.86
C LEU H 40 41.37 37.95 -45.77
N ASP H 41 40.90 36.75 -45.46
CA ASP H 41 41.65 35.79 -44.66
C ASP H 41 42.67 35.04 -45.51
N ILE H 42 43.89 34.87 -44.97
CA ILE H 42 44.94 34.16 -45.68
C ILE H 42 45.73 33.30 -44.70
N ASN H 43 46.38 32.27 -45.23
CA ASN H 43 47.20 31.37 -44.45
C ASN H 43 48.56 32.03 -44.21
N ASN H 44 48.87 32.29 -42.93
CA ASN H 44 50.13 32.92 -42.54
C ASN H 44 51.37 32.18 -43.02
N GLU H 45 51.41 30.87 -42.83
CA GLU H 45 52.66 30.13 -43.01
C GLU H 45 53.02 29.96 -44.48
N MET H 46 52.05 30.02 -45.36
CA MET H 46 52.26 29.79 -46.77
C MET H 46 52.54 31.10 -47.48
N PHE H 47 51.96 32.18 -47.00
CA PHE H 47 52.05 33.48 -47.65
C PHE H 47 52.08 34.54 -46.58
N PRO H 48 53.24 34.72 -45.92
CA PRO H 48 53.34 35.73 -44.86
C PRO H 48 53.25 37.12 -45.43
N VAL H 49 52.39 37.93 -44.85
CA VAL H 49 52.19 39.30 -45.27
C VAL H 49 52.48 40.22 -44.10
N SER H 50 52.97 41.40 -44.43
CA SER H 50 53.20 42.44 -43.45
C SER H 50 52.31 43.62 -43.79
N GLN H 51 52.25 44.56 -42.85
CA GLN H 51 51.47 45.76 -43.09
C GLN H 51 52.19 46.63 -44.11
N ASP H 52 51.40 47.35 -44.93
CA ASP H 52 51.81 48.26 -46.00
C ASP H 52 52.33 47.53 -47.23
N ASP H 53 52.18 46.21 -47.30
CA ASP H 53 52.63 45.46 -48.46
C ASP H 53 51.72 45.73 -49.67
N SER H 54 52.32 45.76 -50.85
CA SER H 54 51.60 45.92 -52.09
C SER H 54 51.33 44.57 -52.71
N LEU H 55 50.06 44.30 -53.02
CA LEU H 55 49.61 42.99 -53.47
C LEU H 55 48.75 43.16 -54.70
N THR H 56 49.09 42.47 -55.77
CA THR H 56 48.26 42.43 -56.97
C THR H 56 47.24 41.32 -56.82
N VAL H 57 45.96 41.65 -56.93
CA VAL H 57 44.89 40.71 -56.67
C VAL H 57 44.08 40.60 -57.95
N THR H 58 44.02 39.40 -58.50
CA THR H 58 43.25 39.12 -59.69
C THR H 58 42.13 38.13 -59.36
N LEU H 59 40.95 38.35 -59.94
CA LEU H 59 39.82 37.45 -59.78
C LEU H 59 39.40 36.90 -61.14
N ALA H 60 39.44 35.59 -61.28
CA ALA H 60 39.06 34.92 -62.51
C ALA H 60 38.01 33.90 -62.20
N ASN H 61 37.25 33.50 -63.21
CA ASN H 61 36.34 32.37 -63.09
C ASN H 61 36.88 31.09 -63.72
N SER H 62 38.11 31.12 -64.21
CA SER H 62 38.75 29.95 -64.82
C SER H 62 40.24 30.21 -64.86
N LEU H 63 41.04 29.17 -64.65
CA LEU H 63 42.48 29.29 -64.78
C LEU H 63 43.00 28.84 -66.12
N SER H 64 42.13 28.51 -67.06
CA SER H 64 42.57 27.95 -68.34
C SER H 64 42.89 29.09 -69.31
N LEU H 65 44.10 29.10 -69.84
CA LEU H 65 44.52 30.14 -70.77
C LEU H 65 43.88 29.96 -72.14
N LYS H 76 35.77 17.99 -63.75
CA LYS H 76 35.27 18.46 -62.46
C LYS H 76 35.98 17.81 -61.27
N SER H 77 36.62 16.67 -61.49
CA SER H 77 37.25 15.93 -60.41
C SER H 77 38.71 16.33 -60.44
N TRP H 78 39.15 17.00 -59.38
CA TRP H 78 40.50 17.55 -59.28
C TRP H 78 41.54 16.46 -59.41
N ARG H 79 42.58 16.76 -60.16
CA ARG H 79 43.68 15.84 -60.31
C ARG H 79 44.97 16.60 -60.03
N PRO H 80 46.01 15.92 -59.54
CA PRO H 80 47.31 16.56 -59.37
C PRO H 80 47.81 17.14 -60.67
N PRO H 81 48.25 18.40 -60.67
CA PRO H 81 48.60 19.07 -61.92
C PRO H 81 49.81 18.43 -62.59
N LYS H 82 49.69 18.21 -63.90
CA LYS H 82 50.84 17.74 -64.65
C LYS H 82 51.86 18.87 -64.80
N PRO H 83 53.16 18.59 -64.69
CA PRO H 83 54.16 19.63 -64.94
C PRO H 83 54.19 20.17 -66.36
N THR H 84 53.61 19.46 -67.34
CA THR H 84 53.66 19.92 -68.71
C THR H 84 52.60 20.98 -69.06
N ASP H 85 51.42 20.92 -68.48
CA ASP H 85 50.39 21.89 -68.84
C ASP H 85 50.62 23.22 -68.14
N LYS H 86 49.84 24.22 -68.55
CA LYS H 86 50.10 25.57 -68.09
C LYS H 86 48.78 26.30 -67.93
N SER H 87 48.71 27.11 -66.88
CA SER H 87 47.49 27.79 -66.45
C SER H 87 47.89 29.14 -65.90
N LEU H 88 46.88 30.00 -65.71
CA LEU H 88 47.05 31.32 -65.12
C LEU H 88 47.81 31.33 -63.80
N ALA H 89 47.79 30.23 -63.06
CA ALA H 89 48.37 30.21 -61.73
C ALA H 89 49.88 30.09 -61.74
N ASP H 90 50.50 29.86 -62.90
CA ASP H 90 51.95 29.72 -62.97
C ASP H 90 52.69 31.01 -62.64
N ASP H 91 52.03 32.16 -62.74
CA ASP H 91 52.65 33.44 -62.52
C ASP H 91 52.29 34.07 -61.18
N TYR H 92 51.53 33.39 -60.34
CA TYR H 92 51.20 33.92 -59.02
C TYR H 92 51.72 33.02 -57.91
N ASP H 93 51.72 33.59 -56.70
CA ASP H 93 52.25 32.95 -55.52
C ASP H 93 51.21 32.25 -54.67
N TYR H 94 49.98 32.74 -54.66
CA TYR H 94 48.98 32.28 -53.72
C TYR H 94 47.65 32.29 -54.44
N VAL H 95 47.04 31.12 -54.60
CA VAL H 95 45.79 31.00 -55.33
C VAL H 95 44.79 30.32 -54.42
N MET H 96 43.54 30.79 -54.44
CA MET H 96 42.48 30.16 -53.67
C MET H 96 41.25 30.02 -54.56
N PHE H 97 40.43 29.02 -54.27
CA PHE H 97 39.19 28.78 -55.01
C PHE H 97 37.99 28.81 -54.09
N GLY H 98 36.90 29.43 -54.55
CA GLY H 98 35.82 29.68 -53.62
C GLY H 98 34.44 29.78 -54.22
N THR H 99 33.47 30.00 -53.35
CA THR H 99 32.05 30.06 -53.66
C THR H 99 31.51 31.44 -53.34
N VAL H 100 30.81 32.05 -54.28
CA VAL H 100 30.14 33.32 -54.02
C VAL H 100 28.84 33.06 -53.27
N TYR H 101 28.72 33.57 -52.04
CA TYR H 101 27.53 33.27 -51.26
C TYR H 101 26.67 34.47 -50.96
N LYS H 102 27.01 35.67 -51.45
CA LYS H 102 26.16 36.84 -51.30
C LYS H 102 26.60 37.87 -52.31
N PHE H 103 25.64 38.36 -53.08
CA PHE H 103 25.79 39.44 -54.05
C PHE H 103 24.89 40.62 -53.68
N GLU H 104 25.47 41.65 -53.10
CA GLU H 104 24.75 42.78 -52.49
C GLU H 104 24.52 43.90 -53.49
N GLU H 105 23.27 44.08 -53.91
CA GLU H 105 22.90 45.18 -54.80
C GLU H 105 22.45 46.30 -53.86
N GLY H 106 23.46 47.06 -53.42
CA GLY H 106 23.35 48.05 -52.39
C GLY H 106 22.99 49.45 -52.87
N ASP H 107 23.18 50.42 -51.96
CA ASP H 107 22.89 51.83 -52.13
C ASP H 107 23.96 52.40 -53.04
N GLU H 108 23.74 53.65 -53.52
CA GLU H 108 24.38 54.35 -54.65
C GLU H 108 25.57 53.65 -55.28
N ASP H 109 26.70 53.48 -54.60
CA ASP H 109 27.63 52.58 -55.25
C ASP H 109 28.30 51.68 -54.23
N LYS H 110 27.59 51.33 -53.16
CA LYS H 110 28.12 50.44 -52.13
C LYS H 110 27.83 49.00 -52.52
N ILE H 111 28.78 48.31 -53.14
CA ILE H 111 28.56 46.92 -53.53
C ILE H 111 29.50 46.06 -52.72
N LYS H 112 28.98 45.01 -52.09
CA LYS H 112 29.82 44.08 -51.36
C LYS H 112 29.64 42.72 -51.98
N VAL H 113 30.74 41.98 -52.12
CA VAL H 113 30.72 40.63 -52.65
C VAL H 113 31.37 39.73 -51.62
N TYR H 114 30.59 38.83 -51.05
CA TYR H 114 31.08 37.91 -50.05
C TYR H 114 31.35 36.56 -50.71
N VAL H 115 32.56 36.05 -50.51
CA VAL H 115 32.98 34.76 -51.07
C VAL H 115 33.57 33.95 -49.92
N SER H 116 33.34 32.64 -49.94
CA SER H 116 33.87 31.71 -48.94
C SER H 116 34.84 30.75 -49.60
N PHE H 117 36.11 30.80 -49.18
CA PHE H 117 37.12 29.85 -49.64
C PHE H 117 37.27 28.75 -48.60
N GLY H 118 36.31 27.83 -48.58
CA GLY H 118 36.29 26.78 -47.57
C GLY H 118 36.25 27.26 -46.14
N GLY H 119 35.60 28.37 -45.88
CA GLY H 119 35.55 28.96 -44.57
C GLY H 119 36.54 30.09 -44.35
N LEU H 120 37.57 30.17 -45.19
CA LEU H 120 38.34 31.39 -45.30
C LEU H 120 37.55 32.43 -46.07
N LEU H 121 37.20 33.53 -45.42
CA LEU H 121 36.18 34.44 -45.92
C LEU H 121 36.81 35.63 -46.62
N MET H 122 36.07 36.19 -47.57
CA MET H 122 36.46 37.40 -48.26
C MET H 122 35.24 38.31 -48.36
N CYS H 123 35.45 39.60 -48.06
CA CYS H 123 34.52 40.64 -48.49
C CYS H 123 35.25 41.60 -49.42
N LEU H 124 34.69 41.81 -50.60
CA LEU H 124 35.19 42.79 -51.55
C LEU H 124 34.17 43.90 -51.70
N GLU H 125 34.57 45.11 -51.35
CA GLU H 125 33.73 46.28 -51.48
C GLU H 125 34.18 47.10 -52.68
N GLY H 126 33.25 47.78 -53.34
CA GLY H 126 33.62 48.55 -54.50
C GLY H 126 32.41 48.99 -55.27
N GLY H 127 32.66 49.50 -56.49
CA GLY H 127 31.61 50.04 -57.32
C GLY H 127 31.06 49.11 -58.37
N TYR H 128 29.87 49.47 -58.88
CA TYR H 128 29.16 48.66 -59.86
C TYR H 128 29.97 48.45 -61.14
N LYS H 129 30.60 49.51 -61.63
CA LYS H 129 31.33 49.44 -62.88
C LYS H 129 32.58 48.56 -62.78
N SER H 130 33.15 48.45 -61.58
CA SER H 130 34.30 47.59 -61.35
C SER H 130 33.94 46.14 -61.05
N LEU H 131 32.71 45.86 -60.59
CA LEU H 131 32.37 44.56 -60.07
C LEU H 131 31.17 43.87 -60.72
N ALA H 132 30.60 44.43 -61.78
CA ALA H 132 29.38 43.87 -62.39
C ALA H 132 29.62 42.48 -62.95
N SER H 133 30.83 42.21 -63.44
CA SER H 133 31.15 40.92 -64.02
C SER H 133 31.30 39.81 -62.98
N LEU H 134 31.52 40.17 -61.71
CA LEU H 134 31.73 39.22 -60.63
C LEU H 134 30.48 38.45 -60.19
N LYS H 135 29.30 38.67 -60.75
CA LYS H 135 28.14 37.86 -60.37
C LYS H 135 28.30 36.46 -60.95
N GLN H 136 29.10 35.65 -60.27
CA GLN H 136 29.47 34.33 -60.74
C GLN H 136 29.10 33.28 -59.70
N ASP H 137 29.18 32.02 -60.13
CA ASP H 137 29.03 30.90 -59.21
C ASP H 137 30.30 30.61 -58.42
N ASN H 138 31.44 30.60 -59.09
CA ASN H 138 32.70 30.33 -58.41
C ASN H 138 33.74 31.35 -58.82
N LEU H 139 34.72 31.56 -57.95
CA LEU H 139 35.78 32.51 -58.23
C LEU H 139 37.11 31.95 -57.77
N TYR H 140 38.13 32.14 -58.58
CA TYR H 140 39.50 32.08 -58.13
C TYR H 140 39.95 33.45 -57.67
N ILE H 141 40.85 33.47 -56.71
CA ILE H 141 41.58 34.67 -56.34
C ILE H 141 43.06 34.38 -56.47
N LEU H 142 43.78 35.26 -57.13
CA LEU H 142 45.20 35.10 -57.35
C LEU H 142 45.91 36.31 -56.77
N ILE H 143 46.98 36.08 -56.03
CA ILE H 143 47.69 37.12 -55.31
C ILE H 143 49.13 37.06 -55.76
N ARG H 144 49.67 38.22 -56.15
CA ARG H 144 51.01 38.32 -56.66
C ARG H 144 51.92 39.12 -55.75
N ARG H 145 53.11 38.57 -55.50
CA ARG H 145 54.24 39.13 -54.75
C ARG H 145 53.98 39.13 -53.24
N SER I 3 4.22 35.20 40.40
CA SER I 3 4.20 34.61 41.75
C SER I 3 2.77 34.38 42.21
N PHE I 4 2.36 33.11 42.29
CA PHE I 4 1.02 32.76 42.75
C PHE I 4 1.18 31.98 44.05
N ARG I 5 0.30 32.19 45.02
CA ARG I 5 0.68 31.64 46.32
C ARG I 5 -0.25 30.54 46.82
N PHE I 6 0.20 29.94 47.92
CA PHE I 6 -0.40 28.81 48.60
C PHE I 6 -0.76 29.16 50.04
N CYS I 7 -1.84 28.53 50.51
CA CYS I 7 -2.30 28.72 51.87
C CYS I 7 -1.23 28.26 52.84
N LEU I 8 -0.99 29.06 53.86
CA LEU I 8 0.09 28.74 54.80
C LEU I 8 -0.25 27.61 55.77
N GLU I 9 -1.49 27.13 55.81
CA GLU I 9 -1.87 26.06 56.71
C GLU I 9 -2.32 24.79 56.01
N CYS I 10 -2.71 24.86 54.74
CA CYS I 10 -3.22 23.71 54.03
C CYS I 10 -2.35 23.37 52.83
N ASN I 11 -1.54 24.32 52.36
CA ASN I 11 -0.61 24.32 51.23
C ASN I 11 -1.31 24.22 49.88
N ASN I 12 -2.63 24.15 49.84
CA ASN I 12 -3.37 24.21 48.60
C ASN I 12 -3.49 25.64 48.10
N MET I 13 -3.82 25.77 46.81
CA MET I 13 -3.74 27.06 46.16
C MET I 13 -4.94 27.95 46.46
N LEU I 14 -4.69 29.24 46.60
CA LEU I 14 -5.73 30.21 46.88
C LEU I 14 -6.35 30.74 45.59
N TYR I 15 -7.67 30.90 45.57
CA TYR I 15 -8.29 31.49 44.40
C TYR I 15 -8.84 32.87 44.72
N PRO I 16 -8.79 33.82 43.78
CA PRO I 16 -9.32 35.16 44.07
C PRO I 16 -10.84 35.16 44.06
N LYS I 17 -11.44 35.79 45.07
CA LYS I 17 -12.89 35.87 45.18
C LYS I 17 -13.25 37.21 45.82
N GLU I 18 -14.31 37.84 45.33
CA GLU I 18 -14.71 39.15 45.84
C GLU I 18 -15.54 38.99 47.11
N ASP I 19 -15.27 39.87 48.09
CA ASP I 19 -16.13 40.08 49.25
C ASP I 19 -17.17 41.16 49.00
N LYS I 20 -18.38 40.73 48.61
CA LYS I 20 -19.42 41.65 48.13
C LYS I 20 -19.83 42.64 49.22
N GLU I 21 -19.88 42.18 50.48
CA GLU I 21 -20.42 43.01 51.55
C GLU I 21 -19.50 44.17 51.92
N ASN I 22 -18.19 43.92 52.04
CA ASN I 22 -17.25 44.98 52.39
C ASN I 22 -16.70 45.68 51.15
N GLN I 23 -16.99 45.11 49.97
CA GLN I 23 -16.57 45.57 48.64
C GLN I 23 -15.05 45.64 48.54
N ARG I 24 -14.43 44.48 48.72
CA ARG I 24 -12.99 44.30 48.62
C ARG I 24 -12.64 42.93 48.05
N LEU I 25 -11.47 42.87 47.41
CA LEU I 25 -10.96 41.66 46.78
C LEU I 25 -10.22 40.80 47.81
N LEU I 26 -10.57 39.52 47.87
CA LEU I 26 -9.93 38.52 48.70
C LEU I 26 -9.25 37.43 47.88
N TYR I 27 -8.38 36.68 48.57
CA TYR I 27 -7.80 35.45 48.05
C TYR I 27 -8.27 34.29 48.92
N SER I 28 -9.18 33.47 48.39
CA SER I 28 -9.77 32.38 49.15
C SER I 28 -9.23 31.01 48.75
N CYS I 29 -9.16 30.12 49.74
CA CYS I 29 -8.83 28.71 49.59
C CYS I 29 -10.06 27.94 49.10
N ARG I 30 -9.87 26.64 48.83
CA ARG I 30 -10.96 25.80 48.36
C ARG I 30 -11.10 24.53 49.19
N ASN I 31 -10.16 24.23 50.06
CA ASN I 31 -10.30 23.10 50.97
C ASN I 31 -10.56 23.49 52.41
N CYS I 32 -10.47 24.78 52.75
CA CYS I 32 -10.77 25.21 54.12
C CYS I 32 -11.21 26.67 54.08
N ASP I 33 -11.39 27.24 55.26
CA ASP I 33 -12.02 28.54 55.43
C ASP I 33 -11.04 29.71 55.46
N TYR I 34 -9.75 29.46 55.18
CA TYR I 34 -8.77 30.53 55.29
C TYR I 34 -8.97 31.53 54.16
N THR I 35 -8.81 32.82 54.49
CA THR I 35 -8.95 33.88 53.49
C THR I 35 -8.04 35.03 53.92
N GLU I 36 -7.55 35.81 52.96
CA GLU I 36 -6.66 36.93 53.24
C GLU I 36 -6.86 38.02 52.20
N LEU I 37 -6.38 39.22 52.53
CA LEU I 37 -6.56 40.40 51.72
C LEU I 37 -5.60 40.46 50.54
N ALA I 38 -6.09 40.97 49.41
CA ALA I 38 -5.32 41.06 48.18
C ALA I 38 -4.52 42.35 48.16
N GLU I 39 -3.20 42.23 47.96
CA GLU I 39 -2.35 43.39 47.79
C GLU I 39 -2.35 43.98 46.38
N ASP I 40 -2.82 43.24 45.39
CA ASP I 40 -2.70 43.64 43.99
C ASP I 40 -4.04 43.52 43.29
N PRO I 41 -4.59 44.61 42.72
CA PRO I 41 -5.85 44.48 41.98
C PRO I 41 -5.70 43.64 40.71
N LYS I 42 -4.49 43.50 40.18
CA LYS I 42 -4.28 42.72 38.97
C LYS I 42 -4.40 41.23 39.29
N VAL I 43 -5.11 40.51 38.45
CA VAL I 43 -5.40 39.10 38.73
C VAL I 43 -4.78 38.18 37.69
N TYR I 44 -4.55 38.66 36.48
CA TYR I 44 -4.16 37.83 35.36
C TYR I 44 -3.54 38.76 34.31
N ARG I 45 -2.48 38.29 33.67
CA ARG I 45 -1.89 39.03 32.57
C ARG I 45 -1.53 38.05 31.47
N HIS I 46 -1.75 38.47 30.23
CA HIS I 46 -1.47 37.68 29.03
C HIS I 46 -0.69 38.55 28.06
N GLU I 47 0.57 38.20 27.84
CA GLU I 47 1.44 38.93 26.95
C GLU I 47 1.40 38.24 25.59
N LEU I 48 0.89 38.95 24.59
CA LEU I 48 0.93 38.47 23.21
C LEU I 48 2.26 38.79 22.56
N ILE I 49 2.69 40.05 22.61
CA ILE I 49 4.02 40.42 22.15
C ILE I 49 4.93 40.33 23.36
N THR I 50 5.60 39.19 23.54
CA THR I 50 6.37 38.92 24.73
C THR I 50 7.87 39.01 24.45
N ASN I 51 8.63 39.31 25.52
CA ASN I 51 10.08 39.30 25.46
C ASN I 51 10.68 38.49 26.61
N ILE I 52 9.87 37.74 27.33
CA ILE I 52 10.34 37.01 28.51
C ILE I 52 11.09 35.74 28.12
N GLY I 53 12.19 35.50 28.86
CA GLY I 53 13.23 34.53 28.66
C GLY I 53 14.30 34.87 27.64
N GLU I 54 14.36 36.13 27.17
CA GLU I 54 15.38 36.50 26.20
C GLU I 54 16.77 36.46 26.82
N THR I 55 16.93 37.19 27.91
CA THR I 55 18.08 37.45 28.78
C THR I 55 18.33 36.46 29.90
N ALA I 56 17.26 35.94 30.51
CA ALA I 56 17.15 34.91 31.60
C ALA I 56 18.37 34.02 31.79
N GLY I 57 18.83 33.22 30.83
CA GLY I 57 19.81 32.21 31.26
C GLY I 57 21.19 32.83 31.45
N ILE I 58 21.38 33.48 32.59
CA ILE I 58 22.65 34.04 33.04
C ILE I 58 23.28 33.16 34.11
N VAL I 59 24.28 32.32 33.83
CA VAL I 59 24.72 31.48 34.93
C VAL I 59 26.13 31.91 35.33
N ASP I 60 26.49 31.59 36.58
CA ASP I 60 27.81 31.94 37.11
C ASP I 60 29.01 31.24 36.46
N ASP I 61 28.81 30.08 35.82
CA ASP I 61 29.94 29.37 35.24
C ASP I 61 30.01 29.42 33.73
N ILE I 62 29.32 30.37 33.11
CA ILE I 62 29.32 30.47 31.66
C ILE I 62 30.71 30.78 31.11
N GLY I 63 31.54 31.49 31.88
CA GLY I 63 32.92 31.76 31.50
C GLY I 63 33.87 30.60 31.60
N GLN I 64 33.46 29.48 32.17
CA GLN I 64 34.29 28.30 32.25
C GLN I 64 34.14 27.39 31.04
N ASP I 65 33.18 27.70 30.19
CA ASP I 65 32.86 27.01 28.95
C ASP I 65 33.83 27.46 27.86
N PRO I 66 34.81 26.62 27.48
CA PRO I 66 35.81 27.06 26.51
C PRO I 66 35.30 27.11 25.07
N THR I 67 34.07 26.68 24.82
CA THR I 67 33.48 26.70 23.49
C THR I 67 32.88 28.03 23.11
N LEU I 68 32.73 28.93 24.05
CA LEU I 68 32.19 30.26 23.83
C LEU I 68 33.25 31.21 23.26
N PRO I 69 32.87 32.03 22.29
CA PRO I 69 33.80 33.03 21.75
C PRO I 69 34.02 34.16 22.73
N ARG I 70 35.19 34.78 22.60
CA ARG I 70 35.64 35.82 23.53
C ARG I 70 35.77 37.14 22.78
N SER I 71 35.53 38.22 23.52
CA SER I 71 35.48 39.56 22.95
C SER I 71 36.33 40.52 23.77
N ASP I 72 36.47 41.72 23.22
CA ASP I 72 37.23 42.81 23.83
C ASP I 72 36.38 43.86 24.54
N LYS I 73 35.04 43.71 24.51
CA LYS I 73 34.15 44.77 24.99
C LYS I 73 34.44 45.13 26.44
N GLU I 74 34.39 46.43 26.73
CA GLU I 74 34.69 46.95 28.06
C GLU I 74 33.49 46.80 28.98
N CYS I 75 33.70 46.14 30.12
CA CYS I 75 32.66 46.02 31.12
C CYS I 75 32.33 47.38 31.71
N PRO I 76 31.05 47.72 31.89
CA PRO I 76 30.75 48.98 32.57
C PRO I 76 31.18 48.98 34.03
N GLU I 77 31.05 47.86 34.73
CA GLU I 77 31.40 47.82 36.14
C GLU I 77 32.90 47.83 36.40
N CYS I 78 33.56 46.70 36.11
CA CYS I 78 34.97 46.51 36.44
C CYS I 78 35.95 46.82 35.32
N HIS I 79 35.46 47.04 34.09
CA HIS I 79 36.31 47.37 32.92
C HIS I 79 37.31 46.27 32.56
N SER I 80 36.93 45.00 32.74
CA SER I 80 37.77 43.88 32.29
C SER I 80 37.73 43.68 30.77
N ARG I 81 38.84 43.13 30.26
CA ARG I 81 39.07 42.90 28.83
C ARG I 81 38.96 41.41 28.53
N ASP I 82 37.93 40.75 29.06
CA ASP I 82 37.81 39.31 28.96
C ASP I 82 36.37 38.93 29.26
N CYS I 83 35.65 38.44 28.25
CA CYS I 83 34.26 38.11 28.42
C CYS I 83 33.90 36.99 27.46
N VAL I 84 32.74 36.39 27.65
CA VAL I 84 32.15 35.49 26.67
C VAL I 84 30.90 36.16 26.12
N PHE I 85 30.52 35.81 24.89
CA PHE I 85 29.32 36.40 24.32
C PHE I 85 28.51 35.32 23.61
N PHE I 86 27.25 35.64 23.33
CA PHE I 86 26.34 34.68 22.71
C PHE I 86 25.10 35.42 22.23
N GLN I 87 24.53 34.96 21.13
CA GLN I 87 23.26 35.54 20.71
C GLN I 87 22.15 35.00 21.62
N SER I 88 20.94 35.54 21.44
CA SER I 88 19.80 35.20 22.29
C SER I 88 19.50 33.70 22.30
N GLN I 89 19.26 33.17 23.50
CA GLN I 89 18.84 31.79 23.71
C GLN I 89 17.34 31.58 23.55
N GLN I 90 16.62 32.61 23.13
CA GLN I 90 15.22 32.48 22.79
C GLN I 90 15.07 31.78 21.45
N ARG I 91 14.32 30.67 21.44
CA ARG I 91 14.17 29.80 20.28
C ARG I 91 12.95 30.12 19.43
N ARG I 92 12.60 31.39 19.34
CA ARG I 92 11.51 31.78 18.46
C ARG I 92 12.08 31.94 17.06
N LYS I 93 11.19 31.93 16.06
CA LYS I 93 11.65 32.04 14.68
C LYS I 93 11.97 33.48 14.31
N ASP I 94 11.31 34.44 14.95
CA ASP I 94 11.51 35.86 14.70
C ASP I 94 12.55 36.51 15.61
N THR I 95 13.24 35.71 16.43
CA THR I 95 14.23 36.21 17.38
C THR I 95 15.32 36.99 16.64
N ASN I 96 15.74 38.11 17.23
CA ASN I 96 16.83 38.89 16.70
C ASN I 96 18.14 38.11 16.80
N MET I 97 19.18 38.63 16.17
CA MET I 97 20.50 38.02 16.19
C MET I 97 21.49 38.83 17.01
N THR I 98 21.00 39.85 17.74
CA THR I 98 21.86 40.71 18.52
C THR I 98 22.53 39.94 19.63
N LEU I 99 23.76 40.30 19.93
CA LEU I 99 24.57 39.50 20.83
C LEU I 99 24.43 40.03 22.25
N PHE I 100 24.51 39.10 23.19
CA PHE I 100 24.67 39.41 24.61
C PHE I 100 26.09 39.11 25.02
N TYR I 101 26.71 40.05 25.73
CA TYR I 101 28.04 39.86 26.27
C TYR I 101 27.90 39.71 27.77
N VAL I 102 28.70 38.82 28.36
CA VAL I 102 28.72 38.62 29.80
C VAL I 102 30.12 38.83 30.34
N CYS I 103 30.28 39.85 31.18
CA CYS I 103 31.56 40.09 31.84
C CYS I 103 31.79 38.96 32.81
N LEU I 104 32.97 38.35 32.77
CA LEU I 104 33.19 37.24 33.68
C LEU I 104 33.35 37.66 35.14
N ASN I 105 33.40 38.96 35.44
CA ASN I 105 33.60 39.42 36.82
C ASN I 105 32.23 39.71 37.45
N CYS I 106 31.52 40.74 36.97
CA CYS I 106 30.23 41.08 37.57
C CYS I 106 29.03 40.37 36.95
N LYS I 107 29.22 39.61 35.86
CA LYS I 107 28.15 38.89 35.14
C LYS I 107 27.02 39.78 34.62
N LYS I 108 27.30 41.04 34.29
CA LYS I 108 26.28 41.87 33.64
C LYS I 108 26.17 41.52 32.15
N THR I 109 24.93 41.64 31.63
CA THR I 109 24.57 41.42 30.22
C THR I 109 24.24 42.69 29.43
N PHE I 110 25.06 43.01 28.42
CA PHE I 110 24.82 44.19 27.59
C PHE I 110 24.79 43.78 26.11
N ARG I 111 24.56 44.77 25.24
CA ARG I 111 24.45 44.58 23.79
C ARG I 111 25.33 45.58 23.04
N ASP I 112 25.31 45.49 21.71
CA ASP I 112 25.99 46.41 20.81
C ASP I 112 25.08 47.45 20.17
N GLU I 113 24.06 47.94 20.84
CA GLU I 113 23.20 48.95 20.20
C GLU I 113 23.59 50.37 20.55
N MET J 1 51.95 -13.11 -7.23
CA MET J 1 52.05 -14.43 -6.66
C MET J 1 53.49 -14.85 -6.71
N ILE J 2 54.04 -14.82 -7.91
CA ILE J 2 55.46 -15.03 -8.16
C ILE J 2 55.78 -14.07 -9.29
N ILE J 3 57.05 -13.64 -9.38
CA ILE J 3 57.49 -12.62 -10.33
C ILE J 3 57.07 -12.96 -11.74
N PRO J 4 56.42 -12.05 -12.45
CA PRO J 4 56.04 -12.31 -13.84
C PRO J 4 57.24 -12.51 -14.74
N VAL J 5 57.05 -13.36 -15.75
CA VAL J 5 58.12 -13.63 -16.70
C VAL J 5 58.41 -12.38 -17.52
N ARG J 6 57.38 -11.72 -18.03
CA ARG J 6 57.58 -10.55 -18.88
C ARG J 6 56.95 -9.32 -18.26
N CYS J 7 57.51 -8.16 -18.57
CA CYS J 7 56.83 -6.90 -18.37
C CYS J 7 55.55 -6.90 -19.18
N PHE J 8 54.43 -6.58 -18.54
CA PHE J 8 53.14 -6.55 -19.23
C PHE J 8 53.13 -5.57 -20.41
N SER J 9 53.70 -4.39 -20.23
CA SER J 9 53.51 -3.33 -21.21
C SER J 9 54.44 -3.44 -22.41
N CYS J 10 55.71 -3.75 -22.21
CA CYS J 10 56.64 -3.78 -23.33
C CYS J 10 57.21 -5.15 -23.68
N GLY J 11 57.14 -6.12 -22.79
CA GLY J 11 57.59 -7.45 -23.09
C GLY J 11 59.01 -7.83 -22.70
N LYS J 12 59.83 -6.89 -22.22
CA LYS J 12 61.19 -7.23 -21.80
C LYS J 12 61.14 -8.27 -20.68
N VAL J 13 62.01 -9.29 -20.77
CA VAL J 13 62.05 -10.31 -19.75
C VAL J 13 62.53 -9.72 -18.44
N VAL J 14 61.73 -9.90 -17.38
CA VAL J 14 62.10 -9.50 -16.03
C VAL J 14 62.02 -10.64 -15.05
N GLY J 15 61.67 -11.84 -15.48
CA GLY J 15 61.58 -12.92 -14.52
C GLY J 15 62.88 -13.52 -14.08
N ASP J 16 64.02 -13.08 -14.63
CA ASP J 16 65.32 -13.58 -14.20
C ASP J 16 66.07 -12.59 -13.33
N LYS J 17 65.42 -11.52 -12.89
CA LYS J 17 66.10 -10.46 -12.18
C LYS J 17 65.59 -10.31 -10.76
N TRP J 18 64.71 -11.20 -10.31
CA TRP J 18 64.10 -11.06 -9.00
C TRP J 18 65.09 -11.39 -7.88
N ASP J 19 65.83 -12.48 -8.04
CA ASP J 19 66.85 -12.85 -7.07
C ASP J 19 67.93 -11.79 -6.95
N ALA J 20 68.39 -11.27 -8.09
CA ALA J 20 69.40 -10.22 -8.08
C ALA J 20 68.91 -8.97 -7.36
N TYR J 21 67.61 -8.67 -7.46
CA TYR J 21 67.08 -7.48 -6.81
C TYR J 21 67.04 -7.60 -5.29
N LEU J 22 66.64 -8.75 -4.75
CA LEU J 22 66.62 -8.93 -3.30
C LEU J 22 68.02 -8.86 -2.69
N ARG J 23 69.02 -9.40 -3.39
CA ARG J 23 70.38 -9.37 -2.86
C ARG J 23 70.92 -7.94 -2.76
N LEU J 24 70.68 -7.13 -3.79
CA LEU J 24 71.07 -5.72 -3.79
C LEU J 24 70.46 -4.92 -2.65
N LEU J 25 69.27 -5.30 -2.18
CA LEU J 25 68.66 -4.58 -1.08
C LEU J 25 69.31 -4.91 0.25
N GLU J 26 69.83 -6.12 0.41
CA GLU J 26 70.61 -6.43 1.61
C GLU J 26 71.85 -5.57 1.69
N GLU J 27 72.55 -5.37 0.57
CA GLU J 27 73.72 -4.49 0.57
C GLU J 27 73.39 -2.99 0.80
N GLY J 28 72.15 -2.58 1.11
CA GLY J 28 71.83 -1.21 1.44
C GLY J 28 71.54 -0.29 0.29
N LYS J 29 71.54 -0.76 -0.96
CA LYS J 29 71.17 0.10 -2.07
C LYS J 29 69.71 0.50 -1.98
N GLN J 30 69.42 1.69 -2.48
CA GLN J 30 68.04 2.17 -2.57
C GLN J 30 67.39 1.63 -3.83
N GLU J 31 66.06 1.54 -3.78
CA GLU J 31 65.27 0.83 -4.78
C GLU J 31 65.53 1.36 -6.17
N GLY J 32 65.55 2.69 -6.30
CA GLY J 32 65.82 3.32 -7.59
C GLY J 32 67.19 2.93 -8.15
N ASP J 33 68.20 2.91 -7.28
CA ASP J 33 69.55 2.55 -7.70
C ASP J 33 69.66 1.07 -8.07
N ALA J 34 69.02 0.19 -7.29
CA ALA J 34 69.01 -1.24 -7.60
C ALA J 34 68.42 -1.52 -8.97
N LEU J 35 67.30 -0.89 -9.30
CA LEU J 35 66.71 -1.02 -10.62
C LEU J 35 67.64 -0.50 -11.71
N ASP J 36 68.33 0.62 -11.42
CA ASP J 36 69.29 1.20 -12.36
C ASP J 36 70.41 0.22 -12.68
N GLU J 37 70.95 -0.46 -11.66
CA GLU J 37 72.04 -1.41 -11.89
C GLU J 37 71.59 -2.58 -12.76
N LEU J 38 70.33 -2.99 -12.63
CA LEU J 38 69.83 -4.09 -13.44
C LEU J 38 69.48 -3.68 -14.86
N LYS J 39 69.69 -2.41 -15.23
CA LYS J 39 69.44 -1.86 -16.56
C LYS J 39 67.96 -1.83 -16.93
N LEU J 40 67.07 -1.69 -15.95
CA LEU J 40 65.65 -1.56 -16.25
C LEU J 40 65.35 -0.08 -16.39
N LYS J 41 65.47 0.45 -17.60
CA LYS J 41 65.45 1.89 -17.75
C LYS J 41 64.06 2.45 -17.96
N ARG J 42 63.24 1.83 -18.81
CA ARG J 42 61.88 2.31 -19.01
C ARG J 42 61.05 2.04 -17.78
N TYR J 43 60.19 2.98 -17.43
CA TYR J 43 59.40 2.86 -16.21
C TYR J 43 58.32 1.78 -16.28
N CYS J 44 57.94 1.32 -17.48
CA CYS J 44 57.08 0.14 -17.55
C CYS J 44 57.74 -1.08 -16.94
N CYS J 45 59.03 -1.29 -17.21
CA CYS J 45 59.73 -2.43 -16.62
C CYS J 45 59.94 -2.24 -15.13
N ARG J 46 60.20 -1.01 -14.69
CA ARG J 46 60.44 -0.73 -13.29
C ARG J 46 59.27 -1.05 -12.38
N ARG J 47 58.03 -0.71 -12.79
CA ARG J 47 56.86 -1.05 -11.98
C ARG J 47 56.79 -2.54 -11.66
N MET J 48 57.16 -3.40 -12.63
CA MET J 48 57.06 -4.85 -12.48
C MET J 48 57.86 -5.33 -11.29
N VAL J 49 59.09 -4.87 -11.15
CA VAL J 49 59.91 -5.37 -10.07
C VAL J 49 59.64 -4.61 -8.79
N LEU J 50 59.50 -3.28 -8.87
CA LEU J 50 59.31 -2.44 -7.69
C LEU J 50 58.01 -2.73 -6.94
N THR J 51 56.95 -3.11 -7.65
CA THR J 51 55.64 -3.25 -7.01
C THR J 51 55.14 -4.67 -6.94
N HIS J 52 55.94 -5.66 -7.30
CA HIS J 52 55.50 -7.05 -7.15
C HIS J 52 55.44 -7.41 -5.67
N VAL J 53 54.50 -8.26 -5.31
CA VAL J 53 54.36 -8.74 -3.94
C VAL J 53 54.47 -10.25 -3.97
N ASP J 54 55.45 -10.77 -3.23
CA ASP J 54 55.83 -12.19 -3.30
C ASP J 54 55.02 -13.02 -2.32
N LEU J 55 53.85 -13.47 -2.76
CA LEU J 55 52.98 -14.23 -1.88
C LEU J 55 53.33 -15.71 -1.80
N ILE J 56 54.06 -16.23 -2.79
CA ILE J 56 54.40 -17.66 -2.84
C ILE J 56 55.20 -18.11 -1.61
N GLU J 57 55.97 -17.21 -1.00
CA GLU J 57 56.65 -17.55 0.24
C GLU J 57 55.66 -17.87 1.35
N LYS J 58 54.53 -17.17 1.37
CA LYS J 58 53.48 -17.50 2.33
C LYS J 58 52.77 -18.81 2.00
N PHE J 59 52.42 -19.06 0.73
CA PHE J 59 51.68 -20.29 0.42
C PHE J 59 52.48 -21.54 0.68
N LEU J 60 53.81 -21.49 0.54
CA LEU J 60 54.61 -22.68 0.78
C LEU J 60 54.61 -23.13 2.24
N ARG J 61 54.36 -22.22 3.18
CA ARG J 61 54.35 -22.59 4.59
C ARG J 61 53.26 -23.60 4.96
N TYR J 62 52.25 -23.77 4.11
CA TYR J 62 51.12 -24.64 4.45
C TYR J 62 51.53 -26.05 4.06
N ASN J 63 51.89 -26.85 5.07
CA ASN J 63 52.47 -28.20 4.99
C ASN J 63 51.78 -29.10 3.97
N PRO J 64 52.54 -29.48 2.89
CA PRO J 64 52.02 -30.18 1.68
C PRO J 64 50.92 -31.20 1.87
N LEU J 65 49.99 -31.27 0.91
CA LEU J 65 48.78 -32.05 1.08
C LEU J 65 48.91 -33.45 0.48
N GLU J 66 50.14 -33.94 0.38
CA GLU J 66 50.52 -35.33 0.10
C GLU J 66 51.91 -35.56 0.65
N MET K 1 34.38 -17.93 -25.45
CA MET K 1 33.18 -18.64 -25.91
C MET K 1 32.78 -18.12 -27.29
N ASN K 2 32.96 -16.83 -27.52
CA ASN K 2 32.76 -16.23 -28.82
C ASN K 2 34.01 -15.57 -29.37
N ALA K 3 35.16 -15.82 -28.74
CA ALA K 3 36.41 -15.29 -29.25
C ALA K 3 36.75 -16.08 -30.50
N PRO K 4 37.15 -15.44 -31.59
CA PRO K 4 37.53 -16.21 -32.77
C PRO K 4 38.95 -16.72 -32.60
N ASP K 5 39.29 -17.73 -33.39
CA ASP K 5 40.65 -18.22 -33.40
C ASP K 5 41.61 -17.16 -33.86
N ARG K 6 42.68 -16.97 -33.10
CA ARG K 6 43.63 -15.92 -33.43
C ARG K 6 44.38 -16.20 -34.73
N PHE K 7 44.61 -17.47 -35.07
CA PHE K 7 45.27 -17.86 -36.32
C PHE K 7 44.48 -17.48 -37.58
N GLU K 8 43.20 -17.13 -37.45
CA GLU K 8 42.39 -16.71 -38.59
C GLU K 8 42.81 -15.35 -39.16
N LEU K 9 43.69 -14.61 -38.49
CA LEU K 9 44.19 -13.34 -39.02
C LEU K 9 45.06 -13.53 -40.25
N PHE K 10 45.77 -14.65 -40.38
CA PHE K 10 46.74 -14.81 -41.45
C PHE K 10 46.56 -16.08 -42.26
N ILE K 11 45.81 -17.07 -41.77
CA ILE K 11 45.56 -18.30 -42.50
C ILE K 11 44.34 -18.12 -43.37
N LEU K 12 44.51 -18.35 -44.66
CA LEU K 12 43.47 -18.18 -45.65
C LEU K 12 42.60 -19.42 -45.77
N PRO K 13 41.28 -19.32 -45.58
CA PRO K 13 40.38 -20.44 -45.93
C PRO K 13 40.53 -20.83 -47.40
N ASP K 14 40.23 -22.10 -47.69
CA ASP K 14 40.47 -22.62 -49.04
C ASP K 14 39.52 -22.05 -50.09
N ASP K 15 38.30 -21.70 -49.70
CA ASP K 15 37.33 -21.13 -50.62
C ASP K 15 37.38 -19.61 -50.70
N VAL K 16 38.41 -18.99 -50.15
CA VAL K 16 38.50 -17.53 -50.04
C VAL K 16 39.76 -17.06 -50.75
N PRO K 17 39.66 -16.21 -51.76
CA PRO K 17 40.87 -15.76 -52.47
C PRO K 17 41.59 -14.73 -51.62
N LYS K 18 42.92 -14.80 -51.66
CA LYS K 18 43.77 -13.82 -50.99
C LYS K 18 43.52 -12.39 -51.49
N LEU K 19 43.04 -12.23 -52.72
CA LEU K 19 43.00 -10.96 -53.42
C LEU K 19 41.81 -11.04 -54.36
N LYS K 20 41.04 -9.95 -54.41
CA LYS K 20 39.89 -9.87 -55.32
C LYS K 20 39.77 -8.49 -55.95
N ILE K 21 39.76 -8.46 -57.28
CA ILE K 21 39.69 -7.22 -58.05
C ILE K 21 38.31 -7.15 -58.67
N THR K 22 37.63 -6.01 -58.50
CA THR K 22 36.38 -5.77 -59.17
C THR K 22 36.43 -4.38 -59.79
N PRO K 23 35.61 -4.10 -60.79
CA PRO K 23 35.61 -2.75 -61.37
C PRO K 23 34.69 -1.83 -60.60
N ASP K 24 34.98 -0.53 -60.72
CA ASP K 24 34.06 0.53 -60.31
C ASP K 24 33.68 1.19 -61.63
N SER K 25 32.59 0.72 -62.23
CA SER K 25 32.20 1.22 -63.55
C SER K 25 31.58 2.61 -63.52
N ARG K 26 31.34 3.17 -62.32
CA ARG K 26 30.75 4.51 -62.23
C ARG K 26 31.66 5.59 -62.77
N VAL K 27 32.98 5.39 -62.66
CA VAL K 27 33.96 6.29 -63.25
C VAL K 27 34.87 5.46 -64.14
N PRO K 28 35.52 6.06 -65.14
CA PRO K 28 36.42 5.27 -66.00
C PRO K 28 37.69 4.89 -65.27
N ASN K 29 38.11 3.64 -65.49
CA ASN K 29 39.47 3.15 -65.18
C ASN K 29 39.75 3.09 -63.68
N CYS K 30 38.81 2.51 -62.94
CA CYS K 30 38.90 2.47 -61.49
C CYS K 30 38.63 1.06 -61.02
N ILE K 31 39.47 0.55 -60.13
CA ILE K 31 39.25 -0.77 -59.58
C ILE K 31 39.16 -0.71 -58.06
N ILE K 32 38.46 -1.69 -57.50
CA ILE K 32 38.40 -1.95 -56.08
C ILE K 32 39.16 -3.23 -55.80
N ILE K 33 40.19 -3.16 -54.97
CA ILE K 33 40.95 -4.37 -54.61
C ILE K 33 40.68 -4.68 -53.15
N LYS K 34 40.14 -5.87 -52.92
CA LYS K 34 39.89 -6.40 -51.59
C LYS K 34 41.01 -7.34 -51.20
N PHE K 35 41.73 -7.03 -50.12
CA PHE K 35 42.82 -7.86 -49.64
C PHE K 35 42.33 -8.65 -48.43
N GLU K 36 42.49 -9.97 -48.49
CA GLU K 36 42.07 -10.82 -47.40
C GLU K 36 43.27 -11.22 -46.56
N ARG K 37 43.04 -11.30 -45.24
CA ARG K 37 44.03 -11.69 -44.24
C ARG K 37 45.27 -10.80 -44.28
N GLU K 38 45.06 -9.48 -44.28
CA GLU K 38 46.15 -8.50 -44.25
C GLU K 38 45.75 -7.29 -43.42
N ASP K 39 46.74 -6.43 -43.18
CA ASP K 39 46.73 -5.41 -42.14
C ASP K 39 47.10 -4.06 -42.73
N HIS K 40 47.09 -3.05 -41.85
CA HIS K 40 47.78 -1.78 -42.10
C HIS K 40 49.24 -1.94 -42.52
N THR K 41 49.94 -2.94 -41.98
CA THR K 41 51.34 -3.23 -42.28
C THR K 41 51.61 -3.27 -43.78
N LEU K 42 50.86 -4.10 -44.49
CA LEU K 42 50.99 -4.16 -45.94
C LEU K 42 50.40 -2.93 -46.60
N ALA K 43 49.22 -2.50 -46.15
CA ALA K 43 48.40 -1.53 -46.87
C ALA K 43 49.04 -0.15 -46.92
N ASN K 44 49.57 0.32 -45.80
CA ASN K 44 50.15 1.65 -45.76
C ASN K 44 51.42 1.71 -46.60
N LEU K 45 52.18 0.62 -46.61
CA LEU K 45 53.38 0.53 -47.43
C LEU K 45 53.07 0.72 -48.92
N LEU K 46 52.13 -0.05 -49.45
CA LEU K 46 51.73 0.12 -50.84
C LEU K 46 51.15 1.49 -51.14
N ARG K 47 50.40 2.06 -50.19
CA ARG K 47 49.63 3.28 -50.47
C ARG K 47 50.54 4.47 -50.76
N GLU K 48 51.53 4.72 -49.89
CA GLU K 48 52.38 5.90 -50.08
C GLU K 48 53.20 5.79 -51.36
N GLU K 49 53.87 4.66 -51.55
CA GLU K 49 54.56 4.32 -52.80
C GLU K 49 53.75 4.67 -54.04
N LEU K 50 52.50 4.21 -54.08
CA LEU K 50 51.64 4.45 -55.24
C LEU K 50 51.37 5.94 -55.43
N ALA K 51 51.26 6.69 -54.34
CA ALA K 51 50.83 8.08 -54.44
C ALA K 51 51.90 8.96 -55.08
N LEU K 52 53.17 8.55 -55.03
CA LEU K 52 54.22 9.33 -55.65
C LEU K 52 54.36 9.05 -57.15
N TYR K 53 53.66 8.09 -57.68
CA TYR K 53 53.71 7.87 -59.12
C TYR K 53 52.88 8.91 -59.86
N PRO K 54 53.40 9.48 -60.95
CA PRO K 54 52.67 10.52 -61.69
C PRO K 54 51.38 10.06 -62.32
N ASP K 55 51.26 8.79 -62.70
CA ASP K 55 50.04 8.34 -63.38
C ASP K 55 48.97 7.79 -62.47
N VAL K 56 49.17 7.80 -61.16
CA VAL K 56 48.11 7.44 -60.21
C VAL K 56 47.40 8.71 -59.79
N THR K 57 46.10 8.80 -60.09
CA THR K 57 45.31 9.98 -59.75
C THR K 57 44.55 9.83 -58.45
N PHE K 58 44.28 8.60 -58.01
CA PHE K 58 43.60 8.40 -56.74
C PHE K 58 44.05 7.08 -56.16
N VAL K 59 44.46 7.10 -54.90
CA VAL K 59 44.68 5.88 -54.14
C VAL K 59 44.25 6.08 -52.68
N ALA K 60 43.52 5.11 -52.14
CA ALA K 60 43.06 5.16 -50.76
C ALA K 60 42.81 3.74 -50.29
N TYR K 61 42.81 3.58 -48.97
CA TYR K 61 42.41 2.32 -48.33
C TYR K 61 41.67 2.57 -47.02
N LYS K 62 40.91 1.57 -46.60
CA LYS K 62 40.30 1.58 -45.27
C LYS K 62 40.32 0.16 -44.73
N VAL K 63 40.59 0.03 -43.43
CA VAL K 63 40.33 -1.20 -42.69
C VAL K 63 38.95 -1.04 -42.09
N GLU K 64 37.96 -1.72 -42.68
CA GLU K 64 36.57 -1.47 -42.32
C GLU K 64 36.23 -1.86 -40.90
N HIS K 65 36.83 -2.92 -40.37
CA HIS K 65 36.56 -3.24 -38.97
C HIS K 65 37.75 -3.98 -38.39
N PRO K 66 38.37 -3.49 -37.31
CA PRO K 66 39.58 -4.15 -36.77
C PRO K 66 39.38 -5.58 -36.33
N LEU K 67 38.14 -6.04 -36.11
CA LEU K 67 37.94 -7.41 -35.68
C LEU K 67 38.04 -8.39 -36.83
N PHE K 68 38.16 -7.89 -38.06
CA PHE K 68 38.28 -8.72 -39.24
C PHE K 68 39.54 -8.24 -39.95
N ALA K 69 40.47 -9.15 -40.19
CA ALA K 69 41.75 -8.79 -40.79
C ALA K 69 41.57 -8.72 -42.30
N ASN K 70 40.91 -7.66 -42.75
CA ASN K 70 40.95 -7.36 -44.17
C ASN K 70 40.98 -5.86 -44.38
N PHE K 71 41.23 -5.47 -45.61
CA PHE K 71 41.10 -4.08 -45.99
C PHE K 71 40.78 -4.04 -47.47
N VAL K 72 40.32 -2.89 -47.91
CA VAL K 72 39.91 -2.69 -49.27
C VAL K 72 40.58 -1.43 -49.78
N MET K 73 41.15 -1.48 -50.98
CA MET K 73 41.86 -0.36 -51.54
C MET K 73 41.14 0.05 -52.81
N ARG K 74 41.13 1.35 -53.08
CA ARG K 74 40.57 1.91 -54.29
C ARG K 74 41.66 2.60 -55.07
N LEU K 75 41.75 2.29 -56.35
CA LEU K 75 42.85 2.76 -57.17
C LEU K 75 42.31 3.20 -58.51
N GLN K 76 42.49 4.47 -58.84
CA GLN K 76 42.12 4.99 -60.15
C GLN K 76 43.35 5.60 -60.81
N THR K 77 43.57 5.27 -62.07
CA THR K 77 44.64 5.83 -62.88
C THR K 77 44.08 6.50 -64.12
N GLU K 78 44.87 7.39 -64.70
CA GLU K 78 44.49 8.06 -65.93
C GLU K 78 44.41 7.06 -67.08
N GLU K 79 43.78 7.52 -68.17
CA GLU K 79 43.39 6.70 -69.32
C GLU K 79 44.51 5.83 -69.89
N GLY K 80 45.73 6.36 -69.97
CA GLY K 80 46.85 5.61 -70.55
C GLY K 80 47.19 4.31 -69.84
N THR K 81 47.28 4.36 -68.52
CA THR K 81 47.82 3.25 -67.75
C THR K 81 46.71 2.35 -67.24
N ARG K 82 47.00 1.06 -67.09
CA ARG K 82 46.00 0.16 -66.53
C ARG K 82 46.29 0.00 -65.05
N PRO K 83 45.31 0.22 -64.17
CA PRO K 83 45.56 0.26 -62.71
C PRO K 83 46.29 -0.96 -62.15
N LYS K 84 45.81 -2.16 -62.52
CA LYS K 84 46.41 -3.41 -62.10
C LYS K 84 47.88 -3.51 -62.50
N GLN K 85 48.27 -2.98 -63.66
CA GLN K 85 49.68 -3.00 -64.04
C GLN K 85 50.49 -2.09 -63.14
N ALA K 86 49.96 -0.89 -62.89
CA ALA K 86 50.57 0.10 -62.02
C ALA K 86 50.81 -0.45 -60.62
N LEU K 87 49.90 -1.30 -60.13
CA LEU K 87 50.08 -1.91 -58.83
C LEU K 87 51.29 -2.84 -58.82
N GLU K 88 51.46 -3.63 -59.88
CA GLU K 88 52.66 -4.47 -60.04
C GLU K 88 53.93 -3.63 -60.00
N ARG K 89 53.92 -2.46 -60.64
CA ARG K 89 55.09 -1.60 -60.65
C ARG K 89 55.43 -1.12 -59.25
N ALA K 90 54.42 -0.68 -58.49
CA ALA K 90 54.62 -0.27 -57.10
C ALA K 90 55.21 -1.38 -56.24
N CYS K 91 54.75 -2.61 -56.45
CA CYS K 91 55.26 -3.77 -55.72
C CYS K 91 56.75 -4.00 -55.99
N ALA K 92 57.15 -3.99 -57.26
CA ALA K 92 58.52 -4.31 -57.61
C ALA K 92 59.50 -3.25 -57.14
N SER K 93 59.11 -1.98 -57.22
CA SER K 93 59.90 -0.89 -56.63
C SER K 93 60.24 -1.12 -55.16
N ILE K 94 59.24 -1.49 -54.35
CA ILE K 94 59.48 -1.63 -52.91
C ILE K 94 60.32 -2.85 -52.61
N ILE K 95 60.10 -3.97 -53.31
CA ILE K 95 60.96 -5.15 -53.19
C ILE K 95 62.40 -4.78 -53.48
N ASN K 96 62.61 -3.94 -54.50
CA ASN K 96 63.97 -3.52 -54.83
C ASN K 96 64.56 -2.65 -53.73
N LYS K 97 63.82 -1.62 -53.28
CA LYS K 97 64.32 -0.77 -52.20
C LYS K 97 64.62 -1.55 -50.92
N LEU K 98 63.85 -2.58 -50.61
CA LEU K 98 64.15 -3.35 -49.42
C LEU K 98 65.35 -4.27 -49.61
N LYS K 99 65.53 -4.80 -50.82
CA LYS K 99 66.71 -5.59 -51.14
C LYS K 99 67.98 -4.75 -50.98
N THR K 100 68.01 -3.58 -51.59
CA THR K 100 69.08 -2.61 -51.39
C THR K 100 69.30 -2.31 -49.92
N LEU K 101 68.20 -2.04 -49.20
CA LEU K 101 68.28 -1.65 -47.79
C LEU K 101 68.85 -2.78 -46.94
N ASP K 102 68.50 -4.02 -47.26
CA ASP K 102 69.04 -5.17 -46.55
C ASP K 102 70.53 -5.33 -46.79
N HIS K 103 70.96 -5.05 -48.03
CA HIS K 103 72.38 -5.14 -48.39
C HIS K 103 73.21 -4.13 -47.62
N LYS K 104 72.78 -2.86 -47.63
CA LYS K 104 73.54 -1.80 -46.97
C LYS K 104 73.60 -1.99 -45.45
N PHE K 105 72.60 -2.64 -44.86
CA PHE K 105 72.68 -2.93 -43.42
C PHE K 105 73.73 -4.00 -43.12
N ASN K 106 73.75 -5.06 -43.92
CA ASN K 106 74.75 -6.14 -43.77
C ASN K 106 76.18 -5.62 -43.83
N GLU K 107 76.48 -4.78 -44.82
CA GLU K 107 77.82 -4.21 -44.95
C GLU K 107 78.18 -3.41 -43.71
N GLU K 108 77.33 -2.46 -43.31
CA GLU K 108 77.59 -1.63 -42.14
C GLU K 108 77.71 -2.47 -40.86
N TRP K 109 77.03 -3.61 -40.81
CA TRP K 109 77.03 -4.46 -39.62
C TRP K 109 78.35 -5.15 -39.35
N ASN K 110 78.99 -5.67 -40.40
CA ASN K 110 80.29 -6.32 -40.25
C ASN K 110 81.36 -5.35 -39.76
N ILE K 111 81.33 -4.10 -40.21
CA ILE K 111 82.29 -3.11 -39.73
C ILE K 111 82.18 -2.90 -38.23
N LYS K 112 80.97 -2.97 -37.68
CA LYS K 112 80.82 -2.78 -36.24
C LYS K 112 81.03 -4.06 -35.43
N ASN K 113 80.97 -5.23 -36.09
CA ASN K 113 81.16 -6.57 -35.49
C ASN K 113 82.49 -6.62 -34.70
N GLY L 28 41.37 -50.46 -5.92
CA GLY L 28 40.40 -49.99 -6.88
C GLY L 28 40.54 -48.51 -7.20
N VAL L 29 40.30 -47.66 -6.21
CA VAL L 29 40.41 -46.22 -6.37
C VAL L 29 41.42 -45.70 -5.36
N LYS L 30 42.38 -44.92 -5.83
CA LYS L 30 43.44 -44.41 -4.98
C LYS L 30 42.95 -43.22 -4.18
N TYR L 31 43.27 -43.20 -2.89
CA TYR L 31 42.95 -42.09 -2.00
C TYR L 31 44.21 -41.59 -1.30
N THR L 32 44.04 -40.58 -0.46
CA THR L 32 45.17 -39.98 0.24
C THR L 32 44.70 -39.47 1.59
N CYS L 33 45.47 -39.76 2.64
CA CYS L 33 45.09 -39.37 3.99
C CYS L 33 45.42 -37.89 4.22
N GLY L 34 44.43 -37.14 4.72
CA GLY L 34 44.65 -35.73 4.92
C GLY L 34 45.63 -35.37 6.01
N ALA L 35 46.03 -36.32 6.86
CA ALA L 35 46.95 -36.07 7.96
C ALA L 35 48.34 -36.64 7.72
N CYS L 36 48.43 -37.93 7.39
CA CYS L 36 49.70 -38.63 7.30
C CYS L 36 50.12 -38.97 5.89
N ALA L 37 49.27 -38.67 4.89
CA ALA L 37 49.51 -38.81 3.47
C ALA L 37 49.71 -40.25 2.99
N HIS L 38 49.37 -41.26 3.80
CA HIS L 38 49.41 -42.65 3.35
C HIS L 38 48.43 -42.83 2.21
N ASN L 39 48.83 -43.58 1.20
CA ASN L 39 47.93 -43.96 0.12
C ASN L 39 47.37 -45.38 0.26
N PHE L 40 46.10 -45.54 -0.10
CA PHE L 40 45.40 -46.82 0.01
C PHE L 40 44.15 -46.74 -0.84
N SER L 41 43.50 -47.89 -1.04
CA SER L 41 42.25 -47.95 -1.76
C SER L 41 41.08 -48.35 -0.87
N LEU L 42 39.87 -48.03 -1.35
CA LEU L 42 38.63 -48.43 -0.69
C LEU L 42 37.59 -48.81 -1.76
N ASN L 43 36.89 -49.94 -1.57
CA ASN L 43 35.76 -50.34 -2.47
C ASN L 43 34.38 -49.95 -1.92
N LYS L 44 34.15 -48.64 -1.87
CA LYS L 44 33.05 -47.89 -1.24
C LYS L 44 32.37 -48.37 0.05
N SER L 45 32.33 -49.67 0.34
CA SER L 45 31.54 -50.11 1.49
C SER L 45 32.35 -50.02 2.78
N ASP L 46 33.66 -49.83 2.67
CA ASP L 46 34.53 -49.69 3.82
C ASP L 46 34.17 -48.37 4.50
N PRO L 47 34.40 -48.23 5.81
CA PRO L 47 34.18 -46.92 6.43
C PRO L 47 35.20 -45.89 5.94
N VAL L 48 34.79 -44.63 6.03
CA VAL L 48 35.56 -43.51 5.46
C VAL L 48 36.50 -43.05 6.57
N ARG L 49 37.71 -43.60 6.56
CA ARG L 49 38.78 -43.19 7.46
C ARG L 49 40.13 -43.64 6.91
N CYS L 50 41.18 -43.08 7.50
CA CYS L 50 42.54 -43.48 7.18
C CYS L 50 42.94 -44.69 8.01
N LYS L 51 43.51 -45.70 7.35
CA LYS L 51 43.96 -46.87 8.08
C LYS L 51 45.08 -46.55 9.06
N GLU L 52 45.93 -45.56 8.74
CA GLU L 52 47.10 -45.30 9.57
C GLU L 52 46.77 -44.54 10.84
N CYS L 53 46.14 -43.37 10.71
CA CYS L 53 45.89 -42.50 11.85
C CYS L 53 44.42 -42.34 12.21
N GLY L 54 43.50 -42.90 11.44
CA GLY L 54 42.09 -42.70 11.74
C GLY L 54 41.52 -41.35 11.37
N HIS L 55 42.22 -40.56 10.56
CA HIS L 55 41.72 -39.26 10.16
C HIS L 55 40.50 -39.45 9.28
N ARG L 56 39.50 -38.58 9.44
CA ARG L 56 38.23 -38.74 8.75
C ARG L 56 38.03 -37.79 7.59
N VAL L 57 39.09 -37.13 7.14
CA VAL L 57 39.08 -36.27 5.96
C VAL L 57 40.04 -36.85 4.93
N ILE L 58 39.53 -37.31 3.78
CA ILE L 58 40.40 -37.93 2.77
C ILE L 58 40.10 -37.33 1.40
N TYR L 59 41.03 -37.56 0.47
CA TYR L 59 41.00 -36.93 -0.84
C TYR L 59 41.29 -37.91 -1.97
N LYS L 60 40.59 -37.78 -3.08
CA LYS L 60 40.82 -38.64 -4.23
C LYS L 60 42.15 -38.33 -4.91
N ALA L 61 42.87 -39.36 -5.32
CA ALA L 61 44.07 -39.09 -6.07
C ALA L 61 43.72 -38.75 -7.51
N ARG L 62 44.68 -38.14 -8.20
CA ARG L 62 44.47 -37.60 -9.54
C ARG L 62 44.26 -38.73 -10.55
N THR L 63 43.58 -38.40 -11.64
CA THR L 63 43.30 -39.32 -12.74
C THR L 63 44.56 -39.93 -13.37
N LYS L 64 44.37 -41.15 -13.89
CA LYS L 64 45.39 -41.78 -14.71
C LYS L 64 45.65 -41.03 -16.00
N ARG L 65 44.64 -40.35 -16.55
CA ARG L 65 44.76 -39.74 -17.88
C ARG L 65 45.76 -38.58 -17.89
N MET L 66 46.38 -38.40 -19.04
CA MET L 66 47.24 -37.25 -19.26
C MET L 66 46.43 -35.99 -19.49
N ILE L 67 46.92 -34.88 -18.95
CA ILE L 67 46.32 -33.56 -19.06
C ILE L 67 47.22 -32.66 -19.90
N GLN L 68 46.63 -31.97 -20.87
CA GLN L 68 47.36 -31.04 -21.75
C GLN L 68 46.86 -29.62 -21.60
N PHE L 69 47.78 -28.66 -21.61
CA PHE L 69 47.40 -27.26 -21.61
C PHE L 69 48.18 -26.50 -22.69
N ASP L 70 47.55 -25.47 -23.25
CA ASP L 70 48.09 -24.79 -24.43
C ASP L 70 49.11 -23.72 -24.10
N ALA L 71 49.37 -23.47 -22.82
CA ALA L 71 50.38 -22.52 -22.36
C ALA L 71 50.12 -21.11 -22.91
N ARG L 72 48.85 -20.75 -23.01
CA ARG L 72 48.46 -19.42 -23.46
C ARG L 72 47.71 -18.69 -22.36
N ILE P 18 -25.06 15.76 27.23
CA ILE P 18 -26.08 14.74 26.95
C ILE P 18 -25.74 13.47 27.73
N LYS P 19 -26.77 12.83 28.28
CA LYS P 19 -26.59 11.58 29.00
C LYS P 19 -25.95 10.53 28.11
N GLN P 20 -25.30 9.56 28.76
CA GLN P 20 -24.67 8.44 28.07
C GLN P 20 -25.31 7.15 28.57
N LYS P 21 -25.95 6.42 27.66
CA LYS P 21 -26.51 5.10 27.97
C LYS P 21 -25.61 4.04 27.34
N LEU P 22 -24.91 3.28 28.19
CA LEU P 22 -23.90 2.35 27.75
C LEU P 22 -24.19 0.96 28.31
N GLU P 23 -24.08 -0.06 27.47
CA GLU P 23 -24.09 -1.44 27.91
C GLU P 23 -22.68 -1.87 28.29
N THR P 24 -22.58 -2.76 29.28
CA THR P 24 -21.30 -3.23 29.77
C THR P 24 -21.28 -4.76 29.77
N GLN P 25 -20.10 -5.30 30.06
CA GLN P 25 -19.90 -6.74 30.18
C GLN P 25 -19.68 -7.15 31.65
N PHE P 26 -20.27 -6.40 32.57
CA PHE P 26 -20.16 -6.68 34.00
C PHE P 26 -21.24 -7.66 34.41
N THR P 27 -20.97 -8.39 35.50
CA THR P 27 -21.94 -9.32 36.07
C THR P 27 -22.67 -8.65 37.23
N CYS P 28 -24.01 -8.75 37.21
CA CYS P 28 -24.80 -8.23 38.32
C CYS P 28 -24.45 -8.96 39.61
N LEU P 29 -24.23 -8.19 40.67
CA LEU P 29 -23.80 -8.76 41.95
C LEU P 29 -24.89 -9.58 42.62
N PHE P 30 -26.13 -9.49 42.16
CA PHE P 30 -27.25 -10.19 42.78
C PHE P 30 -27.78 -11.34 41.93
N CYS P 31 -28.24 -11.06 40.71
CA CYS P 31 -28.84 -12.10 39.88
C CYS P 31 -27.82 -12.94 39.12
N ASN P 32 -26.57 -12.47 39.02
CA ASN P 32 -25.43 -13.16 38.44
C ASN P 32 -25.48 -13.26 36.91
N HIS P 33 -26.47 -12.66 36.26
CA HIS P 33 -26.47 -12.63 34.81
C HIS P 33 -25.35 -11.71 34.31
N ASP P 34 -24.50 -12.23 33.44
CA ASP P 34 -23.42 -11.43 32.88
C ASP P 34 -23.89 -10.72 31.61
N ASN P 35 -23.20 -9.61 31.30
CA ASN P 35 -23.50 -8.79 30.12
C ASN P 35 -24.94 -8.26 30.16
N SER P 36 -25.42 -7.92 31.36
CA SER P 36 -26.78 -7.43 31.53
C SER P 36 -26.84 -6.22 32.47
N VAL P 37 -25.74 -5.51 32.67
CA VAL P 37 -25.70 -4.30 33.48
C VAL P 37 -25.55 -3.11 32.54
N VAL P 38 -26.49 -2.17 32.63
CA VAL P 38 -26.47 -0.94 31.83
C VAL P 38 -26.13 0.24 32.74
N CYS P 39 -25.27 1.12 32.24
CA CYS P 39 -24.76 2.26 33.00
C CYS P 39 -25.25 3.55 32.35
N THR P 40 -25.96 4.38 33.12
CA THR P 40 -26.42 5.69 32.66
C THR P 40 -25.68 6.76 33.46
N LEU P 41 -24.80 7.51 32.79
CA LEU P 41 -23.96 8.51 33.43
C LEU P 41 -24.48 9.89 33.07
N ASP P 42 -25.03 10.59 34.06
CA ASP P 42 -25.53 11.96 33.90
C ASP P 42 -24.47 12.91 34.46
N LYS P 43 -23.65 13.48 33.57
CA LYS P 43 -22.58 14.36 34.00
C LYS P 43 -23.08 15.77 34.32
N LYS P 44 -24.23 16.18 33.77
CA LYS P 44 -24.75 17.51 34.07
C LYS P 44 -25.11 17.66 35.54
N ASN P 45 -25.47 16.56 36.22
CA ASN P 45 -25.81 16.56 37.63
C ASN P 45 -24.90 15.65 38.45
N SER P 46 -23.86 15.07 37.84
CA SER P 46 -22.88 14.24 38.54
C SER P 46 -23.53 13.07 39.26
N ILE P 47 -24.39 12.34 38.53
CA ILE P 47 -25.14 11.21 39.07
C ILE P 47 -25.04 10.06 38.08
N GLY P 48 -24.42 8.96 38.51
CA GLY P 48 -24.32 7.75 37.71
C GLY P 48 -25.30 6.69 38.19
N LEU P 49 -25.83 5.91 37.24
CA LEU P 49 -26.90 4.96 37.51
C LEU P 49 -26.57 3.62 36.86
N LEU P 50 -26.50 2.57 37.68
CA LEU P 50 -26.38 1.21 37.20
C LEU P 50 -27.75 0.54 37.18
N GLU P 51 -28.03 -0.22 36.12
CA GLU P 51 -29.30 -0.91 35.97
C GLU P 51 -29.04 -2.32 35.48
N CYS P 52 -29.88 -3.26 35.93
CA CYS P 52 -29.80 -4.65 35.52
C CYS P 52 -30.93 -4.93 34.53
N LYS P 53 -30.56 -5.35 33.32
CA LYS P 53 -31.56 -5.70 32.30
C LYS P 53 -32.30 -6.99 32.62
N LYS P 54 -31.89 -7.72 33.65
CA LYS P 54 -32.51 -8.99 34.00
C LYS P 54 -33.40 -8.86 35.23
N CYS P 55 -32.82 -8.87 36.43
CA CYS P 55 -33.61 -8.85 37.66
C CYS P 55 -34.16 -7.46 37.99
N ASN P 56 -33.74 -6.44 37.26
CA ASN P 56 -34.29 -5.08 37.42
C ASN P 56 -33.83 -4.17 38.57
N LEU P 57 -32.75 -4.56 39.24
CA LEU P 57 -32.23 -3.78 40.35
C LEU P 57 -31.56 -2.49 39.85
N SER P 58 -31.42 -1.53 40.75
CA SER P 58 -30.81 -0.25 40.40
C SER P 58 -29.90 0.27 41.51
N PHE P 59 -28.80 0.90 41.12
CA PHE P 59 -27.83 1.44 42.08
C PHE P 59 -27.33 2.80 41.62
N GLN P 60 -27.42 3.79 42.51
CA GLN P 60 -26.96 5.13 42.19
C GLN P 60 -25.69 5.49 42.95
N ALA P 61 -24.81 6.27 42.32
CA ALA P 61 -23.57 6.69 42.93
C ALA P 61 -23.10 7.99 42.28
N PRO P 62 -22.33 8.80 42.99
CA PRO P 62 -21.80 10.03 42.38
C PRO P 62 -20.67 9.74 41.41
N ILE P 63 -20.62 10.52 40.32
CA ILE P 63 -19.57 10.44 39.32
C ILE P 63 -18.99 11.82 39.09
N ASN P 64 -17.74 11.85 38.64
CA ASN P 64 -17.08 13.10 38.27
C ASN P 64 -17.20 13.33 36.76
N SER P 65 -16.21 13.99 36.16
CA SER P 65 -16.17 14.10 34.70
C SER P 65 -15.33 13.02 34.06
N LEU P 66 -14.40 12.42 34.82
CA LEU P 66 -13.47 11.42 34.32
C LEU P 66 -14.00 10.00 34.41
N SER P 67 -15.17 9.80 35.03
CA SER P 67 -15.62 8.45 35.34
C SER P 67 -16.10 7.72 34.08
N GLN P 68 -16.13 6.39 34.20
CA GLN P 68 -16.50 5.46 33.14
C GLN P 68 -17.23 4.30 33.79
N PRO P 69 -17.95 3.48 33.00
CA PRO P 69 -18.75 2.39 33.59
C PRO P 69 -18.02 1.51 34.59
N ILE P 70 -16.68 1.46 34.49
CA ILE P 70 -15.90 0.68 35.46
C ILE P 70 -15.74 1.42 36.79
N ASP P 71 -15.97 2.74 36.81
CA ASP P 71 -15.81 3.51 38.04
C ASP P 71 -17.00 3.34 38.98
N ILE P 72 -18.22 3.38 38.44
CA ILE P 72 -19.39 3.19 39.29
C ILE P 72 -19.61 1.71 39.60
N TYR P 73 -19.29 0.82 38.66
CA TYR P 73 -19.39 -0.60 38.96
C TYR P 73 -18.42 -1.00 40.06
N SER P 74 -17.28 -0.31 40.16
CA SER P 74 -16.37 -0.53 41.29
C SER P 74 -17.01 -0.04 42.59
N ASP P 75 -17.66 1.13 42.55
CA ASP P 75 -18.33 1.64 43.74
C ASP P 75 -19.49 0.75 44.16
N TRP P 76 -20.09 0.02 43.23
CA TRP P 76 -21.17 -0.89 43.57
C TRP P 76 -20.65 -2.13 44.29
N ILE P 77 -19.44 -2.58 43.95
CA ILE P 77 -18.85 -3.74 44.63
C ILE P 77 -18.55 -3.41 46.08
N ASP P 78 -18.10 -2.17 46.36
CA ASP P 78 -17.76 -1.77 47.72
C ASP P 78 -19.01 -1.42 48.53
N ALA P 79 -20.08 -0.97 47.86
CA ALA P 79 -21.32 -0.67 48.54
C ALA P 79 -22.01 -1.93 49.07
N CYS P 80 -21.75 -3.09 48.47
CA CYS P 80 -22.31 -4.34 48.96
C CYS P 80 -21.50 -4.91 50.11
N GLU P 81 -20.18 -4.98 49.95
CA GLU P 81 -19.30 -5.57 50.95
C GLU P 81 -19.07 -4.60 52.12
N GLU Q 3 -3.45 -46.18 35.13
CA GLU Q 3 -4.78 -46.02 35.74
C GLU Q 3 -5.81 -46.99 35.17
N ARG Q 4 -6.59 -47.61 36.04
CA ARG Q 4 -7.69 -48.46 35.60
C ARG Q 4 -9.00 -48.01 36.26
N ALA Q 5 -10.11 -48.43 35.67
CA ALA Q 5 -11.43 -48.05 36.18
C ALA Q 5 -12.13 -49.32 36.65
N CYS Q 6 -12.70 -49.27 37.87
CA CYS Q 6 -13.44 -50.42 38.38
C CYS Q 6 -14.71 -50.62 37.60
N MET Q 7 -14.93 -51.83 37.16
CA MET Q 7 -16.15 -52.06 36.40
C MET Q 7 -17.38 -51.99 37.29
N LEU Q 8 -17.29 -52.21 38.54
CA LEU Q 8 -18.49 -52.23 39.38
C LEU Q 8 -18.92 -50.81 39.79
N CYS Q 9 -17.97 -49.99 40.23
CA CYS Q 9 -18.27 -48.68 40.76
C CYS Q 9 -17.78 -47.52 39.90
N GLY Q 10 -16.89 -47.81 38.97
CA GLY Q 10 -16.47 -46.79 38.02
C GLY Q 10 -15.31 -45.94 38.50
N ILE Q 11 -14.81 -46.22 39.70
CA ILE Q 11 -13.72 -45.39 40.23
C ILE Q 11 -12.44 -45.60 39.45
N VAL Q 12 -11.69 -44.51 39.29
CA VAL Q 12 -10.42 -44.51 38.57
C VAL Q 12 -9.24 -44.38 39.53
N LEU Q 13 -8.36 -45.38 39.50
CA LEU Q 13 -7.20 -45.44 40.37
C LEU Q 13 -6.03 -46.02 39.63
N PRO Q 14 -4.80 -45.70 40.07
CA PRO Q 14 -3.65 -46.45 39.54
C PRO Q 14 -3.87 -47.94 39.75
N GLY Q 15 -3.56 -48.75 38.74
CA GLY Q 15 -3.80 -50.17 38.77
C GLY Q 15 -3.23 -50.89 39.97
N ARG Q 16 -2.04 -50.48 40.41
CA ARG Q 16 -1.40 -51.12 41.54
C ARG Q 16 -2.22 -50.95 42.81
N VAL Q 17 -3.03 -49.90 42.85
CA VAL Q 17 -3.89 -49.63 44.00
C VAL Q 17 -4.92 -50.74 44.11
N PHE Q 18 -5.43 -51.17 42.97
CA PHE Q 18 -6.41 -52.25 42.92
C PHE Q 18 -5.76 -53.52 43.46
N MET Q 19 -4.45 -53.62 43.30
CA MET Q 19 -3.70 -54.78 43.77
C MET Q 19 -3.34 -54.63 45.26
N GLN Q 20 -2.92 -53.42 45.64
CA GLN Q 20 -2.51 -53.12 47.02
C GLN Q 20 -3.66 -53.08 48.02
N ASN Q 21 -4.69 -52.29 47.71
CA ASN Q 21 -5.76 -52.01 48.65
C ASN Q 21 -7.14 -52.52 48.21
N GLY Q 22 -7.25 -52.97 46.97
CA GLY Q 22 -8.54 -53.38 46.43
C GLY Q 22 -9.31 -52.16 45.96
N CYS Q 23 -10.54 -52.35 45.51
CA CYS Q 23 -11.36 -51.17 45.19
C CYS Q 23 -11.90 -50.55 46.47
N PRO Q 24 -11.72 -49.19 46.86
CA PRO Q 24 -12.23 -48.60 48.11
C PRO Q 24 -13.75 -48.62 48.24
N ASN Q 25 -14.46 -48.78 47.12
CA ASN Q 25 -15.91 -48.89 47.16
C ASN Q 25 -16.42 -50.33 47.20
N CYS Q 26 -15.68 -51.24 46.57
CA CYS Q 26 -16.21 -52.56 46.19
C CYS Q 26 -15.53 -53.75 46.84
N ASP Q 27 -14.44 -53.55 47.57
CA ASP Q 27 -13.57 -54.71 47.81
C ASP Q 27 -14.19 -55.67 48.81
N SER Q 28 -15.23 -55.25 49.52
CA SER Q 28 -15.95 -56.15 50.41
C SER Q 28 -16.55 -57.32 49.66
N VAL Q 29 -16.85 -57.13 48.38
CA VAL Q 29 -17.44 -58.19 47.57
C VAL Q 29 -16.47 -58.64 46.46
N LEU Q 30 -15.63 -57.74 45.98
CA LEU Q 30 -14.78 -58.04 44.84
C LEU Q 30 -13.46 -58.68 45.27
N ASN Q 31 -13.00 -58.37 46.47
CA ASN Q 31 -11.79 -58.95 47.04
C ASN Q 31 -10.58 -58.80 46.13
N LEU Q 32 -10.38 -57.64 45.51
CA LEU Q 32 -9.25 -57.54 44.59
C LEU Q 32 -7.94 -57.46 45.33
N ARG Q 33 -8.01 -57.05 46.59
CA ARG Q 33 -6.80 -56.86 47.38
C ARG Q 33 -6.10 -58.21 47.45
N ASP Q 34 -6.87 -59.26 47.65
CA ASP Q 34 -6.32 -60.59 47.82
C ASP Q 34 -6.39 -61.44 46.53
N SER Q 35 -6.20 -60.79 45.38
CA SER Q 35 -6.35 -61.50 44.12
C SER Q 35 -5.00 -61.61 43.41
N ASP Q 36 -5.02 -62.16 42.21
CA ASP Q 36 -3.86 -62.11 41.31
C ASP Q 36 -4.12 -61.03 40.26
N GLN Q 37 -3.13 -60.72 39.43
CA GLN Q 37 -3.29 -59.69 38.42
C GLN Q 37 -4.37 -60.06 37.40
N ALA Q 38 -4.51 -61.35 37.10
CA ALA Q 38 -5.55 -61.78 36.17
C ALA Q 38 -6.93 -61.39 36.70
N THR Q 39 -7.16 -61.57 38.00
CA THR Q 39 -8.44 -61.18 38.58
C THR Q 39 -8.68 -59.66 38.55
N VAL Q 40 -7.67 -58.89 38.95
CA VAL Q 40 -7.78 -57.44 38.94
C VAL Q 40 -8.11 -56.93 37.55
N ASN Q 41 -7.50 -57.54 36.53
CA ASN Q 41 -7.67 -57.10 35.15
C ASN Q 41 -9.00 -57.57 34.57
N GLU Q 42 -9.68 -58.48 35.27
CA GLU Q 42 -10.99 -58.90 34.81
C GLU Q 42 -12.07 -58.05 35.43
N CYS Q 43 -11.74 -57.36 36.52
CA CYS Q 43 -12.72 -56.51 37.21
C CYS Q 43 -12.48 -55.01 37.05
N THR Q 44 -11.33 -54.66 36.48
CA THR Q 44 -10.99 -53.26 36.25
C THR Q 44 -10.51 -53.13 34.81
N SER Q 45 -10.72 -51.96 34.21
CA SER Q 45 -10.39 -51.78 32.81
C SER Q 45 -9.39 -50.67 32.58
N SER Q 46 -8.42 -50.91 31.68
CA SER Q 46 -7.46 -49.89 31.30
C SER Q 46 -8.09 -48.92 30.32
N SER Q 47 -9.29 -49.25 29.83
CA SER Q 47 -10.00 -48.47 28.83
C SER Q 47 -11.28 -47.83 29.35
N PHE Q 48 -11.27 -46.50 29.44
CA PHE Q 48 -12.41 -45.80 29.97
C PHE Q 48 -12.41 -44.37 29.45
N GLU Q 49 -13.57 -43.73 29.50
CA GLU Q 49 -13.73 -42.39 28.96
C GLU Q 49 -14.66 -41.55 29.81
N GLY Q 50 -14.36 -40.25 29.87
CA GLY Q 50 -15.20 -39.29 30.57
C GLY Q 50 -14.77 -39.24 32.03
N LEU Q 51 -13.71 -38.50 32.27
CA LEU Q 51 -13.18 -38.37 33.61
C LEU Q 51 -14.02 -37.41 34.45
N VAL Q 52 -14.44 -37.87 35.63
CA VAL Q 52 -15.34 -37.12 36.51
C VAL Q 52 -14.71 -36.96 37.88
N ALA Q 53 -14.49 -35.72 38.28
CA ALA Q 53 -14.09 -35.45 39.66
C ALA Q 53 -15.37 -35.39 40.47
N VAL Q 54 -15.56 -36.33 41.39
CA VAL Q 54 -16.72 -36.26 42.28
C VAL Q 54 -16.22 -35.83 43.65
N GLY Q 55 -16.61 -34.63 44.06
CA GLY Q 55 -16.14 -34.09 45.31
C GLY Q 55 -17.14 -34.28 46.42
N ASP Q 56 -18.43 -34.33 46.05
CA ASP Q 56 -19.52 -34.39 47.00
C ASP Q 56 -20.55 -35.40 46.55
N ASN Q 57 -20.26 -36.69 46.73
CA ASN Q 57 -21.10 -37.75 46.18
C ASN Q 57 -22.56 -37.67 46.54
N GLU Q 58 -22.76 -37.26 47.69
CA GLU Q 58 -24.11 -37.49 48.17
C GLU Q 58 -25.07 -36.37 47.76
N HIS Q 59 -24.52 -35.22 47.34
CA HIS Q 59 -25.37 -34.09 46.89
C HIS Q 59 -25.17 -33.67 45.43
N SER Q 60 -24.25 -34.33 44.74
CA SER Q 60 -24.04 -34.10 43.33
C SER Q 60 -25.11 -34.77 42.47
N TRP Q 61 -25.72 -34.00 41.57
CA TRP Q 61 -26.63 -34.63 40.62
C TRP Q 61 -25.84 -35.48 39.64
N VAL Q 62 -24.66 -35.00 39.25
CA VAL Q 62 -23.82 -35.76 38.34
C VAL Q 62 -23.56 -37.14 38.95
N ALA Q 63 -23.20 -37.16 40.22
CA ALA Q 63 -22.96 -38.43 40.90
C ALA Q 63 -24.21 -39.31 40.95
N LYS Q 64 -25.38 -38.71 41.17
CA LYS Q 64 -26.59 -39.53 41.22
C LYS Q 64 -26.88 -40.17 39.86
N TRP Q 65 -26.70 -39.39 38.79
CA TRP Q 65 -26.94 -39.91 37.44
C TRP Q 65 -26.01 -41.08 37.12
N LEU Q 66 -24.76 -40.97 37.56
CA LEU Q 66 -23.77 -42.00 37.28
C LEU Q 66 -23.83 -43.15 38.29
N ARG Q 67 -24.75 -43.02 39.26
CA ARG Q 67 -24.98 -44.01 40.32
C ARG Q 67 -23.68 -44.22 41.11
N VAL Q 68 -23.03 -43.10 41.45
CA VAL Q 68 -21.89 -43.13 42.36
C VAL Q 68 -22.14 -42.25 43.58
N ASP Q 69 -23.41 -41.95 43.84
CA ASP Q 69 -23.76 -41.07 44.94
C ASP Q 69 -23.55 -41.69 46.33
N ARG Q 70 -23.42 -43.01 46.41
CA ARG Q 70 -23.18 -43.65 47.70
C ARG Q 70 -21.72 -44.00 47.89
N PHE Q 71 -20.89 -43.59 46.94
CA PHE Q 71 -19.47 -43.96 46.97
C PHE Q 71 -18.61 -42.82 47.54
N GLN Q 72 -17.30 -43.01 47.50
CA GLN Q 72 -16.38 -42.07 48.10
C GLN Q 72 -15.94 -41.00 47.08
N PRO Q 73 -15.60 -39.79 47.57
CA PRO Q 73 -15.08 -38.77 46.66
C PRO Q 73 -13.84 -39.26 45.93
N GLY Q 74 -13.71 -38.85 44.68
CA GLY Q 74 -12.64 -39.38 43.86
C GLY Q 74 -12.86 -39.16 42.38
N LEU Q 75 -12.02 -39.80 41.58
CA LEU Q 75 -12.13 -39.75 40.13
C LEU Q 75 -12.92 -40.94 39.65
N TYR Q 76 -13.91 -40.69 38.78
CA TYR Q 76 -14.73 -41.75 38.25
C TYR Q 76 -14.79 -41.61 36.73
N ALA Q 77 -15.26 -42.66 36.08
CA ALA Q 77 -15.35 -42.68 34.63
C ALA Q 77 -16.80 -42.75 34.21
N VAL Q 78 -17.17 -41.97 33.20
CA VAL Q 78 -18.52 -42.05 32.68
C VAL Q 78 -18.77 -43.39 31.99
N ARG Q 79 -17.82 -43.80 31.17
CA ARG Q 79 -17.91 -45.07 30.45
C ARG Q 79 -16.69 -45.94 30.74
N VAL Q 80 -16.98 -47.18 31.16
CA VAL Q 80 -15.94 -48.17 31.40
C VAL Q 80 -16.13 -49.32 30.42
N ASP Q 81 -15.11 -49.60 29.61
CA ASP Q 81 -15.24 -50.65 28.59
C ASP Q 81 -14.98 -52.04 29.13
N GLY Q 82 -15.75 -53.00 28.64
CA GLY Q 82 -15.61 -54.39 29.07
C GLY Q 82 -16.76 -54.68 30.00
N ARG Q 83 -16.95 -55.93 30.33
CA ARG Q 83 -17.94 -56.27 31.35
C ARG Q 83 -17.32 -57.27 32.30
N LEU Q 84 -17.80 -57.27 33.53
CA LEU Q 84 -17.40 -58.26 34.51
C LEU Q 84 -17.61 -59.66 33.95
N PRO Q 85 -16.67 -60.57 34.21
CA PRO Q 85 -16.79 -61.97 33.77
C PRO Q 85 -18.04 -62.63 34.37
N SER Q 86 -18.69 -63.51 33.62
CA SER Q 86 -19.96 -64.07 34.08
C SER Q 86 -19.82 -64.79 35.42
N ASP Q 87 -18.64 -65.37 35.69
CA ASP Q 87 -18.43 -66.08 36.95
C ASP Q 87 -18.40 -65.12 38.14
N ILE Q 88 -17.83 -63.94 37.93
CA ILE Q 88 -17.81 -62.94 38.98
C ILE Q 88 -19.19 -62.28 39.15
N VAL Q 89 -19.87 -62.01 38.05
CA VAL Q 89 -21.24 -61.53 38.17
C VAL Q 89 -22.07 -62.52 38.97
N ALA Q 90 -21.90 -63.81 38.70
CA ALA Q 90 -22.67 -64.82 39.43
C ALA Q 90 -22.32 -64.79 40.92
N ALA Q 91 -21.04 -64.58 41.24
CA ALA Q 91 -20.64 -64.58 42.64
C ALA Q 91 -21.17 -63.33 43.35
N LEU Q 92 -21.18 -62.20 42.64
CA LEU Q 92 -21.71 -60.98 43.24
C LEU Q 92 -23.18 -61.13 43.53
N GLU Q 93 -23.89 -61.82 42.64
CA GLU Q 93 -25.31 -61.99 42.80
C GLU Q 93 -25.62 -62.87 44.00
N GLN Q 94 -24.74 -63.83 44.27
CA GLN Q 94 -24.84 -64.64 45.49
C GLN Q 94 -24.76 -63.75 46.73
N TYR Q 95 -24.14 -62.59 46.59
CA TYR Q 95 -23.95 -61.67 47.71
C TYR Q 95 -25.00 -60.59 47.81
N GLY Q 96 -26.04 -60.70 46.98
CA GLY Q 96 -27.09 -59.70 46.96
C GLY Q 96 -26.70 -58.41 46.25
N VAL Q 97 -25.64 -58.47 45.44
CA VAL Q 97 -25.20 -57.30 44.68
C VAL Q 97 -25.67 -57.38 43.22
N TYR Q 98 -26.35 -56.35 42.73
CA TYR Q 98 -26.77 -56.38 41.34
C TYR Q 98 -25.87 -55.54 40.44
N TYR Q 99 -25.24 -56.22 39.49
CA TYR Q 99 -24.33 -55.57 38.57
C TYR Q 99 -25.07 -54.85 37.46
N ARG Q 100 -24.86 -53.55 37.35
CA ARG Q 100 -25.40 -52.81 36.23
C ARG Q 100 -24.18 -52.35 35.44
N PRO Q 101 -23.98 -52.93 34.26
CA PRO Q 101 -22.78 -52.64 33.47
C PRO Q 101 -22.59 -51.15 33.17
N ARG Q 102 -21.34 -50.71 33.16
CA ARG Q 102 -21.03 -49.28 32.97
C ARG Q 102 -20.43 -49.00 31.60
N ASP Q 103 -20.69 -49.89 30.64
CA ASP Q 103 -20.06 -49.81 29.32
C ASP Q 103 -20.94 -49.14 28.28
N GLY Q 104 -22.16 -48.80 28.67
CA GLY Q 104 -23.11 -48.19 27.76
C GLY Q 104 -23.97 -49.22 27.02
N PRO R 216 -35.06 -47.31 38.25
CA PRO R 216 -35.05 -46.86 36.85
C PRO R 216 -34.28 -45.56 36.66
N GLN R 217 -33.52 -45.47 35.58
CA GLN R 217 -32.75 -44.26 35.29
C GLN R 217 -33.66 -43.02 35.16
N ARG R 218 -34.90 -43.21 34.71
CA ARG R 218 -35.80 -42.06 34.51
C ARG R 218 -36.17 -41.33 35.81
N LEU R 219 -35.92 -41.96 36.97
CA LEU R 219 -36.23 -41.29 38.23
C LEU R 219 -35.07 -40.43 38.70
N LEU R 220 -33.95 -40.49 37.98
CA LEU R 220 -32.77 -39.73 38.37
C LEU R 220 -32.58 -38.44 37.58
N ILE R 221 -33.57 -38.06 36.77
CA ILE R 221 -33.45 -36.86 35.96
C ILE R 221 -33.27 -35.62 36.85
N PRO R 222 -32.54 -34.62 36.34
CA PRO R 222 -32.29 -33.39 37.11
C PRO R 222 -33.51 -32.49 37.21
N THR R 223 -33.52 -31.70 38.28
CA THR R 223 -34.59 -30.74 38.51
C THR R 223 -34.00 -29.40 38.86
N VAL R 224 -34.88 -28.42 39.02
CA VAL R 224 -34.50 -27.06 39.37
C VAL R 224 -33.81 -27.00 40.75
N ASP R 225 -34.01 -28.02 41.57
CA ASP R 225 -33.38 -28.08 42.89
C ASP R 225 -31.93 -28.55 42.85
N ASP R 226 -31.51 -29.10 41.73
CA ASP R 226 -30.15 -29.59 41.57
C ASP R 226 -29.18 -28.46 41.27
N PRO R 227 -27.89 -28.67 41.57
CA PRO R 227 -26.93 -27.60 41.25
C PRO R 227 -26.88 -27.27 39.77
N GLY R 228 -26.36 -26.09 39.45
CA GLY R 228 -26.14 -25.68 38.08
C GLY R 228 -24.90 -26.34 37.52
N ILE R 229 -24.81 -26.38 36.20
CA ILE R 229 -23.61 -26.84 35.52
C ILE R 229 -23.16 -25.76 34.54
N TRP R 230 -21.91 -25.36 34.66
CA TRP R 230 -21.27 -24.42 33.74
C TRP R 230 -20.27 -25.15 32.89
N GLY R 231 -20.14 -24.77 31.62
CA GLY R 231 -19.03 -25.21 30.80
C GLY R 231 -17.93 -24.17 30.83
N VAL R 232 -16.69 -24.61 30.69
CA VAL R 232 -15.55 -23.70 30.65
C VAL R 232 -14.58 -24.14 29.54
N LYS R 233 -14.07 -23.17 28.78
CA LYS R 233 -13.10 -23.43 27.73
C LYS R 233 -11.72 -23.65 28.33
N VAL R 234 -11.04 -24.73 27.93
CA VAL R 234 -9.68 -24.98 28.40
C VAL R 234 -8.76 -25.34 27.24
N ARG R 235 -7.46 -25.28 27.47
CA ARG R 235 -6.47 -25.64 26.44
C ARG R 235 -6.71 -27.06 25.95
N LEU R 236 -6.70 -27.22 24.63
CA LEU R 236 -6.95 -28.52 24.00
C LEU R 236 -5.97 -29.55 24.53
N GLY R 237 -6.49 -30.71 24.94
CA GLY R 237 -5.66 -31.77 25.46
C GLY R 237 -5.41 -31.67 26.96
N LYS R 238 -5.91 -30.61 27.58
CA LYS R 238 -5.66 -30.39 29.00
C LYS R 238 -6.92 -30.56 29.82
N GLU R 239 -7.97 -31.08 29.21
CA GLU R 239 -9.26 -31.23 29.89
C GLU R 239 -9.19 -32.20 31.07
N LYS R 240 -8.56 -33.35 30.89
CA LYS R 240 -8.40 -34.29 32.00
C LYS R 240 -7.56 -33.68 33.10
N ASP R 241 -6.49 -32.95 32.75
CA ASP R 241 -5.66 -32.32 33.76
C ASP R 241 -6.44 -31.32 34.62
N VAL R 242 -7.29 -30.52 33.98
CA VAL R 242 -8.12 -29.56 34.70
C VAL R 242 -9.10 -30.25 35.64
N VAL R 243 -9.70 -31.35 35.20
CA VAL R 243 -10.61 -32.11 36.06
C VAL R 243 -9.87 -32.62 37.30
N ARG R 244 -8.67 -33.17 37.09
CA ARG R 244 -7.78 -33.60 38.17
C ARG R 244 -7.48 -32.51 39.18
N GLN R 245 -7.09 -31.34 38.62
CA GLN R 245 -6.68 -30.20 39.44
C GLN R 245 -7.84 -29.71 40.28
N ILE R 246 -9.04 -29.71 39.70
CA ILE R 246 -10.23 -29.32 40.44
C ILE R 246 -10.48 -30.27 41.61
N LEU R 247 -10.31 -31.58 41.38
CA LEU R 247 -10.50 -32.54 42.45
C LEU R 247 -9.51 -32.30 43.59
N LYS R 248 -8.24 -32.08 43.26
CA LYS R 248 -7.24 -31.82 44.31
C LYS R 248 -7.59 -30.63 45.16
N LYS R 249 -8.05 -29.56 44.50
CA LYS R 249 -8.43 -28.34 45.21
C LYS R 249 -9.64 -28.59 46.11
N LYS R 250 -10.64 -29.28 45.59
CA LYS R 250 -11.84 -29.62 46.38
C LYS R 250 -11.50 -30.41 47.66
N LEU R 251 -10.71 -31.47 47.50
CA LEU R 251 -10.40 -32.37 48.61
C LEU R 251 -9.50 -31.68 49.66
N ALA R 252 -8.67 -30.77 49.19
CA ALA R 252 -7.70 -30.10 50.05
C ALA R 252 -8.35 -29.06 50.94
N ARG R 253 -9.49 -28.56 50.48
CA ARG R 253 -10.21 -27.48 51.14
C ARG R 253 -11.44 -27.97 51.90
N GLU R 254 -11.76 -29.26 51.80
CA GLU R 254 -12.88 -29.83 52.55
C GLU R 254 -12.76 -29.58 54.06
N GLY R 255 -13.81 -29.07 54.68
CA GLY R 255 -13.79 -28.86 56.13
C GLY R 255 -13.09 -27.61 56.62
N THR R 256 -12.46 -26.86 55.72
CA THR R 256 -11.80 -25.61 56.11
C THR R 256 -12.83 -24.50 56.11
N LYS R 257 -12.42 -23.28 56.45
CA LYS R 257 -13.37 -22.18 56.48
C LYS R 257 -13.70 -21.68 55.08
N ASN R 258 -12.89 -22.07 54.10
CA ASN R 258 -13.10 -21.68 52.71
C ASN R 258 -13.16 -22.89 51.78
N PRO R 259 -14.19 -23.74 51.93
CA PRO R 259 -14.30 -24.94 51.08
C PRO R 259 -14.52 -24.52 49.63
N LEU R 260 -14.09 -25.35 48.69
CA LEU R 260 -14.42 -25.12 47.28
C LEU R 260 -15.84 -25.62 47.05
N GLU R 261 -16.75 -24.70 46.76
CA GLU R 261 -18.14 -25.04 46.70
C GLU R 261 -18.54 -25.49 45.30
N ILE R 262 -17.83 -26.50 44.81
CA ILE R 262 -18.27 -27.26 43.63
C ILE R 262 -18.60 -28.69 44.06
N TYR R 263 -19.47 -29.34 43.31
CA TYR R 263 -19.88 -30.71 43.61
C TYR R 263 -19.12 -31.74 42.78
N SER R 264 -18.91 -31.40 41.52
CA SER R 264 -18.26 -32.31 40.60
C SER R 264 -17.72 -31.52 39.43
N ALA R 265 -16.83 -32.13 38.67
CA ALA R 265 -16.38 -31.55 37.41
C ALA R 265 -16.07 -32.68 36.45
N PHE R 266 -16.28 -32.49 35.15
CA PHE R 266 -15.96 -33.57 34.24
C PHE R 266 -15.63 -33.06 32.85
N GLN R 267 -15.08 -33.96 32.03
CA GLN R 267 -14.72 -33.61 30.67
C GLN R 267 -15.01 -34.76 29.70
N ARG R 268 -15.78 -34.46 28.67
CA ARG R 268 -16.14 -35.47 27.67
C ARG R 268 -15.22 -35.42 26.46
N ASP R 269 -14.69 -36.57 26.08
CA ASP R 269 -13.78 -36.65 24.93
C ASP R 269 -14.42 -36.04 23.69
N SER R 270 -15.68 -36.38 23.45
CA SER R 270 -16.41 -35.87 22.28
C SER R 270 -16.48 -34.33 22.28
N PHE R 271 -16.33 -33.71 23.45
CA PHE R 271 -16.39 -32.26 23.59
C PHE R 271 -15.02 -31.68 23.85
N LYS R 272 -14.14 -31.65 22.86
CA LYS R 272 -12.79 -31.09 22.99
C LYS R 272 -12.75 -29.68 23.58
N GLY R 273 -11.75 -29.41 24.41
CA GLY R 273 -11.50 -28.06 24.88
C GLY R 273 -12.47 -27.52 25.91
N HIS R 274 -13.23 -28.28 26.63
CA HIS R 274 -14.26 -27.91 27.60
C HIS R 274 -14.19 -28.78 28.84
N VAL R 275 -14.45 -28.15 29.93
CA VAL R 275 -14.69 -28.86 31.18
C VAL R 275 -16.04 -28.39 31.70
N TYR R 276 -16.78 -29.29 32.34
CA TYR R 276 -18.06 -28.92 32.94
C TYR R 276 -17.95 -29.00 34.44
N ILE R 277 -18.54 -28.02 35.12
CA ILE R 277 -18.36 -27.92 36.56
C ILE R 277 -19.70 -27.71 37.23
N GLU R 278 -19.97 -28.52 38.26
CA GLU R 278 -21.24 -28.49 38.95
C GLU R 278 -21.14 -27.67 40.22
N ALA R 279 -22.03 -26.70 40.38
CA ALA R 279 -22.04 -25.84 41.56
C ALA R 279 -23.38 -25.12 41.72
N ARG R 280 -23.46 -24.24 42.70
CA ARG R 280 -24.68 -23.49 42.97
C ARG R 280 -24.50 -22.01 42.63
N LYS R 281 -23.27 -21.53 42.77
CA LYS R 281 -22.96 -20.14 42.48
C LYS R 281 -21.84 -20.01 41.45
N ALA R 282 -21.95 -19.03 40.56
CA ALA R 282 -20.95 -18.81 39.53
C ALA R 282 -19.58 -18.53 40.15
N GLU R 283 -19.57 -17.81 41.26
CA GLU R 283 -18.32 -17.48 41.95
C GLU R 283 -17.50 -18.72 42.27
N ALA R 284 -18.17 -19.84 42.53
CA ALA R 284 -17.46 -21.09 42.82
C ALA R 284 -16.73 -21.59 41.58
N ILE R 285 -17.27 -21.31 40.40
CA ILE R 285 -16.61 -21.71 39.16
C ILE R 285 -15.29 -20.94 39.04
N ASN R 286 -15.35 -19.63 39.27
CA ASN R 286 -14.14 -18.81 39.23
C ASN R 286 -13.11 -19.28 40.26
N ASP R 287 -13.61 -19.66 41.45
CA ASP R 287 -12.78 -20.19 42.52
C ASP R 287 -12.09 -21.49 42.11
N ALA R 288 -12.86 -22.41 41.49
CA ALA R 288 -12.29 -23.68 41.05
C ALA R 288 -11.14 -23.51 40.06
N LEU R 289 -11.26 -22.52 39.18
CA LEU R 289 -10.27 -22.35 38.12
C LEU R 289 -9.15 -21.36 38.42
N LYS R 290 -9.22 -20.69 39.55
CA LYS R 290 -8.27 -19.63 39.85
C LYS R 290 -6.84 -20.17 39.85
N GLY R 291 -5.98 -19.54 39.05
CA GLY R 291 -4.59 -19.91 38.96
C GLY R 291 -4.30 -21.10 38.06
N ASN R 292 -5.33 -21.66 37.46
CA ASN R 292 -5.12 -22.84 36.62
C ASN R 292 -4.55 -22.42 35.26
N VAL R 293 -3.35 -22.90 34.96
CA VAL R 293 -2.61 -22.44 33.78
C VAL R 293 -3.16 -22.98 32.48
N ASN R 294 -4.09 -23.93 32.59
CA ASN R 294 -4.69 -24.59 31.44
C ASN R 294 -6.02 -24.00 31.01
N VAL R 295 -6.44 -22.95 31.70
CA VAL R 295 -7.75 -22.35 31.51
C VAL R 295 -7.63 -20.99 30.85
N PHE R 296 -8.49 -20.69 29.87
CA PHE R 296 -8.40 -19.38 29.24
C PHE R 296 -8.98 -18.28 30.12
N SER R 297 -8.11 -17.29 30.36
CA SER R 297 -8.37 -16.18 31.27
C SER R 297 -9.59 -15.32 30.92
N ASN R 298 -9.96 -15.27 29.65
CA ASN R 298 -11.19 -14.60 29.26
C ASN R 298 -12.38 -15.12 30.08
N ASN R 299 -13.34 -14.28 30.41
CA ASN R 299 -14.39 -14.73 31.33
C ASN R 299 -15.38 -15.57 30.53
N SER R 300 -14.85 -16.60 29.89
CA SER R 300 -15.64 -17.51 29.09
C SER R 300 -16.02 -18.75 29.89
N LYS R 301 -17.09 -18.69 30.60
CA LYS R 301 -17.85 -19.83 31.04
C LYS R 301 -19.24 -19.60 30.51
N PHE R 302 -19.89 -20.74 30.36
CA PHE R 302 -21.26 -20.68 29.84
C PHE R 302 -22.16 -21.59 30.67
N LEU R 303 -23.43 -21.20 30.80
CA LEU R 303 -24.43 -21.96 31.55
C LEU R 303 -25.06 -23.06 30.70
N VAL R 304 -25.25 -24.24 31.28
CA VAL R 304 -25.95 -25.34 30.64
C VAL R 304 -27.40 -25.41 31.15
N GLY R 305 -28.34 -25.68 30.26
CA GLY R 305 -29.73 -25.83 30.70
C GLY R 305 -29.98 -27.18 31.37
N ILE R 306 -30.84 -27.21 32.37
CA ILE R 306 -31.20 -28.46 33.04
C ILE R 306 -31.58 -29.55 32.02
N VAL R 307 -32.24 -29.14 30.93
CA VAL R 307 -32.75 -30.10 29.97
C VAL R 307 -31.61 -30.69 29.10
N GLU R 308 -30.43 -30.09 29.22
CA GLU R 308 -29.22 -30.54 28.51
C GLU R 308 -28.27 -31.39 29.36
N TYR R 309 -28.54 -31.48 30.65
CA TYR R 309 -27.61 -32.17 31.56
C TYR R 309 -27.35 -33.63 31.22
N LYS R 310 -28.44 -34.40 30.96
CA LYS R 310 -28.13 -35.82 30.91
C LYS R 310 -27.38 -36.21 29.62
N ASP R 311 -27.61 -35.46 28.62
CA ASP R 311 -26.96 -35.73 27.36
C ASP R 311 -25.44 -35.55 27.49
N LEU R 312 -25.02 -34.73 28.46
CA LEU R 312 -23.61 -34.47 28.71
C LEU R 312 -22.91 -35.73 29.21
N LEU R 313 -23.70 -36.64 29.79
CA LEU R 313 -23.21 -37.83 30.48
C LEU R 313 -23.63 -39.13 29.76
N ARG R 314 -24.06 -39.01 28.50
CA ARG R 314 -24.31 -40.23 27.73
C ARG R 314 -23.03 -41.02 27.54
N PRO R 315 -23.06 -42.31 27.89
CA PRO R 315 -21.79 -43.05 27.79
C PRO R 315 -21.44 -43.34 26.34
N VAL R 316 -22.41 -43.71 25.50
CA VAL R 316 -22.12 -44.01 24.11
C VAL R 316 -22.89 -43.08 23.17
N LYS R 322 -20.21 -52.32 19.22
CA LYS R 322 -20.49 -53.28 18.15
C LYS R 322 -19.32 -54.23 17.94
N LEU R 323 -19.47 -55.15 16.99
CA LEU R 323 -18.43 -56.11 16.68
C LEU R 323 -19.03 -57.50 16.79
N THR R 324 -19.15 -58.18 15.66
CA THR R 324 -19.74 -59.51 15.66
C THR R 324 -18.92 -60.42 14.78
N ARG R 325 -18.80 -61.65 15.23
CA ARG R 325 -18.08 -62.63 14.48
C ARG R 325 -18.72 -62.85 13.08
N GLY R 326 -17.90 -62.83 12.05
CA GLY R 326 -18.34 -62.94 10.68
C GLY R 326 -18.46 -61.61 9.95
N SER R 327 -18.42 -60.51 10.70
CA SER R 327 -18.50 -59.17 10.12
C SER R 327 -17.13 -58.65 9.73
N TYR R 328 -17.10 -57.58 8.96
CA TYR R 328 -15.86 -56.96 8.55
C TYR R 328 -15.51 -55.76 9.40
N VAL R 329 -14.21 -55.58 9.60
CA VAL R 329 -13.66 -54.42 10.28
C VAL R 329 -12.45 -53.95 9.45
N ARG R 330 -11.95 -52.76 9.75
CA ARG R 330 -10.70 -52.28 9.15
C ARG R 330 -9.61 -52.20 10.22
N VAL R 331 -8.44 -52.74 9.91
CA VAL R 331 -7.32 -52.75 10.86
C VAL R 331 -6.70 -51.35 10.95
N LYS R 332 -6.33 -50.95 12.16
CA LYS R 332 -5.83 -49.59 12.42
C LYS R 332 -4.32 -49.50 12.69
N ASN R 333 -3.62 -50.62 12.77
CA ASN R 333 -2.20 -50.64 13.15
C ASN R 333 -1.40 -51.66 12.35
N GLY R 334 -0.11 -51.42 12.17
CA GLY R 334 0.79 -52.43 11.63
C GLY R 334 0.81 -52.51 10.12
N LYS R 335 1.44 -53.54 9.57
CA LYS R 335 1.50 -53.65 8.12
C LYS R 335 0.14 -53.85 7.49
N PHE R 336 -0.85 -54.28 8.30
CA PHE R 336 -2.18 -54.50 7.77
C PHE R 336 -3.09 -53.28 7.99
N LYS R 337 -2.49 -52.17 8.42
CA LYS R 337 -3.26 -50.94 8.64
C LYS R 337 -4.04 -50.56 7.38
N GLY R 338 -5.32 -50.30 7.56
CA GLY R 338 -6.18 -49.95 6.45
C GLY R 338 -6.82 -51.12 5.75
N ASP R 339 -6.37 -52.34 6.04
CA ASP R 339 -6.91 -53.50 5.34
C ASP R 339 -8.22 -53.97 5.96
N LEU R 340 -9.10 -54.48 5.10
CA LEU R 340 -10.36 -55.06 5.54
C LEU R 340 -10.09 -56.46 6.08
N ALA R 341 -10.75 -56.81 7.17
CA ALA R 341 -10.54 -58.14 7.76
C ALA R 341 -11.86 -58.66 8.28
N GLN R 342 -12.02 -59.97 8.23
CA GLN R 342 -13.23 -60.59 8.92
C GLN R 342 -12.96 -60.92 10.36
N VAL R 343 -13.92 -60.56 11.21
CA VAL R 343 -13.82 -60.95 12.62
C VAL R 343 -14.08 -62.44 12.78
N ASP R 344 -13.04 -63.19 13.16
CA ASP R 344 -13.21 -64.64 13.35
C ASP R 344 -13.70 -64.99 14.76
N GLU R 345 -13.11 -64.36 15.76
CA GLU R 345 -13.49 -64.62 17.15
C GLU R 345 -12.83 -63.65 18.11
N VAL R 346 -13.32 -63.60 19.34
CA VAL R 346 -12.78 -62.69 20.35
C VAL R 346 -12.30 -63.48 21.57
N LEU R 347 -11.36 -62.88 22.32
CA LEU R 347 -10.81 -63.52 23.51
C LEU R 347 -11.86 -63.64 24.61
N GLU R 348 -11.70 -64.64 25.46
CA GLU R 348 -12.63 -64.87 26.56
C GLU R 348 -12.79 -63.61 27.41
N ASN R 349 -11.66 -63.01 27.79
CA ASN R 349 -11.67 -61.80 28.61
C ASN R 349 -12.41 -60.65 27.93
N GLY R 350 -12.20 -60.52 26.62
CA GLY R 350 -12.85 -59.46 25.86
C GLY R 350 -11.95 -58.26 25.66
N LEU R 351 -10.98 -58.40 24.77
CA LEU R 351 -10.04 -57.32 24.48
C LEU R 351 -9.52 -57.41 23.05
N GLU R 352 -8.93 -58.55 22.71
CA GLU R 352 -8.39 -58.76 21.37
C GLU R 352 -9.28 -59.69 20.55
N ALA R 353 -9.37 -59.44 19.25
CA ALA R 353 -10.18 -60.25 18.35
C ALA R 353 -9.33 -60.92 17.28
N ARG R 354 -9.61 -62.18 17.01
CA ARG R 354 -8.88 -62.93 16.00
C ARG R 354 -9.47 -62.50 14.66
N LEU R 355 -8.61 -62.05 13.76
CA LEU R 355 -9.00 -61.56 12.45
C LEU R 355 -8.48 -62.43 11.32
N LYS R 356 -9.29 -62.57 10.28
CA LYS R 356 -8.95 -63.29 9.07
C LYS R 356 -8.57 -62.25 8.03
N LEU R 357 -7.33 -62.34 7.54
CA LEU R 357 -6.70 -61.25 6.79
C LEU R 357 -6.00 -61.82 5.55
N VAL R 358 -6.08 -61.09 4.43
CA VAL R 358 -5.26 -61.44 3.27
C VAL R 358 -3.81 -61.07 3.56
N PRO R 359 -2.90 -62.05 3.55
CA PRO R 359 -1.53 -61.78 3.98
C PRO R 359 -0.70 -60.89 3.05
N ARG R 360 0.35 -60.33 3.61
CA ARG R 360 1.33 -59.53 2.88
C ARG R 360 2.71 -60.09 3.19
N LEU R 361 3.13 -61.09 2.41
CA LEU R 361 4.32 -61.91 2.70
C LEU R 361 5.36 -61.88 1.60
N ASP R 362 6.59 -62.22 1.98
CA ASP R 362 7.71 -62.37 1.04
C ASP R 362 8.35 -63.77 1.00
N TYR R 363 7.86 -64.69 1.81
CA TYR R 363 8.43 -66.04 1.90
C TYR R 363 9.91 -66.04 2.24
N GLY R 364 10.32 -65.09 3.07
CA GLY R 364 11.68 -65.01 3.59
C GLY R 364 12.72 -64.60 2.56
N LYS R 365 12.25 -64.06 1.45
CA LYS R 365 13.09 -63.81 0.26
C LYS R 365 14.36 -63.02 0.52
N ASP R 366 14.29 -62.01 1.36
CA ASP R 366 15.48 -61.17 1.59
C ASP R 366 15.94 -61.17 3.05
N LEU R 367 15.63 -62.24 3.78
CA LEU R 367 16.02 -62.34 5.17
C LEU R 367 17.51 -62.67 5.34
N SER R 368 18.08 -62.23 6.46
CA SER R 368 19.48 -62.49 6.76
C SER R 368 19.64 -63.32 8.03
N TYR R 386 9.13 -55.32 9.86
CA TYR R 386 8.46 -54.75 8.69
C TYR R 386 7.64 -53.52 9.07
N THR R 387 7.42 -52.64 8.10
CA THR R 387 6.65 -51.42 8.32
C THR R 387 5.45 -51.35 7.38
N SER R 388 4.60 -50.34 7.60
CA SER R 388 3.42 -50.16 6.77
C SER R 388 3.74 -49.37 5.51
N LYS R 389 4.92 -48.77 5.48
CA LYS R 389 5.35 -47.98 4.34
C LYS R 389 6.29 -48.79 3.44
N PHE R 390 6.81 -49.88 3.96
CA PHE R 390 7.71 -50.75 3.22
C PHE R 390 7.23 -52.19 3.25
N ARG R 391 5.92 -52.37 3.32
CA ARG R 391 5.33 -53.71 3.36
C ARG R 391 5.29 -54.32 1.97
N PRO R 392 4.59 -55.46 1.82
CA PRO R 392 4.39 -56.26 0.62
C PRO R 392 2.95 -56.11 0.11
N ALA R 393 2.74 -56.43 -1.18
CA ALA R 393 1.37 -56.53 -1.69
C ALA R 393 0.58 -57.65 -1.01
N GLN R 394 -0.74 -57.51 -1.01
CA GLN R 394 -1.59 -58.54 -0.42
C GLN R 394 -1.78 -59.72 -1.39
N ARG R 395 -1.66 -60.94 -0.88
CA ARG R 395 -1.89 -62.11 -1.71
C ARG R 395 -2.12 -63.28 -0.75
N LEU R 396 -3.04 -64.16 -1.09
CA LEU R 396 -3.32 -65.30 -0.23
C LEU R 396 -2.05 -66.13 -0.02
N PHE R 397 -1.91 -66.67 1.19
CA PHE R 397 -0.77 -67.51 1.51
C PHE R 397 -0.78 -68.73 0.60
N SER R 398 0.38 -69.09 0.08
CA SER R 398 0.52 -70.26 -0.79
C SER R 398 1.50 -71.19 -0.08
N GLU R 399 0.99 -72.29 0.46
CA GLU R 399 1.87 -73.20 1.20
C GLU R 399 2.91 -73.92 0.34
N ALA R 400 2.60 -74.18 -0.94
CA ALA R 400 3.62 -74.80 -1.78
C ALA R 400 4.75 -73.85 -2.14
N GLU R 401 4.43 -72.56 -2.22
CA GLU R 401 5.45 -71.55 -2.42
C GLU R 401 6.36 -71.47 -1.18
N ALA R 402 5.75 -71.52 0.00
CA ALA R 402 6.52 -71.57 1.25
C ALA R 402 7.38 -72.84 1.33
N ARG R 403 6.81 -73.96 0.91
CA ARG R 403 7.55 -75.22 0.90
C ARG R 403 8.77 -75.12 0.00
N VAL R 404 8.58 -74.56 -1.18
CA VAL R 404 9.66 -74.42 -2.15
C VAL R 404 10.76 -73.48 -1.65
N HIS R 405 10.35 -72.33 -1.10
CA HIS R 405 11.29 -71.23 -0.87
C HIS R 405 11.83 -71.10 0.56
N GLU R 406 11.07 -71.61 1.54
CA GLU R 406 11.45 -71.39 2.93
C GLU R 406 10.89 -72.48 3.84
N ILE R 409 8.18 -73.53 7.83
CA ILE R 409 6.84 -73.99 7.50
C ILE R 409 6.47 -75.24 8.29
N ARG R 410 5.34 -75.16 9.00
CA ARG R 410 4.85 -76.27 9.84
C ARG R 410 3.39 -76.54 9.52
N ARG R 411 3.07 -77.78 9.12
CA ARG R 411 1.67 -78.13 8.95
C ARG R 411 1.03 -78.41 10.30
N ASP R 412 -0.17 -77.86 10.50
CA ASP R 412 -0.87 -77.96 11.78
C ASP R 412 -2.20 -78.70 11.69
N ARG R 413 -2.79 -78.73 10.51
CA ARG R 413 -4.10 -79.33 10.33
C ARG R 413 -4.39 -79.31 8.85
N ASP R 414 -5.59 -79.77 8.48
CA ASP R 414 -6.04 -79.58 7.12
C ASP R 414 -6.12 -78.08 6.84
N GLY R 415 -5.36 -77.71 5.82
CA GLY R 415 -5.27 -76.35 5.28
C GLY R 415 -4.69 -75.33 6.23
N PHE R 416 -4.07 -75.78 7.30
CA PHE R 416 -3.55 -74.88 8.33
C PHE R 416 -2.05 -75.07 8.47
N VAL R 417 -1.33 -73.98 8.23
CA VAL R 417 0.12 -73.95 8.36
C VAL R 417 0.55 -72.83 9.27
N THR R 418 1.60 -73.07 10.05
CA THR R 418 2.26 -72.00 10.76
C THR R 418 3.51 -71.67 9.98
N TYR R 419 3.60 -70.43 9.51
CA TYR R 419 4.73 -70.02 8.69
C TYR R 419 5.32 -68.76 9.32
N GLY R 420 6.60 -68.82 9.66
CA GLY R 420 7.25 -67.75 10.42
C GLY R 420 6.42 -67.33 11.63
N GLY R 421 5.92 -68.33 12.37
CA GLY R 421 5.24 -68.10 13.64
C GLY R 421 3.92 -67.36 13.52
N GLU R 422 3.32 -67.37 12.33
CA GLU R 422 1.96 -66.88 12.14
C GLU R 422 1.15 -68.01 11.51
N GLU R 423 -0.15 -68.00 11.79
CA GLU R 423 -1.06 -69.04 11.31
C GLU R 423 -1.85 -68.65 10.06
N TYR R 424 -1.83 -69.55 9.07
CA TYR R 424 -2.52 -69.34 7.79
C TYR R 424 -3.42 -70.52 7.55
N TYR R 425 -4.71 -70.26 7.40
CA TYR R 425 -5.69 -71.32 7.17
C TYR R 425 -6.41 -71.03 5.87
N GLU R 426 -6.30 -71.97 4.92
CA GLU R 426 -6.88 -71.82 3.59
C GLU R 426 -6.47 -70.50 2.93
N GLY R 427 -5.22 -70.10 3.17
CA GLY R 427 -4.63 -68.93 2.54
C GLY R 427 -4.73 -67.63 3.30
N PHE R 428 -5.52 -67.60 4.36
CA PHE R 428 -5.70 -66.37 5.14
C PHE R 428 -4.90 -66.40 6.45
N LEU R 429 -4.32 -65.26 6.80
CA LEU R 429 -3.74 -65.05 8.12
C LEU R 429 -4.86 -64.98 9.15
N TYR R 430 -4.66 -65.67 10.28
CA TYR R 430 -5.52 -65.52 11.44
C TYR R 430 -4.63 -64.96 12.53
N LYS R 431 -4.88 -63.71 12.92
CA LYS R 431 -4.02 -63.01 13.86
C LYS R 431 -4.85 -62.18 14.85
N THR R 432 -4.43 -62.17 16.10
CA THR R 432 -5.15 -61.44 17.13
C THR R 432 -4.77 -59.97 17.15
N PHE R 433 -5.77 -59.11 17.21
CA PHE R 433 -5.61 -57.67 17.35
C PHE R 433 -6.41 -57.17 18.53
N ARG R 434 -5.90 -56.16 19.20
CA ARG R 434 -6.72 -55.48 20.17
C ARG R 434 -7.96 -54.92 19.51
N LEU R 435 -9.10 -55.03 20.18
CA LEU R 435 -10.32 -54.44 19.68
C LEU R 435 -10.15 -52.93 19.46
N GLN R 436 -9.34 -52.29 20.31
CA GLN R 436 -9.12 -50.86 20.13
C GLN R 436 -8.29 -50.54 18.88
N ASN R 437 -7.71 -51.60 18.28
CA ASN R 437 -6.89 -51.53 17.07
C ASN R 437 -7.66 -51.82 15.78
N LEU R 438 -8.98 -51.95 15.88
CA LEU R 438 -9.79 -52.13 14.69
C LEU R 438 -10.91 -51.10 14.67
N ILE R 439 -11.35 -50.78 13.46
CA ILE R 439 -12.46 -49.88 13.26
C ILE R 439 -13.67 -50.70 12.87
N VAL R 440 -14.78 -50.50 13.59
CA VAL R 440 -16.00 -51.26 13.34
C VAL R 440 -17.14 -50.46 12.72
N ASN R 441 -16.98 -49.14 12.71
CA ASN R 441 -18.03 -48.21 12.31
C ASN R 441 -17.72 -47.45 11.03
N SER R 442 -18.76 -47.20 10.24
CA SER R 442 -18.67 -46.39 9.02
C SER R 442 -17.65 -46.83 7.97
N ILE R 443 -17.34 -48.11 7.95
CA ILE R 443 -16.41 -48.68 6.98
C ILE R 443 -16.91 -48.54 5.64
N ASN R 444 -16.09 -48.10 4.70
CA ASN R 444 -16.49 -48.00 3.30
C ASN R 444 -15.67 -48.98 2.47
N PRO R 445 -16.28 -50.06 1.98
CA PRO R 445 -15.50 -50.98 1.14
C PRO R 445 -15.01 -50.23 -0.09
N THR R 446 -13.80 -50.56 -0.52
CA THR R 446 -13.21 -49.94 -1.69
C THR R 446 -13.60 -50.69 -2.95
N LEU R 447 -13.24 -50.10 -4.09
CA LEU R 447 -13.42 -50.77 -5.37
C LEU R 447 -12.72 -52.14 -5.36
N ASN R 448 -11.49 -52.13 -4.89
CA ASN R 448 -10.68 -53.34 -4.86
C ASN R 448 -11.33 -54.41 -3.97
N GLU R 449 -11.91 -54.00 -2.85
CA GLU R 449 -12.54 -54.93 -1.91
C GLU R 449 -13.84 -55.52 -2.44
N LEU R 450 -14.58 -54.72 -3.20
CA LEU R 450 -15.75 -55.24 -3.86
C LEU R 450 -15.34 -56.28 -4.91
N SER R 451 -14.26 -56.02 -5.64
CA SER R 451 -13.76 -57.03 -6.59
C SER R 451 -13.36 -58.32 -5.88
N LEU R 452 -12.74 -58.22 -4.70
CA LEU R 452 -12.24 -59.42 -4.03
C LEU R 452 -13.28 -60.17 -3.22
N PHE R 453 -13.90 -59.49 -2.26
CA PHE R 453 -14.87 -60.14 -1.38
C PHE R 453 -16.29 -60.08 -1.94
N ASP R 752 27.56 -46.04 -32.54
CA ASP R 752 28.90 -45.84 -33.07
C ASP R 752 29.84 -46.20 -31.90
N PRO R 753 30.99 -46.83 -32.18
CA PRO R 753 31.85 -47.32 -31.11
C PRO R 753 32.92 -46.37 -30.61
N THR R 754 32.97 -45.12 -31.07
CA THR R 754 34.05 -44.22 -30.66
C THR R 754 33.60 -43.00 -29.87
N LEU R 755 32.32 -42.88 -29.52
CA LEU R 755 31.89 -41.80 -28.65
C LEU R 755 32.57 -41.92 -27.29
N ASN R 756 32.83 -40.76 -26.67
CA ASN R 756 33.34 -40.61 -25.31
C ASN R 756 34.75 -41.17 -25.07
N LYS R 757 35.39 -41.70 -26.11
CA LYS R 757 36.76 -42.19 -26.04
C LYS R 757 37.73 -41.07 -26.36
N THR R 758 38.89 -41.09 -25.72
CA THR R 758 39.87 -40.02 -25.87
C THR R 758 40.51 -40.10 -27.25
N VAL R 759 40.85 -38.93 -27.82
CA VAL R 759 41.24 -38.80 -29.22
C VAL R 759 42.39 -37.80 -29.29
N LYS R 760 43.29 -38.03 -30.26
CA LYS R 760 44.31 -37.06 -30.64
C LYS R 760 44.14 -36.69 -32.10
N ILE R 761 44.37 -35.42 -32.41
CA ILE R 761 44.17 -34.86 -33.74
C ILE R 761 45.52 -34.86 -34.46
N ARG R 762 45.55 -35.39 -35.69
CA ARG R 762 46.82 -35.55 -36.39
C ARG R 762 47.01 -34.64 -37.60
N GLN R 763 46.00 -33.90 -38.03
CA GLN R 763 46.14 -32.92 -39.10
C GLN R 763 45.43 -31.64 -38.69
N GLY R 764 45.78 -30.54 -39.33
CA GLY R 764 45.05 -29.30 -39.18
C GLY R 764 45.68 -28.39 -38.13
N GLY R 765 45.00 -27.27 -37.86
CA GLY R 765 45.49 -26.34 -36.86
C GLY R 765 45.46 -26.83 -35.42
N TYR R 766 44.70 -27.87 -35.12
CA TYR R 766 44.59 -28.43 -33.78
C TYR R 766 45.36 -29.74 -33.65
N LYS R 767 46.41 -29.89 -34.44
CA LYS R 767 47.15 -31.14 -34.52
C LYS R 767 47.98 -31.34 -33.25
N GLY R 768 47.86 -32.52 -32.66
CA GLY R 768 48.52 -32.82 -31.40
C GLY R 768 47.74 -32.60 -30.12
N LYS R 769 46.48 -32.17 -30.19
CA LYS R 769 45.68 -31.86 -29.01
C LYS R 769 44.78 -33.02 -28.59
N ILE R 770 44.59 -33.15 -27.25
CA ILE R 770 43.74 -34.19 -26.69
C ILE R 770 42.29 -33.70 -26.75
N GLY R 771 41.35 -34.63 -26.79
CA GLY R 771 39.93 -34.30 -26.79
C GLY R 771 39.11 -35.52 -26.49
N ILE R 772 37.79 -35.31 -26.41
CA ILE R 772 36.81 -36.39 -26.19
C ILE R 772 35.70 -36.23 -27.22
N VAL R 773 35.26 -37.34 -27.81
CA VAL R 773 34.17 -37.35 -28.78
C VAL R 773 32.85 -37.07 -28.07
N LYS R 774 32.34 -35.85 -28.23
CA LYS R 774 31.08 -35.46 -27.61
C LYS R 774 29.85 -35.90 -28.39
N GLU R 775 29.93 -35.88 -29.73
CA GLU R 775 28.80 -36.23 -30.60
C GLU R 775 29.35 -36.70 -31.94
N ALA R 776 28.88 -37.87 -32.40
CA ALA R 776 29.36 -38.46 -33.64
C ALA R 776 28.20 -38.82 -34.58
N ASN R 777 27.48 -37.79 -35.05
CA ASN R 777 26.33 -37.99 -35.92
C ASN R 777 26.71 -38.66 -37.24
N GLY R 778 27.62 -38.04 -37.98
CA GLY R 778 28.09 -38.61 -39.23
C GLY R 778 29.20 -37.81 -39.87
N ASP R 779 30.37 -38.40 -40.17
CA ASP R 779 31.49 -37.78 -40.89
C ASP R 779 32.15 -36.60 -40.19
N ARG R 780 31.32 -35.70 -39.65
CA ARG R 780 31.73 -34.54 -38.88
C ARG R 780 31.54 -34.85 -37.39
N PHE R 781 32.64 -34.92 -36.65
CA PHE R 781 32.58 -35.22 -35.23
C PHE R 781 32.55 -33.92 -34.43
N ARG R 782 32.15 -34.06 -33.18
CA ARG R 782 32.22 -32.98 -32.20
C ARG R 782 33.19 -33.42 -31.13
N VAL R 783 34.39 -32.84 -31.13
CA VAL R 783 35.39 -33.13 -30.12
C VAL R 783 35.37 -32.01 -29.09
N GLU R 784 35.27 -32.37 -27.81
CA GLU R 784 35.39 -31.34 -26.78
C GLU R 784 36.89 -31.28 -26.51
N LEU R 785 37.55 -30.29 -27.13
CA LEU R 785 38.98 -30.09 -26.93
C LEU R 785 39.28 -29.87 -25.46
N HIS R 786 40.47 -30.29 -25.04
CA HIS R 786 40.78 -30.05 -23.64
C HIS R 786 41.35 -28.66 -23.45
N ASN R 787 42.11 -28.19 -24.41
CA ASN R 787 43.06 -27.14 -24.21
C ASN R 787 42.37 -25.77 -24.15
N PRO R 788 41.54 -25.31 -25.15
CA PRO R 788 40.68 -24.17 -24.81
C PRO R 788 39.25 -24.62 -24.56
N ASN R 789 38.46 -23.82 -23.84
CA ASN R 789 37.11 -24.24 -23.47
C ASN R 789 36.24 -24.02 -24.70
N LYS R 790 36.36 -24.96 -25.64
CA LYS R 790 35.60 -24.95 -26.88
C LYS R 790 35.42 -26.37 -27.41
N THR R 791 34.25 -26.62 -27.98
CA THR R 791 33.93 -27.88 -28.66
C THR R 791 33.85 -27.64 -30.16
N ILE R 792 34.65 -28.37 -30.94
CA ILE R 792 34.80 -28.04 -32.36
C ILE R 792 34.09 -29.05 -33.26
N PRO R 793 33.67 -28.63 -34.45
CA PRO R 793 33.26 -29.59 -35.50
C PRO R 793 34.49 -30.05 -36.28
N ILE R 794 34.63 -31.36 -36.47
CA ILE R 794 35.85 -31.82 -37.16
C ILE R 794 35.57 -33.04 -38.04
N PRO R 795 36.18 -33.12 -39.23
CA PRO R 795 36.07 -34.31 -40.08
C PRO R 795 36.82 -35.53 -39.56
N CYS R 796 36.25 -36.71 -39.87
CA CYS R 796 36.75 -38.00 -39.41
C CYS R 796 38.13 -38.41 -39.91
N SER R 797 38.59 -37.90 -41.05
CA SER R 797 39.95 -38.17 -41.52
C SER R 797 41.04 -37.66 -40.58
N PHE R 798 40.73 -36.66 -39.75
CA PHE R 798 41.67 -35.93 -38.91
C PHE R 798 41.96 -36.57 -37.55
N LEU R 799 41.33 -37.68 -37.18
CA LEU R 799 41.42 -38.16 -35.79
C LEU R 799 42.30 -39.40 -35.65
N LEU R 800 43.01 -39.46 -34.54
CA LEU R 800 43.61 -40.69 -34.01
C LEU R 800 42.87 -41.08 -32.74
N ILE R 801 42.53 -42.36 -32.60
CA ILE R 801 41.84 -42.85 -31.41
C ILE R 801 42.81 -43.65 -30.55
N GLU R 802 42.66 -43.54 -29.23
CA GLU R 802 43.48 -44.35 -28.32
C GLU R 802 42.87 -45.73 -28.16
N SER R 803 43.75 -46.73 -28.11
CA SER R 803 43.38 -48.13 -27.98
C SER R 803 44.40 -48.77 -27.05
N THR R 804 44.53 -50.09 -27.14
CA THR R 804 45.44 -50.82 -26.28
C THR R 804 46.89 -50.39 -26.52
N HIS R 805 47.28 -50.23 -27.78
CA HIS R 805 48.63 -49.79 -28.14
C HIS R 805 48.51 -48.50 -28.94
N GLY R 806 48.84 -47.38 -28.30
CA GLY R 806 48.94 -46.05 -28.87
C GLY R 806 47.70 -45.49 -29.57
N TRP R 807 47.96 -44.42 -30.32
CA TRP R 807 46.95 -43.71 -31.09
C TRP R 807 46.87 -44.38 -32.45
N VAL R 808 45.70 -44.92 -32.77
CA VAL R 808 45.53 -45.73 -33.97
C VAL R 808 44.63 -45.00 -34.97
N PRO R 809 45.03 -44.95 -36.27
CA PRO R 809 44.18 -44.40 -37.35
C PRO R 809 42.87 -45.15 -37.55
N TYR R 810 42.12 -44.84 -38.62
CA TYR R 810 40.82 -45.46 -38.85
C TYR R 810 40.91 -46.93 -39.27
N GLU R 811 41.60 -47.75 -38.48
CA GLU R 811 41.59 -49.20 -38.58
C GLU R 811 41.14 -49.82 -37.25
N ASP R 812 40.49 -49.04 -36.40
CA ASP R 812 40.06 -49.50 -35.08
C ASP R 812 38.68 -50.12 -35.15
N PRO S 42 -77.19 51.58 87.93
CA PRO S 42 -75.98 51.06 88.58
C PRO S 42 -74.84 50.83 87.60
N HIS S 43 -74.24 49.63 87.67
CA HIS S 43 -73.09 49.28 86.85
C HIS S 43 -73.43 48.32 85.72
N ARG S 44 -74.55 48.56 85.04
CA ARG S 44 -75.16 47.75 83.98
C ARG S 44 -74.20 47.16 82.96
N TYR S 45 -73.18 47.95 82.56
CA TYR S 45 -72.11 47.51 81.68
C TYR S 45 -72.56 47.06 80.29
N ARG S 46 -72.72 48.03 79.39
CA ARG S 46 -72.67 47.77 77.96
C ARG S 46 -71.59 46.73 77.63
N PRO S 47 -71.92 45.74 76.81
CA PRO S 47 -71.37 44.39 77.01
C PRO S 47 -69.93 44.25 76.55
N GLY S 48 -69.39 43.05 76.76
CA GLY S 48 -68.08 42.68 76.25
C GLY S 48 -67.25 41.88 77.23
N THR S 49 -67.33 42.21 78.52
CA THR S 49 -66.51 41.54 79.53
C THR S 49 -67.17 40.25 80.00
N VAL S 50 -68.50 40.19 79.90
CA VAL S 50 -69.26 39.04 80.39
C VAL S 50 -68.92 37.79 79.60
N ALA S 51 -69.11 37.84 78.29
CA ALA S 51 -68.92 36.69 77.43
C ALA S 51 -67.48 36.21 77.42
N LEU S 52 -66.56 37.16 77.23
CA LEU S 52 -65.15 36.81 77.09
C LEU S 52 -64.57 36.38 78.42
N ARG S 53 -65.07 36.96 79.51
CA ARG S 53 -64.67 36.55 80.84
C ARG S 53 -65.12 35.13 81.14
N GLU S 54 -66.34 34.78 80.73
CA GLU S 54 -66.79 33.42 80.95
C GLU S 54 -66.08 32.43 80.03
N ILE S 55 -65.64 32.90 78.86
CA ILE S 55 -64.76 32.08 78.02
C ILE S 55 -63.44 31.82 78.74
N ARG S 56 -62.90 32.85 79.40
CA ARG S 56 -61.69 32.68 80.19
C ARG S 56 -61.90 31.70 81.34
N ARG S 57 -63.07 31.77 81.96
CA ARG S 57 -63.36 30.85 83.04
C ARG S 57 -63.51 29.42 82.53
N TYR S 58 -64.24 29.22 81.45
CA TYR S 58 -64.48 27.88 80.95
C TYR S 58 -63.29 27.30 80.22
N GLN S 59 -62.28 28.12 79.93
CA GLN S 59 -61.04 27.56 79.42
C GLN S 59 -59.98 27.46 80.52
N LYS S 60 -60.20 28.10 81.66
CA LYS S 60 -59.47 27.71 82.85
C LYS S 60 -60.00 26.40 83.40
N SER S 61 -61.21 26.03 83.01
CA SER S 61 -61.95 24.94 83.61
C SER S 61 -61.35 23.60 83.21
N THR S 62 -61.84 22.55 83.88
CA THR S 62 -61.46 21.18 83.57
C THR S 62 -62.66 20.35 83.16
N GLU S 63 -63.70 20.34 83.98
CA GLU S 63 -64.73 19.31 83.95
C GLU S 63 -65.82 19.57 82.92
N LEU S 64 -66.92 18.85 83.05
CA LEU S 64 -67.99 18.84 82.06
C LEU S 64 -68.80 20.12 82.11
N LEU S 65 -69.81 20.19 81.24
CA LEU S 65 -70.79 21.27 81.30
C LEU S 65 -72.22 20.78 81.31
N ILE S 66 -72.53 19.76 80.52
CA ILE S 66 -73.88 19.21 80.54
C ILE S 66 -74.03 18.35 81.78
N ARG S 67 -75.08 18.61 82.55
CA ARG S 67 -75.23 17.87 83.78
C ARG S 67 -75.96 16.55 83.54
N LYS S 68 -75.84 15.67 84.52
CA LYS S 68 -75.75 14.23 84.27
C LYS S 68 -77.08 13.61 83.86
N LEU S 69 -78.05 13.66 84.75
CA LEU S 69 -79.35 13.01 84.64
C LEU S 69 -80.13 13.24 83.34
N PRO S 70 -80.29 14.45 82.81
CA PRO S 70 -81.10 14.57 81.59
C PRO S 70 -80.42 13.98 80.39
N PHE S 71 -79.09 14.12 80.35
CA PHE S 71 -78.30 13.47 79.31
C PHE S 71 -78.42 11.95 79.40
N GLN S 72 -78.41 11.41 80.62
CA GLN S 72 -78.56 9.97 80.79
C GLN S 72 -79.93 9.50 80.32
N ARG S 73 -80.97 10.25 80.63
CA ARG S 73 -82.32 9.85 80.23
C ARG S 73 -82.49 9.94 78.72
N LEU S 74 -81.86 10.93 78.08
CA LEU S 74 -81.89 11.00 76.63
C LEU S 74 -81.17 9.81 76.01
N VAL S 75 -80.04 9.43 76.60
CA VAL S 75 -79.30 8.25 76.15
C VAL S 75 -80.17 7.01 76.22
N ARG S 76 -80.89 6.85 77.33
CA ARG S 76 -81.74 5.67 77.46
C ARG S 76 -82.93 5.71 76.53
N GLU S 77 -83.40 6.91 76.17
CA GLU S 77 -84.50 6.98 75.21
C GLU S 77 -84.05 6.59 73.82
N ILE S 78 -82.87 7.07 73.41
CA ILE S 78 -82.28 6.57 72.16
C ILE S 78 -81.98 5.09 72.25
N ALA S 79 -81.58 4.62 73.43
CA ALA S 79 -81.23 3.23 73.64
C ALA S 79 -82.46 2.33 73.59
N GLN S 80 -83.65 2.89 73.81
CA GLN S 80 -84.84 2.07 73.91
C GLN S 80 -85.45 1.81 72.53
N ASP S 81 -84.63 1.92 71.48
CA ASP S 81 -85.15 1.93 70.12
C ASP S 81 -84.71 0.73 69.29
N PHE S 82 -83.56 0.13 69.60
CA PHE S 82 -83.04 -0.95 68.77
C PHE S 82 -83.06 -2.29 69.47
N LYS S 83 -82.64 -2.34 70.73
CA LYS S 83 -82.91 -3.50 71.57
C LYS S 83 -83.44 -2.94 72.88
N THR S 84 -84.55 -3.51 73.33
CA THR S 84 -85.18 -3.04 74.55
C THR S 84 -84.36 -3.47 75.75
N ASP S 85 -84.55 -2.72 76.85
CA ASP S 85 -84.28 -3.18 78.21
C ASP S 85 -82.80 -3.50 78.41
N LEU S 86 -81.99 -2.47 78.27
CA LEU S 86 -80.55 -2.66 78.35
C LEU S 86 -79.97 -1.92 79.52
N ARG S 87 -79.00 -2.55 80.18
CA ARG S 87 -78.43 -1.99 81.38
C ARG S 87 -77.01 -1.50 81.11
N PHE S 88 -76.53 -0.61 81.97
CA PHE S 88 -75.38 0.22 81.67
C PHE S 88 -74.53 0.42 82.90
N GLN S 89 -73.22 0.52 82.73
CA GLN S 89 -72.36 1.00 83.78
C GLN S 89 -72.05 2.47 83.56
N SER S 90 -71.69 3.15 84.64
CA SER S 90 -71.67 4.61 84.61
C SER S 90 -70.53 5.16 83.78
N ALA S 91 -69.43 4.41 83.72
CA ALA S 91 -68.24 4.89 83.01
C ALA S 91 -68.47 4.99 81.52
N ALA S 92 -69.30 4.09 80.98
CA ALA S 92 -69.71 4.19 79.59
C ALA S 92 -70.43 5.50 79.31
N ILE S 93 -71.34 5.86 80.21
CA ILE S 93 -72.12 7.08 80.06
C ILE S 93 -71.23 8.30 80.18
N GLY S 94 -70.25 8.24 81.07
CA GLY S 94 -69.31 9.35 81.20
C GLY S 94 -68.43 9.52 79.97
N ALA S 95 -68.02 8.40 79.37
CA ALA S 95 -67.28 8.47 78.12
C ALA S 95 -68.13 9.07 77.01
N LEU S 96 -69.40 8.67 76.97
CA LEU S 96 -70.33 9.20 75.98
C LEU S 96 -70.49 10.70 76.14
N GLN S 97 -70.59 11.17 77.38
CA GLN S 97 -70.73 12.59 77.65
C GLN S 97 -69.46 13.35 77.27
N GLU S 98 -68.30 12.76 77.58
CA GLU S 98 -67.01 13.33 77.23
C GLU S 98 -66.86 13.53 75.73
N ALA S 99 -67.07 12.47 74.97
CA ALA S 99 -66.87 12.52 73.53
C ALA S 99 -67.96 13.36 72.86
N SER S 100 -69.14 13.41 73.47
CA SER S 100 -70.20 14.25 72.95
C SER S 100 -69.80 15.71 73.06
N GLU S 101 -69.34 16.14 74.24
CA GLU S 101 -68.96 17.53 74.43
C GLU S 101 -67.73 17.88 73.58
N ALA S 102 -66.83 16.92 73.38
CA ALA S 102 -65.68 17.19 72.52
C ALA S 102 -66.11 17.38 71.06
N TYR S 103 -67.05 16.54 70.61
CA TYR S 103 -67.58 16.62 69.25
C TYR S 103 -68.22 17.96 68.99
N LEU S 104 -68.98 18.42 69.97
CA LEU S 104 -69.66 19.69 69.80
C LEU S 104 -68.70 20.87 69.93
N VAL S 105 -67.65 20.71 70.75
CA VAL S 105 -66.63 21.74 70.86
C VAL S 105 -65.92 21.94 69.54
N GLY S 106 -65.59 20.84 68.86
CA GLY S 106 -64.95 20.98 67.56
C GLY S 106 -65.87 21.59 66.51
N LEU S 107 -67.15 21.21 66.56
CA LEU S 107 -68.14 21.87 65.70
C LEU S 107 -68.17 23.36 65.94
N PHE S 108 -68.18 23.77 67.21
CA PHE S 108 -68.21 25.18 67.55
C PHE S 108 -66.94 25.90 67.11
N GLU S 109 -65.78 25.25 67.20
CA GLU S 109 -64.54 25.91 66.80
C GLU S 109 -64.54 26.22 65.31
N ASP S 110 -64.85 25.21 64.48
CA ASP S 110 -64.85 25.48 63.05
C ASP S 110 -66.01 26.39 62.65
N THR S 111 -67.12 26.34 63.39
CA THR S 111 -68.21 27.25 63.15
C THR S 111 -67.80 28.68 63.45
N ASN S 112 -67.02 28.85 64.53
CA ASN S 112 -66.51 30.14 64.91
C ASN S 112 -65.58 30.70 63.85
N LEU S 113 -64.73 29.85 63.28
CA LEU S 113 -63.85 30.35 62.24
C LEU S 113 -64.63 30.65 60.96
N CYS S 114 -65.71 29.91 60.70
CA CYS S 114 -66.58 30.24 59.58
C CYS S 114 -67.23 31.60 59.77
N ALA S 115 -67.61 31.90 61.00
CA ALA S 115 -68.23 33.19 61.28
C ALA S 115 -67.23 34.32 61.16
N ILE S 116 -66.00 34.08 61.60
CA ILE S 116 -64.96 35.09 61.49
C ILE S 116 -64.64 35.35 60.03
N HIS S 117 -64.67 34.32 59.20
CA HIS S 117 -64.51 34.54 57.78
C HIS S 117 -65.75 35.20 57.18
N ALA S 118 -66.90 35.06 57.83
CA ALA S 118 -68.10 35.74 57.35
C ALA S 118 -68.15 37.21 57.72
N LYS S 119 -67.07 37.75 58.30
CA LYS S 119 -66.97 39.12 58.82
C LYS S 119 -68.07 39.43 59.82
N ARG S 120 -68.48 38.43 60.58
CA ARG S 120 -69.52 38.58 61.58
C ARG S 120 -69.06 37.92 62.85
N VAL S 121 -69.76 38.21 63.93
CA VAL S 121 -69.60 37.47 65.17
C VAL S 121 -70.85 36.64 65.47
N THR S 122 -72.00 37.03 64.94
CA THR S 122 -73.20 36.22 65.07
C THR S 122 -73.06 34.94 64.26
N ILE S 123 -73.33 33.82 64.90
CA ILE S 123 -73.33 32.54 64.20
C ILE S 123 -74.60 32.39 63.37
N MET S 124 -74.58 31.41 62.48
CA MET S 124 -75.72 31.06 61.65
C MET S 124 -75.82 29.55 61.58
N PRO S 125 -76.99 29.01 61.25
CA PRO S 125 -77.09 27.55 61.13
C PRO S 125 -76.35 26.99 59.93
N LYS S 126 -76.34 27.71 58.81
CA LYS S 126 -75.69 27.15 57.64
C LYS S 126 -74.18 27.16 57.76
N ASP S 127 -73.65 27.93 58.73
CA ASP S 127 -72.28 27.74 59.19
C ASP S 127 -72.04 26.31 59.65
N ILE S 128 -72.89 25.81 60.55
CA ILE S 128 -72.75 24.44 61.04
C ILE S 128 -72.97 23.46 59.90
N GLN S 129 -73.89 23.78 58.98
CA GLN S 129 -74.11 22.89 57.86
C GLN S 129 -72.90 22.84 56.92
N LEU S 130 -72.23 23.97 56.73
CA LEU S 130 -71.01 23.97 55.92
C LEU S 130 -69.89 23.22 56.63
N ALA S 131 -69.81 23.35 57.95
CA ALA S 131 -68.76 22.68 58.70
C ALA S 131 -68.91 21.17 58.63
N ARG S 132 -70.13 20.69 58.84
CA ARG S 132 -70.37 19.26 58.67
C ARG S 132 -70.32 18.82 57.21
N ARG S 133 -70.52 19.73 56.25
CA ARG S 133 -70.31 19.39 54.86
C ARG S 133 -68.85 19.09 54.59
N ILE S 134 -67.98 19.92 55.15
CA ILE S 134 -66.56 19.71 54.92
C ILE S 134 -66.05 18.54 55.73
N ARG S 135 -66.64 18.27 56.89
CA ARG S 135 -66.17 17.14 57.68
C ARG S 135 -66.59 15.79 57.13
N GLY S 136 -67.41 15.75 56.08
CA GLY S 136 -67.83 14.48 55.53
C GLY S 136 -68.75 13.67 56.40
N GLU S 137 -69.40 14.31 57.37
CA GLU S 137 -70.30 13.65 58.30
C GLU S 137 -71.71 14.15 58.03
N ARG S 138 -72.37 13.53 57.07
CA ARG S 138 -73.52 14.14 56.41
C ARG S 138 -74.80 13.94 57.20
N ARG T 27 -89.22 10.11 76.56
CA ARG T 27 -89.88 11.16 75.79
C ARG T 27 -89.38 12.54 76.18
N ASP T 28 -89.13 13.37 75.16
CA ASP T 28 -88.95 14.82 75.29
C ASP T 28 -87.66 15.18 76.04
N ASN T 29 -86.80 14.19 76.31
CA ASN T 29 -85.50 14.50 76.86
C ASN T 29 -84.56 15.11 75.83
N ILE T 30 -84.90 15.01 74.54
CA ILE T 30 -84.29 15.82 73.52
C ILE T 30 -84.49 17.30 73.84
N GLN T 31 -85.65 17.66 74.38
CA GLN T 31 -85.89 18.99 74.88
C GLN T 31 -85.34 19.18 76.28
N GLY T 32 -84.74 18.15 76.87
CA GLY T 32 -84.00 18.33 78.10
C GLY T 32 -82.69 19.07 77.89
N ILE T 33 -82.26 19.23 76.64
CA ILE T 33 -81.11 20.06 76.32
C ILE T 33 -81.49 21.51 76.63
N THR T 34 -80.69 22.16 77.48
CA THR T 34 -81.00 23.52 77.89
C THR T 34 -80.18 24.51 77.08
N LYS T 35 -80.80 25.65 76.80
CA LYS T 35 -80.08 26.77 76.21
C LYS T 35 -78.85 27.24 76.99
N PRO T 36 -78.84 27.36 78.34
CA PRO T 36 -77.57 27.72 79.00
C PRO T 36 -76.49 26.68 78.90
N ALA T 37 -76.83 25.41 78.72
CA ALA T 37 -75.79 24.42 78.46
C ALA T 37 -75.15 24.65 77.11
N ILE T 38 -75.97 24.98 76.10
CA ILE T 38 -75.47 25.30 74.78
C ILE T 38 -74.61 26.54 74.84
N ARG T 39 -75.01 27.51 75.67
CA ARG T 39 -74.20 28.68 75.95
C ARG T 39 -72.83 28.31 76.51
N ARG T 40 -72.82 27.45 77.52
CA ARG T 40 -71.55 27.07 78.16
C ARG T 40 -70.65 26.34 77.17
N LEU T 41 -71.23 25.50 76.33
CA LEU T 41 -70.48 24.83 75.30
C LEU T 41 -69.95 25.78 74.27
N ALA T 42 -70.68 26.84 73.97
CA ALA T 42 -70.19 27.84 73.04
C ALA T 42 -69.04 28.62 73.66
N ARG T 43 -69.09 28.84 74.96
CA ARG T 43 -68.05 29.66 75.58
C ARG T 43 -66.75 28.89 75.70
N ARG T 44 -66.81 27.63 76.15
CA ARG T 44 -65.58 26.82 76.10
C ARG T 44 -65.20 26.55 74.65
N GLY T 45 -66.20 26.44 73.77
CA GLY T 45 -65.95 26.46 72.35
C GLY T 45 -65.46 27.79 71.82
N GLY T 46 -65.57 28.85 72.62
CA GLY T 46 -64.96 30.11 72.28
C GLY T 46 -65.89 30.98 71.47
N VAL T 47 -67.11 30.54 71.29
CA VAL T 47 -68.07 31.28 70.50
C VAL T 47 -68.57 32.47 71.30
N LYS T 48 -68.52 33.65 70.69
CA LYS T 48 -68.99 34.84 71.37
C LYS T 48 -70.49 35.04 71.22
N ARG T 49 -70.97 35.23 69.99
CA ARG T 49 -72.33 35.70 69.75
C ARG T 49 -73.18 34.53 69.29
N ILE T 50 -74.36 34.39 69.89
CA ILE T 50 -75.22 33.23 69.70
C ILE T 50 -76.50 33.67 69.01
N SER T 51 -76.82 33.04 67.88
CA SER T 51 -78.10 33.29 67.25
C SER T 51 -79.17 32.41 67.87
N GLY T 52 -80.43 32.72 67.56
CA GLY T 52 -81.53 32.02 68.19
C GLY T 52 -81.99 30.79 67.44
N LEU T 53 -81.62 30.70 66.16
CA LEU T 53 -82.05 29.58 65.35
C LEU T 53 -81.07 28.42 65.40
N ILE T 54 -80.40 28.24 66.53
CA ILE T 54 -79.26 27.33 66.57
C ILE T 54 -79.58 26.08 67.37
N TYR T 55 -80.47 26.22 68.35
CA TYR T 55 -80.52 25.26 69.45
C TYR T 55 -81.10 23.93 69.02
N GLU T 56 -82.18 23.96 68.24
CA GLU T 56 -82.79 22.71 67.84
C GLU T 56 -81.99 22.03 66.74
N GLU T 57 -81.31 22.82 65.92
CA GLU T 57 -80.36 22.27 64.96
C GLU T 57 -79.24 21.52 65.68
N THR T 58 -78.74 22.13 66.76
CA THR T 58 -77.75 21.51 67.62
C THR T 58 -78.27 20.21 68.20
N ARG T 59 -79.52 20.22 68.67
CA ARG T 59 -80.14 19.03 69.23
C ARG T 59 -80.24 17.93 68.20
N GLY T 60 -80.58 18.26 66.96
CA GLY T 60 -80.69 17.26 65.92
C GLY T 60 -79.37 16.64 65.56
N VAL T 61 -78.32 17.44 65.48
CA VAL T 61 -77.00 16.92 65.15
C VAL T 61 -76.49 16.03 66.26
N LEU T 62 -76.62 16.48 67.51
CA LEU T 62 -76.26 15.68 68.68
C LEU T 62 -77.00 14.36 68.71
N LYS T 63 -78.27 14.39 68.33
CA LYS T 63 -79.11 13.20 68.34
C LYS T 63 -78.63 12.19 67.31
N VAL T 64 -78.33 12.63 66.08
CA VAL T 64 -77.90 11.71 65.03
C VAL T 64 -76.55 11.09 65.36
N PHE T 65 -75.64 11.91 65.89
CA PHE T 65 -74.38 11.45 66.45
C PHE T 65 -74.59 10.29 67.41
N LEU T 66 -75.38 10.54 68.46
CA LEU T 66 -75.59 9.53 69.49
C LEU T 66 -76.35 8.33 68.97
N GLU T 67 -77.18 8.51 67.93
CA GLU T 67 -77.84 7.41 67.27
C GLU T 67 -76.85 6.40 66.74
N ASN T 68 -75.92 6.88 65.90
CA ASN T 68 -74.95 5.98 65.30
C ASN T 68 -74.05 5.34 66.35
N VAL T 69 -73.70 6.13 67.36
CA VAL T 69 -72.84 5.64 68.45
C VAL T 69 -73.49 4.48 69.18
N ILE T 70 -74.70 4.71 69.70
CA ILE T 70 -75.30 3.70 70.55
C ILE T 70 -75.79 2.51 69.74
N ARG T 71 -76.13 2.71 68.46
CA ARG T 71 -76.42 1.57 67.58
C ARG T 71 -75.23 0.63 67.51
N ASP T 72 -74.06 1.19 67.26
CA ASP T 72 -72.88 0.34 67.13
C ASP T 72 -72.49 -0.30 68.46
N ALA T 73 -72.64 0.44 69.56
CA ALA T 73 -72.29 -0.10 70.87
C ALA T 73 -73.21 -1.24 71.27
N VAL T 74 -74.51 -1.07 71.01
CA VAL T 74 -75.46 -2.12 71.31
C VAL T 74 -75.23 -3.31 70.38
N THR T 75 -74.76 -3.10 69.17
CA THR T 75 -74.49 -4.24 68.28
C THR T 75 -73.30 -5.05 68.79
N TYR T 76 -72.23 -4.35 69.21
CA TYR T 76 -71.14 -4.99 69.94
C TYR T 76 -71.62 -5.74 71.17
N THR T 77 -72.65 -5.25 71.82
CA THR T 77 -73.10 -5.98 72.99
C THR T 77 -74.05 -7.11 72.61
N GLU T 78 -74.69 -7.00 71.44
CA GLU T 78 -75.51 -8.07 70.89
C GLU T 78 -74.69 -9.31 70.69
N HIS T 79 -73.52 -9.17 70.06
CA HIS T 79 -72.67 -10.34 69.96
C HIS T 79 -72.03 -10.71 71.28
N ALA T 80 -72.02 -9.81 72.26
CA ALA T 80 -71.43 -10.15 73.55
C ALA T 80 -72.28 -11.13 74.36
N LYS T 81 -73.56 -11.30 74.01
CA LYS T 81 -74.51 -12.18 74.70
C LYS T 81 -74.60 -11.83 76.18
N ARG T 82 -74.50 -10.55 76.49
CA ARG T 82 -74.69 -10.03 77.83
C ARG T 82 -75.58 -8.83 77.70
N LYS T 83 -76.61 -8.76 78.53
CA LYS T 83 -77.64 -7.73 78.39
C LYS T 83 -77.20 -6.38 78.92
N THR T 84 -75.94 -6.24 79.32
CA THR T 84 -75.41 -4.99 79.85
C THR T 84 -74.22 -4.54 79.00
N VAL T 85 -74.21 -3.27 78.61
CA VAL T 85 -73.15 -2.70 77.79
C VAL T 85 -72.11 -2.10 78.71
N THR T 86 -70.83 -2.33 78.41
CA THR T 86 -69.75 -1.83 79.23
C THR T 86 -69.15 -0.58 78.63
N ALA T 87 -68.29 0.05 79.41
CA ALA T 87 -67.49 1.16 78.92
C ALA T 87 -66.57 0.72 77.81
N MET T 88 -66.04 -0.50 77.93
CA MET T 88 -65.13 -1.04 76.94
C MET T 88 -65.80 -1.16 75.59
N ASP T 89 -67.10 -1.53 75.60
CA ASP T 89 -67.88 -1.67 74.39
C ASP T 89 -67.97 -0.35 73.64
N VAL T 90 -68.29 0.71 74.36
CA VAL T 90 -68.44 2.03 73.77
C VAL T 90 -67.10 2.53 73.27
N VAL T 91 -66.03 2.18 74.00
CA VAL T 91 -64.67 2.50 73.56
C VAL T 91 -64.38 1.86 72.22
N TYR T 92 -64.69 0.57 72.09
CA TYR T 92 -64.36 -0.16 70.87
C TYR T 92 -65.18 0.36 69.71
N ALA T 93 -66.45 0.68 69.97
CA ALA T 93 -67.34 1.18 68.95
C ALA T 93 -66.91 2.55 68.47
N LEU T 94 -66.45 3.40 69.38
CA LEU T 94 -66.05 4.71 68.90
C LEU T 94 -64.68 4.65 68.24
N LYS T 95 -63.88 3.64 68.57
CA LYS T 95 -62.68 3.43 67.78
C LYS T 95 -63.05 3.01 66.37
N ARG T 96 -64.12 2.23 66.22
CA ARG T 96 -64.61 1.86 64.90
C ARG T 96 -65.05 3.06 64.07
N GLN T 97 -65.55 4.11 64.71
CA GLN T 97 -65.90 5.31 63.96
C GLN T 97 -64.69 6.17 63.68
N GLY T 98 -63.61 6.00 64.43
CA GLY T 98 -62.42 6.77 64.14
C GLY T 98 -62.42 8.08 64.88
N ARG T 99 -63.34 8.21 65.83
CA ARG T 99 -63.46 9.37 66.70
C ARG T 99 -62.85 9.04 68.03
N THR T 100 -61.72 8.34 67.97
CA THR T 100 -61.29 7.45 69.04
C THR T 100 -60.85 8.20 70.27
N LEU T 101 -61.37 7.76 71.40
CA LEU T 101 -61.21 8.45 72.67
C LEU T 101 -60.46 7.55 73.63
N TYR T 102 -59.51 8.13 74.36
CA TYR T 102 -58.76 7.38 75.36
C TYR T 102 -59.46 7.49 76.70
N GLY T 103 -58.74 7.15 77.76
CA GLY T 103 -59.13 7.51 79.09
C GLY T 103 -59.67 6.40 79.94
N PHE T 104 -60.49 5.54 79.36
CA PHE T 104 -61.16 4.51 80.15
C PHE T 104 -60.67 3.13 79.81
N GLY T 105 -59.61 3.01 79.01
CA GLY T 105 -59.06 1.72 78.65
C GLY T 105 -59.82 1.04 77.54
N GLY T 106 -59.11 0.35 76.65
CA GLY T 106 -59.76 -0.40 75.58
C GLY T 106 -58.95 -0.64 74.33
N THR U 20 -67.99 -28.67 44.24
CA THR U 20 -67.65 -27.45 44.95
C THR U 20 -68.74 -27.04 45.89
N ARG U 21 -68.33 -26.63 47.10
CA ARG U 21 -69.26 -26.21 48.14
C ARG U 21 -70.12 -25.02 47.73
N SER U 22 -69.63 -24.18 46.81
CA SER U 22 -70.41 -23.05 46.32
C SER U 22 -71.64 -23.52 45.56
N SER U 23 -71.44 -24.45 44.64
CA SER U 23 -72.56 -25.13 44.01
C SER U 23 -73.39 -25.89 45.03
N ARG U 24 -72.76 -26.49 46.03
CA ARG U 24 -73.52 -27.15 47.09
C ARG U 24 -74.19 -26.14 48.01
N ALA U 25 -73.73 -24.90 48.02
CA ALA U 25 -74.50 -23.81 48.61
C ALA U 25 -75.37 -23.10 47.58
N GLY U 26 -75.26 -23.45 46.30
CA GLY U 26 -76.04 -22.84 45.25
C GLY U 26 -75.70 -21.38 45.03
N LEU U 27 -74.41 -21.06 45.12
CA LEU U 27 -73.98 -19.67 45.03
C LEU U 27 -72.93 -19.53 43.96
N GLN U 28 -72.23 -18.39 43.91
CA GLN U 28 -71.26 -18.18 42.85
C GLN U 28 -69.86 -17.84 43.32
N PHE U 29 -69.62 -17.77 44.62
CA PHE U 29 -68.22 -17.46 44.90
C PHE U 29 -67.49 -18.67 45.48
N PRO U 30 -66.26 -18.89 45.06
CA PRO U 30 -65.50 -20.05 45.54
C PRO U 30 -65.17 -19.98 47.02
N VAL U 31 -65.71 -20.98 47.72
CA VAL U 31 -65.62 -21.06 49.18
C VAL U 31 -64.18 -21.29 49.59
N GLY U 32 -63.56 -22.33 49.03
CA GLY U 32 -62.30 -22.80 49.54
C GLY U 32 -61.16 -21.84 49.32
N ARG U 33 -61.24 -21.03 48.27
CA ARG U 33 -60.28 -19.95 48.10
C ARG U 33 -60.38 -18.96 49.24
N VAL U 34 -61.60 -18.67 49.64
CA VAL U 34 -61.80 -17.76 50.76
C VAL U 34 -61.36 -18.41 52.05
N HIS U 35 -61.65 -19.70 52.20
CA HIS U 35 -61.20 -20.46 53.36
C HIS U 35 -59.69 -20.48 53.46
N ARG U 36 -59.02 -20.55 52.32
CA ARG U 36 -57.56 -20.47 52.27
C ARG U 36 -57.08 -19.10 52.69
N LEU U 37 -57.71 -18.06 52.16
CA LEU U 37 -57.26 -16.71 52.44
C LEU U 37 -57.53 -16.31 53.89
N LEU U 38 -58.56 -16.90 54.50
CA LEU U 38 -58.78 -16.68 55.91
C LEU U 38 -57.68 -17.30 56.75
N ARG U 39 -57.19 -18.46 56.36
CA ARG U 39 -56.05 -19.08 57.01
C ARG U 39 -54.79 -18.25 56.87
N LYS U 40 -54.44 -17.86 55.66
CA LYS U 40 -53.16 -17.17 55.47
C LYS U 40 -53.22 -15.69 55.81
N GLY U 41 -54.34 -15.21 56.36
CA GLY U 41 -54.45 -13.82 56.76
C GLY U 41 -54.12 -13.59 58.21
N ASN U 42 -53.78 -14.68 58.92
CA ASN U 42 -53.65 -14.70 60.39
C ASN U 42 -54.92 -14.20 61.05
N TYR U 43 -56.06 -14.56 60.49
CA TYR U 43 -57.29 -13.95 60.91
C TYR U 43 -57.81 -14.54 62.21
N SER U 44 -57.49 -15.78 62.49
CA SER U 44 -57.75 -16.39 63.79
C SER U 44 -56.76 -17.52 63.95
N GLU U 45 -57.04 -18.38 64.92
CA GLU U 45 -56.27 -19.61 65.00
C GLU U 45 -56.98 -20.73 64.25
N ARG U 46 -58.29 -20.89 64.49
CA ARG U 46 -59.04 -21.90 63.76
C ARG U 46 -60.19 -21.26 62.98
N VAL U 47 -60.66 -21.97 61.97
CA VAL U 47 -61.63 -21.49 61.00
C VAL U 47 -62.79 -22.47 60.95
N GLY U 48 -64.00 -21.96 61.14
CA GLY U 48 -65.19 -22.79 61.18
C GLY U 48 -65.59 -23.37 59.84
N ALA U 49 -66.76 -24.00 59.82
CA ALA U 49 -67.22 -24.66 58.60
C ALA U 49 -67.82 -23.67 57.61
N GLY U 50 -68.92 -23.01 57.98
CA GLY U 50 -69.71 -22.27 57.04
C GLY U 50 -69.56 -20.77 57.05
N ALA U 51 -68.72 -20.23 57.93
CA ALA U 51 -68.38 -18.81 57.88
C ALA U 51 -67.94 -18.30 56.50
N PRO U 52 -67.11 -19.00 55.69
CA PRO U 52 -66.83 -18.46 54.36
C PRO U 52 -68.01 -18.47 53.44
N VAL U 53 -68.97 -19.38 53.65
CA VAL U 53 -70.18 -19.37 52.84
C VAL U 53 -70.97 -18.10 53.09
N TYR U 54 -71.09 -17.73 54.36
CA TYR U 54 -71.84 -16.54 54.75
C TYR U 54 -71.16 -15.30 54.20
N LEU U 55 -69.83 -15.25 54.31
CA LEU U 55 -69.09 -14.10 53.81
C LEU U 55 -69.17 -13.99 52.30
N ALA U 56 -69.12 -15.13 51.61
CA ALA U 56 -69.19 -15.14 50.16
C ALA U 56 -70.55 -14.67 49.69
N ALA U 57 -71.60 -15.07 50.39
CA ALA U 57 -72.94 -14.61 50.04
C ALA U 57 -73.09 -13.12 50.28
N VAL U 58 -72.45 -12.61 51.34
CA VAL U 58 -72.47 -11.18 51.60
C VAL U 58 -71.83 -10.43 50.45
N LEU U 59 -70.65 -10.88 50.03
CA LEU U 59 -69.96 -10.32 48.88
C LEU U 59 -70.83 -10.37 47.64
N GLU U 60 -71.53 -11.49 47.47
CA GLU U 60 -72.32 -11.73 46.29
C GLU U 60 -73.50 -10.77 46.19
N TYR U 61 -74.19 -10.54 47.30
CA TYR U 61 -75.28 -9.59 47.28
C TYR U 61 -74.80 -8.17 47.15
N LEU U 62 -73.64 -7.86 47.75
CA LEU U 62 -73.08 -6.52 47.63
C LEU U 62 -72.76 -6.19 46.19
N THR U 63 -72.00 -7.06 45.53
CA THR U 63 -71.65 -6.80 44.14
C THR U 63 -72.86 -6.86 43.23
N ALA U 64 -73.88 -7.64 43.60
CA ALA U 64 -75.12 -7.67 42.84
C ALA U 64 -75.80 -6.32 42.88
N GLU U 65 -75.90 -5.73 44.07
CA GLU U 65 -76.56 -4.44 44.21
C GLU U 65 -75.80 -3.33 43.50
N ILE U 66 -74.48 -3.34 43.67
CA ILE U 66 -73.62 -2.32 43.06
C ILE U 66 -73.70 -2.38 41.56
N LEU U 67 -73.48 -3.56 41.00
CA LEU U 67 -73.47 -3.65 39.56
C LEU U 67 -74.86 -3.60 38.97
N GLU U 68 -75.89 -3.81 39.78
CA GLU U 68 -77.25 -3.60 39.31
C GLU U 68 -77.51 -2.12 39.07
N LEU U 69 -77.08 -1.30 40.03
CA LEU U 69 -77.17 0.14 39.82
C LEU U 69 -76.27 0.60 38.68
N ALA U 70 -75.14 -0.08 38.50
CA ALA U 70 -74.26 0.23 37.38
C ALA U 70 -74.93 -0.12 36.07
N GLY U 71 -75.68 -1.21 36.04
CA GLY U 71 -76.42 -1.57 34.86
C GLY U 71 -77.48 -0.54 34.53
N ASN U 72 -78.13 0.00 35.55
CA ASN U 72 -79.07 1.09 35.33
C ASN U 72 -78.34 2.33 34.83
N ALA U 73 -77.12 2.56 35.32
CA ALA U 73 -76.33 3.68 34.85
C ALA U 73 -75.98 3.55 33.38
N ALA U 74 -75.70 2.33 32.93
CA ALA U 74 -75.47 2.11 31.51
C ALA U 74 -76.75 2.24 30.71
N ARG U 75 -77.89 1.88 31.32
CA ARG U 75 -79.19 2.09 30.69
C ARG U 75 -79.46 3.57 30.48
N ASP U 76 -78.93 4.41 31.37
CA ASP U 76 -79.13 5.86 31.25
C ASP U 76 -78.44 6.40 30.00
N ASN U 77 -77.15 6.14 29.88
CA ASN U 77 -76.35 6.67 28.79
C ASN U 77 -76.52 5.89 27.51
N LYS U 78 -77.27 4.78 27.56
CA LYS U 78 -77.41 3.82 26.48
C LYS U 78 -76.04 3.32 26.02
N LYS U 79 -75.24 2.89 26.99
CA LYS U 79 -73.96 2.28 26.74
C LYS U 79 -74.04 0.80 27.07
N THR U 80 -73.27 -0.01 26.36
CA THR U 80 -73.31 -1.45 26.57
C THR U 80 -72.18 -1.94 27.45
N ARG U 81 -70.97 -1.44 27.22
CA ARG U 81 -69.83 -1.77 28.06
C ARG U 81 -69.78 -0.77 29.21
N ILE U 82 -69.50 -1.28 30.39
CA ILE U 82 -69.47 -0.44 31.58
C ILE U 82 -68.19 0.38 31.56
N ILE U 83 -68.32 1.70 31.62
CA ILE U 83 -67.18 2.56 31.87
C ILE U 83 -67.15 2.82 33.37
N PRO U 84 -65.98 3.12 33.94
CA PRO U 84 -65.92 3.42 35.38
C PRO U 84 -66.68 4.67 35.80
N ARG U 85 -66.97 5.58 34.86
CA ARG U 85 -67.75 6.76 35.19
C ARG U 85 -69.14 6.37 35.65
N HIS U 86 -69.71 5.35 35.02
CA HIS U 86 -70.97 4.76 35.47
C HIS U 86 -70.87 4.31 36.91
N LEU U 87 -69.72 3.73 37.27
CA LEU U 87 -69.54 3.18 38.61
C LEU U 87 -69.51 4.30 39.64
N GLN U 88 -68.75 5.35 39.33
CA GLN U 88 -68.64 6.47 40.27
C GLN U 88 -69.97 7.19 40.43
N LEU U 89 -70.72 7.34 39.32
CA LEU U 89 -72.03 7.98 39.37
C LEU U 89 -72.99 7.18 40.22
N ALA U 90 -73.04 5.86 40.01
CA ALA U 90 -73.96 5.02 40.78
C ALA U 90 -73.55 4.95 42.23
N ILE U 91 -72.27 5.12 42.52
CA ILE U 91 -71.87 5.26 43.91
C ILE U 91 -72.37 6.57 44.48
N ARG U 92 -72.22 7.66 43.72
CA ARG U 92 -72.56 8.98 44.25
C ARG U 92 -74.06 9.27 44.24
N ASN U 93 -74.88 8.40 43.66
CA ASN U 93 -76.30 8.65 43.69
C ASN U 93 -76.96 8.09 44.93
N ASP U 94 -76.79 6.79 45.17
CA ASP U 94 -77.43 6.11 46.30
C ASP U 94 -76.86 6.60 47.62
N GLU U 95 -77.71 6.63 48.63
CA GLU U 95 -77.33 7.23 49.91
C GLU U 95 -76.37 6.33 50.67
N GLU U 96 -76.84 5.14 51.06
CA GLU U 96 -76.10 4.26 51.97
C GLU U 96 -74.79 3.80 51.36
N LEU U 97 -74.78 3.58 50.06
CA LEU U 97 -73.56 3.22 49.36
C LEU U 97 -72.54 4.34 49.37
N ASN U 98 -72.99 5.57 49.17
CA ASN U 98 -72.07 6.69 49.21
C ASN U 98 -71.58 6.98 50.61
N LYS U 99 -72.39 6.70 51.64
CA LYS U 99 -71.90 6.87 53.00
C LYS U 99 -70.90 5.77 53.34
N LEU U 100 -71.09 4.59 52.76
CA LEU U 100 -70.10 3.54 52.87
C LEU U 100 -68.78 3.94 52.23
N LEU U 101 -68.82 4.29 50.95
CA LEU U 101 -67.58 4.54 50.24
C LEU U 101 -67.23 6.02 50.22
N GLY U 102 -67.27 6.65 51.39
CA GLY U 102 -67.03 8.07 51.48
C GLY U 102 -65.58 8.39 51.28
N ARG U 103 -64.73 7.59 51.89
CA ARG U 103 -63.30 7.76 51.74
C ARG U 103 -62.74 7.03 50.53
N VAL U 104 -63.56 6.77 49.52
CA VAL U 104 -63.18 5.95 48.39
C VAL U 104 -63.12 6.83 47.17
N THR U 105 -62.03 6.75 46.43
CA THR U 105 -62.06 7.32 45.10
C THR U 105 -61.60 6.29 44.08
N ILE U 106 -61.91 6.58 42.81
CA ILE U 106 -61.66 5.65 41.71
C ILE U 106 -60.99 6.43 40.60
N ALA U 107 -59.93 5.86 40.02
CA ALA U 107 -59.35 6.41 38.82
C ALA U 107 -60.37 6.39 37.69
N GLN U 108 -60.29 7.41 36.83
CA GLN U 108 -61.34 7.75 35.87
C GLN U 108 -62.70 7.91 36.56
N GLY U 109 -62.70 8.54 37.72
CA GLY U 109 -63.92 8.69 38.48
C GLY U 109 -64.80 9.86 38.09
N GLY U 110 -64.28 11.07 38.18
CA GLY U 110 -65.12 12.24 38.06
C GLY U 110 -65.98 12.42 39.29
N VAL U 111 -66.86 13.41 39.23
CA VAL U 111 -67.73 13.74 40.33
C VAL U 111 -69.14 13.96 39.83
N LEU U 112 -70.00 14.41 40.74
CA LEU U 112 -71.36 14.76 40.42
C LEU U 112 -71.41 15.96 39.47
N PRO U 113 -72.18 15.87 38.40
CA PRO U 113 -72.42 17.07 37.59
C PRO U 113 -73.30 18.01 38.40
N ASN U 114 -72.68 19.02 39.01
CA ASN U 114 -73.34 19.78 40.06
C ASN U 114 -72.98 21.25 39.93
N ILE U 115 -73.99 22.10 40.02
CA ILE U 115 -73.84 23.54 39.83
C ILE U 115 -74.59 24.22 40.96
N GLN U 116 -73.89 25.06 41.70
CA GLN U 116 -74.54 25.93 42.66
C GLN U 116 -75.29 27.03 41.92
N ALA U 117 -76.62 27.00 42.00
CA ALA U 117 -77.45 27.89 41.19
C ALA U 117 -77.36 29.34 41.64
N VAL U 118 -76.82 29.59 42.83
CA VAL U 118 -76.46 30.93 43.24
C VAL U 118 -75.33 31.51 42.41
N LEU U 119 -74.59 30.68 41.69
CA LEU U 119 -73.59 31.13 40.76
C LEU U 119 -74.08 31.08 39.32
N LEU U 120 -75.28 30.59 39.10
CA LEU U 120 -75.90 30.78 37.81
C LEU U 120 -76.23 32.25 37.60
N PRO U 121 -76.11 32.77 36.39
CA PRO U 121 -76.43 34.17 36.15
C PRO U 121 -77.92 34.43 36.18
N LYS U 122 -78.26 35.72 36.13
CA LYS U 122 -79.64 36.13 36.28
C LYS U 122 -80.22 36.61 34.96
N ARG V 35 -43.67 -19.38 35.18
CA ARG V 35 -44.70 -18.35 35.16
C ARG V 35 -45.55 -18.43 36.44
N SER V 36 -45.43 -17.44 37.29
CA SER V 36 -46.17 -17.41 38.54
C SER V 36 -47.65 -17.13 38.28
N ARG V 37 -48.50 -17.87 38.97
CA ARG V 37 -49.95 -17.82 38.74
C ARG V 37 -50.55 -16.74 39.62
N LYS V 38 -51.13 -15.72 38.99
CA LYS V 38 -51.72 -14.62 39.71
C LYS V 38 -53.23 -14.81 39.86
N GLU V 39 -53.83 -13.99 40.72
CA GLU V 39 -55.22 -14.15 41.14
C GLU V 39 -56.08 -13.07 40.50
N SER V 40 -57.36 -13.40 40.35
CA SER V 40 -58.40 -12.42 40.01
C SER V 40 -59.72 -12.96 40.50
N TYR V 41 -60.72 -12.09 40.60
CA TYR V 41 -62.06 -12.55 40.93
C TYR V 41 -62.98 -12.30 39.75
N SER V 42 -62.39 -12.17 38.57
CA SER V 42 -63.09 -11.59 37.43
C SER V 42 -64.18 -12.51 36.91
N ILE V 43 -63.92 -13.82 36.89
CA ILE V 43 -64.85 -14.74 36.26
C ILE V 43 -66.11 -14.90 37.11
N TYR V 44 -65.98 -14.75 38.41
CA TYR V 44 -67.08 -14.99 39.35
C TYR V 44 -68.10 -13.88 39.27
N VAL V 45 -67.65 -12.65 39.52
CA VAL V 45 -68.49 -11.48 39.43
C VAL V 45 -68.91 -11.26 37.98
N TYR V 46 -68.10 -11.72 37.03
CA TYR V 46 -68.48 -11.75 35.63
C TYR V 46 -69.74 -12.58 35.42
N LYS V 47 -69.77 -13.80 35.97
CA LYS V 47 -70.97 -14.64 35.94
C LYS V 47 -72.15 -13.97 36.64
N VAL V 48 -71.89 -13.29 37.75
CA VAL V 48 -72.96 -12.64 38.50
C VAL V 48 -73.56 -11.50 37.67
N LEU V 49 -72.69 -10.75 36.99
CA LEU V 49 -73.13 -9.71 36.07
C LEU V 49 -73.95 -10.29 34.94
N LYS V 50 -73.51 -11.42 34.38
CA LYS V 50 -74.27 -12.10 33.35
C LYS V 50 -75.63 -12.57 33.85
N GLN V 51 -75.71 -12.96 35.12
CA GLN V 51 -77.00 -13.29 35.72
C GLN V 51 -77.91 -12.07 35.75
N VAL V 52 -77.45 -11.02 36.42
CA VAL V 52 -78.34 -9.87 36.64
C VAL V 52 -78.55 -9.03 35.41
N HIS V 53 -77.66 -9.11 34.42
CA HIS V 53 -77.84 -8.44 33.15
C HIS V 53 -77.19 -9.27 32.07
N PRO V 54 -77.99 -10.04 31.34
CA PRO V 54 -77.42 -10.83 30.25
C PRO V 54 -76.94 -9.97 29.09
N ASP V 55 -77.65 -8.89 28.77
CA ASP V 55 -77.26 -8.02 27.67
C ASP V 55 -76.49 -6.80 28.19
N THR V 56 -75.23 -7.03 28.57
CA THR V 56 -74.39 -5.98 29.14
C THR V 56 -72.93 -6.37 29.00
N GLY V 57 -72.12 -5.46 28.46
CA GLY V 57 -70.67 -5.62 28.45
C GLY V 57 -70.01 -4.85 29.56
N ILE V 58 -68.69 -4.96 29.63
CA ILE V 58 -67.92 -4.34 30.71
C ILE V 58 -66.50 -4.09 30.21
N SER V 59 -65.84 -3.09 30.78
CA SER V 59 -64.43 -2.84 30.51
C SER V 59 -63.56 -3.62 31.48
N SER V 60 -62.32 -3.82 31.07
CA SER V 60 -61.41 -4.64 31.86
C SER V 60 -60.96 -3.92 33.12
N LYS V 61 -60.71 -2.62 33.02
CA LYS V 61 -60.26 -1.85 34.17
C LYS V 61 -61.31 -1.84 35.26
N ALA V 62 -62.58 -1.72 34.86
CA ALA V 62 -63.67 -1.77 35.82
C ALA V 62 -63.76 -3.13 36.50
N MET V 63 -63.40 -4.18 35.77
CA MET V 63 -63.37 -5.50 36.39
C MET V 63 -62.29 -5.56 37.45
N GLY V 64 -61.15 -4.93 37.17
CA GLY V 64 -60.13 -4.81 38.20
C GLY V 64 -60.59 -3.97 39.37
N ILE V 65 -61.39 -2.94 39.10
CA ILE V 65 -61.91 -2.08 40.15
C ILE V 65 -62.79 -2.89 41.08
N MET V 66 -63.63 -3.74 40.50
CA MET V 66 -64.50 -4.56 41.31
C MET V 66 -63.73 -5.58 42.11
N ASN V 67 -62.61 -6.06 41.54
CA ASN V 67 -61.76 -6.97 42.28
C ASN V 67 -61.17 -6.26 43.50
N SER V 68 -60.73 -5.02 43.31
CA SER V 68 -60.24 -4.22 44.42
C SER V 68 -61.35 -3.93 45.43
N PHE V 69 -62.58 -3.80 44.93
CA PHE V 69 -63.73 -3.55 45.78
C PHE V 69 -63.95 -4.72 46.74
N VAL V 70 -63.95 -5.92 46.18
CA VAL V 70 -64.10 -7.14 46.99
C VAL V 70 -62.96 -7.24 47.97
N ASN V 71 -61.75 -6.89 47.54
CA ASN V 71 -60.59 -6.88 48.42
C ASN V 71 -60.82 -5.98 49.62
N ASP V 72 -61.27 -4.75 49.36
CA ASP V 72 -61.42 -3.76 50.42
C ASP V 72 -62.49 -4.16 51.43
N ILE V 73 -63.63 -4.61 50.91
CA ILE V 73 -64.73 -4.97 51.79
C ILE V 73 -64.35 -6.18 52.62
N PHE V 74 -63.70 -7.15 51.99
CA PHE V 74 -63.21 -8.33 52.69
C PHE V 74 -62.23 -7.98 53.78
N GLU V 75 -61.34 -7.02 53.51
CA GLU V 75 -60.33 -6.64 54.49
C GLU V 75 -60.93 -5.95 55.69
N ARG V 76 -61.90 -5.06 55.47
CA ARG V 76 -62.54 -4.39 56.60
C ARG V 76 -63.33 -5.37 57.45
N ILE V 77 -64.02 -6.31 56.79
CA ILE V 77 -64.74 -7.35 57.49
C ILE V 77 -63.80 -8.20 58.33
N ALA V 78 -62.69 -8.61 57.75
CA ALA V 78 -61.77 -9.50 58.44
C ALA V 78 -61.12 -8.81 59.62
N GLY V 79 -60.83 -7.51 59.46
CA GLY V 79 -60.29 -6.76 60.57
C GLY V 79 -61.30 -6.63 61.70
N GLU V 80 -62.57 -6.46 61.34
CA GLU V 80 -63.58 -6.45 62.38
C GLU V 80 -63.74 -7.83 63.00
N ALA V 81 -63.46 -8.87 62.23
CA ALA V 81 -63.52 -10.22 62.78
C ALA V 81 -62.40 -10.45 63.79
N SER V 82 -61.22 -9.93 63.50
CA SER V 82 -60.10 -10.07 64.43
C SER V 82 -60.36 -9.29 65.69
N ARG V 83 -60.95 -8.10 65.55
CA ARG V 83 -61.34 -7.37 66.75
C ARG V 83 -62.49 -8.06 67.47
N LEU V 84 -63.37 -8.74 66.74
CA LEU V 84 -64.39 -9.56 67.38
C LEU V 84 -63.77 -10.64 68.23
N ALA V 85 -62.72 -11.25 67.71
CA ALA V 85 -61.99 -12.26 68.44
C ALA V 85 -61.37 -11.71 69.71
N HIS V 86 -60.66 -10.59 69.58
CA HIS V 86 -59.89 -10.10 70.72
C HIS V 86 -60.77 -9.39 71.74
N TYR V 87 -61.91 -8.87 71.31
CA TYR V 87 -62.83 -8.37 72.33
C TYR V 87 -63.78 -9.47 72.77
N ASN V 88 -63.61 -10.69 72.28
CA ASN V 88 -64.33 -11.80 72.82
C ASN V 88 -63.43 -12.89 73.39
N LYS V 89 -62.11 -12.72 73.28
CA LYS V 89 -61.10 -13.63 73.84
C LYS V 89 -61.26 -15.05 73.33
N ARG V 90 -61.71 -15.17 72.09
CA ARG V 90 -61.96 -16.44 71.44
C ARG V 90 -61.24 -16.44 70.10
N SER V 91 -60.98 -17.62 69.58
CA SER V 91 -60.21 -17.71 68.33
C SER V 91 -60.90 -18.58 67.29
N THR V 92 -62.14 -18.96 67.52
CA THR V 92 -62.91 -19.71 66.54
C THR V 92 -63.68 -18.67 65.75
N ILE V 93 -63.85 -18.89 64.45
CA ILE V 93 -64.72 -18.02 63.66
C ILE V 93 -65.90 -18.83 63.15
N THR V 94 -67.11 -18.43 63.53
CA THR V 94 -68.32 -18.95 62.93
C THR V 94 -69.01 -17.85 62.12
N SER V 95 -70.13 -18.21 61.51
CA SER V 95 -70.92 -17.31 60.68
C SER V 95 -71.59 -16.19 61.47
N ARG V 96 -71.81 -16.42 62.77
CA ARG V 96 -72.46 -15.43 63.63
C ARG V 96 -71.60 -14.18 63.72
N GLU V 97 -70.29 -14.38 63.80
CA GLU V 97 -69.35 -13.26 63.85
C GLU V 97 -69.34 -12.50 62.54
N ILE V 98 -69.52 -13.22 61.44
CA ILE V 98 -69.57 -12.57 60.14
C ILE V 98 -70.81 -11.71 60.03
N GLN V 99 -71.94 -12.22 60.55
CA GLN V 99 -73.19 -11.46 60.57
C GLN V 99 -73.05 -10.19 61.38
N THR V 100 -72.52 -10.31 62.59
CA THR V 100 -72.41 -9.12 63.42
C THR V 100 -71.37 -8.17 62.88
N ALA V 101 -70.37 -8.67 62.15
CA ALA V 101 -69.41 -7.81 61.50
C ALA V 101 -70.04 -7.01 60.37
N VAL V 102 -70.86 -7.66 59.56
CA VAL V 102 -71.50 -6.98 58.44
C VAL V 102 -72.45 -5.91 58.94
N ARG V 103 -73.25 -6.23 59.96
CA ARG V 103 -74.16 -5.19 60.44
C ARG V 103 -73.47 -4.23 61.40
N LEU V 104 -72.19 -4.44 61.70
CA LEU V 104 -71.41 -3.34 62.24
C LEU V 104 -70.91 -2.42 61.14
N LEU V 105 -70.51 -2.98 59.99
CA LEU V 105 -69.88 -2.12 59.02
C LEU V 105 -70.90 -1.47 58.09
N LEU V 106 -71.72 -2.20 57.55
CA LEU V 106 -72.59 -1.64 56.53
C LEU V 106 -73.78 -0.92 57.14
N PRO V 107 -74.31 0.09 56.45
CA PRO V 107 -75.52 0.77 56.94
C PRO V 107 -76.77 -0.10 56.78
N GLY V 108 -77.74 0.20 57.64
CA GLY V 108 -78.84 -0.67 58.02
C GLY V 108 -79.62 -1.48 57.01
N GLU V 109 -80.27 -0.82 56.05
CA GLU V 109 -81.24 -1.50 55.19
C GLU V 109 -80.55 -2.45 54.23
N LEU V 110 -79.53 -1.94 53.55
CA LEU V 110 -78.62 -2.76 52.76
C LEU V 110 -78.07 -3.94 53.54
N ALA V 111 -77.64 -3.66 54.78
CA ALA V 111 -77.07 -4.69 55.64
C ALA V 111 -78.07 -5.77 55.97
N LYS V 112 -79.31 -5.41 56.26
CA LYS V 112 -80.30 -6.40 56.64
C LYS V 112 -80.68 -7.25 55.44
N HIS V 113 -80.75 -6.65 54.24
CA HIS V 113 -80.97 -7.45 53.04
C HIS V 113 -79.82 -8.43 52.81
N ALA V 114 -78.60 -7.98 53.02
CA ALA V 114 -77.47 -8.87 52.82
C ALA V 114 -77.44 -9.98 53.86
N VAL V 115 -77.83 -9.67 55.10
CA VAL V 115 -77.91 -10.68 56.15
C VAL V 115 -78.96 -11.71 55.80
N SER V 116 -80.06 -11.26 55.19
CA SER V 116 -81.11 -12.17 54.76
C SER V 116 -80.59 -13.13 53.69
N GLU V 117 -79.87 -12.57 52.71
CA GLU V 117 -79.31 -13.40 51.63
C GLU V 117 -78.33 -14.43 52.19
N GLY V 118 -77.46 -13.99 53.09
CA GLY V 118 -76.49 -14.90 53.67
C GLY V 118 -77.12 -15.96 54.53
N THR V 119 -78.17 -15.59 55.26
CA THR V 119 -78.79 -16.53 56.17
C THR V 119 -79.55 -17.60 55.40
N LYS V 120 -80.24 -17.19 54.33
CA LYS V 120 -80.93 -18.16 53.49
C LYS V 120 -79.95 -19.07 52.79
N ALA V 121 -78.77 -18.53 52.44
CA ALA V 121 -77.75 -19.37 51.85
C ALA V 121 -77.19 -20.37 52.87
N VAL V 122 -77.06 -19.94 54.13
CA VAL V 122 -76.62 -20.82 55.21
C VAL V 122 -77.59 -21.97 55.39
N THR V 123 -78.88 -21.64 55.34
CA THR V 123 -79.91 -22.67 55.46
C THR V 123 -79.86 -23.64 54.27
N LYS V 124 -79.74 -23.12 53.05
CA LYS V 124 -79.78 -23.99 51.88
C LYS V 124 -78.54 -24.87 51.80
N TYR V 125 -77.38 -24.36 52.21
CA TYR V 125 -76.20 -25.22 52.24
C TYR V 125 -76.25 -26.23 53.36
N THR V 126 -76.30 -25.76 54.61
CA THR V 126 -76.18 -26.66 55.75
C THR V 126 -77.40 -27.53 55.98
N SER V 127 -78.52 -27.26 55.29
CA SER V 127 -79.65 -28.17 55.34
C SER V 127 -79.33 -29.47 54.62
N ALA V 128 -78.73 -29.37 53.45
CA ALA V 128 -78.06 -30.49 52.81
C ALA V 128 -76.65 -30.61 53.39
N LYS V 129 -75.79 -31.36 52.71
CA LYS V 129 -74.40 -31.47 53.15
C LYS V 129 -73.68 -30.14 52.94
N HIS W 43 -67.57 39.89 18.00
CA HIS W 43 -67.87 40.84 19.06
C HIS W 43 -67.47 40.24 20.39
N ARG W 44 -67.83 40.90 21.49
CA ARG W 44 -67.39 40.46 22.81
C ARG W 44 -68.54 39.82 23.57
N TYR W 45 -68.26 38.70 24.23
CA TYR W 45 -69.23 38.02 25.06
C TYR W 45 -69.20 38.56 26.48
N ARG W 46 -70.27 38.36 27.23
CA ARG W 46 -70.37 38.87 28.58
C ARG W 46 -69.87 37.85 29.57
N PRO W 47 -69.13 38.28 30.59
CA PRO W 47 -68.29 37.34 31.36
C PRO W 47 -69.10 36.41 32.24
N GLY W 48 -68.44 35.33 32.67
CA GLY W 48 -69.02 34.32 33.50
C GLY W 48 -69.63 33.18 32.72
N THR W 49 -69.99 33.40 31.47
CA THR W 49 -70.81 32.44 30.74
C THR W 49 -69.97 31.26 30.28
N VAL W 50 -68.86 31.54 29.61
CA VAL W 50 -68.02 30.52 29.01
C VAL W 50 -67.44 29.60 30.08
N ALA W 51 -67.17 30.16 31.26
CA ALA W 51 -66.66 29.39 32.37
C ALA W 51 -67.65 28.33 32.82
N LEU W 52 -68.92 28.71 32.97
CA LEU W 52 -69.91 27.73 33.40
C LEU W 52 -70.21 26.73 32.29
N ARG W 53 -70.13 27.17 31.04
CA ARG W 53 -70.33 26.26 29.93
C ARG W 53 -69.24 25.20 29.90
N GLU W 54 -68.01 25.61 30.18
CA GLU W 54 -66.96 24.61 30.24
C GLU W 54 -66.92 23.88 31.56
N ILE W 55 -67.62 24.37 32.60
CA ILE W 55 -67.87 23.52 33.75
C ILE W 55 -68.77 22.36 33.35
N ARG W 56 -69.82 22.66 32.58
CA ARG W 56 -70.70 21.61 32.06
C ARG W 56 -69.96 20.70 31.09
N ARG W 57 -68.95 21.24 30.42
CA ARG W 57 -68.15 20.37 29.57
C ARG W 57 -67.18 19.51 30.38
N TYR W 58 -66.56 20.06 31.42
CA TYR W 58 -65.49 19.41 32.18
C TYR W 58 -66.00 18.56 33.32
N GLN W 59 -67.31 18.50 33.52
CA GLN W 59 -67.89 17.49 34.38
C GLN W 59 -68.18 16.20 33.63
N LYS W 60 -67.65 16.05 32.42
CA LYS W 60 -68.00 14.91 31.59
C LYS W 60 -66.87 13.91 31.43
N SER W 61 -65.74 14.33 30.88
CA SER W 61 -64.64 13.41 30.64
C SER W 61 -63.77 13.35 31.88
N THR W 62 -63.57 12.14 32.40
CA THR W 62 -62.73 11.94 33.57
C THR W 62 -61.27 11.80 33.21
N GLU W 63 -60.84 12.31 32.06
CA GLU W 63 -59.46 12.22 31.66
C GLU W 63 -58.62 13.17 32.49
N LEU W 64 -57.32 12.87 32.56
CA LEU W 64 -56.43 13.59 33.45
C LEU W 64 -56.17 15.01 32.95
N LEU W 65 -56.30 15.97 33.86
CA LEU W 65 -56.14 17.37 33.50
C LEU W 65 -54.69 17.78 33.33
N ILE W 66 -53.84 17.55 34.32
CA ILE W 66 -52.43 17.89 34.16
C ILE W 66 -51.79 16.86 33.25
N ARG W 67 -51.17 17.30 32.16
CA ARG W 67 -50.55 16.33 31.29
C ARG W 67 -49.17 15.92 31.80
N LYS W 68 -48.60 14.91 31.16
CA LYS W 68 -47.82 13.91 31.85
C LYS W 68 -46.44 14.41 32.25
N LEU W 69 -45.60 14.71 31.25
CA LEU W 69 -44.20 15.09 31.36
C LEU W 69 -43.86 16.13 32.44
N PRO W 70 -44.57 17.27 32.55
CA PRO W 70 -44.18 18.21 33.61
C PRO W 70 -44.52 17.70 34.99
N PHE W 71 -45.67 17.02 35.10
CA PHE W 71 -46.06 16.40 36.36
C PHE W 71 -45.05 15.35 36.78
N GLN W 72 -44.58 14.57 35.82
CA GLN W 72 -43.57 13.56 36.07
C GLN W 72 -42.27 14.19 36.53
N ARG W 73 -41.88 15.30 35.91
CA ARG W 73 -40.66 15.99 36.33
C ARG W 73 -40.78 16.53 37.75
N LEU W 74 -41.96 17.04 38.10
CA LEU W 74 -42.15 17.59 39.43
C LEU W 74 -42.09 16.49 40.49
N VAL W 75 -42.75 15.38 40.21
CA VAL W 75 -42.72 14.26 41.12
C VAL W 75 -41.32 13.70 41.26
N ARG W 76 -40.59 13.60 40.14
CA ARG W 76 -39.21 13.12 40.21
C ARG W 76 -38.32 14.06 41.00
N GLU W 77 -38.52 15.35 40.83
CA GLU W 77 -37.72 16.35 41.54
C GLU W 77 -38.05 16.35 43.03
N ILE W 78 -39.18 15.75 43.38
CA ILE W 78 -39.61 15.68 44.77
C ILE W 78 -39.01 14.45 45.46
N ALA W 79 -39.25 13.28 44.87
CA ALA W 79 -38.74 12.03 45.42
C ALA W 79 -37.23 12.10 45.63
N GLN W 80 -36.52 12.63 44.64
CA GLN W 80 -35.07 12.75 44.70
C GLN W 80 -34.64 13.28 46.07
N ASP W 81 -35.43 14.22 46.61
CA ASP W 81 -35.20 14.79 47.94
C ASP W 81 -35.31 13.74 49.06
N PHE W 82 -35.91 12.59 48.76
CA PHE W 82 -36.05 11.54 49.77
C PHE W 82 -35.08 10.41 49.53
N LYS W 83 -34.79 10.14 48.26
CA LYS W 83 -33.87 9.07 47.88
C LYS W 83 -33.42 9.20 46.43
N THR W 84 -32.36 8.49 46.08
CA THR W 84 -31.84 8.52 44.72
C THR W 84 -32.02 7.19 44.02
N ASP W 85 -31.85 7.20 42.70
CA ASP W 85 -31.99 5.99 41.87
C ASP W 85 -33.28 5.25 42.15
N LEU W 86 -34.41 5.88 41.84
CA LEU W 86 -35.71 5.28 42.06
C LEU W 86 -36.57 5.30 40.80
N ARG W 87 -36.29 4.38 39.88
CA ARG W 87 -37.04 4.29 38.64
C ARG W 87 -38.52 4.09 38.93
N PHE W 88 -39.34 5.08 38.55
CA PHE W 88 -40.77 5.01 38.78
C PHE W 88 -41.45 4.15 37.75
N GLN W 89 -42.33 2.98 38.17
CA GLN W 89 -43.37 2.39 37.35
C GLN W 89 -44.29 3.48 36.84
N SER W 90 -44.54 3.45 35.53
CA SER W 90 -45.40 4.46 34.91
C SER W 90 -46.85 4.36 35.38
N ALA W 91 -47.31 3.15 35.69
CA ALA W 91 -48.65 2.99 36.24
C ALA W 91 -48.74 3.63 37.61
N ALA W 92 -47.67 3.57 38.39
CA ALA W 92 -47.63 4.26 39.67
C ALA W 92 -47.70 5.76 39.49
N ILE W 93 -47.08 6.26 38.42
CA ILE W 93 -47.13 7.67 38.10
C ILE W 93 -48.55 8.09 37.76
N GLY W 94 -49.25 7.25 36.98
CA GLY W 94 -50.66 7.51 36.71
C GLY W 94 -51.52 7.48 37.97
N ALA W 95 -51.17 6.60 38.91
CA ALA W 95 -51.88 6.53 40.18
C ALA W 95 -51.73 7.81 40.98
N LEU W 96 -50.49 8.28 41.12
CA LEU W 96 -50.21 9.56 41.75
C LEU W 96 -50.96 10.69 41.09
N GLN W 97 -51.02 10.68 39.76
CA GLN W 97 -51.68 11.74 39.01
C GLN W 97 -53.18 11.75 39.28
N GLU W 98 -53.80 10.58 39.21
CA GLU W 98 -55.22 10.42 39.49
C GLU W 98 -55.56 10.90 40.90
N ALA W 99 -54.83 10.40 41.90
CA ALA W 99 -55.14 10.70 43.29
C ALA W 99 -54.96 12.17 43.58
N SER W 100 -53.93 12.77 42.99
CA SER W 100 -53.66 14.18 43.19
C SER W 100 -54.77 15.03 42.60
N GLU W 101 -55.20 14.69 41.37
CA GLU W 101 -56.20 15.54 40.72
C GLU W 101 -57.56 15.43 41.40
N ALA W 102 -57.97 14.23 41.81
CA ALA W 102 -59.25 14.09 42.49
C ALA W 102 -59.22 14.79 43.86
N TYR W 103 -58.10 14.65 44.57
CA TYR W 103 -57.86 15.32 45.83
C TYR W 103 -58.06 16.82 45.73
N LEU W 104 -57.37 17.43 44.78
CA LEU W 104 -57.47 18.86 44.60
C LEU W 104 -58.85 19.30 44.14
N VAL W 105 -59.54 18.48 43.33
CA VAL W 105 -60.88 18.86 42.88
C VAL W 105 -61.84 18.89 44.06
N GLY W 106 -61.79 17.89 44.92
CA GLY W 106 -62.68 17.87 46.07
C GLY W 106 -62.39 18.99 47.05
N LEU W 107 -61.11 19.29 47.25
CA LEU W 107 -60.75 20.39 48.14
C LEU W 107 -61.20 21.72 47.55
N PHE W 108 -61.17 21.84 46.23
CA PHE W 108 -61.77 22.98 45.57
C PHE W 108 -63.26 23.07 45.79
N GLU W 109 -63.94 21.94 45.80
CA GLU W 109 -65.39 21.97 45.99
C GLU W 109 -65.74 22.52 47.36
N ASP W 110 -65.05 22.04 48.40
CA ASP W 110 -65.29 22.59 49.74
C ASP W 110 -64.90 24.05 49.84
N THR W 111 -63.82 24.45 49.17
CA THR W 111 -63.40 25.85 49.22
C THR W 111 -64.40 26.75 48.50
N ASN W 112 -64.95 26.26 47.39
CA ASN W 112 -65.97 26.99 46.65
C ASN W 112 -67.22 27.16 47.48
N LEU W 113 -67.62 26.12 48.20
CA LEU W 113 -68.81 26.24 49.04
C LEU W 113 -68.56 27.16 50.22
N CYS W 114 -67.31 27.22 50.70
CA CYS W 114 -66.95 28.21 51.71
C CYS W 114 -67.15 29.62 51.20
N ALA W 115 -66.70 29.88 49.98
CA ALA W 115 -66.82 31.23 49.44
C ALA W 115 -68.27 31.59 49.14
N ILE W 116 -69.07 30.61 48.70
CA ILE W 116 -70.50 30.82 48.50
C ILE W 116 -71.17 31.17 49.81
N HIS W 117 -70.75 30.53 50.89
CA HIS W 117 -71.21 30.93 52.21
C HIS W 117 -70.72 32.31 52.58
N ALA W 118 -69.56 32.71 52.07
CA ALA W 118 -68.94 33.98 52.44
C ALA W 118 -69.53 35.16 51.69
N LYS W 119 -70.73 35.02 51.12
CA LYS W 119 -71.50 36.09 50.47
C LYS W 119 -70.75 36.67 49.28
N ARG W 120 -69.94 35.82 48.65
CA ARG W 120 -69.10 36.21 47.54
C ARG W 120 -69.15 35.13 46.47
N VAL W 121 -68.50 35.41 45.35
CA VAL W 121 -68.41 34.44 44.28
C VAL W 121 -66.97 34.03 44.00
N THR W 122 -66.01 34.92 44.19
CA THR W 122 -64.63 34.66 43.83
C THR W 122 -63.92 33.98 45.00
N ILE W 123 -63.00 33.09 44.68
CA ILE W 123 -62.20 32.44 45.69
C ILE W 123 -61.18 33.41 46.30
N MET W 124 -60.68 33.03 47.47
CA MET W 124 -59.61 33.73 48.16
C MET W 124 -58.67 32.68 48.71
N PRO W 125 -57.40 33.02 48.95
CA PRO W 125 -56.51 32.05 49.61
C PRO W 125 -56.90 31.76 51.04
N LYS W 126 -57.47 32.77 51.73
CA LYS W 126 -57.98 32.56 53.07
C LYS W 126 -59.08 31.53 53.12
N ASP W 127 -59.80 31.34 52.01
CA ASP W 127 -60.81 30.30 51.94
C ASP W 127 -60.17 28.92 51.99
N ILE W 128 -59.05 28.76 51.28
CA ILE W 128 -58.32 27.51 51.33
C ILE W 128 -57.79 27.27 52.72
N GLN W 129 -57.34 28.34 53.38
CA GLN W 129 -56.88 28.22 54.75
C GLN W 129 -57.99 27.79 55.68
N LEU W 130 -59.20 28.31 55.46
CA LEU W 130 -60.34 27.94 56.29
C LEU W 130 -60.71 26.48 56.10
N ALA W 131 -60.74 26.04 54.84
CA ALA W 131 -61.10 24.65 54.57
C ALA W 131 -60.08 23.69 55.12
N ARG W 132 -58.80 24.03 54.97
CA ARG W 132 -57.73 23.20 55.50
C ARG W 132 -57.75 23.19 57.02
N ARG W 133 -58.11 24.32 57.62
CA ARG W 133 -58.21 24.41 59.07
C ARG W 133 -59.36 23.57 59.60
N ILE W 134 -60.40 23.39 58.78
CA ILE W 134 -61.46 22.48 59.17
C ILE W 134 -61.01 21.03 59.04
N ARG W 135 -60.35 20.70 57.92
CA ARG W 135 -59.92 19.31 57.75
C ARG W 135 -58.78 18.92 58.67
N GLY W 136 -57.84 19.84 58.93
CA GLY W 136 -56.79 19.56 59.89
C GLY W 136 -55.48 19.10 59.33
N GLU W 137 -55.10 19.59 58.14
CA GLU W 137 -53.76 19.31 57.65
C GLU W 137 -52.72 20.07 58.46
N ARG W 138 -52.75 21.39 58.37
CA ARG W 138 -51.91 22.24 59.18
C ARG W 138 -52.44 22.23 60.61
N ALA W 139 -51.57 22.44 61.58
CA ALA W 139 -52.00 22.72 62.93
C ALA W 139 -52.70 24.07 62.98
N ASN X 29 -39.47 24.00 38.08
CA ASN X 29 -39.54 23.15 39.26
C ASN X 29 -41.01 22.96 39.64
N ILE X 30 -41.41 23.60 40.73
CA ILE X 30 -42.82 23.65 41.10
C ILE X 30 -43.61 24.52 40.13
N GLN X 31 -42.92 25.38 39.38
CA GLN X 31 -43.55 26.29 38.44
C GLN X 31 -43.90 25.61 37.13
N GLY X 32 -43.78 24.28 37.06
CA GLY X 32 -44.32 23.54 35.93
C GLY X 32 -45.82 23.40 35.96
N ILE X 33 -46.46 23.84 37.04
CA ILE X 33 -47.91 23.85 37.13
C ILE X 33 -48.42 25.09 36.42
N THR X 34 -49.16 24.91 35.34
CA THR X 34 -49.66 26.08 34.62
C THR X 34 -50.90 26.64 35.28
N LYS X 35 -51.11 27.93 35.09
CA LYS X 35 -52.36 28.58 35.47
C LYS X 35 -53.62 27.91 34.90
N PRO X 36 -53.74 27.58 33.61
CA PRO X 36 -54.97 26.92 33.16
C PRO X 36 -55.14 25.52 33.67
N ALA X 37 -54.10 24.90 34.19
CA ALA X 37 -54.27 23.61 34.86
C ALA X 37 -55.08 23.74 36.13
N ILE X 38 -54.70 24.67 37.00
CA ILE X 38 -55.46 24.88 38.23
C ILE X 38 -56.81 25.47 37.91
N ARG X 39 -56.92 26.21 36.79
CA ARG X 39 -58.24 26.63 36.31
C ARG X 39 -59.11 25.45 35.93
N ARG X 40 -58.55 24.47 35.22
CA ARG X 40 -59.28 23.26 34.90
C ARG X 40 -59.65 22.49 36.15
N LEU X 41 -58.79 22.55 37.17
CA LEU X 41 -59.12 21.99 38.47
C LEU X 41 -60.30 22.69 39.11
N ALA X 42 -60.41 23.98 38.92
CA ALA X 42 -61.61 24.68 39.37
C ALA X 42 -62.82 24.29 38.55
N ARG X 43 -62.61 23.99 37.28
CA ARG X 43 -63.73 23.70 36.39
C ARG X 43 -64.34 22.33 36.70
N ARG X 44 -63.50 21.31 36.90
CA ARG X 44 -64.03 20.02 37.31
C ARG X 44 -64.55 20.08 38.72
N GLY X 45 -63.95 20.91 39.56
CA GLY X 45 -64.59 21.27 40.81
C GLY X 45 -65.85 22.06 40.62
N GLY X 46 -65.95 22.80 39.53
CA GLY X 46 -67.12 23.61 39.26
C GLY X 46 -67.04 24.99 39.85
N VAL X 47 -65.89 25.64 39.81
CA VAL X 47 -65.70 26.91 40.48
C VAL X 47 -65.64 28.00 39.41
N LYS X 48 -66.30 29.12 39.67
CA LYS X 48 -66.51 30.09 38.62
C LYS X 48 -65.38 31.11 38.55
N ARG X 49 -65.16 31.87 39.61
CA ARG X 49 -64.37 33.09 39.51
C ARG X 49 -63.13 33.01 40.40
N ILE X 50 -62.00 33.44 39.84
CA ILE X 50 -60.68 33.06 40.33
C ILE X 50 -59.91 34.30 40.75
N SER X 51 -59.23 34.23 41.90
CA SER X 51 -58.37 35.33 42.36
C SER X 51 -56.92 35.14 41.94
N GLY X 52 -56.00 35.89 42.56
CA GLY X 52 -54.62 35.90 42.15
C GLY X 52 -53.68 34.93 42.87
N LEU X 53 -53.58 35.04 44.20
CA LEU X 53 -52.58 34.31 44.99
C LEU X 53 -52.88 32.82 45.12
N ILE X 54 -54.07 32.44 44.65
CA ILE X 54 -54.58 31.08 44.51
C ILE X 54 -53.55 30.14 43.92
N TYR X 55 -52.81 30.61 42.93
CA TYR X 55 -51.95 29.74 42.14
C TYR X 55 -50.80 29.22 42.97
N GLU X 56 -50.10 30.14 43.64
CA GLU X 56 -48.93 29.77 44.42
C GLU X 56 -49.37 29.01 45.68
N GLU X 57 -50.52 29.39 46.24
CA GLU X 57 -51.04 28.66 47.38
C GLU X 57 -51.37 27.21 47.01
N THR X 58 -51.91 27.03 45.80
CA THR X 58 -52.26 25.72 45.29
C THR X 58 -51.04 24.85 45.13
N ARG X 59 -49.99 25.42 44.52
CA ARG X 59 -48.75 24.70 44.32
C ARG X 59 -48.14 24.29 45.65
N GLY X 60 -48.27 25.14 46.67
CA GLY X 60 -47.72 24.80 47.97
C GLY X 60 -48.43 23.63 48.63
N VAL X 61 -49.77 23.65 48.60
CA VAL X 61 -50.50 22.58 49.28
C VAL X 61 -50.32 21.26 48.53
N LEU X 62 -50.32 21.33 47.19
CA LEU X 62 -50.01 20.15 46.38
C LEU X 62 -48.64 19.58 46.71
N LYS X 63 -47.68 20.47 46.95
CA LYS X 63 -46.33 20.04 47.27
C LYS X 63 -46.28 19.27 48.57
N VAL X 64 -46.92 19.80 49.62
CA VAL X 64 -46.88 19.13 50.93
C VAL X 64 -47.59 17.78 50.88
N PHE X 65 -48.69 17.74 50.11
CA PHE X 65 -49.42 16.50 49.86
C PHE X 65 -48.53 15.43 49.25
N LEU X 66 -47.88 15.77 48.13
CA LEU X 66 -46.99 14.83 47.47
C LEU X 66 -45.77 14.50 48.34
N GLU X 67 -45.36 15.44 49.20
CA GLU X 67 -44.24 15.20 50.10
C GLU X 67 -44.51 14.05 51.04
N ASN X 68 -45.64 14.11 51.75
CA ASN X 68 -45.97 13.02 52.68
C ASN X 68 -46.19 11.71 51.95
N VAL X 69 -46.88 11.77 50.80
CA VAL X 69 -47.21 10.57 50.04
C VAL X 69 -45.95 9.87 49.56
N ILE X 70 -45.08 10.60 48.89
CA ILE X 70 -43.93 9.95 48.29
C ILE X 70 -42.88 9.63 49.33
N ARG X 71 -42.88 10.33 50.48
CA ARG X 71 -42.00 9.97 51.59
C ARG X 71 -42.30 8.58 52.10
N ASP X 72 -43.56 8.32 52.47
CA ASP X 72 -43.84 6.98 52.96
C ASP X 72 -43.85 5.94 51.85
N ALA X 73 -44.04 6.36 50.60
CA ALA X 73 -43.89 5.43 49.48
C ALA X 73 -42.46 4.94 49.35
N VAL X 74 -41.51 5.86 49.44
CA VAL X 74 -40.12 5.47 49.38
C VAL X 74 -39.72 4.73 50.65
N THR X 75 -40.43 4.97 51.76
CA THR X 75 -40.22 4.14 52.93
C THR X 75 -40.60 2.69 52.69
N TYR X 76 -41.76 2.48 52.05
CA TYR X 76 -42.15 1.14 51.61
C TYR X 76 -41.11 0.51 50.70
N THR X 77 -40.58 1.28 49.77
CA THR X 77 -39.63 0.69 48.83
C THR X 77 -38.28 0.46 49.49
N GLU X 78 -37.94 1.26 50.49
CA GLU X 78 -36.79 1.00 51.35
C GLU X 78 -36.90 -0.33 52.03
N HIS X 79 -38.08 -0.66 52.56
CA HIS X 79 -38.22 -1.99 53.11
C HIS X 79 -38.24 -3.05 52.03
N ALA X 80 -38.64 -2.70 50.81
CA ALA X 80 -38.65 -3.65 49.71
C ALA X 80 -37.26 -4.07 49.26
N LYS X 81 -36.22 -3.31 49.63
CA LYS X 81 -34.82 -3.54 49.25
C LYS X 81 -34.64 -3.51 47.74
N ARG X 82 -35.50 -2.78 47.05
CA ARG X 82 -35.51 -2.75 45.60
C ARG X 82 -35.49 -1.32 45.14
N LYS X 83 -34.95 -1.10 43.93
CA LYS X 83 -34.73 0.25 43.40
C LYS X 83 -35.87 0.96 42.69
N THR X 84 -37.02 0.30 42.59
CA THR X 84 -38.16 0.91 41.93
C THR X 84 -39.34 0.87 42.88
N VAL X 85 -40.00 2.01 43.06
CA VAL X 85 -41.19 2.05 43.89
C VAL X 85 -42.31 1.35 43.14
N THR X 86 -42.97 0.42 43.81
CA THR X 86 -44.05 -0.30 43.17
C THR X 86 -45.30 0.56 43.18
N ALA X 87 -46.18 0.30 42.21
CA ALA X 87 -47.51 0.89 42.27
C ALA X 87 -48.28 0.37 43.47
N MET X 88 -48.00 -0.88 43.87
CA MET X 88 -48.59 -1.45 45.07
C MET X 88 -48.27 -0.63 46.30
N ASP X 89 -47.00 -0.23 46.45
CA ASP X 89 -46.58 0.56 47.59
C ASP X 89 -47.24 1.93 47.60
N VAL X 90 -47.43 2.51 46.41
CA VAL X 90 -48.18 3.76 46.30
C VAL X 90 -49.59 3.57 46.82
N VAL X 91 -50.23 2.47 46.43
CA VAL X 91 -51.58 2.19 46.85
C VAL X 91 -51.63 2.00 48.37
N TYR X 92 -50.68 1.25 48.90
CA TYR X 92 -50.70 0.98 50.33
C TYR X 92 -50.39 2.22 51.14
N ALA X 93 -49.57 3.12 50.60
CA ALA X 93 -49.30 4.37 51.29
C ALA X 93 -50.52 5.26 51.29
N LEU X 94 -51.28 5.22 50.19
CA LEU X 94 -52.56 5.92 50.19
C LEU X 94 -53.52 5.34 51.21
N LYS X 95 -53.51 4.02 51.38
CA LYS X 95 -54.29 3.40 52.45
C LYS X 95 -53.79 3.87 53.82
N ARG X 96 -52.48 4.05 53.95
CA ARG X 96 -51.91 4.46 55.22
C ARG X 96 -52.31 5.89 55.55
N GLN X 97 -52.50 6.73 54.56
CA GLN X 97 -53.10 8.02 54.84
C GLN X 97 -54.61 8.01 54.75
N GLY X 98 -55.24 6.84 54.70
CA GLY X 98 -56.68 6.78 54.66
C GLY X 98 -57.26 7.31 53.38
N ARG X 99 -56.57 7.11 52.27
CA ARG X 99 -56.92 7.71 50.99
C ARG X 99 -57.07 6.63 49.95
N THR X 100 -57.89 5.64 50.29
CA THR X 100 -57.97 4.41 49.53
C THR X 100 -58.50 4.64 48.13
N LEU X 101 -57.70 4.22 47.15
CA LEU X 101 -57.98 4.38 45.74
C LEU X 101 -58.01 3.02 45.09
N TYR X 102 -59.09 2.74 44.37
CA TYR X 102 -59.22 1.49 43.65
C TYR X 102 -58.52 1.60 42.30
N GLY X 103 -58.84 0.67 41.42
CA GLY X 103 -58.51 0.81 40.02
C GLY X 103 -57.23 0.17 39.60
N PHE X 104 -56.17 0.31 40.36
CA PHE X 104 -54.86 -0.11 39.88
C PHE X 104 -54.32 -1.30 40.66
N GLY X 105 -55.18 -2.23 41.02
CA GLY X 105 -54.76 -3.41 41.74
C GLY X 105 -54.34 -3.11 43.16
N GLY X 106 -55.31 -2.88 44.04
CA GLY X 106 -55.00 -2.60 45.43
C GLY X 106 -55.81 -3.42 46.42
N ALA Y 18 -26.88 -11.29 83.89
CA ALA Y 18 -28.27 -10.87 83.98
C ALA Y 18 -29.21 -11.99 83.51
N LYS Y 19 -30.07 -12.45 84.42
CA LYS Y 19 -31.01 -13.51 84.08
C LYS Y 19 -32.10 -12.98 83.15
N THR Y 20 -32.73 -11.88 83.55
CA THR Y 20 -33.86 -11.35 82.80
C THR Y 20 -33.39 -10.58 81.58
N ARG Y 21 -34.13 -10.74 80.48
CA ARG Y 21 -33.83 -10.04 79.24
C ARG Y 21 -33.99 -8.53 79.36
N SER Y 22 -34.84 -8.08 80.29
CA SER Y 22 -34.95 -6.66 80.56
C SER Y 22 -33.65 -6.11 81.13
N SER Y 23 -33.03 -6.86 82.04
CA SER Y 23 -31.71 -6.48 82.50
C SER Y 23 -30.66 -6.69 81.42
N ARG Y 24 -30.89 -7.67 80.53
CA ARG Y 24 -29.99 -7.85 79.39
C ARG Y 24 -30.17 -6.77 78.35
N ALA Y 25 -31.28 -6.03 78.40
CA ALA Y 25 -31.45 -4.89 77.53
C ALA Y 25 -31.23 -3.57 78.26
N GLY Y 26 -31.17 -3.59 79.58
CA GLY Y 26 -30.99 -2.36 80.33
C GLY Y 26 -32.17 -1.42 80.24
N LEU Y 27 -33.36 -1.95 80.06
CA LEU Y 27 -34.56 -1.18 79.81
C LEU Y 27 -35.55 -1.39 80.94
N GLN Y 28 -36.77 -0.91 80.74
CA GLN Y 28 -37.76 -0.96 81.80
C GLN Y 28 -39.04 -1.72 81.43
N PHE Y 29 -39.13 -2.26 80.23
CA PHE Y 29 -40.36 -2.95 79.83
C PHE Y 29 -40.14 -4.45 79.78
N PRO Y 30 -41.16 -5.28 79.99
CA PRO Y 30 -40.98 -6.72 79.85
C PRO Y 30 -41.08 -7.15 78.39
N VAL Y 31 -40.00 -7.75 77.90
CA VAL Y 31 -39.95 -8.08 76.48
C VAL Y 31 -40.77 -9.33 76.19
N GLY Y 32 -40.67 -10.35 77.04
CA GLY Y 32 -41.38 -11.60 76.80
C GLY Y 32 -42.88 -11.44 76.89
N ARG Y 33 -43.32 -10.45 77.69
CA ARG Y 33 -44.66 -9.91 77.59
C ARG Y 33 -45.02 -9.58 76.15
N VAL Y 34 -44.18 -8.77 75.50
CA VAL Y 34 -44.47 -8.29 74.16
C VAL Y 34 -44.41 -9.44 73.16
N HIS Y 35 -43.49 -10.37 73.38
CA HIS Y 35 -43.38 -11.52 72.49
C HIS Y 35 -44.61 -12.42 72.62
N ARG Y 36 -45.15 -12.55 73.83
CA ARG Y 36 -46.37 -13.33 73.98
C ARG Y 36 -47.55 -12.59 73.38
N LEU Y 37 -47.54 -11.27 73.50
CA LEU Y 37 -48.55 -10.43 72.86
C LEU Y 37 -48.53 -10.60 71.36
N LEU Y 38 -47.34 -10.68 70.78
CA LEU Y 38 -47.22 -10.96 69.37
C LEU Y 38 -47.69 -12.36 69.04
N ARG Y 39 -47.37 -13.32 69.91
CA ARG Y 39 -47.82 -14.69 69.70
C ARG Y 39 -49.33 -14.80 69.91
N LYS Y 40 -49.82 -14.27 71.03
CA LYS Y 40 -51.27 -14.18 71.23
C LYS Y 40 -51.82 -12.90 70.61
N GLY Y 41 -51.52 -12.72 69.33
CA GLY Y 41 -52.00 -11.57 68.62
C GLY Y 41 -52.65 -11.98 67.32
N ASN Y 42 -52.33 -13.18 66.86
CA ASN Y 42 -52.53 -13.60 65.47
C ASN Y 42 -51.95 -12.55 64.53
N TYR Y 43 -50.73 -12.15 64.81
CA TYR Y 43 -50.05 -11.12 64.07
C TYR Y 43 -49.21 -11.69 62.94
N SER Y 44 -48.19 -12.47 63.27
CA SER Y 44 -47.46 -13.25 62.30
C SER Y 44 -47.59 -14.72 62.70
N GLU Y 45 -46.93 -15.60 61.97
CA GLU Y 45 -46.86 -16.97 62.43
C GLU Y 45 -45.67 -17.17 63.36
N ARG Y 46 -44.51 -16.67 62.97
CA ARG Y 46 -43.36 -16.71 63.85
C ARG Y 46 -42.88 -15.30 64.11
N VAL Y 47 -42.19 -15.14 65.24
CA VAL Y 47 -41.68 -13.85 65.69
C VAL Y 47 -40.21 -14.04 66.07
N GLY Y 48 -39.33 -13.24 65.48
CA GLY Y 48 -37.93 -13.30 65.79
C GLY Y 48 -37.57 -12.75 67.16
N ALA Y 49 -36.27 -12.64 67.38
CA ALA Y 49 -35.74 -12.27 68.68
C ALA Y 49 -35.48 -10.78 68.84
N GLY Y 50 -35.27 -10.06 67.74
CA GLY Y 50 -34.86 -8.68 67.86
C GLY Y 50 -35.98 -7.68 67.74
N ALA Y 51 -37.00 -8.05 66.96
CA ALA Y 51 -38.20 -7.23 66.85
C ALA Y 51 -38.89 -6.87 68.17
N PRO Y 52 -39.11 -7.77 69.14
CA PRO Y 52 -39.81 -7.32 70.37
C PRO Y 52 -38.98 -6.38 71.20
N VAL Y 53 -37.68 -6.62 71.25
CA VAL Y 53 -36.77 -5.71 71.92
C VAL Y 53 -36.81 -4.35 71.25
N TYR Y 54 -36.82 -4.35 69.91
CA TYR Y 54 -36.77 -3.10 69.14
C TYR Y 54 -38.01 -2.27 69.38
N LEU Y 55 -39.16 -2.94 69.34
CA LEU Y 55 -40.43 -2.25 69.53
C LEU Y 55 -40.59 -1.75 70.94
N ALA Y 56 -40.14 -2.54 71.93
CA ALA Y 56 -40.22 -2.10 73.32
C ALA Y 56 -39.33 -0.89 73.56
N ALA Y 57 -38.17 -0.84 72.90
CA ALA Y 57 -37.31 0.32 73.01
C ALA Y 57 -37.96 1.55 72.41
N VAL Y 58 -38.66 1.38 71.28
CA VAL Y 58 -39.39 2.49 70.69
C VAL Y 58 -40.46 3.00 71.62
N LEU Y 59 -41.18 2.08 72.26
CA LEU Y 59 -42.20 2.43 73.24
C LEU Y 59 -41.63 3.21 74.40
N GLU Y 60 -40.48 2.77 74.89
CA GLU Y 60 -39.85 3.40 76.03
C GLU Y 60 -39.38 4.80 75.68
N TYR Y 61 -38.88 4.99 74.46
CA TYR Y 61 -38.51 6.31 74.00
C TYR Y 61 -39.72 7.22 73.89
N LEU Y 62 -40.83 6.69 73.40
CA LEU Y 62 -42.04 7.50 73.25
C LEU Y 62 -42.58 7.94 74.59
N THR Y 63 -42.55 7.03 75.57
CA THR Y 63 -42.96 7.37 76.92
C THR Y 63 -42.11 8.48 77.50
N ALA Y 64 -40.79 8.33 77.42
CA ALA Y 64 -39.90 9.34 78.01
C ALA Y 64 -40.02 10.68 77.30
N GLU Y 65 -40.18 10.65 75.98
CA GLU Y 65 -40.29 11.85 75.19
C GLU Y 65 -41.54 12.64 75.52
N ILE Y 66 -42.68 11.97 75.62
CA ILE Y 66 -43.90 12.71 75.88
C ILE Y 66 -43.99 13.11 77.35
N LEU Y 67 -43.45 12.26 78.24
CA LEU Y 67 -43.42 12.62 79.64
C LEU Y 67 -42.50 13.79 79.94
N GLU Y 68 -41.55 14.09 79.05
CA GLU Y 68 -40.81 15.34 79.18
C GLU Y 68 -41.75 16.56 79.07
N LEU Y 69 -42.57 16.58 78.03
CA LEU Y 69 -43.51 17.69 77.86
C LEU Y 69 -44.56 17.67 78.94
N ALA Y 70 -44.88 16.49 79.45
CA ALA Y 70 -45.78 16.38 80.59
C ALA Y 70 -45.17 17.00 81.84
N GLY Y 71 -43.87 16.77 82.07
CA GLY Y 71 -43.23 17.31 83.25
C GLY Y 71 -43.16 18.83 83.22
N ASN Y 72 -42.79 19.39 82.06
CA ASN Y 72 -42.76 20.84 81.95
C ASN Y 72 -44.16 21.46 82.02
N ALA Y 73 -45.14 20.80 81.42
CA ALA Y 73 -46.50 21.36 81.41
C ALA Y 73 -47.13 21.28 82.80
N ALA Y 74 -46.81 20.25 83.57
CA ALA Y 74 -47.31 20.19 84.93
C ALA Y 74 -46.56 21.16 85.83
N ARG Y 75 -45.28 21.38 85.57
CA ARG Y 75 -44.48 22.31 86.34
C ARG Y 75 -44.88 23.76 86.06
N ASP Y 76 -45.61 23.99 84.96
CA ASP Y 76 -46.14 25.32 84.66
C ASP Y 76 -47.12 25.85 85.71
N ASN Y 77 -47.69 24.98 86.53
CA ASN Y 77 -48.74 25.38 87.44
C ASN Y 77 -48.47 25.02 88.90
N LYS Y 78 -47.22 24.74 89.25
CA LYS Y 78 -46.76 24.49 90.63
C LYS Y 78 -47.49 23.30 91.25
N LYS Y 79 -47.71 22.28 90.44
CA LYS Y 79 -48.41 21.09 90.89
C LYS Y 79 -47.56 19.87 90.60
N THR Y 80 -47.40 19.03 91.63
CA THR Y 80 -46.50 17.90 91.52
C THR Y 80 -47.12 16.81 90.65
N ARG Y 81 -48.44 16.79 90.56
CA ARG Y 81 -49.14 15.70 89.90
C ARG Y 81 -49.58 16.09 88.50
N ILE Y 82 -49.43 15.17 87.55
CA ILE Y 82 -49.87 15.43 86.18
C ILE Y 82 -51.38 15.22 86.12
N ILE Y 83 -52.07 16.18 85.52
CA ILE Y 83 -53.51 16.06 85.35
C ILE Y 83 -53.74 15.82 83.86
N PRO Y 84 -54.92 15.35 83.44
CA PRO Y 84 -55.16 15.21 81.99
C PRO Y 84 -55.09 16.50 81.21
N ARG Y 85 -55.48 17.62 81.81
CA ARG Y 85 -55.38 18.91 81.14
C ARG Y 85 -53.94 19.24 80.79
N HIS Y 86 -53.01 18.88 81.69
CA HIS Y 86 -51.59 19.00 81.41
C HIS Y 86 -51.20 18.21 80.18
N LEU Y 87 -51.71 16.99 80.06
CA LEU Y 87 -51.32 16.14 78.95
C LEU Y 87 -51.85 16.68 77.64
N GLN Y 88 -53.08 17.18 77.64
CA GLN Y 88 -53.63 17.74 76.42
C GLN Y 88 -52.90 19.02 76.02
N LEU Y 89 -52.54 19.84 77.02
CA LEU Y 89 -51.75 21.04 76.76
C LEU Y 89 -50.40 20.70 76.17
N ALA Y 90 -49.74 19.69 76.74
CA ALA Y 90 -48.40 19.32 76.27
C ALA Y 90 -48.47 18.72 74.89
N ILE Y 91 -49.55 18.02 74.56
CA ILE Y 91 -49.70 17.50 73.22
C ILE Y 91 -49.92 18.64 72.23
N ARG Y 92 -50.88 19.51 72.51
CA ARG Y 92 -51.21 20.57 71.57
C ARG Y 92 -50.12 21.62 71.46
N ASN Y 93 -49.25 21.72 72.45
CA ASN Y 93 -48.11 22.61 72.34
C ASN Y 93 -46.98 21.96 71.55
N ASP Y 94 -47.04 20.66 71.33
CA ASP Y 94 -46.11 20.03 70.42
C ASP Y 94 -46.65 20.12 69.00
N GLU Y 95 -45.74 19.99 68.03
CA GLU Y 95 -46.18 19.87 66.65
C GLU Y 95 -46.29 18.43 66.18
N GLU Y 96 -45.23 17.63 66.37
CA GLU Y 96 -45.26 16.24 65.91
C GLU Y 96 -46.29 15.42 66.66
N LEU Y 97 -46.43 15.63 67.95
CA LEU Y 97 -47.41 14.89 68.71
C LEU Y 97 -48.84 15.32 68.37
N ASN Y 98 -49.03 16.57 67.96
CA ASN Y 98 -50.37 17.03 67.64
C ASN Y 98 -50.82 16.46 66.30
N LYS Y 99 -49.92 16.42 65.33
CA LYS Y 99 -50.26 15.77 64.07
C LYS Y 99 -50.28 14.25 64.25
N LEU Y 100 -49.58 13.73 65.25
CA LEU Y 100 -49.78 12.34 65.66
C LEU Y 100 -51.19 12.12 66.17
N LEU Y 101 -51.62 12.93 67.11
CA LEU Y 101 -52.86 12.68 67.82
C LEU Y 101 -54.05 13.46 67.26
N GLY Y 102 -54.11 13.60 65.94
CA GLY Y 102 -55.10 14.46 65.32
C GLY Y 102 -56.52 13.95 65.44
N ARG Y 103 -56.71 12.65 65.26
CA ARG Y 103 -58.01 12.05 65.45
C ARG Y 103 -58.25 11.65 66.90
N VAL Y 104 -57.43 12.14 67.82
CA VAL Y 104 -57.35 11.59 69.17
C VAL Y 104 -57.89 12.62 70.15
N THR Y 105 -58.63 12.13 71.14
CA THR Y 105 -59.20 12.97 72.17
C THR Y 105 -58.87 12.38 73.52
N ILE Y 106 -58.54 13.21 74.47
CA ILE Y 106 -58.22 12.80 75.82
C ILE Y 106 -59.43 13.06 76.69
N ALA Y 107 -59.74 12.12 77.59
CA ALA Y 107 -60.74 12.38 78.61
C ALA Y 107 -60.24 13.48 79.54
N GLN Y 108 -61.18 14.31 79.98
CA GLN Y 108 -60.94 15.51 80.78
C GLN Y 108 -59.93 16.45 80.11
N GLY Y 109 -60.00 16.58 78.79
CA GLY Y 109 -59.03 17.38 78.06
C GLY Y 109 -59.35 18.84 77.86
N GLY Y 110 -60.46 19.15 77.20
CA GLY Y 110 -60.67 20.51 76.74
C GLY Y 110 -59.75 20.83 75.58
N VAL Y 111 -59.63 22.12 75.27
CA VAL Y 111 -58.76 22.59 74.19
C VAL Y 111 -57.99 23.81 74.66
N LEU Y 112 -57.21 24.37 73.73
CA LEU Y 112 -56.28 25.44 74.03
C LEU Y 112 -57.02 26.75 74.26
N PRO Y 113 -56.36 27.73 74.87
CA PRO Y 113 -56.92 29.08 74.84
C PRO Y 113 -56.84 29.66 73.44
N ASN Y 114 -57.98 29.75 72.78
CA ASN Y 114 -58.07 30.36 71.46
C ASN Y 114 -58.95 31.59 71.58
N ILE Y 115 -58.35 32.68 72.00
CA ILE Y 115 -59.02 33.97 72.06
C ILE Y 115 -58.67 34.71 70.79
N GLN Y 116 -59.67 34.98 69.97
CA GLN Y 116 -59.41 35.67 68.72
C GLN Y 116 -59.17 37.15 68.98
N ALA Y 117 -58.41 37.78 68.09
CA ALA Y 117 -57.99 39.16 68.29
C ALA Y 117 -59.15 40.13 68.10
N VAL Y 118 -60.21 39.68 67.43
CA VAL Y 118 -61.42 40.49 67.26
C VAL Y 118 -62.25 40.58 68.52
N LEU Y 119 -61.80 40.02 69.63
CA LEU Y 119 -62.66 39.85 70.80
C LEU Y 119 -62.23 40.69 71.99
N LEU Y 120 -60.95 41.03 72.08
CA LEU Y 120 -60.49 41.80 73.23
C LEU Y 120 -60.99 43.24 73.16
N PRO Y 121 -61.34 43.83 74.30
CA PRO Y 121 -61.82 45.23 74.29
C PRO Y 121 -60.68 46.19 74.00
N LYS Y 122 -60.71 46.78 72.82
CA LYS Y 122 -59.64 47.63 72.33
C LYS Y 122 -59.99 49.12 72.44
N LYS Z 38 -54.68 -8.39 85.79
CA LYS Z 38 -54.74 -7.86 84.43
C LYS Z 38 -53.88 -6.61 84.39
N GLU Z 39 -52.65 -6.75 83.92
CA GLU Z 39 -51.60 -5.82 84.30
C GLU Z 39 -51.68 -4.50 83.54
N SER Z 40 -51.46 -3.42 84.26
CA SER Z 40 -51.22 -2.11 83.66
C SER Z 40 -49.74 -1.82 83.75
N TYR Z 41 -49.30 -0.65 83.31
CA TYR Z 41 -47.88 -0.41 83.13
C TYR Z 41 -47.36 0.60 84.13
N SER Z 42 -47.86 0.54 85.35
CA SER Z 42 -47.81 1.69 86.27
C SER Z 42 -46.40 1.96 86.77
N ILE Z 43 -45.72 0.94 87.29
CA ILE Z 43 -44.40 1.16 87.83
C ILE Z 43 -43.39 1.39 86.73
N TYR Z 44 -43.70 0.95 85.51
CA TYR Z 44 -42.89 1.28 84.35
C TYR Z 44 -42.91 2.77 84.12
N VAL Z 45 -44.11 3.35 84.20
CA VAL Z 45 -44.29 4.79 84.14
C VAL Z 45 -43.59 5.49 85.28
N TYR Z 46 -43.64 4.92 86.49
CA TYR Z 46 -42.96 5.50 87.64
C TYR Z 46 -41.45 5.55 87.43
N LYS Z 47 -40.89 4.51 86.84
CA LYS Z 47 -39.45 4.46 86.65
C LYS Z 47 -39.02 5.38 85.51
N VAL Z 48 -39.82 5.49 84.45
CA VAL Z 48 -39.54 6.46 83.39
C VAL Z 48 -39.60 7.88 83.95
N LEU Z 49 -40.60 8.13 84.79
CA LEU Z 49 -40.80 9.43 85.38
C LEU Z 49 -39.67 9.81 86.32
N LYS Z 50 -39.21 8.86 87.13
CA LYS Z 50 -38.07 9.12 87.99
C LYS Z 50 -36.77 9.25 87.19
N GLN Z 51 -36.71 8.65 86.01
CA GLN Z 51 -35.59 8.90 85.11
C GLN Z 51 -35.69 10.23 84.40
N VAL Z 52 -36.84 10.90 84.41
CA VAL Z 52 -36.90 12.16 83.69
C VAL Z 52 -37.15 13.35 84.61
N HIS Z 53 -38.31 13.40 85.25
CA HIS Z 53 -38.60 14.45 86.22
C HIS Z 53 -38.79 13.76 87.56
N PRO Z 54 -37.72 13.52 88.32
CA PRO Z 54 -37.81 12.60 89.46
C PRO Z 54 -38.51 13.16 90.70
N ASP Z 55 -39.15 14.31 90.62
CA ASP Z 55 -39.87 14.88 91.75
C ASP Z 55 -41.31 15.19 91.33
N THR Z 56 -41.96 14.23 90.70
CA THR Z 56 -43.22 14.49 90.02
C THR Z 56 -44.22 13.40 90.36
N GLY Z 57 -45.39 13.80 90.84
CA GLY Z 57 -46.47 12.87 91.08
C GLY Z 57 -47.35 12.72 89.86
N ILE Z 58 -48.44 11.99 90.05
CA ILE Z 58 -49.35 11.67 88.96
C ILE Z 58 -50.68 11.25 89.58
N SER Z 59 -51.77 11.50 88.86
CA SER Z 59 -53.08 11.03 89.28
C SER Z 59 -53.32 9.64 88.72
N SER Z 60 -54.42 9.03 89.17
CA SER Z 60 -54.80 7.72 88.69
C SER Z 60 -55.21 7.77 87.23
N LYS Z 61 -56.10 8.69 86.90
CA LYS Z 61 -56.66 8.70 85.56
C LYS Z 61 -55.65 9.18 84.53
N ALA Z 62 -54.65 9.93 84.97
CA ALA Z 62 -53.52 10.25 84.09
C ALA Z 62 -52.81 8.98 83.65
N MET Z 63 -52.54 8.09 84.61
CA MET Z 63 -51.97 6.79 84.30
C MET Z 63 -52.87 5.99 83.37
N GLY Z 64 -54.18 6.10 83.59
CA GLY Z 64 -55.11 5.40 82.71
C GLY Z 64 -55.05 5.87 81.27
N ILE Z 65 -54.97 7.19 81.08
CA ILE Z 65 -54.86 7.74 79.74
C ILE Z 65 -53.53 7.36 79.12
N MET Z 66 -52.49 7.33 79.93
CA MET Z 66 -51.17 6.91 79.44
C MET Z 66 -51.19 5.48 78.95
N ASN Z 67 -51.86 4.59 79.67
CA ASN Z 67 -51.84 3.19 79.26
C ASN Z 67 -52.75 2.99 78.06
N SER Z 68 -53.82 3.78 77.98
CA SER Z 68 -54.63 3.85 76.77
C SER Z 68 -53.79 4.21 75.57
N PHE Z 69 -52.98 5.25 75.75
CA PHE Z 69 -52.05 5.72 74.73
C PHE Z 69 -51.09 4.63 74.30
N VAL Z 70 -50.47 3.96 75.28
CA VAL Z 70 -49.45 2.95 74.98
C VAL Z 70 -50.05 1.79 74.22
N ASN Z 71 -51.24 1.36 74.63
CA ASN Z 71 -51.90 0.27 73.94
C ASN Z 71 -52.28 0.64 72.52
N ASP Z 72 -52.76 1.87 72.31
CA ASP Z 72 -53.08 2.34 70.96
C ASP Z 72 -51.85 2.30 70.07
N ILE Z 73 -50.74 2.82 70.58
CA ILE Z 73 -49.53 2.90 69.77
C ILE Z 73 -49.02 1.51 69.44
N PHE Z 74 -49.04 0.62 70.43
CA PHE Z 74 -48.60 -0.75 70.22
C PHE Z 74 -49.45 -1.46 69.18
N GLU Z 75 -50.77 -1.26 69.26
CA GLU Z 75 -51.65 -1.90 68.30
C GLU Z 75 -51.45 -1.35 66.90
N ARG Z 76 -51.24 -0.04 66.77
CA ARG Z 76 -51.08 0.55 65.45
C ARG Z 76 -49.79 0.06 64.79
N ILE Z 77 -48.71 0.02 65.56
CA ILE Z 77 -47.44 -0.42 64.99
C ILE Z 77 -47.51 -1.89 64.62
N ALA Z 78 -48.09 -2.70 65.50
CA ALA Z 78 -48.12 -4.13 65.28
C ALA Z 78 -48.96 -4.49 64.07
N GLY Z 79 -50.12 -3.85 63.94
CA GLY Z 79 -50.94 -4.08 62.77
C GLY Z 79 -50.28 -3.60 61.51
N GLU Z 80 -49.53 -2.50 61.60
CA GLU Z 80 -48.83 -2.04 60.41
C GLU Z 80 -47.71 -3.00 60.03
N ALA Z 81 -47.09 -3.63 61.03
CA ALA Z 81 -46.08 -4.63 60.75
C ALA Z 81 -46.69 -5.88 60.14
N SER Z 82 -47.91 -6.22 60.57
CA SER Z 82 -48.60 -7.34 59.97
C SER Z 82 -48.96 -7.04 58.52
N ARG Z 83 -49.31 -5.78 58.25
CA ARG Z 83 -49.47 -5.34 56.87
C ARG Z 83 -48.17 -5.45 56.10
N LEU Z 84 -47.03 -5.16 56.75
CA LEU Z 84 -45.75 -5.31 56.08
C LEU Z 84 -45.51 -6.74 55.68
N ALA Z 85 -45.84 -7.67 56.56
CA ALA Z 85 -45.68 -9.09 56.28
C ALA Z 85 -46.55 -9.52 55.11
N HIS Z 86 -47.85 -9.23 55.19
CA HIS Z 86 -48.76 -9.70 54.15
C HIS Z 86 -48.61 -8.95 52.85
N TYR Z 87 -48.13 -7.70 52.89
CA TYR Z 87 -47.82 -7.01 51.65
C TYR Z 87 -46.47 -7.42 51.12
N ASN Z 88 -45.69 -8.15 51.92
CA ASN Z 88 -44.36 -8.54 51.49
C ASN Z 88 -44.10 -10.03 51.55
N LYS Z 89 -45.10 -10.83 51.94
CA LYS Z 89 -45.06 -12.30 51.90
C LYS Z 89 -43.94 -12.88 52.75
N ARG Z 90 -43.61 -12.17 53.82
CA ARG Z 90 -42.55 -12.60 54.70
C ARG Z 90 -43.19 -13.24 55.92
N SER Z 91 -42.87 -14.49 56.15
CA SER Z 91 -43.63 -15.31 57.10
C SER Z 91 -43.32 -14.99 58.55
N THR Z 92 -42.34 -14.13 58.81
CA THR Z 92 -42.13 -13.63 60.16
C THR Z 92 -41.73 -12.17 60.08
N ILE Z 93 -41.44 -11.61 61.26
CA ILE Z 93 -41.11 -10.20 61.40
C ILE Z 93 -39.85 -10.09 62.24
N THR Z 94 -38.85 -9.41 61.71
CA THR Z 94 -37.64 -9.06 62.43
C THR Z 94 -37.69 -7.60 62.81
N SER Z 95 -36.58 -7.08 63.30
CA SER Z 95 -36.52 -5.69 63.72
C SER Z 95 -36.56 -4.69 62.58
N ARG Z 96 -36.14 -5.11 61.36
CA ARG Z 96 -36.10 -4.19 60.23
C ARG Z 96 -37.50 -3.74 59.83
N GLU Z 97 -38.45 -4.66 59.91
CA GLU Z 97 -39.86 -4.34 59.71
C GLU Z 97 -40.35 -3.34 60.73
N ILE Z 98 -39.87 -3.47 61.97
CA ILE Z 98 -40.31 -2.57 63.02
C ILE Z 98 -39.75 -1.18 62.79
N GLN Z 99 -38.50 -1.12 62.31
CA GLN Z 99 -37.90 0.16 61.98
C GLN Z 99 -38.66 0.87 60.87
N THR Z 100 -38.96 0.14 59.79
CA THR Z 100 -39.67 0.80 58.70
C THR Z 100 -41.10 1.14 59.09
N ALA Z 101 -41.71 0.40 60.00
CA ALA Z 101 -43.06 0.75 60.42
C ALA Z 101 -43.07 1.98 61.30
N VAL Z 102 -42.09 2.12 62.18
CA VAL Z 102 -41.95 3.33 62.98
C VAL Z 102 -41.69 4.53 62.09
N ARG Z 103 -40.94 4.34 61.01
CA ARG Z 103 -40.86 5.38 59.97
C ARG Z 103 -42.23 5.70 59.38
N LEU Z 104 -43.04 4.68 59.15
CA LEU Z 104 -44.31 4.90 58.47
C LEU Z 104 -45.32 5.60 59.37
N LEU Z 105 -45.17 5.49 60.69
CA LEU Z 105 -46.15 6.12 61.56
C LEU Z 105 -45.68 7.48 62.04
N LEU Z 106 -44.56 7.53 62.68
CA LEU Z 106 -44.22 8.80 63.28
C LEU Z 106 -43.48 9.68 62.27
N PRO Z 107 -43.70 10.99 62.32
CA PRO Z 107 -42.93 11.90 61.45
C PRO Z 107 -41.50 12.11 61.89
N GLY Z 108 -40.76 12.92 61.13
CA GLY Z 108 -39.31 12.97 61.06
C GLY Z 108 -38.41 12.92 62.29
N GLU Z 109 -38.52 13.93 63.17
CA GLU Z 109 -37.58 14.03 64.30
C GLU Z 109 -37.78 12.91 65.29
N LEU Z 110 -39.04 12.67 65.66
CA LEU Z 110 -39.41 11.53 66.49
C LEU Z 110 -38.97 10.22 65.87
N ALA Z 111 -39.11 10.10 64.55
CA ALA Z 111 -38.74 8.87 63.85
C ALA Z 111 -37.25 8.63 63.92
N LYS Z 112 -36.45 9.66 63.70
CA LYS Z 112 -35.01 9.48 63.66
C LYS Z 112 -34.47 9.19 65.05
N HIS Z 113 -34.97 9.90 66.06
CA HIS Z 113 -34.53 9.63 67.43
C HIS Z 113 -34.98 8.26 67.90
N ALA Z 114 -36.15 7.81 67.45
CA ALA Z 114 -36.61 6.50 67.82
C ALA Z 114 -35.78 5.40 67.17
N VAL Z 115 -35.41 5.60 65.90
CA VAL Z 115 -34.54 4.64 65.21
C VAL Z 115 -33.20 4.56 65.92
N SER Z 116 -32.70 5.71 66.38
CA SER Z 116 -31.43 5.75 67.11
C SER Z 116 -31.52 4.97 68.41
N GLU Z 117 -32.60 5.21 69.18
CA GLU Z 117 -32.75 4.52 70.45
C GLU Z 117 -32.94 3.02 70.27
N GLY Z 118 -33.68 2.64 69.23
CA GLY Z 118 -33.91 1.22 68.99
C GLY Z 118 -32.63 0.50 68.58
N THR Z 119 -31.85 1.11 67.70
CA THR Z 119 -30.60 0.47 67.30
C THR Z 119 -29.60 0.44 68.44
N LYS Z 120 -29.63 1.44 69.34
CA LYS Z 120 -28.74 1.40 70.49
C LYS Z 120 -29.13 0.28 71.44
N ALA Z 121 -30.43 0.06 71.62
CA ALA Z 121 -30.88 -1.06 72.42
C ALA Z 121 -30.52 -2.39 71.80
N VAL Z 122 -30.66 -2.51 70.47
CA VAL Z 122 -30.23 -3.69 69.73
C VAL Z 122 -28.75 -3.94 69.94
N THR Z 123 -27.97 -2.87 69.93
CA THR Z 123 -26.53 -2.97 70.11
C THR Z 123 -26.17 -3.49 71.49
N LYS Z 124 -26.76 -2.89 72.53
CA LYS Z 124 -26.36 -3.27 73.88
C LYS Z 124 -26.90 -4.64 74.26
N TYR Z 125 -28.06 -5.01 73.74
CA TYR Z 125 -28.55 -6.36 73.99
C TYR Z 125 -27.77 -7.39 73.18
N THR Z 126 -27.26 -7.00 72.02
CA THR Z 126 -26.55 -7.95 71.18
C THR Z 126 -25.14 -8.18 71.72
N SER Z 127 -24.56 -7.15 72.33
CA SER Z 127 -23.23 -7.28 72.92
C SER Z 127 -23.23 -8.22 74.11
N ALA Z 128 -24.35 -8.31 74.82
CA ALA Z 128 -24.50 -9.21 75.96
C ALA Z 128 -25.97 -9.55 76.18
ZN ZN AA . -9.92 -33.84 -18.99
ZN ZN BA . -42.72 -9.12 6.06
MG MG CA . 25.00 2.74 -16.69
ZN ZN DA . -23.54 -24.50 -21.46
ZN ZN EA . 56.62 -32.43 -38.63
ZN ZN FA . 32.81 42.62 35.67
ZN ZN GA . -6.88 25.28 52.94
ZN ZN HA . 58.65 -2.52 -18.96
ZN ZN IA . 46.64 -41.30 8.15
ZN ZN JA . -29.47 -7.84 38.56
ZN ZN KA . -15.33 -50.43 42.45
#